data_8P5R
#
_entry.id   8P5R
#
_cell.length_a   325.75
_cell.length_b   325.75
_cell.length_c   396.944
_cell.angle_alpha   90
_cell.angle_beta   90
_cell.angle_gamma   120
#
_symmetry.space_group_name_H-M   'P 65'
#
loop_
_entity.id
_entity.type
_entity.pdbx_description
1 polymer 'Multifunctional 2-oxoglutarate metabolism enzyme'
2 polymer 'Glycogen accumulation regulator GarA'
3 non-polymer 'MAGNESIUM ION'
4 non-polymer 'CALCIUM ION'
5 non-polymer 'THIAMINE DIPHOSPHATE'
#
loop_
_entity_poly.entity_id
_entity_poly.type
_entity_poly.pdbx_seq_one_letter_code
_entity_poly.pdbx_strand_id
1 'polypeptide(L)'
;MGSSHHHHHHSSGLVPRGSHMASVSSSPSPFGQNEWLVEEMYRKFRDDPSSVDPSWHEFLVDYSPEPTTDSASNGRTTTA
APVTPPTPAPAPAPEPKAAPKPAAKTEAKPAKPAKSATPAKGDESQILRGAAAAVVKNMNASLEVPTATSVRAIPAKLMI
DNRVVINNHLKRTRGGKISFTHLLGYAIVQAVKKFPNMNRHFAVVDGKPTAITPAHTNLGLAIDLQGKDGNRSLVVAAIK
RCETMRFGQFIAAYEDIVRRARDGKLTAEDFSGVTISLTNPGTLGTVHSVPRLMQGQGAIIGAGAMEYPAEFQGASEERI
ADLGIGKLITLTSTYDHRIIQGAESGDFLRTIHQLLLDDDFFDEIFRELGIPYEPVRWRTDNPDSIEDKNARVIELIAAY
RNRGHLMADIDPLRLDNTRFRSHPDLDVNSHGLTLWDLDREFKVDGFAGVQRKKLRDILSVLRDAYCRHVGVEYTHILEP
EQQRWIQERVETKHDKPTVAEQKYILSKLNAAEAFETFLQTKYVGQKRFSLEGAETVIPMMDAVIDQCAEHGLDEVVIAM
PHRGRLNVLANIVGKPYSQIFSEFEGNLNPSQAHGSGDVKYHLGATGTYIQMFGDNDIEVSLTANPSHLEAVDPVLEGLV
RAKQDLLDTGEEGSDNRFSVVPLMLHGDAAFAGQGVVAETLNLALLRGYRTGGTIHIVVNNQIGFTTAPTDSRSSEYCTD
VAKMIGAPIFHVNGDDPEACAWVARLAVDFRQAFKKDVVIDMLCYRRRGHNEGDDPSMTQPYMYDVIDTKRGSRKAYTEA
LIGRGDISMKEAEDALRDYQGQLERVFNEVRELEKHEIEPSESVEADQQIPSKLATAVDKAMLQRIGDAHLALPEGFTVH
PRVRPVLEKRREMAYEGRIDWAFAELLALGSLIAEGKLVRLSGQDTQRGTFTQRHAVIVDRKTGEEFTPLQLLATNPDGT
PTGGKFLVYNSALSEFAAVGFEYGYSVGNPDAMVLWEAQFGDFVNGAQSIIDEFISSGEAKWGQLSDVVLLLPHGHEGQG
PDHTSGRIERFLQLWAEGSMTIAMPSTPANYFHLLRRHGKDGIQRPLIVFTPKSMLRNKAAVSDIRDFTESKFRSVLEEP
MYTDGEGDRNKVTRLLLTSGKIYYELAARKAKENREDVAIVRIEQLAPLPRRRLAETLDRYPNVKEKFWVQEEPANQGAW
PSFGLTLPEILPDHFTGLKRISRRAMSAPSSGSSKVHAVEQQEILDTAFG
;
A,B,C,D,E,F,N,O,P,Q
2 'polypeptide(L)'
;MTDKDSNLGADQSEDVTVETTSVFRADFLNELDAPAAAGTEGAVSGVEGLPSGSALLVVKRGPNAGSRFLLDQPTTSAGR
HPDSDIFLDDVTVSRRHAEFRLEGGEFQVVDVGSLNGTYVNREPVDSAVLANGDEVQIGKFRLVFLTGPKSDDSGSNA
;
G,H,I,J,K,L
#
loop_
_chem_comp.id
_chem_comp.type
_chem_comp.name
_chem_comp.formula
CA non-polymer 'CALCIUM ION' 'Ca 2'
MG non-polymer 'MAGNESIUM ION' 'Mg 2'
TPP non-polymer 'THIAMINE DIPHOSPHATE' 'C12 H19 N4 O7 P2 S 1'
#
# COMPACT_ATOMS: atom_id res chain seq x y z
N GLY A 122 48.93 38.17 37.18
CA GLY A 122 48.11 37.01 37.54
C GLY A 122 48.57 35.74 36.87
N ASP A 123 49.84 35.35 37.12
CA ASP A 123 50.50 34.16 36.56
C ASP A 123 50.38 34.16 35.02
N GLU A 124 50.76 35.28 34.39
CA GLU A 124 50.67 35.39 32.94
C GLU A 124 52.04 35.54 32.28
N SER A 125 52.14 35.15 31.00
CA SER A 125 53.39 35.25 30.24
C SER A 125 53.16 36.05 28.96
N GLN A 126 53.79 37.23 28.87
CA GLN A 126 53.64 38.08 27.69
C GLN A 126 54.83 37.92 26.78
N ILE A 127 54.64 37.24 25.65
CA ILE A 127 55.73 37.00 24.71
C ILE A 127 55.63 38.00 23.56
N LEU A 128 56.72 38.71 23.25
CA LEU A 128 56.72 39.67 22.15
C LEU A 128 56.75 38.93 20.82
N ARG A 129 55.89 39.32 19.87
CA ARG A 129 55.84 38.66 18.56
C ARG A 129 56.98 39.11 17.66
N GLY A 130 57.54 38.18 16.89
CA GLY A 130 58.65 38.45 15.97
C GLY A 130 58.28 38.27 14.51
N ALA A 131 58.18 37.02 14.07
CA ALA A 131 57.78 36.71 12.69
C ALA A 131 56.26 36.88 12.53
N ALA A 132 55.52 36.43 13.54
CA ALA A 132 54.07 36.57 13.58
C ALA A 132 53.66 38.05 13.73
N ALA A 133 54.55 38.92 14.24
CA ALA A 133 54.29 40.36 14.35
C ALA A 133 54.00 40.99 13.00
N ALA A 134 54.55 40.41 11.91
CA ALA A 134 54.28 40.89 10.57
C ALA A 134 52.79 40.68 10.24
N VAL A 135 52.22 39.54 10.67
CA VAL A 135 50.81 39.19 10.48
C VAL A 135 49.93 40.15 11.31
N VAL A 136 50.37 40.48 12.54
CA VAL A 136 49.66 41.40 13.45
C VAL A 136 49.57 42.80 12.85
N LYS A 137 50.67 43.30 12.26
CA LYS A 137 50.68 44.63 11.64
C LYS A 137 49.77 44.70 10.41
N ASN A 138 49.61 43.58 9.69
CA ASN A 138 48.73 43.51 8.52
C ASN A 138 47.26 43.54 8.92
N MET A 139 46.92 42.97 10.08
CA MET A 139 45.56 43.01 10.61
C MET A 139 45.20 44.45 10.97
N ASN A 140 46.15 45.18 11.58
CA ASN A 140 45.99 46.57 11.96
C ASN A 140 45.92 47.47 10.70
N ALA A 141 46.68 47.13 9.66
CA ALA A 141 46.67 47.87 8.40
C ALA A 141 45.34 47.66 7.69
N SER A 142 44.81 46.43 7.70
CA SER A 142 43.54 46.13 7.04
C SER A 142 42.31 46.69 7.80
N LEU A 143 42.52 47.39 8.93
CA LEU A 143 41.44 47.98 9.70
C LEU A 143 40.85 49.21 9.01
N GLU A 144 41.66 49.95 8.24
CA GLU A 144 41.16 51.11 7.52
C GLU A 144 40.20 50.73 6.38
N VAL A 145 40.09 49.44 6.04
CA VAL A 145 39.25 48.92 4.95
C VAL A 145 37.82 48.63 5.42
N PRO A 146 36.85 49.44 4.96
CA PRO A 146 35.45 49.21 5.34
C PRO A 146 34.89 48.04 4.55
N THR A 147 34.70 46.89 5.21
CA THR A 147 34.23 45.71 4.53
C THR A 147 32.79 45.33 4.96
N ALA A 148 32.16 44.50 4.12
CA ALA A 148 30.85 43.89 4.26
C ALA A 148 30.92 42.49 3.63
N THR A 149 30.00 41.58 3.96
CA THR A 149 30.10 40.22 3.41
C THR A 149 28.80 39.67 2.86
N SER A 150 28.83 39.27 1.60
CA SER A 150 27.69 38.64 0.94
C SER A 150 27.85 37.11 1.07
N VAL A 151 26.84 36.41 1.58
CA VAL A 151 26.93 34.95 1.76
C VAL A 151 25.86 34.24 0.93
N ARG A 152 26.21 33.12 0.29
CA ARG A 152 25.25 32.39 -0.53
C ARG A 152 25.54 30.89 -0.54
N ALA A 153 24.50 30.08 -0.47
CA ALA A 153 24.62 28.64 -0.49
C ALA A 153 24.38 28.10 -1.90
N ILE A 154 25.30 27.27 -2.40
CA ILE A 154 25.21 26.66 -3.73
C ILE A 154 25.14 25.14 -3.64
N PRO A 155 24.13 24.50 -4.26
CA PRO A 155 24.08 23.03 -4.24
C PRO A 155 25.25 22.47 -5.02
N ALA A 156 26.04 21.63 -4.38
CA ALA A 156 27.25 21.08 -4.99
C ALA A 156 27.07 19.69 -5.60
N LYS A 157 25.89 19.08 -5.47
CA LYS A 157 25.61 17.74 -5.99
C LYS A 157 26.06 17.56 -7.45
N LEU A 158 26.09 18.65 -8.24
CA LEU A 158 26.53 18.57 -9.62
C LEU A 158 28.04 18.36 -9.74
N MET A 159 28.87 19.25 -9.15
CA MET A 159 30.32 19.10 -9.25
C MET A 159 30.84 17.88 -8.49
N ILE A 160 30.05 17.33 -7.55
CA ILE A 160 30.48 16.15 -6.83
C ILE A 160 30.37 14.96 -7.77
N ASP A 161 29.19 14.77 -8.39
CA ASP A 161 28.91 13.67 -9.32
C ASP A 161 29.73 13.78 -10.62
N ASN A 162 30.20 14.99 -10.98
CA ASN A 162 31.05 15.19 -12.16
C ASN A 162 32.52 14.86 -11.81
N ARG A 163 32.95 15.20 -10.58
CA ARG A 163 34.30 14.87 -10.10
C ARG A 163 34.49 13.35 -10.09
N VAL A 164 33.42 12.61 -9.77
CA VAL A 164 33.36 11.13 -9.76
C VAL A 164 33.89 10.59 -11.11
N VAL A 165 33.41 11.18 -12.20
CA VAL A 165 33.78 10.75 -13.53
C VAL A 165 35.17 11.28 -13.88
N ILE A 166 35.43 12.56 -13.62
CA ILE A 166 36.71 13.21 -13.94
C ILE A 166 37.92 12.43 -13.38
N ASN A 167 37.92 12.14 -12.07
CA ASN A 167 39.05 11.46 -11.46
C ASN A 167 39.12 9.97 -11.82
N ASN A 168 38.00 9.35 -12.18
CA ASN A 168 38.04 7.94 -12.60
C ASN A 168 38.63 7.85 -14.01
N HIS A 169 38.19 8.75 -14.91
CA HIS A 169 38.66 8.78 -16.29
C HIS A 169 40.14 9.16 -16.35
N LEU A 170 40.58 10.10 -15.51
CA LEU A 170 41.97 10.51 -15.49
C LEU A 170 42.88 9.40 -14.95
N LYS A 171 42.38 8.65 -13.96
CA LYS A 171 43.10 7.54 -13.36
C LYS A 171 43.29 6.39 -14.37
N ARG A 172 42.30 6.16 -15.22
CA ARG A 172 42.35 5.07 -16.20
C ARG A 172 43.04 5.45 -17.51
N THR A 173 43.59 6.67 -17.64
CA THR A 173 44.21 7.08 -18.92
C THR A 173 45.62 7.67 -18.81
N ARG A 174 45.86 8.66 -17.93
CA ARG A 174 47.16 9.34 -17.91
C ARG A 174 47.55 9.90 -16.54
N GLY A 175 46.80 9.57 -15.49
CA GLY A 175 47.04 10.12 -14.17
C GLY A 175 46.37 11.47 -13.98
N GLY A 176 46.68 12.13 -12.88
CA GLY A 176 46.12 13.44 -12.57
C GLY A 176 44.85 13.36 -11.76
N LYS A 177 44.66 14.30 -10.83
CA LYS A 177 43.47 14.32 -10.00
C LYS A 177 42.97 15.73 -9.79
N ILE A 178 41.68 15.94 -10.04
CA ILE A 178 41.04 17.22 -9.87
C ILE A 178 40.36 17.25 -8.50
N SER A 179 40.70 18.25 -7.69
CA SER A 179 40.07 18.47 -6.39
C SER A 179 38.98 19.53 -6.55
N PHE A 180 38.11 19.66 -5.56
CA PHE A 180 37.02 20.63 -5.64
C PHE A 180 37.52 22.08 -5.75
N THR A 181 38.70 22.37 -5.19
CA THR A 181 39.28 23.72 -5.24
C THR A 181 39.68 24.11 -6.66
N HIS A 182 40.03 23.13 -7.51
CA HIS A 182 40.42 23.38 -8.89
C HIS A 182 39.26 24.00 -9.65
N LEU A 183 38.08 23.41 -9.50
CA LEU A 183 36.86 23.88 -10.15
C LEU A 183 36.44 25.23 -9.58
N LEU A 184 36.54 25.37 -8.25
CA LEU A 184 36.17 26.56 -7.51
C LEU A 184 37.01 27.77 -7.93
N GLY A 185 38.33 27.61 -7.95
CA GLY A 185 39.24 28.68 -8.31
C GLY A 185 39.09 29.11 -9.76
N TYR A 186 38.82 28.13 -10.64
CA TYR A 186 38.65 28.40 -12.07
C TYR A 186 37.41 29.22 -12.32
N ALA A 187 36.31 28.91 -11.62
CA ALA A 187 35.07 29.66 -11.74
C ALA A 187 35.25 31.08 -11.22
N ILE A 188 36.05 31.26 -10.14
CA ILE A 188 36.35 32.58 -9.57
C ILE A 188 37.07 33.44 -10.62
N VAL A 189 38.05 32.84 -11.31
CA VAL A 189 38.85 33.49 -12.32
C VAL A 189 37.99 33.91 -13.52
N GLN A 190 37.10 33.02 -14.00
CA GLN A 190 36.24 33.35 -15.14
C GLN A 190 35.18 34.40 -14.76
N ALA A 191 34.71 34.39 -13.49
CA ALA A 191 33.73 35.36 -13.01
C ALA A 191 34.38 36.75 -12.84
N VAL A 192 35.69 36.79 -12.52
CA VAL A 192 36.45 38.03 -12.40
C VAL A 192 36.46 38.75 -13.77
N LYS A 193 36.50 37.98 -14.87
CA LYS A 193 36.47 38.55 -16.22
C LYS A 193 35.15 39.27 -16.46
N LYS A 194 34.03 38.71 -15.97
CA LYS A 194 32.70 39.32 -16.11
C LYS A 194 32.60 40.59 -15.26
N PHE A 195 33.10 40.55 -14.03
CA PHE A 195 33.07 41.72 -13.15
C PHE A 195 34.47 42.26 -12.96
N PRO A 196 34.78 43.40 -13.59
CA PRO A 196 36.15 43.92 -13.52
C PRO A 196 36.48 44.57 -12.20
N ASN A 197 35.50 45.23 -11.57
CA ASN A 197 35.74 45.90 -10.30
C ASN A 197 36.07 44.91 -9.16
N MET A 198 35.92 43.59 -9.37
CA MET A 198 36.25 42.59 -8.35
C MET A 198 37.77 42.34 -8.24
N ASN A 199 38.55 42.68 -9.28
CA ASN A 199 40.00 42.50 -9.24
C ASN A 199 40.71 43.74 -8.66
N ARG A 200 40.16 44.93 -8.95
CA ARG A 200 40.68 46.22 -8.50
C ARG A 200 40.73 46.34 -6.98
N HIS A 201 41.60 47.21 -6.47
CA HIS A 201 41.70 47.44 -5.04
C HIS A 201 41.89 48.93 -4.76
N PHE A 202 41.26 49.44 -3.69
CA PHE A 202 41.36 50.85 -3.36
C PHE A 202 42.75 51.22 -2.91
N ALA A 203 43.18 52.43 -3.29
CA ALA A 203 44.49 52.98 -2.94
C ALA A 203 44.46 54.52 -2.95
N VAL A 204 45.38 55.15 -2.21
CA VAL A 204 45.44 56.61 -2.18
C VAL A 204 46.80 57.07 -2.69
N VAL A 205 46.80 57.74 -3.84
CA VAL A 205 48.00 58.26 -4.47
C VAL A 205 47.99 59.77 -4.41
N ASP A 206 48.87 60.34 -3.57
CA ASP A 206 49.03 61.79 -3.38
C ASP A 206 47.73 62.44 -2.88
N GLY A 207 47.07 61.79 -1.94
CA GLY A 207 45.83 62.28 -1.36
C GLY A 207 44.65 62.23 -2.31
N LYS A 208 44.64 61.24 -3.21
CA LYS A 208 43.56 61.11 -4.18
C LYS A 208 42.91 59.72 -4.09
N PRO A 209 41.58 59.62 -4.22
CA PRO A 209 40.95 58.30 -4.16
C PRO A 209 41.06 57.56 -5.49
N THR A 210 42.24 57.02 -5.78
CA THR A 210 42.50 56.30 -7.01
C THR A 210 42.43 54.80 -6.79
N ALA A 211 41.74 54.08 -7.68
CA ALA A 211 41.63 52.63 -7.56
C ALA A 211 42.54 51.93 -8.56
N ILE A 212 43.44 51.08 -8.07
CA ILE A 212 44.37 50.34 -8.91
C ILE A 212 43.63 49.29 -9.72
N THR A 213 43.93 49.16 -11.01
CA THR A 213 43.32 48.15 -11.86
C THR A 213 44.44 47.24 -12.36
N PRO A 214 44.71 46.14 -11.65
CA PRO A 214 45.84 45.27 -12.03
C PRO A 214 45.69 44.64 -13.39
N ALA A 215 46.82 44.39 -14.03
CA ALA A 215 46.84 43.79 -15.35
C ALA A 215 46.51 42.30 -15.30
N HIS A 216 47.03 41.61 -14.27
CA HIS A 216 46.78 40.19 -14.16
C HIS A 216 45.98 39.89 -12.91
N THR A 217 45.03 38.97 -13.06
CA THR A 217 44.16 38.56 -11.96
C THR A 217 44.88 37.41 -11.26
N ASN A 218 45.55 37.70 -10.13
CA ASN A 218 46.31 36.68 -9.42
C ASN A 218 45.56 36.15 -8.21
N LEU A 219 45.07 34.92 -8.34
CA LEU A 219 44.31 34.19 -7.33
C LEU A 219 45.20 33.70 -6.18
N GLY A 220 45.07 34.34 -5.02
CA GLY A 220 45.81 33.94 -3.83
C GLY A 220 45.25 32.68 -3.22
N LEU A 221 46.12 31.79 -2.75
CA LEU A 221 45.68 30.51 -2.18
C LEU A 221 46.15 30.32 -0.76
N ALA A 222 45.29 29.75 0.07
CA ALA A 222 45.63 29.46 1.46
C ALA A 222 46.41 28.15 1.52
N ILE A 223 47.73 28.20 1.34
CA ILE A 223 48.54 26.98 1.36
C ILE A 223 49.26 26.83 2.70
N ASP A 224 48.84 25.87 3.55
CA ASP A 224 49.44 25.65 4.86
C ASP A 224 50.66 24.73 4.77
N LEU A 225 51.86 25.31 4.87
CA LEU A 225 53.09 24.53 4.78
C LEU A 225 53.50 23.99 6.15
N GLN A 226 53.34 22.68 6.38
CA GLN A 226 53.76 22.07 7.63
C GLN A 226 55.30 22.05 7.71
N GLY A 227 55.86 22.94 8.53
CA GLY A 227 57.29 23.13 8.69
C GLY A 227 58.12 21.99 9.26
N LYS A 228 59.41 22.28 9.53
CA LYS A 228 60.39 21.32 10.05
C LYS A 228 60.10 20.89 11.50
N ASP A 229 59.69 21.82 12.36
CA ASP A 229 59.39 21.49 13.77
C ASP A 229 57.88 21.58 14.07
N GLY A 230 57.04 21.29 13.08
CA GLY A 230 55.59 21.35 13.22
C GLY A 230 54.96 22.70 12.97
N ASN A 231 55.79 23.75 12.74
CA ASN A 231 55.36 25.12 12.51
C ASN A 231 54.55 25.23 11.22
N ARG A 232 53.22 25.19 11.31
CA ARG A 232 52.33 25.30 10.15
C ARG A 232 52.34 26.73 9.59
N SER A 233 53.29 27.00 8.70
CA SER A 233 53.50 28.28 8.04
C SER A 233 52.46 28.48 6.94
N LEU A 234 51.41 29.24 7.23
CA LEU A 234 50.32 29.49 6.29
C LEU A 234 50.69 30.59 5.28
N VAL A 235 50.86 30.23 3.99
CA VAL A 235 51.28 31.18 2.96
C VAL A 235 50.17 31.51 1.97
N VAL A 236 50.32 32.64 1.26
CA VAL A 236 49.38 33.10 0.25
C VAL A 236 50.06 33.09 -1.13
N ALA A 237 50.15 31.93 -1.79
CA ALA A 237 50.79 31.85 -3.11
C ALA A 237 49.82 32.29 -4.20
N ALA A 238 50.31 33.02 -5.21
CA ALA A 238 49.43 33.53 -6.25
C ALA A 238 49.66 32.93 -7.63
N ILE A 239 48.61 32.34 -8.19
CA ILE A 239 48.61 31.83 -9.56
C ILE A 239 48.46 33.07 -10.43
N LYS A 240 49.44 33.39 -11.27
CA LYS A 240 49.39 34.63 -12.06
C LYS A 240 48.93 34.44 -13.51
N ARG A 241 48.39 35.52 -14.11
CA ARG A 241 47.89 35.59 -15.49
C ARG A 241 46.77 34.59 -15.71
N CYS A 242 45.86 34.51 -14.75
CA CYS A 242 44.75 33.56 -14.80
C CYS A 242 43.72 33.94 -15.88
N GLU A 243 43.53 35.25 -16.12
CA GLU A 243 42.58 35.74 -17.13
C GLU A 243 42.95 35.28 -18.56
N THR A 244 44.24 34.99 -18.80
CA THR A 244 44.69 34.53 -20.09
C THR A 244 44.87 33.01 -20.07
N MET A 245 43.96 32.29 -19.38
CA MET A 245 44.08 30.85 -19.26
C MET A 245 42.79 30.09 -19.51
N ARG A 246 42.95 28.87 -20.00
CA ARG A 246 41.92 27.84 -20.20
C ARG A 246 42.02 26.89 -18.99
N PHE A 247 41.06 25.96 -18.80
CA PHE A 247 41.07 25.06 -17.65
C PHE A 247 42.39 24.28 -17.50
N GLY A 248 42.99 23.89 -18.61
CA GLY A 248 44.26 23.18 -18.61
C GLY A 248 45.41 24.04 -18.11
N GLN A 249 45.55 25.24 -18.66
CA GLN A 249 46.61 26.17 -18.27
C GLN A 249 46.46 26.61 -16.82
N PHE A 250 45.22 26.75 -16.34
CA PHE A 250 44.97 27.16 -14.97
C PHE A 250 45.42 26.07 -14.00
N ILE A 251 44.94 24.82 -14.18
CA ILE A 251 45.32 23.74 -13.26
C ILE A 251 46.82 23.39 -13.37
N ALA A 252 47.48 23.72 -14.50
CA ALA A 252 48.91 23.49 -14.63
C ALA A 252 49.66 24.49 -13.74
N ALA A 253 49.24 25.77 -13.77
CA ALA A 253 49.82 26.83 -12.95
C ALA A 253 49.49 26.67 -11.46
N TYR A 254 48.36 26.03 -11.15
CA TYR A 254 47.96 25.75 -9.79
C TYR A 254 48.87 24.65 -9.23
N GLU A 255 49.06 23.56 -9.99
CA GLU A 255 49.88 22.45 -9.53
C GLU A 255 51.38 22.77 -9.49
N ASP A 256 51.83 23.80 -10.23
CA ASP A 256 53.23 24.23 -10.16
C ASP A 256 53.41 24.93 -8.81
N ILE A 257 52.52 25.88 -8.49
CA ILE A 257 52.50 26.64 -7.24
C ILE A 257 52.33 25.66 -6.04
N VAL A 258 51.60 24.55 -6.22
CA VAL A 258 51.38 23.54 -5.17
C VAL A 258 52.62 22.67 -5.00
N ARG A 259 53.19 22.15 -6.10
CA ARG A 259 54.36 21.29 -6.01
C ARG A 259 55.54 22.03 -5.42
N ARG A 260 55.72 23.29 -5.79
CA ARG A 260 56.82 24.10 -5.27
C ARG A 260 56.59 24.54 -3.82
N ALA A 261 55.34 24.87 -3.41
CA ALA A 261 55.07 25.26 -2.02
C ALA A 261 55.29 24.09 -1.08
N ARG A 262 54.87 22.89 -1.51
CA ARG A 262 55.02 21.66 -0.75
C ARG A 262 56.47 21.30 -0.49
N ASP A 263 57.37 21.66 -1.41
CA ASP A 263 58.79 21.35 -1.25
C ASP A 263 59.65 22.59 -0.95
N GLY A 264 59.04 23.65 -0.43
CA GLY A 264 59.72 24.90 -0.04
C GLY A 264 60.54 25.60 -1.09
N LYS A 265 60.13 25.52 -2.35
CA LYS A 265 60.86 26.14 -3.45
C LYS A 265 60.11 27.34 -4.04
N LEU A 266 59.30 28.03 -3.23
CA LEU A 266 58.57 29.19 -3.71
C LEU A 266 59.42 30.43 -3.65
N THR A 267 59.42 31.22 -4.73
CA THR A 267 60.17 32.47 -4.73
C THR A 267 59.35 33.55 -4.06
N ALA A 268 60.04 34.55 -3.52
CA ALA A 268 59.38 35.70 -2.88
C ALA A 268 58.50 36.48 -3.87
N GLU A 269 58.78 36.38 -5.17
CA GLU A 269 57.99 37.04 -6.19
C GLU A 269 56.56 36.48 -6.27
N ASP A 270 56.38 35.18 -5.94
CA ASP A 270 55.07 34.54 -5.96
C ASP A 270 54.10 35.18 -4.98
N PHE A 271 54.59 35.52 -3.79
CA PHE A 271 53.74 36.11 -2.74
C PHE A 271 53.38 37.58 -3.00
N SER A 272 54.05 38.23 -3.93
CA SER A 272 53.77 39.61 -4.26
C SER A 272 52.93 39.71 -5.53
N GLY A 273 51.69 40.13 -5.39
CA GLY A 273 50.81 40.29 -6.54
C GLY A 273 49.41 39.76 -6.36
N VAL A 274 49.02 39.34 -5.15
CA VAL A 274 47.67 38.82 -4.91
C VAL A 274 46.64 39.97 -5.07
N THR A 275 45.84 39.91 -6.14
CA THR A 275 44.83 40.93 -6.44
C THR A 275 43.43 40.52 -5.92
N ILE A 276 43.17 39.22 -5.91
CA ILE A 276 41.96 38.59 -5.43
C ILE A 276 42.37 37.23 -4.79
N SER A 277 41.70 36.79 -3.70
CA SER A 277 42.14 35.58 -2.99
C SER A 277 40.99 34.62 -2.61
N LEU A 278 41.34 33.39 -2.20
CA LEU A 278 40.41 32.36 -1.80
C LEU A 278 40.86 31.64 -0.52
N THR A 279 39.95 31.49 0.44
CA THR A 279 40.25 30.73 1.66
C THR A 279 39.22 29.61 1.83
N ASN A 280 39.60 28.51 2.50
CA ASN A 280 38.66 27.43 2.72
C ASN A 280 38.53 27.07 4.19
N PRO A 281 37.71 27.81 4.95
CA PRO A 281 37.44 27.43 6.35
C PRO A 281 36.61 26.15 6.46
N GLY A 282 35.92 25.78 5.37
CA GLY A 282 35.12 24.57 5.28
C GLY A 282 35.91 23.28 5.32
N THR A 283 37.24 23.37 5.38
CA THR A 283 38.12 22.22 5.51
C THR A 283 37.91 21.58 6.88
N LEU A 284 37.78 22.42 7.91
CA LEU A 284 37.58 21.99 9.28
C LEU A 284 36.09 21.84 9.65
N GLY A 285 35.19 21.80 8.67
CA GLY A 285 33.76 21.65 8.87
C GLY A 285 33.01 22.94 9.20
N THR A 286 33.72 24.07 9.28
CA THR A 286 33.10 25.35 9.57
C THR A 286 32.22 25.75 8.38
N VAL A 287 30.88 25.73 8.58
CA VAL A 287 29.85 26.00 7.56
C VAL A 287 30.17 27.23 6.71
N HIS A 288 30.41 28.38 7.33
CA HIS A 288 30.75 29.60 6.60
C HIS A 288 31.54 30.53 7.51
N SER A 289 32.33 31.42 6.91
CA SER A 289 33.11 32.36 7.68
C SER A 289 32.99 33.77 7.15
N VAL A 290 33.27 34.74 8.01
CA VAL A 290 33.29 36.14 7.64
C VAL A 290 34.73 36.58 7.74
N PRO A 291 35.47 36.51 6.63
CA PRO A 291 36.90 36.84 6.69
C PRO A 291 37.18 38.33 6.80
N ARG A 292 38.40 38.65 7.21
CA ARG A 292 38.83 40.02 7.32
C ARG A 292 39.73 40.28 6.10
N LEU A 293 39.45 41.36 5.35
CA LEU A 293 40.14 41.67 4.09
C LEU A 293 41.31 42.64 4.25
N MET A 294 42.51 42.19 3.89
CA MET A 294 43.75 42.96 3.94
C MET A 294 43.81 44.02 2.84
N GLN A 295 44.76 44.97 2.94
CA GLN A 295 44.95 45.97 1.90
C GLN A 295 45.60 45.34 0.67
N GLY A 296 45.37 45.95 -0.49
CA GLY A 296 45.93 45.45 -1.74
C GLY A 296 45.00 44.52 -2.52
N GLN A 297 43.95 44.02 -1.88
CA GLN A 297 42.97 43.14 -2.51
C GLN A 297 41.62 43.85 -2.64
N GLY A 298 40.79 43.38 -3.57
CA GLY A 298 39.46 43.94 -3.75
C GLY A 298 38.45 43.19 -2.92
N ALA A 299 38.59 41.86 -2.89
CA ALA A 299 37.71 40.96 -2.15
C ALA A 299 38.38 39.61 -1.91
N ILE A 300 37.90 38.86 -0.90
CA ILE A 300 38.40 37.50 -0.67
C ILE A 300 37.19 36.59 -0.41
N ILE A 301 37.11 35.51 -1.21
CA ILE A 301 36.03 34.54 -1.19
C ILE A 301 36.26 33.45 -0.17
N GLY A 302 35.34 33.32 0.77
CA GLY A 302 35.42 32.29 1.79
C GLY A 302 34.56 31.10 1.44
N ALA A 303 35.17 30.10 0.80
CA ALA A 303 34.44 28.90 0.42
C ALA A 303 34.11 28.06 1.64
N GLY A 304 32.82 27.90 1.90
CA GLY A 304 32.32 27.17 3.05
C GLY A 304 32.51 25.67 3.03
N ALA A 305 31.82 25.00 3.95
CA ALA A 305 31.92 23.55 4.07
C ALA A 305 30.98 22.87 3.11
N MET A 306 31.53 22.15 2.13
CA MET A 306 30.68 21.44 1.18
C MET A 306 30.12 20.19 1.84
N GLU A 307 28.94 20.32 2.45
CA GLU A 307 28.34 19.20 3.15
C GLU A 307 26.83 19.32 3.31
N TYR A 308 26.19 18.24 3.79
CA TYR A 308 24.78 18.18 4.12
C TYR A 308 24.55 19.04 5.37
N PRO A 309 23.43 19.75 5.47
CA PRO A 309 23.19 20.60 6.65
C PRO A 309 23.09 19.80 7.95
N ALA A 310 23.27 20.50 9.08
CA ALA A 310 23.27 19.90 10.41
C ALA A 310 22.04 19.04 10.73
N GLU A 311 20.83 19.44 10.32
CA GLU A 311 19.61 18.70 10.64
C GLU A 311 19.59 17.28 10.03
N PHE A 312 19.98 17.18 8.77
CA PHE A 312 19.99 15.92 8.02
C PHE A 312 21.07 14.96 8.48
N GLN A 313 22.11 15.43 9.17
CA GLN A 313 23.23 14.60 9.59
C GLN A 313 22.83 13.32 10.32
N GLY A 314 21.64 13.30 10.92
CA GLY A 314 21.17 12.13 11.62
C GLY A 314 20.38 11.11 10.82
N ALA A 315 19.93 11.45 9.59
CA ALA A 315 19.11 10.53 8.79
C ALA A 315 19.95 9.61 7.90
N SER A 316 19.37 8.48 7.44
CA SER A 316 20.06 7.51 6.59
C SER A 316 20.26 8.04 5.16
N GLU A 317 21.34 7.60 4.48
CA GLU A 317 21.63 8.05 3.12
C GLU A 317 20.52 7.68 2.15
N GLU A 318 19.99 6.47 2.30
CA GLU A 318 18.90 5.94 1.50
C GLU A 318 17.64 6.79 1.62
N ARG A 319 17.45 7.44 2.76
CA ARG A 319 16.32 8.33 2.99
C ARG A 319 16.52 9.61 2.20
N ILE A 320 17.72 10.23 2.31
CA ILE A 320 18.08 11.51 1.69
C ILE A 320 18.03 11.46 0.15
N ALA A 321 18.74 10.50 -0.48
CA ALA A 321 18.77 10.37 -1.93
C ALA A 321 17.41 10.05 -2.53
N ASP A 322 16.55 9.36 -1.77
CA ASP A 322 15.22 9.01 -2.19
C ASP A 322 14.33 10.29 -2.27
N LEU A 323 14.60 11.32 -1.45
CA LEU A 323 13.81 12.55 -1.47
C LEU A 323 14.38 13.56 -2.48
N GLY A 324 15.69 13.65 -2.54
CA GLY A 324 16.34 14.57 -3.46
C GLY A 324 17.06 15.72 -2.79
N ILE A 325 17.65 15.47 -1.62
CA ILE A 325 18.40 16.50 -0.92
C ILE A 325 19.89 16.31 -1.24
N GLY A 326 20.59 17.40 -1.60
CA GLY A 326 21.99 17.31 -1.97
C GLY A 326 22.93 18.14 -1.13
N LYS A 327 24.24 17.82 -1.17
CA LYS A 327 25.22 18.59 -0.41
C LYS A 327 25.33 20.01 -0.95
N LEU A 328 25.80 20.95 -0.12
CA LEU A 328 25.92 22.34 -0.54
C LEU A 328 27.14 23.03 0.05
N ILE A 329 27.60 24.07 -0.63
CA ILE A 329 28.74 24.85 -0.16
C ILE A 329 28.25 26.26 0.17
N THR A 330 28.60 26.77 1.36
CA THR A 330 28.17 28.11 1.77
C THR A 330 29.24 29.11 1.34
N LEU A 331 29.22 29.54 0.06
CA LEU A 331 30.21 30.46 -0.48
C LEU A 331 30.03 31.92 -0.03
N THR A 332 31.01 32.45 0.71
CA THR A 332 30.98 33.83 1.20
C THR A 332 31.91 34.70 0.35
N SER A 333 31.75 36.03 0.44
CA SER A 333 32.59 36.95 -0.31
C SER A 333 32.71 38.27 0.43
N THR A 334 33.73 38.40 1.28
CA THR A 334 33.96 39.67 1.97
C THR A 334 34.68 40.59 0.97
N TYR A 335 34.14 41.78 0.75
CA TYR A 335 34.67 42.70 -0.26
C TYR A 335 34.90 44.12 0.29
N ASP A 336 35.68 44.93 -0.44
CA ASP A 336 35.93 46.31 -0.04
C ASP A 336 34.71 47.14 -0.42
N HIS A 337 34.04 47.76 0.57
CA HIS A 337 32.84 48.57 0.31
C HIS A 337 33.16 49.99 -0.22
N ARG A 338 34.44 50.36 -0.32
CA ARG A 338 34.84 51.65 -0.85
C ARG A 338 34.66 51.68 -2.36
N ILE A 339 35.01 50.57 -3.04
CA ILE A 339 34.95 50.46 -4.49
C ILE A 339 33.87 49.47 -4.98
N ILE A 340 33.79 48.28 -4.37
CA ILE A 340 32.78 47.27 -4.73
C ILE A 340 31.54 47.47 -3.89
N GLN A 341 30.36 47.52 -4.51
CA GLN A 341 29.12 47.68 -3.76
C GLN A 341 28.33 46.37 -3.73
N GLY A 342 27.46 46.24 -2.73
CA GLY A 342 26.64 45.05 -2.49
C GLY A 342 26.03 44.37 -3.70
N ALA A 343 25.63 45.16 -4.68
CA ALA A 343 25.01 44.64 -5.89
C ALA A 343 26.04 43.88 -6.73
N GLU A 344 27.24 44.46 -6.91
CA GLU A 344 28.28 43.82 -7.70
C GLU A 344 28.75 42.53 -7.04
N SER A 345 28.98 42.55 -5.72
CA SER A 345 29.42 41.35 -5.01
C SER A 345 28.31 40.29 -4.94
N GLY A 346 27.06 40.73 -4.86
CA GLY A 346 25.91 39.83 -4.84
C GLY A 346 25.75 39.14 -6.18
N ASP A 347 25.98 39.89 -7.27
CA ASP A 347 25.89 39.35 -8.63
C ASP A 347 27.09 38.46 -8.94
N PHE A 348 28.27 38.77 -8.38
CA PHE A 348 29.50 38.00 -8.57
C PHE A 348 29.29 36.59 -8.04
N LEU A 349 28.67 36.47 -6.86
CA LEU A 349 28.39 35.16 -6.28
C LEU A 349 27.30 34.44 -7.07
N ARG A 350 26.32 35.19 -7.62
CA ARG A 350 25.28 34.59 -8.46
C ARG A 350 25.91 34.00 -9.72
N THR A 351 26.85 34.72 -10.32
CA THR A 351 27.57 34.29 -11.51
C THR A 351 28.32 32.98 -11.23
N ILE A 352 29.01 32.88 -10.09
CA ILE A 352 29.73 31.67 -9.71
C ILE A 352 28.75 30.48 -9.58
N HIS A 353 27.57 30.72 -8.98
CA HIS A 353 26.49 29.74 -8.82
C HIS A 353 26.05 29.23 -10.21
N GLN A 354 25.87 30.14 -11.16
CA GLN A 354 25.47 29.79 -12.53
C GLN A 354 26.49 28.87 -13.18
N LEU A 355 27.77 29.12 -12.93
CA LEU A 355 28.84 28.30 -13.48
C LEU A 355 28.86 26.91 -12.84
N LEU A 356 28.84 26.85 -11.51
CA LEU A 356 28.90 25.58 -10.78
C LEU A 356 27.70 24.65 -11.07
N LEU A 357 26.62 25.18 -11.66
CA LEU A 357 25.48 24.35 -12.06
C LEU A 357 25.21 24.40 -13.59
N ASP A 358 26.06 25.08 -14.36
CA ASP A 358 25.99 25.22 -15.81
C ASP A 358 26.35 23.89 -16.52
N ASP A 359 26.07 23.81 -17.84
CA ASP A 359 26.40 22.63 -18.61
C ASP A 359 27.62 22.91 -19.48
N ASP A 360 27.71 24.11 -20.07
CA ASP A 360 28.84 24.55 -20.90
C ASP A 360 30.12 24.69 -20.09
N PHE A 361 30.01 24.99 -18.79
CA PHE A 361 31.15 25.09 -17.89
C PHE A 361 31.82 23.73 -17.78
N PHE A 362 31.01 22.68 -17.58
CA PHE A 362 31.52 21.32 -17.50
C PHE A 362 31.88 20.77 -18.89
N ASP A 363 31.24 21.26 -19.95
CA ASP A 363 31.57 20.90 -21.32
C ASP A 363 32.98 21.37 -21.65
N GLU A 364 33.34 22.59 -21.22
CA GLU A 364 34.66 23.18 -21.44
C GLU A 364 35.71 22.43 -20.63
N ILE A 365 35.38 22.07 -19.37
CA ILE A 365 36.27 21.36 -18.47
C ILE A 365 36.53 19.94 -18.98
N PHE A 366 35.52 19.26 -19.50
CA PHE A 366 35.69 17.92 -20.06
C PHE A 366 36.54 17.95 -21.33
N ARG A 367 36.42 19.01 -22.12
CA ARG A 367 37.22 19.17 -23.33
C ARG A 367 38.68 19.34 -22.98
N GLU A 368 38.97 20.17 -21.96
CA GLU A 368 40.34 20.42 -21.51
C GLU A 368 40.96 19.23 -20.81
N LEU A 369 40.14 18.36 -20.19
CA LEU A 369 40.65 17.19 -19.49
C LEU A 369 40.71 15.92 -20.38
N GLY A 370 40.39 16.04 -21.66
CA GLY A 370 40.42 14.91 -22.58
C GLY A 370 39.31 13.90 -22.37
N ILE A 371 38.18 14.35 -21.82
CA ILE A 371 37.05 13.47 -21.60
C ILE A 371 36.03 13.71 -22.71
N PRO A 372 35.80 12.71 -23.57
CA PRO A 372 34.88 12.93 -24.70
C PRO A 372 33.40 12.76 -24.37
N TYR A 373 33.10 12.18 -23.21
CA TYR A 373 31.75 11.84 -22.81
C TYR A 373 30.97 13.04 -22.31
N GLU A 374 29.63 12.93 -22.30
CA GLU A 374 28.80 14.03 -21.86
C GLU A 374 28.84 14.17 -20.35
N PRO A 375 29.18 15.36 -19.84
CA PRO A 375 29.20 15.56 -18.38
C PRO A 375 27.80 15.55 -17.76
N VAL A 376 27.73 15.33 -16.45
CA VAL A 376 26.46 15.31 -15.73
C VAL A 376 25.83 16.70 -15.77
N ARG A 377 24.50 16.75 -15.90
CA ARG A 377 23.79 18.02 -15.98
C ARG A 377 22.90 18.20 -14.77
N TRP A 378 22.78 19.44 -14.31
CA TRP A 378 21.94 19.75 -13.17
C TRP A 378 20.48 19.60 -13.55
N ARG A 379 19.88 18.49 -13.16
CA ARG A 379 18.49 18.22 -13.47
C ARG A 379 17.72 18.01 -12.18
N THR A 380 16.54 18.61 -12.06
CA THR A 380 15.74 18.47 -10.86
C THR A 380 14.90 17.19 -10.88
N ASP A 381 15.16 16.31 -9.90
CA ASP A 381 14.57 15.00 -9.61
C ASP A 381 13.34 14.63 -10.45
N ASN A 382 13.30 13.38 -10.90
CA ASN A 382 12.14 12.90 -11.63
C ASN A 382 11.16 12.36 -10.63
N PRO A 383 9.94 12.93 -10.58
CA PRO A 383 8.98 12.49 -9.56
C PRO A 383 8.30 11.16 -9.83
N ASP A 384 8.89 10.32 -10.69
CA ASP A 384 8.30 9.02 -11.00
C ASP A 384 8.75 7.96 -9.99
N SER A 385 7.94 6.93 -9.83
CA SER A 385 8.24 5.85 -8.90
C SER A 385 9.41 4.99 -9.41
N ILE A 386 9.94 4.14 -8.54
CA ILE A 386 11.04 3.27 -8.87
C ILE A 386 10.57 2.20 -9.90
N GLU A 387 9.30 1.75 -9.84
CA GLU A 387 8.80 0.78 -10.81
C GLU A 387 8.76 1.39 -12.19
N ASP A 388 8.31 2.65 -12.30
CA ASP A 388 8.24 3.36 -13.56
C ASP A 388 9.64 3.60 -14.12
N LYS A 389 10.58 3.98 -13.24
CA LYS A 389 11.97 4.23 -13.61
C LYS A 389 12.72 2.94 -13.97
N ASN A 390 12.31 1.80 -13.43
CA ASN A 390 12.99 0.54 -13.63
C ASN A 390 13.00 0.10 -15.09
N ALA A 391 11.85 0.04 -15.75
CA ALA A 391 11.77 -0.38 -17.15
C ALA A 391 12.62 0.53 -18.06
N ARG A 392 12.80 1.81 -17.67
CA ARG A 392 13.63 2.77 -18.43
C ARG A 392 15.10 2.38 -18.31
N VAL A 393 15.53 2.01 -17.09
CA VAL A 393 16.90 1.62 -16.80
C VAL A 393 17.20 0.27 -17.47
N ILE A 394 16.23 -0.67 -17.51
CA ILE A 394 16.42 -1.96 -18.16
C ILE A 394 16.68 -1.74 -19.66
N GLU A 395 15.85 -0.91 -20.28
CA GLU A 395 15.90 -0.56 -21.68
C GLU A 395 17.20 0.18 -22.02
N LEU A 396 17.65 1.08 -21.13
CA LEU A 396 18.89 1.83 -21.33
C LEU A 396 20.10 0.88 -21.33
N ILE A 397 20.06 -0.21 -20.55
CA ILE A 397 21.17 -1.17 -20.53
C ILE A 397 21.29 -1.83 -21.88
N ALA A 398 20.16 -2.31 -22.44
CA ALA A 398 20.15 -2.96 -23.73
C ALA A 398 20.58 -1.98 -24.83
N ALA A 399 20.19 -0.69 -24.71
CA ALA A 399 20.57 0.35 -25.67
C ALA A 399 22.07 0.58 -25.71
N TYR A 400 22.71 0.50 -24.54
CA TYR A 400 24.17 0.62 -24.45
C TYR A 400 24.86 -0.64 -25.04
N ARG A 401 24.19 -1.80 -25.02
CA ARG A 401 24.73 -3.03 -25.58
C ARG A 401 24.60 -3.06 -27.10
N ASN A 402 23.51 -2.52 -27.63
CA ASN A 402 23.28 -2.51 -29.06
C ASN A 402 24.18 -1.54 -29.78
N ARG A 403 24.41 -0.35 -29.21
CA ARG A 403 25.25 0.64 -29.88
C ARG A 403 26.28 1.28 -28.94
N GLY A 404 27.00 0.46 -28.20
CA GLY A 404 28.07 0.95 -27.33
C GLY A 404 29.22 1.52 -28.12
N HIS A 405 29.49 0.90 -29.26
CA HIS A 405 30.50 1.24 -30.26
C HIS A 405 30.25 2.60 -30.93
N LEU A 406 28.99 3.04 -31.02
CA LEU A 406 28.63 4.29 -31.70
C LEU A 406 29.02 5.56 -30.93
N MET A 407 29.25 5.45 -29.63
CA MET A 407 29.66 6.58 -28.80
C MET A 407 30.97 6.32 -28.03
N ALA A 408 31.74 5.32 -28.46
CA ALA A 408 33.00 4.97 -27.81
C ALA A 408 34.15 5.86 -28.29
N ASP A 409 35.24 5.94 -27.52
CA ASP A 409 36.41 6.72 -27.92
C ASP A 409 37.41 5.80 -28.66
N ILE A 410 36.97 5.27 -29.81
CA ILE A 410 37.76 4.36 -30.64
C ILE A 410 38.47 5.10 -31.80
N ASP A 411 38.14 6.38 -32.04
CA ASP A 411 38.83 7.16 -33.05
C ASP A 411 40.01 7.83 -32.38
N PRO A 412 41.23 7.47 -32.78
CA PRO A 412 42.41 8.07 -32.14
C PRO A 412 42.63 9.53 -32.56
N LEU A 413 42.16 9.91 -33.75
CA LEU A 413 42.34 11.27 -34.24
C LEU A 413 41.24 12.24 -33.75
N ARG A 414 40.15 11.73 -33.13
CA ARG A 414 39.00 12.50 -32.62
C ARG A 414 38.53 13.53 -33.65
N LEU A 415 38.23 13.04 -34.84
CA LEU A 415 37.81 13.89 -35.95
C LEU A 415 36.35 14.30 -35.79
N ASP A 416 35.47 13.33 -35.49
CA ASP A 416 34.05 13.65 -35.28
C ASP A 416 33.74 13.72 -33.80
N ASN A 417 33.73 14.94 -33.27
CA ASN A 417 33.43 15.15 -31.87
C ASN A 417 31.92 15.04 -31.57
N THR A 418 31.07 15.09 -32.59
CA THR A 418 29.64 15.05 -32.42
C THR A 418 29.11 13.63 -32.18
N ARG A 419 29.88 12.58 -32.52
CA ARG A 419 29.42 11.19 -32.35
C ARG A 419 29.10 10.85 -30.87
N PHE A 420 29.75 11.56 -29.93
CA PHE A 420 29.55 11.38 -28.50
C PHE A 420 28.26 12.00 -28.02
N ARG A 421 27.80 13.07 -28.67
CA ARG A 421 26.61 13.78 -28.22
C ARG A 421 25.38 13.51 -29.09
N SER A 422 25.55 12.93 -30.29
CA SER A 422 24.45 12.68 -31.20
C SER A 422 23.81 11.31 -30.96
N HIS A 423 23.39 11.04 -29.72
CA HIS A 423 22.72 9.78 -29.41
C HIS A 423 21.86 9.86 -28.16
N PRO A 424 20.53 9.93 -28.37
CA PRO A 424 19.60 10.00 -27.24
C PRO A 424 19.31 8.64 -26.61
N ASP A 425 19.49 7.55 -27.36
CA ASP A 425 19.32 6.19 -26.86
C ASP A 425 20.38 5.84 -25.79
N LEU A 426 21.49 6.60 -25.73
CA LEU A 426 22.53 6.40 -24.75
C LEU A 426 22.52 7.53 -23.68
N ASP A 427 21.91 8.70 -23.97
CA ASP A 427 21.82 9.80 -23.02
C ASP A 427 20.88 9.39 -21.90
N VAL A 428 21.32 9.52 -20.67
CA VAL A 428 20.54 9.10 -19.51
C VAL A 428 19.37 10.04 -19.25
N ASN A 429 19.59 11.37 -19.39
CA ASN A 429 18.55 12.39 -19.17
C ASN A 429 17.29 12.15 -20.01
N SER A 430 17.44 11.50 -21.17
CA SER A 430 16.36 11.18 -22.09
C SER A 430 15.46 10.06 -21.57
N HIS A 431 16.04 9.12 -20.82
CA HIS A 431 15.31 7.97 -20.29
C HIS A 431 14.64 8.25 -18.95
N GLY A 432 14.23 9.51 -18.73
CA GLY A 432 13.57 9.92 -17.50
C GLY A 432 14.42 9.66 -16.26
N LEU A 433 15.66 10.16 -16.27
CA LEU A 433 16.57 9.97 -15.15
C LEU A 433 17.40 11.23 -14.88
N THR A 434 17.76 11.44 -13.61
CA THR A 434 18.52 12.60 -13.16
C THR A 434 19.71 12.16 -12.28
N LEU A 435 20.59 13.09 -11.89
CA LEU A 435 21.71 12.79 -10.99
C LEU A 435 21.25 12.36 -9.57
N TRP A 436 19.98 12.63 -9.22
CA TRP A 436 19.37 12.26 -7.95
C TRP A 436 19.05 10.76 -7.94
N ASP A 437 18.64 10.22 -9.09
CA ASP A 437 18.35 8.80 -9.24
C ASP A 437 19.64 7.94 -9.28
N LEU A 438 20.83 8.57 -9.37
CA LEU A 438 22.14 7.91 -9.45
C LEU A 438 22.45 7.02 -8.28
N ASP A 439 21.97 7.37 -7.09
CA ASP A 439 22.26 6.58 -5.89
C ASP A 439 21.10 5.62 -5.52
N ARG A 440 20.07 5.51 -6.36
CA ARG A 440 18.94 4.64 -6.07
C ARG A 440 19.14 3.24 -6.67
N GLU A 441 18.51 2.24 -6.07
CA GLU A 441 18.62 0.87 -6.52
C GLU A 441 17.61 0.54 -7.59
N PHE A 442 18.00 -0.23 -8.59
CA PHE A 442 17.10 -0.65 -9.66
C PHE A 442 17.23 -2.15 -9.90
N LYS A 443 16.10 -2.84 -10.13
CA LYS A 443 16.04 -4.28 -10.34
C LYS A 443 16.52 -4.68 -11.74
N VAL A 444 17.80 -4.44 -12.00
CA VAL A 444 18.48 -4.74 -13.25
C VAL A 444 18.71 -6.26 -13.33
N ASP A 445 17.82 -6.96 -14.03
CA ASP A 445 17.90 -8.41 -14.12
C ASP A 445 19.20 -8.90 -14.72
N GLY A 446 20.08 -9.37 -13.84
CA GLY A 446 21.38 -9.95 -14.19
C GLY A 446 22.30 -9.05 -14.99
N PHE A 447 22.41 -7.76 -14.63
CA PHE A 447 23.30 -6.87 -15.35
C PHE A 447 24.76 -7.25 -15.01
N ALA A 448 25.27 -6.84 -13.84
CA ALA A 448 26.61 -7.22 -13.43
C ALA A 448 26.48 -8.37 -12.43
N GLY A 449 25.66 -9.36 -12.76
CA GLY A 449 25.37 -10.51 -11.93
C GLY A 449 24.36 -10.20 -10.86
N VAL A 450 24.51 -9.02 -10.23
CA VAL A 450 23.66 -8.54 -9.16
C VAL A 450 22.27 -8.19 -9.68
N GLN A 451 21.24 -8.64 -8.96
CA GLN A 451 19.87 -8.32 -9.32
C GLN A 451 19.47 -6.89 -8.92
N ARG A 452 20.30 -6.19 -8.14
CA ARG A 452 20.05 -4.82 -7.74
C ARG A 452 21.33 -4.04 -7.78
N LYS A 453 21.27 -2.82 -8.33
CA LYS A 453 22.45 -1.99 -8.47
C LYS A 453 22.12 -0.50 -8.47
N LYS A 454 23.03 0.33 -7.97
CA LYS A 454 22.84 1.78 -8.00
C LYS A 454 23.04 2.26 -9.43
N LEU A 455 22.31 3.30 -9.85
CA LEU A 455 22.40 3.83 -11.21
C LEU A 455 23.82 4.24 -11.60
N ARG A 456 24.55 4.91 -10.70
CA ARG A 456 25.92 5.33 -11.01
C ARG A 456 26.86 4.13 -11.22
N ASP A 457 26.55 2.97 -10.63
CA ASP A 457 27.34 1.77 -10.84
C ASP A 457 27.02 1.17 -12.20
N ILE A 458 25.73 1.15 -12.57
CA ILE A 458 25.24 0.65 -13.86
C ILE A 458 25.88 1.42 -15.04
N LEU A 459 25.87 2.76 -14.99
CA LEU A 459 26.44 3.62 -16.04
C LEU A 459 27.98 3.60 -16.06
N SER A 460 28.63 3.14 -14.98
CA SER A 460 30.08 3.03 -14.94
C SER A 460 30.53 1.72 -15.58
N VAL A 461 29.73 0.62 -15.42
CA VAL A 461 30.03 -0.67 -16.04
C VAL A 461 29.91 -0.51 -17.55
N LEU A 462 28.81 0.10 -18.01
CA LEU A 462 28.54 0.31 -19.43
C LEU A 462 29.58 1.27 -20.07
N ARG A 463 30.07 2.27 -19.31
CA ARG A 463 31.05 3.20 -19.84
C ARG A 463 32.36 2.47 -20.12
N ASP A 464 32.90 1.76 -19.12
CA ASP A 464 34.17 1.04 -19.22
C ASP A 464 34.06 -0.19 -20.15
N ALA A 465 32.89 -0.82 -20.21
CA ALA A 465 32.70 -2.01 -21.04
C ALA A 465 32.48 -1.67 -22.51
N TYR A 466 31.65 -0.66 -22.82
CA TYR A 466 31.33 -0.35 -24.22
C TYR A 466 31.87 0.99 -24.72
N CYS A 467 31.60 2.09 -24.02
CA CYS A 467 31.96 3.41 -24.53
C CYS A 467 33.43 3.78 -24.30
N ARG A 468 34.27 2.88 -23.76
CA ARG A 468 35.68 3.19 -23.56
C ARG A 468 36.39 3.04 -24.95
N HIS A 469 37.47 2.25 -25.06
CA HIS A 469 38.15 2.09 -26.35
C HIS A 469 37.79 0.81 -27.07
N VAL A 470 36.77 0.06 -26.60
CA VAL A 470 36.38 -1.18 -27.26
C VAL A 470 34.88 -1.18 -27.57
N GLY A 471 34.54 -0.93 -28.82
CA GLY A 471 33.16 -0.97 -29.27
C GLY A 471 32.77 -2.42 -29.47
N VAL A 472 31.58 -2.82 -28.97
CA VAL A 472 31.19 -4.23 -29.08
C VAL A 472 29.88 -4.41 -29.86
N GLU A 473 29.95 -5.20 -30.94
CA GLU A 473 28.81 -5.57 -31.78
C GLU A 473 28.60 -7.04 -31.58
N TYR A 474 27.90 -7.40 -30.51
CA TYR A 474 27.66 -8.78 -30.18
C TYR A 474 26.16 -9.12 -30.08
N THR A 475 25.30 -8.11 -30.05
CA THR A 475 23.86 -8.25 -29.97
C THR A 475 23.26 -8.80 -31.27
N HIS A 476 23.92 -8.56 -32.42
CA HIS A 476 23.44 -9.03 -33.74
C HIS A 476 23.69 -10.52 -34.01
N ILE A 477 24.34 -11.22 -33.08
CA ILE A 477 24.60 -12.64 -33.23
C ILE A 477 23.33 -13.41 -32.83
N LEU A 478 23.04 -14.50 -33.54
CA LEU A 478 21.83 -15.27 -33.29
C LEU A 478 21.99 -16.35 -32.22
N GLU A 479 23.20 -16.80 -31.95
CA GLU A 479 23.44 -17.80 -30.92
C GLU A 479 23.37 -17.10 -29.56
N PRO A 480 22.59 -17.65 -28.62
CA PRO A 480 22.43 -16.97 -27.32
C PRO A 480 23.62 -17.13 -26.39
N GLU A 481 24.18 -18.34 -26.25
CA GLU A 481 25.32 -18.57 -25.37
C GLU A 481 26.53 -17.71 -25.73
N GLN A 482 26.65 -17.33 -27.01
CA GLN A 482 27.74 -16.48 -27.48
C GLN A 482 27.56 -15.06 -26.93
N GLN A 483 26.32 -14.58 -26.90
CA GLN A 483 26.01 -13.27 -26.34
C GLN A 483 26.28 -13.30 -24.84
N ARG A 484 25.85 -14.37 -24.15
CA ARG A 484 26.07 -14.56 -22.71
C ARG A 484 27.56 -14.59 -22.41
N TRP A 485 28.33 -15.26 -23.27
CA TRP A 485 29.78 -15.36 -23.17
C TRP A 485 30.43 -13.99 -23.26
N ILE A 486 30.09 -13.17 -24.27
CA ILE A 486 30.70 -11.86 -24.43
C ILE A 486 30.27 -10.91 -23.29
N GLN A 487 29.02 -11.03 -22.82
CA GLN A 487 28.51 -10.22 -21.71
C GLN A 487 29.36 -10.36 -20.45
N GLU A 488 29.80 -11.58 -20.13
CA GLU A 488 30.62 -11.83 -18.96
C GLU A 488 32.02 -11.31 -19.17
N ARG A 489 32.58 -11.51 -20.35
CA ARG A 489 33.93 -11.04 -20.65
C ARG A 489 34.00 -9.54 -20.94
N VAL A 490 32.87 -8.82 -20.96
CA VAL A 490 32.89 -7.39 -21.27
C VAL A 490 32.36 -6.57 -20.08
N GLU A 491 31.25 -7.01 -19.47
CA GLU A 491 30.66 -6.29 -18.35
C GLU A 491 31.19 -6.79 -16.99
N THR A 492 32.51 -6.64 -16.77
CA THR A 492 33.27 -6.98 -15.54
C THR A 492 34.41 -5.97 -15.40
N LYS A 493 34.69 -5.48 -14.17
CA LYS A 493 35.82 -4.56 -13.99
C LYS A 493 37.10 -5.36 -14.18
N HIS A 494 37.64 -5.35 -15.42
CA HIS A 494 38.82 -6.13 -15.74
C HIS A 494 40.08 -5.57 -15.13
N ASP A 495 40.90 -6.50 -14.63
CA ASP A 495 42.15 -6.24 -13.96
C ASP A 495 43.13 -5.49 -14.85
N LYS A 496 43.82 -4.51 -14.25
CA LYS A 496 44.85 -3.76 -14.94
C LYS A 496 46.03 -4.71 -15.15
N PRO A 497 46.59 -4.76 -16.37
CA PRO A 497 47.70 -5.67 -16.63
C PRO A 497 48.91 -5.41 -15.74
N THR A 498 49.70 -6.46 -15.46
CA THR A 498 50.89 -6.34 -14.60
C THR A 498 51.93 -5.43 -15.24
N VAL A 499 52.81 -4.86 -14.42
CA VAL A 499 53.88 -4.00 -14.94
C VAL A 499 54.82 -4.84 -15.85
N ALA A 500 54.99 -6.15 -15.58
CA ALA A 500 55.80 -7.06 -16.41
C ALA A 500 55.15 -7.29 -17.78
N GLU A 501 53.81 -7.38 -17.80
CA GLU A 501 53.05 -7.53 -19.01
C GLU A 501 53.14 -6.25 -19.82
N GLN A 502 52.99 -5.09 -19.15
CA GLN A 502 53.08 -3.75 -19.74
C GLN A 502 54.48 -3.46 -20.31
N LYS A 503 55.51 -4.06 -19.72
CA LYS A 503 56.88 -3.90 -20.19
C LYS A 503 57.09 -4.72 -21.46
N TYR A 504 56.44 -5.90 -21.59
CA TYR A 504 56.53 -6.72 -22.82
C TYR A 504 55.84 -6.02 -23.99
N ILE A 505 54.76 -5.27 -23.72
CA ILE A 505 54.03 -4.50 -24.71
C ILE A 505 54.91 -3.37 -25.21
N LEU A 506 55.60 -2.69 -24.30
CA LEU A 506 56.48 -1.59 -24.68
C LEU A 506 57.75 -2.11 -25.37
N SER A 507 58.22 -3.34 -25.06
CA SER A 507 59.39 -3.92 -25.74
C SER A 507 59.06 -4.27 -27.19
N LYS A 508 57.82 -4.77 -27.41
CA LYS A 508 57.31 -5.13 -28.73
C LYS A 508 57.06 -3.84 -29.56
N LEU A 509 56.63 -2.75 -28.91
CA LEU A 509 56.40 -1.46 -29.57
C LEU A 509 57.73 -0.72 -29.82
N ASN A 510 58.78 -1.00 -29.05
CA ASN A 510 60.10 -0.39 -29.24
C ASN A 510 60.72 -0.93 -30.51
N ALA A 511 60.65 -2.24 -30.73
CA ALA A 511 61.19 -2.90 -31.92
C ALA A 511 60.39 -2.55 -33.18
N ALA A 512 59.09 -2.30 -33.02
CA ALA A 512 58.23 -1.95 -34.14
C ALA A 512 58.46 -0.50 -34.57
N GLU A 513 58.55 0.44 -33.60
CA GLU A 513 58.79 1.85 -33.93
C GLU A 513 60.22 2.05 -34.46
N ALA A 514 61.18 1.26 -33.96
CA ALA A 514 62.56 1.36 -34.44
C ALA A 514 62.71 0.74 -35.84
N PHE A 515 61.91 -0.31 -36.15
CA PHE A 515 61.98 -0.95 -37.46
C PHE A 515 61.55 0.01 -38.57
N GLU A 516 60.40 0.68 -38.40
CA GLU A 516 59.94 1.64 -39.42
C GLU A 516 60.85 2.89 -39.43
N THR A 517 61.48 3.25 -38.29
CA THR A 517 62.44 4.36 -38.22
C THR A 517 63.65 4.05 -39.13
N PHE A 518 64.10 2.78 -39.11
CA PHE A 518 65.20 2.30 -39.92
C PHE A 518 64.80 2.24 -41.40
N LEU A 519 63.60 1.71 -41.71
CA LEU A 519 63.13 1.57 -43.10
C LEU A 519 62.96 2.93 -43.79
N GLN A 520 62.39 3.92 -43.10
CA GLN A 520 62.23 5.26 -43.70
C GLN A 520 63.54 6.06 -43.74
N THR A 521 64.65 5.49 -43.28
CA THR A 521 65.93 6.20 -43.23
C THR A 521 66.98 5.55 -44.16
N LYS A 522 67.26 4.25 -44.00
CA LYS A 522 68.29 3.58 -44.80
C LYS A 522 67.81 3.29 -46.21
N TYR A 523 66.66 2.62 -46.34
CA TYR A 523 66.12 2.28 -47.66
C TYR A 523 65.10 3.32 -48.09
N VAL A 524 65.59 4.55 -48.32
CA VAL A 524 64.79 5.71 -48.74
C VAL A 524 63.90 5.37 -49.94
N GLY A 525 62.71 5.93 -49.94
CA GLY A 525 61.70 5.64 -50.95
C GLY A 525 60.55 4.77 -50.43
N GLN A 526 60.76 4.13 -49.27
CA GLN A 526 59.76 3.27 -48.64
C GLN A 526 58.67 4.10 -47.92
N LYS A 527 58.29 5.27 -48.45
CA LYS A 527 57.21 6.07 -47.86
C LYS A 527 55.88 5.28 -47.89
N ARG A 528 55.65 4.53 -48.99
CA ARG A 528 54.53 3.59 -49.09
C ARG A 528 54.81 2.38 -48.16
N PHE A 529 53.88 1.42 -48.04
CA PHE A 529 54.10 0.18 -47.26
C PHE A 529 54.61 0.47 -45.83
N SER A 530 54.25 1.63 -45.29
CA SER A 530 54.73 2.05 -43.98
C SER A 530 53.72 1.73 -42.89
N LEU A 531 54.23 1.47 -41.67
CA LEU A 531 53.41 1.19 -40.48
C LEU A 531 53.44 2.39 -39.52
N GLU A 532 53.43 3.61 -40.08
CA GLU A 532 53.48 4.84 -39.31
C GLU A 532 52.13 5.14 -38.69
N GLY A 533 52.05 4.94 -37.38
CA GLY A 533 50.84 5.13 -36.61
C GLY A 533 50.14 3.84 -36.20
N ALA A 534 50.39 2.78 -36.98
CA ALA A 534 49.80 1.47 -36.72
C ALA A 534 50.84 0.48 -36.20
N GLU A 535 51.80 0.96 -35.41
CA GLU A 535 52.81 0.09 -34.81
C GLU A 535 52.15 -0.89 -33.81
N THR A 536 51.03 -0.47 -33.20
CA THR A 536 50.20 -1.21 -32.24
C THR A 536 49.73 -2.56 -32.83
N VAL A 537 49.66 -2.68 -34.16
CA VAL A 537 49.24 -3.92 -34.80
C VAL A 537 50.35 -5.01 -34.66
N ILE A 538 51.62 -4.61 -34.43
CA ILE A 538 52.69 -5.58 -34.23
C ILE A 538 52.44 -6.34 -32.92
N PRO A 539 52.37 -5.70 -31.72
CA PRO A 539 52.09 -6.48 -30.50
C PRO A 539 50.66 -7.06 -30.48
N MET A 540 49.72 -6.52 -31.28
CA MET A 540 48.37 -7.04 -31.34
C MET A 540 48.39 -8.46 -31.90
N MET A 541 49.16 -8.68 -32.98
CA MET A 541 49.30 -10.02 -33.56
C MET A 541 50.06 -10.93 -32.62
N ASP A 542 51.09 -10.39 -31.96
CA ASP A 542 51.89 -11.11 -30.96
C ASP A 542 50.99 -11.67 -29.87
N ALA A 543 49.99 -10.88 -29.44
CA ALA A 543 49.05 -11.31 -28.41
C ALA A 543 48.23 -12.49 -28.89
N VAL A 544 47.78 -12.46 -30.17
CA VAL A 544 47.01 -13.54 -30.77
C VAL A 544 47.81 -14.83 -30.77
N ILE A 545 49.07 -14.74 -31.15
CA ILE A 545 49.96 -15.90 -31.27
C ILE A 545 50.40 -16.40 -29.88
N ASP A 546 50.60 -15.49 -28.91
CA ASP A 546 50.94 -15.89 -27.54
C ASP A 546 49.78 -16.68 -26.93
N GLN A 547 48.55 -16.22 -27.20
CA GLN A 547 47.34 -16.86 -26.75
C GLN A 547 47.20 -18.23 -27.41
N CYS A 548 47.49 -18.31 -28.71
CA CYS A 548 47.39 -19.54 -29.49
C CYS A 548 48.31 -20.61 -28.95
N ALA A 549 49.54 -20.24 -28.59
CA ALA A 549 50.49 -21.18 -28.03
C ALA A 549 49.98 -21.71 -26.68
N GLU A 550 49.41 -20.81 -25.87
CA GLU A 550 48.84 -21.15 -24.58
C GLU A 550 47.65 -22.09 -24.75
N HIS A 551 46.85 -21.87 -25.80
CA HIS A 551 45.69 -22.68 -26.15
C HIS A 551 46.03 -24.11 -26.62
N GLY A 552 47.31 -24.40 -26.86
CA GLY A 552 47.73 -25.71 -27.32
C GLY A 552 47.53 -25.87 -28.81
N LEU A 553 47.84 -24.82 -29.56
CA LEU A 553 47.70 -24.83 -31.00
C LEU A 553 49.07 -25.05 -31.67
N ASP A 554 49.05 -25.50 -32.93
CA ASP A 554 50.28 -25.85 -33.64
C ASP A 554 50.81 -24.75 -34.56
N GLU A 555 49.96 -24.12 -35.40
CA GLU A 555 50.46 -23.11 -36.34
C GLU A 555 49.48 -21.99 -36.61
N VAL A 556 50.02 -20.77 -36.78
CA VAL A 556 49.28 -19.57 -37.13
C VAL A 556 49.74 -19.13 -38.52
N VAL A 557 48.87 -19.25 -39.55
CA VAL A 557 49.23 -18.89 -40.94
C VAL A 557 48.77 -17.46 -41.23
N ILE A 558 49.72 -16.55 -41.52
CA ILE A 558 49.43 -15.13 -41.76
C ILE A 558 49.38 -14.76 -43.25
N ALA A 559 48.26 -14.18 -43.69
CA ALA A 559 48.13 -13.63 -45.04
C ALA A 559 47.91 -12.16 -44.88
N MET A 560 48.80 -11.33 -45.42
CA MET A 560 48.71 -9.90 -45.22
C MET A 560 49.11 -9.11 -46.47
N PRO A 561 48.70 -7.84 -46.57
CA PRO A 561 49.09 -7.03 -47.73
C PRO A 561 50.52 -6.47 -47.61
N HIS A 562 50.92 -5.65 -48.57
CA HIS A 562 52.23 -5.03 -48.62
C HIS A 562 52.51 -4.05 -47.48
N ARG A 563 51.48 -3.55 -46.77
CA ARG A 563 51.70 -2.57 -45.71
C ARG A 563 52.33 -3.15 -44.44
N GLY A 564 53.54 -2.66 -44.11
CA GLY A 564 54.33 -3.07 -42.96
C GLY A 564 54.67 -4.55 -42.90
N ARG A 565 54.86 -5.20 -44.05
CA ARG A 565 55.14 -6.63 -44.13
C ARG A 565 56.53 -7.00 -43.65
N LEU A 566 57.53 -6.19 -43.93
CA LEU A 566 58.89 -6.46 -43.49
C LEU A 566 59.01 -6.40 -41.97
N ASN A 567 58.22 -5.51 -41.33
CA ASN A 567 58.17 -5.38 -39.88
C ASN A 567 57.65 -6.66 -39.25
N VAL A 568 56.62 -7.26 -39.88
CA VAL A 568 56.02 -8.52 -39.44
C VAL A 568 57.02 -9.65 -39.65
N LEU A 569 57.72 -9.66 -40.79
CA LEU A 569 58.70 -10.71 -41.08
C LEU A 569 59.81 -10.77 -40.03
N ALA A 570 60.21 -9.62 -39.46
CA ALA A 570 61.27 -9.60 -38.46
C ALA A 570 60.75 -9.75 -37.01
N ASN A 571 59.75 -8.95 -36.60
CA ASN A 571 59.29 -8.95 -35.22
C ASN A 571 58.14 -9.94 -34.92
N ILE A 572 57.53 -10.56 -35.94
CA ILE A 572 56.41 -11.50 -35.72
C ILE A 572 56.73 -12.91 -36.23
N VAL A 573 57.21 -13.04 -37.48
CA VAL A 573 57.53 -14.34 -38.05
C VAL A 573 58.74 -14.95 -37.33
N GLY A 574 59.77 -14.14 -37.15
CA GLY A 574 60.99 -14.59 -36.48
C GLY A 574 62.14 -14.76 -37.44
N LYS A 575 62.24 -13.85 -38.41
CA LYS A 575 63.31 -13.90 -39.39
C LYS A 575 64.37 -12.86 -39.06
N PRO A 576 65.66 -13.20 -39.23
CA PRO A 576 66.71 -12.23 -38.93
C PRO A 576 66.78 -11.15 -40.00
N TYR A 577 67.24 -9.94 -39.61
CA TYR A 577 67.37 -8.81 -40.54
C TYR A 577 68.24 -9.17 -41.76
N SER A 578 69.14 -10.16 -41.63
CA SER A 578 70.02 -10.62 -42.70
C SER A 578 69.22 -11.20 -43.87
N GLN A 579 68.31 -12.15 -43.62
CA GLN A 579 67.52 -12.77 -44.69
C GLN A 579 66.38 -11.87 -45.20
N ILE A 580 66.33 -10.61 -44.78
CA ILE A 580 65.28 -9.70 -45.18
C ILE A 580 65.79 -8.73 -46.23
N PHE A 581 66.96 -8.13 -46.00
CA PHE A 581 67.49 -7.13 -46.91
C PHE A 581 68.55 -7.66 -47.89
N SER A 582 68.62 -8.98 -48.07
CA SER A 582 69.55 -9.57 -49.04
C SER A 582 69.06 -9.24 -50.43
N GLU A 583 69.73 -8.30 -51.10
CA GLU A 583 69.37 -7.81 -52.43
C GLU A 583 68.10 -6.97 -52.33
N PHE A 584 68.20 -5.80 -51.73
CA PHE A 584 67.04 -4.92 -51.55
C PHE A 584 67.09 -3.75 -52.55
N GLU A 585 65.92 -3.22 -52.95
CA GLU A 585 65.81 -2.10 -53.88
C GLU A 585 64.98 -0.95 -53.28
N ALA A 593 54.79 6.81 -58.48
CA ALA A 593 53.75 5.79 -58.34
C ALA A 593 54.21 4.65 -57.46
N HIS A 594 53.28 4.05 -56.71
CA HIS A 594 53.62 2.93 -55.84
C HIS A 594 53.79 1.64 -56.67
N GLY A 595 54.62 0.73 -56.20
CA GLY A 595 54.86 -0.54 -56.88
C GLY A 595 55.02 -1.70 -55.92
N SER A 596 55.88 -2.68 -56.26
CA SER A 596 56.16 -3.83 -55.41
C SER A 596 57.51 -3.71 -54.67
N GLY A 597 58.44 -2.94 -55.24
CA GLY A 597 59.77 -2.72 -54.70
C GLY A 597 60.56 -4.01 -54.70
N ASP A 598 61.17 -4.35 -53.55
CA ASP A 598 61.84 -5.64 -53.43
C ASP A 598 60.77 -6.73 -53.37
N VAL A 599 61.07 -7.90 -53.93
CA VAL A 599 60.12 -9.00 -53.97
C VAL A 599 59.78 -9.57 -52.59
N LYS A 600 60.55 -9.22 -51.53
CA LYS A 600 60.28 -9.68 -50.17
C LYS A 600 58.87 -9.31 -49.69
N TYR A 601 58.32 -8.19 -50.20
CA TYR A 601 56.97 -7.75 -49.89
C TYR A 601 55.89 -8.74 -50.40
N HIS A 602 56.25 -9.71 -51.25
CA HIS A 602 55.35 -10.72 -51.82
C HIS A 602 55.60 -12.09 -51.21
N LEU A 603 56.88 -12.42 -50.96
CA LEU A 603 57.34 -13.71 -50.47
C LEU A 603 56.88 -14.04 -49.06
N GLY A 604 56.62 -15.31 -48.82
CA GLY A 604 56.18 -15.78 -47.51
C GLY A 604 57.15 -16.76 -46.85
N ALA A 605 57.76 -16.33 -45.73
CA ALA A 605 58.73 -17.15 -44.99
C ALA A 605 58.15 -17.65 -43.65
N THR A 606 58.71 -18.76 -43.11
CA THR A 606 58.24 -19.34 -41.86
C THR A 606 59.27 -19.14 -40.71
N GLY A 607 58.79 -19.26 -39.48
CA GLY A 607 59.59 -19.11 -38.27
C GLY A 607 58.92 -19.72 -37.06
N THR A 608 59.49 -19.53 -35.86
CA THR A 608 58.89 -20.11 -34.64
C THR A 608 58.74 -19.04 -33.54
N TYR A 609 57.64 -19.11 -32.79
CA TYR A 609 57.36 -18.19 -31.70
C TYR A 609 57.46 -18.87 -30.34
N ILE A 610 58.29 -18.30 -29.45
CA ILE A 610 58.51 -18.76 -28.09
C ILE A 610 57.73 -17.87 -27.14
N GLN A 611 56.86 -18.45 -26.31
CA GLN A 611 56.06 -17.67 -25.37
C GLN A 611 56.94 -16.94 -24.38
N MET A 612 56.72 -15.63 -24.22
CA MET A 612 57.52 -14.85 -23.29
C MET A 612 57.22 -15.27 -21.85
N PHE A 613 55.94 -15.47 -21.52
CA PHE A 613 55.56 -15.85 -20.17
C PHE A 613 55.02 -17.27 -20.09
N GLY A 614 54.40 -17.76 -21.17
CA GLY A 614 53.84 -19.11 -21.20
C GLY A 614 54.88 -20.21 -21.27
N ASP A 615 54.44 -21.46 -21.38
CA ASP A 615 55.36 -22.59 -21.41
C ASP A 615 55.34 -23.38 -22.72
N ASN A 616 54.87 -22.77 -23.81
CA ASN A 616 54.77 -23.48 -25.08
C ASN A 616 55.40 -22.70 -26.25
N ASP A 617 55.66 -23.41 -27.35
CA ASP A 617 56.21 -22.81 -28.57
C ASP A 617 55.29 -23.13 -29.74
N ILE A 618 55.04 -22.15 -30.61
CA ILE A 618 54.12 -22.34 -31.73
C ILE A 618 54.73 -21.90 -33.05
N GLU A 619 54.28 -22.52 -34.15
CA GLU A 619 54.77 -22.20 -35.48
C GLU A 619 54.05 -21.00 -36.08
N VAL A 620 54.83 -20.12 -36.71
CA VAL A 620 54.30 -18.92 -37.36
C VAL A 620 54.77 -18.89 -38.78
N SER A 621 53.87 -19.05 -39.76
CA SER A 621 54.25 -18.99 -41.17
C SER A 621 53.52 -17.87 -41.89
N LEU A 622 54.11 -17.35 -42.96
CA LEU A 622 53.53 -16.28 -43.79
C LEU A 622 53.29 -16.82 -45.21
N THR A 623 52.21 -16.37 -45.89
CA THR A 623 51.94 -16.87 -47.25
C THR A 623 52.11 -15.78 -48.31
N ALA A 624 52.45 -16.22 -49.52
CA ALA A 624 52.69 -15.33 -50.64
C ALA A 624 51.40 -14.75 -51.20
N ASN A 625 51.44 -13.49 -51.61
CA ASN A 625 50.28 -12.81 -52.17
C ASN A 625 50.69 -11.76 -53.20
N PRO A 626 49.85 -11.48 -54.21
CA PRO A 626 50.20 -10.44 -55.18
C PRO A 626 49.75 -9.04 -54.70
N SER A 627 49.89 -7.99 -55.55
CA SER A 627 49.48 -6.63 -55.16
C SER A 627 47.95 -6.45 -55.08
N HIS A 628 47.17 -7.43 -55.61
CA HIS A 628 45.72 -7.39 -55.56
C HIS A 628 45.27 -7.62 -54.13
N LEU A 629 44.68 -6.60 -53.53
CA LEU A 629 44.20 -6.66 -52.16
C LEU A 629 43.13 -7.72 -51.98
N GLU A 630 43.13 -8.38 -50.82
CA GLU A 630 42.18 -9.43 -50.44
C GLU A 630 42.15 -10.63 -51.39
N ALA A 631 43.05 -10.70 -52.37
CA ALA A 631 43.07 -11.82 -53.30
C ALA A 631 43.58 -13.10 -52.63
N VAL A 632 44.52 -12.97 -51.68
CA VAL A 632 45.04 -14.15 -50.97
C VAL A 632 44.06 -14.67 -49.88
N ASP A 633 42.95 -13.95 -49.62
CA ASP A 633 41.97 -14.34 -48.60
C ASP A 633 41.50 -15.80 -48.78
N PRO A 634 41.02 -16.24 -49.96
CA PRO A 634 40.60 -17.65 -50.09
C PRO A 634 41.76 -18.65 -50.15
N VAL A 635 42.96 -18.16 -50.55
CA VAL A 635 44.17 -18.96 -50.66
C VAL A 635 44.65 -19.34 -49.25
N LEU A 636 44.59 -18.39 -48.30
CA LEU A 636 45.01 -18.65 -46.92
C LEU A 636 44.09 -19.65 -46.26
N GLU A 637 42.76 -19.49 -46.43
CA GLU A 637 41.81 -20.43 -45.85
C GLU A 637 41.92 -21.84 -46.49
N GLY A 638 42.45 -21.94 -47.71
CA GLY A 638 42.69 -23.22 -48.34
C GLY A 638 43.95 -23.89 -47.80
N LEU A 639 44.97 -23.08 -47.46
CA LEU A 639 46.26 -23.52 -46.91
C LEU A 639 46.10 -24.04 -45.48
N VAL A 640 45.29 -23.33 -44.68
CA VAL A 640 44.99 -23.68 -43.30
C VAL A 640 44.23 -25.03 -43.28
N ARG A 641 43.27 -25.20 -44.20
CA ARG A 641 42.49 -26.43 -44.31
C ARG A 641 43.37 -27.59 -44.76
N ALA A 642 44.34 -27.34 -45.65
CA ALA A 642 45.26 -28.37 -46.13
C ALA A 642 46.09 -28.95 -44.99
N LYS A 643 46.57 -28.07 -44.09
CA LYS A 643 47.37 -28.46 -42.94
C LYS A 643 46.53 -29.14 -41.86
N GLN A 644 45.26 -28.69 -41.66
CA GLN A 644 44.35 -29.31 -40.69
C GLN A 644 44.07 -30.75 -41.05
N ASP A 645 43.81 -31.02 -42.34
CA ASP A 645 43.54 -32.37 -42.83
C ASP A 645 44.79 -33.25 -42.72
N LEU A 646 45.97 -32.67 -42.94
CA LEU A 646 47.24 -33.35 -42.81
C LEU A 646 47.48 -33.81 -41.37
N LEU A 647 47.10 -32.98 -40.40
CA LEU A 647 47.34 -33.27 -38.98
C LEU A 647 46.32 -34.21 -38.32
N ASP A 648 45.35 -34.76 -39.09
CA ASP A 648 44.30 -35.65 -38.58
C ASP A 648 43.53 -34.98 -37.42
N THR A 649 43.23 -33.67 -37.57
CA THR A 649 42.50 -32.85 -36.59
C THR A 649 41.61 -31.78 -37.31
N GLY A 650 40.63 -31.25 -36.59
CA GLY A 650 39.72 -30.27 -37.17
C GLY A 650 38.54 -30.97 -37.82
N GLU A 651 38.24 -30.61 -39.08
CA GLU A 651 37.11 -31.21 -39.78
C GLU A 651 37.42 -32.64 -40.27
N GLU A 652 38.58 -32.86 -40.91
CA GLU A 652 38.94 -34.18 -41.43
C GLU A 652 39.83 -34.99 -40.47
N GLY A 653 39.20 -35.71 -39.54
CA GLY A 653 39.93 -36.52 -38.59
C GLY A 653 39.14 -36.87 -37.35
N SER A 654 39.72 -37.73 -36.50
CA SER A 654 39.11 -38.17 -35.25
C SER A 654 38.99 -36.99 -34.27
N ASP A 655 40.00 -36.11 -34.23
CA ASP A 655 39.99 -34.94 -33.36
C ASP A 655 39.29 -33.74 -34.05
N ASN A 656 39.01 -32.68 -33.28
CA ASN A 656 38.37 -31.47 -33.80
C ASN A 656 39.02 -30.24 -33.19
N ARG A 657 40.35 -30.19 -33.21
CA ARG A 657 41.10 -29.11 -32.61
C ARG A 657 41.14 -27.87 -33.48
N PHE A 658 41.35 -28.03 -34.80
CA PHE A 658 41.51 -26.92 -35.75
C PHE A 658 42.79 -26.17 -35.39
N SER A 659 43.87 -26.94 -35.21
CA SER A 659 45.18 -26.49 -34.78
C SER A 659 45.83 -25.42 -35.66
N VAL A 660 45.30 -25.21 -36.87
CA VAL A 660 45.85 -24.20 -37.76
C VAL A 660 44.94 -22.98 -37.69
N VAL A 661 45.49 -21.83 -37.28
CA VAL A 661 44.67 -20.63 -37.12
C VAL A 661 45.01 -19.57 -38.17
N PRO A 662 44.03 -19.16 -39.00
CA PRO A 662 44.31 -18.15 -40.03
C PRO A 662 44.28 -16.72 -39.50
N LEU A 663 45.44 -16.08 -39.40
CA LEU A 663 45.53 -14.69 -38.98
C LEU A 663 45.55 -13.82 -40.23
N MET A 664 44.37 -13.30 -40.61
CA MET A 664 44.26 -12.52 -41.83
C MET A 664 44.17 -11.02 -41.56
N LEU A 665 45.12 -10.25 -42.10
CA LEU A 665 45.10 -8.80 -41.94
C LEU A 665 44.60 -8.15 -43.23
N HIS A 666 43.87 -7.02 -43.11
CA HIS A 666 43.24 -6.39 -44.28
C HIS A 666 43.29 -4.88 -44.27
N GLY A 667 43.23 -4.28 -45.46
CA GLY A 667 43.17 -2.83 -45.62
C GLY A 667 41.78 -2.32 -45.27
N ASP A 668 41.67 -1.06 -44.81
CA ASP A 668 40.37 -0.54 -44.37
C ASP A 668 39.31 -0.52 -45.49
N ALA A 669 39.59 0.09 -46.66
CA ALA A 669 38.61 0.12 -47.75
C ALA A 669 38.55 -1.20 -48.55
N ALA A 670 39.54 -2.07 -48.38
CA ALA A 670 39.59 -3.36 -49.06
C ALA A 670 38.64 -4.38 -48.45
N PHE A 671 38.19 -4.18 -47.20
CA PHE A 671 37.28 -5.13 -46.57
C PHE A 671 35.84 -4.94 -47.07
N ALA A 672 35.40 -3.70 -47.17
CA ALA A 672 34.05 -3.40 -47.66
C ALA A 672 34.04 -3.28 -49.18
N GLY A 673 35.11 -2.70 -49.75
CA GLY A 673 35.23 -2.51 -51.18
C GLY A 673 35.36 -3.76 -52.03
N GLN A 674 36.03 -4.82 -51.52
CA GLN A 674 36.24 -6.04 -52.32
C GLN A 674 35.15 -7.10 -52.15
N GLY A 675 34.88 -7.79 -53.24
CA GLY A 675 33.85 -8.82 -53.32
C GLY A 675 34.30 -10.17 -52.85
N VAL A 676 35.58 -10.51 -53.08
CA VAL A 676 36.18 -11.77 -52.65
C VAL A 676 35.92 -12.02 -51.14
N VAL A 677 35.95 -10.92 -50.35
CA VAL A 677 35.71 -10.87 -48.91
C VAL A 677 34.43 -11.63 -48.54
N ALA A 678 33.36 -11.43 -49.30
CA ALA A 678 32.10 -12.12 -49.04
C ALA A 678 32.19 -13.61 -49.39
N GLU A 679 32.73 -13.95 -50.57
CA GLU A 679 32.88 -15.34 -51.03
C GLU A 679 33.69 -16.16 -50.02
N THR A 680 34.73 -15.53 -49.45
CA THR A 680 35.66 -16.08 -48.47
C THR A 680 34.95 -16.36 -47.15
N LEU A 681 34.12 -15.42 -46.67
CA LEU A 681 33.35 -15.62 -45.44
C LEU A 681 32.33 -16.74 -45.59
N ASN A 682 31.79 -16.91 -46.80
CA ASN A 682 30.85 -17.99 -47.09
C ASN A 682 31.52 -19.36 -46.94
N LEU A 683 32.82 -19.44 -47.27
CA LEU A 683 33.59 -20.67 -47.14
C LEU A 683 34.01 -20.97 -45.72
N ALA A 684 34.08 -19.96 -44.84
CA ALA A 684 34.56 -20.10 -43.47
C ALA A 684 33.92 -21.21 -42.65
N LEU A 685 32.71 -21.71 -43.03
CA LEU A 685 32.06 -22.75 -42.25
C LEU A 685 31.28 -23.80 -43.10
N LEU A 686 31.83 -24.23 -44.25
CA LEU A 686 31.17 -25.25 -45.07
C LEU A 686 31.67 -26.66 -44.74
N ARG A 687 30.89 -27.69 -45.08
CA ARG A 687 31.19 -29.10 -44.79
C ARG A 687 32.64 -29.49 -45.13
N GLY A 688 33.10 -29.11 -46.32
CA GLY A 688 34.47 -29.42 -46.74
C GLY A 688 35.33 -28.22 -47.01
N TYR A 689 35.01 -27.09 -46.38
CA TYR A 689 35.76 -25.85 -46.55
C TYR A 689 36.08 -25.17 -45.22
N ARG A 690 35.33 -25.50 -44.16
CA ARG A 690 35.45 -24.92 -42.84
C ARG A 690 36.85 -24.96 -42.29
N THR A 691 37.23 -23.86 -41.68
CA THR A 691 38.51 -23.73 -40.99
C THR A 691 38.33 -23.62 -39.45
N GLY A 692 37.08 -23.68 -38.97
CA GLY A 692 36.73 -23.62 -37.56
C GLY A 692 37.03 -22.25 -36.98
N GLY A 693 36.74 -21.20 -37.74
CA GLY A 693 37.00 -19.84 -37.28
C GLY A 693 38.27 -19.26 -37.87
N THR A 694 38.35 -17.93 -37.92
CA THR A 694 39.47 -17.19 -38.50
C THR A 694 39.62 -15.86 -37.79
N ILE A 695 40.85 -15.45 -37.44
CA ILE A 695 41.05 -14.16 -36.77
C ILE A 695 41.33 -13.10 -37.82
N HIS A 696 40.46 -12.11 -37.95
CA HIS A 696 40.62 -11.05 -38.95
C HIS A 696 40.97 -9.73 -38.30
N ILE A 697 42.16 -9.20 -38.61
CA ILE A 697 42.59 -7.93 -38.03
C ILE A 697 42.63 -6.85 -39.11
N VAL A 698 41.57 -6.04 -39.17
CA VAL A 698 41.50 -4.96 -40.13
C VAL A 698 42.30 -3.79 -39.59
N VAL A 699 43.11 -3.18 -40.44
CA VAL A 699 43.92 -2.03 -40.05
C VAL A 699 43.27 -0.79 -40.67
N ASN A 700 42.16 -0.32 -40.06
CA ASN A 700 41.42 0.82 -40.56
C ASN A 700 42.21 2.11 -40.35
N ASN A 701 43.04 2.48 -41.33
CA ASN A 701 43.80 3.73 -41.23
C ASN A 701 42.98 4.96 -41.68
N GLN A 702 41.65 4.79 -41.84
CA GLN A 702 40.68 5.80 -42.23
C GLN A 702 41.04 6.47 -43.56
N ILE A 703 41.69 5.73 -44.49
CA ILE A 703 42.07 6.25 -45.81
C ILE A 703 42.51 5.10 -46.76
N GLY A 704 42.43 5.37 -48.05
CA GLY A 704 42.84 4.46 -49.11
C GLY A 704 43.43 5.27 -50.24
N PHE A 705 44.73 5.58 -50.17
CA PHE A 705 45.48 6.40 -51.13
C PHE A 705 44.98 7.88 -50.99
N THR A 706 43.89 8.25 -51.69
CA THR A 706 43.28 9.58 -51.60
C THR A 706 41.74 9.49 -51.46
N THR A 707 41.16 8.27 -51.51
CA THR A 707 39.71 8.09 -51.36
C THR A 707 39.35 8.11 -49.89
N ALA A 708 38.33 8.89 -49.54
CA ALA A 708 37.85 8.96 -48.16
C ALA A 708 37.01 7.72 -47.85
N PRO A 709 36.95 7.25 -46.59
CA PRO A 709 36.13 6.06 -46.28
C PRO A 709 34.63 6.26 -46.57
N THR A 710 34.17 7.51 -46.72
CA THR A 710 32.79 7.79 -47.05
C THR A 710 32.48 7.30 -48.46
N ASP A 711 33.41 7.54 -49.40
CA ASP A 711 33.26 7.13 -50.79
C ASP A 711 33.71 5.66 -51.03
N SER A 712 34.21 4.96 -49.99
CA SER A 712 34.71 3.58 -50.10
C SER A 712 33.76 2.53 -49.49
N ARG A 713 32.75 2.95 -48.71
CA ARG A 713 31.84 1.99 -48.09
C ARG A 713 30.46 2.61 -47.79
N SER A 714 29.39 1.79 -47.91
CA SER A 714 28.03 2.24 -47.61
C SER A 714 27.54 1.68 -46.26
N SER A 715 28.45 1.59 -45.29
CA SER A 715 28.18 1.10 -43.94
C SER A 715 28.95 1.94 -42.92
N GLU A 716 28.51 1.91 -41.65
CA GLU A 716 29.16 2.66 -40.57
C GLU A 716 30.62 2.19 -40.42
N TYR A 717 30.79 0.87 -40.34
CA TYR A 717 32.12 0.28 -40.24
C TYR A 717 32.43 -0.48 -41.50
N CYS A 718 33.71 -0.58 -41.83
CA CYS A 718 34.16 -1.34 -42.99
C CYS A 718 33.89 -2.84 -42.77
N THR A 719 34.07 -3.29 -41.53
CA THR A 719 33.88 -4.65 -41.06
C THR A 719 32.42 -5.11 -41.02
N ASP A 720 31.45 -4.26 -41.39
CA ASP A 720 30.04 -4.66 -41.39
C ASP A 720 29.73 -5.82 -42.36
N VAL A 721 30.67 -6.13 -43.27
CA VAL A 721 30.59 -7.24 -44.21
C VAL A 721 30.61 -8.59 -43.44
N ALA A 722 31.39 -8.65 -42.36
CA ALA A 722 31.53 -9.82 -41.49
C ALA A 722 30.22 -10.24 -40.85
N LYS A 723 29.30 -9.29 -40.66
CA LYS A 723 28.00 -9.57 -40.08
C LYS A 723 27.23 -10.66 -40.84
N MET A 724 27.64 -11.00 -42.08
CA MET A 724 27.01 -12.02 -42.89
C MET A 724 26.94 -13.36 -42.17
N ILE A 725 28.01 -13.71 -41.43
CA ILE A 725 28.06 -14.99 -40.74
C ILE A 725 27.93 -14.90 -39.20
N GLY A 726 27.48 -13.75 -38.69
CA GLY A 726 27.32 -13.56 -37.26
C GLY A 726 28.63 -13.40 -36.52
N ALA A 727 29.62 -12.81 -37.20
CA ALA A 727 30.94 -12.61 -36.63
C ALA A 727 30.98 -11.43 -35.69
N PRO A 728 31.36 -11.67 -34.42
CA PRO A 728 31.46 -10.55 -33.47
C PRO A 728 32.54 -9.54 -33.87
N ILE A 729 32.21 -8.25 -33.85
CA ILE A 729 33.14 -7.20 -34.26
C ILE A 729 33.55 -6.31 -33.08
N PHE A 730 34.87 -6.20 -32.82
CA PHE A 730 35.37 -5.39 -31.72
C PHE A 730 36.17 -4.23 -32.25
N HIS A 731 35.54 -3.07 -32.33
CA HIS A 731 36.17 -1.85 -32.82
C HIS A 731 37.05 -1.26 -31.72
N VAL A 732 38.35 -1.61 -31.70
CA VAL A 732 39.29 -1.17 -30.66
C VAL A 732 40.16 0.02 -31.15
N ASN A 733 40.64 0.89 -30.23
CA ASN A 733 41.49 2.03 -30.59
C ASN A 733 42.96 1.58 -30.75
N GLY A 734 43.57 1.99 -31.88
CA GLY A 734 44.94 1.65 -32.25
C GLY A 734 46.02 2.54 -31.67
N ASP A 735 45.69 3.20 -30.56
CA ASP A 735 46.60 4.04 -29.79
C ASP A 735 46.80 3.39 -28.40
N ASP A 736 45.74 2.76 -27.84
CA ASP A 736 45.75 2.05 -26.56
C ASP A 736 46.22 0.62 -26.79
N PRO A 737 47.45 0.31 -26.38
CA PRO A 737 47.99 -1.02 -26.64
C PRO A 737 47.44 -2.08 -25.71
N GLU A 738 47.26 -1.75 -24.44
CA GLU A 738 46.72 -2.69 -23.46
C GLU A 738 45.33 -3.19 -23.88
N ALA A 739 44.54 -2.32 -24.50
CA ALA A 739 43.22 -2.65 -24.98
C ALA A 739 43.32 -3.55 -26.19
N CYS A 740 44.22 -3.24 -27.13
CA CYS A 740 44.40 -4.02 -28.34
C CYS A 740 44.80 -5.46 -28.01
N ALA A 741 45.65 -5.64 -26.99
CA ALA A 741 46.08 -6.97 -26.59
C ALA A 741 44.92 -7.75 -26.01
N TRP A 742 44.09 -7.12 -25.16
CA TRP A 742 42.94 -7.76 -24.55
C TRP A 742 41.95 -8.18 -25.63
N VAL A 743 41.64 -7.28 -26.57
CA VAL A 743 40.72 -7.54 -27.67
C VAL A 743 41.24 -8.72 -28.51
N ALA A 744 42.53 -8.70 -28.83
CA ALA A 744 43.14 -9.76 -29.62
C ALA A 744 43.08 -11.11 -28.89
N ARG A 745 43.43 -11.13 -27.60
CA ARG A 745 43.43 -12.36 -26.84
C ARG A 745 42.01 -12.89 -26.68
N LEU A 746 41.03 -12.00 -26.49
CA LEU A 746 39.62 -12.38 -26.35
C LEU A 746 39.07 -13.00 -27.64
N ALA A 747 39.54 -12.51 -28.78
CA ALA A 747 39.13 -13.05 -30.08
C ALA A 747 39.56 -14.51 -30.21
N VAL A 748 40.77 -14.83 -29.71
CA VAL A 748 41.32 -16.18 -29.72
C VAL A 748 40.42 -17.11 -28.88
N ASP A 749 39.97 -16.63 -27.72
CA ASP A 749 39.10 -17.39 -26.83
C ASP A 749 37.79 -17.71 -27.53
N PHE A 750 37.19 -16.72 -28.21
CA PHE A 750 35.94 -16.91 -28.93
C PHE A 750 36.13 -17.93 -30.05
N ARG A 751 37.18 -17.77 -30.86
CA ARG A 751 37.47 -18.66 -31.98
C ARG A 751 37.66 -20.10 -31.49
N GLN A 752 38.29 -20.27 -30.33
CA GLN A 752 38.49 -21.60 -29.78
C GLN A 752 37.23 -22.17 -29.13
N ALA A 753 36.32 -21.30 -28.65
CA ALA A 753 35.11 -21.74 -28.00
C ALA A 753 33.98 -22.06 -28.98
N PHE A 754 33.78 -21.25 -30.03
CA PHE A 754 32.64 -21.43 -30.94
C PHE A 754 33.02 -21.82 -32.38
N LYS A 755 34.31 -21.74 -32.73
CA LYS A 755 34.82 -22.06 -34.07
C LYS A 755 34.15 -21.18 -35.12
N LYS A 756 34.12 -19.87 -34.85
CA LYS A 756 33.51 -18.85 -35.70
C LYS A 756 34.51 -17.69 -35.93
N ASP A 757 34.50 -17.10 -37.13
CA ASP A 757 35.38 -15.99 -37.49
C ASP A 757 35.11 -14.79 -36.55
N VAL A 758 36.17 -14.06 -36.18
CA VAL A 758 36.08 -12.89 -35.30
C VAL A 758 36.80 -11.71 -35.97
N VAL A 759 36.21 -10.49 -35.93
CA VAL A 759 36.84 -9.34 -36.58
C VAL A 759 37.22 -8.24 -35.60
N ILE A 760 38.48 -7.84 -35.64
CA ILE A 760 39.04 -6.79 -34.80
C ILE A 760 39.33 -5.55 -35.66
N ASP A 761 38.50 -4.52 -35.53
CA ASP A 761 38.69 -3.28 -36.28
C ASP A 761 39.69 -2.39 -35.53
N MET A 762 40.93 -2.27 -36.04
CA MET A 762 41.92 -1.44 -35.39
C MET A 762 42.01 -0.08 -36.06
N LEU A 763 41.37 0.91 -35.47
CA LEU A 763 41.37 2.26 -35.99
C LEU A 763 42.68 2.92 -35.68
N CYS A 764 43.36 3.47 -36.68
CA CYS A 764 44.64 4.13 -36.47
C CYS A 764 44.79 5.31 -37.47
N TYR A 765 46.02 5.63 -37.93
CA TYR A 765 46.24 6.75 -38.82
C TYR A 765 47.38 6.47 -39.79
N ARG A 766 47.39 7.15 -40.92
CA ARG A 766 48.47 6.99 -41.88
C ARG A 766 49.28 8.27 -41.92
N ARG A 767 50.51 8.25 -41.42
CA ARG A 767 51.34 9.44 -41.37
C ARG A 767 51.98 9.73 -42.73
N ARG A 768 52.61 8.72 -43.34
CA ARG A 768 53.25 8.88 -44.64
C ARG A 768 52.23 8.64 -45.75
N GLY A 769 52.32 9.41 -46.83
CA GLY A 769 51.43 9.22 -47.98
C GLY A 769 51.66 7.90 -48.68
N HIS A 770 50.74 7.51 -49.59
CA HIS A 770 50.90 6.23 -50.31
C HIS A 770 52.08 6.27 -51.30
N ASN A 771 52.50 7.46 -51.73
CA ASN A 771 53.69 7.63 -52.57
C ASN A 771 54.86 8.11 -51.69
N GLU A 772 56.10 7.93 -52.15
CA GLU A 772 57.27 8.35 -51.37
C GLU A 772 57.31 9.87 -51.19
N GLY A 773 56.97 10.61 -52.22
CA GLY A 773 56.94 12.06 -52.17
C GLY A 773 55.52 12.58 -52.19
N ASP A 774 54.64 11.92 -51.45
CA ASP A 774 53.23 12.29 -51.42
C ASP A 774 52.87 13.08 -50.18
N ASP A 775 52.13 14.16 -50.38
CA ASP A 775 51.56 14.99 -49.33
C ASP A 775 50.07 14.98 -49.58
N PRO A 776 49.35 13.94 -49.13
CA PRO A 776 47.92 13.85 -49.44
C PRO A 776 47.05 14.88 -48.71
N SER A 777 47.65 15.96 -48.19
CA SER A 777 46.89 17.05 -47.60
C SER A 777 46.13 17.86 -48.69
N MET A 778 46.43 17.62 -50.00
CA MET A 778 45.75 18.20 -51.16
C MET A 778 44.30 17.74 -51.19
N THR A 779 44.07 16.45 -50.87
CA THR A 779 42.78 15.78 -50.85
C THR A 779 42.18 15.70 -49.43
N GLN A 780 43.02 15.49 -48.39
CA GLN A 780 42.52 15.44 -47.01
C GLN A 780 43.32 16.38 -46.11
N PRO A 781 43.02 17.70 -46.14
CA PRO A 781 43.79 18.64 -45.31
C PRO A 781 43.47 18.55 -43.81
N TYR A 782 42.19 18.43 -43.43
CA TYR A 782 41.82 18.34 -42.03
C TYR A 782 42.36 17.07 -41.39
N MET A 783 42.24 15.92 -42.07
CA MET A 783 42.73 14.66 -41.53
C MET A 783 44.25 14.72 -41.28
N TYR A 784 45.00 15.19 -42.28
CA TYR A 784 46.44 15.25 -42.16
C TYR A 784 46.92 16.37 -41.23
N ASP A 785 46.08 17.37 -40.95
CA ASP A 785 46.45 18.42 -39.99
C ASP A 785 46.46 17.86 -38.56
N VAL A 786 45.58 16.88 -38.28
CA VAL A 786 45.45 16.21 -37.00
C VAL A 786 46.63 15.25 -36.79
N ILE A 787 46.94 14.45 -37.82
CA ILE A 787 48.04 13.50 -37.75
C ILE A 787 49.38 14.25 -37.57
N ASP A 788 49.51 15.49 -38.10
CA ASP A 788 50.72 16.30 -37.93
C ASP A 788 51.06 16.52 -36.46
N THR A 789 50.02 16.73 -35.65
CA THR A 789 50.17 16.99 -34.23
C THR A 789 49.96 15.74 -33.36
N LYS A 790 50.08 14.54 -33.94
CA LYS A 790 49.89 13.30 -33.20
C LYS A 790 51.24 12.78 -32.65
N ARG A 791 51.18 11.96 -31.61
CA ARG A 791 52.38 11.37 -31.05
C ARG A 791 52.42 9.88 -31.36
N GLY A 792 53.61 9.33 -31.53
CA GLY A 792 53.79 7.91 -31.85
C GLY A 792 53.19 7.00 -30.80
N SER A 793 52.42 5.97 -31.25
CA SER A 793 51.70 5.03 -30.38
C SER A 793 52.62 4.23 -29.43
N ARG A 794 53.95 4.40 -29.52
CA ARG A 794 54.89 3.77 -28.60
C ARG A 794 55.33 4.80 -27.56
N LYS A 795 55.66 6.02 -28.00
CA LYS A 795 56.11 7.08 -27.11
C LYS A 795 54.97 7.60 -26.23
N ALA A 796 53.76 7.67 -26.78
CA ALA A 796 52.60 8.13 -26.02
C ALA A 796 52.26 7.15 -24.91
N TYR A 797 52.32 5.84 -25.21
CA TYR A 797 52.08 4.78 -24.22
C TYR A 797 53.14 4.80 -23.11
N THR A 798 54.38 5.21 -23.45
CA THR A 798 55.48 5.31 -22.51
C THR A 798 55.17 6.38 -21.47
N GLU A 799 54.66 7.53 -21.90
CA GLU A 799 54.30 8.61 -20.97
C GLU A 799 53.13 8.24 -20.09
N ALA A 800 52.16 7.49 -20.64
CA ALA A 800 50.98 7.06 -19.92
C ALA A 800 51.33 6.15 -18.75
N LEU A 801 52.32 5.27 -18.94
CA LEU A 801 52.75 4.37 -17.87
C LEU A 801 53.46 5.15 -16.75
N ILE A 802 54.17 6.23 -17.08
CA ILE A 802 54.85 7.07 -16.08
C ILE A 802 53.81 7.90 -15.32
N GLY A 803 52.88 8.51 -16.05
CA GLY A 803 51.81 9.34 -15.50
C GLY A 803 50.89 8.58 -14.57
N ARG A 804 50.57 7.33 -14.92
CA ARG A 804 49.72 6.50 -14.08
C ARG A 804 50.47 5.84 -12.90
N GLY A 805 51.77 6.06 -12.77
CA GLY A 805 52.56 5.47 -11.70
C GLY A 805 52.86 3.98 -11.89
N ASP A 806 52.64 3.46 -13.10
CA ASP A 806 52.92 2.06 -13.42
C ASP A 806 54.42 1.82 -13.47
N ILE A 807 55.16 2.77 -14.05
CA ILE A 807 56.62 2.69 -14.14
C ILE A 807 57.29 3.97 -13.59
N SER A 808 58.57 3.87 -13.24
CA SER A 808 59.37 4.99 -12.71
C SER A 808 60.32 5.55 -13.79
N MET A 809 61.17 6.53 -13.44
CA MET A 809 62.14 7.06 -14.38
C MET A 809 63.29 6.07 -14.61
N LYS A 810 63.54 5.13 -13.67
CA LYS A 810 64.51 4.08 -13.88
C LYS A 810 63.95 3.10 -14.91
N GLU A 811 62.65 2.75 -14.81
CA GLU A 811 61.98 1.89 -15.78
C GLU A 811 61.87 2.61 -17.15
N ALA A 812 61.75 3.95 -17.16
CA ALA A 812 61.74 4.78 -18.38
C ALA A 812 63.11 4.75 -19.08
N GLU A 813 64.19 4.56 -18.30
CA GLU A 813 65.53 4.42 -18.84
C GLU A 813 65.75 3.00 -19.37
N ASP A 814 65.18 1.98 -18.69
CA ASP A 814 65.24 0.59 -19.14
C ASP A 814 64.56 0.44 -20.51
N ALA A 815 63.47 1.18 -20.74
CA ALA A 815 62.72 1.15 -21.99
C ALA A 815 63.39 2.00 -23.05
N LEU A 816 63.95 3.16 -22.68
CA LEU A 816 64.60 4.04 -23.65
C LEU A 816 65.93 3.48 -24.11
N ARG A 817 66.66 2.78 -23.23
CA ARG A 817 67.89 2.12 -23.62
C ARG A 817 67.58 0.94 -24.55
N ASP A 818 66.45 0.22 -24.30
CA ASP A 818 66.02 -0.88 -25.16
C ASP A 818 65.65 -0.36 -26.55
N TYR A 819 65.08 0.85 -26.65
CA TYR A 819 64.71 1.43 -27.94
C TYR A 819 65.98 1.69 -28.77
N GLN A 820 67.00 2.32 -28.18
CA GLN A 820 68.25 2.57 -28.89
C GLN A 820 69.03 1.29 -29.16
N GLY A 821 68.96 0.34 -28.23
CA GLY A 821 69.62 -0.95 -28.33
C GLY A 821 69.09 -1.82 -29.45
N GLN A 822 67.81 -1.63 -29.81
CA GLN A 822 67.19 -2.36 -30.91
C GLN A 822 67.29 -1.56 -32.22
N LEU A 823 67.42 -0.22 -32.16
CA LEU A 823 67.56 0.66 -33.31
C LEU A 823 68.98 0.55 -33.89
N GLU A 824 69.99 0.53 -33.02
CA GLU A 824 71.37 0.37 -33.41
C GLU A 824 71.61 -1.06 -33.95
N ARG A 825 70.95 -2.05 -33.31
CA ARG A 825 70.98 -3.48 -33.64
C ARG A 825 70.76 -3.76 -35.13
N VAL A 826 69.74 -3.14 -35.75
CA VAL A 826 69.45 -3.39 -37.16
C VAL A 826 70.30 -2.50 -38.08
N PHE A 827 70.61 -1.26 -37.65
CA PHE A 827 71.41 -0.35 -38.48
C PHE A 827 72.84 -0.83 -38.67
N ASN A 828 73.42 -1.44 -37.62
CA ASN A 828 74.78 -1.93 -37.69
C ASN A 828 74.85 -3.30 -38.34
N GLU A 829 73.82 -4.17 -38.14
CA GLU A 829 73.80 -5.48 -38.77
C GLU A 829 73.69 -5.36 -40.30
N VAL A 830 72.93 -4.36 -40.77
CA VAL A 830 72.74 -4.12 -42.19
C VAL A 830 74.00 -3.48 -42.79
N ARG A 831 74.59 -2.50 -42.11
CA ARG A 831 75.81 -1.86 -42.60
C ARG A 831 76.97 -2.85 -42.74
N GLU A 832 77.01 -3.89 -41.88
CA GLU A 832 78.03 -4.92 -41.92
C GLU A 832 77.74 -5.94 -43.02
N LEU A 833 76.46 -6.33 -43.17
CA LEU A 833 76.04 -7.29 -44.20
C LEU A 833 76.09 -6.70 -45.62
N GLU A 834 76.11 -5.35 -45.75
CA GLU A 834 76.18 -4.68 -47.04
C GLU A 834 77.60 -4.77 -47.62
N LYS A 835 78.61 -4.63 -46.75
CA LYS A 835 80.02 -4.71 -47.14
C LYS A 835 80.39 -6.12 -47.64
N HIS A 836 79.73 -7.16 -47.09
CA HIS A 836 79.95 -8.54 -47.47
C HIS A 836 79.00 -8.93 -48.62
N GLU A 837 79.09 -8.22 -49.75
CA GLU A 837 78.24 -8.48 -50.91
C GLU A 837 78.96 -8.13 -52.21
N LEU A 854 58.44 -43.24 -65.08
CA LEU A 854 57.26 -43.35 -64.23
C LEU A 854 56.18 -44.20 -64.92
N ALA A 855 55.55 -45.13 -64.16
CA ALA A 855 54.52 -46.05 -64.66
C ALA A 855 53.12 -45.48 -64.52
N THR A 856 52.54 -45.02 -65.62
CA THR A 856 51.22 -44.40 -65.60
C THR A 856 50.08 -45.38 -65.78
N ALA A 857 50.32 -46.71 -65.69
CA ALA A 857 49.25 -47.68 -65.89
C ALA A 857 49.14 -48.70 -64.74
N VAL A 858 47.95 -49.31 -64.57
CA VAL A 858 47.70 -50.32 -63.55
C VAL A 858 47.21 -51.62 -64.19
N ASP A 859 47.34 -52.75 -63.48
CA ASP A 859 46.88 -54.04 -63.97
C ASP A 859 45.34 -54.12 -63.97
N LYS A 860 44.76 -55.10 -64.68
CA LYS A 860 43.31 -55.22 -64.77
C LYS A 860 42.66 -55.65 -63.44
N ALA A 861 43.41 -56.26 -62.52
CA ALA A 861 42.86 -56.66 -61.22
C ALA A 861 42.55 -55.43 -60.35
N MET A 862 43.33 -54.34 -60.51
CA MET A 862 43.10 -53.07 -59.81
C MET A 862 41.80 -52.43 -60.33
N LEU A 863 41.59 -52.48 -61.65
CA LEU A 863 40.38 -51.96 -62.31
C LEU A 863 39.16 -52.74 -61.83
N GLN A 864 39.29 -54.07 -61.67
CA GLN A 864 38.22 -54.94 -61.20
C GLN A 864 37.89 -54.70 -59.71
N ARG A 865 38.81 -54.12 -58.94
CA ARG A 865 38.54 -53.77 -57.56
C ARG A 865 37.67 -52.51 -57.51
N ILE A 866 37.95 -51.52 -58.39
CA ILE A 866 37.19 -50.27 -58.51
C ILE A 866 35.79 -50.55 -59.11
N GLY A 867 35.73 -51.48 -60.07
CA GLY A 867 34.47 -51.88 -60.70
C GLY A 867 33.53 -52.63 -59.76
N ASP A 868 34.09 -53.27 -58.73
CA ASP A 868 33.30 -53.98 -57.72
C ASP A 868 32.90 -53.08 -56.56
N ALA A 869 33.67 -51.99 -56.31
CA ALA A 869 33.36 -51.02 -55.26
C ALA A 869 32.03 -50.29 -55.51
N HIS A 870 31.62 -50.16 -56.78
CA HIS A 870 30.33 -49.56 -57.12
C HIS A 870 29.15 -50.47 -56.71
N LEU A 871 29.40 -51.78 -56.52
CA LEU A 871 28.40 -52.78 -56.07
C LEU A 871 28.59 -53.20 -54.59
N ALA A 872 29.57 -52.63 -53.89
CA ALA A 872 29.89 -52.97 -52.51
C ALA A 872 29.11 -52.07 -51.56
N LEU A 873 27.80 -51.97 -51.81
CA LEU A 873 26.83 -51.17 -51.08
C LEU A 873 26.66 -51.66 -49.65
N PRO A 874 26.48 -50.74 -48.69
CA PRO A 874 26.29 -51.16 -47.29
C PRO A 874 25.01 -51.97 -47.07
N GLU A 875 24.96 -52.71 -45.95
CA GLU A 875 23.82 -53.54 -45.62
C GLU A 875 22.56 -52.70 -45.48
N GLY A 876 21.63 -52.89 -46.40
CA GLY A 876 20.36 -52.18 -46.39
C GLY A 876 20.39 -50.82 -47.06
N PHE A 877 21.31 -50.64 -48.01
CA PHE A 877 21.40 -49.36 -48.72
C PHE A 877 20.51 -49.39 -49.95
N THR A 878 19.35 -48.75 -49.86
CA THR A 878 18.39 -48.66 -50.96
C THR A 878 18.87 -47.63 -52.00
N VAL A 879 19.54 -48.08 -53.08
CA VAL A 879 20.06 -47.17 -54.10
C VAL A 879 18.96 -46.68 -55.02
N HIS A 880 19.06 -45.41 -55.47
CA HIS A 880 18.11 -44.80 -56.39
C HIS A 880 18.05 -45.61 -57.68
N PRO A 881 16.85 -46.00 -58.15
CA PRO A 881 16.75 -46.82 -59.37
C PRO A 881 17.36 -46.16 -60.61
N ARG A 882 17.52 -44.83 -60.62
CA ARG A 882 18.18 -44.16 -61.74
C ARG A 882 19.71 -44.33 -61.68
N VAL A 883 20.27 -44.56 -60.49
CA VAL A 883 21.68 -44.77 -60.24
C VAL A 883 22.05 -46.26 -60.32
N ARG A 884 21.16 -47.14 -59.84
CA ARG A 884 21.30 -48.60 -59.79
C ARG A 884 21.94 -49.23 -61.06
N PRO A 885 21.47 -48.97 -62.31
CA PRO A 885 22.10 -49.63 -63.47
C PRO A 885 23.49 -49.10 -63.77
N VAL A 886 23.79 -47.86 -63.39
CA VAL A 886 25.10 -47.25 -63.59
C VAL A 886 26.18 -47.96 -62.72
N LEU A 887 25.77 -48.54 -61.58
CA LEU A 887 26.66 -49.28 -60.69
C LEU A 887 27.02 -50.63 -61.33
N GLU A 888 26.02 -51.29 -61.94
CA GLU A 888 26.16 -52.59 -62.60
C GLU A 888 26.88 -52.46 -63.95
N LYS A 889 26.76 -51.32 -64.63
CA LYS A 889 27.43 -51.05 -65.90
C LYS A 889 28.94 -50.88 -65.68
N ARG A 890 29.32 -50.25 -64.56
CA ARG A 890 30.73 -50.07 -64.21
C ARG A 890 31.40 -51.39 -63.79
N ARG A 891 30.61 -52.36 -63.29
CA ARG A 891 31.11 -53.70 -62.96
C ARG A 891 31.43 -54.44 -64.29
N GLU A 892 30.59 -54.25 -65.30
CA GLU A 892 30.74 -54.84 -66.63
C GLU A 892 31.91 -54.19 -67.39
N MET A 893 32.05 -52.86 -67.28
CA MET A 893 33.11 -52.10 -67.96
C MET A 893 34.50 -52.46 -67.46
N ALA A 894 34.66 -52.66 -66.14
CA ALA A 894 35.95 -53.01 -65.54
C ALA A 894 36.37 -54.46 -65.81
N TYR A 895 35.41 -55.33 -66.15
CA TYR A 895 35.70 -56.73 -66.44
C TYR A 895 35.67 -57.05 -67.95
N GLU A 896 35.21 -56.12 -68.81
CA GLU A 896 35.14 -56.38 -70.25
C GLU A 896 35.77 -55.27 -71.12
N GLY A 897 35.34 -54.02 -70.93
CA GLY A 897 35.86 -52.90 -71.71
C GLY A 897 34.82 -51.88 -72.06
N ARG A 898 35.10 -51.04 -73.07
CA ARG A 898 34.23 -49.96 -73.52
C ARG A 898 33.96 -49.00 -72.38
N ILE A 899 35.02 -48.65 -71.64
CA ILE A 899 34.94 -47.77 -70.48
C ILE A 899 34.75 -46.33 -70.90
N ASP A 900 33.60 -45.73 -70.53
CA ASP A 900 33.30 -44.34 -70.88
C ASP A 900 34.16 -43.36 -70.07
N TRP A 901 34.17 -42.09 -70.46
CA TRP A 901 34.94 -41.05 -69.79
C TRP A 901 34.60 -40.95 -68.31
N ALA A 902 33.31 -41.11 -67.96
CA ALA A 902 32.82 -41.03 -66.58
C ALA A 902 33.47 -42.06 -65.65
N PHE A 903 33.60 -43.31 -66.08
CA PHE A 903 34.21 -44.35 -65.25
C PHE A 903 35.75 -44.22 -65.27
N ALA A 904 36.33 -43.81 -66.42
CA ALA A 904 37.76 -43.61 -66.58
C ALA A 904 38.31 -42.56 -65.61
N GLU A 905 37.51 -41.52 -65.36
CA GLU A 905 37.82 -40.43 -64.45
C GLU A 905 37.96 -40.95 -63.02
N LEU A 906 37.04 -41.84 -62.61
CA LEU A 906 37.03 -42.45 -61.27
C LEU A 906 38.07 -43.55 -61.12
N LEU A 907 38.45 -44.23 -62.22
CA LEU A 907 39.47 -45.26 -62.18
C LEU A 907 40.84 -44.65 -61.98
N ALA A 908 41.10 -43.46 -62.55
CA ALA A 908 42.37 -42.74 -62.42
C ALA A 908 42.58 -42.28 -60.99
N LEU A 909 41.51 -41.84 -60.31
CA LEU A 909 41.61 -41.41 -58.93
C LEU A 909 41.51 -42.60 -57.96
N GLY A 910 40.74 -43.62 -58.33
CA GLY A 910 40.55 -44.83 -57.53
C GLY A 910 41.83 -45.62 -57.35
N SER A 911 42.70 -45.60 -58.36
CA SER A 911 43.99 -46.27 -58.29
C SER A 911 44.95 -45.49 -57.38
N LEU A 912 44.88 -44.14 -57.42
CA LEU A 912 45.71 -43.23 -56.61
C LEU A 912 45.36 -43.31 -55.12
N ILE A 913 44.08 -43.53 -54.79
CA ILE A 913 43.64 -43.65 -53.41
C ILE A 913 44.11 -45.00 -52.85
N ALA A 914 43.96 -46.07 -53.63
CA ALA A 914 44.43 -47.41 -53.24
C ALA A 914 45.97 -47.46 -53.12
N GLU A 915 46.68 -46.62 -53.88
CA GLU A 915 48.14 -46.52 -53.79
C GLU A 915 48.56 -45.85 -52.48
N GLY A 916 47.76 -44.90 -52.01
CA GLY A 916 48.03 -44.20 -50.76
C GLY A 916 48.09 -42.70 -50.88
N LYS A 917 47.53 -42.13 -51.96
CA LYS A 917 47.57 -40.68 -52.16
C LYS A 917 46.22 -40.03 -51.85
N LEU A 918 46.26 -38.81 -51.32
CA LEU A 918 45.07 -38.03 -50.99
C LEU A 918 44.51 -37.40 -52.26
N VAL A 919 43.19 -37.54 -52.49
CA VAL A 919 42.53 -36.96 -53.65
C VAL A 919 41.43 -36.00 -53.17
N ARG A 920 41.51 -34.71 -53.55
CA ARG A 920 40.50 -33.73 -53.16
C ARG A 920 39.76 -33.18 -54.37
N LEU A 921 38.69 -33.85 -54.78
CA LEU A 921 37.89 -33.43 -55.92
C LEU A 921 36.65 -32.71 -55.45
N SER A 922 36.58 -31.40 -55.72
CA SER A 922 35.44 -30.60 -55.29
C SER A 922 35.17 -29.48 -56.25
N GLY A 923 33.91 -29.31 -56.59
CA GLY A 923 33.47 -28.24 -57.47
C GLY A 923 31.98 -28.03 -57.43
N GLN A 924 31.46 -27.17 -58.29
CA GLN A 924 30.03 -26.90 -58.34
C GLN A 924 29.28 -28.13 -58.85
N ASP A 925 28.46 -28.75 -57.95
CA ASP A 925 27.65 -29.95 -58.20
C ASP A 925 28.52 -31.13 -58.69
N THR A 926 29.75 -31.22 -58.19
CA THR A 926 30.71 -32.24 -58.57
C THR A 926 30.38 -33.60 -57.91
N GLN A 927 29.74 -33.61 -56.72
CA GLN A 927 29.40 -34.86 -56.02
C GLN A 927 28.58 -35.80 -56.90
N ARG A 928 27.49 -35.30 -57.49
CA ARG A 928 26.69 -36.10 -58.41
C ARG A 928 27.28 -36.04 -59.82
N GLY A 929 27.76 -34.87 -60.20
CA GLY A 929 28.31 -34.65 -61.52
C GLY A 929 27.43 -33.65 -62.23
N THR A 930 28.06 -32.62 -62.84
CA THR A 930 27.35 -31.56 -63.55
C THR A 930 26.36 -32.12 -64.60
N PHE A 931 26.80 -33.14 -65.33
CA PHE A 931 26.00 -33.75 -66.40
C PHE A 931 25.60 -35.18 -66.04
N THR A 932 25.37 -35.46 -64.75
CA THR A 932 24.97 -36.77 -64.21
C THR A 932 25.96 -37.84 -64.67
N GLN A 933 27.26 -37.63 -64.40
CA GLN A 933 28.27 -38.57 -64.85
C GLN A 933 29.20 -39.08 -63.74
N ARG A 934 29.52 -38.26 -62.73
CA ARG A 934 30.47 -38.67 -61.69
C ARG A 934 29.91 -39.73 -60.72
N HIS A 935 28.86 -39.37 -59.92
CA HIS A 935 28.20 -40.22 -58.90
C HIS A 935 29.19 -40.70 -57.83
N ALA A 936 30.22 -39.88 -57.52
CA ALA A 936 31.22 -40.18 -56.50
C ALA A 936 30.58 -40.41 -55.12
N VAL A 937 29.39 -39.82 -54.91
CA VAL A 937 28.56 -39.94 -53.72
C VAL A 937 27.16 -40.31 -54.17
N ILE A 938 26.64 -41.46 -53.74
CA ILE A 938 25.28 -41.86 -54.10
C ILE A 938 24.43 -41.84 -52.82
N VAL A 939 23.19 -41.33 -52.91
CA VAL A 939 22.34 -41.19 -51.74
C VAL A 939 21.16 -42.15 -51.77
N ASP A 940 20.93 -42.80 -50.63
CA ASP A 940 19.86 -43.74 -50.37
C ASP A 940 18.52 -43.05 -50.58
N ARG A 941 17.60 -43.72 -51.26
CA ARG A 941 16.29 -43.16 -51.56
C ARG A 941 15.40 -43.13 -50.33
N LYS A 942 15.49 -44.14 -49.46
CA LYS A 942 14.65 -44.21 -48.27
C LYS A 942 15.24 -43.47 -47.07
N THR A 943 16.52 -43.66 -46.80
CA THR A 943 17.14 -43.10 -45.60
C THR A 943 17.78 -41.73 -45.83
N GLY A 944 18.58 -41.61 -46.88
CA GLY A 944 19.30 -40.38 -47.16
C GLY A 944 20.76 -40.43 -46.77
N GLU A 945 21.31 -41.63 -46.60
CA GLU A 945 22.71 -41.79 -46.24
C GLU A 945 23.59 -41.64 -47.48
N GLU A 946 24.82 -41.20 -47.27
CA GLU A 946 25.76 -41.03 -48.37
C GLU A 946 26.69 -42.22 -48.49
N PHE A 947 27.00 -42.63 -49.73
CA PHE A 947 27.91 -43.76 -49.95
C PHE A 947 28.99 -43.36 -50.95
N THR A 948 30.25 -43.58 -50.59
CA THR A 948 31.36 -43.26 -51.47
C THR A 948 32.09 -44.54 -51.85
N PRO A 949 32.07 -44.92 -53.13
CA PRO A 949 32.77 -46.15 -53.54
C PRO A 949 34.29 -45.96 -53.62
N LEU A 950 34.79 -44.73 -53.83
CA LEU A 950 36.24 -44.50 -53.92
C LEU A 950 36.92 -44.55 -52.56
N GLN A 951 36.18 -44.39 -51.46
CA GLN A 951 36.76 -44.49 -50.12
C GLN A 951 37.01 -45.97 -49.73
N LEU A 952 36.35 -46.94 -50.40
CA LEU A 952 36.55 -48.37 -50.15
C LEU A 952 37.95 -48.82 -50.59
N LEU A 953 38.54 -48.13 -51.60
CA LEU A 953 39.88 -48.38 -52.12
C LEU A 953 40.97 -47.96 -51.13
N ALA A 954 40.67 -47.06 -50.18
CA ALA A 954 41.63 -46.63 -49.17
C ALA A 954 41.93 -47.72 -48.11
N THR A 955 41.38 -48.94 -48.28
CA THR A 955 41.59 -50.07 -47.39
C THR A 955 41.91 -51.29 -48.24
N ASN A 956 43.16 -51.77 -48.16
CA ASN A 956 43.61 -52.95 -48.89
C ASN A 956 42.83 -54.21 -48.49
N PRO A 957 42.74 -55.22 -49.38
CA PRO A 957 41.94 -56.42 -49.05
C PRO A 957 42.32 -57.10 -47.73
N ASP A 958 43.58 -56.97 -47.33
CA ASP A 958 44.07 -57.56 -46.09
C ASP A 958 43.72 -56.73 -44.83
N GLY A 959 42.83 -55.75 -44.97
CA GLY A 959 42.39 -54.91 -43.85
C GLY A 959 43.26 -53.70 -43.60
N THR A 960 44.50 -53.71 -44.07
CA THR A 960 45.42 -52.60 -43.84
C THR A 960 45.02 -51.36 -44.61
N PRO A 961 45.00 -50.20 -43.93
CA PRO A 961 44.66 -48.96 -44.63
C PRO A 961 45.80 -48.54 -45.55
N THR A 962 45.46 -48.06 -46.74
CA THR A 962 46.45 -47.63 -47.72
C THR A 962 47.08 -46.27 -47.38
N GLY A 963 46.36 -45.44 -46.63
CA GLY A 963 46.82 -44.10 -46.30
C GLY A 963 46.21 -43.02 -47.19
N GLY A 964 45.50 -43.43 -48.25
CA GLY A 964 44.85 -42.52 -49.17
C GLY A 964 43.49 -42.11 -48.67
N LYS A 965 42.90 -41.08 -49.29
CA LYS A 965 41.60 -40.59 -48.89
C LYS A 965 40.91 -39.86 -50.03
N PHE A 966 39.59 -39.95 -50.08
CA PHE A 966 38.81 -39.27 -51.10
C PHE A 966 37.97 -38.17 -50.46
N LEU A 967 38.24 -36.92 -50.85
CA LEU A 967 37.51 -35.75 -50.37
C LEU A 967 36.65 -35.18 -51.49
N VAL A 968 35.33 -35.44 -51.46
CA VAL A 968 34.45 -34.92 -52.51
C VAL A 968 33.35 -34.06 -51.90
N TYR A 969 33.34 -32.78 -52.26
CA TYR A 969 32.37 -31.84 -51.72
C TYR A 969 31.70 -31.01 -52.83
N ASN A 970 30.56 -30.39 -52.51
CA ASN A 970 29.86 -29.52 -53.44
C ASN A 970 30.10 -28.08 -53.03
N SER A 971 30.87 -27.32 -53.82
CA SER A 971 31.18 -25.95 -53.49
C SER A 971 29.96 -25.03 -53.64
N ALA A 972 30.01 -23.87 -52.98
CA ALA A 972 28.98 -22.85 -53.03
C ALA A 972 28.91 -22.23 -54.48
N LEU A 973 28.02 -21.24 -54.75
CA LEU A 973 27.98 -20.60 -56.05
C LEU A 973 29.09 -19.54 -56.15
N SER A 974 30.32 -19.94 -55.77
CA SER A 974 31.53 -19.13 -55.77
C SER A 974 32.50 -19.54 -56.89
N GLU A 975 33.25 -18.58 -57.42
CA GLU A 975 34.22 -18.85 -58.47
C GLU A 975 35.59 -18.45 -57.97
N PHE A 976 35.77 -17.18 -57.60
CA PHE A 976 37.03 -16.63 -57.13
C PHE A 976 37.58 -17.42 -55.95
N ALA A 977 36.76 -17.66 -54.94
CA ALA A 977 37.20 -18.36 -53.75
C ALA A 977 37.24 -19.88 -53.96
N ALA A 978 36.39 -20.44 -54.83
CA ALA A 978 36.39 -21.90 -55.06
C ALA A 978 37.72 -22.33 -55.68
N VAL A 979 38.23 -21.53 -56.62
CA VAL A 979 39.50 -21.79 -57.31
C VAL A 979 40.68 -21.42 -56.38
N GLY A 980 40.55 -20.33 -55.64
CA GLY A 980 41.59 -19.91 -54.70
C GLY A 980 41.79 -20.84 -53.52
N PHE A 981 40.73 -21.57 -53.14
CA PHE A 981 40.80 -22.50 -52.02
C PHE A 981 41.52 -23.77 -52.43
N GLU A 982 41.18 -24.35 -53.59
CA GLU A 982 41.83 -25.56 -54.07
C GLU A 982 43.32 -25.30 -54.37
N TYR A 983 43.65 -24.09 -54.85
CA TYR A 983 45.03 -23.71 -55.14
C TYR A 983 45.83 -23.68 -53.83
N GLY A 984 45.25 -23.07 -52.80
CA GLY A 984 45.87 -22.99 -51.48
C GLY A 984 46.05 -24.35 -50.84
N TYR A 985 45.18 -25.31 -51.18
CA TYR A 985 45.26 -26.68 -50.69
C TYR A 985 46.47 -27.37 -51.32
N SER A 986 46.72 -27.18 -52.64
CA SER A 986 47.88 -27.79 -53.30
C SER A 986 49.22 -27.16 -52.85
N VAL A 987 49.18 -25.99 -52.18
CA VAL A 987 50.35 -25.30 -51.63
C VAL A 987 50.60 -25.80 -50.20
N GLY A 988 49.52 -25.94 -49.41
CA GLY A 988 49.60 -26.44 -48.04
C GLY A 988 49.94 -27.92 -47.97
N ASN A 989 49.50 -28.70 -48.97
CA ASN A 989 49.78 -30.13 -49.08
C ASN A 989 50.09 -30.50 -50.53
N PRO A 990 51.37 -30.49 -50.90
CA PRO A 990 51.74 -30.79 -52.29
C PRO A 990 51.45 -32.25 -52.69
N ASP A 991 51.53 -33.17 -51.72
CA ASP A 991 51.31 -34.59 -51.92
C ASP A 991 49.82 -34.91 -51.93
N ALA A 992 49.08 -34.12 -52.68
CA ALA A 992 47.64 -34.29 -52.80
C ALA A 992 47.16 -33.90 -54.18
N MET A 993 46.37 -34.80 -54.76
CA MET A 993 45.74 -34.65 -56.06
C MET A 993 44.56 -33.70 -55.89
N VAL A 994 44.80 -32.38 -55.99
CA VAL A 994 43.71 -31.41 -55.80
C VAL A 994 43.04 -31.09 -57.15
N LEU A 995 41.75 -31.40 -57.28
CA LEU A 995 41.02 -31.17 -58.53
C LEU A 995 39.80 -30.27 -58.34
N TRP A 996 39.65 -29.22 -59.18
CA TRP A 996 38.50 -28.33 -59.15
C TRP A 996 37.72 -28.42 -60.45
N GLU A 997 36.45 -28.83 -60.39
CA GLU A 997 35.62 -28.94 -61.58
C GLU A 997 34.59 -27.82 -61.64
N ALA A 998 34.61 -27.03 -62.72
CA ALA A 998 33.62 -26.00 -62.94
C ALA A 998 32.31 -26.64 -63.47
N GLN A 999 31.18 -25.93 -63.39
CA GLN A 999 29.92 -26.44 -63.96
C GLN A 999 30.10 -26.46 -65.49
N PHE A 1000 30.56 -25.34 -66.05
CA PHE A 1000 30.94 -25.13 -67.45
C PHE A 1000 32.23 -24.32 -67.47
N GLY A 1001 33.11 -24.64 -68.39
CA GLY A 1001 34.39 -23.95 -68.49
C GLY A 1001 34.29 -22.44 -68.62
N ASP A 1002 33.21 -21.98 -69.27
CA ASP A 1002 32.91 -20.58 -69.56
C ASP A 1002 32.78 -19.70 -68.31
N PHE A 1003 32.47 -20.29 -67.15
CA PHE A 1003 32.32 -19.53 -65.91
C PHE A 1003 33.63 -19.25 -65.18
N VAL A 1004 34.78 -19.68 -65.72
CA VAL A 1004 36.06 -19.50 -65.09
C VAL A 1004 36.52 -18.03 -65.03
N ASN A 1005 35.98 -17.16 -65.90
CA ASN A 1005 36.36 -15.75 -65.95
C ASN A 1005 36.10 -14.99 -64.63
N GLY A 1006 35.29 -15.57 -63.74
CA GLY A 1006 35.03 -14.98 -62.42
C GLY A 1006 36.28 -15.06 -61.56
N ALA A 1007 36.98 -16.19 -61.64
CA ALA A 1007 38.21 -16.41 -60.88
C ALA A 1007 39.46 -16.08 -61.71
N GLN A 1008 39.35 -15.15 -62.66
CA GLN A 1008 40.48 -14.81 -63.53
C GLN A 1008 41.69 -14.30 -62.74
N SER A 1009 41.46 -13.67 -61.58
CA SER A 1009 42.58 -13.17 -60.77
C SER A 1009 43.38 -14.32 -60.17
N ILE A 1010 42.72 -15.43 -59.80
CA ILE A 1010 43.41 -16.59 -59.25
C ILE A 1010 44.27 -17.25 -60.35
N ILE A 1011 43.76 -17.31 -61.59
CA ILE A 1011 44.53 -17.89 -62.69
C ILE A 1011 45.72 -17.00 -63.07
N ASP A 1012 45.48 -15.69 -63.26
CA ASP A 1012 46.50 -14.73 -63.68
C ASP A 1012 47.58 -14.47 -62.64
N GLU A 1013 47.20 -14.41 -61.36
CA GLU A 1013 48.16 -14.03 -60.32
C GLU A 1013 48.69 -15.18 -59.48
N PHE A 1014 47.91 -16.25 -59.26
CA PHE A 1014 48.36 -17.32 -58.38
C PHE A 1014 48.74 -18.62 -59.09
N ILE A 1015 47.99 -19.04 -60.11
CA ILE A 1015 48.26 -20.33 -60.75
C ILE A 1015 49.39 -20.22 -61.81
N SER A 1016 49.22 -19.38 -62.84
CA SER A 1016 50.18 -19.21 -63.95
C SER A 1016 51.50 -18.61 -63.49
N SER A 1017 51.46 -17.52 -62.75
CA SER A 1017 52.66 -16.86 -62.29
C SER A 1017 53.03 -17.21 -60.83
N GLY A 1018 52.42 -18.25 -60.27
CA GLY A 1018 52.72 -18.66 -58.90
C GLY A 1018 54.06 -19.35 -58.80
N GLU A 1019 54.24 -20.41 -59.59
CA GLU A 1019 55.48 -21.18 -59.67
C GLU A 1019 56.68 -20.30 -60.14
N ALA A 1020 56.44 -19.04 -60.54
CA ALA A 1020 57.50 -18.17 -61.03
C ALA A 1020 57.74 -16.89 -60.20
N LYS A 1021 56.72 -16.03 -59.97
CA LYS A 1021 56.88 -14.75 -59.26
C LYS A 1021 57.48 -14.93 -57.88
N TRP A 1022 57.05 -15.98 -57.18
CA TRP A 1022 57.51 -16.23 -55.83
C TRP A 1022 58.11 -17.63 -55.71
N GLY A 1023 57.43 -18.60 -56.32
CA GLY A 1023 57.86 -19.99 -56.27
C GLY A 1023 56.87 -20.95 -55.64
N GLN A 1024 55.63 -20.47 -55.37
CA GLN A 1024 54.59 -21.30 -54.78
C GLN A 1024 54.11 -22.32 -55.82
N LEU A 1025 54.68 -23.52 -55.73
CA LEU A 1025 54.43 -24.64 -56.61
C LEU A 1025 52.98 -25.09 -56.57
N SER A 1026 52.28 -24.97 -57.70
CA SER A 1026 50.88 -25.34 -57.76
C SER A 1026 50.68 -26.74 -58.36
N ASP A 1027 50.09 -27.66 -57.59
CA ASP A 1027 49.81 -29.01 -58.08
C ASP A 1027 48.29 -29.17 -58.19
N VAL A 1028 47.63 -28.19 -58.80
CA VAL A 1028 46.19 -28.21 -58.94
C VAL A 1028 45.77 -28.67 -60.34
N VAL A 1029 44.63 -29.34 -60.43
CA VAL A 1029 44.06 -29.80 -61.69
C VAL A 1029 42.74 -29.08 -61.87
N LEU A 1030 42.57 -28.37 -62.99
CA LEU A 1030 41.35 -27.62 -63.22
C LEU A 1030 40.50 -28.21 -64.34
N LEU A 1031 39.54 -29.10 -63.99
CA LEU A 1031 38.65 -29.70 -65.00
C LEU A 1031 37.65 -28.66 -65.48
N LEU A 1032 37.68 -28.32 -66.78
CA LEU A 1032 36.78 -27.33 -67.35
C LEU A 1032 35.94 -27.93 -68.47
N PRO A 1033 34.65 -28.18 -68.24
CA PRO A 1033 33.80 -28.74 -69.30
C PRO A 1033 33.76 -27.83 -70.54
N HIS A 1034 34.41 -28.32 -71.61
CA HIS A 1034 34.55 -27.65 -72.89
C HIS A 1034 34.00 -28.55 -73.98
N GLY A 1035 33.13 -28.02 -74.80
CA GLY A 1035 32.55 -28.77 -75.90
C GLY A 1035 31.66 -27.91 -76.77
N HIS A 1036 31.88 -27.93 -78.09
CA HIS A 1036 31.05 -27.12 -78.98
C HIS A 1036 29.77 -27.85 -79.33
N GLU A 1037 28.69 -27.55 -78.60
CA GLU A 1037 27.37 -28.13 -78.81
C GLU A 1037 26.31 -27.06 -79.18
N GLY A 1038 26.62 -25.79 -78.93
CA GLY A 1038 25.73 -24.69 -79.27
C GLY A 1038 24.73 -24.30 -78.20
N GLN A 1039 24.98 -24.73 -76.96
CA GLN A 1039 24.08 -24.39 -75.86
C GLN A 1039 24.26 -22.94 -75.38
N GLY A 1040 24.78 -22.06 -76.23
CA GLY A 1040 25.01 -20.66 -75.89
C GLY A 1040 26.47 -20.33 -75.75
N PRO A 1041 26.82 -19.04 -75.72
CA PRO A 1041 28.24 -18.66 -75.57
C PRO A 1041 28.79 -18.96 -74.18
N ASP A 1042 27.90 -19.02 -73.17
CA ASP A 1042 28.32 -19.33 -71.81
C ASP A 1042 28.13 -20.81 -71.46
N HIS A 1043 27.92 -21.69 -72.45
CA HIS A 1043 27.76 -23.11 -72.20
C HIS A 1043 28.43 -23.93 -73.32
N THR A 1044 29.60 -23.47 -73.79
CA THR A 1044 30.29 -24.16 -74.89
C THR A 1044 31.85 -24.09 -74.71
N SER A 1045 32.51 -22.94 -74.92
CA SER A 1045 33.98 -22.85 -74.88
C SER A 1045 34.53 -22.31 -73.57
N GLY A 1046 35.42 -23.08 -72.97
CA GLY A 1046 36.12 -22.70 -71.76
C GLY A 1046 37.32 -21.79 -71.99
N ARG A 1047 37.36 -21.14 -73.18
CA ARG A 1047 38.38 -20.18 -73.61
C ARG A 1047 39.82 -20.72 -73.44
N ILE A 1048 40.24 -21.64 -74.32
CA ILE A 1048 41.60 -22.21 -74.27
C ILE A 1048 42.65 -21.17 -74.68
N GLU A 1049 42.30 -20.28 -75.61
CA GLU A 1049 43.14 -19.23 -76.17
C GLU A 1049 43.86 -18.42 -75.09
N ARG A 1050 43.23 -18.20 -73.94
CA ARG A 1050 43.80 -17.40 -72.88
C ARG A 1050 44.84 -18.18 -72.08
N PHE A 1051 44.58 -19.47 -71.82
CA PHE A 1051 45.51 -20.33 -71.08
C PHE A 1051 46.82 -20.44 -71.82
N LEU A 1052 46.73 -20.68 -73.13
CA LEU A 1052 47.89 -20.79 -74.01
C LEU A 1052 48.61 -19.44 -74.11
N GLN A 1053 47.88 -18.33 -74.09
CA GLN A 1053 48.44 -16.98 -74.17
C GLN A 1053 49.31 -16.64 -72.94
N LEU A 1054 48.95 -17.15 -71.74
CA LEU A 1054 49.76 -16.88 -70.55
C LEU A 1054 50.69 -18.04 -70.19
N TRP A 1055 50.98 -18.94 -71.13
CA TRP A 1055 51.86 -20.07 -70.86
C TRP A 1055 53.30 -19.72 -71.21
N ALA A 1056 54.18 -19.90 -70.24
CA ALA A 1056 55.62 -19.70 -70.40
C ALA A 1056 56.33 -21.07 -70.40
N GLU A 1057 57.61 -21.14 -70.80
CA GLU A 1057 58.32 -22.42 -70.80
C GLU A 1057 58.33 -23.08 -69.42
N GLY A 1058 57.54 -24.14 -69.28
CA GLY A 1058 57.42 -24.91 -68.05
C GLY A 1058 56.79 -24.21 -66.87
N SER A 1059 55.57 -23.69 -67.03
CA SER A 1059 54.86 -23.04 -65.92
C SER A 1059 53.51 -23.75 -65.65
N MET A 1060 52.88 -24.28 -66.71
CA MET A 1060 51.60 -24.98 -66.66
C MET A 1060 51.58 -26.17 -67.66
N THR A 1061 50.50 -26.96 -67.65
CA THR A 1061 50.33 -28.08 -68.58
C THR A 1061 48.90 -28.10 -69.10
N ILE A 1062 48.62 -27.33 -70.16
CA ILE A 1062 47.28 -27.31 -70.74
C ILE A 1062 47.08 -28.60 -71.54
N ALA A 1063 45.93 -29.28 -71.36
CA ALA A 1063 45.68 -30.54 -72.03
C ALA A 1063 44.22 -30.69 -72.46
N MET A 1064 43.99 -31.36 -73.59
CA MET A 1064 42.64 -31.59 -74.10
C MET A 1064 42.53 -33.03 -74.54
N PRO A 1065 42.09 -33.92 -73.65
CA PRO A 1065 42.03 -35.35 -74.00
C PRO A 1065 40.84 -35.69 -74.88
N SER A 1066 41.01 -36.74 -75.70
CA SER A 1066 39.97 -37.20 -76.63
C SER A 1066 39.47 -38.59 -76.30
N THR A 1067 40.28 -39.41 -75.61
CA THR A 1067 39.88 -40.77 -75.27
C THR A 1067 39.88 -40.97 -73.76
N PRO A 1068 38.97 -41.81 -73.25
CA PRO A 1068 38.93 -42.06 -71.79
C PRO A 1068 40.23 -42.64 -71.24
N ALA A 1069 40.89 -43.48 -72.04
CA ALA A 1069 42.16 -44.09 -71.63
C ALA A 1069 43.24 -43.03 -71.48
N ASN A 1070 43.26 -42.03 -72.38
CA ASN A 1070 44.29 -40.98 -72.33
C ASN A 1070 44.10 -40.08 -71.12
N TYR A 1071 42.85 -39.76 -70.78
CA TYR A 1071 42.56 -38.94 -69.60
C TYR A 1071 42.97 -39.70 -68.33
N PHE A 1072 42.77 -41.02 -68.31
CA PHE A 1072 43.13 -41.90 -67.21
C PHE A 1072 44.64 -41.85 -66.94
N HIS A 1073 45.45 -41.92 -68.00
CA HIS A 1073 46.91 -41.86 -67.85
C HIS A 1073 47.38 -40.44 -67.55
N LEU A 1074 46.67 -39.41 -68.05
CA LEU A 1074 46.98 -38.00 -67.83
C LEU A 1074 46.92 -37.66 -66.33
N LEU A 1075 45.86 -38.10 -65.64
CA LEU A 1075 45.69 -37.84 -64.22
C LEU A 1075 46.69 -38.62 -63.41
N ARG A 1076 46.91 -39.88 -63.78
CA ARG A 1076 47.86 -40.74 -63.09
C ARG A 1076 49.29 -40.22 -63.24
N ARG A 1077 49.61 -39.68 -64.42
CA ARG A 1077 50.92 -39.12 -64.71
C ARG A 1077 51.12 -37.86 -63.90
N HIS A 1078 50.12 -36.95 -63.87
CA HIS A 1078 50.24 -35.71 -63.11
C HIS A 1078 50.25 -35.97 -61.58
N GLY A 1079 49.56 -37.02 -61.15
CA GLY A 1079 49.50 -37.36 -59.74
C GLY A 1079 50.74 -38.07 -59.21
N LYS A 1080 51.56 -38.65 -60.12
CA LYS A 1080 52.75 -39.38 -59.71
C LYS A 1080 54.05 -38.86 -60.36
N ASP A 1081 54.03 -37.66 -60.98
CA ASP A 1081 55.23 -37.12 -61.60
C ASP A 1081 56.19 -36.50 -60.58
N GLY A 1082 55.66 -36.01 -59.46
CA GLY A 1082 56.45 -35.35 -58.43
C GLY A 1082 56.55 -33.86 -58.68
N ILE A 1083 56.74 -33.49 -59.96
CA ILE A 1083 56.85 -32.12 -60.41
C ILE A 1083 55.54 -31.38 -60.20
N GLN A 1084 55.58 -30.33 -59.41
CA GLN A 1084 54.42 -29.52 -59.13
C GLN A 1084 54.14 -28.60 -60.29
N ARG A 1085 53.13 -28.95 -61.10
CA ARG A 1085 52.77 -28.12 -62.24
C ARG A 1085 51.27 -28.17 -62.45
N PRO A 1086 50.62 -27.00 -62.56
CA PRO A 1086 49.16 -27.00 -62.73
C PRO A 1086 48.72 -27.58 -64.08
N LEU A 1087 47.89 -28.63 -64.04
CA LEU A 1087 47.37 -29.29 -65.24
C LEU A 1087 45.93 -28.84 -65.52
N ILE A 1088 45.74 -28.05 -66.58
CA ILE A 1088 44.41 -27.55 -66.96
C ILE A 1088 43.75 -28.53 -67.94
N VAL A 1089 42.90 -29.44 -67.43
CA VAL A 1089 42.24 -30.43 -68.27
C VAL A 1089 40.90 -29.89 -68.79
N PHE A 1090 40.56 -30.17 -70.06
CA PHE A 1090 39.30 -29.74 -70.64
C PHE A 1090 38.41 -30.95 -70.91
N THR A 1091 37.64 -31.34 -69.90
CA THR A 1091 36.74 -32.49 -69.97
C THR A 1091 35.61 -32.21 -70.98
N PRO A 1092 35.14 -33.22 -71.71
CA PRO A 1092 34.04 -32.98 -72.67
C PRO A 1092 32.68 -32.96 -71.99
N LYS A 1093 31.65 -32.61 -72.75
CA LYS A 1093 30.31 -32.52 -72.22
C LYS A 1093 29.44 -33.59 -72.88
N SER A 1094 29.25 -33.51 -74.19
CA SER A 1094 28.45 -34.48 -74.92
C SER A 1094 29.20 -35.79 -75.11
N MET A 1095 30.51 -35.70 -75.37
CA MET A 1095 31.37 -36.85 -75.61
C MET A 1095 31.51 -37.79 -74.39
N LEU A 1096 30.89 -37.46 -73.26
CA LEU A 1096 30.91 -38.34 -72.09
C LEU A 1096 30.05 -39.56 -72.39
N ARG A 1097 28.83 -39.32 -72.90
CA ARG A 1097 27.90 -40.38 -73.25
C ARG A 1097 28.03 -40.82 -74.72
N ASN A 1098 29.06 -40.38 -75.44
CA ASN A 1098 29.28 -40.77 -76.82
C ASN A 1098 29.68 -42.23 -76.85
N LYS A 1099 28.96 -43.04 -77.63
CA LYS A 1099 29.27 -44.47 -77.74
C LYS A 1099 30.62 -44.72 -78.40
N ALA A 1100 31.10 -43.79 -79.22
CA ALA A 1100 32.39 -43.92 -79.89
C ALA A 1100 33.54 -43.60 -78.94
N ALA A 1101 33.35 -42.66 -78.01
CA ALA A 1101 34.40 -42.27 -77.08
C ALA A 1101 34.50 -43.26 -75.91
N VAL A 1102 34.94 -44.48 -76.20
CA VAL A 1102 35.12 -45.53 -75.20
C VAL A 1102 36.60 -46.01 -75.20
N SER A 1103 36.97 -46.96 -74.32
CA SER A 1103 38.33 -47.48 -74.28
C SER A 1103 38.33 -48.92 -73.75
N ASP A 1104 39.12 -49.79 -74.39
CA ASP A 1104 39.25 -51.19 -74.02
C ASP A 1104 40.15 -51.35 -72.78
N ILE A 1105 40.16 -52.54 -72.17
CA ILE A 1105 41.00 -52.77 -71.00
C ILE A 1105 42.48 -52.65 -71.38
N ARG A 1106 42.85 -53.13 -72.57
CA ARG A 1106 44.22 -53.09 -73.09
C ARG A 1106 44.82 -51.67 -73.06
N ASP A 1107 43.98 -50.64 -73.19
CA ASP A 1107 44.44 -49.26 -73.19
C ASP A 1107 44.80 -48.80 -71.78
N PHE A 1108 43.99 -49.19 -70.79
CA PHE A 1108 44.22 -48.81 -69.39
C PHE A 1108 45.38 -49.62 -68.77
N THR A 1109 45.65 -50.82 -69.27
CA THR A 1109 46.67 -51.68 -68.69
C THR A 1109 48.00 -51.66 -69.47
N GLU A 1110 47.98 -51.89 -70.79
CA GLU A 1110 49.21 -51.97 -71.57
C GLU A 1110 49.48 -50.70 -72.39
N SER A 1111 49.40 -49.53 -71.74
CA SER A 1111 49.64 -48.28 -72.46
C SER A 1111 50.07 -47.14 -71.51
N LYS A 1112 50.60 -46.04 -72.07
CA LYS A 1112 51.01 -44.86 -71.31
C LYS A 1112 50.30 -43.59 -71.86
N PHE A 1113 50.54 -42.42 -71.27
CA PHE A 1113 49.91 -41.17 -71.73
C PHE A 1113 50.44 -40.82 -73.13
N ARG A 1114 49.55 -40.39 -74.03
CA ARG A 1114 49.94 -40.01 -75.38
C ARG A 1114 49.71 -38.53 -75.61
N SER A 1115 50.78 -37.76 -75.77
CA SER A 1115 50.68 -36.33 -76.04
C SER A 1115 50.25 -36.07 -77.51
N VAL A 1116 50.52 -37.03 -78.41
CA VAL A 1116 50.17 -37.00 -79.83
C VAL A 1116 49.45 -38.32 -80.15
N LEU A 1117 48.32 -38.27 -80.90
CA LEU A 1117 47.56 -39.49 -81.17
C LEU A 1117 47.15 -39.70 -82.63
N GLU A 1118 47.65 -40.78 -83.23
CA GLU A 1118 47.31 -41.15 -84.60
C GLU A 1118 45.98 -41.90 -84.64
N GLU A 1119 45.44 -42.10 -85.84
CA GLU A 1119 44.20 -42.86 -86.02
C GLU A 1119 44.38 -44.34 -85.61
N PRO A 1120 43.29 -45.09 -85.35
CA PRO A 1120 43.44 -46.50 -84.95
C PRO A 1120 43.77 -47.47 -86.09
N MET A 1121 43.50 -47.06 -87.34
CA MET A 1121 43.75 -47.92 -88.50
C MET A 1121 45.24 -47.96 -88.86
N TYR A 1122 45.96 -46.84 -88.66
CA TYR A 1122 47.39 -46.79 -88.98
C TYR A 1122 48.25 -47.42 -87.87
N THR A 1123 47.77 -47.38 -86.63
CA THR A 1123 48.53 -47.91 -85.50
C THR A 1123 48.26 -49.40 -85.25
N ASP A 1124 46.99 -49.82 -85.20
CA ASP A 1124 46.68 -51.22 -84.90
C ASP A 1124 46.06 -51.97 -86.06
N GLY A 1125 45.14 -51.33 -86.77
CA GLY A 1125 44.49 -51.97 -87.91
C GLY A 1125 45.34 -51.98 -89.16
N GLU A 1126 44.77 -52.47 -90.27
CA GLU A 1126 45.47 -52.48 -91.54
C GLU A 1126 45.24 -51.14 -92.24
N GLY A 1127 46.14 -50.19 -92.02
CA GLY A 1127 46.03 -48.86 -92.59
C GLY A 1127 47.25 -48.44 -93.38
N ASP A 1128 47.04 -47.84 -94.55
CA ASP A 1128 48.14 -47.41 -95.41
C ASP A 1128 48.49 -45.96 -95.14
N ARG A 1129 49.71 -45.76 -94.64
CA ARG A 1129 50.22 -44.44 -94.35
C ARG A 1129 50.58 -43.65 -95.61
N ASN A 1130 50.97 -44.34 -96.68
CA ASN A 1130 51.34 -43.68 -97.92
C ASN A 1130 50.14 -43.06 -98.60
N LYS A 1131 48.98 -43.74 -98.55
CA LYS A 1131 47.75 -43.26 -99.19
C LYS A 1131 47.37 -41.82 -98.79
N VAL A 1132 47.85 -41.35 -97.64
CA VAL A 1132 47.54 -40.03 -97.11
C VAL A 1132 48.22 -38.89 -97.87
N THR A 1133 47.40 -37.96 -98.38
CA THR A 1133 47.77 -36.75 -99.10
C THR A 1133 47.34 -35.50 -98.30
N ARG A 1134 46.15 -35.58 -97.67
CA ARG A 1134 45.54 -34.53 -96.85
C ARG A 1134 45.76 -34.83 -95.37
N LEU A 1135 46.43 -33.91 -94.65
CA LEU A 1135 46.71 -34.13 -93.23
C LEU A 1135 45.88 -33.22 -92.35
N LEU A 1136 45.17 -33.82 -91.39
CA LEU A 1136 44.34 -33.07 -90.45
C LEU A 1136 44.92 -33.18 -89.04
N LEU A 1137 44.98 -32.02 -88.35
CA LEU A 1137 45.45 -31.90 -86.97
C LEU A 1137 44.26 -31.37 -86.16
N THR A 1138 43.90 -32.05 -85.05
CA THR A 1138 42.74 -31.65 -84.24
C THR A 1138 43.03 -31.88 -82.72
N SER A 1139 42.06 -31.66 -81.81
CA SER A 1139 42.31 -31.87 -80.39
C SER A 1139 41.09 -32.38 -79.60
N GLY A 1140 39.94 -31.75 -79.77
CA GLY A 1140 38.74 -32.12 -79.02
C GLY A 1140 37.97 -33.31 -79.53
N LYS A 1141 36.64 -33.32 -79.25
CA LYS A 1141 35.70 -34.37 -79.67
C LYS A 1141 35.47 -34.37 -81.20
N ILE A 1142 35.77 -33.24 -81.87
CA ILE A 1142 35.67 -33.00 -83.31
C ILE A 1142 36.37 -34.14 -84.10
N TYR A 1143 37.36 -34.82 -83.52
CA TYR A 1143 38.04 -35.96 -84.14
C TYR A 1143 37.02 -37.06 -84.48
N TYR A 1144 36.08 -37.36 -83.58
CA TYR A 1144 35.10 -38.41 -83.79
C TYR A 1144 34.16 -38.11 -84.97
N GLU A 1145 33.88 -36.82 -85.22
CA GLU A 1145 33.03 -36.41 -86.34
C GLU A 1145 33.81 -36.52 -87.65
N LEU A 1146 35.10 -36.18 -87.64
CA LEU A 1146 36.00 -36.26 -88.79
C LEU A 1146 36.34 -37.72 -89.15
N ALA A 1147 36.39 -38.61 -88.15
CA ALA A 1147 36.69 -40.02 -88.40
C ALA A 1147 35.49 -40.74 -88.98
N ALA A 1148 34.27 -40.40 -88.54
CA ALA A 1148 33.05 -41.01 -89.06
C ALA A 1148 32.77 -40.53 -90.48
N ARG A 1149 33.09 -39.27 -90.79
CA ARG A 1149 32.94 -38.67 -92.13
C ARG A 1149 33.90 -39.34 -93.11
N LYS A 1150 35.12 -39.66 -92.65
CA LYS A 1150 36.15 -40.36 -93.41
C LYS A 1150 35.73 -41.81 -93.69
N ALA A 1151 35.09 -42.46 -92.71
CA ALA A 1151 34.60 -43.84 -92.84
C ALA A 1151 33.39 -43.93 -93.78
N LYS A 1152 32.62 -42.85 -93.94
CA LYS A 1152 31.47 -42.84 -94.83
C LYS A 1152 31.93 -42.74 -96.30
N GLU A 1153 32.89 -41.84 -96.57
CA GLU A 1153 33.40 -41.62 -97.92
C GLU A 1153 34.60 -42.50 -98.28
N ASN A 1154 35.09 -43.35 -97.35
CA ASN A 1154 36.26 -44.22 -97.54
C ASN A 1154 37.48 -43.44 -98.06
N ARG A 1155 37.62 -42.18 -97.63
CA ARG A 1155 38.72 -41.30 -98.04
C ARG A 1155 40.02 -41.75 -97.38
N GLU A 1156 40.71 -42.71 -98.01
CA GLU A 1156 41.97 -43.22 -97.46
C GLU A 1156 43.15 -42.25 -97.64
N ASP A 1157 42.91 -41.08 -98.26
CA ASP A 1157 43.93 -40.05 -98.43
C ASP A 1157 43.92 -39.01 -97.30
N VAL A 1158 43.12 -39.20 -96.24
CA VAL A 1158 43.05 -38.21 -95.15
C VAL A 1158 43.45 -38.82 -93.82
N ALA A 1159 44.48 -38.29 -93.16
CA ALA A 1159 44.90 -38.78 -91.86
C ALA A 1159 44.60 -37.75 -90.79
N ILE A 1160 44.19 -38.20 -89.59
CA ILE A 1160 43.88 -37.28 -88.50
C ILE A 1160 44.76 -37.57 -87.28
N VAL A 1161 45.58 -36.58 -86.94
CA VAL A 1161 46.48 -36.65 -85.80
C VAL A 1161 45.96 -35.70 -84.73
N ARG A 1162 45.96 -36.14 -83.47
CA ARG A 1162 45.46 -35.32 -82.37
C ARG A 1162 46.59 -34.79 -81.48
N ILE A 1163 46.48 -33.52 -81.09
CA ILE A 1163 47.45 -32.89 -80.19
C ILE A 1163 46.78 -32.84 -78.84
N GLU A 1164 47.01 -33.86 -78.02
CA GLU A 1164 46.40 -33.96 -76.70
C GLU A 1164 47.03 -32.93 -75.75
N GLN A 1165 48.37 -32.93 -75.59
CA GLN A 1165 49.03 -31.93 -74.75
C GLN A 1165 49.27 -30.69 -75.58
N LEU A 1166 48.46 -29.65 -75.35
CA LEU A 1166 48.57 -28.40 -76.09
C LEU A 1166 49.77 -27.58 -75.67
N ALA A 1167 50.13 -27.62 -74.38
CA ALA A 1167 51.27 -26.86 -73.88
C ALA A 1167 51.89 -27.53 -72.67
N PRO A 1168 53.20 -27.82 -72.70
CA PRO A 1168 54.13 -27.59 -73.82
C PRO A 1168 53.80 -28.43 -75.04
N LEU A 1169 54.11 -27.91 -76.24
CA LEU A 1169 53.83 -28.62 -77.49
C LEU A 1169 54.76 -29.81 -77.58
N PRO A 1170 54.24 -31.00 -77.91
CA PRO A 1170 55.10 -32.20 -77.96
C PRO A 1170 55.98 -32.25 -79.22
N ARG A 1171 57.06 -31.44 -79.24
CA ARG A 1171 57.96 -31.31 -80.36
C ARG A 1171 58.53 -32.61 -80.88
N ARG A 1172 59.07 -33.47 -80.00
CA ARG A 1172 59.65 -34.75 -80.42
C ARG A 1172 58.56 -35.73 -80.80
N ARG A 1173 57.53 -35.87 -79.96
CA ARG A 1173 56.43 -36.80 -80.23
C ARG A 1173 55.72 -36.47 -81.54
N LEU A 1174 55.73 -35.20 -81.96
CA LEU A 1174 55.06 -34.79 -83.17
C LEU A 1174 55.97 -34.84 -84.38
N ALA A 1175 57.28 -34.55 -84.22
CA ALA A 1175 58.19 -34.60 -85.37
C ALA A 1175 58.29 -36.03 -85.92
N GLU A 1176 58.40 -37.03 -85.02
CA GLU A 1176 58.47 -38.45 -85.38
C GLU A 1176 57.20 -38.92 -86.05
N THR A 1177 56.05 -38.44 -85.58
CA THR A 1177 54.75 -38.80 -86.13
C THR A 1177 54.52 -38.11 -87.48
N LEU A 1178 55.03 -36.87 -87.64
CA LEU A 1178 54.93 -36.11 -88.89
C LEU A 1178 55.79 -36.71 -90.00
N ASP A 1179 56.81 -37.49 -89.65
CA ASP A 1179 57.65 -38.16 -90.64
C ASP A 1179 56.91 -39.37 -91.23
N ARG A 1180 55.97 -39.99 -90.48
CA ARG A 1180 55.10 -41.03 -91.02
C ARG A 1180 54.10 -40.35 -91.97
N TYR A 1181 53.46 -41.12 -92.88
CA TYR A 1181 52.57 -40.56 -93.91
C TYR A 1181 53.41 -39.62 -94.81
N PRO A 1182 54.29 -40.16 -95.67
CA PRO A 1182 55.21 -39.27 -96.42
C PRO A 1182 54.59 -38.56 -97.61
N ASN A 1183 53.51 -39.11 -98.17
CA ASN A 1183 52.88 -38.52 -99.34
C ASN A 1183 51.91 -37.38 -98.97
N VAL A 1184 52.09 -36.76 -97.81
CA VAL A 1184 51.24 -35.66 -97.38
C VAL A 1184 51.69 -34.41 -98.11
N LYS A 1185 50.75 -33.76 -98.80
CA LYS A 1185 51.05 -32.54 -99.53
C LYS A 1185 50.29 -31.31 -98.98
N GLU A 1186 49.41 -31.49 -97.97
CA GLU A 1186 48.69 -30.36 -97.38
C GLU A 1186 48.42 -30.60 -95.89
N LYS A 1187 48.53 -29.54 -95.07
CA LYS A 1187 48.31 -29.65 -93.62
C LYS A 1187 47.21 -28.68 -93.14
N PHE A 1188 46.33 -29.16 -92.26
CA PHE A 1188 45.22 -28.34 -91.74
C PHE A 1188 45.04 -28.44 -90.25
N TRP A 1189 44.68 -27.33 -89.60
CA TRP A 1189 44.35 -27.35 -88.18
C TRP A 1189 42.85 -27.19 -88.08
N VAL A 1190 42.14 -28.27 -87.74
CA VAL A 1190 40.69 -28.28 -87.65
C VAL A 1190 40.21 -28.16 -86.18
N GLN A 1191 39.60 -27.00 -85.85
CA GLN A 1191 39.08 -26.70 -84.51
C GLN A 1191 37.67 -26.12 -84.61
N GLU A 1192 36.79 -26.48 -83.66
CA GLU A 1192 35.41 -25.99 -83.65
C GLU A 1192 35.33 -24.52 -83.17
N GLU A 1193 36.29 -24.10 -82.35
CA GLU A 1193 36.38 -22.74 -81.79
C GLU A 1193 36.54 -21.69 -82.90
N PRO A 1194 36.18 -20.43 -82.63
CA PRO A 1194 36.34 -19.38 -83.65
C PRO A 1194 37.80 -19.15 -84.08
N ALA A 1195 38.02 -18.28 -85.08
CA ALA A 1195 39.36 -18.00 -85.58
C ALA A 1195 40.22 -17.25 -84.53
N ASN A 1196 39.73 -16.10 -83.99
CA ASN A 1196 40.49 -15.35 -82.97
C ASN A 1196 40.57 -16.08 -81.62
N GLN A 1197 39.81 -17.17 -81.44
CA GLN A 1197 39.78 -17.97 -80.23
C GLN A 1197 40.22 -19.43 -80.54
N GLY A 1198 40.36 -20.24 -79.51
CA GLY A 1198 40.78 -21.63 -79.67
C GLY A 1198 42.28 -21.80 -79.57
N ALA A 1199 42.84 -22.62 -80.44
CA ALA A 1199 44.29 -22.87 -80.41
C ALA A 1199 45.04 -22.22 -81.57
N TRP A 1200 44.34 -21.88 -82.66
CA TRP A 1200 44.97 -21.28 -83.83
C TRP A 1200 45.77 -19.99 -83.54
N PRO A 1201 45.31 -19.02 -82.71
CA PRO A 1201 46.11 -17.79 -82.51
C PRO A 1201 47.54 -18.02 -82.01
N SER A 1202 47.75 -19.15 -81.33
CA SER A 1202 49.05 -19.54 -80.80
C SER A 1202 49.73 -20.55 -81.72
N PHE A 1203 49.00 -21.58 -82.18
CA PHE A 1203 49.52 -22.65 -83.04
C PHE A 1203 49.96 -22.14 -84.42
N GLY A 1204 49.14 -21.31 -85.05
CA GLY A 1204 49.43 -20.74 -86.36
C GLY A 1204 50.69 -19.90 -86.43
N LEU A 1205 51.21 -19.49 -85.28
CA LEU A 1205 52.42 -18.67 -85.19
C LEU A 1205 53.60 -19.44 -84.51
N THR A 1206 53.30 -20.51 -83.78
CA THR A 1206 54.31 -21.31 -83.10
C THR A 1206 54.79 -22.47 -83.97
N LEU A 1207 53.86 -23.22 -84.59
CA LEU A 1207 54.17 -24.39 -85.41
C LEU A 1207 55.11 -24.09 -86.60
N PRO A 1208 54.89 -23.06 -87.46
CA PRO A 1208 55.86 -22.82 -88.55
C PRO A 1208 57.19 -22.21 -88.07
N GLU A 1209 57.30 -21.91 -86.77
CA GLU A 1209 58.51 -21.35 -86.18
C GLU A 1209 59.32 -22.43 -85.43
N ILE A 1210 58.64 -23.47 -84.90
CA ILE A 1210 59.27 -24.56 -84.13
C ILE A 1210 59.57 -25.76 -85.02
N LEU A 1211 58.58 -26.21 -85.82
CA LEU A 1211 58.76 -27.33 -86.73
C LEU A 1211 58.50 -26.84 -88.18
N PRO A 1212 59.41 -26.02 -88.76
CA PRO A 1212 59.13 -25.50 -90.12
C PRO A 1212 59.27 -26.53 -91.23
N ASP A 1213 59.95 -27.63 -90.97
CA ASP A 1213 60.13 -28.68 -91.95
C ASP A 1213 58.80 -29.38 -92.29
N HIS A 1214 57.74 -29.20 -91.49
CA HIS A 1214 56.46 -29.83 -91.76
C HIS A 1214 55.32 -28.80 -91.72
N PHE A 1215 55.31 -27.94 -90.70
CA PHE A 1215 54.22 -26.99 -90.50
C PHE A 1215 54.35 -25.67 -91.26
N THR A 1216 55.30 -25.53 -92.21
CA THR A 1216 55.39 -24.29 -92.98
C THR A 1216 54.29 -24.36 -94.04
N GLY A 1217 53.46 -23.33 -94.10
CA GLY A 1217 52.35 -23.31 -95.05
C GLY A 1217 51.20 -24.14 -94.51
N LEU A 1218 50.89 -23.93 -93.23
CA LEU A 1218 49.82 -24.65 -92.57
C LEU A 1218 48.50 -23.92 -92.81
N LYS A 1219 47.46 -24.65 -93.23
CA LYS A 1219 46.15 -24.04 -93.46
C LYS A 1219 45.24 -24.23 -92.23
N ARG A 1220 44.20 -23.41 -92.10
CA ARG A 1220 43.31 -23.47 -90.94
C ARG A 1220 41.85 -23.69 -91.33
N ILE A 1221 41.24 -24.78 -90.86
CA ILE A 1221 39.83 -25.06 -91.12
C ILE A 1221 39.05 -24.88 -89.83
N SER A 1222 38.53 -23.66 -89.55
CA SER A 1222 37.83 -23.40 -88.29
C SER A 1222 36.63 -22.43 -88.46
N ARG A 1223 35.92 -22.13 -87.35
CA ARG A 1223 34.78 -21.20 -87.35
C ARG A 1223 35.24 -19.75 -87.50
N ARG A 1224 34.34 -18.89 -87.97
CA ARG A 1224 34.65 -17.47 -88.15
C ARG A 1224 34.89 -16.79 -86.81
N ALA A 1225 35.72 -15.74 -86.80
CA ALA A 1225 36.07 -15.02 -85.58
C ALA A 1225 34.89 -14.23 -85.00
N MET A 1226 34.56 -14.51 -83.73
CA MET A 1226 33.47 -13.83 -83.01
C MET A 1226 33.98 -13.21 -81.68
N SER A 1227 33.26 -12.22 -81.15
CA SER A 1227 33.63 -11.61 -79.87
C SER A 1227 33.20 -12.52 -78.69
N ALA A 1228 32.19 -13.38 -78.90
CA ALA A 1228 31.69 -14.37 -77.96
C ALA A 1228 32.21 -15.76 -78.36
N PRO A 1229 32.33 -16.69 -77.40
CA PRO A 1229 32.88 -18.01 -77.72
C PRO A 1229 32.08 -18.84 -78.74
N SER A 1230 30.76 -18.61 -78.83
CA SER A 1230 29.90 -19.35 -79.76
C SER A 1230 28.65 -18.51 -80.19
N SER A 1231 27.80 -19.03 -81.08
CA SER A 1231 26.58 -18.34 -81.53
C SER A 1231 25.41 -18.71 -80.62
N GLY A 1232 24.53 -17.75 -80.39
CA GLY A 1232 23.36 -17.90 -79.52
C GLY A 1232 22.34 -18.93 -79.94
N SER A 1233 21.98 -18.93 -81.23
CA SER A 1233 20.99 -19.87 -81.74
C SER A 1233 21.60 -21.25 -81.93
N SER A 1234 20.83 -22.29 -81.62
CA SER A 1234 21.27 -23.68 -81.76
C SER A 1234 21.33 -24.11 -83.24
N LYS A 1235 20.46 -23.54 -84.08
CA LYS A 1235 20.42 -23.86 -85.50
C LYS A 1235 21.70 -23.40 -86.20
N VAL A 1236 22.24 -22.23 -85.80
CA VAL A 1236 23.45 -21.65 -86.36
C VAL A 1236 24.67 -22.54 -86.10
N HIS A 1237 24.72 -23.15 -84.92
CA HIS A 1237 25.82 -24.02 -84.54
C HIS A 1237 25.88 -25.26 -85.42
N ALA A 1238 24.71 -25.82 -85.77
CA ALA A 1238 24.64 -27.03 -86.59
C ALA A 1238 25.18 -26.78 -88.01
N VAL A 1239 24.91 -25.59 -88.56
CA VAL A 1239 25.36 -25.21 -89.89
C VAL A 1239 26.86 -24.97 -89.88
N GLU A 1240 27.35 -24.23 -88.87
CA GLU A 1240 28.77 -23.91 -88.74
C GLU A 1240 29.61 -25.18 -88.47
N GLN A 1241 29.08 -26.15 -87.70
CA GLN A 1241 29.80 -27.40 -87.42
C GLN A 1241 29.88 -28.28 -88.68
N GLN A 1242 28.86 -28.22 -89.54
CA GLN A 1242 28.87 -28.98 -90.78
C GLN A 1242 29.75 -28.32 -91.84
N GLU A 1243 29.87 -26.98 -91.81
CA GLU A 1243 30.72 -26.24 -92.73
C GLU A 1243 32.18 -26.64 -92.62
N ILE A 1244 32.66 -26.84 -91.40
CA ILE A 1244 34.05 -27.22 -91.15
C ILE A 1244 34.29 -28.68 -91.57
N LEU A 1245 33.29 -29.56 -91.37
CA LEU A 1245 33.40 -30.97 -91.75
C LEU A 1245 33.45 -31.14 -93.27
N ASP A 1246 32.74 -30.28 -94.01
CA ASP A 1246 32.77 -30.34 -95.48
C ASP A 1246 34.02 -29.65 -96.03
N THR A 1247 34.57 -28.64 -95.33
CA THR A 1247 35.77 -27.94 -95.74
C THR A 1247 36.99 -28.84 -95.61
N ALA A 1248 37.07 -29.60 -94.51
CA ALA A 1248 38.18 -30.52 -94.30
C ALA A 1248 38.03 -31.83 -95.13
N PHE A 1249 36.94 -32.00 -95.88
CA PHE A 1249 36.71 -33.18 -96.71
C PHE A 1249 36.30 -32.75 -98.11
N GLY A 1250 37.08 -31.85 -98.68
CA GLY A 1250 36.86 -31.30 -100.01
C GLY A 1250 37.99 -30.34 -100.40
N ASP B 123 -61.77 -32.44 -18.37
CA ASP B 123 -60.74 -31.55 -17.83
C ASP B 123 -59.37 -31.92 -18.41
N GLU B 124 -59.08 -33.21 -18.49
CA GLU B 124 -57.80 -33.69 -18.98
C GLU B 124 -57.95 -34.51 -20.27
N SER B 125 -57.11 -34.22 -21.27
CA SER B 125 -57.18 -34.90 -22.56
C SER B 125 -55.95 -35.79 -22.78
N GLN B 126 -56.19 -37.10 -22.90
CA GLN B 126 -55.11 -38.06 -23.10
C GLN B 126 -54.98 -38.41 -24.58
N ILE B 127 -53.91 -37.92 -25.22
CA ILE B 127 -53.68 -38.16 -26.64
C ILE B 127 -52.79 -39.39 -26.88
N LEU B 128 -53.19 -40.27 -27.81
CA LEU B 128 -52.46 -41.48 -28.16
C LEU B 128 -51.13 -41.15 -28.82
N ARG B 129 -50.04 -41.77 -28.37
CA ARG B 129 -48.72 -41.53 -28.97
C ARG B 129 -48.55 -42.35 -30.24
N GLY B 130 -47.90 -41.77 -31.25
CA GLY B 130 -47.66 -42.44 -32.52
C GLY B 130 -46.18 -42.63 -32.80
N ALA B 131 -45.48 -41.57 -33.18
CA ALA B 131 -44.03 -41.62 -33.43
C ALA B 131 -43.27 -41.62 -32.11
N ALA B 132 -43.76 -40.81 -31.14
CA ALA B 132 -43.20 -40.76 -29.80
C ALA B 132 -43.45 -42.07 -29.04
N ALA B 133 -44.46 -42.87 -29.44
CA ALA B 133 -44.74 -44.17 -28.82
C ALA B 133 -43.53 -45.11 -28.95
N ALA B 134 -42.69 -44.93 -29.99
CA ALA B 134 -41.46 -45.71 -30.17
C ALA B 134 -40.48 -45.39 -29.04
N VAL B 135 -40.37 -44.09 -28.68
CA VAL B 135 -39.52 -43.61 -27.60
C VAL B 135 -39.97 -44.20 -26.25
N VAL B 136 -41.29 -44.35 -26.06
CA VAL B 136 -41.89 -44.92 -24.85
C VAL B 136 -41.40 -46.36 -24.61
N LYS B 137 -41.41 -47.19 -25.66
CA LYS B 137 -40.98 -48.58 -25.52
C LYS B 137 -39.47 -48.70 -25.29
N ASN B 138 -38.68 -47.72 -25.75
CA ASN B 138 -37.24 -47.69 -25.54
C ASN B 138 -36.92 -47.38 -24.09
N MET B 139 -37.68 -46.46 -23.47
CA MET B 139 -37.53 -46.13 -22.06
C MET B 139 -37.96 -47.30 -21.18
N ASN B 140 -39.04 -47.99 -21.58
CA ASN B 140 -39.53 -49.19 -20.90
C ASN B 140 -38.49 -50.33 -21.02
N ALA B 141 -37.78 -50.40 -22.17
CA ALA B 141 -36.74 -51.41 -22.40
C ALA B 141 -35.50 -51.13 -21.57
N SER B 142 -35.15 -49.84 -21.38
CA SER B 142 -33.98 -49.46 -20.59
C SER B 142 -34.14 -49.72 -19.08
N LEU B 143 -35.34 -50.14 -18.63
CA LEU B 143 -35.63 -50.44 -17.24
C LEU B 143 -34.92 -51.72 -16.76
N GLU B 144 -34.71 -52.68 -17.66
CA GLU B 144 -34.01 -53.92 -17.30
C GLU B 144 -32.50 -53.71 -17.10
N VAL B 145 -31.97 -52.51 -17.45
CA VAL B 145 -30.54 -52.18 -17.35
C VAL B 145 -30.21 -51.60 -15.97
N PRO B 146 -29.44 -52.33 -15.15
CA PRO B 146 -29.05 -51.81 -13.84
C PRO B 146 -27.97 -50.76 -13.99
N THR B 147 -28.31 -49.49 -13.80
CA THR B 147 -27.37 -48.40 -14.02
C THR B 147 -26.97 -47.65 -12.76
N ALA B 148 -25.73 -47.15 -12.76
CA ALA B 148 -25.10 -46.32 -11.73
C ALA B 148 -24.38 -45.14 -12.42
N THR B 149 -24.06 -44.04 -11.69
CA THR B 149 -23.42 -42.89 -12.36
C THR B 149 -22.22 -42.31 -11.62
N SER B 150 -21.06 -42.29 -12.29
CA SER B 150 -19.86 -41.69 -11.76
C SER B 150 -19.80 -40.24 -12.27
N VAL B 151 -19.65 -39.25 -11.39
CA VAL B 151 -19.60 -37.84 -11.82
C VAL B 151 -18.27 -37.21 -11.46
N ARG B 152 -17.68 -36.43 -12.37
CA ARG B 152 -16.38 -35.81 -12.12
C ARG B 152 -16.23 -34.44 -12.79
N ALA B 153 -15.71 -33.47 -12.05
CA ALA B 153 -15.50 -32.12 -12.55
C ALA B 153 -14.08 -31.93 -13.06
N ILE B 154 -13.94 -31.44 -14.29
CA ILE B 154 -12.64 -31.23 -14.93
C ILE B 154 -12.42 -29.75 -15.26
N PRO B 155 -11.30 -29.14 -14.83
CA PRO B 155 -11.05 -27.74 -15.20
C PRO B 155 -10.83 -27.64 -16.70
N ALA B 156 -11.63 -26.81 -17.34
CA ALA B 156 -11.58 -26.69 -18.79
C ALA B 156 -10.75 -25.52 -19.29
N LYS B 157 -10.20 -24.69 -18.40
CA LYS B 157 -9.40 -23.51 -18.76
C LYS B 157 -8.31 -23.84 -19.81
N LEU B 158 -7.83 -25.09 -19.87
CA LEU B 158 -6.82 -25.47 -20.85
C LEU B 158 -7.41 -25.57 -22.26
N MET B 159 -8.45 -26.39 -22.46
CA MET B 159 -9.03 -26.53 -23.80
C MET B 159 -9.74 -25.27 -24.27
N ILE B 160 -10.10 -24.35 -23.35
CA ILE B 160 -10.73 -23.11 -23.74
C ILE B 160 -9.67 -22.23 -24.36
N ASP B 161 -8.54 -22.00 -23.66
CA ASP B 161 -7.43 -21.16 -24.12
C ASP B 161 -6.70 -21.75 -25.34
N ASN B 162 -6.81 -23.09 -25.56
CA ASN B 162 -6.23 -23.74 -26.74
C ASN B 162 -7.18 -23.59 -27.93
N ARG B 163 -8.52 -23.66 -27.67
CA ARG B 163 -9.54 -23.45 -28.69
C ARG B 163 -9.46 -22.03 -29.25
N VAL B 164 -9.05 -21.05 -28.44
CA VAL B 164 -8.81 -19.66 -28.80
C VAL B 164 -7.82 -19.60 -29.96
N VAL B 165 -6.73 -20.37 -29.86
CA VAL B 165 -5.69 -20.39 -30.88
C VAL B 165 -6.14 -21.24 -32.07
N ILE B 166 -6.71 -22.43 -31.82
CA ILE B 166 -7.16 -23.34 -32.88
C ILE B 166 -8.11 -22.65 -33.87
N ASN B 167 -9.20 -22.04 -33.39
CA ASN B 167 -10.16 -21.42 -34.29
C ASN B 167 -9.66 -20.11 -34.89
N ASN B 168 -8.70 -19.43 -34.26
CA ASN B 168 -8.14 -18.21 -34.84
C ASN B 168 -7.19 -18.59 -35.97
N HIS B 169 -6.34 -19.61 -35.76
CA HIS B 169 -5.39 -20.08 -36.76
C HIS B 169 -6.11 -20.69 -37.95
N LEU B 170 -7.19 -21.44 -37.70
CA LEU B 170 -7.95 -22.06 -38.78
C LEU B 170 -8.68 -21.00 -39.60
N LYS B 171 -9.18 -19.94 -38.95
CA LYS B 171 -9.87 -18.84 -39.61
C LYS B 171 -8.92 -18.04 -40.49
N ARG B 172 -7.66 -17.88 -40.07
CA ARG B 172 -6.68 -17.11 -40.84
C ARG B 172 -5.96 -17.92 -41.91
N THR B 173 -6.30 -19.21 -42.13
CA THR B 173 -5.59 -20.01 -43.12
C THR B 173 -6.48 -20.77 -44.13
N ARG B 174 -7.49 -21.52 -43.68
CA ARG B 174 -8.27 -22.36 -44.59
C ARG B 174 -9.71 -22.63 -44.16
N GLY B 175 -10.17 -21.94 -43.13
CA GLY B 175 -11.49 -22.17 -42.59
C GLY B 175 -11.52 -23.32 -41.61
N GLY B 176 -12.71 -23.75 -41.24
CA GLY B 176 -12.89 -24.83 -40.29
C GLY B 176 -12.97 -24.31 -38.88
N LYS B 177 -13.85 -24.91 -38.09
CA LYS B 177 -14.00 -24.50 -36.71
C LYS B 177 -14.14 -25.71 -35.81
N ILE B 178 -13.33 -25.76 -34.77
CA ILE B 178 -13.35 -26.83 -33.78
C ILE B 178 -14.22 -26.39 -32.62
N SER B 179 -15.25 -27.17 -32.31
CA SER B 179 -16.11 -26.92 -31.17
C SER B 179 -15.61 -27.77 -30.00
N PHE B 180 -16.07 -27.47 -28.78
CA PHE B 180 -15.63 -28.21 -27.61
C PHE B 180 -16.02 -29.70 -27.70
N THR B 181 -17.11 -30.03 -28.41
CA THR B 181 -17.55 -31.42 -28.56
C THR B 181 -16.58 -32.25 -29.41
N HIS B 182 -15.83 -31.60 -30.33
CA HIS B 182 -14.87 -32.28 -31.17
C HIS B 182 -13.76 -32.87 -30.32
N LEU B 183 -13.24 -32.06 -29.41
CA LEU B 183 -12.17 -32.45 -28.51
C LEU B 183 -12.68 -33.50 -27.53
N LEU B 184 -13.90 -33.30 -27.01
CA LEU B 184 -14.56 -34.18 -26.06
C LEU B 184 -14.77 -35.57 -26.62
N GLY B 185 -15.35 -35.66 -27.81
CA GLY B 185 -15.63 -36.93 -28.45
C GLY B 185 -14.38 -37.69 -28.82
N TYR B 186 -13.32 -36.95 -29.22
CA TYR B 186 -12.06 -37.56 -29.60
C TYR B 186 -11.38 -38.19 -28.39
N ALA B 187 -11.42 -37.51 -27.25
CA ALA B 187 -10.85 -38.03 -26.01
C ALA B 187 -11.61 -39.26 -25.55
N ILE B 188 -12.95 -39.29 -25.74
CA ILE B 188 -13.80 -40.44 -25.40
C ILE B 188 -13.36 -41.65 -26.21
N VAL B 189 -13.13 -41.45 -27.52
CA VAL B 189 -12.72 -42.49 -28.45
C VAL B 189 -11.34 -43.05 -28.08
N GLN B 190 -10.36 -42.17 -27.76
CA GLN B 190 -9.03 -42.64 -27.40
C GLN B 190 -9.04 -43.34 -26.02
N ALA B 191 -9.91 -42.90 -25.10
CA ALA B 191 -10.04 -43.52 -23.77
C ALA B 191 -10.71 -44.89 -23.87
N VAL B 192 -11.61 -45.07 -24.85
CA VAL B 192 -12.26 -46.35 -25.12
C VAL B 192 -11.19 -47.41 -25.49
N LYS B 193 -10.13 -47.00 -26.19
CA LYS B 193 -9.04 -47.89 -26.56
C LYS B 193 -8.34 -48.40 -25.30
N LYS B 194 -8.15 -47.55 -24.29
CA LYS B 194 -7.52 -47.93 -23.03
C LYS B 194 -8.43 -48.88 -22.24
N PHE B 195 -9.72 -48.59 -22.17
CA PHE B 195 -10.67 -49.44 -21.45
C PHE B 195 -11.58 -50.14 -22.43
N PRO B 196 -11.36 -51.44 -22.63
CA PRO B 196 -12.15 -52.16 -23.64
C PRO B 196 -13.57 -52.47 -23.19
N ASN B 197 -13.77 -52.73 -21.90
CA ASN B 197 -15.10 -53.05 -21.40
C ASN B 197 -16.07 -51.86 -21.51
N MET B 198 -15.59 -50.65 -21.83
CA MET B 198 -16.48 -49.49 -21.98
C MET B 198 -17.22 -49.48 -23.33
N ASN B 199 -16.75 -50.23 -24.33
CA ASN B 199 -17.42 -50.30 -25.63
C ASN B 199 -18.45 -51.44 -25.68
N ARG B 200 -18.15 -52.54 -24.97
CA ARG B 200 -19.00 -53.74 -24.88
C ARG B 200 -20.36 -53.44 -24.28
N HIS B 201 -21.37 -54.26 -24.59
CA HIS B 201 -22.70 -54.10 -24.02
C HIS B 201 -23.27 -55.46 -23.65
N PHE B 202 -23.98 -55.54 -22.52
CA PHE B 202 -24.55 -56.79 -22.07
C PHE B 202 -25.66 -57.25 -22.99
N ALA B 203 -25.75 -58.56 -23.18
CA ALA B 203 -26.76 -59.20 -24.02
C ALA B 203 -27.01 -60.65 -23.58
N VAL B 204 -28.20 -61.18 -23.89
CA VAL B 204 -28.51 -62.56 -23.55
C VAL B 204 -28.80 -63.36 -24.81
N VAL B 205 -27.92 -64.32 -25.10
CA VAL B 205 -28.06 -65.18 -26.27
C VAL B 205 -28.37 -66.59 -25.83
N ASP B 206 -29.62 -67.03 -26.06
CA ASP B 206 -30.12 -68.38 -25.73
C ASP B 206 -30.04 -68.65 -24.22
N GLY B 207 -30.42 -67.65 -23.43
CA GLY B 207 -30.41 -67.76 -21.97
C GLY B 207 -29.02 -67.80 -21.38
N LYS B 208 -28.06 -67.11 -22.02
CA LYS B 208 -26.68 -67.08 -21.54
C LYS B 208 -26.22 -65.63 -21.31
N PRO B 209 -25.44 -65.37 -20.25
CA PRO B 209 -24.96 -64.00 -20.02
C PRO B 209 -23.74 -63.70 -20.87
N THR B 210 -23.97 -63.45 -22.17
CA THR B 210 -22.89 -63.16 -23.10
C THR B 210 -22.78 -61.66 -23.35
N ALA B 211 -21.57 -61.12 -23.31
CA ALA B 211 -21.36 -59.69 -23.55
C ALA B 211 -20.78 -59.46 -24.93
N ILE B 212 -21.49 -58.68 -25.76
CA ILE B 212 -21.06 -58.38 -27.12
C ILE B 212 -19.82 -57.49 -27.09
N THR B 213 -18.81 -57.79 -27.91
CA THR B 213 -17.62 -56.95 -28.00
C THR B 213 -17.53 -56.43 -29.44
N PRO B 214 -18.10 -55.25 -29.69
CA PRO B 214 -18.14 -54.74 -31.07
C PRO B 214 -16.76 -54.49 -31.67
N ALA B 215 -16.66 -54.65 -32.98
CA ALA B 215 -15.42 -54.45 -33.70
C ALA B 215 -15.09 -52.97 -33.82
N HIS B 216 -16.11 -52.14 -34.06
CA HIS B 216 -15.88 -50.71 -34.20
C HIS B 216 -16.54 -49.95 -33.09
N THR B 217 -15.83 -48.95 -32.57
CA THR B 217 -16.32 -48.11 -31.49
C THR B 217 -17.07 -46.96 -32.15
N ASN B 218 -18.41 -47.04 -32.19
CA ASN B 218 -19.22 -46.02 -32.85
C ASN B 218 -19.83 -45.05 -31.85
N LEU B 219 -19.25 -43.86 -31.78
CA LEU B 219 -19.65 -42.80 -30.87
C LEU B 219 -20.97 -42.16 -31.29
N GLY B 220 -21.98 -42.31 -30.45
CA GLY B 220 -23.29 -41.73 -30.72
C GLY B 220 -23.31 -40.24 -30.48
N LEU B 221 -24.04 -39.50 -31.32
CA LEU B 221 -24.16 -38.04 -31.21
C LEU B 221 -25.59 -37.61 -31.01
N ALA B 222 -25.84 -36.76 -30.01
CA ALA B 222 -27.19 -36.23 -29.80
C ALA B 222 -27.43 -35.13 -30.84
N ILE B 223 -27.94 -35.49 -32.05
CA ILE B 223 -28.17 -34.48 -33.09
C ILE B 223 -29.63 -34.06 -33.17
N ASP B 224 -29.94 -32.85 -32.73
CA ASP B 224 -31.30 -32.33 -32.74
C ASP B 224 -31.60 -31.68 -34.08
N LEU B 225 -32.39 -32.36 -34.91
CA LEU B 225 -32.75 -31.82 -36.22
C LEU B 225 -33.99 -30.94 -36.11
N GLN B 226 -33.82 -29.61 -36.16
CA GLN B 226 -34.93 -28.66 -36.10
C GLN B 226 -35.72 -28.75 -37.41
N GLY B 227 -36.88 -29.39 -37.36
CA GLY B 227 -37.75 -29.63 -38.51
C GLY B 227 -38.36 -28.43 -39.21
N LYS B 228 -39.26 -28.68 -40.18
CA LYS B 228 -39.91 -27.66 -41.00
C LYS B 228 -40.88 -26.77 -40.19
N ASP B 229 -41.66 -27.37 -39.28
CA ASP B 229 -42.62 -26.62 -38.47
C ASP B 229 -42.20 -26.53 -36.99
N GLY B 230 -40.89 -26.51 -36.75
CA GLY B 230 -40.32 -26.43 -35.40
C GLY B 230 -40.16 -27.76 -34.68
N ASN B 231 -40.60 -28.87 -35.31
CA ASN B 231 -40.52 -30.22 -34.74
C ASN B 231 -39.05 -30.66 -34.57
N ARG B 232 -38.50 -30.48 -33.36
CA ARG B 232 -37.12 -30.83 -33.06
C ARG B 232 -36.95 -32.36 -32.96
N SER B 233 -36.69 -32.99 -34.11
CA SER B 233 -36.49 -34.42 -34.21
C SER B 233 -35.08 -34.80 -33.72
N LEU B 234 -34.97 -35.29 -32.48
CA LEU B 234 -33.68 -35.65 -31.88
C LEU B 234 -33.21 -37.04 -32.33
N VAL B 235 -32.11 -37.09 -33.08
CA VAL B 235 -31.60 -38.36 -33.60
C VAL B 235 -30.27 -38.77 -32.91
N VAL B 236 -29.93 -40.06 -33.00
CA VAL B 236 -28.69 -40.60 -32.44
C VAL B 236 -27.81 -41.06 -33.60
N ALA B 237 -27.13 -40.14 -34.29
CA ALA B 237 -26.25 -40.52 -35.41
C ALA B 237 -24.95 -41.18 -34.87
N ALA B 238 -24.17 -41.87 -35.74
CA ALA B 238 -22.95 -42.53 -35.27
C ALA B 238 -21.76 -42.35 -36.21
N ILE B 239 -20.63 -41.95 -35.62
CA ILE B 239 -19.32 -41.82 -36.26
C ILE B 239 -18.66 -43.21 -36.12
N LYS B 240 -18.53 -43.97 -37.22
CA LYS B 240 -18.03 -45.34 -37.16
C LYS B 240 -16.52 -45.49 -37.41
N ARG B 241 -15.92 -46.58 -36.89
CA ARG B 241 -14.50 -46.93 -37.01
C ARG B 241 -13.63 -45.84 -36.40
N CYS B 242 -14.03 -45.34 -35.24
CA CYS B 242 -13.31 -44.27 -34.57
C CYS B 242 -11.96 -44.75 -34.02
N GLU B 243 -11.86 -46.01 -33.59
CA GLU B 243 -10.62 -46.57 -33.05
C GLU B 243 -9.48 -46.59 -34.09
N THR B 244 -9.82 -46.61 -35.38
CA THR B 244 -8.84 -46.60 -36.45
C THR B 244 -8.70 -45.19 -37.01
N MET B 245 -8.76 -44.16 -36.14
CA MET B 245 -8.70 -42.78 -36.60
C MET B 245 -7.76 -41.90 -35.80
N ARG B 246 -7.23 -40.90 -36.51
CA ARG B 246 -6.43 -39.79 -36.00
C ARG B 246 -7.39 -38.58 -35.84
N PHE B 247 -6.96 -37.48 -35.20
CA PHE B 247 -7.84 -36.32 -34.97
C PHE B 247 -8.48 -35.79 -36.26
N GLY B 248 -7.73 -35.83 -37.36
CA GLY B 248 -8.23 -35.39 -38.65
C GLY B 248 -9.33 -36.27 -39.19
N GLN B 249 -9.09 -37.59 -39.21
CA GLN B 249 -10.07 -38.55 -39.70
C GLN B 249 -11.33 -38.56 -38.84
N PHE B 250 -11.18 -38.34 -37.52
CA PHE B 250 -12.32 -38.31 -36.63
C PHE B 250 -13.20 -37.11 -36.91
N ILE B 251 -12.65 -35.89 -36.93
CA ILE B 251 -13.45 -34.70 -37.17
C ILE B 251 -14.01 -34.66 -38.61
N ALA B 252 -13.39 -35.38 -39.55
CA ALA B 252 -13.91 -35.46 -40.90
C ALA B 252 -15.19 -36.31 -40.90
N ALA B 253 -15.17 -37.45 -40.19
CA ALA B 253 -16.32 -38.34 -40.07
C ALA B 253 -17.43 -37.72 -39.20
N TYR B 254 -17.07 -36.82 -38.28
CA TYR B 254 -18.04 -36.11 -37.45
C TYR B 254 -18.76 -35.09 -38.33
N GLU B 255 -18.02 -34.30 -39.11
CA GLU B 255 -18.62 -33.28 -39.96
C GLU B 255 -19.41 -33.84 -41.14
N ASP B 256 -19.14 -35.09 -41.53
CA ASP B 256 -19.93 -35.73 -42.59
C ASP B 256 -21.30 -36.05 -42.01
N ILE B 257 -21.31 -36.70 -40.82
CA ILE B 257 -22.53 -37.07 -40.10
C ILE B 257 -23.33 -35.79 -39.73
N VAL B 258 -22.65 -34.65 -39.49
CA VAL B 258 -23.30 -33.39 -39.15
C VAL B 258 -23.88 -32.73 -40.41
N ARG B 259 -23.09 -32.64 -41.49
CA ARG B 259 -23.56 -32.01 -42.72
C ARG B 259 -24.76 -32.76 -43.30
N ARG B 260 -24.74 -34.08 -43.24
CA ARG B 260 -25.83 -34.90 -43.76
C ARG B 260 -27.06 -34.88 -42.84
N ALA B 261 -26.88 -34.84 -41.52
CA ALA B 261 -28.03 -34.79 -40.60
C ALA B 261 -28.76 -33.47 -40.75
N ARG B 262 -28.00 -32.38 -40.89
CA ARG B 262 -28.52 -31.03 -41.05
C ARG B 262 -29.37 -30.88 -42.31
N ASP B 263 -29.03 -31.64 -43.38
CA ASP B 263 -29.78 -31.55 -44.63
C ASP B 263 -30.65 -32.80 -44.91
N GLY B 264 -31.00 -33.55 -43.86
CA GLY B 264 -31.87 -34.73 -43.94
C GLY B 264 -31.45 -35.83 -44.90
N LYS B 265 -30.15 -36.04 -45.07
CA LYS B 265 -29.63 -37.07 -45.98
C LYS B 265 -28.97 -38.21 -45.22
N LEU B 266 -29.42 -38.50 -43.99
CA LEU B 266 -28.86 -39.59 -43.21
C LEU B 266 -29.55 -40.90 -43.55
N THR B 267 -28.77 -41.97 -43.72
CA THR B 267 -29.35 -43.29 -44.00
C THR B 267 -29.58 -44.05 -42.69
N ALA B 268 -30.43 -45.08 -42.73
CA ALA B 268 -30.72 -45.91 -41.56
C ALA B 268 -29.51 -46.77 -41.12
N GLU B 269 -28.55 -47.00 -42.04
CA GLU B 269 -27.32 -47.72 -41.72
C GLU B 269 -26.37 -46.88 -40.82
N ASP B 270 -26.69 -45.58 -40.59
CA ASP B 270 -25.92 -44.70 -39.70
C ASP B 270 -26.35 -44.88 -38.25
N PHE B 271 -27.66 -45.04 -38.03
CA PHE B 271 -28.24 -45.17 -36.70
C PHE B 271 -27.98 -46.53 -36.07
N SER B 272 -27.90 -47.57 -36.89
CA SER B 272 -27.64 -48.92 -36.39
C SER B 272 -26.16 -49.13 -36.14
N GLY B 273 -25.78 -49.23 -34.87
CA GLY B 273 -24.40 -49.48 -34.52
C GLY B 273 -23.82 -48.65 -33.39
N VAL B 274 -24.64 -47.86 -32.70
CA VAL B 274 -24.14 -47.05 -31.58
C VAL B 274 -23.71 -47.97 -30.42
N THR B 275 -22.39 -48.04 -30.18
CA THR B 275 -21.84 -48.90 -29.14
C THR B 275 -21.58 -48.13 -27.82
N ILE B 276 -21.36 -46.81 -27.91
CA ILE B 276 -21.14 -45.92 -26.78
C ILE B 276 -21.64 -44.53 -27.20
N SER B 277 -22.51 -43.90 -26.42
CA SER B 277 -23.09 -42.61 -26.78
C SER B 277 -22.62 -41.44 -25.87
N LEU B 278 -22.86 -40.20 -26.31
CA LEU B 278 -22.51 -38.99 -25.57
C LEU B 278 -23.63 -37.94 -25.69
N THR B 279 -24.07 -37.38 -24.57
CA THR B 279 -25.09 -36.33 -24.58
C THR B 279 -24.54 -35.05 -23.94
N ASN B 280 -25.10 -33.89 -24.32
CA ASN B 280 -24.64 -32.63 -23.73
C ASN B 280 -25.80 -31.83 -23.13
N PRO B 281 -26.21 -32.17 -21.90
CA PRO B 281 -27.23 -31.35 -21.21
C PRO B 281 -26.69 -29.96 -20.82
N GLY B 282 -25.36 -29.81 -20.78
CA GLY B 282 -24.68 -28.57 -20.48
C GLY B 282 -24.82 -27.47 -21.52
N THR B 283 -25.51 -27.78 -22.63
CA THR B 283 -25.83 -26.82 -23.67
C THR B 283 -26.80 -25.77 -23.12
N LEU B 284 -27.78 -26.22 -22.35
CA LEU B 284 -28.80 -25.39 -21.74
C LEU B 284 -28.39 -24.87 -20.34
N GLY B 285 -27.11 -24.98 -19.98
CA GLY B 285 -26.59 -24.52 -18.70
C GLY B 285 -26.78 -25.50 -17.54
N THR B 286 -27.37 -26.67 -17.79
CA THR B 286 -27.59 -27.68 -16.76
C THR B 286 -26.23 -28.23 -16.35
N VAL B 287 -25.79 -27.92 -15.12
CA VAL B 287 -24.48 -28.27 -14.54
C VAL B 287 -24.10 -29.73 -14.80
N HIS B 288 -24.95 -30.68 -14.41
CA HIS B 288 -24.70 -32.09 -14.65
C HIS B 288 -26.01 -32.85 -14.69
N SER B 289 -26.00 -34.01 -15.35
CA SER B 289 -27.21 -34.80 -15.45
C SER B 289 -26.94 -36.26 -15.13
N VAL B 290 -27.99 -36.98 -14.73
CA VAL B 290 -27.92 -38.41 -14.50
C VAL B 290 -28.77 -39.03 -15.57
N PRO B 291 -28.19 -39.27 -16.76
CA PRO B 291 -29.00 -39.76 -17.87
C PRO B 291 -29.43 -41.20 -17.72
N ARG B 292 -30.38 -41.60 -18.54
CA ARG B 292 -30.87 -42.97 -18.58
C ARG B 292 -30.12 -43.72 -19.69
N LEU B 293 -29.53 -44.90 -19.40
CA LEU B 293 -28.74 -45.65 -20.39
C LEU B 293 -29.61 -46.69 -21.11
N MET B 294 -29.65 -46.58 -22.45
CA MET B 294 -30.40 -47.44 -23.36
C MET B 294 -29.70 -48.78 -23.61
N GLN B 295 -30.45 -49.80 -24.01
CA GLN B 295 -29.88 -51.12 -24.32
C GLN B 295 -28.98 -51.06 -25.56
N GLY B 296 -28.09 -52.03 -25.69
CA GLY B 296 -27.17 -52.07 -26.82
C GLY B 296 -25.92 -51.23 -26.65
N GLN B 297 -25.92 -50.35 -25.63
CA GLN B 297 -24.77 -49.51 -25.30
C GLN B 297 -24.22 -49.94 -23.95
N GLY B 298 -22.90 -49.96 -23.85
CA GLY B 298 -22.26 -50.34 -22.61
C GLY B 298 -22.29 -49.20 -21.62
N ALA B 299 -22.03 -48.00 -22.10
CA ALA B 299 -22.04 -46.81 -21.26
C ALA B 299 -22.46 -45.57 -22.04
N ILE B 300 -22.94 -44.54 -21.34
CA ILE B 300 -23.31 -43.29 -21.96
C ILE B 300 -22.71 -42.15 -21.11
N ILE B 301 -22.08 -41.19 -21.78
CA ILE B 301 -21.38 -40.08 -21.12
C ILE B 301 -22.18 -38.77 -21.20
N GLY B 302 -22.47 -38.18 -20.05
CA GLY B 302 -23.22 -36.93 -19.98
C GLY B 302 -22.33 -35.75 -19.68
N ALA B 303 -21.84 -35.08 -20.72
CA ALA B 303 -20.97 -33.92 -20.58
C ALA B 303 -21.71 -32.72 -20.04
N GLY B 304 -21.31 -32.25 -18.88
CA GLY B 304 -21.93 -31.14 -18.19
C GLY B 304 -21.74 -29.76 -18.80
N ALA B 305 -22.16 -28.74 -18.04
CA ALA B 305 -22.06 -27.38 -18.52
C ALA B 305 -20.68 -26.84 -18.22
N MET B 306 -19.95 -26.45 -19.26
CA MET B 306 -18.62 -25.91 -19.09
C MET B 306 -18.71 -24.44 -18.68
N GLU B 307 -18.69 -24.18 -17.38
CA GLU B 307 -18.83 -22.82 -16.88
C GLU B 307 -18.26 -22.62 -15.48
N TYR B 308 -18.20 -21.36 -15.04
CA TYR B 308 -17.81 -20.97 -13.70
C TYR B 308 -18.93 -21.39 -12.73
N PRO B 309 -18.59 -21.84 -11.51
CA PRO B 309 -19.65 -22.27 -10.57
C PRO B 309 -20.60 -21.14 -10.17
N ALA B 310 -21.77 -21.52 -9.65
CA ALA B 310 -22.83 -20.59 -9.27
C ALA B 310 -22.38 -19.45 -8.32
N GLU B 311 -21.51 -19.74 -7.34
CA GLU B 311 -21.09 -18.72 -6.38
C GLU B 311 -20.32 -17.56 -7.02
N PHE B 312 -19.38 -17.88 -7.91
CA PHE B 312 -18.54 -16.90 -8.57
C PHE B 312 -19.28 -16.06 -9.60
N GLN B 313 -20.44 -16.51 -10.08
CA GLN B 313 -21.19 -15.81 -11.13
C GLN B 313 -21.41 -14.32 -10.86
N GLY B 314 -21.38 -13.93 -9.60
CA GLY B 314 -21.57 -12.53 -9.24
C GLY B 314 -20.33 -11.67 -9.16
N ALA B 315 -19.13 -12.25 -9.17
CA ALA B 315 -17.90 -11.46 -9.04
C ALA B 315 -17.35 -10.98 -10.39
N SER B 316 -16.49 -9.94 -10.38
CA SER B 316 -15.89 -9.37 -11.59
C SER B 316 -14.84 -10.30 -12.20
N GLU B 317 -14.67 -10.25 -13.53
CA GLU B 317 -13.71 -11.11 -14.24
C GLU B 317 -12.29 -10.85 -13.77
N GLU B 318 -11.96 -9.57 -13.57
CA GLU B 318 -10.66 -9.10 -13.09
C GLU B 318 -10.33 -9.68 -11.72
N ARG B 319 -11.34 -9.94 -10.90
CA ARG B 319 -11.16 -10.53 -9.59
C ARG B 319 -10.78 -12.01 -9.75
N ILE B 320 -11.55 -12.76 -10.57
CA ILE B 320 -11.41 -14.20 -10.79
C ILE B 320 -10.03 -14.56 -11.41
N ALA B 321 -9.67 -13.95 -12.55
CA ALA B 321 -8.41 -14.24 -13.22
C ALA B 321 -7.19 -13.87 -12.38
N ASP B 322 -7.32 -12.86 -11.52
CA ASP B 322 -6.25 -12.43 -10.64
C ASP B 322 -5.99 -13.50 -9.56
N LEU B 323 -7.00 -14.29 -9.15
CA LEU B 323 -6.81 -15.33 -8.14
C LEU B 323 -6.38 -16.66 -8.76
N GLY B 324 -6.97 -17.00 -9.89
CA GLY B 324 -6.63 -18.22 -10.60
C GLY B 324 -7.75 -19.25 -10.61
N ILE B 325 -9.00 -18.79 -10.70
CA ILE B 325 -10.14 -19.70 -10.75
C ILE B 325 -10.53 -19.88 -12.23
N GLY B 326 -10.75 -21.12 -12.67
CA GLY B 326 -11.07 -21.38 -14.08
C GLY B 326 -12.38 -22.09 -14.29
N LYS B 327 -12.92 -22.03 -15.52
CA LYS B 327 -14.17 -22.70 -15.84
C LYS B 327 -13.99 -24.21 -15.75
N LEU B 328 -15.09 -24.94 -15.54
CA LEU B 328 -15.02 -26.39 -15.43
C LEU B 328 -16.22 -27.08 -16.04
N ILE B 329 -16.02 -28.35 -16.41
CA ILE B 329 -17.09 -29.14 -16.98
C ILE B 329 -17.37 -30.32 -16.06
N THR B 330 -18.64 -30.55 -15.75
CA THR B 330 -19.04 -31.62 -14.85
C THR B 330 -19.34 -32.86 -15.66
N LEU B 331 -18.28 -33.61 -16.05
CA LEU B 331 -18.43 -34.82 -16.88
C LEU B 331 -19.00 -36.03 -16.13
N THR B 332 -20.20 -36.50 -16.55
CA THR B 332 -20.86 -37.65 -15.94
C THR B 332 -20.69 -38.89 -16.83
N SER B 333 -20.83 -40.09 -16.24
CA SER B 333 -20.67 -41.32 -16.98
C SER B 333 -21.63 -42.36 -16.42
N THR B 334 -22.89 -42.30 -16.86
CA THR B 334 -23.90 -43.25 -16.40
C THR B 334 -23.68 -44.59 -17.17
N TYR B 335 -23.23 -45.64 -16.45
CA TYR B 335 -22.83 -46.93 -17.04
C TYR B 335 -23.76 -48.13 -16.67
N ASP B 336 -23.52 -49.32 -17.29
CA ASP B 336 -24.26 -50.58 -17.08
C ASP B 336 -23.50 -51.46 -16.10
N HIS B 337 -24.12 -51.77 -14.96
CA HIS B 337 -23.49 -52.58 -13.91
C HIS B 337 -23.37 -54.06 -14.23
N ARG B 338 -24.00 -54.54 -15.30
CA ARG B 338 -23.91 -55.96 -15.65
C ARG B 338 -22.57 -56.34 -16.29
N ILE B 339 -21.69 -55.36 -16.60
CA ILE B 339 -20.37 -55.64 -17.16
C ILE B 339 -19.34 -54.63 -16.62
N ILE B 340 -19.70 -53.35 -16.64
CA ILE B 340 -18.82 -52.28 -16.19
C ILE B 340 -18.99 -52.07 -14.68
N GLN B 341 -17.90 -52.02 -13.92
CA GLN B 341 -17.98 -51.77 -12.48
C GLN B 341 -17.41 -50.39 -12.14
N GLY B 342 -17.85 -49.83 -11.01
CA GLY B 342 -17.47 -48.51 -10.52
C GLY B 342 -16.02 -48.09 -10.69
N ALA B 343 -15.10 -49.05 -10.53
CA ALA B 343 -13.68 -48.78 -10.65
C ALA B 343 -13.30 -48.48 -12.10
N GLU B 344 -13.81 -49.27 -13.06
CA GLU B 344 -13.50 -49.07 -14.46
C GLU B 344 -14.09 -47.75 -14.95
N SER B 345 -15.34 -47.44 -14.58
CA SER B 345 -15.96 -46.19 -15.01
C SER B 345 -15.33 -44.99 -14.33
N GLY B 346 -14.88 -45.16 -13.08
CA GLY B 346 -14.20 -44.10 -12.35
C GLY B 346 -12.85 -43.79 -12.95
N ASP B 347 -12.13 -44.84 -13.39
CA ASP B 347 -10.84 -44.68 -14.04
C ASP B 347 -10.98 -44.15 -15.45
N PHE B 348 -12.07 -44.50 -16.15
CA PHE B 348 -12.35 -44.03 -17.51
C PHE B 348 -12.49 -42.51 -17.51
N LEU B 349 -13.20 -41.96 -16.52
CA LEU B 349 -13.36 -40.52 -16.41
C LEU B 349 -12.04 -39.86 -15.98
N ARG B 350 -11.23 -40.55 -15.16
CA ARG B 350 -9.91 -40.02 -14.79
C ARG B 350 -9.02 -39.92 -16.01
N THR B 351 -9.06 -40.93 -16.88
CA THR B 351 -8.30 -40.97 -18.11
C THR B 351 -8.68 -39.80 -19.02
N ILE B 352 -9.98 -39.48 -19.12
CA ILE B 352 -10.49 -38.35 -19.90
C ILE B 352 -9.89 -37.05 -19.39
N HIS B 353 -9.90 -36.86 -18.07
CA HIS B 353 -9.32 -35.69 -17.41
C HIS B 353 -7.83 -35.56 -17.77
N GLN B 354 -7.07 -36.67 -17.67
CA GLN B 354 -5.64 -36.67 -18.00
C GLN B 354 -5.39 -36.18 -19.43
N LEU B 355 -6.27 -36.55 -20.37
CA LEU B 355 -6.17 -36.11 -21.75
C LEU B 355 -6.50 -34.64 -21.90
N LEU B 356 -7.63 -34.20 -21.32
CA LEU B 356 -8.08 -32.82 -21.42
C LEU B 356 -7.10 -31.81 -20.79
N LEU B 357 -6.16 -32.28 -19.96
CA LEU B 357 -5.15 -31.42 -19.36
C LEU B 357 -3.70 -31.84 -19.75
N ASP B 358 -3.56 -32.84 -20.64
CA ASP B 358 -2.29 -33.35 -21.16
C ASP B 358 -1.62 -32.37 -22.15
N ASP B 359 -0.35 -32.58 -22.49
CA ASP B 359 0.36 -31.73 -23.43
C ASP B 359 0.48 -32.44 -24.79
N ASP B 360 0.75 -33.75 -24.78
CA ASP B 360 0.86 -34.58 -25.98
C ASP B 360 -0.48 -34.72 -26.71
N PHE B 361 -1.59 -34.64 -25.97
CA PHE B 361 -2.94 -34.69 -26.54
C PHE B 361 -3.13 -33.47 -27.44
N PHE B 362 -2.75 -32.28 -26.95
CA PHE B 362 -2.84 -31.06 -27.73
C PHE B 362 -1.72 -30.98 -28.79
N ASP B 363 -0.58 -31.63 -28.55
CA ASP B 363 0.50 -31.71 -29.52
C ASP B 363 0.02 -32.49 -30.75
N GLU B 364 -0.70 -33.59 -30.54
CA GLU B 364 -1.24 -34.42 -31.59
C GLU B 364 -2.32 -33.67 -32.36
N ILE B 365 -3.19 -32.96 -31.64
CA ILE B 365 -4.28 -32.20 -32.25
C ILE B 365 -3.72 -31.05 -33.10
N PHE B 366 -2.71 -30.34 -32.60
CA PHE B 366 -2.10 -29.25 -33.36
C PHE B 366 -1.41 -29.76 -34.62
N ARG B 367 -0.84 -30.96 -34.56
CA ARG B 367 -0.19 -31.58 -35.72
C ARG B 367 -1.23 -31.89 -36.79
N GLU B 368 -2.38 -32.45 -36.38
CA GLU B 368 -3.46 -32.81 -37.28
C GLU B 368 -4.18 -31.59 -37.85
N LEU B 369 -4.19 -30.48 -37.11
CA LEU B 369 -4.85 -29.25 -37.59
C LEU B 369 -3.91 -28.30 -38.36
N GLY B 370 -2.67 -28.69 -38.59
CA GLY B 370 -1.72 -27.88 -39.32
C GLY B 370 -1.22 -26.66 -38.57
N ILE B 371 -1.21 -26.74 -37.24
CA ILE B 371 -0.73 -25.65 -36.40
C ILE B 371 0.68 -26.00 -35.96
N PRO B 372 1.67 -25.22 -36.40
CA PRO B 372 3.07 -25.56 -36.08
C PRO B 372 3.54 -25.10 -34.70
N TYR B 373 2.86 -24.11 -34.13
CA TYR B 373 3.23 -23.48 -32.87
C TYR B 373 2.95 -24.38 -31.65
N GLU B 374 3.60 -24.10 -30.53
CA GLU B 374 3.42 -24.89 -29.32
C GLU B 374 2.08 -24.61 -28.66
N PRO B 375 1.28 -25.65 -28.39
CA PRO B 375 -0.01 -25.43 -27.71
C PRO B 375 0.13 -25.02 -26.25
N VAL B 376 -0.94 -24.43 -25.68
CA VAL B 376 -0.95 -24.01 -24.29
C VAL B 376 -0.84 -25.24 -23.38
N ARG B 377 -0.11 -25.09 -22.29
CA ARG B 377 0.08 -26.20 -21.36
C ARG B 377 -0.57 -25.91 -20.03
N TRP B 378 -1.12 -26.94 -19.38
CA TRP B 378 -1.76 -26.77 -18.08
C TRP B 378 -0.69 -26.50 -17.03
N ARG B 379 -0.56 -25.24 -16.65
CA ARG B 379 0.41 -24.82 -15.65
C ARG B 379 -0.31 -24.14 -14.51
N THR B 380 0.04 -24.47 -13.27
CA THR B 380 -0.61 -23.87 -12.11
C THR B 380 0.03 -22.53 -11.75
N ASP B 381 -0.80 -21.47 -11.81
CA ASP B 381 -0.55 -20.05 -11.54
C ASP B 381 0.82 -19.72 -10.95
N ASN B 382 1.45 -18.67 -11.47
CA ASN B 382 2.72 -18.24 -10.92
C ASN B 382 2.42 -17.27 -9.79
N PRO B 383 2.86 -17.60 -8.58
CA PRO B 383 2.53 -16.74 -7.44
C PRO B 383 3.33 -15.44 -7.34
N ASP B 384 3.95 -15.00 -8.44
CA ASP B 384 4.71 -13.77 -8.43
C ASP B 384 3.80 -12.56 -8.68
N SER B 385 4.25 -11.40 -8.20
CA SER B 385 3.49 -10.17 -8.35
C SER B 385 3.50 -9.68 -9.81
N ILE B 386 2.64 -8.72 -10.11
CA ILE B 386 2.55 -8.16 -11.44
C ILE B 386 3.83 -7.36 -11.77
N GLU B 387 4.47 -6.73 -10.78
CA GLU B 387 5.72 -6.00 -11.02
C GLU B 387 6.82 -6.95 -11.43
N ASP B 388 6.91 -8.10 -10.75
CA ASP B 388 7.90 -9.12 -11.05
C ASP B 388 7.65 -9.72 -12.42
N LYS B 389 6.38 -9.99 -12.75
CA LYS B 389 5.98 -10.56 -14.04
C LYS B 389 6.14 -9.56 -15.19
N ASN B 390 6.05 -8.27 -14.92
CA ASN B 390 6.11 -7.24 -15.94
C ASN B 390 7.43 -7.22 -16.70
N ALA B 391 8.57 -7.16 -16.00
CA ALA B 391 9.88 -7.15 -16.64
C ALA B 391 10.10 -8.40 -17.51
N ARG B 392 9.48 -9.54 -17.14
CA ARG B 392 9.57 -10.77 -17.92
C ARG B 392 8.83 -10.62 -19.24
N VAL B 393 7.63 -10.01 -19.19
CA VAL B 393 6.78 -9.78 -20.35
C VAL B 393 7.43 -8.72 -21.28
N ILE B 394 8.10 -7.70 -20.71
CA ILE B 394 8.79 -6.69 -21.52
C ILE B 394 9.91 -7.36 -22.33
N GLU B 395 10.70 -8.17 -21.63
CA GLU B 395 11.84 -8.91 -22.19
C GLU B 395 11.37 -9.90 -23.24
N LEU B 396 10.26 -10.59 -22.99
CA LEU B 396 9.71 -11.57 -23.95
C LEU B 396 9.31 -10.88 -25.26
N ILE B 397 8.84 -9.64 -25.17
CA ILE B 397 8.45 -8.87 -26.34
C ILE B 397 9.68 -8.53 -27.17
N ALA B 398 10.78 -8.14 -26.53
CA ALA B 398 12.01 -7.84 -27.24
C ALA B 398 12.60 -9.09 -27.88
N ALA B 399 12.56 -10.24 -27.17
CA ALA B 399 13.07 -11.50 -27.67
C ALA B 399 12.33 -11.96 -28.93
N TYR B 400 11.02 -11.69 -28.99
CA TYR B 400 10.21 -12.04 -30.14
C TYR B 400 10.55 -11.20 -31.38
N ARG B 401 11.03 -9.97 -31.18
CA ARG B 401 11.38 -9.10 -32.31
C ARG B 401 12.75 -9.45 -32.88
N ASN B 402 13.69 -9.81 -32.01
CA ASN B 402 15.04 -10.16 -32.43
C ASN B 402 15.08 -11.49 -33.16
N ARG B 403 14.40 -12.53 -32.63
CA ARG B 403 14.43 -13.84 -33.24
C ARG B 403 13.05 -14.44 -33.47
N GLY B 404 12.08 -13.60 -33.79
CA GLY B 404 10.74 -14.06 -34.10
C GLY B 404 10.68 -14.79 -35.42
N HIS B 405 11.55 -14.39 -36.38
CA HIS B 405 11.67 -14.97 -37.73
C HIS B 405 12.11 -16.44 -37.71
N LEU B 406 12.83 -16.86 -36.66
CA LEU B 406 13.27 -18.24 -36.52
C LEU B 406 12.10 -19.15 -36.15
N MET B 407 11.16 -18.65 -35.36
CA MET B 407 9.99 -19.42 -35.01
C MET B 407 8.84 -19.00 -35.91
N ALA B 408 9.09 -18.88 -37.22
CA ALA B 408 8.06 -18.47 -38.17
C ALA B 408 7.73 -19.61 -39.13
N ASP B 409 6.47 -19.66 -39.59
CA ASP B 409 6.01 -20.68 -40.55
C ASP B 409 6.21 -20.15 -41.96
N ILE B 410 7.47 -19.98 -42.35
CA ILE B 410 7.84 -19.42 -43.64
C ILE B 410 8.32 -20.51 -44.64
N ASP B 411 8.45 -21.77 -44.22
CA ASP B 411 8.81 -22.88 -45.10
C ASP B 411 7.53 -23.54 -45.56
N PRO B 412 7.22 -23.46 -46.87
CA PRO B 412 5.98 -24.09 -47.36
C PRO B 412 6.05 -25.62 -47.32
N LEU B 413 7.26 -26.19 -47.38
CA LEU B 413 7.46 -27.63 -47.36
C LEU B 413 7.50 -28.22 -45.94
N ARG B 414 7.60 -27.36 -44.89
CA ARG B 414 7.68 -27.76 -43.47
C ARG B 414 8.67 -28.89 -43.26
N LEU B 415 9.90 -28.66 -43.69
CA LEU B 415 10.96 -29.65 -43.61
C LEU B 415 11.52 -29.72 -42.19
N ASP B 416 11.81 -28.56 -41.58
CA ASP B 416 12.31 -28.53 -40.20
C ASP B 416 11.19 -28.21 -39.23
N ASN B 417 10.60 -29.24 -38.64
CA ASN B 417 9.53 -29.05 -37.67
C ASN B 417 10.06 -28.63 -36.30
N THR B 418 11.37 -28.74 -36.06
CA THR B 418 11.95 -28.43 -34.76
C THR B 418 12.15 -26.94 -34.52
N ARG B 419 12.23 -26.09 -35.57
CA ARG B 419 12.45 -24.65 -35.35
C ARG B 419 11.29 -23.99 -34.54
N PHE B 420 10.11 -24.63 -34.52
CA PHE B 420 8.94 -24.17 -33.79
C PHE B 420 8.95 -24.59 -32.31
N ARG B 421 9.86 -25.48 -31.89
CA ARG B 421 9.94 -25.91 -30.49
C ARG B 421 11.33 -25.68 -29.88
N SER B 422 12.36 -25.40 -30.69
CA SER B 422 13.72 -25.24 -30.19
C SER B 422 14.04 -23.80 -29.79
N HIS B 423 13.13 -23.13 -29.05
CA HIS B 423 13.39 -21.77 -28.61
C HIS B 423 12.76 -21.45 -27.27
N PRO B 424 13.58 -21.43 -26.21
CA PRO B 424 13.04 -21.06 -24.89
C PRO B 424 12.89 -19.55 -24.71
N ASP B 425 13.62 -18.75 -25.49
CA ASP B 425 13.52 -17.28 -25.49
C ASP B 425 12.14 -16.81 -26.04
N LEU B 426 11.40 -17.69 -26.75
CA LEU B 426 10.06 -17.41 -27.27
C LEU B 426 8.97 -18.24 -26.55
N ASP B 427 9.36 -19.26 -25.78
CA ASP B 427 8.39 -20.04 -25.00
C ASP B 427 7.97 -19.19 -23.82
N VAL B 428 6.67 -19.05 -23.62
CA VAL B 428 6.13 -18.20 -22.57
C VAL B 428 6.32 -18.85 -21.19
N ASN B 429 6.10 -20.17 -21.07
CA ASN B 429 6.25 -20.90 -19.80
C ASN B 429 7.63 -20.69 -19.15
N SER B 430 8.66 -20.43 -19.97
CA SER B 430 10.03 -20.19 -19.51
C SER B 430 10.18 -18.83 -18.83
N HIS B 431 9.41 -17.84 -19.26
CA HIS B 431 9.50 -16.49 -18.73
C HIS B 431 8.62 -16.29 -17.49
N GLY B 432 8.42 -17.34 -16.70
CA GLY B 432 7.61 -17.28 -15.49
C GLY B 432 6.18 -16.84 -15.76
N LEU B 433 5.51 -17.52 -16.69
CA LEU B 433 4.13 -17.17 -17.04
C LEU B 433 3.29 -18.44 -17.29
N THR B 434 1.99 -18.35 -17.00
CA THR B 434 1.04 -19.45 -17.13
C THR B 434 -0.23 -18.98 -17.89
N LEU B 435 -1.14 -19.90 -18.22
CA LEU B 435 -2.40 -19.55 -18.89
C LEU B 435 -3.33 -18.68 -18.00
N TRP B 436 -3.07 -18.63 -16.69
CA TRP B 436 -3.81 -17.81 -15.73
C TRP B 436 -3.42 -16.35 -15.88
N ASP B 437 -2.13 -16.08 -16.16
CA ASP B 437 -1.62 -14.73 -16.38
C ASP B 437 -2.05 -14.15 -17.74
N LEU B 438 -2.65 -14.97 -18.63
CA LEU B 438 -3.09 -14.61 -19.98
C LEU B 438 -4.11 -13.49 -20.01
N ASP B 439 -4.96 -13.40 -19.00
CA ASP B 439 -5.99 -12.39 -18.96
C ASP B 439 -5.61 -11.18 -18.08
N ARG B 440 -4.36 -11.12 -17.58
CA ARG B 440 -3.93 -10.02 -16.74
C ARG B 440 -3.28 -8.90 -17.56
N GLU B 441 -3.35 -7.68 -17.04
CA GLU B 441 -2.79 -6.53 -17.72
C GLU B 441 -1.33 -6.34 -17.36
N PHE B 442 -0.52 -5.95 -18.33
CA PHE B 442 0.91 -5.69 -18.12
C PHE B 442 1.28 -4.34 -18.74
N LYS B 443 2.10 -3.56 -18.03
CA LYS B 443 2.55 -2.23 -18.44
C LYS B 443 3.62 -2.31 -19.54
N VAL B 444 3.21 -2.82 -20.71
CA VAL B 444 4.06 -2.98 -21.88
C VAL B 444 4.26 -1.59 -22.51
N ASP B 445 5.38 -0.94 -22.18
CA ASP B 445 5.64 0.41 -22.67
C ASP B 445 5.70 0.47 -24.20
N GLY B 446 4.61 0.95 -24.78
CA GLY B 446 4.48 1.14 -26.21
C GLY B 446 4.65 -0.10 -27.07
N PHE B 447 4.05 -1.23 -26.66
CA PHE B 447 4.14 -2.45 -27.46
C PHE B 447 3.23 -2.25 -28.69
N ALA B 448 1.92 -2.55 -28.62
CA ALA B 448 1.02 -2.32 -29.74
C ALA B 448 0.43 -0.92 -29.65
N GLY B 449 1.26 0.05 -29.25
CA GLY B 449 0.84 1.43 -29.04
C GLY B 449 0.25 1.60 -27.65
N VAL B 450 -0.55 0.63 -27.20
CA VAL B 450 -1.20 0.66 -25.90
C VAL B 450 -0.21 0.48 -24.78
N GLN B 451 -0.33 1.29 -23.72
CA GLN B 451 0.54 1.18 -22.57
C GLN B 451 0.15 0.00 -21.65
N ARG B 452 -1.01 -0.61 -21.86
CA ARG B 452 -1.47 -1.74 -21.09
C ARG B 452 -2.13 -2.75 -22.00
N LYS B 453 -1.83 -4.03 -21.82
CA LYS B 453 -2.39 -5.06 -22.67
C LYS B 453 -2.50 -6.39 -21.94
N LYS B 454 -3.51 -7.19 -22.29
CA LYS B 454 -3.63 -8.53 -21.72
C LYS B 454 -2.59 -9.44 -22.36
N LEU B 455 -2.06 -10.40 -21.61
CA LEU B 455 -1.01 -11.29 -22.11
C LEU B 455 -1.43 -12.06 -23.37
N ARG B 456 -2.67 -12.55 -23.43
CA ARG B 456 -3.13 -13.28 -24.62
C ARG B 456 -3.17 -12.38 -25.85
N ASP B 457 -3.33 -11.06 -25.68
CA ASP B 457 -3.30 -10.13 -26.80
C ASP B 457 -1.87 -9.91 -27.25
N ILE B 458 -0.95 -9.74 -26.29
CA ILE B 458 0.48 -9.56 -26.50
C ILE B 458 1.09 -10.74 -27.30
N LEU B 459 0.71 -11.99 -26.99
CA LEU B 459 1.23 -13.17 -27.67
C LEU B 459 0.62 -13.34 -29.06
N SER B 460 -0.66 -12.99 -29.22
CA SER B 460 -1.32 -13.09 -30.51
C SER B 460 -0.81 -12.03 -31.47
N VAL B 461 -0.45 -10.83 -30.98
CA VAL B 461 0.11 -9.76 -31.80
C VAL B 461 1.45 -10.22 -32.35
N LEU B 462 2.34 -10.67 -31.45
CA LEU B 462 3.66 -11.16 -31.82
C LEU B 462 3.58 -12.33 -32.79
N ARG B 463 2.56 -13.18 -32.64
CA ARG B 463 2.38 -14.33 -33.53
C ARG B 463 2.06 -13.84 -34.94
N ASP B 464 0.99 -13.05 -35.12
CA ASP B 464 0.59 -12.55 -36.44
C ASP B 464 1.62 -11.56 -37.06
N ALA B 465 2.54 -11.02 -36.24
CA ALA B 465 3.53 -10.07 -36.70
C ALA B 465 4.87 -10.73 -37.05
N TYR B 466 5.43 -11.59 -36.18
CA TYR B 466 6.75 -12.19 -36.41
C TYR B 466 6.75 -13.71 -36.53
N CYS B 467 5.62 -14.38 -36.33
CA CYS B 467 5.59 -15.85 -36.38
C CYS B 467 4.71 -16.39 -37.50
N ARG B 468 3.86 -15.55 -38.12
CA ARG B 468 2.98 -16.03 -39.18
C ARG B 468 3.84 -16.34 -40.42
N HIS B 469 3.39 -15.98 -41.62
CA HIS B 469 4.17 -16.26 -42.82
C HIS B 469 5.14 -15.12 -43.15
N VAL B 470 5.43 -14.23 -42.18
CA VAL B 470 6.37 -13.16 -42.40
C VAL B 470 7.39 -13.12 -41.28
N GLY B 471 8.61 -13.44 -41.62
CA GLY B 471 9.72 -13.38 -40.69
C GLY B 471 10.28 -11.99 -40.79
N VAL B 472 10.41 -11.30 -39.66
CA VAL B 472 10.91 -9.93 -39.66
C VAL B 472 12.26 -9.87 -38.97
N GLU B 473 13.25 -9.34 -39.68
CA GLU B 473 14.59 -9.15 -39.16
C GLU B 473 14.93 -7.72 -39.42
N TYR B 474 14.83 -6.91 -38.40
CA TYR B 474 15.04 -5.47 -38.49
C TYR B 474 15.80 -4.87 -37.29
N THR B 475 16.01 -5.67 -36.25
CA THR B 475 16.68 -5.32 -35.00
C THR B 475 18.15 -4.93 -35.23
N HIS B 476 18.80 -5.56 -36.20
CA HIS B 476 20.19 -5.28 -36.56
C HIS B 476 20.42 -3.91 -37.19
N ILE B 477 19.34 -3.20 -37.56
CA ILE B 477 19.44 -1.89 -38.17
C ILE B 477 19.87 -0.86 -37.09
N LEU B 478 20.82 0.01 -37.44
CA LEU B 478 21.38 0.99 -36.53
C LEU B 478 20.51 2.25 -36.40
N GLU B 479 19.71 2.56 -37.42
CA GLU B 479 18.85 3.73 -37.36
C GLU B 479 17.64 3.41 -36.49
N PRO B 480 17.33 4.27 -35.51
CA PRO B 480 16.23 3.96 -34.59
C PRO B 480 14.84 4.16 -35.17
N GLU B 481 14.60 5.28 -35.88
CA GLU B 481 13.29 5.56 -36.46
C GLU B 481 12.85 4.48 -37.44
N GLN B 482 13.79 3.77 -38.07
CA GLN B 482 13.51 2.70 -39.00
C GLN B 482 12.93 1.49 -38.24
N GLN B 483 13.47 1.20 -37.05
CA GLN B 483 12.95 0.11 -36.23
C GLN B 483 11.57 0.49 -35.71
N ARG B 484 11.39 1.76 -35.29
CA ARG B 484 10.11 2.26 -34.83
C ARG B 484 9.06 2.16 -35.93
N TRP B 485 9.48 2.49 -37.16
CA TRP B 485 8.66 2.47 -38.36
C TRP B 485 8.17 1.06 -38.69
N ILE B 486 9.05 0.06 -38.62
CA ILE B 486 8.67 -1.32 -38.94
C ILE B 486 7.71 -1.87 -37.87
N GLN B 487 7.86 -1.45 -36.60
CA GLN B 487 6.95 -1.90 -35.54
C GLN B 487 5.54 -1.32 -35.73
N GLU B 488 5.44 -0.10 -36.28
CA GLU B 488 4.15 0.51 -36.54
C GLU B 488 3.38 -0.21 -37.65
N ARG B 489 4.03 -1.06 -38.45
CA ARG B 489 3.37 -1.78 -39.53
C ARG B 489 3.16 -3.24 -39.18
N VAL B 490 4.25 -3.91 -38.76
CA VAL B 490 4.30 -5.32 -38.44
C VAL B 490 3.41 -5.68 -37.26
N GLU B 491 3.52 -4.94 -36.15
CA GLU B 491 2.78 -5.23 -34.92
C GLU B 491 1.29 -4.91 -34.98
N THR B 492 0.85 -4.02 -35.88
CA THR B 492 -0.57 -3.72 -36.02
C THR B 492 -1.31 -4.93 -36.54
N LYS B 493 -2.49 -5.26 -35.98
CA LYS B 493 -3.29 -6.36 -36.49
C LYS B 493 -3.80 -5.96 -37.87
N HIS B 494 -3.10 -6.42 -38.92
CA HIS B 494 -3.33 -6.04 -40.31
C HIS B 494 -4.69 -6.44 -40.83
N ASP B 495 -5.30 -5.52 -41.56
CA ASP B 495 -6.61 -5.68 -42.17
C ASP B 495 -6.58 -6.77 -43.23
N LYS B 496 -7.63 -7.59 -43.28
CA LYS B 496 -7.74 -8.63 -44.29
C LYS B 496 -8.01 -7.96 -45.62
N PRO B 497 -7.29 -8.35 -46.68
CA PRO B 497 -7.49 -7.71 -47.98
C PRO B 497 -8.92 -7.89 -48.51
N THR B 498 -9.39 -6.95 -49.34
CA THR B 498 -10.73 -7.00 -49.92
C THR B 498 -10.86 -8.19 -50.86
N VAL B 499 -12.08 -8.67 -51.09
CA VAL B 499 -12.32 -9.76 -52.02
C VAL B 499 -11.91 -9.34 -53.45
N ALA B 500 -12.03 -8.04 -53.79
CA ALA B 500 -11.62 -7.50 -55.10
C ALA B 500 -10.09 -7.53 -55.25
N GLU B 501 -9.38 -7.27 -54.15
CA GLU B 501 -7.92 -7.32 -54.12
C GLU B 501 -7.47 -8.77 -54.25
N GLN B 502 -8.13 -9.68 -53.52
CA GLN B 502 -7.85 -11.12 -53.56
C GLN B 502 -8.08 -11.68 -54.96
N LYS B 503 -9.11 -11.18 -55.66
CA LYS B 503 -9.45 -11.63 -57.01
C LYS B 503 -8.38 -11.19 -58.01
N TYR B 504 -7.77 -10.01 -57.82
CA TYR B 504 -6.67 -9.55 -58.69
C TYR B 504 -5.42 -10.42 -58.49
N ILE B 505 -5.21 -10.91 -57.27
CA ILE B 505 -4.11 -11.81 -56.92
C ILE B 505 -4.30 -13.15 -57.62
N LEU B 506 -5.54 -13.65 -57.61
CA LEU B 506 -5.83 -14.92 -58.26
C LEU B 506 -5.82 -14.78 -59.79
N SER B 507 -6.15 -13.60 -60.33
CA SER B 507 -6.09 -13.38 -61.79
C SER B 507 -4.65 -13.36 -62.28
N LYS B 508 -3.75 -12.77 -61.47
CA LYS B 508 -2.32 -12.69 -61.74
C LYS B 508 -1.68 -14.10 -61.60
N LEU B 509 -2.18 -14.92 -60.66
CA LEU B 509 -1.71 -16.28 -60.46
C LEU B 509 -2.27 -17.25 -61.51
N ASN B 510 -3.42 -16.92 -62.12
CA ASN B 510 -4.04 -17.73 -63.17
C ASN B 510 -3.21 -17.63 -64.43
N ALA B 511 -2.79 -16.42 -64.80
CA ALA B 511 -1.96 -16.19 -65.99
C ALA B 511 -0.54 -16.72 -65.80
N ALA B 512 -0.03 -16.74 -64.56
CA ALA B 512 1.29 -17.23 -64.27
C ALA B 512 1.33 -18.77 -64.31
N GLU B 513 0.33 -19.43 -63.70
CA GLU B 513 0.27 -20.90 -63.70
C GLU B 513 -0.05 -21.43 -65.11
N ALA B 514 -0.86 -20.68 -65.88
CA ALA B 514 -1.17 -21.09 -67.26
C ALA B 514 0.03 -20.87 -68.18
N PHE B 515 0.85 -19.84 -67.93
CA PHE B 515 2.02 -19.57 -68.76
C PHE B 515 3.03 -20.70 -68.65
N GLU B 516 3.33 -21.13 -67.41
CA GLU B 516 4.27 -22.23 -67.21
C GLU B 516 3.67 -23.57 -67.67
N THR B 517 2.33 -23.72 -67.64
CA THR B 517 1.63 -24.90 -68.15
C THR B 517 1.83 -25.01 -69.67
N PHE B 518 1.76 -23.86 -70.37
CA PHE B 518 1.97 -23.76 -71.80
C PHE B 518 3.43 -24.01 -72.16
N LEU B 519 4.37 -23.40 -71.41
CA LEU B 519 5.81 -23.54 -71.65
C LEU B 519 6.29 -24.97 -71.39
N GLN B 520 5.70 -25.68 -70.41
CA GLN B 520 6.09 -27.07 -70.14
C GLN B 520 5.30 -28.06 -71.03
N THR B 521 4.63 -27.59 -72.09
CA THR B 521 3.84 -28.44 -72.96
C THR B 521 4.22 -28.17 -74.43
N LYS B 522 4.14 -26.90 -74.87
CA LYS B 522 4.40 -26.44 -76.22
C LYS B 522 5.83 -26.73 -76.64
N TYR B 523 6.78 -26.59 -75.71
CA TYR B 523 8.18 -26.78 -76.03
C TYR B 523 8.80 -27.90 -75.18
N VAL B 524 10.00 -28.32 -75.55
CA VAL B 524 10.74 -29.32 -74.80
C VAL B 524 12.09 -28.74 -74.40
N GLY B 525 12.65 -29.29 -73.34
CA GLY B 525 13.89 -28.77 -72.75
C GLY B 525 13.63 -27.73 -71.68
N GLN B 526 12.35 -27.30 -71.55
CA GLN B 526 11.90 -26.32 -70.58
C GLN B 526 11.79 -26.89 -69.16
N LYS B 527 12.33 -28.10 -68.88
CA LYS B 527 12.37 -28.64 -67.52
C LYS B 527 13.18 -27.68 -66.62
N ARG B 528 14.26 -27.10 -67.18
CA ARG B 528 15.01 -26.01 -66.55
C ARG B 528 14.17 -24.72 -66.69
N PHE B 529 14.54 -23.64 -66.00
CA PHE B 529 13.81 -22.35 -66.09
C PHE B 529 12.30 -22.50 -65.80
N SER B 530 11.90 -23.57 -65.10
CA SER B 530 10.50 -23.83 -64.79
C SER B 530 10.11 -23.18 -63.48
N LEU B 531 9.37 -22.08 -63.54
CA LEU B 531 8.92 -21.34 -62.38
C LEU B 531 7.74 -22.03 -61.66
N GLU B 532 7.66 -23.36 -61.69
CA GLU B 532 6.59 -24.08 -61.01
C GLU B 532 6.94 -24.18 -59.53
N GLY B 533 6.01 -23.75 -58.70
CA GLY B 533 6.17 -23.67 -57.25
C GLY B 533 6.34 -22.23 -56.78
N ALA B 534 6.99 -21.40 -57.61
CA ALA B 534 7.25 -19.99 -57.31
C ALA B 534 6.44 -19.05 -58.22
N GLU B 535 5.25 -19.48 -58.68
CA GLU B 535 4.38 -18.61 -59.49
C GLU B 535 4.00 -17.33 -58.72
N THR B 536 3.99 -17.41 -57.37
CA THR B 536 3.71 -16.36 -56.40
C THR B 536 4.64 -15.14 -56.61
N VAL B 537 5.83 -15.35 -57.21
CA VAL B 537 6.77 -14.24 -57.47
C VAL B 537 6.24 -13.33 -58.60
N ILE B 538 5.33 -13.83 -59.47
CA ILE B 538 4.76 -13.01 -60.53
C ILE B 538 3.89 -11.90 -59.90
N PRO B 539 2.82 -12.20 -59.11
CA PRO B 539 2.06 -11.12 -58.49
C PRO B 539 2.85 -10.34 -57.43
N MET B 540 3.93 -10.93 -56.87
CA MET B 540 4.76 -10.25 -55.88
C MET B 540 5.43 -9.04 -56.52
N MET B 541 5.98 -9.22 -57.72
CA MET B 541 6.60 -8.10 -58.45
C MET B 541 5.57 -7.10 -58.88
N ASP B 542 4.38 -7.59 -59.32
CA ASP B 542 3.25 -6.77 -59.71
C ASP B 542 2.86 -5.82 -58.56
N ALA B 543 2.90 -6.32 -57.32
CA ALA B 543 2.57 -5.52 -56.15
C ALA B 543 3.58 -4.39 -55.98
N VAL B 544 4.87 -4.69 -56.20
CA VAL B 544 5.95 -3.70 -56.09
C VAL B 544 5.73 -2.58 -57.09
N ILE B 545 5.39 -2.94 -58.33
CA ILE B 545 5.21 -1.98 -59.40
C ILE B 545 3.88 -1.22 -59.26
N ASP B 546 2.82 -1.87 -58.74
CA ASP B 546 1.55 -1.18 -58.48
C ASP B 546 1.77 -0.11 -57.41
N GLN B 547 2.54 -0.45 -56.38
CA GLN B 547 2.89 0.47 -55.31
C GLN B 547 3.72 1.62 -55.84
N CYS B 548 4.68 1.33 -56.73
CA CYS B 548 5.58 2.31 -57.32
C CYS B 548 4.80 3.35 -58.11
N ALA B 549 3.81 2.91 -58.90
CA ALA B 549 2.99 3.82 -59.67
C ALA B 549 2.19 4.73 -58.74
N GLU B 550 1.66 4.16 -57.65
CA GLU B 550 0.91 4.91 -56.65
C GLU B 550 1.81 5.95 -55.98
N HIS B 551 3.08 5.58 -55.73
CA HIS B 551 4.09 6.42 -55.12
C HIS B 551 4.53 7.61 -55.99
N GLY B 552 4.11 7.65 -57.25
CA GLY B 552 4.48 8.72 -58.15
C GLY B 552 5.87 8.52 -58.72
N LEU B 553 6.18 7.27 -59.07
CA LEU B 553 7.48 6.94 -59.64
C LEU B 553 7.37 6.78 -61.17
N ASP B 554 8.51 6.88 -61.86
CA ASP B 554 8.53 6.87 -63.31
C ASP B 554 8.86 5.51 -63.95
N GLU B 555 9.90 4.81 -63.46
CA GLU B 555 10.27 3.54 -64.08
C GLU B 555 10.85 2.53 -63.10
N VAL B 556 10.53 1.25 -63.32
CA VAL B 556 11.03 0.12 -62.54
C VAL B 556 11.89 -0.73 -63.48
N VAL B 557 13.23 -0.75 -63.27
CA VAL B 557 14.16 -1.49 -64.12
C VAL B 557 14.44 -2.88 -63.51
N ILE B 558 14.07 -3.94 -64.21
CA ILE B 558 14.21 -5.31 -63.72
C ILE B 558 15.43 -6.05 -64.29
N ALA B 559 16.29 -6.57 -63.40
CA ALA B 559 17.41 -7.43 -63.77
C ALA B 559 17.17 -8.75 -63.13
N MET B 560 17.04 -9.81 -63.94
CA MET B 560 16.71 -11.11 -63.37
C MET B 560 17.45 -12.26 -64.09
N PRO B 561 17.56 -13.44 -63.46
CA PRO B 561 18.23 -14.56 -64.13
C PRO B 561 17.30 -15.27 -65.11
N HIS B 562 17.81 -16.32 -65.76
CA HIS B 562 17.05 -17.09 -66.74
C HIS B 562 15.73 -17.67 -66.20
N ARG B 563 15.67 -18.08 -64.93
CA ARG B 563 14.48 -18.74 -64.37
C ARG B 563 13.17 -17.92 -64.50
N GLY B 564 12.18 -18.53 -65.16
CA GLY B 564 10.85 -17.97 -65.43
C GLY B 564 10.83 -16.61 -66.10
N ARG B 565 11.89 -16.28 -66.85
CA ARG B 565 12.06 -15.00 -67.53
C ARG B 565 11.00 -14.69 -68.57
N LEU B 566 10.55 -15.70 -69.32
CA LEU B 566 9.53 -15.51 -70.34
C LEU B 566 8.18 -15.14 -69.72
N ASN B 567 7.90 -15.69 -68.53
CA ASN B 567 6.69 -15.43 -67.77
C ASN B 567 6.62 -13.96 -67.36
N VAL B 568 7.76 -13.40 -66.93
CA VAL B 568 7.88 -12.01 -66.54
C VAL B 568 7.70 -11.12 -67.77
N LEU B 569 8.33 -11.50 -68.89
CA LEU B 569 8.22 -10.72 -70.13
C LEU B 569 6.77 -10.55 -70.58
N ALA B 570 5.92 -11.56 -70.37
CA ALA B 570 4.53 -11.47 -70.79
C ALA B 570 3.59 -10.90 -69.73
N ASN B 571 3.64 -11.40 -68.47
CA ASN B 571 2.69 -10.99 -67.43
C ASN B 571 3.18 -9.79 -66.56
N ILE B 572 4.44 -9.37 -66.69
CA ILE B 572 4.96 -8.26 -65.87
C ILE B 572 5.44 -7.08 -66.74
N VAL B 573 6.27 -7.34 -67.76
CA VAL B 573 6.78 -6.29 -68.63
C VAL B 573 5.64 -5.72 -69.47
N GLY B 574 4.85 -6.60 -70.06
CA GLY B 574 3.73 -6.17 -70.89
C GLY B 574 3.99 -6.42 -72.36
N LYS B 575 4.62 -7.55 -72.67
CA LYS B 575 4.91 -7.92 -74.06
C LYS B 575 3.93 -8.97 -74.54
N PRO B 576 3.47 -8.86 -75.79
CA PRO B 576 2.52 -9.87 -76.31
C PRO B 576 3.21 -11.17 -76.60
N TYR B 577 2.47 -12.28 -76.50
CA TYR B 577 3.00 -13.62 -76.76
C TYR B 577 3.65 -13.73 -78.15
N SER B 578 3.23 -12.88 -79.10
CA SER B 578 3.76 -12.85 -80.46
C SER B 578 5.25 -12.48 -80.49
N GLN B 579 5.64 -11.38 -79.84
CA GLN B 579 7.05 -10.95 -79.82
C GLN B 579 7.93 -11.77 -78.88
N ILE B 580 7.41 -12.86 -78.32
CA ILE B 580 8.14 -13.68 -77.38
C ILE B 580 8.62 -14.96 -78.06
N PHE B 581 7.74 -15.63 -78.80
CA PHE B 581 8.08 -16.90 -79.41
C PHE B 581 8.46 -16.80 -80.91
N SER B 582 8.77 -15.59 -81.39
CA SER B 582 9.20 -15.41 -82.78
C SER B 582 10.60 -16.02 -82.92
N GLU B 583 10.67 -17.20 -83.55
CA GLU B 583 11.92 -17.95 -83.73
C GLU B 583 12.35 -18.53 -82.39
N PHE B 584 11.59 -19.51 -81.89
CA PHE B 584 11.89 -20.14 -80.61
C PHE B 584 12.53 -21.54 -80.82
N GLU B 585 13.38 -21.97 -79.88
CA GLU B 585 14.04 -23.29 -79.95
C GLU B 585 13.78 -24.12 -78.68
N PRO B 590 17.73 -30.28 -76.71
CA PRO B 590 17.26 -31.39 -75.88
C PRO B 590 18.42 -32.13 -75.18
N SER B 591 19.53 -31.43 -74.93
CA SER B 591 20.73 -31.97 -74.29
C SER B 591 20.51 -32.29 -72.80
N GLN B 592 21.40 -33.10 -72.20
CA GLN B 592 21.34 -33.42 -70.78
C GLN B 592 21.79 -32.21 -69.92
N ALA B 593 22.63 -31.32 -70.47
CA ALA B 593 23.09 -30.14 -69.75
C ALA B 593 22.21 -28.94 -70.03
N HIS B 594 22.06 -28.04 -69.05
CA HIS B 594 21.27 -26.84 -69.24
C HIS B 594 22.04 -25.81 -70.08
N GLY B 595 21.32 -24.97 -70.82
CA GLY B 595 21.94 -23.96 -71.66
C GLY B 595 21.20 -22.63 -71.63
N SER B 596 21.21 -21.90 -72.76
CA SER B 596 20.51 -20.62 -72.88
C SER B 596 19.18 -20.76 -73.65
N GLY B 597 19.07 -21.77 -74.51
CA GLY B 597 17.90 -22.03 -75.35
C GLY B 597 17.71 -20.91 -76.34
N ASP B 598 16.49 -20.38 -76.42
CA ASP B 598 16.24 -19.22 -77.26
C ASP B 598 16.90 -18.01 -76.60
N VAL B 599 17.42 -17.09 -77.39
CA VAL B 599 18.10 -15.92 -76.88
C VAL B 599 17.19 -14.96 -76.10
N LYS B 600 15.86 -15.11 -76.19
CA LYS B 600 14.91 -14.27 -75.45
C LYS B 600 15.17 -14.32 -73.92
N TYR B 601 15.74 -15.43 -73.44
CA TYR B 601 16.15 -15.62 -72.04
C TYR B 601 17.29 -14.68 -71.60
N HIS B 602 17.90 -13.94 -72.53
CA HIS B 602 18.98 -13.01 -72.28
C HIS B 602 18.56 -11.57 -72.57
N LEU B 603 17.74 -11.37 -73.61
CA LEU B 603 17.28 -10.08 -74.11
C LEU B 603 16.39 -9.34 -73.16
N GLY B 604 16.50 -8.01 -73.15
CA GLY B 604 15.69 -7.16 -72.30
C GLY B 604 14.77 -6.21 -73.04
N ALA B 605 13.45 -6.42 -72.93
CA ALA B 605 12.45 -5.58 -73.61
C ALA B 605 11.69 -4.66 -72.63
N THR B 606 11.11 -3.57 -73.13
CA THR B 606 10.37 -2.61 -72.29
C THR B 606 8.85 -2.66 -72.57
N GLY B 607 8.07 -2.16 -71.61
CA GLY B 607 6.61 -2.10 -71.68
C GLY B 607 6.02 -1.11 -70.69
N THR B 608 4.69 -1.07 -70.55
CA THR B 608 4.05 -0.12 -69.63
C THR B 608 3.04 -0.82 -68.71
N TYR B 609 2.98 -0.41 -67.44
CA TYR B 609 2.07 -0.96 -66.44
C TYR B 609 0.97 0.02 -66.05
N ILE B 610 -0.28 -0.42 -66.20
CA ILE B 610 -1.46 0.35 -65.84
C ILE B 610 -1.99 -0.16 -64.52
N GLN B 611 -2.16 0.74 -63.54
CA GLN B 611 -2.66 0.34 -62.23
C GLN B 611 -4.06 -0.23 -62.31
N MET B 612 -4.27 -1.41 -61.71
CA MET B 612 -5.58 -2.03 -61.74
C MET B 612 -6.55 -1.22 -60.91
N PHE B 613 -6.13 -0.78 -59.72
CA PHE B 613 -7.02 -0.02 -58.86
C PHE B 613 -6.59 1.44 -58.72
N GLY B 614 -5.30 1.73 -58.84
CA GLY B 614 -4.79 3.09 -58.72
C GLY B 614 -5.11 3.98 -59.89
N ASP B 615 -4.59 5.22 -59.87
CA ASP B 615 -4.89 6.17 -60.94
C ASP B 615 -3.66 6.58 -61.75
N ASN B 616 -2.59 5.79 -61.73
CA ASN B 616 -1.36 6.16 -62.45
C ASN B 616 -0.82 5.04 -63.34
N ASP B 617 0.07 5.39 -64.27
CA ASP B 617 0.71 4.43 -65.16
C ASP B 617 2.23 4.56 -65.03
N ILE B 618 2.94 3.44 -64.99
CA ILE B 618 4.39 3.46 -64.78
C ILE B 618 5.12 2.62 -65.82
N GLU B 619 6.37 2.98 -66.11
CA GLU B 619 7.19 2.26 -67.08
C GLU B 619 7.88 1.07 -66.46
N VAL B 620 7.90 -0.05 -67.18
CA VAL B 620 8.53 -1.28 -66.73
C VAL B 620 9.50 -1.75 -67.79
N SER B 621 10.80 -1.71 -67.53
CA SER B 621 11.80 -2.19 -68.51
C SER B 621 12.62 -3.34 -67.93
N LEU B 622 13.16 -4.19 -68.81
CA LEU B 622 13.98 -5.33 -68.43
C LEU B 622 15.39 -5.16 -69.03
N THR B 623 16.45 -5.62 -68.32
CA THR B 623 17.80 -5.46 -68.86
C THR B 623 18.44 -6.81 -69.22
N ALA B 624 19.37 -6.76 -70.18
CA ALA B 624 20.07 -7.93 -70.68
C ALA B 624 21.12 -8.43 -69.70
N ASN B 625 21.26 -9.75 -69.59
CA ASN B 625 22.22 -10.38 -68.70
C ASN B 625 22.72 -11.71 -69.26
N PRO B 626 23.96 -12.12 -68.94
CA PRO B 626 24.46 -13.41 -69.43
C PRO B 626 24.08 -14.56 -68.46
N SER B 627 24.58 -15.80 -68.73
CA SER B 627 24.27 -16.95 -67.87
C SER B 627 24.97 -16.87 -66.49
N HIS B 628 25.95 -15.97 -66.33
CA HIS B 628 26.66 -15.78 -65.07
C HIS B 628 25.72 -15.15 -64.08
N LEU B 629 25.34 -15.91 -63.08
CA LEU B 629 24.44 -15.48 -62.03
C LEU B 629 25.01 -14.25 -61.31
N GLU B 630 24.10 -13.31 -60.94
CA GLU B 630 24.36 -12.05 -60.22
C GLU B 630 25.38 -11.13 -60.92
N ALA B 631 25.78 -11.42 -62.17
CA ALA B 631 26.73 -10.58 -62.89
C ALA B 631 26.08 -9.25 -63.33
N VAL B 632 24.77 -9.26 -63.58
CA VAL B 632 24.00 -8.09 -64.00
C VAL B 632 23.76 -7.10 -62.85
N ASP B 633 23.89 -7.54 -61.58
CA ASP B 633 23.64 -6.71 -60.40
C ASP B 633 24.29 -5.30 -60.48
N PRO B 634 25.60 -5.14 -60.76
CA PRO B 634 26.16 -3.77 -60.83
C PRO B 634 25.76 -3.01 -62.12
N VAL B 635 25.41 -3.75 -63.17
CA VAL B 635 24.98 -3.21 -64.46
C VAL B 635 23.61 -2.55 -64.31
N LEU B 636 22.69 -3.20 -63.56
CA LEU B 636 21.35 -2.66 -63.32
C LEU B 636 21.42 -1.39 -62.50
N GLU B 637 22.23 -1.38 -61.42
CA GLU B 637 22.36 -0.19 -60.58
C GLU B 637 23.05 0.97 -61.34
N GLY B 638 23.83 0.66 -62.39
CA GLY B 638 24.43 1.69 -63.23
C GLY B 638 23.43 2.28 -64.21
N LEU B 639 22.50 1.44 -64.71
CA LEU B 639 21.43 1.80 -65.66
C LEU B 639 20.39 2.69 -64.97
N VAL B 640 20.01 2.34 -63.74
CA VAL B 640 19.06 3.08 -62.91
C VAL B 640 19.63 4.48 -62.62
N ARG B 641 20.93 4.56 -62.30
CA ARG B 641 21.59 5.83 -62.01
C ARG B 641 21.70 6.69 -63.27
N ALA B 642 21.92 6.06 -64.44
CA ALA B 642 22.00 6.79 -65.70
C ALA B 642 20.70 7.50 -66.03
N LYS B 643 19.57 6.83 -65.77
CA LYS B 643 18.23 7.38 -66.03
C LYS B 643 17.86 8.42 -65.00
N GLN B 644 18.22 8.23 -63.72
CA GLN B 644 17.92 9.21 -62.67
C GLN B 644 18.57 10.55 -62.98
N ASP B 645 19.89 10.54 -63.25
CA ASP B 645 20.68 11.74 -63.57
C ASP B 645 20.10 12.48 -64.78
N LEU B 646 19.60 11.72 -65.76
CA LEU B 646 18.99 12.27 -66.96
C LEU B 646 17.74 13.08 -66.64
N LEU B 647 16.97 12.65 -65.63
CA LEU B 647 15.72 13.30 -65.28
C LEU B 647 15.84 14.50 -64.35
N ASP B 648 17.07 14.99 -64.04
CA ASP B 648 17.27 16.09 -63.08
C ASP B 648 16.64 15.72 -61.70
N THR B 649 16.73 14.40 -61.34
CA THR B 649 16.20 13.80 -60.12
C THR B 649 17.23 12.83 -59.47
N GLY B 650 16.98 12.44 -58.22
CA GLY B 650 17.88 11.54 -57.51
C GLY B 650 19.07 12.32 -56.98
N GLU B 651 20.28 11.78 -57.14
CA GLU B 651 21.47 12.44 -56.64
C GLU B 651 21.81 13.72 -57.42
N GLU B 652 21.98 13.63 -58.76
CA GLU B 652 22.33 14.78 -59.60
C GLU B 652 21.09 15.51 -60.12
N GLY B 653 20.36 16.14 -59.20
CA GLY B 653 19.15 16.88 -59.57
C GLY B 653 18.57 17.74 -58.47
N SER B 654 17.79 18.76 -58.86
CA SER B 654 17.14 19.69 -57.94
C SER B 654 16.05 18.98 -57.11
N ASP B 655 15.36 18.01 -57.71
CA ASP B 655 14.32 17.24 -57.02
C ASP B 655 14.78 15.80 -56.79
N ASN B 656 15.47 15.55 -55.65
CA ASN B 656 15.98 14.24 -55.28
C ASN B 656 14.88 13.24 -54.88
N ARG B 657 14.20 12.68 -55.88
CA ARG B 657 13.10 11.75 -55.68
C ARG B 657 13.57 10.32 -55.87
N PHE B 658 14.42 10.08 -56.88
CA PHE B 658 14.89 8.75 -57.26
C PHE B 658 13.71 8.02 -57.83
N SER B 659 13.20 8.52 -58.96
CA SER B 659 12.02 7.95 -59.59
C SER B 659 12.27 6.64 -60.36
N VAL B 660 13.53 6.20 -60.48
CA VAL B 660 13.84 4.94 -61.14
C VAL B 660 14.16 3.92 -60.05
N VAL B 661 13.42 2.82 -59.99
CA VAL B 661 13.57 1.82 -58.93
C VAL B 661 14.12 0.49 -59.44
N PRO B 662 15.25 0.02 -58.89
CA PRO B 662 15.83 -1.24 -59.35
C PRO B 662 15.19 -2.47 -58.71
N LEU B 663 14.40 -3.23 -59.48
CA LEU B 663 13.80 -4.46 -59.01
C LEU B 663 14.72 -5.62 -59.38
N MET B 664 15.55 -6.05 -58.46
CA MET B 664 16.53 -7.09 -58.72
C MET B 664 16.13 -8.44 -58.14
N LEU B 665 15.98 -9.45 -58.99
CA LEU B 665 15.62 -10.78 -58.53
C LEU B 665 16.86 -11.70 -58.54
N HIS B 666 16.91 -12.70 -57.65
CA HIS B 666 18.11 -13.56 -57.54
C HIS B 666 17.77 -15.02 -57.19
N GLY B 667 18.71 -15.93 -57.41
CA GLY B 667 18.55 -17.32 -57.00
C GLY B 667 18.83 -17.49 -55.52
N ASP B 668 18.40 -18.61 -54.90
CA ASP B 668 18.59 -18.79 -53.45
C ASP B 668 20.08 -18.93 -53.10
N ALA B 669 20.79 -19.89 -53.71
CA ALA B 669 22.20 -20.10 -53.43
C ALA B 669 23.09 -19.01 -54.08
N ALA B 670 22.59 -18.33 -55.13
CA ALA B 670 23.33 -17.29 -55.83
C ALA B 670 23.51 -16.01 -55.02
N PHE B 671 22.67 -15.78 -54.01
CA PHE B 671 22.77 -14.57 -53.21
C PHE B 671 23.93 -14.67 -52.20
N ALA B 672 24.00 -15.76 -51.42
CA ALA B 672 25.10 -15.94 -50.48
C ALA B 672 26.39 -16.37 -51.19
N GLY B 673 26.26 -17.08 -52.31
CA GLY B 673 27.38 -17.58 -53.09
C GLY B 673 28.27 -16.54 -53.76
N GLN B 674 27.73 -15.79 -54.74
CA GLN B 674 28.52 -14.82 -55.50
C GLN B 674 29.07 -13.67 -54.67
N GLY B 675 30.25 -13.21 -55.07
CA GLY B 675 30.97 -12.14 -54.40
C GLY B 675 30.60 -10.75 -54.90
N VAL B 676 30.13 -10.66 -56.16
CA VAL B 676 29.67 -9.42 -56.77
C VAL B 676 28.57 -8.76 -55.90
N VAL B 677 27.74 -9.61 -55.25
CA VAL B 677 26.65 -9.30 -54.33
C VAL B 677 27.10 -8.28 -53.27
N ALA B 678 28.30 -8.43 -52.74
CA ALA B 678 28.82 -7.51 -51.74
C ALA B 678 29.26 -6.19 -52.36
N GLU B 679 29.99 -6.22 -53.49
CA GLU B 679 30.45 -5.00 -54.15
C GLU B 679 29.29 -4.12 -54.57
N THR B 680 28.20 -4.74 -55.05
CA THR B 680 27.01 -4.06 -55.50
C THR B 680 26.31 -3.37 -54.33
N LEU B 681 26.25 -4.03 -53.16
CA LEU B 681 25.65 -3.43 -51.96
C LEU B 681 26.47 -2.24 -51.47
N ASN B 682 27.80 -2.30 -51.62
CA ASN B 682 28.68 -1.23 -51.22
C ASN B 682 28.43 0.03 -52.05
N LEU B 683 28.14 -0.13 -53.35
CA LEU B 683 27.87 1.02 -54.21
C LEU B 683 26.40 1.43 -54.22
N ALA B 684 25.55 0.85 -53.35
CA ALA B 684 24.13 1.20 -53.34
C ALA B 684 23.86 2.57 -52.67
N LEU B 685 24.84 3.14 -51.95
CA LEU B 685 24.65 4.43 -51.28
C LEU B 685 25.93 5.32 -51.28
N LEU B 686 26.68 5.34 -52.40
CA LEU B 686 27.88 6.20 -52.47
C LEU B 686 27.55 7.55 -53.13
N ARG B 687 28.40 8.58 -52.89
CA ARG B 687 28.22 9.94 -53.40
C ARG B 687 27.82 10.01 -54.88
N GLY B 688 28.52 9.25 -55.72
CA GLY B 688 28.23 9.24 -57.15
C GLY B 688 27.83 7.88 -57.70
N TYR B 689 27.29 7.01 -56.84
CA TYR B 689 26.86 5.68 -57.25
C TYR B 689 25.48 5.30 -56.70
N ARG B 690 25.00 6.01 -55.67
CA ARG B 690 23.74 5.69 -55.03
C ARG B 690 22.55 5.68 -55.98
N THR B 691 21.65 4.76 -55.71
CA THR B 691 20.37 4.61 -56.39
C THR B 691 19.18 4.92 -55.42
N GLY B 692 19.46 5.33 -54.19
CA GLY B 692 18.46 5.67 -53.18
C GLY B 692 17.60 4.48 -52.80
N GLY B 693 18.23 3.33 -52.65
CA GLY B 693 17.50 2.11 -52.32
C GLY B 693 17.27 1.23 -53.51
N THR B 694 17.08 -0.08 -53.28
CA THR B 694 16.88 -1.09 -54.32
C THR B 694 16.01 -2.20 -53.76
N ILE B 695 15.03 -2.68 -54.53
CA ILE B 695 14.17 -3.77 -54.05
C ILE B 695 14.74 -5.09 -54.51
N HIS B 696 15.16 -5.94 -53.57
CA HIS B 696 15.75 -7.23 -53.90
C HIS B 696 14.83 -8.38 -53.57
N ILE B 697 14.39 -9.14 -54.58
CA ILE B 697 13.52 -10.27 -54.35
C ILE B 697 14.26 -11.56 -54.63
N VAL B 698 14.80 -12.19 -53.58
CA VAL B 698 15.49 -13.46 -53.73
C VAL B 698 14.45 -14.55 -53.77
N VAL B 699 14.47 -15.38 -54.81
CA VAL B 699 13.51 -16.45 -54.94
C VAL B 699 14.15 -17.73 -54.42
N ASN B 700 14.05 -17.93 -53.11
CA ASN B 700 14.64 -19.10 -52.46
C ASN B 700 13.91 -20.37 -52.83
N ASN B 701 14.44 -21.13 -53.80
CA ASN B 701 13.83 -22.42 -54.15
C ASN B 701 14.32 -23.56 -53.23
N GLN B 702 15.15 -23.25 -52.21
CA GLN B 702 15.69 -24.17 -51.21
C GLN B 702 16.51 -25.28 -51.87
N ILE B 703 17.26 -24.95 -52.93
CA ILE B 703 18.13 -25.85 -53.70
C ILE B 703 18.85 -25.05 -54.82
N GLY B 704 19.91 -25.61 -55.38
CA GLY B 704 20.67 -25.02 -56.46
C GLY B 704 21.23 -26.12 -57.34
N PHE B 705 20.43 -26.58 -58.31
CA PHE B 705 20.75 -27.69 -59.21
C PHE B 705 20.71 -29.01 -58.38
N THR B 706 21.81 -29.39 -57.70
CA THR B 706 21.90 -30.54 -56.81
C THR B 706 22.69 -30.20 -55.51
N THR B 707 23.31 -28.98 -55.44
CA THR B 707 24.04 -28.50 -54.27
C THR B 707 23.02 -28.13 -53.21
N ALA B 708 23.10 -28.76 -52.03
CA ALA B 708 22.17 -28.46 -50.95
C ALA B 708 22.38 -27.03 -50.44
N PRO B 709 21.31 -26.34 -50.01
CA PRO B 709 21.49 -24.96 -49.52
C PRO B 709 22.42 -24.88 -48.32
N THR B 710 22.54 -25.99 -47.56
CA THR B 710 23.40 -26.11 -46.39
C THR B 710 24.87 -25.98 -46.80
N ASP B 711 25.24 -26.59 -47.93
CA ASP B 711 26.60 -26.56 -48.43
C ASP B 711 26.91 -25.31 -49.28
N SER B 712 25.91 -24.44 -49.54
CA SER B 712 26.09 -23.25 -50.37
C SER B 712 26.19 -21.94 -49.56
N ARG B 713 26.04 -21.99 -48.22
CA ARG B 713 26.11 -20.78 -47.41
C ARG B 713 26.51 -21.08 -45.97
N SER B 714 27.25 -20.17 -45.34
CA SER B 714 27.64 -20.32 -43.95
C SER B 714 26.79 -19.41 -43.04
N SER B 715 25.51 -19.24 -43.38
CA SER B 715 24.59 -18.39 -42.60
C SER B 715 23.19 -19.04 -42.50
N GLU B 716 22.36 -18.56 -41.54
CA GLU B 716 21.00 -19.07 -41.34
C GLU B 716 20.18 -18.78 -42.59
N TYR B 717 20.23 -17.53 -43.05
CA TYR B 717 19.55 -17.11 -44.24
C TYR B 717 20.55 -16.86 -45.35
N CYS B 718 20.11 -16.97 -46.59
CA CYS B 718 20.95 -16.70 -47.75
C CYS B 718 21.25 -15.19 -47.82
N THR B 719 20.22 -14.39 -47.55
CA THR B 719 20.20 -12.94 -47.57
C THR B 719 21.01 -12.27 -46.45
N ASP B 720 21.65 -13.04 -45.55
CA ASP B 720 22.42 -12.47 -44.45
C ASP B 720 23.56 -11.54 -44.92
N VAL B 721 23.91 -11.59 -46.21
CA VAL B 721 24.90 -10.73 -46.84
C VAL B 721 24.39 -9.26 -46.87
N ALA B 722 23.07 -9.07 -47.05
CA ALA B 722 22.43 -7.75 -47.09
C ALA B 722 22.60 -6.97 -45.80
N LYS B 723 22.74 -7.64 -44.66
CA LYS B 723 22.90 -6.95 -43.39
C LYS B 723 24.20 -6.13 -43.31
N MET B 724 25.04 -6.13 -44.37
CA MET B 724 26.22 -5.30 -44.48
C MET B 724 25.84 -3.81 -44.43
N ILE B 725 24.74 -3.44 -45.09
CA ILE B 725 24.30 -2.06 -45.14
C ILE B 725 23.06 -1.76 -44.30
N GLY B 726 22.69 -2.65 -43.39
CA GLY B 726 21.52 -2.45 -42.54
C GLY B 726 20.21 -2.62 -43.27
N ALA B 727 20.20 -3.50 -44.26
CA ALA B 727 19.02 -3.74 -45.06
C ALA B 727 18.02 -4.65 -44.34
N PRO B 728 16.79 -4.16 -44.12
CA PRO B 728 15.77 -5.01 -43.48
C PRO B 728 15.41 -6.24 -44.32
N ILE B 729 15.38 -7.41 -43.70
CA ILE B 729 15.07 -8.65 -44.40
C ILE B 729 13.71 -9.21 -43.99
N PHE B 730 12.82 -9.48 -44.95
CA PHE B 730 11.51 -10.05 -44.65
C PHE B 730 11.38 -11.40 -45.26
N HIS B 731 11.66 -12.44 -44.48
CA HIS B 731 11.57 -13.81 -44.97
C HIS B 731 10.09 -14.20 -45.07
N VAL B 732 9.48 -14.15 -46.27
CA VAL B 732 8.05 -14.43 -46.44
C VAL B 732 7.78 -15.80 -47.11
N ASN B 733 6.67 -16.48 -46.72
CA ASN B 733 6.30 -17.78 -47.28
C ASN B 733 5.72 -17.63 -48.69
N GLY B 734 6.32 -18.33 -49.65
CA GLY B 734 5.91 -18.29 -51.06
C GLY B 734 4.64 -19.03 -51.42
N ASP B 735 3.92 -19.51 -50.40
CA ASP B 735 2.65 -20.19 -50.60
C ASP B 735 1.49 -19.22 -50.35
N ASP B 736 1.65 -18.30 -49.38
CA ASP B 736 0.63 -17.30 -49.05
C ASP B 736 0.83 -16.07 -49.93
N PRO B 737 -0.05 -15.91 -50.94
CA PRO B 737 0.12 -14.78 -51.87
C PRO B 737 -0.21 -13.45 -51.23
N GLU B 738 -1.25 -13.41 -50.40
CA GLU B 738 -1.65 -12.19 -49.71
C GLU B 738 -0.52 -11.62 -48.85
N ALA B 739 0.28 -12.52 -48.26
CA ALA B 739 1.42 -12.13 -47.45
C ALA B 739 2.52 -11.57 -48.34
N CYS B 740 2.80 -12.23 -49.47
CA CYS B 740 3.82 -11.82 -50.42
C CYS B 740 3.55 -10.42 -50.94
N ALA B 741 2.28 -10.09 -51.19
CA ALA B 741 1.91 -8.78 -51.69
C ALA B 741 2.14 -7.72 -50.61
N TRP B 742 1.75 -8.01 -49.36
CA TRP B 742 1.93 -7.07 -48.25
C TRP B 742 3.41 -6.80 -48.04
N VAL B 743 4.23 -7.85 -48.01
CA VAL B 743 5.67 -7.75 -47.82
C VAL B 743 6.28 -6.91 -48.94
N ALA B 744 5.88 -7.18 -50.18
CA ALA B 744 6.40 -6.46 -51.33
C ALA B 744 6.01 -4.98 -51.27
N ARG B 745 4.75 -4.69 -50.97
CA ARG B 745 4.28 -3.31 -50.92
C ARG B 745 4.95 -2.56 -49.77
N LEU B 746 5.17 -3.22 -48.63
CA LEU B 746 5.83 -2.62 -47.48
C LEU B 746 7.29 -2.27 -47.78
N ALA B 747 7.95 -3.10 -48.60
CA ALA B 747 9.34 -2.85 -48.99
C ALA B 747 9.44 -1.56 -49.78
N VAL B 748 8.44 -1.30 -50.65
CA VAL B 748 8.37 -0.08 -51.46
C VAL B 748 8.23 1.15 -50.54
N ASP B 749 7.42 1.04 -49.49
CA ASP B 749 7.23 2.12 -48.53
C ASP B 749 8.54 2.44 -47.83
N PHE B 750 9.28 1.40 -47.40
CA PHE B 750 10.56 1.57 -46.72
C PHE B 750 11.56 2.24 -47.66
N ARG B 751 11.68 1.73 -48.90
CA ARG B 751 12.60 2.26 -49.90
C ARG B 751 12.30 3.74 -50.19
N GLN B 752 11.02 4.10 -50.22
CA GLN B 752 10.65 5.49 -50.47
C GLN B 752 10.83 6.37 -49.23
N ALA B 753 10.78 5.80 -48.03
CA ALA B 753 10.92 6.55 -46.81
C ALA B 753 12.38 6.78 -46.40
N PHE B 754 13.23 5.75 -46.52
CA PHE B 754 14.62 5.86 -46.04
C PHE B 754 15.69 5.81 -47.14
N LYS B 755 15.30 5.46 -48.38
CA LYS B 755 16.21 5.35 -49.52
C LYS B 755 17.32 4.35 -49.23
N LYS B 756 16.92 3.17 -48.74
CA LYS B 756 17.79 2.06 -48.38
C LYS B 756 17.31 0.76 -49.03
N ASP B 757 18.26 -0.10 -49.44
CA ASP B 757 17.95 -1.39 -50.07
C ASP B 757 17.13 -2.26 -49.10
N VAL B 758 16.16 -3.01 -49.62
CA VAL B 758 15.29 -3.90 -48.83
C VAL B 758 15.33 -5.30 -49.44
N VAL B 759 15.41 -6.37 -48.62
CA VAL B 759 15.47 -7.73 -49.17
C VAL B 759 14.27 -8.59 -48.74
N ILE B 760 13.60 -9.18 -49.73
CA ILE B 760 12.45 -10.04 -49.53
C ILE B 760 12.83 -11.48 -49.87
N ASP B 761 12.96 -12.35 -48.86
CA ASP B 761 13.31 -13.74 -49.11
C ASP B 761 12.04 -14.57 -49.36
N MET B 762 11.77 -14.92 -50.62
CA MET B 762 10.59 -15.72 -50.93
C MET B 762 10.91 -17.19 -50.88
N LEU B 763 10.55 -17.84 -49.77
CA LEU B 763 10.77 -19.25 -49.57
C LEU B 763 9.74 -20.07 -50.31
N CYS B 764 10.17 -20.75 -51.37
CA CYS B 764 9.33 -21.57 -52.24
C CYS B 764 10.00 -22.93 -52.51
N TYR B 765 9.54 -23.66 -53.54
CA TYR B 765 10.11 -24.96 -53.87
C TYR B 765 10.29 -25.08 -55.37
N ARG B 766 11.32 -25.81 -55.79
CA ARG B 766 11.54 -26.07 -57.20
C ARG B 766 10.79 -27.34 -57.55
N ARG B 767 9.86 -27.27 -58.50
CA ARG B 767 9.00 -28.39 -58.87
C ARG B 767 9.74 -29.54 -59.56
N ARG B 768 10.54 -29.21 -60.58
CA ARG B 768 11.26 -30.22 -61.35
C ARG B 768 12.77 -29.89 -61.40
N GLY B 769 13.60 -30.87 -61.75
CA GLY B 769 15.04 -30.67 -61.88
C GLY B 769 15.42 -29.79 -63.06
N HIS B 770 16.70 -29.41 -63.18
CA HIS B 770 17.13 -28.54 -64.27
C HIS B 770 17.22 -29.28 -65.62
N ASN B 771 17.35 -30.62 -65.59
CA ASN B 771 17.36 -31.40 -66.83
C ASN B 771 15.98 -32.06 -67.02
N GLU B 772 15.57 -32.35 -68.27
CA GLU B 772 14.26 -32.98 -68.51
C GLU B 772 14.23 -34.43 -67.94
N GLY B 773 15.35 -35.12 -68.06
CA GLY B 773 15.52 -36.46 -67.52
C GLY B 773 16.31 -36.42 -66.22
N ASP B 774 15.99 -35.43 -65.38
CA ASP B 774 16.64 -35.25 -64.09
C ASP B 774 15.63 -35.34 -62.98
N ASP B 775 15.80 -36.35 -62.15
CA ASP B 775 15.00 -36.57 -60.96
C ASP B 775 15.94 -36.25 -59.82
N PRO B 776 16.02 -34.99 -59.35
CA PRO B 776 16.99 -34.68 -58.28
C PRO B 776 16.70 -35.37 -56.95
N SER B 777 15.74 -36.33 -56.92
CA SER B 777 15.48 -37.18 -55.76
C SER B 777 16.67 -38.16 -55.48
N MET B 778 17.67 -38.20 -56.39
CA MET B 778 18.89 -38.97 -56.21
C MET B 778 19.71 -38.31 -55.10
N THR B 779 19.81 -36.95 -55.15
CA THR B 779 20.55 -36.10 -54.21
C THR B 779 19.69 -35.70 -52.97
N GLN B 780 18.47 -35.19 -53.16
CA GLN B 780 17.62 -34.81 -52.02
C GLN B 780 16.31 -35.55 -52.09
N PRO B 781 16.27 -36.80 -51.57
CA PRO B 781 15.04 -37.58 -51.67
C PRO B 781 13.95 -37.05 -50.72
N TYR B 782 14.32 -36.65 -49.51
CA TYR B 782 13.36 -36.15 -48.55
C TYR B 782 12.72 -34.86 -49.06
N MET B 783 13.53 -33.94 -49.61
CA MET B 783 12.99 -32.67 -50.11
C MET B 783 12.00 -32.90 -51.24
N TYR B 784 12.38 -33.74 -52.22
CA TYR B 784 11.51 -33.97 -53.36
C TYR B 784 10.35 -34.91 -53.04
N ASP B 785 10.39 -35.64 -51.91
CA ASP B 785 9.24 -36.45 -51.49
C ASP B 785 8.08 -35.55 -51.03
N VAL B 786 8.42 -34.40 -50.43
CA VAL B 786 7.46 -33.43 -49.96
C VAL B 786 6.85 -32.69 -51.15
N ILE B 787 7.68 -32.21 -52.07
CA ILE B 787 7.24 -31.49 -53.27
C ILE B 787 6.32 -32.38 -54.12
N ASP B 788 6.52 -33.72 -54.11
CA ASP B 788 5.67 -34.67 -54.83
C ASP B 788 4.20 -34.54 -54.40
N THR B 789 3.98 -34.33 -53.10
CA THR B 789 2.66 -34.23 -52.53
C THR B 789 2.19 -32.79 -52.32
N LYS B 790 2.80 -31.83 -53.00
CA LYS B 790 2.44 -30.42 -52.85
C LYS B 790 1.39 -29.99 -53.89
N ARG B 791 0.67 -28.92 -53.60
CA ARG B 791 -0.31 -28.39 -54.53
C ARG B 791 0.17 -27.04 -55.08
N GLY B 792 -0.20 -26.74 -56.33
CA GLY B 792 0.18 -25.49 -57.00
C GLY B 792 -0.25 -24.26 -56.22
N SER B 793 0.68 -23.29 -56.04
CA SER B 793 0.45 -22.07 -55.26
C SER B 793 -0.71 -21.19 -55.78
N ARG B 794 -1.33 -21.55 -56.90
CA ARG B 794 -2.48 -20.84 -57.43
C ARG B 794 -3.75 -21.62 -57.05
N LYS B 795 -3.73 -22.95 -57.24
CA LYS B 795 -4.88 -23.79 -56.95
C LYS B 795 -5.12 -23.91 -55.44
N ALA B 796 -4.05 -23.94 -54.66
CA ALA B 796 -4.17 -24.03 -53.21
C ALA B 796 -4.78 -22.76 -52.65
N TYR B 797 -4.35 -21.60 -53.17
CA TYR B 797 -4.89 -20.30 -52.75
C TYR B 797 -6.39 -20.18 -53.14
N THR B 798 -6.80 -20.83 -54.24
CA THR B 798 -8.18 -20.84 -54.71
C THR B 798 -9.06 -21.54 -53.69
N GLU B 799 -8.61 -22.69 -53.18
CA GLU B 799 -9.37 -23.43 -52.18
C GLU B 799 -9.46 -22.68 -50.87
N ALA B 800 -8.39 -21.98 -50.50
CA ALA B 800 -8.32 -21.21 -49.28
C ALA B 800 -9.34 -20.09 -49.26
N LEU B 801 -9.56 -19.43 -50.40
CA LEU B 801 -10.54 -18.35 -50.48
C LEU B 801 -11.98 -18.90 -50.34
N ILE B 802 -12.23 -20.13 -50.82
CA ILE B 802 -13.55 -20.76 -50.71
C ILE B 802 -13.78 -21.21 -49.27
N GLY B 803 -12.76 -21.85 -48.69
CA GLY B 803 -12.80 -22.35 -47.32
C GLY B 803 -12.98 -21.28 -46.28
N ARG B 804 -12.34 -20.12 -46.50
CA ARG B 804 -12.47 -19.00 -45.57
C ARG B 804 -13.75 -18.16 -45.79
N GLY B 805 -14.57 -18.52 -46.77
CA GLY B 805 -15.79 -17.78 -47.07
C GLY B 805 -15.57 -16.46 -47.78
N ASP B 806 -14.35 -16.23 -48.31
CA ASP B 806 -14.02 -15.01 -49.04
C ASP B 806 -14.72 -15.00 -50.40
N ILE B 807 -14.77 -16.17 -51.06
CA ILE B 807 -15.44 -16.30 -52.36
C ILE B 807 -16.43 -17.48 -52.34
N SER B 808 -17.39 -17.45 -53.28
CA SER B 808 -18.42 -18.46 -53.44
C SER B 808 -18.11 -19.43 -54.61
N MET B 809 -19.01 -20.37 -54.91
CA MET B 809 -18.82 -21.26 -56.05
C MET B 809 -19.04 -20.53 -57.38
N LYS B 810 -19.81 -19.42 -57.37
CA LYS B 810 -19.96 -18.60 -58.57
C LYS B 810 -18.64 -17.88 -58.83
N GLU B 811 -18.01 -17.36 -57.77
CA GLU B 811 -16.70 -16.70 -57.87
C GLU B 811 -15.61 -17.74 -58.24
N ALA B 812 -15.77 -19.01 -57.81
CA ALA B 812 -14.87 -20.12 -58.17
C ALA B 812 -14.98 -20.46 -59.67
N GLU B 813 -16.15 -20.22 -60.26
CA GLU B 813 -16.36 -20.42 -61.68
C GLU B 813 -15.81 -19.24 -62.46
N ASP B 814 -15.92 -18.01 -61.92
CA ASP B 814 -15.34 -16.80 -62.53
C ASP B 814 -13.81 -16.93 -62.64
N ALA B 815 -13.18 -17.55 -61.63
CA ALA B 815 -11.75 -17.74 -61.59
C ALA B 815 -11.32 -18.93 -62.45
N LEU B 816 -12.11 -20.02 -62.46
CA LEU B 816 -11.78 -21.19 -63.25
C LEU B 816 -11.97 -20.95 -64.74
N ARG B 817 -12.96 -20.14 -65.11
CA ARG B 817 -13.17 -19.78 -66.50
C ARG B 817 -12.04 -18.86 -66.95
N ASP B 818 -11.56 -17.97 -66.08
CA ASP B 818 -10.45 -17.06 -66.39
C ASP B 818 -9.17 -17.86 -66.60
N TYR B 819 -8.98 -18.97 -65.86
CA TYR B 819 -7.78 -19.81 -66.01
C TYR B 819 -7.77 -20.44 -67.40
N GLN B 820 -8.88 -21.03 -67.83
CA GLN B 820 -8.96 -21.63 -69.17
C GLN B 820 -8.93 -20.59 -70.27
N GLY B 821 -9.55 -19.44 -70.02
CA GLY B 821 -9.61 -18.32 -70.95
C GLY B 821 -8.27 -17.70 -71.24
N GLN B 822 -7.33 -17.80 -70.29
CA GLN B 822 -5.98 -17.29 -70.46
C GLN B 822 -5.03 -18.40 -70.95
N LEU B 823 -5.36 -19.68 -70.70
CA LEU B 823 -4.57 -20.84 -71.13
C LEU B 823 -4.80 -21.08 -72.63
N GLU B 824 -6.05 -21.00 -73.06
CA GLU B 824 -6.41 -21.15 -74.47
C GLU B 824 -5.86 -19.95 -75.27
N ARG B 825 -5.92 -18.75 -74.68
CA ARG B 825 -5.46 -17.48 -75.22
C ARG B 825 -4.04 -17.55 -75.80
N VAL B 826 -3.09 -18.15 -75.08
CA VAL B 826 -1.70 -18.23 -75.55
C VAL B 826 -1.50 -19.46 -76.47
N PHE B 827 -2.19 -20.57 -76.22
CA PHE B 827 -2.04 -21.78 -77.05
C PHE B 827 -2.54 -21.57 -78.47
N ASN B 828 -3.63 -20.82 -78.61
CA ASN B 828 -4.20 -20.57 -79.93
C ASN B 828 -3.48 -19.42 -80.63
N GLU B 829 -2.99 -18.40 -79.89
CA GLU B 829 -2.25 -17.30 -80.50
C GLU B 829 -0.92 -17.80 -81.08
N VAL B 830 -0.29 -18.78 -80.42
CA VAL B 830 0.99 -19.34 -80.86
C VAL B 830 0.74 -20.29 -82.04
N ARG B 831 -0.30 -21.12 -81.99
CA ARG B 831 -0.62 -22.04 -83.09
C ARG B 831 -0.95 -21.29 -84.38
N GLU B 832 -1.52 -20.08 -84.27
CA GLU B 832 -1.87 -19.23 -85.41
C GLU B 832 -0.63 -18.51 -85.94
N LEU B 833 0.22 -18.00 -85.03
CA LEU B 833 1.45 -17.31 -85.42
C LEU B 833 2.54 -18.27 -85.98
N GLU B 834 2.41 -19.58 -85.71
CA GLU B 834 3.35 -20.59 -86.22
C GLU B 834 3.10 -20.86 -87.70
N LYS B 835 1.82 -20.89 -88.10
CA LYS B 835 1.42 -21.11 -89.49
C LYS B 835 1.88 -19.97 -90.40
N HIS B 836 2.02 -18.74 -89.86
CA HIS B 836 2.47 -17.61 -90.66
C HIS B 836 3.97 -17.40 -90.52
N GLU B 837 4.72 -18.45 -90.87
CA GLU B 837 6.18 -18.46 -90.80
C GLU B 837 6.78 -19.40 -91.87
N LEU B 854 33.09 14.12 -89.55
CA LEU B 854 33.09 14.60 -88.16
C LEU B 854 34.38 15.39 -87.84
N ALA B 855 34.25 16.56 -87.18
CA ALA B 855 35.40 17.42 -86.84
C ALA B 855 35.96 17.12 -85.45
N THR B 856 37.14 16.47 -85.38
CA THR B 856 37.72 16.09 -84.10
C THR B 856 38.64 17.14 -83.49
N ALA B 857 38.58 18.40 -83.93
CA ALA B 857 39.44 19.44 -83.37
C ALA B 857 38.69 20.73 -83.02
N VAL B 858 39.24 21.53 -82.10
CA VAL B 858 38.66 22.81 -81.66
C VAL B 858 39.65 23.95 -81.88
N ASP B 859 39.14 25.20 -81.94
CA ASP B 859 39.98 26.38 -82.11
C ASP B 859 40.79 26.68 -80.82
N LYS B 860 41.83 27.51 -80.93
CA LYS B 860 42.68 27.83 -79.79
C LYS B 860 41.96 28.67 -78.72
N ALA B 861 40.89 29.38 -79.08
CA ALA B 861 40.13 30.17 -78.09
C ALA B 861 39.39 29.27 -77.10
N MET B 862 38.96 28.07 -77.55
CA MET B 862 38.31 27.07 -76.70
C MET B 862 39.32 26.53 -75.69
N LEU B 863 40.55 26.26 -76.14
CA LEU B 863 41.66 25.79 -75.31
C LEU B 863 42.00 26.83 -74.26
N GLN B 864 41.99 28.12 -74.64
CA GLN B 864 42.27 29.23 -73.74
C GLN B 864 41.16 29.45 -72.69
N ARG B 865 39.94 28.95 -72.95
CA ARG B 865 38.86 29.02 -71.99
C ARG B 865 39.10 27.97 -70.90
N ILE B 866 39.54 26.75 -71.30
CA ILE B 866 39.85 25.63 -70.39
C ILE B 866 41.12 25.96 -69.57
N GLY B 867 42.10 26.59 -70.20
CA GLY B 867 43.34 27.00 -69.55
C GLY B 867 43.15 28.09 -68.50
N ASP B 868 42.09 28.88 -68.64
CA ASP B 868 41.76 29.94 -67.69
C ASP B 868 40.85 29.44 -66.57
N ALA B 869 40.09 28.36 -66.82
CA ALA B 869 39.21 27.74 -65.82
C ALA B 869 40.00 27.18 -64.64
N HIS B 870 41.25 26.78 -64.86
CA HIS B 870 42.12 26.29 -63.78
C HIS B 870 42.51 27.44 -62.81
N LEU B 871 42.44 28.70 -63.26
CA LEU B 871 42.72 29.84 -62.40
C LEU B 871 41.48 30.71 -62.13
N ALA B 872 40.27 30.18 -62.39
CA ALA B 872 39.00 30.84 -62.13
C ALA B 872 38.46 30.36 -60.77
N LEU B 873 39.34 30.38 -59.77
CA LEU B 873 39.11 29.93 -58.40
C LEU B 873 38.06 30.79 -57.71
N PRO B 874 37.22 30.20 -56.86
CA PRO B 874 36.20 30.99 -56.15
C PRO B 874 36.82 32.03 -55.20
N GLU B 875 36.03 33.04 -54.84
CA GLU B 875 36.50 34.10 -53.95
C GLU B 875 36.88 33.54 -52.59
N GLY B 876 38.18 33.58 -52.29
CA GLY B 876 38.68 33.08 -51.02
C GLY B 876 39.02 31.60 -51.00
N PHE B 877 39.32 31.04 -52.17
CA PHE B 877 39.68 29.63 -52.25
C PHE B 877 41.17 29.46 -52.09
N THR B 878 41.61 29.04 -50.91
CA THR B 878 43.02 28.81 -50.60
C THR B 878 43.49 27.50 -51.23
N VAL B 879 44.13 27.54 -52.41
CA VAL B 879 44.59 26.33 -53.10
C VAL B 879 45.87 25.78 -52.47
N HIS B 880 45.99 24.44 -52.39
CA HIS B 880 47.16 23.74 -51.85
C HIS B 880 48.40 24.14 -52.64
N PRO B 881 49.50 24.45 -51.96
CA PRO B 881 50.71 24.91 -52.66
C PRO B 881 51.33 23.89 -53.62
N ARG B 882 51.06 22.59 -53.45
CA ARG B 882 51.58 21.60 -54.40
C ARG B 882 50.76 21.58 -55.70
N VAL B 883 49.48 22.02 -55.65
CA VAL B 883 48.58 22.07 -56.81
C VAL B 883 48.59 23.45 -57.47
N ARG B 884 48.81 24.50 -56.67
CA ARG B 884 48.86 25.91 -57.09
C ARG B 884 49.65 26.15 -58.40
N PRO B 885 50.90 25.64 -58.59
CA PRO B 885 51.62 25.92 -59.85
C PRO B 885 51.08 25.14 -61.04
N VAL B 886 50.38 24.01 -60.81
CA VAL B 886 49.81 23.22 -61.89
C VAL B 886 48.71 24.01 -62.63
N LEU B 887 47.97 24.84 -61.90
CA LEU B 887 46.93 25.70 -62.46
C LEU B 887 47.54 26.76 -63.37
N GLU B 888 48.65 27.38 -62.94
CA GLU B 888 49.36 28.40 -63.70
C GLU B 888 50.07 27.82 -64.91
N LYS B 889 50.58 26.59 -64.78
CA LYS B 889 51.25 25.90 -65.87
C LYS B 889 50.26 25.57 -66.98
N ARG B 890 49.02 25.20 -66.62
CA ARG B 890 47.97 24.90 -67.58
C ARG B 890 47.47 26.17 -68.29
N ARG B 891 47.59 27.36 -67.65
CA ARG B 891 47.27 28.64 -68.26
C ARG B 891 48.32 28.96 -69.33
N GLU B 892 49.58 28.64 -69.06
CA GLU B 892 50.70 28.84 -69.97
C GLU B 892 50.65 27.85 -71.16
N MET B 893 50.28 26.59 -70.88
CA MET B 893 50.20 25.53 -71.89
C MET B 893 49.12 25.80 -72.92
N ALA B 894 47.95 26.31 -72.48
CA ALA B 894 46.83 26.61 -73.37
C ALA B 894 47.05 27.86 -74.24
N TYR B 895 47.96 28.74 -73.82
CA TYR B 895 48.26 29.96 -74.55
C TYR B 895 49.59 29.87 -75.33
N GLU B 896 50.43 28.82 -75.10
CA GLU B 896 51.71 28.73 -75.80
C GLU B 896 51.95 27.34 -76.44
N GLY B 897 51.83 26.27 -75.67
CA GLY B 897 52.06 24.92 -76.20
C GLY B 897 52.74 24.01 -75.22
N ARG B 898 53.32 22.90 -75.71
CA ARG B 898 53.99 21.88 -74.91
C ARG B 898 53.03 21.30 -73.89
N ILE B 899 51.81 21.00 -74.34
CA ILE B 899 50.74 20.46 -73.50
C ILE B 899 50.98 19.01 -73.17
N ASP B 900 51.17 18.70 -71.87
CA ASP B 900 51.42 17.34 -71.41
C ASP B 900 50.14 16.49 -71.51
N TRP B 901 50.28 15.17 -71.36
CA TRP B 901 49.17 14.24 -71.43
C TRP B 901 48.07 14.58 -70.42
N ALA B 902 48.47 15.01 -69.21
CA ALA B 902 47.55 15.35 -68.12
C ALA B 902 46.58 16.48 -68.49
N PHE B 903 47.06 17.55 -69.13
CA PHE B 903 46.19 18.67 -69.53
C PHE B 903 45.41 18.30 -70.80
N ALA B 904 46.02 17.54 -71.72
CA ALA B 904 45.37 17.09 -72.97
C ALA B 904 44.11 16.26 -72.69
N GLU B 905 44.15 15.45 -71.63
CA GLU B 905 43.07 14.59 -71.18
C GLU B 905 41.87 15.45 -70.76
N LEU B 906 42.13 16.54 -70.03
CA LEU B 906 41.10 17.47 -69.54
C LEU B 906 40.60 18.40 -70.63
N LEU B 907 41.43 18.70 -71.64
CA LEU B 907 41.03 19.55 -72.75
C LEU B 907 40.05 18.81 -73.66
N ALA B 908 40.24 17.49 -73.83
CA ALA B 908 39.37 16.65 -74.65
C ALA B 908 37.97 16.56 -74.04
N LEU B 909 37.88 16.47 -72.71
CA LEU B 909 36.61 16.41 -72.03
C LEU B 909 36.02 17.81 -71.80
N GLY B 910 36.88 18.80 -71.58
CA GLY B 910 36.48 20.19 -71.37
C GLY B 910 35.79 20.79 -72.57
N SER B 911 36.19 20.39 -73.77
CA SER B 911 35.57 20.85 -74.99
C SER B 911 34.19 20.21 -75.18
N LEU B 912 34.05 18.91 -74.80
CA LEU B 912 32.81 18.14 -74.90
C LEU B 912 31.75 18.66 -73.91
N ILE B 913 32.16 19.13 -72.72
CA ILE B 913 31.25 19.67 -71.73
C ILE B 913 30.72 21.02 -72.22
N ALA B 914 31.62 21.87 -72.74
CA ALA B 914 31.24 23.18 -73.29
C ALA B 914 30.36 23.03 -74.54
N GLU B 915 30.51 21.93 -75.29
CA GLU B 915 29.67 21.63 -76.45
C GLU B 915 28.25 21.27 -76.01
N GLY B 916 28.13 20.59 -74.87
CA GLY B 916 26.84 20.21 -74.32
C GLY B 916 26.69 18.73 -74.06
N LYS B 917 27.80 18.00 -73.94
CA LYS B 917 27.74 16.57 -73.70
C LYS B 917 28.07 16.22 -72.24
N LEU B 918 27.41 15.19 -71.71
CA LEU B 918 27.64 14.72 -70.35
C LEU B 918 28.90 13.87 -70.29
N VAL B 919 29.79 14.14 -69.33
CA VAL B 919 31.03 13.39 -69.16
C VAL B 919 31.04 12.77 -67.77
N ARG B 920 31.14 11.43 -67.67
CA ARG B 920 31.17 10.75 -66.38
C ARG B 920 32.50 10.02 -66.18
N LEU B 921 33.50 10.72 -65.64
CA LEU B 921 34.81 10.15 -65.40
C LEU B 921 34.93 9.77 -63.94
N SER B 922 35.02 8.47 -63.66
CA SER B 922 35.14 7.99 -62.29
C SER B 922 35.93 6.70 -62.22
N GLY B 923 36.87 6.66 -61.29
CA GLY B 923 37.71 5.48 -61.05
C GLY B 923 38.44 5.53 -59.72
N GLN B 924 39.23 4.49 -59.41
CA GLN B 924 39.98 4.42 -58.14
C GLN B 924 40.98 5.58 -58.05
N ASP B 925 40.67 6.56 -57.18
CA ASP B 925 41.47 7.76 -56.91
C ASP B 925 41.64 8.65 -58.16
N THR B 926 40.64 8.63 -59.06
CA THR B 926 40.63 9.37 -60.32
C THR B 926 40.37 10.90 -60.09
N GLN B 927 39.72 11.30 -58.97
CA GLN B 927 39.48 12.73 -58.68
C GLN B 927 40.79 13.52 -58.65
N ARG B 928 41.77 13.06 -57.87
CA ARG B 928 43.08 13.70 -57.83
C ARG B 928 43.95 13.20 -58.96
N GLY B 929 43.87 11.91 -59.25
CA GLY B 929 44.66 11.27 -60.28
C GLY B 929 45.55 10.25 -59.61
N THR B 930 45.59 9.03 -60.14
CA THR B 930 46.40 7.93 -59.61
C THR B 930 47.88 8.34 -59.41
N PHE B 931 48.42 9.06 -60.38
CA PHE B 931 49.82 9.48 -60.38
C PHE B 931 49.95 11.00 -60.24
N THR B 932 49.01 11.64 -59.52
CA THR B 932 48.96 13.09 -59.26
C THR B 932 49.00 13.85 -60.60
N GLN B 933 48.07 13.52 -61.52
CA GLN B 933 48.08 14.14 -62.84
C GLN B 933 46.73 14.78 -63.22
N ARG B 934 45.60 14.21 -62.80
CA ARG B 934 44.29 14.72 -63.22
C ARG B 934 43.92 16.07 -62.57
N HIS B 935 43.73 16.11 -61.24
CA HIS B 935 43.34 17.29 -60.47
C HIS B 935 42.03 17.88 -61.00
N ALA B 936 41.07 16.99 -61.35
CA ALA B 936 39.74 17.41 -61.81
C ALA B 936 38.94 18.08 -60.68
N VAL B 937 39.29 17.75 -59.42
CA VAL B 937 38.72 18.31 -58.19
C VAL B 937 39.90 18.73 -57.32
N ILE B 938 39.98 20.02 -56.97
CA ILE B 938 41.05 20.50 -56.10
C ILE B 938 40.42 20.93 -54.77
N VAL B 939 41.07 20.60 -53.64
CA VAL B 939 40.50 20.89 -52.34
C VAL B 939 41.29 21.97 -51.61
N ASP B 940 40.55 22.93 -51.05
CA ASP B 940 41.04 24.06 -50.28
C ASP B 940 41.81 23.54 -49.07
N ARG B 941 42.97 24.14 -48.80
CA ARG B 941 43.83 23.73 -47.71
C ARG B 941 43.25 24.13 -46.35
N LYS B 942 42.63 25.31 -46.27
CA LYS B 942 42.07 25.81 -45.02
C LYS B 942 40.66 25.32 -44.73
N THR B 943 39.78 25.39 -45.74
CA THR B 943 38.37 25.08 -45.54
C THR B 943 38.03 23.61 -45.84
N GLY B 944 38.47 23.10 -46.98
CA GLY B 944 38.15 21.74 -47.39
C GLY B 944 37.06 21.68 -48.45
N GLU B 945 36.81 22.79 -49.14
CA GLU B 945 35.79 22.82 -50.18
C GLU B 945 36.34 22.25 -51.48
N GLU B 946 35.45 21.71 -52.30
CA GLU B 946 35.85 21.12 -53.57
C GLU B 946 35.66 22.10 -54.72
N PHE B 947 36.59 22.13 -55.68
CA PHE B 947 36.47 23.00 -56.84
C PHE B 947 36.69 22.21 -58.12
N THR B 948 35.75 22.32 -59.06
CA THR B 948 35.88 21.63 -60.34
C THR B 948 36.01 22.65 -61.47
N PRO B 949 37.16 22.67 -62.16
CA PRO B 949 37.32 23.64 -63.26
C PRO B 949 36.58 23.22 -64.53
N LEU B 950 36.32 21.92 -64.73
CA LEU B 950 35.62 21.47 -65.93
C LEU B 950 34.12 21.77 -65.89
N GLN B 951 33.55 22.01 -64.70
CA GLN B 951 32.13 22.36 -64.59
C GLN B 951 31.90 23.83 -65.01
N LEU B 952 32.94 24.68 -65.02
CA LEU B 952 32.86 26.08 -65.43
C LEU B 952 32.54 26.18 -66.94
N LEU B 953 32.99 25.18 -67.73
CA LEU B 953 32.77 25.09 -69.17
C LEU B 953 31.32 24.77 -69.52
N ALA B 954 30.55 24.19 -68.59
CA ALA B 954 29.14 23.89 -68.81
C ALA B 954 28.24 25.14 -68.85
N THR B 955 28.83 26.35 -68.76
CA THR B 955 28.14 27.62 -68.82
C THR B 955 28.85 28.52 -69.82
N ASN B 956 28.20 28.81 -70.95
CA ASN B 956 28.74 29.67 -71.99
C ASN B 956 28.99 31.10 -71.47
N PRO B 957 29.93 31.85 -72.08
CA PRO B 957 30.23 33.19 -71.57
C PRO B 957 29.02 34.11 -71.45
N ASP B 958 28.00 33.91 -72.27
CA ASP B 958 26.78 34.70 -72.24
C ASP B 958 25.79 34.28 -71.14
N GLY B 959 26.23 33.45 -70.19
CA GLY B 959 25.41 33.00 -69.08
C GLY B 959 24.57 31.76 -69.35
N THR B 960 24.32 31.47 -70.64
CA THR B 960 23.50 30.32 -71.00
C THR B 960 24.18 29.02 -70.70
N PRO B 961 23.46 28.08 -70.06
CA PRO B 961 24.06 26.77 -69.80
C PRO B 961 24.18 25.96 -71.08
N THR B 962 25.29 25.28 -71.24
CA THR B 962 25.55 24.47 -72.43
C THR B 962 24.75 23.16 -72.45
N GLY B 963 24.35 22.68 -71.29
CA GLY B 963 23.65 21.41 -71.19
C GLY B 963 24.57 20.24 -70.81
N GLY B 964 25.88 20.48 -70.82
CA GLY B 964 26.87 19.48 -70.47
C GLY B 964 27.09 19.43 -68.98
N LYS B 965 27.76 18.38 -68.51
CA LYS B 965 28.02 18.21 -67.08
C LYS B 965 29.22 17.33 -66.85
N PHE B 966 29.96 17.61 -65.79
CA PHE B 966 31.12 16.82 -65.43
C PHE B 966 30.86 16.06 -64.15
N LEU B 967 30.87 14.73 -64.22
CA LEU B 967 30.66 13.86 -63.08
C LEU B 967 31.96 13.14 -62.72
N VAL B 968 32.66 13.60 -61.68
CA VAL B 968 33.92 12.98 -61.29
C VAL B 968 33.85 12.48 -59.85
N TYR B 969 33.97 11.16 -59.67
CA TYR B 969 33.87 10.54 -58.35
C TYR B 969 35.02 9.57 -58.10
N ASN B 970 35.25 9.22 -56.83
CA ASN B 970 36.26 8.24 -56.48
C ASN B 970 35.57 6.92 -56.17
N SER B 971 35.89 5.86 -56.92
CA SER B 971 35.23 4.57 -56.74
C SER B 971 35.79 3.85 -55.52
N ALA B 972 34.96 2.96 -54.95
CA ALA B 972 35.35 2.11 -53.82
C ALA B 972 36.52 1.16 -54.25
N LEU B 973 37.07 0.30 -53.34
CA LEU B 973 38.13 -0.62 -53.72
C LEU B 973 37.56 -1.83 -54.46
N SER B 974 36.66 -1.57 -55.41
CA SER B 974 35.95 -2.56 -56.22
C SER B 974 36.41 -2.54 -57.68
N GLU B 975 36.31 -3.69 -58.34
CA GLU B 975 36.68 -3.81 -59.73
C GLU B 975 35.50 -4.30 -60.53
N PHE B 976 34.92 -5.43 -60.15
CA PHE B 976 33.77 -6.04 -60.84
C PHE B 976 32.61 -5.06 -60.97
N ALA B 977 32.21 -4.44 -59.86
CA ALA B 977 31.08 -3.53 -59.86
C ALA B 977 31.46 -2.15 -60.38
N ALA B 978 32.73 -1.71 -60.22
CA ALA B 978 33.15 -0.39 -60.72
C ALA B 978 33.05 -0.34 -62.24
N VAL B 979 33.46 -1.42 -62.91
CA VAL B 979 33.43 -1.54 -64.36
C VAL B 979 31.99 -1.84 -64.83
N GLY B 980 31.25 -2.66 -64.08
CA GLY B 980 29.87 -2.98 -64.41
C GLY B 980 28.91 -1.81 -64.27
N PHE B 981 29.23 -0.86 -63.39
CA PHE B 981 28.40 0.32 -63.16
C PHE B 981 28.55 1.31 -64.30
N GLU B 982 29.80 1.60 -64.71
CA GLU B 982 30.05 2.54 -65.81
C GLU B 982 29.51 1.99 -67.13
N TYR B 983 29.57 0.67 -67.32
CA TYR B 983 29.04 0.03 -68.52
C TYR B 983 27.52 0.21 -68.57
N GLY B 984 26.86 -0.01 -67.44
CA GLY B 984 25.42 0.16 -67.31
C GLY B 984 24.97 1.60 -67.53
N TYR B 985 25.85 2.56 -67.21
CA TYR B 985 25.60 3.97 -67.40
C TYR B 985 25.61 4.29 -68.90
N SER B 986 26.57 3.73 -69.66
CA SER B 986 26.62 3.95 -71.12
C SER B 986 25.45 3.27 -71.88
N VAL B 987 24.75 2.34 -71.23
CA VAL B 987 23.58 1.65 -71.78
C VAL B 987 22.31 2.47 -71.45
N GLY B 988 22.22 2.96 -70.21
CA GLY B 988 21.10 3.78 -69.77
C GLY B 988 21.07 5.16 -70.41
N ASN B 989 22.26 5.70 -70.72
CA ASN B 989 22.41 7.00 -71.38
C ASN B 989 23.54 6.92 -72.41
N PRO B 990 23.20 6.61 -73.67
CA PRO B 990 24.23 6.49 -74.71
C PRO B 990 24.93 7.81 -75.01
N ASP B 991 24.22 8.94 -74.88
CA ASP B 991 24.71 10.27 -75.17
C ASP B 991 25.52 10.79 -73.99
N ALA B 992 26.43 9.96 -73.51
CA ALA B 992 27.28 10.31 -72.39
C ALA B 992 28.65 9.65 -72.54
N MET B 993 29.68 10.47 -72.37
CA MET B 993 31.07 10.09 -72.41
C MET B 993 31.40 9.40 -71.09
N VAL B 994 31.17 8.09 -70.99
CA VAL B 994 31.43 7.37 -69.73
C VAL B 994 32.86 6.82 -69.71
N LEU B 995 33.68 7.28 -68.77
CA LEU B 995 35.07 6.83 -68.68
C LEU B 995 35.41 6.21 -67.32
N TRP B 996 36.03 5.01 -67.33
CA TRP B 996 36.46 4.35 -66.09
C TRP B 996 37.99 4.20 -66.08
N GLU B 997 38.65 4.80 -65.08
CA GLU B 997 40.10 4.72 -64.98
C GLU B 997 40.51 3.78 -63.85
N ALA B 998 41.28 2.74 -64.17
CA ALA B 998 41.83 1.85 -63.16
C ALA B 998 43.04 2.51 -62.48
N GLN B 999 43.47 2.02 -61.30
CA GLN B 999 44.67 2.55 -60.65
C GLN B 999 45.87 2.15 -61.51
N PHE B 1000 45.94 0.87 -61.87
CA PHE B 1000 46.89 0.25 -62.79
C PHE B 1000 46.12 -0.71 -63.66
N GLY B 1001 46.49 -0.79 -64.94
CA GLY B 1001 45.81 -1.68 -65.88
C GLY B 1001 45.75 -3.12 -65.44
N ASP B 1002 46.79 -3.58 -64.72
CA ASP B 1002 46.98 -4.94 -64.23
C ASP B 1002 45.87 -5.43 -63.30
N PHE B 1003 45.15 -4.52 -62.65
CA PHE B 1003 44.07 -4.90 -61.73
C PHE B 1003 42.73 -5.16 -62.42
N VAL B 1004 42.67 -5.07 -63.75
CA VAL B 1004 41.42 -5.25 -64.48
C VAL B 1004 40.92 -6.72 -64.45
N ASN B 1005 41.81 -7.69 -64.18
CA ASN B 1005 41.44 -9.11 -64.15
C ASN B 1005 40.34 -9.44 -63.11
N GLY B 1006 40.10 -8.55 -62.16
CA GLY B 1006 39.03 -8.73 -61.19
C GLY B 1006 37.68 -8.61 -61.85
N ALA B 1007 37.55 -7.65 -62.78
CA ALA B 1007 36.31 -7.42 -63.52
C ALA B 1007 36.31 -8.13 -64.87
N GLN B 1008 37.03 -9.26 -64.99
CA GLN B 1008 37.14 -9.98 -66.26
C GLN B 1008 35.78 -10.44 -66.77
N SER B 1009 34.82 -10.71 -65.88
CA SER B 1009 33.49 -11.14 -66.31
C SER B 1009 32.76 -10.01 -67.02
N ILE B 1010 32.95 -8.76 -66.57
CA ILE B 1010 32.29 -7.61 -67.20
C ILE B 1010 32.89 -7.40 -68.61
N ILE B 1011 34.19 -7.59 -68.77
CA ILE B 1011 34.83 -7.44 -70.09
C ILE B 1011 34.40 -8.57 -71.04
N ASP B 1012 34.48 -9.83 -70.59
CA ASP B 1012 34.17 -11.00 -71.40
C ASP B 1012 32.70 -11.14 -71.76
N GLU B 1013 31.80 -10.81 -70.83
CA GLU B 1013 30.38 -11.03 -71.05
C GLU B 1013 29.57 -9.80 -71.40
N PHE B 1014 29.95 -8.61 -70.92
CA PHE B 1014 29.14 -7.42 -71.16
C PHE B 1014 29.72 -6.43 -72.16
N ILE B 1015 31.03 -6.18 -72.11
CA ILE B 1015 31.63 -5.16 -72.98
C ILE B 1015 31.93 -5.70 -74.40
N SER B 1016 32.76 -6.77 -74.51
CA SER B 1016 33.17 -7.35 -75.79
C SER B 1016 32.02 -8.01 -76.54
N SER B 1017 31.25 -8.86 -75.87
CA SER B 1017 30.14 -9.55 -76.50
C SER B 1017 28.77 -8.89 -76.23
N GLY B 1018 28.76 -7.65 -75.73
CA GLY B 1018 27.52 -6.94 -75.44
C GLY B 1018 26.85 -6.47 -76.71
N GLU B 1019 27.59 -5.69 -77.51
CA GLU B 1019 27.12 -5.17 -78.79
C GLU B 1019 26.77 -6.31 -79.80
N ALA B 1020 27.05 -7.58 -79.45
CA ALA B 1020 26.80 -8.68 -80.35
C ALA B 1020 25.78 -9.74 -79.83
N LYS B 1021 25.99 -10.34 -78.62
CA LYS B 1021 25.10 -11.39 -78.11
C LYS B 1021 23.65 -10.95 -78.02
N TRP B 1022 23.45 -9.70 -77.61
CA TRP B 1022 22.10 -9.18 -77.42
C TRP B 1022 21.92 -7.90 -78.24
N GLY B 1023 22.91 -7.04 -78.21
CA GLY B 1023 22.87 -5.77 -78.91
C GLY B 1023 22.99 -4.54 -78.03
N GLN B 1024 23.32 -4.75 -76.72
CA GLN B 1024 23.48 -3.63 -75.79
C GLN B 1024 24.74 -2.86 -76.14
N LEU B 1025 24.55 -1.78 -76.88
CA LEU B 1025 25.58 -0.91 -77.38
C LEU B 1025 26.36 -0.25 -76.25
N SER B 1026 27.65 -0.55 -76.16
CA SER B 1026 28.48 0.00 -75.10
C SER B 1026 29.30 1.20 -75.57
N ASP B 1027 29.08 2.37 -74.97
CA ASP B 1027 29.85 3.57 -75.31
C ASP B 1027 30.74 3.93 -74.13
N VAL B 1028 31.45 2.92 -73.60
CA VAL B 1028 32.32 3.13 -72.44
C VAL B 1028 33.77 3.25 -72.88
N VAL B 1029 34.54 4.04 -72.13
CA VAL B 1029 35.97 4.25 -72.37
C VAL B 1029 36.69 3.71 -71.15
N LEU B 1030 37.61 2.76 -71.34
CA LEU B 1030 38.33 2.16 -70.23
C LEU B 1030 39.80 2.57 -70.20
N LEU B 1031 40.14 3.65 -69.46
CA LEU B 1031 41.52 4.10 -69.34
C LEU B 1031 42.29 3.13 -68.45
N LEU B 1032 43.32 2.48 -68.99
CA LEU B 1032 44.13 1.51 -68.24
C LEU B 1032 45.60 1.91 -68.23
N PRO B 1033 46.11 2.39 -67.09
CA PRO B 1033 47.52 2.78 -67.02
C PRO B 1033 48.45 1.60 -67.33
N HIS B 1034 49.09 1.69 -68.49
CA HIS B 1034 49.99 0.70 -69.03
C HIS B 1034 51.33 1.36 -69.32
N GLY B 1035 52.40 0.77 -68.83
CA GLY B 1035 53.74 1.29 -69.06
C GLY B 1035 54.80 0.39 -68.48
N HIS B 1036 55.81 0.04 -69.29
CA HIS B 1036 56.87 -0.84 -68.79
C HIS B 1036 57.94 -0.04 -68.06
N GLU B 1037 57.83 0.02 -66.73
CA GLU B 1037 58.78 0.72 -65.86
C GLU B 1037 59.47 -0.23 -64.87
N GLY B 1038 58.92 -1.43 -64.67
CA GLY B 1038 59.51 -2.43 -63.80
C GLY B 1038 59.06 -2.37 -62.36
N GLN B 1039 57.94 -1.67 -62.08
CA GLN B 1039 57.42 -1.57 -60.72
C GLN B 1039 56.71 -2.86 -60.27
N GLY B 1040 57.05 -4.01 -60.88
CA GLY B 1040 56.44 -5.28 -60.56
C GLY B 1040 55.51 -5.78 -61.64
N PRO B 1041 55.13 -7.06 -61.58
CA PRO B 1041 54.22 -7.61 -62.61
C PRO B 1041 52.80 -7.04 -62.49
N ASP B 1042 52.41 -6.59 -61.30
CA ASP B 1042 51.09 -6.02 -61.09
C ASP B 1042 51.10 -4.48 -61.15
N HIS B 1043 52.19 -3.86 -61.67
CA HIS B 1043 52.26 -2.41 -61.78
C HIS B 1043 52.97 -2.03 -63.10
N THR B 1044 52.70 -2.76 -64.19
CA THR B 1044 53.36 -2.49 -65.46
C THR B 1044 52.40 -2.74 -66.68
N SER B 1045 52.07 -4.01 -67.03
CA SER B 1045 51.27 -4.30 -68.22
C SER B 1045 49.80 -4.57 -67.93
N GLY B 1046 48.94 -3.81 -68.60
CA GLY B 1046 47.49 -3.96 -68.53
C GLY B 1046 46.95 -5.07 -69.41
N ARG B 1047 47.82 -6.02 -69.82
CA ARG B 1047 47.53 -7.19 -70.64
C ARG B 1047 46.72 -6.87 -71.91
N ILE B 1048 47.39 -6.29 -72.93
CA ILE B 1048 46.73 -5.93 -74.19
C ILE B 1048 46.37 -7.19 -75.01
N GLU B 1049 47.22 -8.22 -74.91
CA GLU B 1049 47.10 -9.49 -75.61
C GLU B 1049 45.70 -10.10 -75.50
N ARG B 1050 45.03 -9.92 -74.37
CA ARG B 1050 43.71 -10.49 -74.14
C ARG B 1050 42.61 -9.70 -74.84
N PHE B 1051 42.73 -8.36 -74.84
CA PHE B 1051 41.74 -7.48 -75.49
C PHE B 1051 41.72 -7.77 -77.00
N LEU B 1052 42.90 -7.88 -77.59
CA LEU B 1052 43.06 -8.17 -79.01
C LEU B 1052 42.56 -9.58 -79.32
N GLN B 1053 42.76 -10.53 -78.40
CA GLN B 1053 42.33 -11.92 -78.55
C GLN B 1053 40.80 -12.05 -78.62
N LEU B 1054 40.05 -11.19 -77.89
CA LEU B 1054 38.59 -11.26 -77.94
C LEU B 1054 37.97 -10.20 -78.86
N TRP B 1055 38.75 -9.62 -79.78
CA TRP B 1055 38.24 -8.61 -80.69
C TRP B 1055 37.72 -9.25 -81.97
N ALA B 1056 36.48 -8.95 -82.30
CA ALA B 1056 35.83 -9.39 -83.54
C ALA B 1056 35.67 -8.20 -84.49
N GLU B 1057 35.34 -8.43 -85.78
CA GLU B 1057 35.16 -7.33 -86.72
C GLU B 1057 34.09 -6.34 -86.24
N GLY B 1058 34.55 -5.18 -85.80
CA GLY B 1058 33.70 -4.09 -85.32
C GLY B 1058 32.92 -4.36 -84.05
N SER B 1059 33.62 -4.71 -82.97
CA SER B 1059 32.96 -4.93 -81.68
C SER B 1059 33.54 -3.99 -80.61
N MET B 1060 34.84 -3.67 -80.71
CA MET B 1060 35.56 -2.79 -79.80
C MET B 1060 36.59 -1.92 -80.56
N THR B 1061 37.26 -1.00 -79.86
CA THR B 1061 38.30 -0.15 -80.44
C THR B 1061 39.48 -0.06 -79.48
N ILE B 1062 40.40 -1.02 -79.54
CA ILE B 1062 41.58 -1.00 -78.67
C ILE B 1062 42.55 0.06 -79.22
N ALA B 1063 43.08 0.92 -78.35
CA ALA B 1063 43.97 2.00 -78.79
C ALA B 1063 45.11 2.24 -77.80
N MET B 1064 46.29 2.61 -78.30
CA MET B 1064 47.44 2.92 -77.45
C MET B 1064 48.09 4.19 -77.95
N PRO B 1065 47.68 5.35 -77.40
CA PRO B 1065 48.22 6.62 -77.89
C PRO B 1065 49.63 6.91 -77.39
N SER B 1066 50.39 7.67 -78.19
CA SER B 1066 51.78 8.03 -77.89
C SER B 1066 51.96 9.54 -77.67
N THR B 1067 51.08 10.36 -78.23
CA THR B 1067 51.20 11.81 -78.09
C THR B 1067 49.95 12.38 -77.44
N PRO B 1068 50.10 13.46 -76.65
CA PRO B 1068 48.94 14.08 -76.00
C PRO B 1068 47.89 14.58 -77.00
N ALA B 1069 48.34 15.08 -78.14
CA ALA B 1069 47.43 15.56 -79.17
C ALA B 1069 46.59 14.42 -79.75
N ASN B 1070 47.18 13.23 -79.93
CA ASN B 1070 46.47 12.09 -80.48
C ASN B 1070 45.40 11.58 -79.53
N TYR B 1071 45.73 11.55 -78.24
CA TYR B 1071 44.76 11.13 -77.22
C TYR B 1071 43.58 12.12 -77.18
N PHE B 1072 43.83 13.42 -77.41
CA PHE B 1072 42.81 14.47 -77.43
C PHE B 1072 41.81 14.20 -78.55
N HIS B 1073 42.32 13.94 -79.76
CA HIS B 1073 41.49 13.65 -80.91
C HIS B 1073 40.78 12.32 -80.76
N LEU B 1074 41.40 11.34 -80.08
CA LEU B 1074 40.84 10.01 -79.85
C LEU B 1074 39.56 10.10 -79.02
N LEU B 1075 39.60 10.87 -77.91
CA LEU B 1075 38.46 11.02 -77.03
C LEU B 1075 37.37 11.83 -77.71
N ARG B 1076 37.75 12.91 -78.40
CA ARG B 1076 36.79 13.74 -79.11
C ARG B 1076 36.12 12.99 -80.25
N ARG B 1077 36.87 12.12 -80.93
CA ARG B 1077 36.36 11.31 -82.01
C ARG B 1077 35.39 10.29 -81.47
N HIS B 1078 35.75 9.59 -80.38
CA HIS B 1078 34.85 8.58 -79.78
C HIS B 1078 33.61 9.23 -79.15
N GLY B 1079 33.75 10.45 -78.64
CA GLY B 1079 32.64 11.16 -78.02
C GLY B 1079 31.67 11.77 -79.00
N LYS B 1080 32.10 11.97 -80.26
CA LYS B 1080 31.25 12.60 -81.26
C LYS B 1080 31.04 11.74 -82.52
N ASP B 1081 31.39 10.45 -82.49
CA ASP B 1081 31.21 9.58 -83.65
C ASP B 1081 29.75 9.11 -83.81
N GLY B 1082 29.02 9.01 -82.70
CA GLY B 1082 27.65 8.53 -82.72
C GLY B 1082 27.59 7.02 -82.55
N ILE B 1083 28.51 6.31 -83.20
CA ILE B 1083 28.64 4.87 -83.14
C ILE B 1083 29.03 4.42 -81.75
N GLN B 1084 28.19 3.61 -81.15
CA GLN B 1084 28.44 3.09 -79.82
C GLN B 1084 29.43 1.96 -79.89
N ARG B 1085 30.68 2.22 -79.51
CA ARG B 1085 31.69 1.20 -79.52
C ARG B 1085 32.65 1.41 -78.37
N PRO B 1086 32.90 0.37 -77.57
CA PRO B 1086 33.81 0.54 -76.43
C PRO B 1086 35.26 0.80 -76.83
N LEU B 1087 35.80 1.94 -76.39
CA LEU B 1087 37.18 2.33 -76.69
C LEU B 1087 38.10 2.03 -75.49
N ILE B 1088 38.97 1.04 -75.61
CA ILE B 1088 39.89 0.65 -74.54
C ILE B 1088 41.21 1.43 -74.69
N VAL B 1089 41.35 2.57 -74.00
CA VAL B 1089 42.55 3.40 -74.09
C VAL B 1089 43.60 2.96 -73.06
N PHE B 1090 44.89 2.92 -73.45
CA PHE B 1090 45.97 2.55 -72.54
C PHE B 1090 46.82 3.78 -72.23
N THR B 1091 46.43 4.53 -71.21
CA THR B 1091 47.12 5.74 -70.79
C THR B 1091 48.51 5.39 -70.24
N PRO B 1092 49.53 6.23 -70.46
CA PRO B 1092 50.86 5.93 -69.92
C PRO B 1092 50.99 6.28 -68.44
N LYS B 1093 52.12 5.91 -67.84
CA LYS B 1093 52.34 6.17 -66.43
C LYS B 1093 53.50 7.16 -66.29
N SER B 1094 54.70 6.76 -66.73
CA SER B 1094 55.87 7.63 -66.64
C SER B 1094 55.83 8.73 -67.71
N MET B 1095 55.35 8.37 -68.90
CA MET B 1095 55.28 9.27 -70.05
C MET B 1095 54.32 10.46 -69.83
N LEU B 1096 53.64 10.54 -68.68
CA LEU B 1096 52.77 11.66 -68.38
C LEU B 1096 53.65 12.89 -68.10
N ARG B 1097 54.68 12.70 -67.26
CA ARG B 1097 55.61 13.76 -66.92
C ARG B 1097 56.84 13.79 -67.82
N ASN B 1098 56.84 13.03 -68.94
CA ASN B 1098 57.96 13.01 -69.87
C ASN B 1098 57.99 14.35 -70.62
N LYS B 1099 59.14 15.04 -70.59
CA LYS B 1099 59.26 16.32 -71.27
C LYS B 1099 59.19 16.18 -72.80
N ALA B 1100 59.51 15.00 -73.34
CA ALA B 1100 59.44 14.75 -74.76
C ALA B 1100 57.99 14.51 -75.22
N ALA B 1101 57.16 13.89 -74.37
CA ALA B 1101 55.78 13.60 -74.71
C ALA B 1101 54.88 14.83 -74.51
N VAL B 1102 55.07 15.85 -75.34
CA VAL B 1102 54.30 17.09 -75.30
C VAL B 1102 53.60 17.31 -76.67
N SER B 1103 52.80 18.39 -76.81
CA SER B 1103 52.13 18.70 -78.07
C SER B 1103 51.90 20.22 -78.21
N ASP B 1104 52.15 20.76 -79.39
CA ASP B 1104 51.97 22.18 -79.70
C ASP B 1104 50.50 22.52 -79.91
N ILE B 1105 50.17 23.82 -79.96
CA ILE B 1105 48.79 24.23 -80.17
C ILE B 1105 48.28 23.80 -81.55
N ARG B 1106 49.13 23.91 -82.58
CA ARG B 1106 48.73 23.52 -83.94
C ARG B 1106 48.31 22.04 -84.04
N ASP B 1107 48.73 21.19 -83.09
CA ASP B 1107 48.35 19.78 -83.08
C ASP B 1107 46.89 19.63 -82.62
N PHE B 1108 46.50 20.41 -81.62
CA PHE B 1108 45.16 20.38 -81.07
C PHE B 1108 44.15 21.13 -81.95
N THR B 1109 44.61 22.11 -82.74
CA THR B 1109 43.72 22.92 -83.55
C THR B 1109 43.69 22.49 -85.03
N GLU B 1110 44.85 22.36 -85.69
CA GLU B 1110 44.91 22.05 -87.12
C GLU B 1110 45.26 20.58 -87.39
N SER B 1111 44.59 19.63 -86.71
CA SER B 1111 44.86 18.21 -86.92
C SER B 1111 43.68 17.30 -86.54
N LYS B 1112 43.72 16.03 -86.96
CA LYS B 1112 42.71 15.03 -86.65
C LYS B 1112 43.37 13.79 -85.98
N PHE B 1113 42.57 12.76 -85.62
CA PHE B 1113 43.10 11.56 -84.99
C PHE B 1113 43.96 10.79 -86.00
N ARG B 1114 45.11 10.27 -85.55
CA ARG B 1114 46.00 9.50 -86.43
C ARG B 1114 46.09 8.05 -85.95
N SER B 1115 45.57 7.12 -86.73
CA SER B 1115 45.65 5.70 -86.39
C SER B 1115 47.07 5.14 -86.66
N VAL B 1116 47.83 5.77 -87.56
CA VAL B 1116 49.21 5.43 -87.91
C VAL B 1116 50.04 6.72 -87.80
N LEU B 1117 51.24 6.65 -87.19
CA LEU B 1117 52.04 7.85 -86.99
C LEU B 1117 53.51 7.73 -87.39
N GLU B 1118 53.93 8.53 -88.37
CA GLU B 1118 55.31 8.58 -88.82
C GLU B 1118 56.15 9.47 -87.91
N GLU B 1119 57.48 9.44 -88.08
CA GLU B 1119 58.38 10.30 -87.32
C GLU B 1119 58.17 11.79 -87.67
N PRO B 1120 58.63 12.74 -86.83
CA PRO B 1120 58.43 14.16 -87.14
C PRO B 1120 59.37 14.72 -88.22
N MET B 1121 60.50 14.06 -88.48
CA MET B 1121 61.45 14.53 -89.48
C MET B 1121 60.98 14.24 -90.91
N TYR B 1122 60.27 13.12 -91.12
CA TYR B 1122 59.79 12.76 -92.45
C TYR B 1122 58.51 13.51 -92.81
N THR B 1123 57.70 13.88 -91.80
CA THR B 1123 56.43 14.57 -92.04
C THR B 1123 56.58 16.09 -92.09
N ASP B 1124 57.28 16.71 -91.11
CA ASP B 1124 57.38 18.16 -91.08
C ASP B 1124 58.78 18.67 -91.33
N GLY B 1125 59.78 18.02 -90.73
CA GLY B 1125 61.16 18.42 -90.92
C GLY B 1125 61.75 17.96 -92.23
N GLU B 1126 63.04 18.23 -92.43
CA GLU B 1126 63.74 17.78 -93.63
C GLU B 1126 64.26 16.37 -93.40
N GLY B 1127 63.46 15.38 -93.77
CA GLY B 1127 63.82 13.98 -93.59
C GLY B 1127 63.79 13.17 -94.86
N ASP B 1128 64.81 12.34 -95.08
CA ASP B 1128 64.91 11.52 -96.27
C ASP B 1128 64.30 10.15 -96.06
N ARG B 1129 63.22 9.87 -96.77
CA ARG B 1129 62.54 8.59 -96.67
C ARG B 1129 63.30 7.47 -97.40
N ASN B 1130 64.11 7.81 -98.42
CA ASN B 1130 64.87 6.80 -99.15
C ASN B 1130 65.99 6.23 -98.30
N LYS B 1131 66.64 7.07 -97.48
CA LYS B 1131 67.74 6.65 -96.61
C LYS B 1131 67.39 5.45 -95.72
N VAL B 1132 66.10 5.24 -95.46
CA VAL B 1132 65.60 4.17 -94.60
C VAL B 1132 65.74 2.77 -95.22
N THR B 1133 66.45 1.89 -94.51
CA THR B 1133 66.68 0.48 -94.84
C THR B 1133 66.04 -0.42 -93.76
N ARG B 1134 66.14 0.00 -92.50
CA ARG B 1134 65.61 -0.68 -91.32
C ARG B 1134 64.27 -0.04 -90.89
N LEU B 1135 63.19 -0.82 -90.88
CA LEU B 1135 61.89 -0.28 -90.49
C LEU B 1135 61.43 -0.80 -89.14
N LEU B 1136 61.08 0.13 -88.25
CA LEU B 1136 60.60 -0.19 -86.92
C LEU B 1136 59.13 0.19 -86.76
N LEU B 1137 58.34 -0.74 -86.21
CA LEU B 1137 56.92 -0.57 -85.91
C LEU B 1137 56.76 -0.67 -84.41
N THR B 1138 56.11 0.31 -83.77
CA THR B 1138 55.97 0.32 -82.31
C THR B 1138 54.56 0.89 -81.91
N SER B 1139 54.26 1.08 -80.60
CA SER B 1139 52.96 1.61 -80.20
C SER B 1139 53.00 2.49 -78.94
N GLY B 1140 53.65 2.02 -77.88
CA GLY B 1140 53.69 2.75 -76.62
C GLY B 1140 54.70 3.88 -76.52
N LYS B 1141 55.14 4.16 -75.28
CA LYS B 1141 56.13 5.19 -74.96
C LYS B 1141 57.54 4.83 -75.48
N ILE B 1142 57.78 3.54 -75.75
CA ILE B 1142 59.01 2.95 -76.26
C ILE B 1142 59.51 3.71 -77.51
N TYR B 1143 58.59 4.37 -78.26
CA TYR B 1143 58.94 5.18 -79.42
C TYR B 1143 59.92 6.31 -79.01
N TYR B 1144 59.68 6.96 -77.88
CA TYR B 1144 60.53 8.07 -77.42
C TYR B 1144 61.97 7.60 -77.10
N GLU B 1145 62.13 6.36 -76.65
CA GLU B 1145 63.45 5.81 -76.35
C GLU B 1145 64.17 5.45 -77.65
N LEU B 1146 63.44 4.93 -78.64
CA LEU B 1146 63.96 4.56 -79.95
C LEU B 1146 64.31 5.79 -80.80
N ALA B 1147 63.58 6.91 -80.61
CA ALA B 1147 63.84 8.14 -81.36
C ALA B 1147 65.07 8.86 -80.82
N ALA B 1148 65.26 8.84 -79.49
CA ALA B 1148 66.43 9.46 -78.87
C ALA B 1148 67.71 8.68 -79.18
N ARG B 1149 67.60 7.33 -79.25
CA ARG B 1149 68.72 6.44 -79.59
C ARG B 1149 69.15 6.68 -81.05
N LYS B 1150 68.19 6.92 -81.93
CA LYS B 1150 68.40 7.22 -83.35
C LYS B 1150 69.07 8.58 -83.50
N ALA B 1151 68.67 9.57 -82.69
CA ALA B 1151 69.24 10.91 -82.71
C ALA B 1151 70.68 10.94 -82.16
N LYS B 1152 71.04 9.99 -81.30
CA LYS B 1152 72.39 9.93 -80.74
C LYS B 1152 73.37 9.37 -81.79
N GLU B 1153 72.97 8.30 -82.47
CA GLU B 1153 73.81 7.66 -83.48
C GLU B 1153 73.64 8.21 -84.90
N ASN B 1154 72.73 9.19 -85.11
CA ASN B 1154 72.42 9.79 -86.41
C ASN B 1154 72.11 8.71 -87.47
N ARG B 1155 71.47 7.62 -87.05
CA ARG B 1155 71.11 6.52 -87.92
C ARG B 1155 69.96 6.92 -88.84
N GLU B 1156 70.28 7.55 -89.96
CA GLU B 1156 69.25 7.98 -90.92
C GLU B 1156 68.65 6.82 -91.72
N ASP B 1157 69.11 5.59 -91.50
CA ASP B 1157 68.58 4.41 -92.17
C ASP B 1157 67.48 3.72 -91.35
N VAL B 1158 67.02 4.30 -90.23
CA VAL B 1158 66.00 3.66 -89.40
C VAL B 1158 64.76 4.53 -89.28
N ALA B 1159 63.59 4.02 -89.70
CA ALA B 1159 62.35 4.77 -89.57
C ALA B 1159 61.45 4.13 -88.54
N ILE B 1160 60.72 4.93 -87.76
CA ILE B 1160 59.83 4.39 -86.74
C ILE B 1160 58.38 4.85 -86.97
N VAL B 1161 57.51 3.89 -87.24
CA VAL B 1161 56.10 4.10 -87.48
C VAL B 1161 55.32 3.57 -86.30
N ARG B 1162 54.31 4.31 -85.83
CA ARG B 1162 53.52 3.89 -84.68
C ARG B 1162 52.11 3.44 -85.08
N ILE B 1163 51.65 2.34 -84.49
CA ILE B 1163 50.31 1.83 -84.70
C ILE B 1163 49.48 2.23 -83.50
N GLU B 1164 48.83 3.39 -83.58
CA GLU B 1164 48.05 3.92 -82.47
C GLU B 1164 46.77 3.09 -82.29
N GLN B 1165 45.96 2.92 -83.34
CA GLN B 1165 44.76 2.09 -83.24
C GLN B 1165 45.15 0.65 -83.50
N LEU B 1166 45.21 -0.15 -82.44
CA LEU B 1166 45.60 -1.55 -82.54
C LEU B 1166 44.50 -2.42 -83.14
N ALA B 1167 43.23 -2.09 -82.86
CA ALA B 1167 42.12 -2.86 -83.39
C ALA B 1167 40.87 -1.98 -83.53
N PRO B 1168 40.26 -1.92 -84.72
CA PRO B 1168 40.68 -2.58 -85.96
C PRO B 1168 42.02 -2.05 -86.47
N LEU B 1169 42.79 -2.92 -87.14
CA LEU B 1169 44.09 -2.54 -87.69
C LEU B 1169 43.88 -1.56 -88.83
N PRO B 1170 44.61 -0.44 -88.86
CA PRO B 1170 44.40 0.55 -89.91
C PRO B 1170 45.01 0.13 -91.26
N ARG B 1171 44.35 -0.81 -91.96
CA ARG B 1171 44.81 -1.39 -93.21
C ARG B 1171 45.13 -0.36 -94.29
N ARG B 1172 44.22 0.59 -94.55
CA ARG B 1172 44.46 1.61 -95.57
C ARG B 1172 45.48 2.62 -95.10
N ARG B 1173 45.33 3.15 -93.88
CA ARG B 1173 46.28 4.13 -93.34
C ARG B 1173 47.70 3.60 -93.28
N LEU B 1174 47.87 2.28 -93.15
CA LEU B 1174 49.18 1.68 -93.05
C LEU B 1174 49.72 1.26 -94.39
N ALA B 1175 48.87 0.81 -95.33
CA ALA B 1175 49.36 0.42 -96.65
C ALA B 1175 49.98 1.62 -97.38
N GLU B 1176 49.30 2.79 -97.33
CA GLU B 1176 49.75 4.04 -97.95
C GLU B 1176 51.06 4.53 -97.33
N THR B 1177 51.15 4.42 -96.01
CA THR B 1177 52.29 4.85 -95.22
C THR B 1177 53.51 3.92 -95.49
N LEU B 1178 53.27 2.59 -95.64
CA LEU B 1178 54.30 1.58 -95.93
C LEU B 1178 54.87 1.73 -97.33
N ASP B 1179 54.10 2.30 -98.27
CA ASP B 1179 54.59 2.53 -99.62
C ASP B 1179 55.67 3.63 -99.60
N ARG B 1180 55.61 4.58 -98.64
CA ARG B 1180 56.71 5.53 -98.43
C ARG B 1180 57.92 4.76 -97.88
N TYR B 1181 59.12 5.35 -97.91
CA TYR B 1181 60.35 4.67 -97.48
C TYR B 1181 60.54 3.41 -98.35
N PRO B 1182 60.91 3.56 -99.63
CA PRO B 1182 60.95 2.38 -100.51
C PRO B 1182 62.17 1.50 -100.37
N ASN B 1183 63.28 2.05 -99.87
CA ASN B 1183 64.52 1.29 -99.72
C ASN B 1183 64.53 0.46 -98.43
N VAL B 1184 63.37 0.14 -97.88
CA VAL B 1184 63.28 -0.66 -96.67
C VAL B 1184 63.49 -2.11 -97.04
N LYS B 1185 64.46 -2.75 -96.40
CA LYS B 1185 64.75 -4.15 -96.67
C LYS B 1185 64.48 -5.05 -95.44
N GLU B 1186 64.12 -4.48 -94.28
CA GLU B 1186 63.82 -5.28 -93.09
C GLU B 1186 62.73 -4.61 -92.24
N LYS B 1187 61.82 -5.41 -91.67
CA LYS B 1187 60.73 -4.89 -90.84
C LYS B 1187 60.74 -5.52 -89.44
N PHE B 1188 60.52 -4.70 -88.40
CA PHE B 1188 60.53 -5.18 -87.02
C PHE B 1188 59.38 -4.65 -86.20
N TRP B 1189 58.85 -5.49 -85.30
CA TRP B 1189 57.82 -5.05 -84.37
C TRP B 1189 58.49 -4.94 -83.01
N VAL B 1190 58.72 -3.72 -82.54
CA VAL B 1190 59.40 -3.46 -81.27
C VAL B 1190 58.39 -3.12 -80.16
N GLN B 1191 58.24 -4.04 -79.18
CA GLN B 1191 57.34 -3.89 -78.03
C GLN B 1191 58.07 -4.26 -76.74
N GLU B 1192 57.77 -3.54 -75.65
CA GLU B 1192 58.39 -3.79 -74.35
C GLU B 1192 57.82 -5.05 -73.68
N GLU B 1193 56.57 -5.40 -73.99
CA GLU B 1193 55.85 -6.55 -73.45
C GLU B 1193 56.55 -7.87 -73.84
N PRO B 1194 56.31 -8.95 -73.07
CA PRO B 1194 56.95 -10.24 -73.40
C PRO B 1194 56.53 -10.79 -74.78
N ALA B 1195 57.13 -11.91 -75.20
CA ALA B 1195 56.82 -12.51 -76.49
C ALA B 1195 55.38 -13.10 -76.52
N ASN B 1196 55.01 -13.98 -75.56
CA ASN B 1196 53.66 -14.56 -75.52
C ASN B 1196 52.56 -13.52 -75.15
N GLN B 1197 52.97 -12.32 -74.71
CA GLN B 1197 52.08 -11.23 -74.33
C GLN B 1197 52.34 -9.99 -75.22
N GLY B 1198 51.51 -8.96 -75.08
CA GLY B 1198 51.63 -7.75 -75.87
C GLY B 1198 50.80 -7.80 -77.13
N ALA B 1199 51.37 -7.32 -78.24
CA ALA B 1199 50.64 -7.29 -79.51
C ALA B 1199 51.15 -8.33 -80.51
N TRP B 1200 52.37 -8.83 -80.35
CA TRP B 1200 52.94 -9.81 -81.27
C TRP B 1200 52.09 -11.09 -81.47
N PRO B 1201 51.48 -11.72 -80.43
CA PRO B 1201 50.72 -12.96 -80.69
C PRO B 1201 49.60 -12.83 -81.74
N SER B 1202 49.09 -11.61 -81.90
CA SER B 1202 48.04 -11.30 -82.84
C SER B 1202 48.61 -10.68 -84.11
N PHE B 1203 49.52 -9.70 -83.98
CA PHE B 1203 50.13 -8.99 -85.11
C PHE B 1203 51.01 -9.90 -85.99
N GLY B 1204 51.84 -10.73 -85.37
CA GLY B 1204 52.72 -11.64 -86.07
C GLY B 1204 52.02 -12.66 -86.96
N LEU B 1205 50.72 -12.84 -86.75
CA LEU B 1205 49.90 -13.78 -87.51
C LEU B 1205 48.85 -13.07 -88.40
N THR B 1206 48.52 -11.81 -88.09
CA THR B 1206 47.54 -11.02 -88.84
C THR B 1206 48.23 -10.24 -89.96
N LEU B 1207 49.33 -9.54 -89.65
CA LEU B 1207 50.03 -8.69 -90.60
C LEU B 1207 50.52 -9.42 -91.87
N PRO B 1208 51.21 -10.59 -91.82
CA PRO B 1208 51.61 -11.26 -93.08
C PRO B 1208 50.43 -11.92 -93.81
N GLU B 1209 49.23 -11.91 -93.23
CA GLU B 1209 48.03 -12.49 -93.81
C GLU B 1209 47.13 -11.40 -94.44
N ILE B 1210 47.17 -10.16 -93.90
CA ILE B 1210 46.35 -9.03 -94.37
C ILE B 1210 47.12 -8.13 -95.34
N LEU B 1211 48.36 -7.77 -95.00
CA LEU B 1211 49.21 -6.95 -95.87
C LEU B 1211 50.49 -7.74 -96.19
N PRO B 1212 50.42 -8.82 -97.01
CA PRO B 1212 51.63 -9.62 -97.28
C PRO B 1212 52.65 -8.93 -98.18
N ASP B 1213 52.23 -7.91 -98.93
CA ASP B 1213 53.13 -7.18 -99.81
C ASP B 1213 54.21 -6.40 -99.04
N HIS B 1214 54.04 -6.21 -97.72
CA HIS B 1214 55.01 -5.47 -96.93
C HIS B 1214 55.41 -6.27 -95.68
N PHE B 1215 54.43 -6.82 -94.96
CA PHE B 1215 54.69 -7.51 -93.70
C PHE B 1215 55.08 -8.99 -93.81
N THR B 1216 55.37 -9.51 -95.02
CA THR B 1216 55.81 -10.90 -95.14
C THR B 1216 57.27 -10.92 -94.73
N GLY B 1217 57.62 -11.80 -93.80
CA GLY B 1217 58.99 -11.88 -93.29
C GLY B 1217 59.23 -10.78 -92.27
N LEU B 1218 58.27 -10.62 -91.37
CA LEU B 1218 58.36 -9.61 -90.32
C LEU B 1218 59.12 -10.17 -89.13
N LYS B 1219 60.11 -9.43 -88.63
CA LYS B 1219 60.88 -9.87 -87.47
C LYS B 1219 60.34 -9.22 -86.19
N ARG B 1220 60.65 -9.81 -85.02
CA ARG B 1220 60.13 -9.31 -83.75
C ARG B 1220 61.24 -8.98 -82.75
N ILE B 1221 61.31 -7.72 -82.30
CA ILE B 1221 62.31 -7.29 -81.33
C ILE B 1221 61.59 -7.01 -80.01
N SER B 1222 61.43 -8.03 -79.13
CA SER B 1222 60.69 -7.83 -77.88
C SER B 1222 61.31 -8.62 -76.69
N ARG B 1223 60.69 -8.51 -75.50
CA ARG B 1223 61.14 -9.21 -74.30
C ARG B 1223 60.82 -10.71 -74.38
N ARG B 1224 61.55 -11.52 -73.62
CA ARG B 1224 61.34 -12.96 -73.60
C ARG B 1224 59.98 -13.30 -73.00
N ALA B 1225 59.41 -14.42 -73.41
CA ALA B 1225 58.09 -14.84 -72.93
C ALA B 1225 58.11 -15.27 -71.47
N MET B 1226 57.25 -14.64 -70.65
CA MET B 1226 57.11 -14.92 -69.22
C MET B 1226 55.65 -15.26 -68.85
N SER B 1227 55.46 -15.95 -67.72
CA SER B 1227 54.10 -16.27 -67.24
C SER B 1227 53.45 -15.02 -66.57
N ALA B 1228 54.29 -14.09 -66.07
CA ALA B 1228 53.86 -12.82 -65.49
C ALA B 1228 54.12 -11.68 -66.49
N PRO B 1229 53.37 -10.58 -66.39
CA PRO B 1229 53.54 -9.48 -67.36
C PRO B 1229 54.94 -8.84 -67.38
N SER B 1230 55.67 -8.87 -66.25
CA SER B 1230 57.01 -8.27 -66.16
C SER B 1230 57.89 -8.97 -65.09
N SER B 1231 59.16 -8.56 -64.93
CA SER B 1231 60.04 -9.17 -63.93
C SER B 1231 59.94 -8.43 -62.60
N GLY B 1232 60.05 -9.18 -61.50
CA GLY B 1232 59.94 -8.67 -60.15
C GLY B 1232 60.97 -7.63 -59.73
N SER B 1233 62.24 -7.90 -60.03
CA SER B 1233 63.32 -6.98 -59.67
C SER B 1233 63.36 -5.80 -60.64
N SER B 1234 63.65 -4.61 -60.12
CA SER B 1234 63.74 -3.39 -60.93
C SER B 1234 65.03 -3.35 -61.77
N LYS B 1235 66.09 -4.00 -61.29
CA LYS B 1235 67.37 -4.06 -62.00
C LYS B 1235 67.24 -4.87 -63.28
N VAL B 1236 66.46 -5.96 -63.24
CA VAL B 1236 66.23 -6.84 -64.39
C VAL B 1236 65.50 -6.11 -65.52
N HIS B 1237 64.57 -5.23 -65.16
CA HIS B 1237 63.80 -4.47 -66.15
C HIS B 1237 64.70 -3.51 -66.93
N ALA B 1238 65.67 -2.90 -66.27
CA ALA B 1238 66.59 -1.95 -66.90
C ALA B 1238 67.46 -2.63 -67.95
N VAL B 1239 67.90 -3.87 -67.67
CA VAL B 1239 68.74 -4.65 -68.57
C VAL B 1239 67.91 -5.09 -69.78
N GLU B 1240 66.70 -5.62 -69.52
CA GLU B 1240 65.81 -6.09 -70.58
C GLU B 1240 65.34 -4.95 -71.48
N GLN B 1241 65.11 -3.74 -70.93
CA GLN B 1241 64.68 -2.59 -71.74
C GLN B 1241 65.84 -2.08 -72.63
N GLN B 1242 67.08 -2.21 -72.16
CA GLN B 1242 68.24 -1.81 -72.94
C GLN B 1242 68.57 -2.86 -74.02
N GLU B 1243 68.30 -4.14 -73.75
CA GLU B 1243 68.53 -5.22 -74.70
C GLU B 1243 67.75 -5.03 -75.98
N ILE B 1244 66.50 -4.60 -75.87
CA ILE B 1244 65.63 -4.39 -77.02
C ILE B 1244 66.08 -3.13 -77.81
N LEU B 1245 66.55 -2.09 -77.11
CA LEU B 1245 67.03 -0.86 -77.75
C LEU B 1245 68.31 -1.11 -78.55
N ASP B 1246 69.17 -2.01 -78.07
CA ASP B 1246 70.41 -2.35 -78.79
C ASP B 1246 70.15 -3.33 -79.93
N THR B 1247 69.12 -4.20 -79.79
CA THR B 1247 68.75 -5.17 -80.81
C THR B 1247 68.13 -4.46 -82.02
N ALA B 1248 67.28 -3.48 -81.77
CA ALA B 1248 66.66 -2.70 -82.84
C ALA B 1248 67.62 -1.65 -83.45
N PHE B 1249 68.85 -1.51 -82.93
CA PHE B 1249 69.83 -0.57 -83.44
C PHE B 1249 71.17 -1.29 -83.64
N GLY B 1250 71.12 -2.42 -84.32
CA GLY B 1250 72.28 -3.25 -84.62
C GLY B 1250 71.88 -4.44 -85.49
N GLY C 122 52.78 47.83 -12.39
CA GLY C 122 52.53 46.56 -13.08
C GLY C 122 51.40 46.65 -14.08
N ASP C 123 51.53 47.58 -15.06
CA ASP C 123 50.56 47.83 -16.13
C ASP C 123 49.16 48.09 -15.53
N GLU C 124 49.08 49.03 -14.59
CA GLU C 124 47.82 49.34 -13.92
C GLU C 124 47.32 50.75 -14.23
N SER C 125 46.01 50.97 -14.05
CA SER C 125 45.40 52.29 -14.30
C SER C 125 44.69 52.82 -13.06
N GLN C 126 45.23 53.90 -12.48
CA GLN C 126 44.65 54.50 -11.29
C GLN C 126 43.80 55.69 -11.66
N ILE C 127 42.49 55.54 -11.56
CA ILE C 127 41.57 56.61 -11.93
C ILE C 127 41.11 57.37 -10.69
N LEU C 128 41.19 58.71 -10.69
CA LEU C 128 40.74 59.53 -9.56
C LEU C 128 39.22 59.55 -9.51
N ARG C 129 38.63 59.27 -8.33
CA ARG C 129 37.18 59.24 -8.21
C ARG C 129 36.61 60.65 -8.06
N GLY C 130 35.45 60.88 -8.67
CA GLY C 130 34.78 62.18 -8.62
C GLY C 130 33.44 62.13 -7.89
N ALA C 131 32.41 61.58 -8.55
CA ALA C 131 31.08 61.42 -7.96
C ALA C 131 31.07 60.23 -7.00
N ALA C 132 31.75 59.14 -7.40
CA ALA C 132 31.91 57.96 -6.57
C ALA C 132 32.79 58.23 -5.35
N ALA C 133 33.65 59.27 -5.39
CA ALA C 133 34.48 59.66 -4.26
C ALA C 133 33.63 60.01 -3.05
N ALA C 134 32.39 60.51 -3.26
CA ALA C 134 31.47 60.81 -2.18
C ALA C 134 31.12 59.53 -1.42
N VAL C 135 30.91 58.42 -2.15
CA VAL C 135 30.60 57.11 -1.60
C VAL C 135 31.78 56.58 -0.76
N VAL C 136 33.02 56.76 -1.27
CA VAL C 136 34.24 56.33 -0.59
C VAL C 136 34.42 57.00 0.78
N LYS C 137 34.23 58.33 0.85
CA LYS C 137 34.39 59.05 2.11
C LYS C 137 33.29 58.71 3.12
N ASN C 138 32.11 58.27 2.64
CA ASN C 138 31.01 57.86 3.52
C ASN C 138 31.35 56.50 4.16
N MET C 139 32.03 55.60 3.43
CA MET C 139 32.45 54.30 3.97
C MET C 139 33.49 54.48 5.10
N ASN C 140 34.26 55.57 5.06
CA ASN C 140 35.23 55.92 6.08
C ASN C 140 34.52 56.36 7.35
N ALA C 141 33.41 57.11 7.22
CA ALA C 141 32.63 57.58 8.36
C ALA C 141 32.01 56.42 9.12
N SER C 142 31.56 55.37 8.40
CA SER C 142 30.98 54.20 9.02
C SER C 142 31.99 53.35 9.82
N LEU C 143 33.30 53.64 9.68
CA LEU C 143 34.35 52.92 10.39
C LEU C 143 34.29 53.18 11.90
N GLU C 144 33.88 54.39 12.30
CA GLU C 144 33.75 54.74 13.72
C GLU C 144 32.54 54.11 14.38
N VAL C 145 31.55 53.66 13.59
CA VAL C 145 30.34 53.02 14.11
C VAL C 145 30.62 51.55 14.38
N PRO C 146 30.62 51.15 15.66
CA PRO C 146 30.88 49.73 15.96
C PRO C 146 29.66 48.91 15.62
N THR C 147 29.75 48.06 14.58
CA THR C 147 28.59 47.28 14.17
C THR C 147 28.71 45.78 14.48
N ALA C 148 27.58 45.22 14.83
CA ALA C 148 27.35 43.80 15.08
C ALA C 148 26.07 43.41 14.34
N THR C 149 25.94 42.15 13.89
CA THR C 149 24.75 41.78 13.10
C THR C 149 24.02 40.55 13.64
N SER C 150 22.70 40.67 13.82
CA SER C 150 21.82 39.59 14.24
C SER C 150 21.16 39.01 12.99
N VAL C 151 21.23 37.69 12.76
CA VAL C 151 20.64 37.09 11.56
C VAL C 151 19.54 36.09 11.95
N ARG C 152 18.40 36.12 11.24
CA ARG C 152 17.29 35.23 11.55
C ARG C 152 16.50 34.82 10.30
N ALA C 153 16.19 33.53 10.19
CA ALA C 153 15.42 32.99 9.07
C ALA C 153 13.94 32.91 9.41
N ILE C 154 13.10 33.48 8.53
CA ILE C 154 11.65 33.50 8.71
C ILE C 154 10.95 32.74 7.58
N PRO C 155 10.07 31.76 7.89
CA PRO C 155 9.34 31.08 6.81
C PRO C 155 8.39 32.06 6.14
N ALA C 156 8.52 32.21 4.84
CA ALA C 156 7.73 33.18 4.09
C ALA C 156 6.49 32.60 3.41
N LYS C 157 6.27 31.28 3.49
CA LYS C 157 5.13 30.60 2.88
C LYS C 157 3.79 31.31 3.18
N LEU C 158 3.67 32.03 4.31
CA LEU C 158 2.44 32.74 4.64
C LEU C 158 2.26 33.98 3.78
N MET C 159 3.23 34.92 3.75
CA MET C 159 3.08 36.12 2.95
C MET C 159 3.10 35.84 1.44
N ILE C 160 3.62 34.67 1.03
CA ILE C 160 3.62 34.32 -0.38
C ILE C 160 2.21 33.96 -0.79
N ASP C 161 1.56 33.03 -0.05
CA ASP C 161 0.20 32.57 -0.32
C ASP C 161 -0.86 33.67 -0.07
N ASN C 162 -0.53 34.69 0.74
CA ASN C 162 -1.43 35.82 0.97
C ASN C 162 -1.29 36.84 -0.16
N ARG C 163 -0.05 37.03 -0.66
CA ARG C 163 0.23 37.91 -1.81
C ARG C 163 -0.54 37.42 -3.04
N VAL C 164 -0.68 36.08 -3.19
CA VAL C 164 -1.43 35.38 -4.25
C VAL C 164 -2.84 35.97 -4.32
N VAL C 165 -3.49 36.11 -3.16
CA VAL C 165 -4.85 36.61 -3.08
C VAL C 165 -4.87 38.12 -3.24
N ILE C 166 -3.97 38.84 -2.55
CA ILE C 166 -3.90 40.31 -2.60
C ILE C 166 -3.80 40.84 -4.04
N ASN C 167 -2.82 40.36 -4.82
CA ASN C 167 -2.64 40.87 -6.18
C ASN C 167 -3.69 40.36 -7.14
N ASN C 168 -4.34 39.21 -6.86
CA ASN C 168 -5.41 38.73 -7.74
C ASN C 168 -6.67 39.57 -7.49
N HIS C 169 -6.99 39.85 -6.22
CA HIS C 169 -8.16 40.65 -5.85
C HIS C 169 -8.00 42.09 -6.32
N LEU C 170 -6.79 42.65 -6.20
CA LEU C 170 -6.56 44.02 -6.65
C LEU C 170 -6.65 44.13 -8.16
N LYS C 171 -6.17 43.12 -8.89
CA LYS C 171 -6.22 43.06 -10.34
C LYS C 171 -7.66 42.97 -10.85
N ARG C 172 -8.53 42.25 -10.13
CA ARG C 172 -9.92 42.07 -10.54
C ARG C 172 -10.85 43.19 -10.07
N THR C 173 -10.34 44.25 -9.41
CA THR C 173 -11.22 45.31 -8.90
C THR C 173 -10.81 46.75 -9.26
N ARG C 174 -9.55 47.15 -9.01
CA ARG C 174 -9.15 48.54 -9.22
C ARG C 174 -7.69 48.75 -9.57
N GLY C 175 -6.96 47.68 -9.86
CA GLY C 175 -5.54 47.77 -10.13
C GLY C 175 -4.72 47.77 -8.86
N GLY C 176 -3.43 48.05 -8.99
CA GLY C 176 -2.52 48.09 -7.86
C GLY C 176 -1.86 46.74 -7.62
N LYS C 177 -0.58 46.75 -7.24
CA LYS C 177 0.13 45.51 -6.98
C LYS C 177 1.02 45.65 -5.76
N ILE C 178 0.91 44.71 -4.84
CA ILE C 178 1.72 44.67 -3.63
C ILE C 178 2.90 43.75 -3.86
N SER C 179 4.10 44.26 -3.64
CA SER C 179 5.33 43.47 -3.72
C SER C 179 5.73 43.03 -2.32
N PHE C 180 6.64 42.06 -2.21
CA PHE C 180 7.06 41.56 -0.90
C PHE C 180 7.71 42.66 -0.04
N THR C 181 8.34 43.65 -0.66
CA THR C 181 8.99 44.74 0.06
C THR C 181 7.98 45.65 0.76
N HIS C 182 6.75 45.74 0.23
CA HIS C 182 5.69 46.57 0.82
C HIS C 182 5.36 46.05 2.20
N LEU C 183 5.16 44.73 2.30
CA LEU C 183 4.83 44.06 3.54
C LEU C 183 6.01 44.14 4.51
N LEU C 184 7.22 43.92 3.99
CA LEU C 184 8.46 43.93 4.75
C LEU C 184 8.72 45.29 5.40
N GLY C 185 8.64 46.36 4.61
CA GLY C 185 8.88 47.71 5.11
C GLY C 185 7.85 48.15 6.12
N TYR C 186 6.59 47.73 5.92
CA TYR C 186 5.51 48.08 6.83
C TYR C 186 5.69 47.44 8.19
N ALA C 187 6.12 46.17 8.19
CA ALA C 187 6.38 45.46 9.44
C ALA C 187 7.56 46.09 10.18
N ILE C 188 8.59 46.57 9.43
CA ILE C 188 9.75 47.25 10.01
C ILE C 188 9.30 48.51 10.73
N VAL C 189 8.42 49.29 10.09
CA VAL C 189 7.88 50.53 10.62
C VAL C 189 7.06 50.30 11.88
N GLN C 190 6.19 49.27 11.88
CA GLN C 190 5.37 48.97 13.06
C GLN C 190 6.23 48.41 14.21
N ALA C 191 7.31 47.67 13.88
CA ALA C 191 8.22 47.12 14.89
C ALA C 191 9.08 48.23 15.51
N VAL C 192 9.38 49.29 14.74
CA VAL C 192 10.12 50.45 15.22
C VAL C 192 9.32 51.14 16.34
N LYS C 193 7.98 51.14 16.25
CA LYS C 193 7.13 51.71 17.27
C LYS C 193 7.29 50.95 18.60
N LYS C 194 7.41 49.61 18.52
CA LYS C 194 7.59 48.78 19.71
C LYS C 194 8.97 49.01 20.32
N PHE C 195 10.02 49.08 19.50
CA PHE C 195 11.38 49.33 19.99
C PHE C 195 11.83 50.71 19.60
N PRO C 196 11.89 51.64 20.55
CA PRO C 196 12.22 53.02 20.21
C PRO C 196 13.69 53.25 19.95
N ASN C 197 14.56 52.52 20.65
CA ASN C 197 15.99 52.66 20.46
C ASN C 197 16.46 52.23 19.05
N MET C 198 15.60 51.59 18.25
CA MET C 198 15.97 51.17 16.89
C MET C 198 15.93 52.34 15.89
N ASN C 199 15.23 53.44 16.20
CA ASN C 199 15.16 54.60 15.32
C ASN C 199 16.28 55.60 15.61
N ARG C 200 16.64 55.71 16.90
CA ARG C 200 17.69 56.61 17.39
C ARG C 200 19.06 56.32 16.78
N HIS C 201 19.94 57.32 16.74
CA HIS C 201 21.29 57.13 16.23
C HIS C 201 22.30 57.88 17.11
N PHE C 202 23.47 57.27 17.33
CA PHE C 202 24.48 57.89 18.17
C PHE C 202 25.05 59.15 17.54
N ALA C 203 25.35 60.15 18.37
CA ALA C 203 25.93 61.43 17.97
C ALA C 203 26.71 62.08 19.12
N VAL C 204 27.65 62.96 18.80
CA VAL C 204 28.42 63.64 19.85
C VAL C 204 28.21 65.16 19.73
N VAL C 205 27.56 65.74 20.73
CA VAL C 205 27.27 67.15 20.78
C VAL C 205 28.08 67.80 21.88
N ASP C 206 29.10 68.60 21.50
CA ASP C 206 29.99 69.33 22.41
C ASP C 206 30.76 68.38 23.33
N GLY C 207 31.24 67.27 22.77
CA GLY C 207 32.01 66.28 23.51
C GLY C 207 31.17 65.47 24.48
N LYS C 208 29.89 65.25 24.15
CA LYS C 208 28.99 64.52 25.02
C LYS C 208 28.38 63.32 24.28
N PRO C 209 28.22 62.16 24.94
CA PRO C 209 27.60 61.02 24.25
C PRO C 209 26.08 61.12 24.23
N THR C 210 25.56 61.99 23.35
CA THR C 210 24.13 62.21 23.24
C THR C 210 23.55 61.43 22.06
N ALA C 211 22.43 60.75 22.27
CA ALA C 211 21.80 59.99 21.21
C ALA C 211 20.56 60.73 20.68
N ILE C 212 20.55 61.00 19.37
CA ILE C 212 19.45 61.70 18.72
C ILE C 212 18.22 60.82 18.70
N THR C 213 17.05 61.36 19.03
CA THR C 213 15.80 60.60 18.97
C THR C 213 14.90 61.31 17.97
N PRO C 214 14.95 60.89 16.69
CA PRO C 214 14.17 61.58 15.66
C PRO C 214 12.67 61.53 15.88
N ALA C 215 11.98 62.57 15.42
CA ALA C 215 10.55 62.66 15.56
C ALA C 215 9.83 61.73 14.59
N HIS C 216 10.37 61.60 13.36
CA HIS C 216 9.75 60.75 12.37
C HIS C 216 10.67 59.61 12.01
N THR C 217 10.08 58.43 11.88
CA THR C 217 10.80 57.22 11.52
C THR C 217 10.81 57.15 10.00
N ASN C 218 11.93 57.55 9.38
CA ASN C 218 12.03 57.59 7.91
C ASN C 218 12.77 56.39 7.37
N LEU C 219 12.01 55.43 6.82
CA LEU C 219 12.53 54.20 6.26
C LEU C 219 13.28 54.40 4.96
N GLY C 220 14.56 54.08 4.99
CA GLY C 220 15.43 54.19 3.83
C GLY C 220 15.19 53.08 2.83
N LEU C 221 15.12 53.43 1.54
CA LEU C 221 14.88 52.47 0.47
C LEU C 221 16.04 52.39 -0.48
N ALA C 222 16.51 51.16 -0.75
CA ALA C 222 17.59 50.98 -1.71
C ALA C 222 17.01 51.05 -3.11
N ILE C 223 16.94 52.26 -3.71
CA ILE C 223 16.35 52.40 -5.04
C ILE C 223 17.43 52.51 -6.10
N ASP C 224 17.59 51.48 -6.93
CA ASP C 224 18.59 51.48 -7.98
C ASP C 224 18.04 52.13 -9.24
N LEU C 225 18.47 53.37 -9.52
CA LEU C 225 18.01 54.09 -10.71
C LEU C 225 18.87 53.74 -11.90
N GLN C 226 18.36 52.93 -12.84
CA GLN C 226 19.09 52.60 -14.07
C GLN C 226 19.15 53.85 -14.97
N GLY C 227 20.30 54.50 -14.98
CA GLY C 227 20.57 55.75 -15.69
C GLY C 227 20.43 55.75 -17.21
N LYS C 228 20.85 56.88 -17.83
CA LYS C 228 20.76 57.10 -19.27
C LYS C 228 21.72 56.20 -20.08
N ASP C 229 22.95 56.00 -19.59
CA ASP C 229 23.93 55.16 -20.29
C ASP C 229 24.19 53.83 -19.54
N GLY C 230 23.18 53.32 -18.83
CA GLY C 230 23.29 52.08 -18.06
C GLY C 230 23.83 52.24 -16.65
N ASN C 231 24.24 53.47 -16.28
CA ASN C 231 24.81 53.80 -14.97
C ASN C 231 23.78 53.60 -13.85
N ARG C 232 23.84 52.45 -13.17
CA ARG C 232 22.92 52.13 -12.09
C ARG C 232 23.22 52.96 -10.84
N SER C 233 22.63 54.17 -10.77
CA SER C 233 22.78 55.11 -9.66
C SER C 233 21.92 54.66 -8.47
N LEU C 234 22.55 54.02 -7.48
CA LEU C 234 21.85 53.50 -6.30
C LEU C 234 21.59 54.60 -5.27
N VAL C 235 20.32 54.98 -5.06
CA VAL C 235 19.95 56.06 -4.15
C VAL C 235 19.24 55.56 -2.89
N VAL C 236 19.24 56.38 -1.82
CA VAL C 236 18.58 56.04 -0.56
C VAL C 236 17.43 57.01 -0.32
N ALA C 237 16.26 56.76 -0.92
CA ALA C 237 15.10 57.62 -0.71
C ALA C 237 14.46 57.34 0.66
N ALA C 238 13.67 58.28 1.20
CA ALA C 238 13.07 58.08 2.52
C ALA C 238 11.58 58.34 2.56
N ILE C 239 10.83 57.33 3.01
CA ILE C 239 9.40 57.44 3.23
C ILE C 239 9.27 58.07 4.62
N LYS C 240 8.77 59.31 4.72
CA LYS C 240 8.74 60.03 6.00
C LYS C 240 7.39 59.94 6.73
N ARG C 241 7.42 60.11 8.07
CA ARG C 241 6.26 60.07 8.97
C ARG C 241 5.56 58.72 8.88
N CYS C 242 6.34 57.65 8.88
CA CYS C 242 5.81 56.29 8.77
C CYS C 242 5.06 55.87 10.04
N GLU C 243 5.52 56.32 11.21
CA GLU C 243 4.91 55.98 12.49
C GLU C 243 3.43 56.49 12.59
N THR C 244 3.10 57.53 11.83
CA THR C 244 1.74 58.07 11.81
C THR C 244 1.00 57.55 10.58
N MET C 245 1.22 56.29 10.20
CA MET C 245 0.59 55.74 9.01
C MET C 245 -0.02 54.37 9.21
N ARG C 246 -1.06 54.12 8.43
CA ARG C 246 -1.75 52.84 8.27
C ARG C 246 -1.19 52.20 6.98
N PHE C 247 -1.51 50.92 6.71
CA PHE C 247 -0.97 50.22 5.54
C PHE C 247 -1.22 50.98 4.22
N GLY C 248 -2.38 51.63 4.10
CA GLY C 248 -2.72 52.41 2.92
C GLY C 248 -1.84 53.64 2.76
N GLN C 249 -1.70 54.42 3.82
CA GLN C 249 -0.88 55.64 3.79
C GLN C 249 0.60 55.32 3.57
N PHE C 250 1.06 54.18 4.10
CA PHE C 250 2.45 53.79 3.94
C PHE C 250 2.74 53.43 2.49
N ILE C 251 1.94 52.52 1.88
CA ILE C 251 2.19 52.13 0.49
C ILE C 251 1.95 53.29 -0.48
N ALA C 252 1.15 54.30 -0.09
CA ALA C 252 0.94 55.47 -0.94
C ALA C 252 2.22 56.30 -0.97
N ALA C 253 2.84 56.51 0.21
CA ALA C 253 4.09 57.26 0.33
C ALA C 253 5.28 56.49 -0.28
N TYR C 254 5.21 55.16 -0.30
CA TYR C 254 6.24 54.31 -0.88
C TYR C 254 6.17 54.46 -2.40
N GLU C 255 4.97 54.35 -2.98
CA GLU C 255 4.80 54.43 -4.43
C GLU C 255 5.02 55.84 -4.99
N ASP C 256 4.91 56.87 -4.15
CA ASP C 256 5.20 58.24 -4.59
C ASP C 256 6.72 58.34 -4.76
N ILE C 257 7.46 57.91 -3.73
CA ILE C 257 8.92 57.91 -3.71
C ILE C 257 9.45 56.99 -4.84
N VAL C 258 8.74 55.92 -5.20
CA VAL C 258 9.14 55.00 -6.27
C VAL C 258 8.86 55.62 -7.64
N ARG C 259 7.64 56.16 -7.85
CA ARG C 259 7.29 56.73 -9.13
C ARG C 259 8.18 57.92 -9.48
N ARG C 260 8.50 58.74 -8.47
CA ARG C 260 9.34 59.91 -8.68
C ARG C 260 10.82 59.53 -8.85
N ALA C 261 11.31 58.50 -8.14
CA ALA C 261 12.72 58.08 -8.29
C ALA C 261 12.95 57.49 -9.68
N ARG C 262 11.98 56.70 -10.16
CA ARG C 262 12.02 56.06 -11.46
C ARG C 262 12.08 57.08 -12.61
N ASP C 263 11.45 58.26 -12.42
CA ASP C 263 11.44 59.29 -13.45
C ASP C 263 12.32 60.52 -13.12
N GLY C 264 13.31 60.33 -12.24
CA GLY C 264 14.27 61.35 -11.85
C GLY C 264 13.72 62.66 -11.32
N LYS C 265 12.59 62.61 -10.62
CA LYS C 265 11.97 63.81 -10.06
C LYS C 265 12.05 63.85 -8.54
N LEU C 266 13.10 63.25 -7.95
CA LEU C 266 13.28 63.26 -6.51
C LEU C 266 13.98 64.52 -6.06
N THR C 267 13.44 65.18 -5.03
CA THR C 267 14.07 66.37 -4.48
C THR C 267 15.20 65.96 -3.54
N ALA C 268 16.19 66.84 -3.38
CA ALA C 268 17.29 66.60 -2.46
C ALA C 268 16.79 66.45 -1.00
N GLU C 269 15.59 66.98 -0.70
CA GLU C 269 14.96 66.89 0.60
C GLU C 269 14.58 65.42 0.93
N ASP C 270 14.34 64.57 -0.08
CA ASP C 270 13.97 63.17 0.12
C ASP C 270 15.12 62.35 0.71
N PHE C 271 16.35 62.66 0.29
CA PHE C 271 17.55 61.92 0.72
C PHE C 271 18.05 62.32 2.12
N SER C 272 17.55 63.43 2.67
CA SER C 272 17.98 63.90 3.97
C SER C 272 16.95 63.55 5.03
N GLY C 273 17.29 62.63 5.93
CA GLY C 273 16.38 62.25 7.00
C GLY C 273 16.25 60.75 7.26
N VAL C 274 17.08 59.93 6.60
CA VAL C 274 17.01 58.48 6.80
C VAL C 274 17.44 58.12 8.23
N THR C 275 16.49 57.68 9.07
CA THR C 275 16.75 57.33 10.46
C THR C 275 17.01 55.82 10.64
N ILE C 276 16.42 55.00 9.75
CA ILE C 276 16.58 53.54 9.74
C ILE C 276 16.41 53.09 8.28
N SER C 277 17.37 52.33 7.75
CA SER C 277 17.35 51.94 6.34
C SER C 277 17.14 50.41 6.15
N LEU C 278 16.78 50.01 4.92
CA LEU C 278 16.55 48.60 4.57
C LEU C 278 17.17 48.31 3.19
N THR C 279 17.98 47.24 3.10
CA THR C 279 18.57 46.83 1.82
C THR C 279 18.10 45.43 1.45
N ASN C 280 18.14 45.12 0.15
CA ASN C 280 17.70 43.82 -0.32
C ASN C 280 18.76 43.10 -1.16
N PRO C 281 19.78 42.49 -0.53
CA PRO C 281 20.77 41.72 -1.30
C PRO C 281 20.19 40.42 -1.88
N GLY C 282 19.07 39.96 -1.32
CA GLY C 282 18.37 38.77 -1.78
C GLY C 282 17.75 38.89 -3.16
N THR C 283 17.81 40.09 -3.77
CA THR C 283 17.33 40.34 -5.13
C THR C 283 18.15 39.50 -6.10
N LEU C 284 19.47 39.46 -5.89
CA LEU C 284 20.41 38.72 -6.71
C LEU C 284 20.61 37.27 -6.24
N GLY C 285 19.74 36.76 -5.37
CA GLY C 285 19.83 35.40 -4.84
C GLY C 285 20.78 35.21 -3.68
N THR C 286 21.45 36.28 -3.23
CA THR C 286 22.38 36.21 -2.10
C THR C 286 21.57 35.94 -0.83
N VAL C 287 21.73 34.72 -0.27
CA VAL C 287 21.02 34.19 0.90
C VAL C 287 20.92 35.23 2.04
N HIS C 288 22.04 35.77 2.49
CA HIS C 288 22.06 36.77 3.55
C HIS C 288 23.32 37.61 3.43
N SER C 289 23.28 38.82 3.96
CA SER C 289 24.44 39.69 3.92
C SER C 289 24.73 40.32 5.27
N VAL C 290 25.98 40.73 5.46
CA VAL C 290 26.39 41.44 6.67
C VAL C 290 26.72 42.85 6.22
N PRO C 291 25.70 43.72 6.14
CA PRO C 291 25.93 45.05 5.59
C PRO C 291 26.72 45.97 6.49
N ARG C 292 27.15 47.09 5.92
CA ARG C 292 27.87 48.12 6.63
C ARG C 292 26.87 49.23 7.00
N LEU C 293 26.82 49.65 8.28
CA LEU C 293 25.88 50.69 8.71
C LEU C 293 26.49 52.09 8.62
N MET C 294 25.78 53.03 7.98
CA MET C 294 26.25 54.39 7.83
C MET C 294 25.91 55.28 9.01
N GLN C 295 26.64 56.39 9.18
CA GLN C 295 26.39 57.33 10.28
C GLN C 295 25.04 58.03 10.09
N GLY C 296 24.42 58.38 11.20
CA GLY C 296 23.11 59.01 11.16
C GLY C 296 21.94 58.03 11.27
N GLN C 297 22.23 56.73 11.06
CA GLN C 297 21.25 55.66 11.15
C GLN C 297 21.55 54.82 12.39
N GLY C 298 20.50 54.41 13.10
CA GLY C 298 20.67 53.59 14.29
C GLY C 298 20.92 52.15 13.89
N ALA C 299 20.11 51.66 12.97
CA ALA C 299 20.25 50.31 12.47
C ALA C 299 19.84 50.22 11.01
N ILE C 300 20.38 49.23 10.29
CA ILE C 300 20.03 48.99 8.90
C ILE C 300 19.73 47.48 8.76
N ILE C 301 18.60 47.15 8.11
CA ILE C 301 18.14 45.78 7.98
C ILE C 301 18.47 45.22 6.60
N GLY C 302 19.07 44.03 6.56
CA GLY C 302 19.41 43.38 5.30
C GLY C 302 18.52 42.19 5.00
N ALA C 303 17.49 42.43 4.19
CA ALA C 303 16.51 41.42 3.77
C ALA C 303 17.12 40.39 2.83
N GLY C 304 17.18 39.15 3.30
CA GLY C 304 17.77 38.06 2.53
C GLY C 304 16.99 37.58 1.33
N ALA C 305 17.46 36.49 0.73
CA ALA C 305 16.81 35.94 -0.44
C ALA C 305 15.66 35.06 -0.04
N MET C 306 14.44 35.41 -0.47
CA MET C 306 13.26 34.62 -0.12
C MET C 306 13.17 33.42 -1.03
N GLU C 307 13.73 32.29 -0.60
CA GLU C 307 13.76 31.09 -1.43
C GLU C 307 13.93 29.80 -0.63
N TYR C 308 13.78 28.67 -1.32
CA TYR C 308 14.02 27.35 -0.78
C TYR C 308 15.53 27.18 -0.59
N PRO C 309 15.97 26.48 0.48
CA PRO C 309 17.42 26.32 0.71
C PRO C 309 18.12 25.55 -0.39
N ALA C 310 19.44 25.68 -0.45
CA ALA C 310 20.28 25.06 -1.48
C ALA C 310 20.09 23.54 -1.64
N GLU C 311 19.91 22.79 -0.55
CA GLU C 311 19.78 21.33 -0.64
C GLU C 311 18.53 20.88 -1.40
N PHE C 312 17.40 21.53 -1.13
CA PHE C 312 16.12 21.19 -1.74
C PHE C 312 16.01 21.61 -3.20
N GLN C 313 16.87 22.51 -3.68
CA GLN C 313 16.81 23.02 -5.05
C GLN C 313 16.75 21.93 -6.11
N GLY C 314 17.24 20.74 -5.80
CA GLY C 314 17.22 19.64 -6.73
C GLY C 314 16.02 18.72 -6.70
N ALA C 315 15.13 18.84 -5.70
CA ALA C 315 13.96 17.95 -5.61
C ALA C 315 12.72 18.52 -6.34
N SER C 316 11.74 17.66 -6.68
CA SER C 316 10.52 18.07 -7.37
C SER C 316 9.57 18.84 -6.45
N GLU C 317 8.76 19.76 -7.02
CA GLU C 317 7.82 20.57 -6.25
C GLU C 317 6.81 19.70 -5.52
N GLU C 318 6.30 18.68 -6.21
CA GLU C 318 5.34 17.71 -5.69
C GLU C 318 5.87 16.97 -4.46
N ARG C 319 7.18 16.78 -4.39
CA ARG C 319 7.83 16.14 -3.28
C ARG C 319 7.83 17.07 -2.07
N ILE C 320 8.25 18.34 -2.27
CA ILE C 320 8.38 19.37 -1.24
C ILE C 320 7.04 19.72 -0.57
N ALA C 321 6.02 20.08 -1.36
CA ALA C 321 4.70 20.45 -0.81
C ALA C 321 4.02 19.30 -0.09
N ASP C 322 4.32 18.06 -0.51
CA ASP C 322 3.76 16.87 0.11
C ASP C 322 4.35 16.67 1.53
N LEU C 323 5.60 17.14 1.79
CA LEU C 323 6.21 16.99 3.11
C LEU C 323 5.88 18.18 4.02
N GLY C 324 5.89 19.38 3.45
CA GLY C 324 5.57 20.58 4.20
C GLY C 324 6.73 21.52 4.38
N ILE C 325 7.60 21.61 3.37
CA ILE C 325 8.75 22.51 3.44
C ILE C 325 8.39 23.80 2.68
N GLY C 326 8.65 24.96 3.27
CA GLY C 326 8.30 26.23 2.66
C GLY C 326 9.47 27.16 2.43
N LYS C 327 9.29 28.15 1.54
CA LYS C 327 10.35 29.13 1.27
C LYS C 327 10.63 29.97 2.50
N LEU C 328 11.83 30.55 2.59
CA LEU C 328 12.19 31.36 3.75
C LEU C 328 13.07 32.56 3.37
N ILE C 329 13.05 33.59 4.22
CA ILE C 329 13.86 34.77 4.00
C ILE C 329 14.83 34.92 5.18
N THR C 330 16.10 35.09 4.86
CA THR C 330 17.13 35.22 5.88
C THR C 330 17.26 36.69 6.26
N LEU C 331 16.40 37.19 7.14
CA LEU C 331 16.41 38.59 7.55
C LEU C 331 17.56 38.94 8.52
N THR C 332 18.46 39.83 8.07
CA THR C 332 19.61 40.27 8.87
C THR C 332 19.36 41.67 9.45
N SER C 333 20.14 42.05 10.48
CA SER C 333 19.98 43.34 11.12
C SER C 333 21.31 43.83 11.67
N THR C 334 22.00 44.71 10.95
CA THR C 334 23.27 45.27 11.43
C THR C 334 22.97 46.62 12.12
N TYR C 335 23.48 46.82 13.34
CA TYR C 335 23.15 48.01 14.17
C TYR C 335 24.38 48.71 14.79
N ASP C 336 24.14 49.91 15.39
CA ASP C 336 25.15 50.71 16.09
C ASP C 336 25.22 50.22 17.53
N HIS C 337 26.33 49.55 17.91
CA HIS C 337 26.51 48.98 19.24
C HIS C 337 26.69 50.03 20.34
N ARG C 338 26.87 51.31 19.99
CA ARG C 338 27.00 52.36 20.99
C ARG C 338 25.66 52.64 21.68
N ILE C 339 24.53 52.29 21.05
CA ILE C 339 23.20 52.56 21.62
C ILE C 339 22.31 51.28 21.66
N ILE C 340 22.29 50.50 20.58
CA ILE C 340 21.49 49.29 20.49
C ILE C 340 22.29 48.09 20.98
N GLN C 341 21.66 47.17 21.72
CA GLN C 341 22.35 45.98 22.18
C GLN C 341 21.75 44.71 21.59
N GLY C 342 22.54 43.63 21.56
CA GLY C 342 22.16 42.34 21.01
C GLY C 342 20.78 41.83 21.35
N ALA C 343 20.33 42.09 22.59
CA ALA C 343 19.02 41.66 23.04
C ALA C 343 17.92 42.47 22.34
N GLU C 344 18.08 43.79 22.23
CA GLU C 344 17.08 44.63 21.58
C GLU C 344 16.99 44.31 20.10
N SER C 345 18.12 44.16 19.41
CA SER C 345 18.12 43.83 17.99
C SER C 345 17.62 42.41 17.74
N GLY C 346 17.90 41.49 18.66
CA GLY C 346 17.44 40.12 18.56
C GLY C 346 15.93 40.04 18.73
N ASP C 347 15.39 40.85 19.64
CA ASP C 347 13.95 40.92 19.89
C ASP C 347 13.23 41.65 18.76
N PHE C 348 13.89 42.66 18.15
CA PHE C 348 13.34 43.42 17.03
C PHE C 348 13.07 42.50 15.85
N LEU C 349 14.01 41.59 15.56
CA LEU C 349 13.83 40.64 14.47
C LEU C 349 12.77 39.59 14.84
N ARG C 350 12.69 39.21 16.13
CA ARG C 350 11.65 38.29 16.58
C ARG C 350 10.28 38.91 16.38
N THR C 351 10.13 40.20 16.70
CA THR C 351 8.91 40.94 16.55
C THR C 351 8.47 40.96 15.07
N ILE C 352 9.42 41.21 14.14
CA ILE C 352 9.12 41.21 12.70
C ILE C 352 8.63 39.83 12.28
N HIS C 353 9.29 38.78 12.75
CA HIS C 353 8.88 37.42 12.48
C HIS C 353 7.45 37.16 12.99
N GLN C 354 7.11 37.64 14.21
CA GLN C 354 5.74 37.50 14.76
C GLN C 354 4.71 38.11 13.83
N LEU C 355 5.04 39.26 13.24
CA LEU C 355 4.16 39.97 12.33
C LEU C 355 3.98 39.22 11.02
N LEU C 356 5.09 38.81 10.39
CA LEU C 356 5.06 38.13 9.11
C LEU C 356 4.32 36.77 9.16
N LEU C 357 4.07 36.23 10.35
CA LEU C 357 3.31 34.98 10.51
C LEU C 357 2.01 35.18 11.36
N ASP C 358 1.71 36.43 11.75
CA ASP C 358 0.53 36.80 12.54
C ASP C 358 -0.75 36.74 11.69
N ASP C 359 -1.92 36.81 12.35
CA ASP C 359 -3.19 36.80 11.65
C ASP C 359 -3.78 38.22 11.61
N ASP C 360 -3.67 38.96 12.73
CA ASP C 360 -4.15 40.34 12.83
C ASP C 360 -3.37 41.30 11.92
N PHE C 361 -2.10 40.98 11.63
CA PHE C 361 -1.27 41.78 10.73
C PHE C 361 -1.87 41.72 9.33
N PHE C 362 -2.24 40.51 8.89
CA PHE C 362 -2.87 40.34 7.59
C PHE C 362 -4.33 40.79 7.61
N ASP C 363 -5.00 40.75 8.77
CA ASP C 363 -6.35 41.25 8.93
C ASP C 363 -6.37 42.75 8.69
N GLU C 364 -5.38 43.47 9.23
CA GLU C 364 -5.25 44.92 9.09
C GLU C 364 -4.92 45.27 7.63
N ILE C 365 -4.03 44.52 7.00
CA ILE C 365 -3.62 44.74 5.62
C ILE C 365 -4.81 44.51 4.68
N PHE C 366 -5.59 43.44 4.89
CA PHE C 366 -6.76 43.14 4.06
C PHE C 366 -7.83 44.23 4.20
N ARG C 367 -7.96 44.81 5.39
CA ARG C 367 -8.91 45.88 5.64
C ARG C 367 -8.51 47.12 4.84
N GLU C 368 -7.21 47.46 4.87
CA GLU C 368 -6.67 48.61 4.16
C GLU C 368 -6.69 48.43 2.64
N LEU C 369 -6.61 47.18 2.16
CA LEU C 369 -6.61 46.93 0.72
C LEU C 369 -8.01 46.65 0.15
N GLY C 370 -9.06 46.76 0.97
CA GLY C 370 -10.43 46.55 0.53
C GLY C 370 -10.78 45.11 0.24
N ILE C 371 -10.10 44.18 0.91
CA ILE C 371 -10.37 42.76 0.74
C ILE C 371 -11.21 42.31 1.91
N PRO C 372 -12.45 41.89 1.64
CA PRO C 372 -13.34 41.51 2.74
C PRO C 372 -13.15 40.09 3.27
N TYR C 373 -12.55 39.23 2.46
CA TYR C 373 -12.38 37.81 2.76
C TYR C 373 -11.29 37.56 3.82
N GLU C 374 -11.33 36.38 4.45
CA GLU C 374 -10.38 36.04 5.49
C GLU C 374 -9.02 35.72 4.90
N PRO C 375 -7.96 36.38 5.40
CA PRO C 375 -6.61 36.08 4.90
C PRO C 375 -6.10 34.71 5.35
N VAL C 376 -5.07 34.21 4.65
CA VAL C 376 -4.48 32.91 4.97
C VAL C 376 -3.82 32.99 6.33
N ARG C 377 -3.92 31.90 7.11
CA ARG C 377 -3.33 31.86 8.43
C ARG C 377 -2.21 30.85 8.50
N TRP C 378 -1.17 31.16 9.27
CA TRP C 378 -0.04 30.26 9.41
C TRP C 378 -0.45 29.05 10.23
N ARG C 379 -0.70 27.94 9.55
CA ARG C 379 -1.11 26.71 10.20
C ARG C 379 -0.11 25.62 9.86
N THR C 380 0.30 24.82 10.86
CA THR C 380 1.26 23.75 10.61
C THR C 380 0.57 22.49 10.12
N ASP C 381 0.94 22.08 8.90
CA ASP C 381 0.51 20.93 8.11
C ASP C 381 -0.39 19.93 8.84
N ASN C 382 -1.44 19.48 8.16
CA ASN C 382 -2.32 18.49 8.73
C ASN C 382 -1.73 17.13 8.39
N PRO C 383 -1.40 16.33 9.42
CA PRO C 383 -0.77 15.03 9.14
C PRO C 383 -1.71 13.94 8.65
N ASP C 384 -2.88 14.31 8.12
CA ASP C 384 -3.82 13.32 7.61
C ASP C 384 -3.51 12.97 6.16
N SER C 385 -3.92 11.77 5.76
CA SER C 385 -3.67 11.31 4.40
C SER C 385 -4.53 12.07 3.38
N ILE C 386 -4.22 11.90 2.10
CA ILE C 386 -4.96 12.55 1.03
C ILE C 386 -6.40 11.96 0.95
N GLU C 387 -6.57 10.66 1.27
CA GLU C 387 -7.92 10.06 1.24
C GLU C 387 -8.79 10.68 2.31
N ASP C 388 -8.23 10.89 3.51
CA ASP C 388 -8.95 11.49 4.62
C ASP C 388 -9.29 12.94 4.31
N LYS C 389 -8.33 13.67 3.71
CA LYS C 389 -8.51 15.07 3.35
C LYS C 389 -9.48 15.26 2.17
N ASN C 390 -9.59 14.25 1.30
CA ASN C 390 -10.43 14.34 0.11
C ASN C 390 -11.90 14.56 0.43
N ALA C 391 -12.51 13.71 1.27
CA ALA C 391 -13.91 13.85 1.62
C ALA C 391 -14.22 15.23 2.25
N ARG C 392 -13.23 15.84 2.93
CA ARG C 392 -13.39 17.15 3.53
C ARG C 392 -13.47 18.22 2.43
N VAL C 393 -12.61 18.09 1.41
CA VAL C 393 -12.56 19.02 0.29
C VAL C 393 -13.82 18.86 -0.58
N ILE C 394 -14.34 17.63 -0.73
CA ILE C 394 -15.58 17.40 -1.50
C ILE C 394 -16.74 18.12 -0.81
N GLU C 395 -16.85 17.94 0.50
CA GLU C 395 -17.88 18.52 1.33
C GLU C 395 -17.78 20.05 1.35
N LEU C 396 -16.55 20.60 1.40
CA LEU C 396 -16.32 22.05 1.40
C LEU C 396 -16.82 22.68 0.11
N ILE C 397 -16.64 22.00 -1.02
CA ILE C 397 -17.11 22.51 -2.31
C ILE C 397 -18.63 22.54 -2.31
N ALA C 398 -19.27 21.47 -1.81
CA ALA C 398 -20.71 21.41 -1.73
C ALA C 398 -21.26 22.49 -0.81
N ALA C 399 -20.59 22.73 0.32
CA ALA C 399 -21.00 23.76 1.27
C ALA C 399 -20.95 25.14 0.64
N TYR C 400 -19.94 25.40 -0.20
CA TYR C 400 -19.78 26.66 -0.90
C TYR C 400 -20.89 26.91 -1.94
N ARG C 401 -21.50 25.85 -2.47
CA ARG C 401 -22.60 25.99 -3.43
C ARG C 401 -23.90 26.33 -2.73
N ASN C 402 -24.14 25.70 -1.58
CA ASN C 402 -25.36 25.88 -0.82
C ASN C 402 -25.45 27.25 -0.18
N ARG C 403 -24.33 27.74 0.39
CA ARG C 403 -24.37 29.04 1.07
C ARG C 403 -23.24 29.97 0.61
N GLY C 404 -22.93 29.92 -0.67
CA GLY C 404 -21.92 30.81 -1.23
C GLY C 404 -22.37 32.25 -1.20
N HIS C 405 -23.66 32.46 -1.50
CA HIS C 405 -24.33 33.77 -1.50
C HIS C 405 -24.21 34.49 -0.17
N LEU C 406 -24.20 33.73 0.94
CA LEU C 406 -24.12 34.27 2.29
C LEU C 406 -22.78 34.88 2.63
N MET C 407 -21.71 34.50 1.92
CA MET C 407 -20.41 35.07 2.17
C MET C 407 -19.92 35.85 0.95
N ALA C 408 -20.83 36.55 0.27
CA ALA C 408 -20.48 37.30 -0.92
C ALA C 408 -20.37 38.79 -0.64
N ASP C 409 -19.46 39.47 -1.36
CA ASP C 409 -19.30 40.93 -1.26
C ASP C 409 -20.34 41.57 -2.17
N ILE C 410 -21.61 41.43 -1.80
CA ILE C 410 -22.75 41.92 -2.58
C ILE C 410 -23.32 43.25 -2.02
N ASP C 411 -22.94 43.64 -0.79
CA ASP C 411 -23.40 44.90 -0.21
C ASP C 411 -22.43 45.98 -0.60
N PRO C 412 -22.89 46.97 -1.39
CA PRO C 412 -21.98 48.05 -1.79
C PRO C 412 -21.61 48.98 -0.63
N LEU C 413 -22.47 49.06 0.40
CA LEU C 413 -22.22 49.90 1.56
C LEU C 413 -21.35 49.22 2.63
N ARG C 414 -21.11 47.88 2.52
CA ARG C 414 -20.32 47.07 3.46
C ARG C 414 -20.71 47.37 4.91
N LEU C 415 -21.98 47.22 5.19
CA LEU C 415 -22.53 47.53 6.50
C LEU C 415 -22.22 46.40 7.50
N ASP C 416 -22.43 45.14 7.08
CA ASP C 416 -22.14 44.01 7.98
C ASP C 416 -20.78 43.41 7.68
N ASN C 417 -19.78 43.78 8.48
CA ASN C 417 -18.41 43.29 8.34
C ASN C 417 -18.22 41.86 8.89
N THR C 418 -19.22 41.32 9.60
CA THR C 418 -19.11 40.01 10.22
C THR C 418 -19.57 38.87 9.30
N ARG C 419 -20.34 39.15 8.25
CA ARG C 419 -20.83 38.09 7.35
C ARG C 419 -19.66 37.32 6.68
N PHE C 420 -18.52 38.00 6.49
CA PHE C 420 -17.35 37.39 5.85
C PHE C 420 -16.52 36.54 6.80
N ARG C 421 -16.79 36.58 8.11
CA ARG C 421 -16.04 35.77 9.07
C ARG C 421 -16.94 34.80 9.86
N SER C 422 -18.27 34.98 9.85
CA SER C 422 -19.18 34.18 10.64
C SER C 422 -19.65 32.90 9.93
N HIS C 423 -18.73 32.14 9.32
CA HIS C 423 -19.12 30.91 8.65
C HIS C 423 -18.03 29.86 8.70
N PRO C 424 -18.18 28.86 9.58
CA PRO C 424 -17.18 27.79 9.64
C PRO C 424 -17.35 26.78 8.50
N ASP C 425 -18.55 26.66 7.92
CA ASP C 425 -18.81 25.80 6.77
C ASP C 425 -18.07 26.28 5.51
N LEU C 426 -17.62 27.54 5.49
CA LEU C 426 -16.87 28.09 4.38
C LEU C 426 -15.40 28.39 4.76
N ASP C 427 -15.03 28.32 6.06
CA ASP C 427 -13.66 28.49 6.49
C ASP C 427 -12.91 27.20 6.19
N VAL C 428 -11.78 27.30 5.52
CA VAL C 428 -11.01 26.13 5.09
C VAL C 428 -10.31 25.49 6.28
N ASN C 429 -9.74 26.29 7.19
CA ASN C 429 -9.02 25.80 8.38
C ASN C 429 -9.87 24.83 9.23
N SER C 430 -11.21 25.00 9.18
CA SER C 430 -12.16 24.16 9.92
C SER C 430 -12.28 22.77 9.32
N HIS C 431 -12.13 22.65 8.01
CA HIS C 431 -12.28 21.38 7.31
C HIS C 431 -10.98 20.57 7.28
N GLY C 432 -10.15 20.71 8.31
CA GLY C 432 -8.88 20.00 8.40
C GLY C 432 -7.96 20.27 7.24
N LEU C 433 -7.70 21.56 6.97
CA LEU C 433 -6.83 21.96 5.86
C LEU C 433 -5.94 23.15 6.24
N THR C 434 -4.75 23.20 5.65
CA THR C 434 -3.76 24.25 5.92
C THR C 434 -3.23 24.82 4.59
N LEU C 435 -2.40 25.89 4.65
CA LEU C 435 -1.78 26.48 3.45
C LEU C 435 -0.79 25.49 2.75
N TRP C 436 -0.36 24.43 3.45
CA TRP C 436 0.54 23.39 2.91
C TRP C 436 -0.23 22.47 1.99
N ASP C 437 -1.51 22.18 2.31
CA ASP C 437 -2.38 21.36 1.48
C ASP C 437 -2.86 22.11 0.21
N LEU C 438 -2.60 23.43 0.10
CA LEU C 438 -3.00 24.30 -1.01
C LEU C 438 -2.47 23.85 -2.36
N ASP C 439 -1.28 23.28 -2.38
CA ASP C 439 -0.66 22.86 -3.63
C ASP C 439 -0.84 21.35 -3.91
N ARG C 440 -1.63 20.64 -3.10
CA ARG C 440 -1.85 19.22 -3.28
C ARG C 440 -3.08 18.95 -4.14
N GLU C 441 -3.07 17.81 -4.83
CA GLU C 441 -4.18 17.43 -5.69
C GLU C 441 -5.24 16.69 -4.93
N PHE C 442 -6.51 16.96 -5.26
CA PHE C 442 -7.63 16.27 -4.63
C PHE C 442 -8.59 15.76 -5.71
N LYS C 443 -9.11 14.54 -5.54
CA LYS C 443 -10.03 13.89 -6.47
C LYS C 443 -11.45 14.49 -6.37
N VAL C 444 -11.57 15.75 -6.75
CA VAL C 444 -12.81 16.50 -6.75
C VAL C 444 -13.65 16.04 -7.94
N ASP C 445 -14.58 15.10 -7.70
CA ASP C 445 -15.39 14.54 -8.77
C ASP C 445 -16.20 15.59 -9.50
N GLY C 446 -15.73 15.97 -10.68
CA GLY C 446 -16.37 16.94 -11.56
C GLY C 446 -16.60 18.31 -10.96
N PHE C 447 -15.59 18.88 -10.29
CA PHE C 447 -15.73 20.21 -9.70
C PHE C 447 -15.70 21.26 -10.83
N ALA C 448 -14.50 21.66 -11.29
CA ALA C 448 -14.40 22.58 -12.42
C ALA C 448 -14.22 21.76 -13.69
N GLY C 449 -14.93 20.63 -13.79
CA GLY C 449 -14.82 19.70 -14.90
C GLY C 449 -13.70 18.70 -14.68
N VAL C 450 -12.57 19.19 -14.19
CA VAL C 450 -11.38 18.39 -13.94
C VAL C 450 -11.60 17.45 -12.78
N GLN C 451 -11.18 16.18 -12.95
CA GLN C 451 -11.30 15.20 -11.86
C GLN C 451 -10.21 15.38 -10.78
N ARG C 452 -9.21 16.22 -11.03
CA ARG C 452 -8.16 16.49 -10.07
C ARG C 452 -7.81 17.96 -10.11
N LYS C 453 -7.65 18.58 -8.93
CA LYS C 453 -7.35 20.01 -8.85
C LYS C 453 -6.57 20.35 -7.59
N LYS C 454 -5.71 21.37 -7.68
CA LYS C 454 -4.98 21.84 -6.51
C LYS C 454 -5.94 22.62 -5.61
N LEU C 455 -5.75 22.55 -4.30
CA LEU C 455 -6.64 23.22 -3.34
C LEU C 455 -6.74 24.73 -3.58
N ARG C 456 -5.63 25.42 -3.87
CA ARG C 456 -5.66 26.86 -4.13
C ARG C 456 -6.47 27.20 -5.38
N ASP C 457 -6.58 26.28 -6.33
CA ASP C 457 -7.39 26.49 -7.52
C ASP C 457 -8.86 26.31 -7.16
N ILE C 458 -9.18 25.29 -6.35
CA ILE C 458 -10.51 24.98 -5.88
C ILE C 458 -11.12 26.19 -5.14
N LEU C 459 -10.36 26.79 -4.23
CA LEU C 459 -10.83 27.92 -3.42
C LEU C 459 -10.98 29.20 -4.24
N SER C 460 -10.11 29.39 -5.23
CA SER C 460 -10.20 30.57 -6.09
C SER C 460 -11.39 30.48 -7.02
N VAL C 461 -11.77 29.26 -7.47
CA VAL C 461 -12.93 29.08 -8.34
C VAL C 461 -14.18 29.41 -7.53
N LEU C 462 -14.35 28.79 -6.35
CA LEU C 462 -15.49 29.03 -5.47
C LEU C 462 -15.61 30.51 -5.10
N ARG C 463 -14.46 31.23 -4.97
CA ARG C 463 -14.45 32.65 -4.64
C ARG C 463 -15.03 33.48 -5.78
N ASP C 464 -14.46 33.38 -6.99
CA ASP C 464 -14.93 34.15 -8.15
C ASP C 464 -16.37 33.73 -8.61
N ALA C 465 -16.84 32.56 -8.16
CA ALA C 465 -18.14 32.03 -8.55
C ALA C 465 -19.28 32.42 -7.58
N TYR C 466 -19.15 32.15 -6.25
CA TYR C 466 -20.22 32.44 -5.30
C TYR C 466 -19.83 33.45 -4.24
N CYS C 467 -18.63 34.05 -4.28
CA CYS C 467 -18.22 34.99 -3.24
C CYS C 467 -17.83 36.35 -3.78
N ARG C 468 -17.65 36.51 -5.10
CA ARG C 468 -17.28 37.81 -5.67
C ARG C 468 -18.50 38.75 -5.50
N HIS C 469 -19.02 39.36 -6.56
CA HIS C 469 -20.18 40.23 -6.46
C HIS C 469 -21.45 39.52 -6.89
N VAL C 470 -21.44 38.17 -6.92
CA VAL C 470 -22.61 37.38 -7.30
C VAL C 470 -22.83 36.30 -6.30
N GLY C 471 -23.90 36.41 -5.55
CA GLY C 471 -24.31 35.38 -4.62
C GLY C 471 -25.25 34.49 -5.40
N VAL C 472 -24.94 33.20 -5.46
CA VAL C 472 -25.79 32.29 -6.22
C VAL C 472 -26.58 31.42 -5.27
N GLU C 473 -27.91 31.50 -5.37
CA GLU C 473 -28.85 30.73 -4.57
C GLU C 473 -29.59 29.86 -5.54
N TYR C 474 -29.25 28.56 -5.59
CA TYR C 474 -29.86 27.69 -6.60
C TYR C 474 -29.96 26.23 -6.17
N THR C 475 -29.19 25.82 -5.15
CA THR C 475 -29.20 24.43 -4.69
C THR C 475 -30.59 23.98 -4.18
N HIS C 476 -31.52 24.93 -3.96
CA HIS C 476 -32.89 24.65 -3.55
C HIS C 476 -33.78 24.18 -4.73
N ILE C 477 -33.30 24.30 -5.98
CA ILE C 477 -34.02 23.89 -7.17
C ILE C 477 -34.09 22.37 -7.23
N LEU C 478 -35.27 21.82 -7.52
CA LEU C 478 -35.49 20.39 -7.56
C LEU C 478 -35.04 19.73 -8.86
N GLU C 479 -34.99 20.50 -9.96
CA GLU C 479 -34.55 19.95 -11.23
C GLU C 479 -33.02 19.86 -11.20
N PRO C 480 -32.47 18.69 -11.56
CA PRO C 480 -31.02 18.52 -11.48
C PRO C 480 -30.24 19.19 -12.61
N GLU C 481 -30.70 19.05 -13.87
CA GLU C 481 -30.00 19.66 -15.01
C GLU C 481 -29.89 21.17 -14.89
N GLN C 482 -30.81 21.81 -14.17
CA GLN C 482 -30.79 23.24 -13.95
C GLN C 482 -29.63 23.61 -13.03
N GLN C 483 -29.38 22.80 -11.99
CA GLN C 483 -28.26 23.04 -11.08
C GLN C 483 -26.95 22.79 -11.82
N ARG C 484 -26.90 21.73 -12.66
CA ARG C 484 -25.73 21.41 -13.47
C ARG C 484 -25.42 22.55 -14.41
N TRP C 485 -26.45 23.08 -15.05
CA TRP C 485 -26.42 24.19 -15.99
C TRP C 485 -25.80 25.42 -15.35
N ILE C 486 -26.28 25.79 -14.15
CA ILE C 486 -25.82 26.97 -13.43
C ILE C 486 -24.34 26.82 -13.09
N GLN C 487 -23.94 25.65 -12.60
CA GLN C 487 -22.55 25.39 -12.27
C GLN C 487 -21.62 25.57 -13.46
N GLU C 488 -22.08 25.21 -14.65
CA GLU C 488 -21.27 25.36 -15.86
C GLU C 488 -20.99 26.83 -16.19
N ARG C 489 -21.70 27.78 -15.58
CA ARG C 489 -21.49 29.21 -15.79
C ARG C 489 -20.77 29.84 -14.59
N VAL C 490 -21.18 29.43 -13.39
CA VAL C 490 -20.68 29.94 -12.13
C VAL C 490 -19.24 29.42 -11.91
N GLU C 491 -19.05 28.08 -11.87
CA GLU C 491 -17.76 27.40 -11.67
C GLU C 491 -16.92 27.38 -12.95
N THR C 492 -16.67 28.58 -13.51
CA THR C 492 -15.86 28.79 -14.70
C THR C 492 -15.24 30.18 -14.61
N LYS C 493 -13.94 30.29 -14.90
CA LYS C 493 -13.24 31.56 -14.90
C LYS C 493 -13.77 32.36 -16.10
N HIS C 494 -14.74 33.22 -15.83
CA HIS C 494 -15.41 34.02 -16.85
C HIS C 494 -14.48 35.06 -17.46
N ASP C 495 -14.55 35.16 -18.78
CA ASP C 495 -13.73 36.07 -19.57
C ASP C 495 -14.01 37.52 -19.24
N LYS C 496 -12.96 38.33 -19.21
CA LYS C 496 -13.10 39.76 -18.95
C LYS C 496 -13.75 40.39 -20.18
N PRO C 497 -14.79 41.22 -19.97
CA PRO C 497 -15.46 41.83 -21.13
C PRO C 497 -14.53 42.70 -21.96
N THR C 498 -14.82 42.85 -23.25
CA THR C 498 -13.99 43.66 -24.15
C THR C 498 -14.07 45.14 -23.76
N VAL C 499 -13.06 45.92 -24.14
CA VAL C 499 -13.05 47.36 -23.87
C VAL C 499 -14.25 48.04 -24.60
N ALA C 500 -14.66 47.51 -25.77
CA ALA C 500 -15.82 48.02 -26.53
C ALA C 500 -17.13 47.75 -25.78
N GLU C 501 -17.22 46.59 -25.13
CA GLU C 501 -18.37 46.22 -24.32
C GLU C 501 -18.42 47.09 -23.08
N GLN C 502 -17.28 47.30 -22.43
CA GLN C 502 -17.12 48.14 -21.25
C GLN C 502 -17.44 49.61 -21.54
N LYS C 503 -17.17 50.06 -22.78
CA LYS C 503 -17.47 51.43 -23.20
C LYS C 503 -18.98 51.61 -23.39
N TYR C 504 -19.70 50.57 -23.86
CA TYR C 504 -21.16 50.63 -24.00
C TYR C 504 -21.85 50.69 -22.63
N ILE C 505 -21.25 50.02 -21.62
CA ILE C 505 -21.73 50.03 -20.25
C ILE C 505 -21.59 51.43 -19.66
N LEU C 506 -20.43 52.07 -19.92
CA LEU C 506 -20.19 53.40 -19.42
C LEU C 506 -21.03 54.45 -20.17
N SER C 507 -21.36 54.21 -21.46
CA SER C 507 -22.22 55.14 -22.22
C SER C 507 -23.66 55.10 -21.70
N LYS C 508 -24.12 53.91 -21.33
CA LYS C 508 -25.45 53.68 -20.76
C LYS C 508 -25.54 54.28 -19.33
N LEU C 509 -24.42 54.22 -18.58
CA LEU C 509 -24.34 54.80 -17.24
C LEU C 509 -24.17 56.32 -17.27
N ASN C 510 -23.63 56.88 -18.38
CA ASN C 510 -23.45 58.31 -18.53
C ASN C 510 -24.80 58.98 -18.73
N ALA C 511 -25.66 58.38 -19.57
CA ALA C 511 -27.01 58.89 -19.84
C ALA C 511 -27.93 58.71 -18.64
N ALA C 512 -27.69 57.67 -17.83
CA ALA C 512 -28.51 57.42 -16.65
C ALA C 512 -28.14 58.39 -15.51
N GLU C 513 -26.84 58.61 -15.27
CA GLU C 513 -26.40 59.54 -14.22
C GLU C 513 -26.71 60.99 -14.62
N ALA C 514 -26.65 61.31 -15.92
CA ALA C 514 -27.00 62.66 -16.37
C ALA C 514 -28.51 62.90 -16.31
N PHE C 515 -29.33 61.84 -16.53
CA PHE C 515 -30.79 61.98 -16.49
C PHE C 515 -31.25 62.34 -15.08
N GLU C 516 -30.75 61.63 -14.07
CA GLU C 516 -31.11 61.94 -12.68
C GLU C 516 -30.52 63.28 -12.25
N THR C 517 -29.35 63.67 -12.78
CA THR C 517 -28.73 64.96 -12.51
C THR C 517 -29.66 66.10 -12.99
N PHE C 518 -30.26 65.91 -14.16
CA PHE C 518 -31.19 66.84 -14.77
C PHE C 518 -32.50 66.86 -13.98
N LEU C 519 -33.04 65.69 -13.65
CA LEU C 519 -34.31 65.57 -12.95
C LEU C 519 -34.28 66.22 -11.57
N GLN C 520 -33.20 66.03 -10.78
CA GLN C 520 -33.11 66.65 -9.46
C GLN C 520 -32.73 68.14 -9.50
N THR C 521 -32.54 68.72 -10.70
CA THR C 521 -32.14 70.11 -10.87
C THR C 521 -33.28 70.92 -11.52
N LYS C 522 -33.81 70.42 -12.63
CA LYS C 522 -34.85 71.09 -13.41
C LYS C 522 -36.19 71.16 -12.69
N TYR C 523 -36.64 70.06 -12.07
CA TYR C 523 -37.94 70.04 -11.41
C TYR C 523 -37.78 69.78 -9.93
N VAL C 524 -38.58 70.47 -9.12
CA VAL C 524 -38.52 70.31 -7.67
C VAL C 524 -39.53 69.26 -7.22
N GLY C 525 -39.25 68.66 -6.08
CA GLY C 525 -40.10 67.58 -5.56
C GLY C 525 -39.65 66.19 -6.00
N GLN C 526 -38.69 66.12 -6.93
CA GLN C 526 -38.18 64.85 -7.44
C GLN C 526 -37.23 64.17 -6.46
N LYS C 527 -37.37 64.45 -5.14
CA LYS C 527 -36.56 63.78 -4.12
C LYS C 527 -36.92 62.29 -4.13
N ARG C 528 -38.23 61.98 -4.17
CA ARG C 528 -38.74 60.62 -4.35
C ARG C 528 -38.47 60.19 -5.81
N PHE C 529 -38.68 58.91 -6.15
CA PHE C 529 -38.51 58.41 -7.52
C PHE C 529 -37.07 58.63 -8.07
N SER C 530 -36.11 58.94 -7.19
CA SER C 530 -34.74 59.20 -7.58
C SER C 530 -33.99 57.90 -7.73
N LEU C 531 -33.43 57.68 -8.90
CA LEU C 531 -32.62 56.51 -9.21
C LEU C 531 -31.13 56.75 -8.88
N GLU C 532 -30.83 57.61 -7.90
CA GLU C 532 -29.45 57.88 -7.53
C GLU C 532 -28.97 56.79 -6.61
N GLY C 533 -27.82 56.21 -6.95
CA GLY C 533 -27.25 55.08 -6.24
C GLY C 533 -27.54 53.74 -6.91
N ALA C 534 -28.58 53.72 -7.76
CA ALA C 534 -29.02 52.53 -8.49
C ALA C 534 -29.09 52.76 -10.00
N GLU C 535 -28.26 53.66 -10.54
CA GLU C 535 -28.20 53.94 -11.98
C GLU C 535 -27.84 52.66 -12.77
N THR C 536 -27.12 51.73 -12.13
CA THR C 536 -26.69 50.42 -12.63
C THR C 536 -27.89 49.58 -13.14
N VAL C 537 -29.11 49.85 -12.63
CA VAL C 537 -30.30 49.11 -13.07
C VAL C 537 -30.69 49.52 -14.52
N ILE C 538 -30.27 50.70 -15.00
CA ILE C 538 -30.55 51.13 -16.37
C ILE C 538 -29.81 50.20 -17.36
N PRO C 539 -28.45 50.08 -17.34
CA PRO C 539 -27.81 49.15 -18.27
C PRO C 539 -28.12 47.67 -17.95
N MET C 540 -28.56 47.35 -16.72
CA MET C 540 -28.91 45.97 -16.36
C MET C 540 -30.11 45.52 -17.19
N MET C 541 -31.13 46.38 -17.30
CA MET C 541 -32.29 46.07 -18.12
C MET C 541 -31.93 46.03 -19.59
N ASP C 542 -31.06 46.96 -20.02
CA ASP C 542 -30.54 47.03 -21.39
C ASP C 542 -29.89 45.71 -21.78
N ALA C 543 -29.16 45.09 -20.85
CA ALA C 543 -28.51 43.81 -21.09
C ALA C 543 -29.54 42.72 -21.34
N VAL C 544 -30.64 42.73 -20.55
CA VAL C 544 -31.72 41.75 -20.68
C VAL C 544 -32.34 41.85 -22.07
N ILE C 545 -32.60 43.08 -22.52
CA ILE C 545 -33.25 43.34 -23.79
C ILE C 545 -32.30 43.11 -24.96
N ASP C 546 -30.99 43.40 -24.80
CA ASP C 546 -30.00 43.12 -25.85
C ASP C 546 -29.90 41.60 -26.05
N GLN C 547 -29.94 40.85 -24.96
CA GLN C 547 -29.90 39.40 -24.98
C GLN C 547 -31.16 38.86 -25.65
N CYS C 548 -32.31 39.44 -25.33
CA CYS C 548 -33.61 39.04 -25.87
C CYS C 548 -33.66 39.18 -27.37
N ALA C 549 -33.13 40.30 -27.89
CA ALA C 549 -33.09 40.51 -29.33
C ALA C 549 -32.20 39.47 -30.00
N GLU C 550 -31.06 39.16 -29.38
CA GLU C 550 -30.14 38.15 -29.86
C GLU C 550 -30.79 36.77 -29.86
N HIS C 551 -31.61 36.49 -28.83
CA HIS C 551 -32.34 35.24 -28.67
C HIS C 551 -33.46 35.03 -29.72
N GLY C 552 -33.77 36.05 -30.51
CA GLY C 552 -34.83 35.94 -31.51
C GLY C 552 -36.20 36.13 -30.91
N LEU C 553 -36.31 37.08 -29.98
CA LEU C 553 -37.57 37.36 -29.32
C LEU C 553 -38.22 38.61 -29.92
N ASP C 554 -39.53 38.76 -29.73
CA ASP C 554 -40.28 39.85 -30.34
C ASP C 554 -40.51 41.05 -29.42
N GLU C 555 -40.95 40.85 -28.16
CA GLU C 555 -41.23 42.00 -27.29
C GLU C 555 -40.93 41.74 -25.82
N VAL C 556 -40.45 42.79 -25.14
CA VAL C 556 -40.16 42.80 -23.71
C VAL C 556 -41.14 43.78 -23.04
N VAL C 557 -42.11 43.29 -22.26
CA VAL C 557 -43.12 44.14 -21.61
C VAL C 557 -42.68 44.47 -20.18
N ILE C 558 -42.45 45.76 -19.88
CA ILE C 558 -41.94 46.22 -18.59
C ILE C 558 -43.04 46.77 -17.66
N ALA C 559 -43.17 46.21 -16.46
CA ALA C 559 -44.05 46.73 -15.42
C ALA C 559 -43.19 47.15 -14.28
N MET C 560 -43.21 48.43 -13.92
CA MET C 560 -42.31 48.93 -12.88
C MET C 560 -42.99 49.98 -11.99
N PRO C 561 -42.45 50.21 -10.78
CA PRO C 561 -43.05 51.22 -9.90
C PRO C 561 -42.62 52.63 -10.28
N HIS C 562 -43.09 53.61 -9.52
CA HIS C 562 -42.78 55.01 -9.72
C HIS C 562 -41.28 55.32 -9.68
N ARG C 563 -40.44 54.48 -9.04
CA ARG C 563 -39.02 54.80 -8.90
C ARG C 563 -38.24 54.65 -10.19
N GLY C 564 -37.61 55.76 -10.62
CA GLY C 564 -36.79 55.86 -11.82
C GLY C 564 -37.52 55.62 -13.13
N ARG C 565 -38.86 55.78 -13.15
CA ARG C 565 -39.68 55.52 -14.33
C ARG C 565 -39.39 56.45 -15.50
N LEU C 566 -39.09 57.72 -15.24
CA LEU C 566 -38.81 58.67 -16.33
C LEU C 566 -37.49 58.33 -17.02
N ASN C 567 -36.50 57.85 -16.24
CA ASN C 567 -35.19 57.45 -16.73
C ASN C 567 -35.32 56.25 -17.67
N VAL C 568 -36.18 55.30 -17.30
CA VAL C 568 -36.44 54.10 -18.10
C VAL C 568 -37.16 54.51 -19.38
N LEU C 569 -38.15 55.40 -19.29
CA LEU C 569 -38.90 55.87 -20.44
C LEU C 569 -38.00 56.49 -21.52
N ALA C 570 -36.93 57.19 -21.11
CA ALA C 570 -36.03 57.81 -22.07
C ALA C 570 -34.87 56.90 -22.51
N ASN C 571 -34.13 56.28 -21.57
CA ASN C 571 -32.94 55.50 -21.92
C ASN C 571 -33.21 53.99 -22.19
N ILE C 572 -34.41 53.48 -21.89
CA ILE C 572 -34.71 52.06 -22.09
C ILE C 572 -35.87 51.84 -23.09
N VAL C 573 -36.99 52.54 -22.92
CA VAL C 573 -38.14 52.40 -23.81
C VAL C 573 -37.80 52.96 -25.19
N GLY C 574 -37.20 54.14 -25.21
CA GLY C 574 -36.83 54.79 -26.45
C GLY C 574 -37.72 55.96 -26.79
N LYS C 575 -38.09 56.73 -25.76
CA LYS C 575 -38.93 57.90 -25.95
C LYS C 575 -38.10 59.16 -25.87
N PRO C 576 -38.37 60.15 -26.74
CA PRO C 576 -37.59 61.39 -26.69
C PRO C 576 -37.98 62.24 -25.49
N TYR C 577 -37.03 63.05 -25.00
CA TYR C 577 -37.25 63.94 -23.85
C TYR C 577 -38.47 64.87 -24.06
N SER C 578 -38.82 65.15 -25.32
CA SER C 578 -39.95 65.99 -25.69
C SER C 578 -41.28 65.40 -25.22
N GLN C 579 -41.56 64.14 -25.55
CA GLN C 579 -42.82 63.49 -25.14
C GLN C 579 -42.85 63.08 -23.67
N ILE C 580 -41.84 63.47 -22.88
CA ILE C 580 -41.76 63.09 -21.49
C ILE C 580 -42.16 64.26 -20.59
N PHE C 581 -41.64 65.45 -20.87
CA PHE C 581 -41.89 66.60 -20.01
C PHE C 581 -42.98 67.55 -20.55
N SER C 582 -43.79 67.09 -21.51
CA SER C 582 -44.88 67.91 -22.04
C SER C 582 -45.94 68.04 -20.96
N GLU C 583 -45.99 69.20 -20.31
CA GLU C 583 -46.89 69.51 -19.20
C GLU C 583 -46.45 68.74 -17.96
N PHE C 584 -45.34 69.15 -17.39
CA PHE C 584 -44.80 68.51 -16.20
C PHE C 584 -45.08 69.35 -14.94
N GLU C 585 -45.21 68.68 -13.77
CA GLU C 585 -45.46 69.35 -12.49
C GLU C 585 -44.39 68.97 -11.46
N PRO C 590 -45.02 70.13 -4.27
CA PRO C 590 -43.95 70.44 -3.30
C PRO C 590 -44.34 70.13 -1.85
N SER C 591 -45.29 69.21 -1.65
CA SER C 591 -45.79 68.81 -0.34
C SER C 591 -44.77 67.97 0.45
N GLN C 592 -44.99 67.80 1.77
CA GLN C 592 -44.14 66.97 2.61
C GLN C 592 -44.38 65.46 2.32
N ALA C 593 -45.58 65.11 1.84
CA ALA C 593 -45.91 63.72 1.51
C ALA C 593 -45.62 63.39 0.05
N HIS C 594 -45.24 62.15 -0.23
CA HIS C 594 -45.00 61.72 -1.61
C HIS C 594 -46.33 61.52 -2.34
N GLY C 595 -46.32 61.71 -3.65
CA GLY C 595 -47.54 61.55 -4.45
C GLY C 595 -47.29 60.89 -5.79
N SER C 596 -48.08 61.29 -6.80
CA SER C 596 -47.94 60.80 -8.17
C SER C 596 -47.21 61.80 -9.07
N GLY C 597 -47.31 63.10 -8.74
CA GLY C 597 -46.70 64.20 -9.48
C GLY C 597 -47.32 64.28 -10.86
N ASP C 598 -46.46 64.34 -11.90
CA ASP C 598 -46.97 64.31 -13.26
C ASP C 598 -47.50 62.90 -13.54
N VAL C 599 -48.55 62.79 -14.34
CA VAL C 599 -49.17 61.51 -14.63
C VAL C 599 -48.25 60.56 -15.44
N LYS C 600 -47.15 61.07 -16.02
CA LYS C 600 -46.19 60.25 -16.78
C LYS C 600 -45.62 59.10 -15.93
N TYR C 601 -45.56 59.27 -14.59
CA TYR C 601 -45.12 58.26 -13.63
C TYR C 601 -46.11 57.05 -13.51
N HIS C 602 -47.26 57.13 -14.21
CA HIS C 602 -48.28 56.07 -14.23
C HIS C 602 -48.44 55.48 -15.64
N LEU C 603 -48.34 56.35 -16.67
CA LEU C 603 -48.53 56.04 -18.08
C LEU C 603 -47.48 55.10 -18.65
N GLY C 604 -47.92 54.25 -19.57
CA GLY C 604 -47.04 53.30 -20.24
C GLY C 604 -46.93 53.52 -21.73
N ALA C 605 -45.74 53.91 -22.21
CA ALA C 605 -45.50 54.15 -23.63
C ALA C 605 -44.62 53.05 -24.27
N THR C 606 -44.69 52.89 -25.61
CA THR C 606 -43.91 51.87 -26.32
C THR C 606 -42.80 52.51 -27.19
N GLY C 607 -41.80 51.70 -27.53
CA GLY C 607 -40.66 52.10 -28.35
C GLY C 607 -39.93 50.90 -28.94
N THR C 608 -38.78 51.12 -29.60
CA THR C 608 -38.04 50.02 -30.21
C THR C 608 -36.56 50.04 -29.80
N TYR C 609 -35.97 48.86 -29.59
CA TYR C 609 -34.57 48.71 -29.20
C TYR C 609 -33.73 48.11 -30.33
N ILE C 610 -32.67 48.82 -30.71
CA ILE C 610 -31.72 48.40 -31.74
C ILE C 610 -30.48 47.87 -31.06
N GLN C 611 -30.07 46.64 -31.38
CA GLN C 611 -28.88 46.04 -30.77
C GLN C 611 -27.64 46.83 -31.11
N MET C 612 -26.85 47.19 -30.08
CA MET C 612 -25.62 47.95 -30.31
C MET C 612 -24.62 47.10 -31.07
N PHE C 613 -24.45 45.84 -30.67
CA PHE C 613 -23.49 44.96 -31.33
C PHE C 613 -24.15 43.84 -32.12
N GLY C 614 -25.33 43.40 -31.70
CA GLY C 614 -26.05 42.34 -32.39
C GLY C 614 -26.63 42.76 -33.73
N ASP C 615 -27.37 41.85 -34.38
CA ASP C 615 -27.95 42.14 -35.70
C ASP C 615 -29.47 42.14 -35.72
N ASN C 616 -30.12 42.32 -34.56
CA ASN C 616 -31.58 42.28 -34.51
C ASN C 616 -32.18 43.49 -33.79
N ASP C 617 -33.49 43.71 -33.98
CA ASP C 617 -34.21 44.79 -33.34
C ASP C 617 -35.42 44.20 -32.60
N ILE C 618 -35.69 44.68 -31.38
CA ILE C 618 -36.77 44.13 -30.57
C ILE C 618 -37.69 45.22 -30.01
N GLU C 619 -38.95 44.88 -29.78
CA GLU C 619 -39.93 45.82 -29.25
C GLU C 619 -39.86 45.92 -27.74
N VAL C 620 -39.95 47.15 -27.22
CA VAL C 620 -39.92 47.41 -25.79
C VAL C 620 -41.13 48.24 -25.42
N SER C 621 -42.07 47.67 -24.67
CA SER C 621 -43.24 48.42 -24.25
C SER C 621 -43.33 48.50 -22.72
N LEU C 622 -43.97 49.55 -22.21
CA LEU C 622 -44.16 49.76 -20.77
C LEU C 622 -45.66 49.72 -20.45
N THR C 623 -46.06 49.20 -19.28
CA THR C 623 -47.49 49.12 -18.94
C THR C 623 -47.86 50.06 -17.79
N ALA C 624 -49.11 50.49 -17.78
CA ALA C 624 -49.64 51.42 -16.79
C ALA C 624 -49.86 50.73 -15.45
N ASN C 625 -49.58 51.45 -14.36
CA ASN C 625 -49.75 50.92 -13.01
C ASN C 625 -50.11 52.04 -12.04
N PRO C 626 -50.87 51.73 -10.97
CA PRO C 626 -51.19 52.78 -9.98
C PRO C 626 -50.09 52.90 -8.91
N SER C 627 -50.32 53.72 -7.87
CA SER C 627 -49.32 53.89 -6.81
C SER C 627 -49.17 52.65 -5.91
N HIS C 628 -50.14 51.71 -5.97
CA HIS C 628 -50.09 50.47 -5.20
C HIS C 628 -48.97 49.58 -5.73
N LEU C 629 -47.91 49.38 -4.95
CA LEU C 629 -46.79 48.56 -5.37
C LEU C 629 -47.21 47.11 -5.57
N GLU C 630 -46.55 46.44 -6.52
CA GLU C 630 -46.77 45.04 -6.88
C GLU C 630 -48.21 44.75 -7.36
N ALA C 631 -49.07 45.79 -7.48
CA ALA C 631 -50.44 45.56 -7.96
C ALA C 631 -50.47 45.23 -9.45
N VAL C 632 -49.50 45.78 -10.23
CA VAL C 632 -49.38 45.57 -11.66
C VAL C 632 -48.84 44.17 -12.00
N ASP C 633 -48.20 43.47 -11.04
CA ASP C 633 -47.61 42.15 -11.26
C ASP C 633 -48.54 41.16 -12.00
N PRO C 634 -49.81 40.91 -11.58
CA PRO C 634 -50.66 39.97 -12.34
C PRO C 634 -51.18 40.54 -13.67
N VAL C 635 -51.25 41.88 -13.77
CA VAL C 635 -51.70 42.58 -14.96
C VAL C 635 -50.67 42.42 -16.07
N LEU C 636 -49.37 42.52 -15.74
CA LEU C 636 -48.29 42.36 -16.71
C LEU C 636 -48.24 40.93 -17.24
N GLU C 637 -48.35 39.94 -16.35
CA GLU C 637 -48.33 38.55 -16.78
C GLU C 637 -49.60 38.19 -17.63
N GLY C 638 -50.68 38.94 -17.46
CA GLY C 638 -51.87 38.74 -18.27
C GLY C 638 -51.71 39.35 -19.66
N LEU C 639 -50.98 40.49 -19.75
CA LEU C 639 -50.70 41.23 -20.99
C LEU C 639 -49.73 40.44 -21.88
N VAL C 640 -48.70 39.86 -21.26
CA VAL C 640 -47.69 39.05 -21.93
C VAL C 640 -48.36 37.80 -22.53
N ARG C 641 -49.26 37.17 -21.76
CA ARG C 641 -49.98 35.98 -22.22
C ARG C 641 -50.94 36.33 -23.36
N ALA C 642 -51.56 37.52 -23.32
CA ALA C 642 -52.47 37.96 -24.37
C ALA C 642 -51.76 38.09 -25.70
N LYS C 643 -50.53 38.63 -25.69
CA LYS C 643 -49.73 38.82 -26.89
C LYS C 643 -49.16 37.50 -27.38
N GLN C 644 -48.75 36.61 -26.45
CA GLN C 644 -48.21 35.31 -26.80
C GLN C 644 -49.24 34.46 -27.52
N ASP C 645 -50.48 34.42 -27.00
CA ASP C 645 -51.55 33.64 -27.63
C ASP C 645 -51.87 34.17 -29.04
N LEU C 646 -51.85 35.50 -29.19
CA LEU C 646 -52.11 36.17 -30.46
C LEU C 646 -51.14 35.76 -31.55
N LEU C 647 -49.89 35.48 -31.19
CA LEU C 647 -48.87 35.12 -32.16
C LEU C 647 -48.84 33.63 -32.53
N ASP C 648 -49.81 32.81 -32.07
CA ASP C 648 -49.81 31.35 -32.28
C ASP C 648 -48.49 30.75 -31.72
N THR C 649 -48.01 31.31 -30.59
CA THR C 649 -46.78 30.92 -29.90
C THR C 649 -47.05 30.86 -28.37
N GLY C 650 -46.12 30.27 -27.62
CA GLY C 650 -46.28 30.13 -26.18
C GLY C 650 -47.12 28.91 -25.85
N GLU C 651 -47.92 28.98 -24.77
CA GLU C 651 -48.74 27.84 -24.37
C GLU C 651 -49.85 27.51 -25.39
N GLU C 652 -50.58 28.53 -25.91
CA GLU C 652 -51.65 28.30 -26.89
C GLU C 652 -51.16 28.52 -28.34
N GLY C 653 -50.21 27.71 -28.77
CA GLY C 653 -49.66 27.83 -30.12
C GLY C 653 -48.88 26.61 -30.58
N SER C 654 -48.77 26.44 -31.90
CA SER C 654 -48.03 25.33 -32.51
C SER C 654 -46.52 25.45 -32.25
N ASP C 655 -46.01 26.69 -32.23
CA ASP C 655 -44.59 26.95 -31.97
C ASP C 655 -44.43 27.64 -30.63
N ASN C 656 -44.32 26.88 -29.53
CA ASN C 656 -44.17 27.37 -28.16
C ASN C 656 -42.79 28.03 -27.94
N ARG C 657 -42.61 29.25 -28.45
CA ARG C 657 -41.36 30.00 -28.37
C ARG C 657 -41.36 30.95 -27.19
N PHE C 658 -42.52 31.56 -26.89
CA PHE C 658 -42.68 32.53 -25.81
C PHE C 658 -41.87 33.77 -26.14
N SER C 659 -42.26 34.43 -27.23
CA SER C 659 -41.55 35.62 -27.71
C SER C 659 -41.89 36.92 -26.96
N VAL C 660 -42.72 36.84 -25.92
CA VAL C 660 -43.06 37.99 -25.12
C VAL C 660 -42.46 37.75 -23.75
N VAL C 661 -41.52 38.61 -23.33
CA VAL C 661 -40.82 38.41 -22.06
C VAL C 661 -41.19 39.47 -21.02
N PRO C 662 -41.73 39.05 -19.86
CA PRO C 662 -42.09 40.03 -18.83
C PRO C 662 -40.92 40.50 -17.96
N LEU C 663 -40.49 41.75 -18.16
CA LEU C 663 -39.42 42.32 -17.35
C LEU C 663 -40.06 43.09 -16.20
N MET C 664 -40.16 42.43 -15.03
CA MET C 664 -40.83 43.02 -13.88
C MET C 664 -39.84 43.54 -12.84
N LEU C 665 -39.90 44.84 -12.54
CA LEU C 665 -39.03 45.44 -11.54
C LEU C 665 -39.81 45.68 -10.24
N HIS C 666 -39.12 45.62 -9.08
CA HIS C 666 -39.82 45.76 -7.78
C HIS C 666 -38.99 46.49 -6.72
N GLY C 667 -39.65 46.93 -5.65
CA GLY C 667 -38.98 47.54 -4.51
C GLY C 667 -38.38 46.48 -3.58
N ASP C 668 -37.42 46.86 -2.73
CA ASP C 668 -36.77 45.89 -1.85
C ASP C 668 -37.72 45.33 -0.78
N ALA C 669 -38.51 46.17 -0.11
CA ALA C 669 -39.47 45.69 0.90
C ALA C 669 -40.83 45.32 0.29
N ALA C 670 -41.12 45.79 -0.94
CA ALA C 670 -42.37 45.53 -1.65
C ALA C 670 -42.49 44.06 -2.05
N PHE C 671 -41.36 43.45 -2.44
CA PHE C 671 -41.33 42.06 -2.90
C PHE C 671 -41.63 41.08 -1.77
N ALA C 672 -41.12 41.39 -0.58
CA ALA C 672 -41.36 40.54 0.59
C ALA C 672 -42.71 40.86 1.22
N GLY C 673 -43.05 42.14 1.27
CA GLY C 673 -44.31 42.60 1.85
C GLY C 673 -45.58 42.08 1.19
N GLN C 674 -45.97 42.69 0.06
CA GLN C 674 -47.20 42.38 -0.68
C GLN C 674 -47.46 40.89 -0.87
N GLY C 675 -48.73 40.52 -0.74
CA GLY C 675 -49.21 39.15 -0.89
C GLY C 675 -49.52 38.75 -2.31
N VAL C 676 -49.75 39.75 -3.18
CA VAL C 676 -50.01 39.57 -4.61
C VAL C 676 -48.85 38.83 -5.27
N VAL C 677 -47.60 39.16 -4.88
CA VAL C 677 -46.35 38.58 -5.32
C VAL C 677 -46.43 37.03 -5.33
N ALA C 678 -46.99 36.43 -4.27
CA ALA C 678 -47.13 34.97 -4.21
C ALA C 678 -48.18 34.45 -5.21
N GLU C 679 -49.35 35.11 -5.30
CA GLU C 679 -50.41 34.73 -6.22
C GLU C 679 -49.92 34.77 -7.66
N THR C 680 -49.11 35.78 -8.00
CA THR C 680 -48.54 36.00 -9.32
C THR C 680 -47.53 34.88 -9.68
N LEU C 681 -46.70 34.47 -8.72
CA LEU C 681 -45.75 33.38 -8.94
C LEU C 681 -46.48 32.04 -9.15
N ASN C 682 -47.61 31.85 -8.49
CA ASN C 682 -48.41 30.65 -8.62
C ASN C 682 -48.97 30.52 -10.04
N LEU C 683 -49.35 31.65 -10.65
CA LEU C 683 -49.89 31.62 -12.01
C LEU C 683 -48.81 31.76 -13.08
N ALA C 684 -47.51 31.71 -12.72
CA ALA C 684 -46.44 31.85 -13.70
C ALA C 684 -46.23 30.57 -14.54
N LEU C 685 -46.80 29.41 -14.10
CA LEU C 685 -46.65 28.15 -14.83
C LEU C 685 -47.91 27.27 -14.80
N LEU C 686 -49.11 27.86 -14.93
CA LEU C 686 -50.35 27.07 -14.97
C LEU C 686 -50.78 26.78 -16.41
N ARG C 687 -51.62 25.75 -16.62
CA ARG C 687 -52.07 25.33 -17.95
C ARG C 687 -52.52 26.47 -18.85
N GLY C 688 -53.33 27.38 -18.33
CA GLY C 688 -53.82 28.52 -19.10
C GLY C 688 -53.42 29.87 -18.56
N TYR C 689 -52.30 29.92 -17.86
CA TYR C 689 -51.79 31.16 -17.30
C TYR C 689 -50.28 31.31 -17.55
N ARG C 690 -49.55 30.18 -17.67
CA ARG C 690 -48.11 30.14 -17.85
C ARG C 690 -47.59 31.09 -18.92
N THR C 691 -46.61 31.88 -18.54
CA THR C 691 -45.98 32.80 -19.49
C THR C 691 -44.55 32.32 -19.87
N GLY C 692 -44.19 31.09 -19.50
CA GLY C 692 -42.92 30.46 -19.82
C GLY C 692 -41.71 31.16 -19.24
N GLY C 693 -41.84 31.61 -18.01
CA GLY C 693 -40.75 32.31 -17.35
C GLY C 693 -40.94 33.81 -17.35
N THR C 694 -40.32 34.50 -16.38
CA THR C 694 -40.43 35.95 -16.20
C THR C 694 -39.13 36.46 -15.58
N ILE C 695 -38.60 37.58 -16.08
CA ILE C 695 -37.37 38.14 -15.51
C ILE C 695 -37.73 39.16 -14.44
N HIS C 696 -37.37 38.90 -13.18
CA HIS C 696 -37.69 39.79 -12.07
C HIS C 696 -36.45 40.50 -11.56
N ILE C 697 -36.42 41.82 -11.67
CA ILE C 697 -35.29 42.60 -11.18
C ILE C 697 -35.69 43.42 -9.95
N VAL C 698 -35.43 42.88 -8.77
CA VAL C 698 -35.73 43.59 -7.52
C VAL C 698 -34.62 44.57 -7.27
N VAL C 699 -34.96 45.84 -7.10
CA VAL C 699 -33.94 46.86 -6.86
C VAL C 699 -33.87 47.12 -5.34
N ASN C 700 -33.02 46.36 -4.65
CA ASN C 700 -32.86 46.45 -3.21
C ASN C 700 -32.08 47.70 -2.79
N ASN C 701 -32.77 48.82 -2.50
CA ASN C 701 -32.08 50.02 -2.03
C ASN C 701 -31.85 49.99 -0.50
N GLN C 702 -32.02 48.81 0.15
CA GLN C 702 -31.82 48.50 1.56
C GLN C 702 -32.62 49.44 2.48
N ILE C 703 -33.83 49.83 2.07
CA ILE C 703 -34.75 50.69 2.82
C ILE C 703 -36.13 50.76 2.12
N GLY C 704 -37.16 51.16 2.86
CA GLY C 704 -38.52 51.35 2.37
C GLY C 704 -39.12 52.54 3.09
N PHE C 705 -38.87 53.76 2.59
CA PHE C 705 -39.28 55.03 3.17
C PHE C 705 -38.45 55.25 4.47
N THR C 706 -38.89 54.71 5.61
CA THR C 706 -38.16 54.75 6.89
C THR C 706 -38.20 53.36 7.59
N THR C 707 -39.00 52.39 7.09
CA THR C 707 -39.09 51.05 7.63
C THR C 707 -37.81 50.30 7.28
N ALA C 708 -37.09 49.79 8.28
CA ALA C 708 -35.87 49.04 8.06
C ALA C 708 -36.16 47.73 7.35
N PRO C 709 -35.25 47.26 6.46
CA PRO C 709 -35.51 45.99 5.77
C PRO C 709 -35.67 44.81 6.72
N THR C 710 -35.06 44.91 7.91
CA THR C 710 -35.13 43.90 8.96
C THR C 710 -36.56 43.74 9.47
N ASP C 711 -37.27 44.85 9.62
CA ASP C 711 -38.66 44.85 10.08
C ASP C 711 -39.68 44.62 8.95
N SER C 712 -39.24 44.52 7.69
CA SER C 712 -40.15 44.33 6.56
C SER C 712 -40.15 42.90 5.99
N ARG C 713 -39.34 41.99 6.54
CA ARG C 713 -39.31 40.60 6.05
C ARG C 713 -38.81 39.63 7.11
N SER C 714 -39.35 38.41 7.12
CA SER C 714 -38.92 37.37 8.05
C SER C 714 -38.02 36.35 7.34
N SER C 715 -37.19 36.81 6.39
CA SER C 715 -36.30 35.94 5.62
C SER C 715 -34.93 36.60 5.38
N GLU C 716 -33.91 35.81 5.02
CA GLU C 716 -32.56 36.32 4.77
C GLU C 716 -32.58 37.32 3.63
N TYR C 717 -33.18 36.93 2.51
CA TYR C 717 -33.28 37.81 1.36
C TYR C 717 -34.73 38.20 1.14
N CYS C 718 -34.94 39.32 0.47
CA CYS C 718 -36.29 39.77 0.12
C CYS C 718 -36.91 38.79 -0.90
N THR C 719 -36.07 38.29 -1.81
CA THR C 719 -36.35 37.34 -2.87
C THR C 719 -36.70 35.94 -2.39
N ASP C 720 -36.61 35.65 -1.08
CA ASP C 720 -36.94 34.32 -0.55
C ASP C 720 -38.34 33.83 -0.95
N VAL C 721 -39.24 34.75 -1.34
CA VAL C 721 -40.60 34.45 -1.75
C VAL C 721 -40.60 33.64 -3.08
N ALA C 722 -39.65 33.98 -3.98
CA ALA C 722 -39.50 33.33 -5.28
C ALA C 722 -39.19 31.84 -5.18
N LYS C 723 -38.56 31.42 -4.08
CA LYS C 723 -38.22 30.01 -3.88
C LYS C 723 -39.46 29.09 -3.90
N MET C 724 -40.67 29.65 -3.88
CA MET C 724 -41.91 28.89 -3.94
C MET C 724 -41.96 28.03 -5.20
N ILE C 725 -41.49 28.56 -6.33
CA ILE C 725 -41.53 27.84 -7.59
C ILE C 725 -40.16 27.34 -8.09
N GLY C 726 -39.16 27.34 -7.22
CA GLY C 726 -37.82 26.89 -7.60
C GLY C 726 -37.09 27.88 -8.49
N ALA C 727 -37.36 29.17 -8.29
CA ALA C 727 -36.75 30.22 -9.08
C ALA C 727 -35.32 30.51 -8.62
N PRO C 728 -34.35 30.38 -9.51
CA PRO C 728 -32.96 30.69 -9.14
C PRO C 728 -32.77 32.18 -8.79
N ILE C 729 -32.09 32.45 -7.69
CA ILE C 729 -31.87 33.82 -7.24
C ILE C 729 -30.41 34.21 -7.36
N PHE C 730 -30.13 35.35 -7.99
CA PHE C 730 -28.75 35.82 -8.12
C PHE C 730 -28.59 37.16 -7.48
N HIS C 731 -28.10 37.18 -6.24
CA HIS C 731 -27.88 38.44 -5.53
C HIS C 731 -26.64 39.11 -6.14
N VAL C 732 -26.81 40.21 -6.87
CA VAL C 732 -25.68 40.87 -7.54
C VAL C 732 -25.42 42.25 -6.93
N ASN C 733 -24.14 42.63 -6.78
CA ASN C 733 -23.78 43.93 -6.23
C ASN C 733 -24.06 45.04 -7.26
N GLY C 734 -24.87 46.02 -6.88
CA GLY C 734 -25.27 47.13 -7.72
C GLY C 734 -24.21 48.18 -7.99
N ASP C 735 -22.97 47.92 -7.57
CA ASP C 735 -21.86 48.82 -7.82
C ASP C 735 -21.02 48.32 -9.00
N ASP C 736 -20.90 46.99 -9.18
CA ASP C 736 -20.16 46.39 -10.30
C ASP C 736 -21.10 46.24 -11.48
N PRO C 737 -20.93 47.08 -12.51
CA PRO C 737 -21.84 47.03 -13.66
C PRO C 737 -21.59 45.81 -14.54
N GLU C 738 -20.33 45.44 -14.73
CA GLU C 738 -19.97 44.26 -15.53
C GLU C 738 -20.62 43.00 -14.98
N ALA C 739 -20.73 42.91 -13.65
CA ALA C 739 -21.36 41.78 -12.98
C ALA C 739 -22.87 41.80 -13.23
N CYS C 740 -23.49 42.98 -13.10
CA CYS C 740 -24.92 43.17 -13.31
C CYS C 740 -25.34 42.75 -14.70
N ALA C 741 -24.51 43.06 -15.70
CA ALA C 741 -24.81 42.69 -17.08
C ALA C 741 -24.73 41.18 -17.27
N TRP C 742 -23.69 40.53 -16.70
CA TRP C 742 -23.53 39.08 -16.80
C TRP C 742 -24.70 38.38 -16.15
N VAL C 743 -25.08 38.80 -14.94
CA VAL C 743 -26.21 38.22 -14.20
C VAL C 743 -27.50 38.37 -15.00
N ALA C 744 -27.72 39.57 -15.54
CA ALA C 744 -28.92 39.83 -16.32
C ALA C 744 -28.97 38.99 -17.59
N ARG C 745 -27.86 38.89 -18.32
CA ARG C 745 -27.81 38.13 -19.55
C ARG C 745 -27.97 36.64 -19.27
N LEU C 746 -27.39 36.15 -18.17
CA LEU C 746 -27.51 34.75 -17.78
C LEU C 746 -28.94 34.38 -17.41
N ALA C 747 -29.67 35.32 -16.81
CA ALA C 747 -31.07 35.09 -16.45
C ALA C 747 -31.91 34.84 -17.71
N VAL C 748 -31.61 35.58 -18.79
CA VAL C 748 -32.28 35.44 -20.09
C VAL C 748 -32.04 34.03 -20.65
N ASP C 749 -30.80 33.54 -20.53
CA ASP C 749 -30.44 32.21 -21.00
C ASP C 749 -31.24 31.14 -20.25
N PHE C 750 -31.35 31.28 -18.92
CA PHE C 750 -32.09 30.34 -18.08
C PHE C 750 -33.55 30.35 -18.47
N ARG C 751 -34.16 31.55 -18.57
CA ARG C 751 -35.57 31.71 -18.93
C ARG C 751 -35.86 31.08 -20.29
N GLN C 752 -34.93 31.22 -21.24
CA GLN C 752 -35.11 30.64 -22.57
C GLN C 752 -34.87 29.13 -22.58
N ALA C 753 -34.05 28.62 -21.64
CA ALA C 753 -33.74 27.20 -21.58
C ALA C 753 -34.78 26.38 -20.82
N PHE C 754 -35.27 26.87 -19.68
CA PHE C 754 -36.18 26.08 -18.84
C PHE C 754 -37.60 26.65 -18.73
N LYS C 755 -37.83 27.88 -19.21
CA LYS C 755 -39.13 28.55 -19.16
C LYS C 755 -39.61 28.67 -17.73
N LYS C 756 -38.72 29.16 -16.86
CA LYS C 756 -38.97 29.35 -15.43
C LYS C 756 -38.56 30.77 -15.00
N ASP C 757 -39.32 31.38 -14.07
CA ASP C 757 -39.04 32.72 -13.56
C ASP C 757 -37.65 32.77 -12.92
N VAL C 758 -36.92 33.88 -13.12
CA VAL C 758 -35.58 34.08 -12.56
C VAL C 758 -35.55 35.40 -11.78
N VAL C 759 -34.92 35.44 -10.59
CA VAL C 759 -34.89 36.68 -9.80
C VAL C 759 -33.48 37.22 -9.58
N ILE C 760 -33.28 38.48 -9.95
CA ILE C 760 -32.02 39.18 -9.80
C ILE C 760 -32.12 40.23 -8.70
N ASP C 761 -31.49 39.98 -7.55
CA ASP C 761 -31.53 40.92 -6.42
C ASP C 761 -30.40 41.95 -6.56
N MET C 762 -30.72 43.17 -7.02
CA MET C 762 -29.70 44.20 -7.17
C MET C 762 -29.53 45.00 -5.88
N LEU C 763 -28.50 44.70 -5.11
CA LEU C 763 -28.20 45.41 -3.88
C LEU C 763 -27.56 46.76 -4.15
N CYS C 764 -28.28 47.82 -3.88
CA CYS C 764 -27.79 49.18 -4.10
C CYS C 764 -28.17 50.05 -2.88
N TYR C 765 -28.14 51.38 -3.02
CA TYR C 765 -28.46 52.28 -1.93
C TYR C 765 -29.35 53.41 -2.40
N ARG C 766 -30.22 53.92 -1.51
CA ARG C 766 -31.07 55.04 -1.86
C ARG C 766 -30.32 56.30 -1.45
N ARG C 767 -30.05 57.18 -2.40
CA ARG C 767 -29.25 58.38 -2.18
C ARG C 767 -29.92 59.41 -1.26
N ARG C 768 -31.20 59.74 -1.54
CA ARG C 768 -31.91 60.74 -0.75
C ARG C 768 -33.24 60.18 -0.24
N GLY C 769 -33.85 60.83 0.75
CA GLY C 769 -35.12 60.40 1.32
C GLY C 769 -36.29 60.57 0.37
N HIS C 770 -37.47 60.07 0.78
CA HIS C 770 -38.69 60.14 -0.04
C HIS C 770 -39.27 61.56 -0.12
N ASN C 771 -38.96 62.43 0.85
CA ASN C 771 -39.42 63.81 0.86
C ASN C 771 -38.23 64.76 0.55
N GLU C 772 -38.50 65.96 0.00
CA GLU C 772 -37.41 66.90 -0.31
C GLU C 772 -36.72 67.40 0.98
N GLY C 773 -37.52 67.60 2.03
CA GLY C 773 -37.02 68.00 3.33
C GLY C 773 -36.98 66.82 4.27
N ASP C 774 -36.53 65.68 3.76
CA ASP C 774 -36.42 64.46 4.53
C ASP C 774 -34.99 63.99 4.55
N ASP C 775 -34.42 63.96 5.74
CA ASP C 775 -33.09 63.43 5.99
C ASP C 775 -33.34 62.16 6.76
N PRO C 776 -33.51 60.98 6.08
CA PRO C 776 -33.83 59.75 6.83
C PRO C 776 -32.71 59.29 7.78
N SER C 777 -31.66 60.12 7.99
CA SER C 777 -30.63 59.88 8.99
C SER C 777 -31.21 59.97 10.44
N MET C 778 -32.48 60.38 10.59
CA MET C 778 -33.19 60.39 11.86
C MET C 778 -33.47 58.95 12.26
N THR C 779 -33.90 58.11 11.30
CA THR C 779 -34.22 56.69 11.48
C THR C 779 -32.99 55.76 11.31
N GLN C 780 -32.21 55.88 10.21
CA GLN C 780 -31.02 55.05 10.02
C GLN C 780 -29.80 55.92 9.86
N PRO C 781 -29.20 56.35 10.97
CA PRO C 781 -28.04 57.26 10.87
C PRO C 781 -26.80 56.57 10.34
N TYR C 782 -26.55 55.32 10.76
CA TYR C 782 -25.39 54.58 10.31
C TYR C 782 -25.48 54.31 8.82
N MET C 783 -26.66 53.92 8.31
CA MET C 783 -26.83 53.62 6.90
C MET C 783 -26.57 54.87 6.04
N TYR C 784 -27.17 55.99 6.41
CA TYR C 784 -27.00 57.21 5.64
C TYR C 784 -25.65 57.88 5.85
N ASP C 785 -24.90 57.52 6.91
CA ASP C 785 -23.55 58.04 7.10
C ASP C 785 -22.60 57.44 6.05
N VAL C 786 -22.85 56.18 5.66
CA VAL C 786 -22.07 55.48 4.65
C VAL C 786 -22.39 56.05 3.26
N ILE C 787 -23.68 56.19 2.93
CA ILE C 787 -24.11 56.71 1.65
C ILE C 787 -23.57 58.15 1.45
N ASP C 788 -23.40 58.92 2.53
CA ASP C 788 -22.84 60.28 2.45
C ASP C 788 -21.47 60.28 1.79
N THR C 789 -20.66 59.27 2.13
CA THR C 789 -19.30 59.14 1.63
C THR C 789 -19.18 58.18 0.44
N LYS C 790 -20.28 57.89 -0.26
CA LYS C 790 -20.26 56.98 -1.39
C LYS C 790 -20.03 57.73 -2.70
N ARG C 791 -19.53 57.02 -3.72
CA ARG C 791 -19.30 57.60 -5.03
C ARG C 791 -20.32 57.03 -6.01
N GLY C 792 -20.72 57.83 -6.98
CA GLY C 792 -21.69 57.44 -7.99
C GLY C 792 -21.27 56.21 -8.77
N SER C 793 -22.18 55.24 -8.93
CA SER C 793 -21.91 53.97 -9.61
C SER C 793 -21.46 54.10 -11.08
N ARG C 794 -21.44 55.33 -11.61
CA ARG C 794 -20.95 55.58 -12.97
C ARG C 794 -19.51 56.11 -12.87
N LYS C 795 -19.28 57.07 -11.96
CA LYS C 795 -17.95 57.67 -11.79
C LYS C 795 -16.96 56.69 -11.18
N ALA C 796 -17.43 55.86 -10.25
CA ALA C 796 -16.58 54.86 -9.61
C ALA C 796 -16.12 53.81 -10.63
N TYR C 797 -17.04 53.36 -11.50
CA TYR C 797 -16.73 52.40 -12.55
C TYR C 797 -15.73 53.01 -13.57
N THR C 798 -15.79 54.33 -13.79
CA THR C 798 -14.90 55.04 -14.69
C THR C 798 -13.47 54.95 -14.17
N GLU C 799 -13.27 55.16 -12.87
CA GLU C 799 -11.95 55.08 -12.27
C GLU C 799 -11.40 53.67 -12.31
N ALA C 800 -12.27 52.67 -12.12
CA ALA C 800 -11.90 51.27 -12.12
C ALA C 800 -11.35 50.84 -13.47
N LEU C 801 -11.93 51.34 -14.57
CA LEU C 801 -11.46 51.00 -15.90
C LEU C 801 -10.07 51.61 -16.17
N ILE C 802 -9.78 52.80 -15.60
CA ILE C 802 -8.49 53.46 -15.76
C ILE C 802 -7.44 52.73 -14.92
N GLY C 803 -7.79 52.43 -13.68
CA GLY C 803 -6.92 51.73 -12.73
C GLY C 803 -6.53 50.34 -13.19
N ARG C 804 -7.47 49.61 -13.79
CA ARG C 804 -7.19 48.27 -14.29
C ARG C 804 -6.48 48.27 -15.67
N GLY C 805 -6.23 49.43 -16.25
CA GLY C 805 -5.58 49.52 -17.55
C GLY C 805 -6.48 49.17 -18.72
N ASP C 806 -7.81 49.10 -18.49
CA ASP C 806 -8.78 48.80 -19.55
C ASP C 806 -8.90 49.99 -20.49
N ILE C 807 -8.90 51.22 -19.95
CA ILE C 807 -8.97 52.44 -20.75
C ILE C 807 -7.83 53.42 -20.38
N SER C 808 -7.54 54.37 -21.29
CA SER C 808 -6.50 55.38 -21.11
C SER C 808 -7.12 56.76 -20.75
N MET C 809 -6.29 57.81 -20.64
CA MET C 809 -6.81 59.16 -20.38
C MET C 809 -7.50 59.74 -21.62
N LYS C 810 -7.15 59.26 -22.83
CA LYS C 810 -7.84 59.67 -24.04
C LYS C 810 -9.25 59.07 -24.02
N GLU C 811 -9.36 57.78 -23.63
CA GLU C 811 -10.66 57.10 -23.50
C GLU C 811 -11.47 57.73 -22.33
N ALA C 812 -10.79 58.24 -21.28
CA ALA C 812 -11.42 58.95 -20.16
C ALA C 812 -12.01 60.30 -20.62
N GLU C 813 -11.42 60.90 -21.66
CA GLU C 813 -11.92 62.12 -22.24
C GLU C 813 -13.08 61.83 -23.17
N ASP C 814 -13.04 60.69 -23.91
CA ASP C 814 -14.13 60.24 -24.77
C ASP C 814 -15.40 60.00 -23.94
N ALA C 815 -15.24 59.48 -22.72
CA ALA C 815 -16.34 59.19 -21.81
C ALA C 815 -16.81 60.45 -21.10
N LEU C 816 -15.88 61.32 -20.70
CA LEU C 816 -16.26 62.55 -20.00
C LEU C 816 -16.92 63.56 -20.93
N ARG C 817 -16.51 63.60 -22.19
CA ARG C 817 -17.14 64.46 -23.17
C ARG C 817 -18.55 63.93 -23.48
N ASP C 818 -18.74 62.59 -23.51
CA ASP C 818 -20.04 61.98 -23.74
C ASP C 818 -20.99 62.29 -22.57
N TYR C 819 -20.47 62.37 -21.34
CA TYR C 819 -21.29 62.69 -20.17
C TYR C 819 -21.85 64.10 -20.30
N GLN C 820 -21.01 65.09 -20.63
CA GLN C 820 -21.46 66.47 -20.80
C GLN C 820 -22.33 66.63 -22.04
N GLY C 821 -22.00 65.90 -23.09
CA GLY C 821 -22.73 65.91 -24.35
C GLY C 821 -24.14 65.39 -24.24
N GLN C 822 -24.38 64.49 -23.28
CA GLN C 822 -25.72 63.95 -23.03
C GLN C 822 -26.45 64.75 -21.94
N LEU C 823 -25.71 65.44 -21.05
CA LEU C 823 -26.27 66.27 -19.98
C LEU C 823 -26.79 67.58 -20.57
N GLU C 824 -26.01 68.19 -21.47
CA GLU C 824 -26.41 69.41 -22.16
C GLU C 824 -27.58 69.12 -23.12
N ARG C 825 -27.54 67.96 -23.77
CA ARG C 825 -28.54 67.45 -24.71
C ARG C 825 -29.98 67.55 -24.16
N VAL C 826 -30.23 67.13 -22.92
CA VAL C 826 -31.57 67.16 -22.35
C VAL C 826 -31.89 68.54 -21.75
N PHE C 827 -30.89 69.23 -21.18
CA PHE C 827 -31.13 70.54 -20.58
C PHE C 827 -31.51 71.60 -21.61
N ASN C 828 -30.91 71.53 -22.79
CA ASN C 828 -31.18 72.50 -23.84
C ASN C 828 -32.44 72.13 -24.61
N GLU C 829 -32.71 70.82 -24.80
CA GLU C 829 -33.93 70.39 -25.51
C GLU C 829 -35.18 70.77 -24.70
N VAL C 830 -35.10 70.70 -23.37
CA VAL C 830 -36.21 71.03 -22.49
C VAL C 830 -36.39 72.55 -22.41
N ARG C 831 -35.29 73.31 -22.28
CA ARG C 831 -35.37 74.77 -22.22
C ARG C 831 -35.97 75.36 -23.49
N GLU C 832 -35.75 74.71 -24.64
CA GLU C 832 -36.29 75.15 -25.93
C GLU C 832 -37.76 74.75 -26.07
N LEU C 833 -38.12 73.52 -25.65
CA LEU C 833 -39.49 73.03 -25.72
C LEU C 833 -40.41 73.70 -24.68
N GLU C 834 -39.84 74.34 -23.64
CA GLU C 834 -40.62 75.04 -22.62
C GLU C 834 -41.13 76.37 -23.15
N LYS C 835 -40.30 77.08 -23.93
CA LYS C 835 -40.66 78.36 -24.53
C LYS C 835 -41.79 78.20 -25.55
N HIS C 836 -41.85 77.04 -26.22
CA HIS C 836 -42.89 76.74 -27.20
C HIS C 836 -44.09 76.06 -26.51
N GLU C 837 -44.70 76.77 -25.53
CA GLU C 837 -45.84 76.23 -24.78
C GLU C 837 -46.74 77.36 -24.31
N LEU C 854 -76.01 47.95 -34.43
CA LEU C 854 -75.36 46.64 -34.25
C LEU C 854 -76.41 45.53 -34.03
N ALA C 855 -76.25 44.38 -34.73
CA ALA C 855 -77.17 43.23 -34.67
C ALA C 855 -76.81 42.24 -33.57
N THR C 856 -77.56 42.26 -32.49
CA THR C 856 -77.33 41.44 -31.31
C THR C 856 -77.96 40.06 -31.36
N ALA C 857 -78.47 39.62 -32.53
CA ALA C 857 -79.14 38.32 -32.61
C ALA C 857 -78.65 37.45 -33.78
N VAL C 858 -78.82 36.12 -33.67
CA VAL C 858 -78.45 35.17 -34.71
C VAL C 858 -79.66 34.35 -35.15
N ASP C 859 -79.60 33.76 -36.35
CA ASP C 859 -80.67 32.92 -36.86
C ASP C 859 -80.74 31.57 -36.10
N LYS C 860 -81.87 30.85 -36.23
CA LYS C 860 -82.05 29.59 -35.51
C LYS C 860 -81.13 28.48 -36.03
N ALA C 861 -80.63 28.57 -37.27
CA ALA C 861 -79.71 27.56 -37.79
C ALA C 861 -78.34 27.60 -37.07
N MET C 862 -77.92 28.79 -36.61
CA MET C 862 -76.69 28.98 -35.84
C MET C 862 -76.86 28.30 -34.46
N LEU C 863 -78.03 28.47 -33.84
CA LEU C 863 -78.37 27.87 -32.56
C LEU C 863 -78.38 26.35 -32.67
N GLN C 864 -78.90 25.82 -33.78
CA GLN C 864 -78.95 24.39 -34.07
C GLN C 864 -77.56 23.80 -34.33
N ARG C 865 -76.57 24.62 -34.70
CA ARG C 865 -75.20 24.15 -34.88
C ARG C 865 -74.57 23.96 -33.49
N ILE C 866 -74.82 24.90 -32.56
CA ILE C 866 -74.33 24.85 -31.17
C ILE C 866 -75.02 23.71 -30.40
N GLY C 867 -76.32 23.51 -30.64
CA GLY C 867 -77.09 22.45 -30.01
C GLY C 867 -76.69 21.05 -30.44
N ASP C 868 -76.10 20.94 -31.64
CA ASP C 868 -75.62 19.67 -32.15
C ASP C 868 -74.16 19.39 -31.75
N ALA C 869 -73.39 20.46 -31.48
CA ALA C 869 -71.99 20.35 -31.04
C ALA C 869 -71.88 19.62 -29.69
N HIS C 870 -72.93 19.69 -28.84
CA HIS C 870 -72.95 18.99 -27.57
C HIS C 870 -73.07 17.46 -27.77
N LEU C 871 -73.55 17.02 -28.95
CA LEU C 871 -73.64 15.59 -29.25
C LEU C 871 -72.70 15.18 -30.41
N ALA C 872 -71.72 16.03 -30.75
CA ALA C 872 -70.71 15.76 -31.77
C ALA C 872 -69.45 15.22 -31.08
N LEU C 873 -69.65 14.23 -30.19
CA LEU C 873 -68.64 13.56 -29.39
C LEU C 873 -67.65 12.81 -30.25
N PRO C 874 -66.37 12.77 -29.88
CA PRO C 874 -65.38 12.02 -30.68
C PRO C 874 -65.65 10.51 -30.69
N GLU C 875 -65.09 9.81 -31.68
CA GLU C 875 -65.30 8.37 -31.82
C GLU C 875 -64.78 7.62 -30.61
N GLY C 876 -65.70 7.04 -29.85
CA GLY C 876 -65.35 6.27 -28.66
C GLY C 876 -65.21 7.10 -27.40
N PHE C 877 -65.91 8.25 -27.35
CA PHE C 877 -65.87 9.09 -26.16
C PHE C 877 -66.97 8.68 -25.20
N THR C 878 -66.61 7.95 -24.15
CA THR C 878 -67.56 7.50 -23.13
C THR C 878 -67.93 8.66 -22.20
N VAL C 879 -69.06 9.33 -22.44
CA VAL C 879 -69.47 10.48 -21.61
C VAL C 879 -70.06 10.03 -20.28
N HIS C 880 -69.77 10.77 -19.20
CA HIS C 880 -70.26 10.49 -17.84
C HIS C 880 -71.79 10.49 -17.85
N PRO C 881 -72.43 9.48 -17.23
CA PRO C 881 -73.89 9.39 -17.27
C PRO C 881 -74.63 10.56 -16.63
N ARG C 882 -74.00 11.31 -15.72
CA ARG C 882 -74.65 12.48 -15.13
C ARG C 882 -74.63 13.68 -16.11
N VAL C 883 -73.68 13.72 -17.05
CA VAL C 883 -73.53 14.78 -18.05
C VAL C 883 -74.24 14.41 -19.37
N ARG C 884 -74.29 13.11 -19.69
CA ARG C 884 -74.90 12.53 -20.89
C ARG C 884 -76.29 13.12 -21.24
N PRO C 885 -77.27 13.24 -20.32
CA PRO C 885 -78.57 13.80 -20.72
C PRO C 885 -78.55 15.31 -20.93
N VAL C 886 -77.57 16.03 -20.36
CA VAL C 886 -77.45 17.48 -20.53
C VAL C 886 -77.14 17.83 -22.00
N LEU C 887 -76.37 16.97 -22.67
CA LEU C 887 -76.03 17.13 -24.07
C LEU C 887 -77.28 16.96 -24.94
N GLU C 888 -78.11 15.95 -24.64
CA GLU C 888 -79.36 15.66 -25.36
C GLU C 888 -80.43 16.71 -25.09
N LYS C 889 -80.44 17.29 -23.89
CA LYS C 889 -81.38 18.33 -23.52
C LYS C 889 -81.05 19.62 -24.28
N ARG C 890 -79.75 19.91 -24.48
CA ARG C 890 -79.32 21.08 -25.23
C ARG C 890 -79.61 20.94 -26.74
N ARG C 891 -79.68 19.70 -27.25
CA ARG C 891 -80.06 19.44 -28.63
C ARG C 891 -81.55 19.74 -28.81
N GLU C 892 -82.37 19.40 -27.80
CA GLU C 892 -83.81 19.65 -27.78
C GLU C 892 -84.11 21.14 -27.61
N MET C 893 -83.35 21.83 -26.74
CA MET C 893 -83.53 23.24 -26.45
C MET C 893 -83.23 24.13 -27.67
N ALA C 894 -82.19 23.80 -28.44
CA ALA C 894 -81.81 24.57 -29.63
C ALA C 894 -82.76 24.36 -30.83
N TYR C 895 -83.52 23.26 -30.82
CA TYR C 895 -84.46 22.95 -31.88
C TYR C 895 -85.92 23.22 -31.48
N GLU C 896 -86.22 23.49 -30.19
CA GLU C 896 -87.60 23.72 -29.77
C GLU C 896 -87.77 25.00 -28.90
N GLY C 897 -87.00 25.13 -27.83
CA GLY C 897 -87.11 26.29 -26.96
C GLY C 897 -86.93 25.96 -25.49
N ARG C 898 -87.37 26.86 -24.60
CA ARG C 898 -87.24 26.73 -23.15
C ARG C 898 -85.77 26.61 -22.78
N ILE C 899 -84.93 27.46 -23.38
CA ILE C 899 -83.50 27.46 -23.16
C ILE C 899 -83.14 28.07 -21.82
N ASP C 900 -82.56 27.25 -20.92
CA ASP C 900 -82.17 27.71 -19.58
C ASP C 900 -80.95 28.65 -19.65
N TRP C 901 -80.66 29.33 -18.54
CA TRP C 901 -79.54 30.27 -18.45
C TRP C 901 -78.22 29.61 -18.82
N ALA C 902 -78.03 28.35 -18.40
CA ALA C 902 -76.81 27.58 -18.64
C ALA C 902 -76.50 27.41 -20.14
N PHE C 903 -77.50 27.07 -20.96
CA PHE C 903 -77.28 26.90 -22.40
C PHE C 903 -77.20 28.26 -23.09
N ALA C 904 -77.97 29.26 -22.63
CA ALA C 904 -77.97 30.61 -23.18
C ALA C 904 -76.59 31.26 -23.10
N GLU C 905 -75.88 30.98 -22.01
CA GLU C 905 -74.53 31.47 -21.74
C GLU C 905 -73.55 30.96 -22.79
N LEU C 906 -73.67 29.67 -23.14
CA LEU C 906 -72.81 29.01 -24.12
C LEU C 906 -73.21 29.35 -25.56
N LEU C 907 -74.49 29.68 -25.80
CA LEU C 907 -74.95 30.07 -27.13
C LEU C 907 -74.43 31.45 -27.49
N ALA C 908 -74.33 32.36 -26.50
CA ALA C 908 -73.82 33.72 -26.70
C ALA C 908 -72.35 33.70 -27.07
N LEU C 909 -71.57 32.81 -26.46
CA LEU C 909 -70.16 32.68 -26.76
C LEU C 909 -69.91 31.78 -27.99
N GLY C 910 -70.77 30.78 -28.18
CA GLY C 910 -70.68 29.86 -29.31
C GLY C 910 -70.88 30.53 -30.65
N SER C 911 -71.73 31.57 -30.67
CA SER C 911 -71.98 32.35 -31.88
C SER C 911 -70.78 33.25 -32.19
N LEU C 912 -70.14 33.82 -31.15
CA LEU C 912 -68.98 34.70 -31.26
C LEU C 912 -67.73 33.94 -31.74
N ILE C 913 -67.59 32.67 -31.34
CA ILE C 913 -66.45 31.84 -31.76
C ILE C 913 -66.62 31.48 -33.24
N ALA C 914 -67.84 31.09 -33.65
CA ALA C 914 -68.15 30.79 -35.05
C ALA C 914 -68.03 32.03 -35.94
N GLU C 915 -68.26 33.22 -35.38
CA GLU C 915 -68.10 34.48 -36.11
C GLU C 915 -66.62 34.78 -36.37
N GLY C 916 -65.75 34.40 -35.44
CA GLY C 916 -64.32 34.58 -35.58
C GLY C 916 -63.67 35.35 -34.44
N LYS C 917 -64.33 35.42 -33.29
CA LYS C 917 -63.80 36.15 -32.15
C LYS C 917 -63.24 35.21 -31.09
N LEU C 918 -62.16 35.64 -30.43
CA LEU C 918 -61.52 34.88 -29.36
C LEU C 918 -62.32 35.04 -28.07
N VAL C 919 -62.61 33.93 -27.39
CA VAL C 919 -63.34 33.94 -26.12
C VAL C 919 -62.48 33.31 -25.03
N ARG C 920 -62.15 34.07 -23.96
CA ARG C 920 -61.35 33.54 -22.86
C ARG C 920 -62.14 33.50 -21.56
N LEU C 921 -62.86 32.41 -21.33
CA LEU C 921 -63.66 32.26 -20.13
C LEU C 921 -62.92 31.40 -19.12
N SER C 922 -62.49 31.99 -18.01
CA SER C 922 -61.75 31.26 -17.00
C SER C 922 -62.02 31.80 -15.62
N GLY C 923 -62.28 30.91 -14.69
CA GLY C 923 -62.53 31.28 -13.31
C GLY C 923 -62.43 30.09 -12.39
N GLN C 924 -62.75 30.30 -11.11
CA GLN C 924 -62.69 29.22 -10.13
C GLN C 924 -63.76 28.17 -10.43
N ASP C 925 -63.33 26.95 -10.81
CA ASP C 925 -64.16 25.80 -11.17
C ASP C 925 -65.16 26.13 -12.30
N THR C 926 -64.74 26.99 -13.22
CA THR C 926 -65.56 27.46 -14.34
C THR C 926 -65.68 26.39 -15.45
N GLN C 927 -64.67 25.50 -15.61
CA GLN C 927 -64.68 24.43 -16.63
C GLN C 927 -65.95 23.58 -16.54
N ARG C 928 -66.24 23.04 -15.35
CA ARG C 928 -67.45 22.27 -15.13
C ARG C 928 -68.62 23.19 -14.83
N GLY C 929 -68.35 24.23 -14.05
CA GLY C 929 -69.37 25.19 -13.63
C GLY C 929 -69.49 25.10 -12.14
N THR C 930 -69.49 26.25 -11.45
CA THR C 930 -69.59 26.35 -10.00
C THR C 930 -70.80 25.55 -9.46
N PHE C 931 -71.94 25.66 -10.14
CA PHE C 931 -73.18 25.03 -9.73
C PHE C 931 -73.61 23.94 -10.70
N THR C 932 -72.64 23.25 -11.33
CA THR C 932 -72.84 22.17 -12.32
C THR C 932 -73.76 22.66 -13.45
N GLN C 933 -73.39 23.78 -14.09
CA GLN C 933 -74.22 24.34 -15.14
C GLN C 933 -73.49 24.57 -16.47
N ARG C 934 -72.19 24.93 -16.45
CA ARG C 934 -71.48 25.26 -17.68
C ARG C 934 -71.18 24.04 -18.57
N HIS C 935 -70.35 23.08 -18.10
CA HIS C 935 -69.94 21.88 -18.82
C HIS C 935 -69.28 22.24 -20.16
N ALA C 936 -68.46 23.30 -20.16
CA ALA C 936 -67.70 23.73 -21.34
C ALA C 936 -66.64 22.70 -21.74
N VAL C 937 -66.19 21.88 -20.77
CA VAL C 937 -65.25 20.79 -20.91
C VAL C 937 -65.85 19.57 -20.25
N ILE C 938 -66.07 18.49 -21.00
CA ILE C 938 -66.61 17.26 -20.43
C ILE C 938 -65.53 16.19 -20.49
N VAL C 939 -65.39 15.39 -19.42
CA VAL C 939 -64.34 14.39 -19.35
C VAL C 939 -64.89 12.97 -19.42
N ASP C 940 -64.24 12.16 -20.26
CA ASP C 940 -64.53 10.75 -20.50
C ASP C 940 -64.42 9.99 -19.19
N ARG C 941 -65.38 9.12 -18.93
CA ARG C 941 -65.41 8.33 -17.70
C ARG C 941 -64.36 7.22 -17.70
N LYS C 942 -64.11 6.61 -18.85
CA LYS C 942 -63.15 5.52 -18.94
C LYS C 942 -61.71 5.98 -19.17
N THR C 943 -61.52 6.92 -20.11
CA THR C 943 -60.18 7.35 -20.52
C THR C 943 -59.68 8.57 -19.74
N GLY C 944 -60.50 9.60 -19.65
CA GLY C 944 -60.09 10.84 -19.00
C GLY C 944 -59.72 11.95 -19.98
N GLU C 945 -60.16 11.82 -21.23
CA GLU C 945 -59.89 12.83 -22.23
C GLU C 945 -60.84 14.00 -22.10
N GLU C 946 -60.41 15.19 -22.51
CA GLU C 946 -61.23 16.38 -22.42
C GLU C 946 -61.91 16.68 -23.75
N PHE C 947 -63.16 17.12 -23.72
CA PHE C 947 -63.90 17.46 -24.94
C PHE C 947 -64.54 18.83 -24.81
N THR C 948 -64.30 19.70 -25.79
CA THR C 948 -64.87 21.03 -25.79
C THR C 948 -65.82 21.18 -26.96
N PRO C 949 -67.12 21.38 -26.70
CA PRO C 949 -68.07 21.54 -27.81
C PRO C 949 -68.01 22.92 -28.46
N LEU C 950 -67.58 23.96 -27.71
CA LEU C 950 -67.50 25.31 -28.27
C LEU C 950 -66.32 25.49 -29.24
N GLN C 951 -65.30 24.61 -29.17
CA GLN C 951 -64.18 24.69 -30.11
C GLN C 951 -64.57 24.13 -31.51
N LEU C 952 -65.65 23.33 -31.59
CA LEU C 952 -66.13 22.79 -32.86
C LEU C 952 -66.69 23.92 -33.76
N LEU C 953 -67.22 24.99 -33.15
CA LEU C 953 -67.76 26.16 -33.84
C LEU C 953 -66.66 27.01 -34.50
N ALA C 954 -65.41 26.88 -34.04
CA ALA C 954 -64.28 27.62 -34.64
C ALA C 954 -63.89 27.10 -36.04
N THR C 955 -64.64 26.13 -36.58
CA THR C 955 -64.41 25.56 -37.90
C THR C 955 -65.74 25.51 -38.64
N ASN C 956 -65.87 26.34 -39.69
CA ASN C 956 -67.07 26.40 -40.52
C ASN C 956 -67.35 25.05 -41.20
N PRO C 957 -68.62 24.75 -41.54
CA PRO C 957 -68.93 23.45 -42.15
C PRO C 957 -68.10 23.10 -43.38
N ASP C 958 -67.66 24.12 -44.12
CA ASP C 958 -66.84 23.93 -45.32
C ASP C 958 -65.36 23.67 -45.03
N GLY C 959 -65.01 23.39 -43.77
CA GLY C 959 -63.65 23.09 -43.36
C GLY C 959 -62.80 24.30 -43.00
N THR C 960 -63.19 25.48 -43.49
CA THR C 960 -62.43 26.70 -43.23
C THR C 960 -62.51 27.12 -41.79
N PRO C 961 -61.36 27.44 -41.18
CA PRO C 961 -61.37 27.90 -39.79
C PRO C 961 -61.94 29.32 -39.72
N THR C 962 -62.76 29.56 -38.71
CA THR C 962 -63.39 30.87 -38.53
C THR C 962 -62.41 31.92 -37.99
N GLY C 963 -61.36 31.48 -37.30
CA GLY C 963 -60.41 32.38 -36.68
C GLY C 963 -60.66 32.60 -35.19
N GLY C 964 -61.80 32.10 -34.70
CA GLY C 964 -62.17 32.20 -33.31
C GLY C 964 -61.56 31.07 -32.48
N LYS C 965 -61.61 31.21 -31.16
CA LYS C 965 -61.05 30.19 -30.28
C LYS C 965 -61.70 30.26 -28.91
N PHE C 966 -61.82 29.11 -28.26
CA PHE C 966 -62.39 29.04 -26.93
C PHE C 966 -61.31 28.64 -25.92
N LEU C 967 -61.01 29.53 -24.98
CA LEU C 967 -60.02 29.30 -23.93
C LEU C 967 -60.73 29.14 -22.58
N VAL C 968 -60.88 27.91 -22.09
CA VAL C 968 -61.55 27.69 -20.82
C VAL C 968 -60.61 26.96 -19.84
N TYR C 969 -60.29 27.64 -18.74
CA TYR C 969 -59.38 27.08 -17.75
C TYR C 969 -59.94 27.20 -16.32
N ASN C 970 -59.40 26.42 -15.38
CA ASN C 970 -59.79 26.50 -13.98
C ASN C 970 -58.69 27.22 -13.22
N SER C 971 -58.97 28.45 -12.77
CA SER C 971 -57.97 29.25 -12.06
C SER C 971 -57.67 28.69 -10.67
N ALA C 972 -56.52 29.07 -10.11
CA ALA C 972 -56.08 28.68 -8.78
C ALA C 972 -57.04 29.28 -7.69
N LEU C 973 -56.82 29.02 -6.38
CA LEU C 973 -57.68 29.61 -5.35
C LEU C 973 -57.25 31.05 -5.07
N SER C 974 -57.05 31.83 -6.14
CA SER C 974 -56.62 33.23 -6.14
C SER C 974 -57.74 34.17 -6.58
N GLU C 975 -57.69 35.41 -6.08
CA GLU C 975 -58.68 36.41 -6.42
C GLU C 975 -58.00 37.61 -7.02
N PHE C 976 -57.04 38.20 -6.31
CA PHE C 976 -56.31 39.39 -6.76
C PHE C 976 -55.67 39.18 -8.14
N ALA C 977 -54.94 38.09 -8.30
CA ALA C 977 -54.25 37.81 -9.55
C ALA C 977 -55.18 37.23 -10.60
N ALA C 978 -56.25 36.50 -10.20
CA ALA C 978 -57.18 35.93 -11.17
C ALA C 978 -57.90 37.02 -11.94
N VAL C 979 -58.31 38.09 -11.22
CA VAL C 979 -59.00 39.23 -11.81
C VAL C 979 -57.98 40.14 -12.54
N GLY C 980 -56.78 40.31 -11.99
CA GLY C 980 -55.73 41.11 -12.61
C GLY C 980 -55.17 40.53 -13.89
N PHE C 981 -55.23 39.21 -14.03
CA PHE C 981 -54.73 38.52 -15.22
C PHE C 981 -55.71 38.68 -16.37
N GLU C 982 -57.01 38.47 -16.13
CA GLU C 982 -58.02 38.61 -17.18
C GLU C 982 -58.12 40.06 -17.64
N TYR C 983 -57.92 41.02 -16.72
CA TYR C 983 -57.94 42.45 -17.06
C TYR C 983 -56.77 42.76 -18.01
N GLY C 984 -55.59 42.24 -17.68
CA GLY C 984 -54.39 42.42 -18.50
C GLY C 984 -54.51 41.79 -19.87
N TYR C 985 -55.31 40.72 -19.97
CA TYR C 985 -55.57 40.03 -21.22
C TYR C 985 -56.42 40.93 -22.12
N SER C 986 -57.45 41.59 -21.57
CA SER C 986 -58.31 42.50 -22.36
C SER C 986 -57.57 43.79 -22.79
N VAL C 987 -56.41 44.08 -22.18
CA VAL C 987 -55.57 45.22 -22.52
C VAL C 987 -54.58 44.80 -23.63
N GLY C 988 -53.99 43.62 -23.48
CA GLY C 988 -53.05 43.06 -24.45
C GLY C 988 -53.72 42.67 -25.76
N ASN C 989 -54.98 42.24 -25.69
CA ASN C 989 -55.78 41.85 -26.86
C ASN C 989 -57.22 42.37 -26.68
N PRO C 990 -57.50 43.56 -27.22
CA PRO C 990 -58.84 44.13 -27.06
C PRO C 990 -59.92 43.35 -27.80
N ASP C 991 -59.55 42.73 -28.93
CA ASP C 991 -60.46 41.96 -29.77
C ASP C 991 -60.66 40.56 -29.21
N ALA C 992 -60.93 40.50 -27.92
CA ALA C 992 -61.14 39.24 -27.23
C ALA C 992 -62.16 39.40 -26.13
N MET C 993 -63.12 38.50 -26.12
CA MET C 993 -64.19 38.39 -25.14
C MET C 993 -63.60 37.78 -23.87
N VAL C 994 -63.02 38.60 -22.98
CA VAL C 994 -62.39 38.06 -21.76
C VAL C 994 -63.42 38.01 -20.62
N LEU C 995 -63.73 36.81 -20.11
CA LEU C 995 -64.70 36.66 -19.04
C LEU C 995 -64.12 35.98 -17.81
N TRP C 996 -64.33 36.56 -16.61
CA TRP C 996 -63.89 35.97 -15.35
C TRP C 996 -65.08 35.65 -14.46
N GLU C 997 -65.27 34.36 -14.12
CA GLU C 997 -66.37 33.96 -13.26
C GLU C 997 -65.88 33.61 -11.87
N ALA C 998 -66.42 34.31 -10.85
CA ALA C 998 -66.13 33.99 -9.45
C ALA C 998 -66.93 32.75 -9.02
N GLN C 999 -66.54 32.08 -7.92
CA GLN C 999 -67.31 30.95 -7.41
C GLN C 999 -68.64 31.51 -6.88
N PHE C 1000 -68.55 32.58 -6.06
CA PHE C 1000 -69.64 33.39 -5.54
C PHE C 1000 -69.21 34.84 -5.62
N GLY C 1001 -70.15 35.72 -5.93
CA GLY C 1001 -69.85 37.14 -6.06
C GLY C 1001 -69.20 37.77 -4.85
N ASP C 1002 -69.57 37.26 -3.66
CA ASP C 1002 -69.12 37.71 -2.35
C ASP C 1002 -67.61 37.64 -2.15
N PHE C 1003 -66.92 36.77 -2.89
CA PHE C 1003 -65.46 36.63 -2.76
C PHE C 1003 -64.66 37.66 -3.55
N VAL C 1004 -65.33 38.59 -4.25
CA VAL C 1004 -64.65 39.59 -5.09
C VAL C 1004 -63.84 40.62 -4.25
N ASN C 1005 -64.18 40.80 -2.97
CA ASN C 1005 -63.50 41.76 -2.10
C ASN C 1005 -61.99 41.50 -1.96
N GLY C 1006 -61.52 40.30 -2.31
CA GLY C 1006 -60.11 39.99 -2.28
C GLY C 1006 -59.36 40.75 -3.36
N ALA C 1007 -59.98 40.86 -4.53
CA ALA C 1007 -59.41 41.59 -5.66
C ALA C 1007 -59.91 43.02 -5.74
N GLN C 1008 -60.29 43.62 -4.60
CA GLN C 1008 -60.84 44.99 -4.60
C GLN C 1008 -59.87 46.00 -5.19
N SER C 1009 -58.56 45.77 -5.08
CA SER C 1009 -57.57 46.70 -5.63
C SER C 1009 -57.62 46.70 -7.16
N ILE C 1010 -57.87 45.53 -7.78
CA ILE C 1010 -57.95 45.44 -9.24
C ILE C 1010 -59.21 46.19 -9.72
N ILE C 1011 -60.33 46.09 -8.98
CA ILE C 1011 -61.56 46.78 -9.36
C ILE C 1011 -61.41 48.31 -9.17
N ASP C 1012 -60.92 48.74 -8.00
CA ASP C 1012 -60.78 50.15 -7.66
C ASP C 1012 -59.73 50.89 -8.48
N GLU C 1013 -58.60 50.22 -8.78
CA GLU C 1013 -57.49 50.90 -9.43
C GLU C 1013 -57.32 50.60 -10.91
N PHE C 1014 -57.68 49.40 -11.37
CA PHE C 1014 -57.45 49.04 -12.77
C PHE C 1014 -58.70 48.99 -13.64
N ILE C 1015 -59.81 48.45 -13.14
CA ILE C 1015 -61.02 48.29 -13.96
C ILE C 1015 -61.85 49.60 -14.04
N SER C 1016 -62.32 50.14 -12.90
CA SER C 1016 -63.17 51.33 -12.83
C SER C 1016 -62.44 52.60 -13.28
N SER C 1017 -61.25 52.83 -12.75
CA SER C 1017 -60.48 54.02 -13.10
C SER C 1017 -59.38 53.75 -14.14
N GLY C 1018 -59.43 52.60 -14.83
CA GLY C 1018 -58.45 52.28 -15.85
C GLY C 1018 -58.69 53.08 -17.11
N GLU C 1019 -59.90 52.98 -17.66
CA GLU C 1019 -60.31 53.70 -18.86
C GLU C 1019 -60.26 55.25 -18.65
N ALA C 1020 -59.97 55.73 -17.41
CA ALA C 1020 -59.96 57.15 -17.15
C ALA C 1020 -58.58 57.71 -16.68
N LYS C 1021 -57.97 57.15 -15.60
CA LYS C 1021 -56.71 57.67 -15.03
C LYS C 1021 -55.59 57.71 -16.06
N TRP C 1022 -55.52 56.68 -16.90
CA TRP C 1022 -54.46 56.57 -17.88
C TRP C 1022 -55.05 56.41 -19.27
N GLY C 1023 -56.08 55.58 -19.39
CA GLY C 1023 -56.74 55.31 -20.66
C GLY C 1023 -56.69 53.85 -21.09
N GLN C 1024 -56.25 52.94 -20.20
CA GLN C 1024 -56.18 51.52 -20.51
C GLN C 1024 -57.60 50.94 -20.57
N LEU C 1025 -58.10 50.86 -21.80
CA LEU C 1025 -59.44 50.40 -22.12
C LEU C 1025 -59.66 48.95 -21.70
N SER C 1026 -60.59 48.73 -20.78
CA SER C 1026 -60.87 47.39 -20.29
C SER C 1026 -62.09 46.77 -20.96
N ASP C 1027 -61.90 45.65 -21.65
CA ASP C 1027 -63.01 44.93 -22.29
C ASP C 1027 -63.23 43.61 -21.56
N VAL C 1028 -63.28 43.67 -20.23
CA VAL C 1028 -63.44 42.47 -19.42
C VAL C 1028 -64.90 42.32 -18.96
N VAL C 1029 -65.35 41.08 -18.81
CA VAL C 1029 -66.67 40.75 -18.33
C VAL C 1029 -66.51 40.01 -17.03
N LEU C 1030 -67.12 40.50 -15.95
CA LEU C 1030 -66.97 39.87 -14.64
C LEU C 1030 -68.26 39.20 -14.17
N LEU C 1031 -68.43 37.90 -14.46
CA LEU C 1031 -69.62 37.16 -14.02
C LEU C 1031 -69.54 36.92 -12.51
N LEU C 1032 -70.50 37.46 -11.75
CA LEU C 1032 -70.53 37.31 -10.30
C LEU C 1032 -71.82 36.66 -9.83
N PRO C 1033 -71.77 35.38 -9.42
CA PRO C 1033 -72.99 34.72 -8.94
C PRO C 1033 -73.60 35.45 -7.75
N HIS C 1034 -74.75 36.07 -8.00
CA HIS C 1034 -75.50 36.85 -7.05
C HIS C 1034 -76.91 36.30 -6.97
N GLY C 1035 -77.38 36.03 -5.76
CA GLY C 1035 -78.72 35.51 -5.56
C GLY C 1035 -79.05 35.38 -4.09
N HIS C 1036 -80.20 35.93 -3.68
CA HIS C 1036 -80.58 35.84 -2.27
C HIS C 1036 -81.28 34.53 -1.98
N GLU C 1037 -80.51 33.55 -1.49
CA GLU C 1037 -81.01 32.22 -1.13
C GLU C 1037 -80.82 31.92 0.38
N GLY C 1038 -79.96 32.68 1.06
CA GLY C 1038 -79.72 32.53 2.49
C GLY C 1038 -78.63 31.54 2.86
N GLN C 1039 -77.76 31.21 1.91
CA GLN C 1039 -76.65 30.29 2.18
C GLN C 1039 -75.50 30.96 2.96
N GLY C 1040 -75.80 32.04 3.68
CA GLY C 1040 -74.80 32.78 4.45
C GLY C 1040 -74.48 34.14 3.85
N PRO C 1041 -73.80 35.00 4.60
CA PRO C 1041 -73.45 36.33 4.06
C PRO C 1041 -72.38 36.26 2.97
N ASP C 1042 -71.57 35.21 2.97
CA ASP C 1042 -70.54 35.04 1.96
C ASP C 1042 -70.99 34.11 0.82
N HIS C 1043 -72.28 33.80 0.71
CA HIS C 1043 -72.79 32.95 -0.36
C HIS C 1043 -74.15 33.47 -0.86
N THR C 1044 -74.30 34.81 -0.96
CA THR C 1044 -75.58 35.39 -1.37
C THR C 1044 -75.35 36.69 -2.24
N SER C 1045 -74.95 37.82 -1.64
CA SER C 1045 -74.83 39.09 -2.36
C SER C 1045 -73.42 39.44 -2.81
N GLY C 1046 -73.26 39.68 -4.11
CA GLY C 1046 -72.00 40.11 -4.70
C GLY C 1046 -71.73 41.59 -4.57
N ARG C 1047 -72.42 42.26 -3.62
CA ARG C 1047 -72.29 43.68 -3.28
C ARG C 1047 -72.39 44.60 -4.51
N ILE C 1048 -73.60 44.80 -5.04
CA ILE C 1048 -73.81 45.67 -6.22
C ILE C 1048 -73.63 47.15 -5.84
N GLU C 1049 -73.99 47.52 -4.61
CA GLU C 1049 -73.93 48.86 -4.05
C GLU C 1049 -72.58 49.54 -4.28
N ARG C 1050 -71.49 48.77 -4.25
CA ARG C 1050 -70.15 49.31 -4.41
C ARG C 1050 -69.82 49.61 -5.86
N PHE C 1051 -70.26 48.73 -6.78
CA PHE C 1051 -70.02 48.92 -8.22
C PHE C 1051 -70.69 50.20 -8.70
N LEU C 1052 -71.94 50.39 -8.28
CA LEU C 1052 -72.74 51.56 -8.61
C LEU C 1052 -72.12 52.82 -7.98
N GLN C 1053 -71.56 52.69 -6.77
CA GLN C 1053 -70.93 53.79 -6.04
C GLN C 1053 -69.69 54.32 -6.76
N LEU C 1054 -68.92 53.45 -7.44
CA LEU C 1054 -67.74 53.92 -8.17
C LEU C 1054 -67.97 54.08 -9.67
N TRP C 1055 -69.23 54.18 -10.10
CA TRP C 1055 -69.54 54.33 -11.51
C TRP C 1055 -69.62 55.81 -11.88
N ALA C 1056 -68.85 56.19 -12.89
CA ALA C 1056 -68.85 57.54 -13.46
C ALA C 1056 -69.53 57.51 -14.84
N GLU C 1057 -69.87 58.69 -15.42
CA GLU C 1057 -70.50 58.72 -16.74
C GLU C 1057 -69.63 58.03 -17.80
N GLY C 1058 -70.06 56.85 -18.22
CA GLY C 1058 -69.39 56.05 -19.22
C GLY C 1058 -68.02 55.50 -18.86
N SER C 1059 -67.94 54.74 -17.75
CA SER C 1059 -66.68 54.13 -17.35
C SER C 1059 -66.84 52.60 -17.27
N MET C 1060 -68.04 52.12 -16.87
CA MET C 1060 -68.38 50.71 -16.74
C MET C 1060 -69.83 50.44 -17.19
N THR C 1061 -70.25 49.17 -17.19
CA THR C 1061 -71.62 48.79 -17.54
C THR C 1061 -72.11 47.73 -16.58
N ILE C 1062 -72.66 48.13 -15.43
CA ILE C 1062 -73.18 47.17 -14.45
C ILE C 1062 -74.52 46.65 -14.98
N ALA C 1063 -74.74 45.33 -14.93
CA ALA C 1063 -75.96 44.74 -15.45
C ALA C 1063 -76.45 43.57 -14.60
N MET C 1064 -77.76 43.39 -14.50
CA MET C 1064 -78.34 42.28 -13.76
C MET C 1064 -79.46 41.65 -14.58
N PRO C 1065 -79.14 40.63 -15.38
CA PRO C 1065 -80.17 40.05 -16.26
C PRO C 1065 -81.12 39.12 -15.52
N SER C 1066 -82.35 39.02 -16.05
CA SER C 1066 -83.41 38.20 -15.46
C SER C 1066 -83.83 37.05 -16.38
N THR C 1067 -83.64 37.18 -17.68
CA THR C 1067 -84.02 36.13 -18.62
C THR C 1067 -82.81 35.63 -19.39
N PRO C 1068 -82.80 34.33 -19.75
CA PRO C 1068 -81.67 33.78 -20.50
C PRO C 1068 -81.45 34.46 -21.85
N ALA C 1069 -82.54 34.87 -22.50
CA ALA C 1069 -82.46 35.55 -23.78
C ALA C 1069 -81.78 36.90 -23.64
N ASN C 1070 -82.06 37.62 -22.54
CA ASN C 1070 -81.48 38.94 -22.34
C ASN C 1070 -79.97 38.85 -22.07
N TYR C 1071 -79.56 37.85 -21.30
CA TYR C 1071 -78.14 37.63 -21.03
C TYR C 1071 -77.40 37.28 -22.33
N PHE C 1072 -78.06 36.51 -23.21
CA PHE C 1072 -77.52 36.12 -24.51
C PHE C 1072 -77.22 37.37 -25.35
N HIS C 1073 -78.17 38.30 -25.42
CA HIS C 1073 -78.00 39.52 -26.19
C HIS C 1073 -77.01 40.47 -25.53
N LEU C 1074 -76.94 40.47 -24.19
CA LEU C 1074 -76.02 41.29 -23.41
C LEU C 1074 -74.57 40.98 -23.75
N LEU C 1075 -74.22 39.68 -23.79
CA LEU C 1075 -72.86 39.25 -24.09
C LEU C 1075 -72.53 39.52 -25.54
N ARG C 1076 -73.48 39.25 -26.45
CA ARG C 1076 -73.28 39.49 -27.88
C ARG C 1076 -73.12 40.98 -28.18
N ARG C 1077 -73.85 41.81 -27.45
CA ARG C 1077 -73.79 43.25 -27.61
C ARG C 1077 -72.44 43.76 -27.12
N HIS C 1078 -72.00 43.30 -25.94
CA HIS C 1078 -70.71 43.74 -25.40
C HIS C 1078 -69.53 43.19 -26.23
N GLY C 1079 -69.70 42.02 -26.81
CA GLY C 1079 -68.65 41.41 -27.64
C GLY C 1079 -68.53 42.00 -29.03
N LYS C 1080 -69.57 42.68 -29.51
CA LYS C 1080 -69.56 43.25 -30.86
C LYS C 1080 -69.82 44.76 -30.89
N ASP C 1081 -69.75 45.45 -29.74
CA ASP C 1081 -69.97 46.90 -29.72
C ASP C 1081 -68.74 47.68 -30.19
N GLY C 1082 -67.55 47.13 -30.00
CA GLY C 1082 -66.30 47.79 -30.36
C GLY C 1082 -65.78 48.63 -29.22
N ILE C 1083 -66.68 49.32 -28.52
CA ILE C 1083 -66.38 50.16 -27.38
C ILE C 1083 -65.88 49.33 -26.22
N GLN C 1084 -64.66 49.61 -25.79
CA GLN C 1084 -64.06 48.91 -24.69
C GLN C 1084 -64.60 49.41 -23.38
N ARG C 1085 -65.50 48.64 -22.77
CA ARG C 1085 -66.09 49.03 -21.50
C ARG C 1085 -66.33 47.80 -20.65
N PRO C 1086 -65.86 47.80 -19.40
CA PRO C 1086 -66.05 46.62 -18.54
C PRO C 1086 -67.51 46.36 -18.18
N LEU C 1087 -68.03 45.17 -18.53
CA LEU C 1087 -69.41 44.79 -18.24
C LEU C 1087 -69.47 43.86 -17.03
N ILE C 1088 -69.99 44.35 -15.90
CA ILE C 1088 -70.10 43.56 -14.67
C ILE C 1088 -71.45 42.84 -14.63
N VAL C 1089 -71.50 41.58 -15.07
CA VAL C 1089 -72.74 40.80 -15.10
C VAL C 1089 -72.95 40.06 -13.79
N PHE C 1090 -74.20 40.02 -13.29
CA PHE C 1090 -74.52 39.30 -12.05
C PHE C 1090 -75.36 38.08 -12.38
N THR C 1091 -74.71 36.96 -12.66
CA THR C 1091 -75.37 35.71 -12.99
C THR C 1091 -76.13 35.16 -11.77
N PRO C 1092 -77.29 34.52 -11.97
CA PRO C 1092 -78.01 33.97 -10.82
C PRO C 1092 -77.45 32.63 -10.35
N LYS C 1093 -77.96 32.13 -9.23
CA LYS C 1093 -77.49 30.89 -8.68
C LYS C 1093 -78.61 29.85 -8.75
N SER C 1094 -79.70 30.09 -8.03
CA SER C 1094 -80.84 29.18 -8.03
C SER C 1094 -81.64 29.27 -9.32
N MET C 1095 -81.79 30.50 -9.84
CA MET C 1095 -82.55 30.79 -11.05
C MET C 1095 -81.97 30.15 -12.33
N LEU C 1096 -80.83 29.45 -12.23
CA LEU C 1096 -80.27 28.73 -13.37
C LEU C 1096 -81.16 27.52 -13.69
N ARG C 1097 -81.51 26.76 -12.64
CA ARG C 1097 -82.37 25.59 -12.78
C ARG C 1097 -83.85 25.91 -12.57
N ASN C 1098 -84.22 27.20 -12.52
CA ASN C 1098 -85.61 27.60 -12.34
C ASN C 1098 -86.36 27.30 -13.63
N LYS C 1099 -87.46 26.54 -13.53
CA LYS C 1099 -88.26 26.18 -14.71
C LYS C 1099 -88.93 27.40 -15.35
N ALA C 1100 -89.16 28.46 -14.57
CA ALA C 1100 -89.76 29.69 -15.08
C ALA C 1100 -88.76 30.54 -15.84
N ALA C 1101 -87.49 30.52 -15.42
CA ALA C 1101 -86.46 31.33 -16.07
C ALA C 1101 -85.94 30.64 -17.34
N VAL C 1102 -86.79 30.56 -18.36
CA VAL C 1102 -86.46 29.95 -19.65
C VAL C 1102 -86.65 30.99 -20.79
N SER C 1103 -86.36 30.63 -22.05
CA SER C 1103 -86.54 31.53 -23.18
C SER C 1103 -86.80 30.74 -24.47
N ASP C 1104 -87.77 31.20 -25.27
CA ASP C 1104 -88.15 30.58 -26.53
C ASP C 1104 -87.14 30.91 -27.63
N ILE C 1105 -87.22 30.22 -28.78
CA ILE C 1105 -86.29 30.49 -29.88
C ILE C 1105 -86.49 31.89 -30.43
N ARG C 1106 -87.75 32.35 -30.54
CA ARG C 1106 -88.04 33.68 -31.05
C ARG C 1106 -87.36 34.79 -30.23
N ASP C 1107 -87.00 34.53 -28.97
CA ASP C 1107 -86.32 35.51 -28.13
C ASP C 1107 -84.86 35.66 -28.56
N PHE C 1108 -84.21 34.54 -28.88
CA PHE C 1108 -82.82 34.52 -29.31
C PHE C 1108 -82.64 34.96 -30.77
N THR C 1109 -83.68 34.79 -31.60
CA THR C 1109 -83.59 35.12 -33.01
C THR C 1109 -84.24 36.47 -33.37
N GLU C 1110 -85.49 36.71 -32.97
CA GLU C 1110 -86.21 37.92 -33.35
C GLU C 1110 -86.27 38.95 -32.22
N SER C 1111 -85.12 39.23 -31.56
CA SER C 1111 -85.10 40.19 -30.47
C SER C 1111 -83.70 40.81 -30.26
N LYS C 1112 -83.64 41.92 -29.50
CA LYS C 1112 -82.39 42.60 -29.17
C LYS C 1112 -82.25 42.72 -27.62
N PHE C 1113 -81.14 43.30 -27.13
CA PHE C 1113 -80.93 43.46 -25.69
C PHE C 1113 -81.96 44.46 -25.13
N ARG C 1114 -82.53 44.15 -23.97
CA ARG C 1114 -83.50 45.03 -23.34
C ARG C 1114 -82.96 45.56 -22.03
N SER C 1115 -82.69 46.87 -21.97
CA SER C 1115 -82.22 47.50 -20.73
C SER C 1115 -83.37 47.68 -19.71
N VAL C 1116 -84.62 47.72 -20.20
CA VAL C 1116 -85.85 47.83 -19.39
C VAL C 1116 -86.79 46.71 -19.86
N LEU C 1117 -87.44 45.99 -18.92
CA LEU C 1117 -88.30 44.87 -19.30
C LEU C 1117 -89.67 44.84 -18.63
N GLU C 1118 -90.73 44.94 -19.46
CA GLU C 1118 -92.11 44.86 -18.99
C GLU C 1118 -92.54 43.40 -18.81
N GLU C 1119 -93.69 43.19 -18.18
CA GLU C 1119 -94.25 41.85 -17.99
C GLU C 1119 -94.64 41.22 -19.34
N PRO C 1120 -94.82 39.88 -19.40
CA PRO C 1120 -95.17 39.25 -20.68
C PRO C 1120 -96.65 39.42 -21.10
N MET C 1121 -97.53 39.74 -20.15
CA MET C 1121 -98.95 39.90 -20.44
C MET C 1121 -99.23 41.24 -21.12
N TYR C 1122 -98.50 42.30 -20.77
CA TYR C 1122 -98.71 43.62 -21.36
C TYR C 1122 -98.05 43.73 -22.74
N THR C 1123 -96.96 42.99 -22.97
CA THR C 1123 -96.23 43.06 -24.23
C THR C 1123 -96.77 42.09 -25.29
N ASP C 1124 -96.97 40.81 -24.94
CA ASP C 1124 -97.42 39.83 -25.92
C ASP C 1124 -98.81 39.30 -25.66
N GLY C 1125 -99.13 39.01 -24.40
CA GLY C 1125 -100.45 38.51 -24.06
C GLY C 1125 -101.51 39.58 -24.01
N GLU C 1126 -102.73 39.21 -23.62
CA GLU C 1126 -103.82 40.17 -23.47
C GLU C 1126 -103.76 40.78 -22.08
N GLY C 1127 -103.06 41.91 -21.95
CA GLY C 1127 -102.90 42.58 -20.67
C GLY C 1127 -103.33 44.03 -20.67
N ASP C 1128 -104.06 44.44 -19.63
CA ASP C 1128 -104.55 45.81 -19.53
C ASP C 1128 -103.59 46.69 -18.76
N ARG C 1129 -103.01 47.67 -19.44
CA ARG C 1129 -102.08 48.61 -18.84
C ARG C 1129 -102.79 49.65 -17.96
N ASN C 1130 -104.05 49.96 -18.25
CA ASN C 1130 -104.79 50.93 -17.45
C ASN C 1130 -105.10 50.39 -16.07
N LYS C 1131 -105.43 49.09 -15.96
CA LYS C 1131 -105.77 48.44 -14.70
C LYS C 1131 -104.71 48.64 -13.61
N VAL C 1132 -103.48 48.93 -13.99
CA VAL C 1132 -102.36 49.12 -13.08
C VAL C 1132 -102.43 50.43 -12.28
N THR C 1133 -102.44 50.29 -10.94
CA THR C 1133 -102.43 51.36 -9.95
C THR C 1133 -101.11 51.32 -9.14
N ARG C 1134 -100.65 50.10 -8.83
CA ARG C 1134 -99.43 49.81 -8.06
C ARG C 1134 -98.28 49.44 -9.02
N LEU C 1135 -97.19 50.22 -9.01
CA LEU C 1135 -96.07 49.95 -9.89
C LEU C 1135 -94.87 49.41 -9.14
N LEU C 1136 -94.36 48.26 -9.60
CA LEU C 1136 -93.20 47.63 -8.99
C LEU C 1136 -92.01 47.68 -9.95
N LEU C 1137 -90.85 48.06 -9.43
CA LEU C 1137 -89.58 48.13 -10.16
C LEU C 1137 -88.63 47.14 -9.48
N THR C 1138 -88.03 46.22 -10.24
CA THR C 1138 -87.16 45.19 -9.66
C THR C 1138 -85.94 44.92 -10.61
N SER C 1139 -85.06 43.93 -10.32
CA SER C 1139 -83.93 43.65 -11.19
C SER C 1139 -83.53 42.17 -11.25
N GLY C 1140 -83.39 41.52 -10.09
CA GLY C 1140 -82.96 40.13 -10.04
C GLY C 1140 -84.01 39.07 -10.29
N LYS C 1141 -83.81 37.88 -9.71
CA LYS C 1141 -84.72 36.72 -9.82
C LYS C 1141 -86.04 36.95 -9.07
N ILE C 1142 -86.05 37.89 -8.12
CA ILE C 1142 -87.18 38.33 -7.29
C ILE C 1142 -88.42 38.62 -8.18
N TYR C 1143 -88.22 38.99 -9.45
CA TYR C 1143 -89.32 39.22 -10.39
C TYR C 1143 -90.19 37.97 -10.53
N TYR C 1144 -89.57 36.79 -10.63
CA TYR C 1144 -90.31 35.54 -10.79
C TYR C 1144 -91.20 35.21 -9.58
N GLU C 1145 -90.77 35.62 -8.39
CA GLU C 1145 -91.56 35.40 -7.17
C GLU C 1145 -92.73 36.39 -7.12
N LEU C 1146 -92.52 37.63 -7.56
CA LEU C 1146 -93.53 38.68 -7.62
C LEU C 1146 -94.57 38.42 -8.72
N ALA C 1147 -94.16 37.78 -9.83
CA ALA C 1147 -95.07 37.47 -10.92
C ALA C 1147 -95.98 36.30 -10.58
N ALA C 1148 -95.45 35.30 -9.86
CA ALA C 1148 -96.23 34.13 -9.45
C ALA C 1148 -97.24 34.51 -8.36
N ARG C 1149 -96.85 35.44 -7.46
CA ARG C 1149 -97.71 35.96 -6.38
C ARG C 1149 -98.88 36.75 -6.98
N LYS C 1150 -98.62 37.50 -8.06
CA LYS C 1150 -99.60 38.27 -8.80
C LYS C 1150 -100.60 37.35 -9.52
N ALA C 1151 -100.08 36.24 -10.07
CA ALA C 1151 -100.90 35.26 -10.77
C ALA C 1151 -101.81 34.47 -9.82
N LYS C 1152 -101.41 34.32 -8.55
CA LYS C 1152 -102.19 33.61 -7.56
C LYS C 1152 -103.39 34.45 -7.10
N GLU C 1153 -103.15 35.75 -6.83
CA GLU C 1153 -104.19 36.66 -6.37
C GLU C 1153 -104.93 37.39 -7.50
N ASN C 1154 -104.55 37.17 -8.77
CA ASN C 1154 -105.15 37.82 -9.95
C ASN C 1154 -105.16 39.35 -9.79
N ARG C 1155 -104.13 39.91 -9.16
CA ARG C 1155 -104.01 41.34 -8.94
C ARG C 1155 -103.65 42.05 -10.23
N GLU C 1156 -104.65 42.38 -11.03
CA GLU C 1156 -104.45 43.06 -12.30
C GLU C 1156 -104.05 44.55 -12.14
N ASP C 1157 -103.99 45.06 -10.91
CA ASP C 1157 -103.59 46.42 -10.63
C ASP C 1157 -102.10 46.56 -10.33
N VAL C 1158 -101.29 45.49 -10.48
CA VAL C 1158 -99.86 45.56 -10.16
C VAL C 1158 -99.00 45.24 -11.38
N ALA C 1159 -98.15 46.18 -11.80
CA ALA C 1159 -97.25 45.94 -12.93
C ALA C 1159 -95.82 45.86 -12.45
N ILE C 1160 -95.02 44.96 -13.07
CA ILE C 1160 -93.63 44.80 -12.67
C ILE C 1160 -92.69 45.07 -13.85
N VAL C 1161 -91.88 46.11 -13.71
CA VAL C 1161 -90.91 46.53 -14.70
C VAL C 1161 -89.52 46.22 -14.17
N ARG C 1162 -88.65 45.67 -15.02
CA ARG C 1162 -87.30 45.31 -14.60
C ARG C 1162 -86.24 46.25 -15.17
N ILE C 1163 -85.27 46.64 -14.33
CA ILE C 1163 -84.16 47.48 -14.75
C ILE C 1163 -82.98 46.57 -14.92
N GLU C 1164 -82.78 46.07 -16.15
CA GLU C 1164 -81.69 45.13 -16.44
C GLU C 1164 -80.34 45.86 -16.40
N GLN C 1165 -80.18 46.95 -17.17
CA GLN C 1165 -78.94 47.72 -17.13
C GLN C 1165 -79.02 48.72 -16.00
N LEU C 1166 -78.32 48.43 -14.91
CA LEU C 1166 -78.33 49.28 -13.73
C LEU C 1166 -77.52 50.56 -13.94
N ALA C 1167 -76.42 50.47 -14.70
CA ALA C 1167 -75.58 51.65 -14.96
C ALA C 1167 -74.86 51.52 -16.29
N PRO C 1168 -75.00 52.51 -17.19
CA PRO C 1168 -75.82 53.72 -17.06
C PRO C 1168 -77.31 53.41 -16.98
N LEU C 1169 -78.08 54.24 -16.26
CA LEU C 1169 -79.51 54.05 -16.12
C LEU C 1169 -80.18 54.32 -17.46
N PRO C 1170 -81.08 53.44 -17.91
CA PRO C 1170 -81.70 53.64 -19.24
C PRO C 1170 -82.79 54.73 -19.22
N ARG C 1171 -82.38 56.00 -19.20
CA ARG C 1171 -83.26 57.16 -19.10
C ARG C 1171 -84.35 57.20 -20.17
N ARG C 1172 -83.99 57.02 -21.45
CA ARG C 1172 -84.99 57.07 -22.52
C ARG C 1172 -85.83 55.80 -22.52
N ARG C 1173 -85.20 54.63 -22.44
CA ARG C 1173 -85.93 53.37 -22.40
C ARG C 1173 -86.93 53.27 -21.25
N LEU C 1174 -86.65 53.98 -20.14
CA LEU C 1174 -87.51 53.93 -18.99
C LEU C 1174 -88.55 55.02 -19.01
N ALA C 1175 -88.24 56.22 -19.55
CA ALA C 1175 -89.22 57.30 -19.61
C ALA C 1175 -90.42 56.89 -20.48
N GLU C 1176 -90.15 56.29 -21.66
CA GLU C 1176 -91.16 55.83 -22.60
C GLU C 1176 -92.02 54.72 -22.00
N THR C 1177 -91.39 53.82 -21.24
CA THR C 1177 -92.03 52.69 -20.59
C THR C 1177 -92.92 53.16 -19.44
N LEU C 1178 -92.44 54.15 -18.66
CA LEU C 1178 -93.17 54.73 -17.54
C LEU C 1178 -94.40 55.49 -17.99
N ASP C 1179 -94.40 56.02 -19.23
CA ASP C 1179 -95.57 56.72 -19.75
C ASP C 1179 -96.70 55.71 -20.01
N ARG C 1180 -96.39 54.43 -20.29
CA ARG C 1180 -97.41 53.39 -20.36
C ARG C 1180 -97.92 53.14 -18.94
N TYR C 1181 -99.08 52.47 -18.78
CA TYR C 1181 -99.70 52.26 -17.46
C TYR C 1181 -99.99 53.63 -16.84
N PRO C 1182 -100.98 54.38 -17.34
CA PRO C 1182 -101.17 55.76 -16.89
C PRO C 1182 -101.86 55.89 -15.53
N ASN C 1183 -102.65 54.89 -15.14
CA ASN C 1183 -103.38 54.96 -13.87
C ASN C 1183 -102.52 54.54 -12.68
N VAL C 1184 -101.20 54.63 -12.79
CA VAL C 1184 -100.30 54.29 -11.71
C VAL C 1184 -100.28 55.43 -10.72
N LYS C 1185 -100.57 55.13 -9.46
CA LYS C 1185 -100.59 56.14 -8.42
C LYS C 1185 -99.52 55.90 -7.34
N GLU C 1186 -98.77 54.78 -7.40
CA GLU C 1186 -97.72 54.50 -6.44
C GLU C 1186 -96.56 53.75 -7.09
N LYS C 1187 -95.31 54.07 -6.70
CA LYS C 1187 -94.12 53.43 -7.27
C LYS C 1187 -93.25 52.81 -6.17
N PHE C 1188 -92.74 51.60 -6.41
CA PHE C 1188 -91.91 50.89 -5.43
C PHE C 1188 -90.68 50.27 -6.03
N TRP C 1189 -89.57 50.28 -5.28
CA TRP C 1189 -88.37 49.60 -5.72
C TRP C 1189 -88.22 48.37 -4.84
N VAL C 1190 -88.49 47.19 -5.40
CA VAL C 1190 -88.46 45.93 -4.67
C VAL C 1190 -87.15 45.17 -4.92
N GLN C 1191 -86.28 45.09 -3.90
CA GLN C 1191 -84.99 44.39 -3.96
C GLN C 1191 -84.81 43.48 -2.73
N GLU C 1192 -84.19 42.31 -2.92
CA GLU C 1192 -83.97 41.36 -1.83
C GLU C 1192 -82.82 41.83 -0.90
N GLU C 1193 -81.87 42.59 -1.44
CA GLU C 1193 -80.72 43.12 -0.72
C GLU C 1193 -81.13 44.06 0.42
N PRO C 1194 -80.28 44.24 1.44
CA PRO C 1194 -80.63 45.13 2.55
C PRO C 1194 -80.86 46.60 2.12
N ALA C 1195 -81.29 47.45 3.06
CA ALA C 1195 -81.55 48.86 2.76
C ALA C 1195 -80.24 49.63 2.44
N ASN C 1196 -79.21 49.58 3.32
CA ASN C 1196 -77.94 50.27 3.06
C ASN C 1196 -77.13 49.63 1.91
N GLN C 1197 -77.54 48.44 1.44
CA GLN C 1197 -76.90 47.71 0.35
C GLN C 1197 -77.88 47.51 -0.82
N GLY C 1198 -77.39 46.98 -1.93
CA GLY C 1198 -78.21 46.76 -3.11
C GLY C 1198 -78.18 47.92 -4.07
N ALA C 1199 -79.34 48.28 -4.62
CA ALA C 1199 -79.41 49.38 -5.58
C ALA C 1199 -80.08 50.63 -5.02
N TRP C 1200 -80.85 50.50 -3.94
CA TRP C 1200 -81.55 51.64 -3.36
C TRP C 1200 -80.63 52.81 -2.94
N PRO C 1201 -79.44 52.62 -2.33
CA PRO C 1201 -78.63 53.81 -1.92
C PRO C 1201 -78.28 54.76 -3.07
N SER C 1202 -78.25 54.24 -4.29
CA SER C 1202 -77.96 55.02 -5.48
C SER C 1202 -79.25 55.40 -6.22
N PHE C 1203 -80.19 54.45 -6.40
CA PHE C 1203 -81.44 54.66 -7.11
C PHE C 1203 -82.38 55.65 -6.39
N GLY C 1204 -82.52 55.50 -5.08
CA GLY C 1204 -83.37 56.38 -4.26
C GLY C 1204 -82.97 57.84 -4.28
N LEU C 1205 -81.76 58.14 -4.74
CA LEU C 1205 -81.23 59.51 -4.82
C LEU C 1205 -81.03 59.97 -6.29
N THR C 1206 -80.93 59.03 -7.23
CA THR C 1206 -80.73 59.34 -8.65
C THR C 1206 -82.06 59.48 -9.37
N LEU C 1207 -82.98 58.51 -9.18
CA LEU C 1207 -84.27 58.49 -9.86
C LEU C 1207 -85.14 59.74 -9.65
N PRO C 1208 -85.37 60.27 -8.42
CA PRO C 1208 -86.17 61.50 -8.30
C PRO C 1208 -85.43 62.76 -8.76
N GLU C 1209 -84.14 62.64 -9.11
CA GLU C 1209 -83.32 63.75 -9.58
C GLU C 1209 -83.19 63.75 -11.12
N ILE C 1210 -83.27 62.55 -11.76
CA ILE C 1210 -83.12 62.39 -13.22
C ILE C 1210 -84.48 62.34 -13.91
N LEU C 1211 -85.42 61.52 -13.38
CA LEU C 1211 -86.78 61.43 -13.93
C LEU C 1211 -87.79 61.82 -12.85
N PRO C 1212 -87.87 63.11 -12.48
CA PRO C 1212 -88.79 63.50 -11.38
C PRO C 1212 -90.26 63.46 -11.76
N ASP C 1213 -90.57 63.47 -13.05
CA ASP C 1213 -91.95 63.41 -13.51
C ASP C 1213 -92.63 62.06 -13.19
N HIS C 1214 -91.85 61.04 -12.82
CA HIS C 1214 -92.43 59.73 -12.50
C HIS C 1214 -91.91 59.22 -11.15
N PHE C 1215 -90.59 59.32 -10.93
CA PHE C 1215 -89.97 58.77 -9.72
C PHE C 1215 -89.97 59.69 -8.50
N THR C 1216 -90.70 60.83 -8.51
CA THR C 1216 -90.77 61.68 -7.32
C THR C 1216 -91.75 61.01 -6.36
N GLY C 1217 -91.31 60.80 -5.13
CA GLY C 1217 -92.14 60.13 -4.15
C GLY C 1217 -92.10 58.63 -4.36
N LEU C 1218 -90.90 58.11 -4.57
CA LEU C 1218 -90.70 56.68 -4.79
C LEU C 1218 -90.56 55.97 -3.46
N LYS C 1219 -91.30 54.88 -3.27
CA LYS C 1219 -91.23 54.11 -2.04
C LYS C 1219 -90.29 52.90 -2.20
N ARG C 1220 -89.78 52.35 -1.09
CA ARG C 1220 -88.83 51.24 -1.15
C ARG C 1220 -89.32 50.02 -0.36
N ILE C 1221 -89.48 48.88 -1.03
CA ILE C 1221 -89.88 47.63 -0.39
C ILE C 1221 -88.69 46.68 -0.37
N SER C 1222 -87.85 46.73 0.68
CA SER C 1222 -86.64 45.89 0.73
C SER C 1222 -86.33 45.36 2.15
N ARG C 1223 -85.23 44.58 2.29
CA ARG C 1223 -84.79 44.04 3.58
C ARG C 1223 -84.18 45.12 4.46
N ARG C 1224 -84.18 44.88 5.77
CA ARG C 1224 -83.61 45.84 6.72
C ARG C 1224 -82.11 45.96 6.54
N ALA C 1225 -81.56 47.13 6.87
CA ALA C 1225 -80.13 47.40 6.71
C ALA C 1225 -79.26 46.61 7.68
N MET C 1226 -78.30 45.84 7.15
CA MET C 1226 -77.36 45.02 7.93
C MET C 1226 -75.90 45.35 7.58
N SER C 1227 -74.97 45.03 8.50
CA SER C 1227 -73.55 45.25 8.23
C SER C 1227 -72.98 44.15 7.28
N ALA C 1228 -73.62 42.97 7.26
CA ALA C 1228 -73.31 41.84 6.39
C ALA C 1228 -74.33 41.78 5.25
N PRO C 1229 -73.96 41.19 4.10
CA PRO C 1229 -74.89 41.16 2.97
C PRO C 1229 -76.20 40.40 3.21
N SER C 1230 -76.20 39.41 4.12
CA SER C 1230 -77.39 38.61 4.42
C SER C 1230 -77.34 38.05 5.89
N SER C 1231 -78.40 37.35 6.33
CA SER C 1231 -78.45 36.76 7.67
C SER C 1231 -77.88 35.35 7.66
N GLY C 1232 -77.21 34.98 8.74
CA GLY C 1232 -76.56 33.68 8.88
C GLY C 1232 -77.46 32.46 8.84
N SER C 1233 -78.59 32.53 9.56
CA SER C 1233 -79.52 31.41 9.60
C SER C 1233 -80.37 31.35 8.34
N SER C 1234 -80.62 30.14 7.86
CA SER C 1234 -81.43 29.92 6.66
C SER C 1234 -82.92 30.18 6.90
N LYS C 1235 -83.39 29.95 8.14
CA LYS C 1235 -84.78 30.16 8.51
C LYS C 1235 -85.13 31.65 8.45
N VAL C 1236 -84.20 32.52 8.87
CA VAL C 1236 -84.38 33.98 8.89
C VAL C 1236 -84.57 34.53 7.46
N HIS C 1237 -83.84 33.97 6.50
CA HIS C 1237 -83.93 34.39 5.12
C HIS C 1237 -85.31 34.12 4.53
N ALA C 1238 -85.91 32.98 4.87
CA ALA C 1238 -87.23 32.60 4.36
C ALA C 1238 -88.32 33.56 4.83
N VAL C 1239 -88.21 34.02 6.08
CA VAL C 1239 -89.17 34.95 6.68
C VAL C 1239 -89.02 36.32 6.04
N GLU C 1240 -87.76 36.80 5.93
CA GLU C 1240 -87.47 38.09 5.34
C GLU C 1240 -87.84 38.17 3.85
N GLN C 1241 -87.67 37.06 3.10
CA GLN C 1241 -88.03 37.03 1.68
C GLN C 1241 -89.56 37.05 1.50
N GLN C 1242 -90.30 36.45 2.44
CA GLN C 1242 -91.75 36.46 2.38
C GLN C 1242 -92.32 37.82 2.84
N GLU C 1243 -91.63 38.51 3.74
CA GLU C 1243 -92.04 39.82 4.23
C GLU C 1243 -92.11 40.84 3.11
N ILE C 1244 -91.14 40.82 2.20
CA ILE C 1244 -91.09 41.75 1.09
C ILE C 1244 -92.18 41.41 0.04
N LEU C 1245 -92.47 40.12 -0.15
CA LEU C 1245 -93.51 39.68 -1.09
C LEU C 1245 -94.90 40.08 -0.61
N ASP C 1246 -95.13 40.08 0.70
CA ASP C 1246 -96.42 40.48 1.26
C ASP C 1246 -96.54 42.01 1.32
N THR C 1247 -95.41 42.73 1.48
CA THR C 1247 -95.38 44.18 1.54
C THR C 1247 -95.69 44.76 0.17
N ALA C 1248 -95.12 44.18 -0.87
CA ALA C 1248 -95.37 44.65 -2.24
C ALA C 1248 -96.74 44.17 -2.79
N PHE C 1249 -97.50 43.38 -2.02
CA PHE C 1249 -98.82 42.90 -2.42
C PHE C 1249 -99.84 43.14 -1.31
N GLY C 1250 -99.85 44.37 -0.82
CA GLY C 1250 -100.74 44.80 0.25
C GLY C 1250 -100.56 46.30 0.53
N GLU D 124 -33.25 -58.80 15.68
CA GLU D 124 -33.73 -59.71 14.65
C GLU D 124 -35.27 -59.69 14.62
N SER D 125 -35.85 -58.48 14.65
CA SER D 125 -37.31 -58.34 14.69
C SER D 125 -37.88 -57.85 13.36
N GLN D 126 -38.66 -58.71 12.69
CA GLN D 126 -39.31 -58.33 11.43
C GLN D 126 -40.76 -57.96 11.68
N ILE D 127 -41.08 -56.66 11.66
CA ILE D 127 -42.44 -56.20 11.91
C ILE D 127 -43.16 -55.94 10.60
N LEU D 128 -44.38 -56.47 10.44
CA LEU D 128 -45.16 -56.24 9.23
C LEU D 128 -45.71 -54.81 9.21
N ARG D 129 -45.55 -54.12 8.07
CA ARG D 129 -46.00 -52.73 7.94
C ARG D 129 -47.52 -52.65 7.72
N GLY D 130 -48.15 -51.62 8.27
CA GLY D 130 -49.58 -51.42 8.14
C GLY D 130 -49.95 -50.19 7.34
N ALA D 131 -49.83 -49.00 7.95
CA ALA D 131 -50.12 -47.75 7.26
C ALA D 131 -48.96 -47.36 6.36
N ALA D 132 -47.73 -47.59 6.85
CA ALA D 132 -46.51 -47.35 6.09
C ALA D 132 -46.39 -48.32 4.91
N ALA D 133 -47.07 -49.49 4.96
CA ALA D 133 -47.06 -50.46 3.87
C ALA D 133 -47.59 -49.85 2.58
N ALA D 134 -48.50 -48.85 2.67
CA ALA D 134 -49.00 -48.16 1.50
C ALA D 134 -47.86 -47.42 0.79
N VAL D 135 -46.98 -46.78 1.58
CA VAL D 135 -45.81 -46.06 1.09
C VAL D 135 -44.85 -47.03 0.37
N VAL D 136 -44.67 -48.24 0.91
CA VAL D 136 -43.84 -49.28 0.33
C VAL D 136 -44.35 -49.71 -1.05
N LYS D 137 -45.67 -49.87 -1.21
CA LYS D 137 -46.24 -50.31 -2.48
C LYS D 137 -46.20 -49.20 -3.53
N ASN D 138 -46.19 -47.92 -3.11
CA ASN D 138 -46.07 -46.80 -4.03
C ASN D 138 -44.67 -46.72 -4.62
N MET D 139 -43.65 -47.08 -3.84
CA MET D 139 -42.26 -47.12 -4.32
C MET D 139 -42.10 -48.28 -5.34
N ASN D 140 -42.84 -49.38 -5.13
CA ASN D 140 -42.89 -50.52 -6.04
C ASN D 140 -43.61 -50.12 -7.34
N ALA D 141 -44.65 -49.28 -7.23
CA ALA D 141 -45.39 -48.79 -8.38
C ALA D 141 -44.55 -47.78 -9.18
N SER D 142 -43.71 -46.98 -8.51
CA SER D 142 -42.85 -46.01 -9.20
C SER D 142 -41.67 -46.69 -9.94
N LEU D 143 -41.50 -48.02 -9.81
CA LEU D 143 -40.44 -48.77 -10.48
C LEU D 143 -40.67 -48.84 -12.00
N GLU D 144 -41.94 -48.78 -12.44
CA GLU D 144 -42.27 -48.80 -13.87
C GLU D 144 -41.96 -47.46 -14.57
N VAL D 145 -41.77 -46.37 -13.79
CA VAL D 145 -41.50 -45.07 -14.36
C VAL D 145 -40.01 -44.86 -14.55
N PRO D 146 -39.55 -44.78 -15.81
CA PRO D 146 -38.11 -44.55 -16.05
C PRO D 146 -37.81 -43.09 -15.87
N THR D 147 -36.98 -42.75 -14.87
CA THR D 147 -36.67 -41.36 -14.60
C THR D 147 -35.19 -41.04 -14.76
N ALA D 148 -34.95 -39.79 -15.13
CA ALA D 148 -33.62 -39.22 -15.25
C ALA D 148 -33.60 -37.91 -14.43
N THR D 149 -32.40 -37.40 -14.06
CA THR D 149 -32.35 -36.18 -13.25
C THR D 149 -31.37 -35.13 -13.76
N SER D 150 -31.90 -33.94 -14.06
CA SER D 150 -31.11 -32.78 -14.47
C SER D 150 -30.79 -31.97 -13.23
N VAL D 151 -29.52 -31.65 -12.97
CA VAL D 151 -29.14 -30.89 -11.77
C VAL D 151 -28.49 -29.56 -12.16
N ARG D 152 -28.88 -28.46 -11.49
CA ARG D 152 -28.33 -27.15 -11.81
C ARG D 152 -28.21 -26.25 -10.59
N ALA D 153 -27.07 -25.56 -10.45
CA ALA D 153 -26.81 -24.65 -9.35
C ALA D 153 -27.16 -23.21 -9.72
N ILE D 154 -28.00 -22.56 -8.91
CA ILE D 154 -28.48 -21.18 -9.11
C ILE D 154 -27.98 -20.24 -8.00
N PRO D 155 -27.28 -19.12 -8.31
CA PRO D 155 -26.86 -18.21 -7.23
C PRO D 155 -28.10 -17.57 -6.62
N ALA D 156 -28.24 -17.71 -5.31
CA ALA D 156 -29.40 -17.23 -4.61
C ALA D 156 -29.23 -15.86 -3.95
N LYS D 157 -28.03 -15.26 -4.01
CA LYS D 157 -27.73 -13.96 -3.41
C LYS D 157 -28.79 -12.88 -3.76
N LEU D 158 -29.47 -13.02 -4.91
CA LEU D 158 -30.50 -12.06 -5.29
C LEU D 158 -31.76 -12.22 -4.45
N MET D 159 -32.37 -13.41 -4.42
CA MET D 159 -33.60 -13.61 -3.63
C MET D 159 -33.36 -13.52 -2.13
N ILE D 160 -32.11 -13.67 -1.68
CA ILE D 160 -31.81 -13.54 -0.26
C ILE D 160 -31.90 -12.08 0.11
N ASP D 161 -31.18 -11.20 -0.62
CA ASP D 161 -31.14 -9.76 -0.38
C ASP D 161 -32.49 -9.08 -0.68
N ASN D 162 -33.35 -9.70 -1.50
CA ASN D 162 -34.69 -9.17 -1.78
C ASN D 162 -35.66 -9.60 -0.66
N ARG D 163 -35.49 -10.83 -0.12
CA ARG D 163 -36.28 -11.33 1.01
C ARG D 163 -36.07 -10.43 2.22
N VAL D 164 -34.83 -9.90 2.40
CA VAL D 164 -34.43 -8.96 3.45
C VAL D 164 -35.40 -7.78 3.48
N VAL D 165 -35.68 -7.22 2.30
CA VAL D 165 -36.56 -6.07 2.18
C VAL D 165 -38.01 -6.50 2.30
N ILE D 166 -38.42 -7.58 1.62
CA ILE D 166 -39.80 -8.07 1.64
C ILE D 166 -40.32 -8.30 3.07
N ASN D 167 -39.61 -9.08 3.89
CA ASN D 167 -40.08 -9.37 5.24
C ASN D 167 -39.93 -8.19 6.18
N ASN D 168 -39.01 -7.24 5.92
CA ASN D 168 -38.89 -6.06 6.75
C ASN D 168 -40.06 -5.11 6.47
N HIS D 169 -40.38 -4.91 5.19
CA HIS D 169 -41.47 -4.04 4.77
C HIS D 169 -42.82 -4.60 5.20
N LEU D 170 -43.00 -5.92 5.11
CA LEU D 170 -44.25 -6.54 5.53
C LEU D 170 -44.43 -6.45 7.04
N LYS D 171 -43.35 -6.58 7.79
CA LYS D 171 -43.35 -6.50 9.26
C LYS D 171 -43.70 -5.08 9.72
N ARG D 172 -43.24 -4.06 8.99
CA ARG D 172 -43.49 -2.67 9.37
C ARG D 172 -44.81 -2.11 8.83
N THR D 173 -45.66 -2.93 8.17
CA THR D 173 -46.92 -2.40 7.61
C THR D 173 -48.19 -3.22 7.94
N ARG D 174 -48.20 -4.54 7.73
CA ARG D 174 -49.42 -5.32 7.92
C ARG D 174 -49.20 -6.78 8.32
N GLY D 175 -47.98 -7.14 8.64
CA GLY D 175 -47.65 -8.52 8.96
C GLY D 175 -47.37 -9.34 7.71
N GLY D 176 -47.26 -10.65 7.88
CA GLY D 176 -47.00 -11.56 6.77
C GLY D 176 -45.51 -11.79 6.58
N LYS D 177 -45.13 -13.03 6.24
CA LYS D 177 -43.74 -13.36 6.02
C LYS D 177 -43.57 -14.28 4.84
N ILE D 178 -42.67 -13.91 3.93
CA ILE D 178 -42.37 -14.70 2.74
C ILE D 178 -41.14 -15.55 3.02
N SER D 179 -41.28 -16.85 2.84
CA SER D 179 -40.17 -17.79 2.97
C SER D 179 -39.59 -18.07 1.57
N PHE D 180 -38.39 -18.66 1.50
CA PHE D 180 -37.76 -18.93 0.21
C PHE D 180 -38.58 -19.89 -0.65
N THR D 181 -39.36 -20.78 -0.03
CA THR D 181 -40.21 -21.73 -0.75
C THR D 181 -41.35 -21.05 -1.51
N HIS D 182 -41.81 -19.88 -1.01
CA HIS D 182 -42.88 -19.13 -1.65
C HIS D 182 -42.44 -18.68 -3.03
N LEU D 183 -41.25 -18.12 -3.10
CA LEU D 183 -40.66 -17.63 -4.34
C LEU D 183 -40.37 -18.80 -5.27
N LEU D 184 -39.82 -19.88 -4.72
CA LEU D 184 -39.45 -21.09 -5.43
C LEU D 184 -40.65 -21.75 -6.11
N GLY D 185 -41.71 -21.97 -5.34
CA GLY D 185 -42.92 -22.59 -5.87
C GLY D 185 -43.61 -21.76 -6.92
N TYR D 186 -43.58 -20.43 -6.75
CA TYR D 186 -44.21 -19.51 -7.69
C TYR D 186 -43.49 -19.53 -9.03
N ALA D 187 -42.15 -19.58 -9.00
CA ALA D 187 -41.36 -19.65 -10.21
C ALA D 187 -41.61 -20.98 -10.93
N ILE D 188 -41.78 -22.08 -10.18
CA ILE D 188 -42.07 -23.40 -10.72
C ILE D 188 -43.39 -23.35 -11.50
N VAL D 189 -44.41 -22.71 -10.89
CA VAL D 189 -45.74 -22.58 -11.46
C VAL D 189 -45.72 -21.74 -12.75
N GLN D 190 -45.00 -20.62 -12.76
CA GLN D 190 -44.91 -19.78 -13.95
C GLN D 190 -44.09 -20.46 -15.06
N ALA D 191 -43.08 -21.26 -14.69
CA ALA D 191 -42.26 -21.99 -15.66
C ALA D 191 -43.05 -23.15 -16.28
N VAL D 192 -43.99 -23.75 -15.52
CA VAL D 192 -44.89 -24.80 -16.00
C VAL D 192 -45.74 -24.25 -17.16
N LYS D 193 -46.13 -22.97 -17.11
CA LYS D 193 -46.90 -22.34 -18.17
C LYS D 193 -46.09 -22.31 -19.47
N LYS D 194 -44.79 -22.03 -19.37
CA LYS D 194 -43.89 -22.00 -20.53
C LYS D 194 -43.70 -23.39 -21.11
N PHE D 195 -43.49 -24.40 -20.25
CA PHE D 195 -43.31 -25.78 -20.70
C PHE D 195 -44.52 -26.60 -20.32
N PRO D 196 -45.35 -26.96 -21.31
CA PRO D 196 -46.59 -27.68 -20.98
C PRO D 196 -46.38 -29.15 -20.67
N ASN D 197 -45.40 -29.77 -21.33
CA ASN D 197 -45.14 -31.19 -21.10
C ASN D 197 -44.62 -31.48 -19.67
N MET D 198 -44.28 -30.44 -18.87
CA MET D 198 -43.81 -30.64 -17.50
C MET D 198 -44.97 -30.93 -16.52
N ASN D 199 -46.21 -30.59 -16.88
CA ASN D 199 -47.37 -30.84 -16.03
C ASN D 199 -47.98 -32.21 -16.31
N ARG D 200 -47.95 -32.63 -17.59
CA ARG D 200 -48.48 -33.90 -18.07
C ARG D 200 -47.82 -35.10 -17.41
N HIS D 201 -48.51 -36.24 -17.36
CA HIS D 201 -47.95 -37.47 -16.81
C HIS D 201 -48.35 -38.67 -17.67
N PHE D 202 -47.45 -39.63 -17.84
CA PHE D 202 -47.72 -40.80 -18.68
C PHE D 202 -48.77 -41.73 -18.05
N ALA D 203 -49.63 -42.31 -18.90
CA ALA D 203 -50.68 -43.26 -18.49
C ALA D 203 -51.10 -44.16 -19.67
N VAL D 204 -51.53 -45.40 -19.39
CA VAL D 204 -51.94 -46.32 -20.45
C VAL D 204 -53.44 -46.59 -20.35
N VAL D 205 -54.18 -46.14 -21.37
CA VAL D 205 -55.62 -46.31 -21.43
C VAL D 205 -55.97 -47.28 -22.55
N ASP D 206 -56.42 -48.50 -22.18
CA ASP D 206 -56.82 -49.57 -23.09
C ASP D 206 -55.67 -50.00 -24.00
N GLY D 207 -54.49 -50.13 -23.41
CA GLY D 207 -53.29 -50.55 -24.13
C GLY D 207 -52.77 -49.51 -25.09
N LYS D 208 -52.96 -48.23 -24.77
CA LYS D 208 -52.51 -47.14 -25.64
C LYS D 208 -51.57 -46.20 -24.88
N PRO D 209 -50.51 -45.69 -25.53
CA PRO D 209 -49.60 -44.77 -24.82
C PRO D 209 -50.16 -43.36 -24.80
N THR D 210 -51.15 -43.11 -23.94
CA THR D 210 -51.79 -41.82 -23.83
C THR D 210 -51.23 -41.03 -22.65
N ALA D 211 -50.91 -39.77 -22.86
CA ALA D 211 -50.39 -38.92 -21.81
C ALA D 211 -51.46 -37.94 -21.34
N ILE D 212 -51.78 -37.98 -20.04
CA ILE D 212 -52.80 -37.12 -19.45
C ILE D 212 -52.31 -35.67 -19.43
N THR D 213 -53.16 -34.72 -19.84
CA THR D 213 -52.81 -33.31 -19.81
C THR D 213 -53.78 -32.63 -18.84
N PRO D 214 -53.40 -32.51 -17.56
CA PRO D 214 -54.32 -31.96 -16.56
C PRO D 214 -54.70 -30.51 -16.82
N ALA D 215 -55.91 -30.15 -16.41
CA ALA D 215 -56.41 -28.80 -16.59
C ALA D 215 -55.75 -27.82 -15.64
N HIS D 216 -55.53 -28.25 -14.39
CA HIS D 216 -54.91 -27.40 -13.40
C HIS D 216 -53.57 -27.93 -12.98
N THR D 217 -52.61 -27.02 -12.84
CA THR D 217 -51.26 -27.34 -12.43
C THR D 217 -51.25 -27.30 -10.91
N ASN D 218 -51.32 -28.48 -10.26
CA ASN D 218 -51.38 -28.54 -8.80
C ASN D 218 -50.02 -28.90 -8.20
N LEU D 219 -49.36 -27.89 -7.66
CA LEU D 219 -48.04 -28.00 -7.07
C LEU D 219 -48.07 -28.74 -5.74
N GLY D 220 -47.41 -29.88 -5.70
CA GLY D 220 -47.34 -30.71 -4.51
C GLY D 220 -46.31 -30.19 -3.51
N LEU D 221 -46.69 -30.14 -2.23
CA LEU D 221 -45.80 -29.65 -1.18
C LEU D 221 -45.43 -30.74 -0.23
N ALA D 222 -44.16 -30.80 0.16
CA ALA D 222 -43.71 -31.78 1.14
C ALA D 222 -43.97 -31.24 2.53
N ILE D 223 -45.16 -31.51 3.10
CA ILE D 223 -45.50 -30.98 4.43
C ILE D 223 -45.34 -32.05 5.50
N ASP D 224 -44.31 -31.90 6.35
CA ASP D 224 -44.06 -32.88 7.41
C ASP D 224 -44.87 -32.54 8.64
N LEU D 225 -45.94 -33.29 8.90
CA LEU D 225 -46.78 -33.04 10.07
C LEU D 225 -46.23 -33.80 11.29
N GLN D 226 -45.58 -33.10 12.22
CA GLN D 226 -45.06 -33.72 13.45
C GLN D 226 -46.25 -34.11 14.34
N GLY D 227 -46.59 -35.40 14.34
CA GLY D 227 -47.74 -35.96 15.05
C GLY D 227 -47.80 -35.83 16.57
N LYS D 228 -48.81 -36.49 17.16
CA LYS D 228 -49.06 -36.49 18.61
C LYS D 228 -47.98 -37.23 19.40
N ASP D 229 -47.51 -38.39 18.90
CA ASP D 229 -46.49 -39.16 19.60
C ASP D 229 -45.12 -39.12 18.87
N GLY D 230 -44.83 -38.00 18.20
CA GLY D 230 -43.59 -37.80 17.45
C GLY D 230 -43.59 -38.34 16.02
N ASN D 231 -44.69 -39.02 15.62
CA ASN D 231 -44.84 -39.61 14.29
C ASN D 231 -44.86 -38.54 13.20
N ARG D 232 -43.71 -38.29 12.56
CA ARG D 232 -43.60 -37.29 11.50
C ARG D 232 -44.29 -37.78 10.22
N SER D 233 -45.60 -37.52 10.13
CA SER D 233 -46.45 -37.90 9.00
C SER D 233 -46.21 -36.96 7.83
N LEU D 234 -45.39 -37.38 6.85
CA LEU D 234 -45.07 -36.57 5.69
C LEU D 234 -46.16 -36.62 4.62
N VAL D 235 -46.88 -35.50 4.42
CA VAL D 235 -48.00 -35.46 3.48
C VAL D 235 -47.66 -34.64 2.22
N VAL D 236 -48.42 -34.86 1.14
CA VAL D 236 -48.26 -34.13 -0.11
C VAL D 236 -49.52 -33.32 -0.39
N ALA D 237 -49.65 -32.15 0.27
CA ALA D 237 -50.80 -31.28 0.04
C ALA D 237 -50.65 -30.54 -1.28
N ALA D 238 -51.77 -30.15 -1.92
CA ALA D 238 -51.68 -29.50 -3.23
C ALA D 238 -52.36 -28.14 -3.29
N ILE D 239 -51.65 -27.20 -3.92
CA ILE D 239 -52.15 -25.86 -4.21
C ILE D 239 -52.74 -25.95 -5.61
N LYS D 240 -54.07 -25.86 -5.75
CA LYS D 240 -54.72 -26.06 -7.04
C LYS D 240 -55.01 -24.77 -7.81
N ARG D 241 -55.13 -24.88 -9.16
CA ARG D 241 -55.39 -23.78 -10.10
C ARG D 241 -54.31 -22.72 -9.99
N CYS D 242 -53.05 -23.15 -9.93
CA CYS D 242 -51.92 -22.24 -9.81
C CYS D 242 -51.69 -21.43 -11.08
N GLU D 243 -51.95 -22.03 -12.25
CA GLU D 243 -51.76 -21.36 -13.54
C GLU D 243 -52.67 -20.11 -13.70
N THR D 244 -53.78 -20.07 -12.97
CA THR D 244 -54.69 -18.94 -13.01
C THR D 244 -54.46 -18.05 -11.79
N MET D 245 -53.20 -17.88 -11.37
CA MET D 245 -52.89 -17.11 -10.19
C MET D 245 -51.75 -16.13 -10.37
N ARG D 246 -51.85 -15.04 -9.61
CA ARG D 246 -50.84 -14.00 -9.44
C ARG D 246 -50.10 -14.32 -8.12
N PHE D 247 -48.97 -13.63 -7.83
CA PHE D 247 -48.19 -13.92 -6.62
C PHE D 247 -49.02 -13.88 -5.33
N GLY D 248 -49.99 -12.98 -5.26
CA GLY D 248 -50.86 -12.85 -4.11
C GLY D 248 -51.79 -14.05 -3.95
N GLN D 249 -52.47 -14.43 -5.02
CA GLN D 249 -53.39 -15.57 -5.02
C GLN D 249 -52.66 -16.88 -4.73
N PHE D 250 -51.42 -17.00 -5.23
CA PHE D 250 -50.64 -18.20 -5.02
C PHE D 250 -50.26 -18.35 -3.54
N ILE D 251 -49.64 -17.32 -2.94
CA ILE D 251 -49.23 -17.41 -1.53
C ILE D 251 -50.44 -17.48 -0.59
N ALA D 252 -51.63 -17.03 -1.03
CA ALA D 252 -52.83 -17.14 -0.21
C ALA D 252 -53.24 -18.61 -0.16
N ALA D 253 -53.24 -19.29 -1.32
CA ALA D 253 -53.60 -20.71 -1.42
C ALA D 253 -52.53 -21.62 -0.76
N TYR D 254 -51.27 -21.16 -0.72
CA TYR D 254 -50.18 -21.88 -0.08
C TYR D 254 -50.38 -21.85 1.43
N GLU D 255 -50.58 -20.65 1.99
CA GLU D 255 -50.72 -20.50 3.44
C GLU D 255 -52.04 -21.07 3.98
N ASP D 256 -53.05 -21.27 3.13
CA ASP D 256 -54.28 -21.93 3.55
C ASP D 256 -53.94 -23.41 3.76
N ILE D 257 -53.29 -24.01 2.76
CA ILE D 257 -52.85 -25.39 2.76
C ILE D 257 -51.89 -25.63 3.96
N VAL D 258 -51.06 -24.64 4.30
CA VAL D 258 -50.11 -24.77 5.40
C VAL D 258 -50.82 -24.65 6.76
N ARG D 259 -51.68 -23.65 6.93
CA ARG D 259 -52.38 -23.47 8.19
C ARG D 259 -53.27 -24.67 8.51
N ARG D 260 -53.93 -25.21 7.49
CA ARG D 260 -54.81 -26.35 7.68
C ARG D 260 -54.02 -27.64 7.90
N ALA D 261 -52.87 -27.85 7.21
CA ALA D 261 -52.07 -29.07 7.42
C ALA D 261 -51.47 -29.10 8.81
N ARG D 262 -51.03 -27.94 9.30
CA ARG D 262 -50.43 -27.78 10.62
C ARG D 262 -51.42 -28.12 11.73
N ASP D 263 -52.73 -27.88 11.51
CA ASP D 263 -53.74 -28.16 12.51
C ASP D 263 -54.64 -29.37 12.16
N GLY D 264 -54.15 -30.27 11.30
CA GLY D 264 -54.84 -31.48 10.90
C GLY D 264 -56.25 -31.33 10.33
N LYS D 265 -56.50 -30.24 9.61
CA LYS D 265 -57.82 -30.00 9.04
C LYS D 265 -57.81 -30.11 7.50
N LEU D 266 -56.91 -30.93 6.95
CA LEU D 266 -56.85 -31.10 5.50
C LEU D 266 -57.84 -32.13 5.04
N THR D 267 -58.60 -31.81 3.99
CA THR D 267 -59.55 -32.77 3.43
C THR D 267 -58.82 -33.75 2.53
N ALA D 268 -59.39 -34.95 2.37
CA ALA D 268 -58.82 -35.95 1.47
C ALA D 268 -58.78 -35.43 0.01
N GLU D 269 -59.64 -34.45 -0.33
CA GLU D 269 -59.69 -33.83 -1.65
C GLU D 269 -58.43 -32.96 -1.94
N ASP D 270 -57.63 -32.61 -0.91
CA ASP D 270 -56.39 -31.85 -1.08
C ASP D 270 -55.27 -32.72 -1.62
N PHE D 271 -55.21 -33.97 -1.18
CA PHE D 271 -54.15 -34.91 -1.57
C PHE D 271 -54.35 -35.53 -2.95
N SER D 272 -55.55 -35.39 -3.53
CA SER D 272 -55.83 -35.96 -4.85
C SER D 272 -55.76 -34.90 -5.92
N GLY D 273 -54.75 -34.99 -6.78
CA GLY D 273 -54.60 -34.05 -7.88
C GLY D 273 -53.21 -33.49 -8.09
N VAL D 274 -52.20 -34.02 -7.39
CA VAL D 274 -50.82 -33.54 -7.55
C VAL D 274 -50.31 -33.89 -8.96
N THR D 275 -50.13 -32.86 -9.81
CA THR D 275 -49.67 -33.05 -11.19
C THR D 275 -48.14 -32.85 -11.33
N ILE D 276 -47.55 -32.04 -10.43
CA ILE D 276 -46.12 -31.77 -10.39
C ILE D 276 -45.78 -31.46 -8.91
N SER D 277 -44.80 -32.16 -8.34
CA SER D 277 -44.48 -32.00 -6.92
C SER D 277 -43.09 -31.37 -6.69
N LEU D 278 -42.87 -30.80 -5.50
CA LEU D 278 -41.61 -30.18 -5.12
C LEU D 278 -41.17 -30.64 -3.73
N THR D 279 -39.92 -31.09 -3.60
CA THR D 279 -39.38 -31.51 -2.31
C THR D 279 -38.18 -30.66 -1.92
N ASN D 280 -37.92 -30.52 -0.61
CA ASN D 280 -36.78 -29.74 -0.16
C ASN D 280 -35.86 -30.54 0.76
N PRO D 281 -34.97 -31.36 0.18
CA PRO D 281 -33.97 -32.05 1.02
C PRO D 281 -32.92 -31.08 1.60
N GLY D 282 -32.81 -29.89 1.02
CA GLY D 282 -31.91 -28.83 1.45
C GLY D 282 -32.25 -28.21 2.79
N THR D 283 -33.37 -28.65 3.41
CA THR D 283 -33.78 -28.22 4.73
C THR D 283 -32.78 -28.72 5.77
N LEU D 284 -32.34 -29.97 5.60
CA LEU D 284 -31.38 -30.63 6.47
C LEU D 284 -29.91 -30.41 6.03
N GLY D 285 -29.66 -29.46 5.13
CA GLY D 285 -28.32 -29.16 4.64
C GLY D 285 -27.83 -30.04 3.50
N THR D 286 -28.65 -31.02 3.06
CA THR D 286 -28.28 -31.93 1.98
C THR D 286 -28.20 -31.12 0.68
N VAL D 287 -26.97 -30.94 0.16
CA VAL D 287 -26.63 -30.15 -1.03
C VAL D 287 -27.60 -30.39 -2.19
N HIS D 288 -27.77 -31.63 -2.62
CA HIS D 288 -28.69 -31.96 -3.70
C HIS D 288 -29.14 -33.41 -3.55
N SER D 289 -30.29 -33.74 -4.12
CA SER D 289 -30.80 -35.09 -4.05
C SER D 289 -31.27 -35.59 -5.41
N VAL D 290 -31.31 -36.91 -5.57
CA VAL D 290 -31.85 -37.52 -6.75
C VAL D 290 -33.10 -38.24 -6.29
N PRO D 291 -34.23 -37.51 -6.20
CA PRO D 291 -35.43 -38.11 -5.64
C PRO D 291 -36.08 -39.14 -6.56
N ARG D 292 -37.03 -39.88 -6.01
CA ARG D 292 -37.76 -40.88 -6.76
C ARG D 292 -39.10 -40.25 -7.20
N LEU D 293 -39.45 -40.38 -8.50
CA LEU D 293 -40.69 -39.81 -9.03
C LEU D 293 -41.83 -40.83 -8.97
N MET D 294 -42.97 -40.44 -8.41
CA MET D 294 -44.12 -41.34 -8.30
C MET D 294 -45.03 -41.29 -9.52
N GLN D 295 -45.90 -42.29 -9.67
CA GLN D 295 -46.85 -42.32 -10.78
C GLN D 295 -47.90 -41.21 -10.63
N GLY D 296 -48.43 -40.73 -11.74
CA GLY D 296 -49.40 -39.64 -11.73
C GLY D 296 -48.77 -38.26 -11.85
N GLN D 297 -47.45 -38.18 -11.59
CA GLN D 297 -46.66 -36.96 -11.69
C GLN D 297 -45.73 -37.04 -12.90
N GLY D 298 -45.60 -35.93 -13.61
CA GLY D 298 -44.71 -35.87 -14.76
C GLY D 298 -43.31 -35.55 -14.31
N ALA D 299 -43.17 -34.62 -13.39
CA ALA D 299 -41.87 -34.24 -12.86
C ALA D 299 -41.92 -33.93 -11.36
N ILE D 300 -40.78 -34.07 -10.69
CA ILE D 300 -40.64 -33.77 -9.27
C ILE D 300 -39.31 -33.03 -9.06
N ILE D 301 -39.40 -31.76 -8.66
CA ILE D 301 -38.25 -30.90 -8.49
C ILE D 301 -37.69 -31.02 -7.07
N GLY D 302 -36.41 -31.27 -6.97
CA GLY D 302 -35.72 -31.39 -5.69
C GLY D 302 -34.86 -30.18 -5.41
N ALA D 303 -35.41 -29.20 -4.71
CA ALA D 303 -34.70 -27.98 -4.36
C ALA D 303 -33.61 -28.24 -3.32
N GLY D 304 -32.37 -27.99 -3.70
CA GLY D 304 -31.21 -28.23 -2.84
C GLY D 304 -31.03 -27.30 -1.67
N ALA D 305 -29.88 -27.41 -1.01
CA ALA D 305 -29.58 -26.59 0.16
C ALA D 305 -29.04 -25.25 -0.27
N MET D 306 -29.74 -24.18 0.08
CA MET D 306 -29.30 -22.84 -0.28
C MET D 306 -28.20 -22.38 0.67
N GLU D 307 -26.95 -22.60 0.28
CA GLU D 307 -25.83 -22.26 1.13
C GLU D 307 -24.52 -22.05 0.38
N TYR D 308 -23.50 -21.56 1.09
CA TYR D 308 -22.14 -21.41 0.58
C TYR D 308 -21.54 -22.82 0.44
N PRO D 309 -20.71 -23.05 -0.59
CA PRO D 309 -20.12 -24.40 -0.77
C PRO D 309 -19.22 -24.82 0.38
N ALA D 310 -18.97 -26.13 0.49
CA ALA D 310 -18.19 -26.73 1.55
C ALA D 310 -16.78 -26.11 1.74
N GLU D 311 -16.08 -25.74 0.65
CA GLU D 311 -14.72 -25.20 0.76
C GLU D 311 -14.67 -23.86 1.50
N PHE D 312 -15.60 -22.96 1.18
CA PHE D 312 -15.68 -21.63 1.75
C PHE D 312 -16.13 -21.60 3.21
N GLN D 313 -16.77 -22.68 3.69
CA GLN D 313 -17.30 -22.73 5.05
C GLN D 313 -16.29 -22.35 6.13
N GLY D 314 -15.00 -22.48 5.83
CA GLY D 314 -13.97 -22.12 6.80
C GLY D 314 -13.44 -20.70 6.74
N ALA D 315 -13.79 -19.91 5.70
CA ALA D 315 -13.27 -18.53 5.61
C ALA D 315 -14.21 -17.50 6.29
N SER D 316 -13.67 -16.30 6.61
CA SER D 316 -14.44 -15.24 7.26
C SER D 316 -15.43 -14.57 6.31
N GLU D 317 -16.55 -14.05 6.84
CA GLU D 317 -17.58 -13.40 6.01
C GLU D 317 -17.02 -12.20 5.28
N GLU D 318 -16.21 -11.41 5.98
CA GLU D 318 -15.54 -10.21 5.45
C GLU D 318 -14.64 -10.54 4.24
N ARG D 319 -14.09 -11.74 4.22
CA ARG D 319 -13.26 -12.21 3.14
C ARG D 319 -14.13 -12.49 1.91
N ILE D 320 -15.22 -13.26 2.11
CA ILE D 320 -16.15 -13.70 1.05
C ILE D 320 -16.85 -12.53 0.35
N ALA D 321 -17.52 -11.64 1.09
CA ALA D 321 -18.23 -10.51 0.51
C ALA D 321 -17.30 -9.53 -0.20
N ASP D 322 -16.05 -9.44 0.24
CA ASP D 322 -15.07 -8.57 -0.37
C ASP D 322 -14.67 -9.12 -1.77
N LEU D 323 -14.73 -10.44 -2.00
CA LEU D 323 -14.38 -11.01 -3.31
C LEU D 323 -15.59 -11.06 -4.25
N GLY D 324 -16.75 -11.41 -3.70
CA GLY D 324 -17.98 -11.47 -4.47
C GLY D 324 -18.53 -12.87 -4.64
N ILE D 325 -18.39 -13.70 -3.61
CA ILE D 325 -18.92 -15.06 -3.66
C ILE D 325 -20.28 -15.07 -2.94
N GLY D 326 -21.29 -15.68 -3.57
CA GLY D 326 -22.64 -15.70 -3.00
C GLY D 326 -23.19 -17.09 -2.76
N LYS D 327 -24.21 -17.20 -1.91
CA LYS D 327 -24.84 -18.48 -1.62
C LYS D 327 -25.53 -19.02 -2.87
N LEU D 328 -25.74 -20.34 -2.93
CA LEU D 328 -26.39 -20.95 -4.10
C LEU D 328 -27.27 -22.13 -3.73
N ILE D 329 -28.25 -22.45 -4.59
CA ILE D 329 -29.15 -23.56 -4.39
C ILE D 329 -28.95 -24.56 -5.52
N THR D 330 -28.76 -25.82 -5.16
CA THR D 330 -28.54 -26.87 -6.15
C THR D 330 -29.89 -27.43 -6.57
N LEU D 331 -30.59 -26.76 -7.48
CA LEU D 331 -31.91 -27.19 -7.93
C LEU D 331 -31.91 -28.41 -8.86
N THR D 332 -32.51 -29.52 -8.41
CA THR D 332 -32.58 -30.76 -9.19
C THR D 332 -33.97 -30.95 -9.80
N SER D 333 -34.08 -31.83 -10.81
CA SER D 333 -35.35 -32.09 -11.48
C SER D 333 -35.43 -33.54 -11.93
N THR D 334 -36.25 -34.37 -11.27
CA THR D 334 -36.43 -35.77 -11.64
C THR D 334 -37.73 -35.91 -12.44
N TYR D 335 -37.63 -36.13 -13.76
CA TYR D 335 -38.76 -36.20 -14.67
C TYR D 335 -39.03 -37.61 -15.24
N ASP D 336 -40.22 -37.81 -15.84
CA ASP D 336 -40.64 -39.06 -16.47
C ASP D 336 -40.10 -39.05 -17.90
N HIS D 337 -39.13 -39.92 -18.20
CA HIS D 337 -38.50 -39.99 -19.52
C HIS D 337 -39.40 -40.54 -20.62
N ARG D 338 -40.57 -41.08 -20.28
CA ARG D 338 -41.51 -41.58 -21.28
C ARG D 338 -42.16 -40.45 -22.08
N ILE D 339 -42.26 -39.25 -21.50
CA ILE D 339 -42.89 -38.09 -22.16
C ILE D 339 -41.94 -36.86 -22.17
N ILE D 340 -41.24 -36.59 -21.06
CA ILE D 340 -40.33 -35.46 -20.98
C ILE D 340 -38.93 -35.89 -21.36
N GLN D 341 -38.23 -35.09 -22.16
CA GLN D 341 -36.87 -35.44 -22.56
C GLN D 341 -35.86 -34.43 -21.99
N GLY D 342 -34.61 -34.87 -21.85
CA GLY D 342 -33.51 -34.10 -21.28
C GLY D 342 -33.40 -32.63 -21.65
N ALA D 343 -33.76 -32.32 -22.89
CA ALA D 343 -33.70 -30.94 -23.37
C ALA D 343 -34.80 -30.10 -22.71
N GLU D 344 -36.03 -30.62 -22.63
CA GLU D 344 -37.14 -29.90 -22.02
C GLU D 344 -36.88 -29.68 -20.54
N SER D 345 -36.43 -30.71 -19.82
CA SER D 345 -36.16 -30.58 -18.39
C SER D 345 -34.94 -29.68 -18.14
N GLY D 346 -33.97 -29.71 -19.03
CA GLY D 346 -32.79 -28.86 -18.92
C GLY D 346 -33.14 -27.40 -19.13
N ASP D 347 -34.06 -27.14 -20.07
CA ASP D 347 -34.52 -25.78 -20.36
C ASP D 347 -35.46 -25.29 -19.26
N PHE D 348 -36.25 -26.19 -18.65
CA PHE D 348 -37.17 -25.86 -17.56
C PHE D 348 -36.40 -25.31 -16.38
N LEU D 349 -35.27 -25.93 -16.04
CA LEU D 349 -34.44 -25.46 -14.94
C LEU D 349 -33.73 -24.15 -15.33
N ARG D 350 -33.36 -23.98 -16.61
CA ARG D 350 -32.77 -22.74 -17.07
C ARG D 350 -33.75 -21.59 -16.93
N THR D 351 -35.01 -21.85 -17.27
CA THR D 351 -36.07 -20.87 -17.17
C THR D 351 -36.29 -20.48 -15.72
N ILE D 352 -36.26 -21.44 -14.77
CA ILE D 352 -36.42 -21.12 -13.36
C ILE D 352 -35.25 -20.25 -12.88
N HIS D 353 -34.03 -20.53 -13.34
CA HIS D 353 -32.87 -19.73 -13.02
C HIS D 353 -33.07 -18.29 -13.55
N GLN D 354 -33.54 -18.17 -14.80
CA GLN D 354 -33.84 -16.91 -15.46
C GLN D 354 -34.76 -16.03 -14.64
N LEU D 355 -35.72 -16.64 -13.93
CA LEU D 355 -36.69 -15.97 -13.06
C LEU D 355 -36.07 -15.55 -11.75
N LEU D 356 -35.37 -16.48 -11.08
CA LEU D 356 -34.76 -16.22 -9.77
C LEU D 356 -33.68 -15.11 -9.82
N LEU D 357 -33.20 -14.75 -11.01
CA LEU D 357 -32.23 -13.66 -11.16
C LEU D 357 -32.78 -12.50 -12.06
N ASP D 358 -34.05 -12.58 -12.49
CA ASP D 358 -34.74 -11.58 -13.30
C ASP D 358 -35.08 -10.32 -12.50
N ASP D 359 -35.47 -9.24 -13.19
CA ASP D 359 -35.85 -7.99 -12.52
C ASP D 359 -37.37 -7.84 -12.52
N ASP D 360 -38.03 -8.20 -13.64
CA ASP D 360 -39.48 -8.15 -13.79
C ASP D 360 -40.19 -9.15 -12.89
N PHE D 361 -39.52 -10.27 -12.56
CA PHE D 361 -40.06 -11.28 -11.65
C PHE D 361 -40.22 -10.66 -10.27
N PHE D 362 -39.19 -9.94 -9.80
CA PHE D 362 -39.24 -9.27 -8.52
C PHE D 362 -40.10 -7.99 -8.59
N ASP D 363 -40.22 -7.37 -9.76
CA ASP D 363 -41.09 -6.22 -9.97
C ASP D 363 -42.54 -6.63 -9.76
N GLU D 364 -42.93 -7.81 -10.28
CA GLU D 364 -44.27 -8.35 -10.16
C GLU D 364 -44.56 -8.73 -8.72
N ILE D 365 -43.59 -9.35 -8.05
CA ILE D 365 -43.73 -9.79 -6.66
C ILE D 365 -43.87 -8.56 -5.75
N PHE D 366 -43.06 -7.51 -5.96
CA PHE D 366 -43.15 -6.29 -5.15
C PHE D 366 -44.49 -5.59 -5.35
N ARG D 367 -45.06 -5.66 -6.55
CA ARG D 367 -46.35 -5.07 -6.83
C ARG D 367 -47.44 -5.80 -6.06
N GLU D 368 -47.38 -7.14 -6.06
CA GLU D 368 -48.36 -7.98 -5.36
C GLU D 368 -48.23 -7.88 -3.84
N LEU D 369 -47.02 -7.59 -3.34
CA LEU D 369 -46.81 -7.48 -1.89
C LEU D 369 -46.98 -6.04 -1.35
N GLY D 370 -47.37 -5.09 -2.19
CA GLY D 370 -47.59 -3.71 -1.79
C GLY D 370 -46.31 -2.95 -1.48
N ILE D 371 -45.21 -3.34 -2.12
CA ILE D 371 -43.93 -2.66 -1.92
C ILE D 371 -43.71 -1.75 -3.11
N PRO D 372 -43.68 -0.44 -2.86
CA PRO D 372 -43.55 0.51 -3.99
C PRO D 372 -42.13 0.74 -4.48
N TYR D 373 -41.14 0.44 -3.64
CA TYR D 373 -39.73 0.69 -3.91
C TYR D 373 -39.15 -0.30 -4.93
N GLU D 374 -38.02 0.07 -5.54
CA GLU D 374 -37.39 -0.76 -6.55
C GLU D 374 -36.70 -1.96 -5.91
N PRO D 375 -37.01 -3.18 -6.39
CA PRO D 375 -36.34 -4.37 -5.85
C PRO D 375 -34.87 -4.47 -6.25
N VAL D 376 -34.11 -5.28 -5.51
CA VAL D 376 -32.69 -5.49 -5.80
C VAL D 376 -32.52 -6.17 -7.15
N ARG D 377 -31.50 -5.77 -7.90
CA ARG D 377 -31.25 -6.34 -9.21
C ARG D 377 -29.95 -7.12 -9.21
N TRP D 378 -29.92 -8.23 -9.97
CA TRP D 378 -28.72 -9.04 -10.06
C TRP D 378 -27.66 -8.30 -10.86
N ARG D 379 -26.70 -7.74 -10.18
CA ARG D 379 -25.63 -7.01 -10.82
C ARG D 379 -24.30 -7.62 -10.43
N THR D 380 -23.39 -7.80 -11.40
CA THR D 380 -22.10 -8.41 -11.10
C THR D 380 -21.10 -7.37 -10.59
N ASP D 381 -20.63 -7.58 -9.36
CA ASP D 381 -19.67 -6.82 -8.56
C ASP D 381 -18.97 -5.68 -9.29
N ASN D 382 -18.87 -4.54 -8.63
CA ASN D 382 -18.14 -3.42 -9.20
C ASN D 382 -16.70 -3.56 -8.83
N PRO D 383 -15.80 -3.67 -9.82
CA PRO D 383 -14.38 -3.90 -9.49
C PRO D 383 -13.63 -2.66 -9.00
N ASP D 384 -14.34 -1.63 -8.52
CA ASP D 384 -13.69 -0.44 -8.02
C ASP D 384 -13.31 -0.60 -6.55
N SER D 385 -12.28 0.14 -6.13
CA SER D 385 -11.80 0.07 -4.75
C SER D 385 -12.82 0.70 -3.78
N ILE D 386 -12.60 0.49 -2.48
CA ILE D 386 -13.47 1.02 -1.45
C ILE D 386 -13.33 2.56 -1.39
N GLU D 387 -12.14 3.11 -1.68
CA GLU D 387 -11.96 4.57 -1.69
C GLU D 387 -12.77 5.20 -2.80
N ASP D 388 -12.76 4.58 -3.97
CA ASP D 388 -13.51 5.06 -5.12
C ASP D 388 -15.01 4.97 -4.86
N LYS D 389 -15.45 3.85 -4.25
CA LYS D 389 -16.86 3.62 -3.92
C LYS D 389 -17.35 4.51 -2.78
N ASN D 390 -16.45 4.94 -1.90
CA ASN D 390 -16.81 5.73 -0.73
C ASN D 390 -17.44 7.07 -1.09
N ALA D 391 -16.78 7.88 -1.94
CA ALA D 391 -17.32 9.18 -2.33
C ALA D 391 -18.70 9.05 -3.00
N ARG D 392 -18.98 7.92 -3.66
CA ARG D 392 -20.27 7.66 -4.29
C ARG D 392 -21.34 7.45 -3.23
N VAL D 393 -21.01 6.69 -2.18
CA VAL D 393 -21.90 6.38 -1.08
C VAL D 393 -22.15 7.66 -0.24
N ILE D 394 -21.13 8.52 -0.07
CA ILE D 394 -21.29 9.78 0.67
C ILE D 394 -22.31 10.67 -0.06
N GLU D 395 -22.13 10.80 -1.38
CA GLU D 395 -22.96 11.59 -2.26
C GLU D 395 -24.38 11.06 -2.31
N LEU D 396 -24.55 9.72 -2.33
CA LEU D 396 -25.87 9.09 -2.35
C LEU D 396 -26.65 9.41 -1.08
N ILE D 397 -25.96 9.48 0.07
CA ILE D 397 -26.59 9.81 1.35
C ILE D 397 -27.09 11.25 1.31
N ALA D 398 -26.27 12.17 0.76
CA ALA D 398 -26.66 13.56 0.64
C ALA D 398 -27.83 13.70 -0.32
N ALA D 399 -27.81 12.97 -1.44
CA ALA D 399 -28.90 12.98 -2.41
C ALA D 399 -30.22 12.47 -1.79
N TYR D 400 -30.15 11.58 -0.79
CA TYR D 400 -31.34 11.09 -0.10
C TYR D 400 -31.90 12.12 0.89
N ARG D 401 -31.07 13.01 1.41
CA ARG D 401 -31.54 14.05 2.33
C ARG D 401 -32.20 15.18 1.56
N ASN D 402 -31.65 15.54 0.40
CA ASN D 402 -32.15 16.63 -0.42
C ASN D 402 -33.48 16.29 -1.09
N ARG D 403 -33.62 15.07 -1.66
CA ARG D 403 -34.85 14.70 -2.33
C ARG D 403 -35.41 13.35 -1.86
N GLY D 404 -35.37 13.13 -0.56
CA GLY D 404 -35.92 11.92 0.02
C GLY D 404 -37.43 11.94 -0.07
N HIS D 405 -38.02 13.11 0.20
CA HIS D 405 -39.46 13.37 0.13
C HIS D 405 -40.09 13.02 -1.23
N LEU D 406 -39.31 13.15 -2.31
CA LEU D 406 -39.77 12.88 -3.67
C LEU D 406 -39.93 11.40 -3.98
N MET D 407 -39.26 10.53 -3.24
CA MET D 407 -39.40 9.09 -3.44
C MET D 407 -40.04 8.46 -2.22
N ALA D 408 -41.09 9.12 -1.69
CA ALA D 408 -41.75 8.63 -0.49
C ALA D 408 -43.12 8.06 -0.79
N ASP D 409 -43.53 7.05 -0.01
CA ASP D 409 -44.86 6.45 -0.14
C ASP D 409 -45.82 7.28 0.73
N ILE D 410 -46.05 8.53 0.34
CA ILE D 410 -46.89 9.47 1.09
C ILE D 410 -48.29 9.63 0.46
N ASP D 411 -48.52 9.12 -0.75
CA ASP D 411 -49.83 9.19 -1.38
C ASP D 411 -50.59 7.95 -0.98
N PRO D 412 -51.69 8.11 -0.22
CA PRO D 412 -52.47 6.93 0.17
C PRO D 412 -53.22 6.29 -1.00
N LEU D 413 -53.52 7.06 -2.04
CA LEU D 413 -54.21 6.55 -3.21
C LEU D 413 -53.27 5.90 -4.24
N ARG D 414 -51.93 6.07 -4.11
CA ARG D 414 -50.89 5.55 -5.00
C ARG D 414 -51.25 5.81 -6.47
N LEU D 415 -51.49 7.06 -6.78
CA LEU D 415 -51.91 7.47 -8.12
C LEU D 415 -50.71 7.50 -9.06
N ASP D 416 -49.58 8.12 -8.64
CA ASP D 416 -48.40 8.15 -9.48
C ASP D 416 -47.41 7.08 -9.06
N ASN D 417 -47.43 5.95 -9.73
CA ASN D 417 -46.53 4.87 -9.43
C ASN D 417 -45.12 5.10 -10.00
N THR D 418 -44.96 6.08 -10.89
CA THR D 418 -43.67 6.33 -11.52
C THR D 418 -42.72 7.14 -10.63
N ARG D 419 -43.22 7.86 -9.61
CA ARG D 419 -42.33 8.65 -8.74
C ARG D 419 -41.28 7.74 -8.04
N PHE D 420 -41.62 6.47 -7.80
CA PHE D 420 -40.75 5.50 -7.14
C PHE D 420 -39.66 4.95 -8.05
N ARG D 421 -39.75 5.15 -9.36
CA ARG D 421 -38.75 4.65 -10.29
C ARG D 421 -38.07 5.76 -11.11
N SER D 422 -38.62 6.98 -11.12
CA SER D 422 -38.10 8.07 -11.92
C SER D 422 -37.03 8.90 -11.17
N HIS D 423 -36.07 8.24 -10.52
CA HIS D 423 -35.03 8.97 -9.82
C HIS D 423 -33.70 8.23 -9.81
N PRO D 424 -32.77 8.66 -10.67
CA PRO D 424 -31.44 8.01 -10.68
C PRO D 424 -30.53 8.50 -9.55
N ASP D 425 -30.79 9.69 -9.00
CA ASP D 425 -30.05 10.23 -7.85
C ASP D 425 -30.31 9.41 -6.58
N LEU D 426 -31.40 8.62 -6.54
CA LEU D 426 -31.71 7.77 -5.42
C LEU D 426 -31.47 6.27 -5.75
N ASP D 427 -31.37 5.89 -7.06
CA ASP D 427 -31.10 4.51 -7.46
C ASP D 427 -29.65 4.20 -7.13
N VAL D 428 -29.43 3.10 -6.42
CA VAL D 428 -28.10 2.72 -5.97
C VAL D 428 -27.25 2.22 -7.12
N ASN D 429 -27.83 1.42 -8.02
CA ASN D 429 -27.12 0.86 -9.18
C ASN D 429 -26.43 1.93 -10.04
N SER D 430 -26.97 3.17 -10.03
CA SER D 430 -26.45 4.30 -10.78
C SER D 430 -25.16 4.85 -10.17
N HIS D 431 -25.03 4.76 -8.84
CA HIS D 431 -23.87 5.29 -8.12
C HIS D 431 -22.72 4.29 -8.06
N GLY D 432 -22.58 3.43 -9.06
CA GLY D 432 -21.53 2.43 -9.10
C GLY D 432 -21.55 1.49 -7.92
N LEU D 433 -22.71 0.86 -7.67
CA LEU D 433 -22.87 -0.06 -6.54
C LEU D 433 -23.73 -1.26 -6.92
N THR D 434 -23.45 -2.41 -6.30
CA THR D 434 -24.15 -3.66 -6.55
C THR D 434 -24.59 -4.32 -5.22
N LEU D 435 -25.37 -5.42 -5.28
CA LEU D 435 -25.78 -6.16 -4.09
C LEU D 435 -24.58 -6.80 -3.33
N TRP D 436 -23.41 -6.93 -3.99
CA TRP D 436 -22.18 -7.46 -3.41
C TRP D 436 -21.53 -6.43 -2.48
N ASP D 437 -21.63 -5.15 -2.84
CA ASP D 437 -21.12 -4.06 -2.02
C ASP D 437 -22.00 -3.79 -0.78
N LEU D 438 -23.21 -4.42 -0.69
CA LEU D 438 -24.18 -4.27 0.39
C LEU D 438 -23.65 -4.62 1.76
N ASP D 439 -22.75 -5.60 1.83
CA ASP D 439 -22.20 -6.03 3.11
C ASP D 439 -20.82 -5.42 3.42
N ARG D 440 -20.35 -4.47 2.59
CA ARG D 440 -19.05 -3.84 2.80
C ARG D 440 -19.18 -2.58 3.63
N GLU D 441 -18.11 -2.22 4.35
CA GLU D 441 -18.09 -1.04 5.17
C GLU D 441 -17.67 0.19 4.40
N PHE D 442 -18.31 1.33 4.69
CA PHE D 442 -17.97 2.60 4.04
C PHE D 442 -17.82 3.68 5.10
N LYS D 443 -16.79 4.55 4.94
CA LYS D 443 -16.49 5.64 5.87
C LYS D 443 -17.47 6.81 5.71
N VAL D 444 -18.73 6.55 6.05
CA VAL D 444 -19.82 7.51 6.00
C VAL D 444 -19.67 8.47 7.18
N ASP D 445 -19.06 9.64 6.94
CA ASP D 445 -18.81 10.60 8.01
C ASP D 445 -20.10 11.06 8.68
N GLY D 446 -20.36 10.50 9.86
CA GLY D 446 -21.51 10.83 10.67
C GLY D 446 -22.87 10.62 10.03
N PHE D 447 -23.06 9.45 9.37
CA PHE D 447 -24.36 9.15 8.75
C PHE D 447 -25.40 8.89 9.87
N ALA D 448 -25.52 7.63 10.35
CA ALA D 448 -26.43 7.34 11.45
C ALA D 448 -25.66 7.44 12.78
N GLY D 449 -24.66 8.34 12.84
CA GLY D 449 -23.78 8.55 13.98
C GLY D 449 -22.48 7.81 13.82
N VAL D 450 -22.57 6.57 13.35
CA VAL D 450 -21.42 5.70 13.17
C VAL D 450 -20.55 6.18 12.02
N GLN D 451 -19.23 6.18 12.24
CA GLN D 451 -18.29 6.57 11.19
C GLN D 451 -18.08 5.45 10.13
N ARG D 452 -18.59 4.24 10.39
CA ARG D 452 -18.50 3.14 9.45
C ARG D 452 -19.80 2.36 9.46
N LYS D 453 -20.30 2.01 8.28
CA LYS D 453 -21.58 1.31 8.18
C LYS D 453 -21.65 0.43 6.94
N LYS D 454 -22.37 -0.68 7.03
CA LYS D 454 -22.58 -1.55 5.87
C LYS D 454 -23.58 -0.87 4.94
N LEU D 455 -23.42 -1.05 3.62
CA LEU D 455 -24.29 -0.42 2.64
C LEU D 455 -25.77 -0.76 2.84
N ARG D 456 -26.10 -2.03 3.16
CA ARG D 456 -27.50 -2.40 3.37
C ARG D 456 -28.10 -1.70 4.59
N ASP D 457 -27.27 -1.31 5.57
CA ASP D 457 -27.74 -0.56 6.73
C ASP D 457 -27.99 0.89 6.32
N ILE D 458 -27.08 1.47 5.51
CA ILE D 458 -27.15 2.83 4.98
C ILE D 458 -28.45 3.06 4.20
N LEU D 459 -28.82 2.12 3.34
CA LEU D 459 -30.00 2.23 2.51
C LEU D 459 -31.29 2.02 3.30
N SER D 460 -31.25 1.16 4.32
CA SER D 460 -32.42 0.90 5.15
C SER D 460 -32.72 2.08 6.06
N VAL D 461 -31.68 2.79 6.54
CA VAL D 461 -31.87 3.95 7.40
C VAL D 461 -32.52 5.06 6.55
N LEU D 462 -31.96 5.34 5.35
CA LEU D 462 -32.49 6.35 4.45
C LEU D 462 -33.93 6.03 4.03
N ARG D 463 -34.28 4.73 3.92
CA ARG D 463 -35.63 4.30 3.56
C ARG D 463 -36.62 4.63 4.67
N ASP D 464 -36.40 4.12 5.90
CA ASP D 464 -37.30 4.37 7.03
C ASP D 464 -37.31 5.87 7.48
N ALA D 465 -36.32 6.66 7.05
CA ALA D 465 -36.21 8.06 7.44
C ALA D 465 -36.85 9.02 6.42
N TYR D 466 -36.52 8.92 5.12
CA TYR D 466 -37.06 9.86 4.12
C TYR D 466 -37.93 9.22 3.07
N CYS D 467 -38.02 7.88 3.02
CA CYS D 467 -38.81 7.22 1.96
C CYS D 467 -40.03 6.47 2.47
N ARG D 468 -40.19 6.31 3.78
CA ARG D 468 -41.35 5.63 4.33
C ARG D 468 -42.57 6.58 4.17
N HIS D 469 -43.43 6.72 5.17
CA HIS D 469 -44.60 7.59 5.06
C HIS D 469 -44.29 9.02 5.48
N VAL D 470 -43.00 9.41 5.58
CA VAL D 470 -42.62 10.75 5.96
C VAL D 470 -41.61 11.31 5.00
N GLY D 471 -42.02 12.27 4.21
CA GLY D 471 -41.15 12.98 3.30
C GLY D 471 -40.54 14.13 4.07
N VAL D 472 -39.22 14.33 3.95
CA VAL D 472 -38.58 15.40 4.72
C VAL D 472 -37.93 16.45 3.84
N GLU D 473 -38.66 17.53 3.57
CA GLU D 473 -38.15 18.65 2.80
C GLU D 473 -37.60 19.62 3.81
N TYR D 474 -36.28 19.70 3.96
CA TYR D 474 -35.70 20.56 4.99
C TYR D 474 -34.31 21.10 4.65
N THR D 475 -33.63 20.49 3.69
CA THR D 475 -32.26 20.90 3.33
C THR D 475 -32.18 22.36 2.84
N HIS D 476 -33.32 22.99 2.55
CA HIS D 476 -33.41 24.39 2.16
C HIS D 476 -33.21 25.36 3.35
N ILE D 477 -33.12 24.84 4.58
CA ILE D 477 -32.94 25.63 5.78
C ILE D 477 -31.50 26.17 5.84
N LEU D 478 -31.35 27.48 6.04
CA LEU D 478 -30.05 28.12 6.10
C LEU D 478 -29.34 27.92 7.43
N GLU D 479 -30.09 27.66 8.52
CA GLU D 479 -29.48 27.42 9.81
C GLU D 479 -28.95 25.99 9.83
N PRO D 480 -27.69 25.81 10.22
CA PRO D 480 -27.09 24.46 10.18
C PRO D 480 -27.54 23.56 11.31
N GLU D 481 -27.58 24.06 12.56
CA GLU D 481 -27.98 23.24 13.71
C GLU D 481 -29.39 22.68 13.57
N GLN D 482 -30.25 23.34 12.79
CA GLN D 482 -31.61 22.90 12.54
C GLN D 482 -31.60 21.67 11.64
N GLN D 483 -30.73 21.64 10.62
CA GLN D 483 -30.60 20.49 9.74
C GLN D 483 -29.99 19.32 10.53
N ARG D 484 -28.99 19.61 11.39
CA ARG D 484 -28.37 18.60 12.25
C ARG D 484 -29.41 18.00 13.19
N TRP D 485 -30.26 18.86 13.76
CA TRP D 485 -31.34 18.52 14.66
C TRP D 485 -32.30 17.52 14.00
N ILE D 486 -32.76 17.83 12.78
CA ILE D 486 -33.72 17.00 12.06
C ILE D 486 -33.13 15.62 11.79
N GLN D 487 -31.90 15.56 11.30
CA GLN D 487 -31.24 14.29 11.04
C GLN D 487 -31.13 13.42 12.29
N GLU D 488 -30.99 14.02 13.48
CA GLU D 488 -30.91 13.25 14.71
C GLU D 488 -32.21 12.53 15.05
N ARG D 489 -33.34 12.97 14.50
CA ARG D 489 -34.62 12.30 14.74
C ARG D 489 -35.07 11.48 13.51
N VAL D 490 -34.70 11.94 12.31
CA VAL D 490 -35.06 11.29 11.06
C VAL D 490 -34.16 10.07 10.83
N GLU D 491 -32.82 10.26 10.76
CA GLU D 491 -31.83 9.20 10.56
C GLU D 491 -31.57 8.41 11.85
N THR D 492 -32.63 7.78 12.39
CA THR D 492 -32.60 6.98 13.60
C THR D 492 -33.75 5.98 13.52
N LYS D 493 -33.47 4.71 13.85
CA LYS D 493 -34.50 3.68 13.88
C LYS D 493 -35.44 3.99 15.04
N HIS D 494 -36.54 4.68 14.72
CA HIS D 494 -37.51 5.16 15.70
C HIS D 494 -38.25 4.03 16.36
N ASP D 495 -38.41 4.16 17.68
CA ASP D 495 -39.08 3.20 18.55
C ASP D 495 -40.52 3.00 18.15
N LYS D 496 -40.97 1.75 18.18
CA LYS D 496 -42.34 1.42 17.87
C LYS D 496 -43.23 1.90 19.00
N PRO D 497 -44.41 2.45 18.67
CA PRO D 497 -45.31 2.91 19.73
C PRO D 497 -45.84 1.76 20.57
N THR D 498 -46.13 2.03 21.84
CA THR D 498 -46.64 1.00 22.74
C THR D 498 -48.07 0.61 22.36
N VAL D 499 -48.53 -0.56 22.80
CA VAL D 499 -49.90 -1.00 22.57
C VAL D 499 -50.91 -0.03 23.27
N ALA D 500 -50.49 0.63 24.37
CA ALA D 500 -51.33 1.61 25.07
C ALA D 500 -51.42 2.92 24.29
N GLU D 501 -50.30 3.31 23.63
CA GLU D 501 -50.22 4.50 22.80
C GLU D 501 -51.05 4.30 21.53
N GLN D 502 -50.94 3.11 20.92
CA GLN D 502 -51.70 2.72 19.72
C GLN D 502 -53.19 2.64 20.00
N LYS D 503 -53.57 2.22 21.23
CA LYS D 503 -54.97 2.12 21.62
C LYS D 503 -55.59 3.52 21.76
N TYR D 504 -54.80 4.52 22.23
CA TYR D 504 -55.30 5.90 22.33
C TYR D 504 -55.51 6.50 20.93
N ILE D 505 -54.68 6.12 19.97
CA ILE D 505 -54.80 6.55 18.58
C ILE D 505 -56.08 5.99 17.97
N LEU D 506 -56.36 4.71 18.24
CA LEU D 506 -57.55 4.07 17.72
C LEU D 506 -58.81 4.58 18.44
N SER D 507 -58.72 4.99 19.72
CA SER D 507 -59.88 5.56 20.44
C SER D 507 -60.24 6.94 19.88
N LYS D 508 -59.22 7.72 19.51
CA LYS D 508 -59.38 9.04 18.91
C LYS D 508 -59.93 8.91 17.47
N LEU D 509 -59.54 7.85 16.75
CA LEU D 509 -60.03 7.58 15.40
C LEU D 509 -61.43 6.97 15.41
N ASN D 510 -61.84 6.31 16.52
CA ASN D 510 -63.17 5.72 16.67
C ASN D 510 -64.20 6.83 16.81
N ALA D 511 -63.91 7.84 17.63
CA ALA D 511 -64.80 8.98 17.84
C ALA D 511 -64.86 9.89 16.61
N ALA D 512 -63.78 9.95 15.83
CA ALA D 512 -63.73 10.77 14.63
C ALA D 512 -64.53 10.11 13.49
N GLU D 513 -64.36 8.80 13.29
CA GLU D 513 -65.08 8.08 12.23
C GLU D 513 -66.57 7.97 12.59
N ALA D 514 -66.91 7.84 13.89
CA ALA D 514 -68.30 7.79 14.30
C ALA D 514 -68.97 9.17 14.19
N PHE D 515 -68.20 10.26 14.40
CA PHE D 515 -68.76 11.61 14.32
C PHE D 515 -69.20 11.92 12.89
N GLU D 516 -68.35 11.63 11.90
CA GLU D 516 -68.72 11.86 10.51
C GLU D 516 -69.83 10.89 10.06
N THR D 517 -69.86 9.66 10.62
CA THR D 517 -70.91 8.68 10.35
C THR D 517 -72.27 9.25 10.78
N PHE D 518 -72.30 9.91 11.93
CA PHE D 518 -73.49 10.53 12.48
C PHE D 518 -73.88 11.77 11.67
N LEU D 519 -72.90 12.64 11.36
CA LEU D 519 -73.13 13.90 10.65
C LEU D 519 -73.76 13.71 9.26
N GLN D 520 -73.31 12.73 8.48
CA GLN D 520 -73.90 12.49 7.15
C GLN D 520 -75.31 11.89 7.25
N THR D 521 -75.55 11.10 8.31
CA THR D 521 -76.80 10.36 8.51
C THR D 521 -77.90 11.23 9.11
N LYS D 522 -77.61 11.96 10.19
CA LYS D 522 -78.57 12.79 10.89
C LYS D 522 -78.97 14.05 10.10
N TYR D 523 -78.00 14.83 9.60
CA TYR D 523 -78.32 16.08 8.89
C TYR D 523 -77.90 16.03 7.45
N VAL D 524 -78.85 16.26 6.55
CA VAL D 524 -78.57 16.26 5.12
C VAL D 524 -77.92 17.58 4.72
N GLY D 525 -77.22 17.55 3.60
CA GLY D 525 -76.47 18.70 3.12
C GLY D 525 -75.03 18.70 3.56
N GLN D 526 -74.66 17.75 4.44
CA GLN D 526 -73.31 17.66 4.95
C GLN D 526 -72.37 16.94 4.01
N LYS D 527 -72.63 16.94 2.69
CA LYS D 527 -71.70 16.37 1.71
C LYS D 527 -70.41 17.19 1.74
N ARG D 528 -70.56 18.53 1.76
CA ARG D 528 -69.44 19.44 1.95
C ARG D 528 -68.98 19.32 3.41
N PHE D 529 -67.78 19.82 3.73
CA PHE D 529 -67.24 19.79 5.10
C PHE D 529 -67.06 18.33 5.64
N SER D 530 -67.23 17.31 4.78
CA SER D 530 -67.10 15.92 5.21
C SER D 530 -65.65 15.53 5.33
N LEU D 531 -65.20 15.36 6.55
CA LEU D 531 -63.84 14.97 6.89
C LEU D 531 -63.56 13.47 6.60
N GLU D 532 -64.41 12.79 5.81
CA GLU D 532 -64.19 11.38 5.51
C GLU D 532 -63.00 11.21 4.58
N GLY D 533 -62.12 10.29 4.96
CA GLY D 533 -60.85 10.03 4.29
C GLY D 533 -59.65 10.67 4.97
N ALA D 534 -59.92 11.69 5.81
CA ALA D 534 -58.93 12.46 6.55
C ALA D 534 -59.18 12.49 8.06
N GLU D 535 -59.89 11.49 8.59
CA GLU D 535 -60.17 11.38 10.04
C GLU D 535 -58.87 11.44 10.87
N THR D 536 -57.75 11.01 10.27
CA THR D 536 -56.39 10.99 10.82
C THR D 536 -55.95 12.39 11.30
N VAL D 537 -56.55 13.47 10.75
CA VAL D 537 -56.20 14.83 11.17
C VAL D 537 -56.74 15.12 12.60
N ILE D 538 -57.77 14.38 13.07
CA ILE D 538 -58.30 14.56 14.42
C ILE D 538 -57.21 14.14 15.44
N PRO D 539 -56.71 12.88 15.47
CA PRO D 539 -55.65 12.55 16.43
C PRO D 539 -54.32 13.27 16.13
N MET D 540 -54.11 13.76 14.89
CA MET D 540 -52.88 14.49 14.55
C MET D 540 -52.82 15.79 15.36
N MET D 541 -53.93 16.52 15.43
CA MET D 541 -54.00 17.75 16.22
C MET D 541 -53.90 17.43 17.70
N ASP D 542 -54.55 16.34 18.13
CA ASP D 542 -54.50 15.85 19.51
C ASP D 542 -53.06 15.62 19.95
N ALA D 543 -52.22 15.08 19.05
CA ALA D 543 -50.82 14.83 19.34
C ALA D 543 -50.09 16.14 19.57
N VAL D 544 -50.39 17.17 18.76
CA VAL D 544 -49.77 18.50 18.87
C VAL D 544 -50.09 19.10 20.25
N ILE D 545 -51.35 18.99 20.66
CA ILE D 545 -51.82 19.57 21.90
C ILE D 545 -51.35 18.75 23.11
N ASP D 546 -51.25 17.41 22.98
CA ASP D 546 -50.72 16.57 24.06
C ASP D 546 -49.24 16.93 24.31
N GLN D 547 -48.50 17.15 23.22
CA GLN D 547 -47.11 17.55 23.28
C GLN D 547 -46.97 18.91 23.92
N CYS D 548 -47.86 19.84 23.54
CA CYS D 548 -47.87 21.22 24.05
C CYS D 548 -48.06 21.25 25.55
N ALA D 549 -48.99 20.44 26.07
CA ALA D 549 -49.22 20.37 27.50
C ALA D 549 -47.98 19.84 28.22
N GLU D 550 -47.34 18.83 27.64
CA GLU D 550 -46.12 18.25 28.17
C GLU D 550 -44.99 19.28 28.18
N HIS D 551 -44.93 20.12 27.14
CA HIS D 551 -43.95 21.18 26.98
C HIS D 551 -44.11 22.33 27.99
N GLY D 552 -45.19 22.36 28.74
CA GLY D 552 -45.43 23.41 29.72
C GLY D 552 -45.98 24.66 29.07
N LEU D 553 -46.90 24.46 28.13
CA LEU D 553 -47.52 25.57 27.43
C LEU D 553 -48.93 25.84 27.97
N ASP D 554 -49.44 27.05 27.75
CA ASP D 554 -50.71 27.46 28.33
C ASP D 554 -51.91 27.31 27.38
N GLU D 555 -51.81 27.75 26.11
CA GLU D 555 -52.97 27.67 25.21
C GLU D 555 -52.60 27.42 23.75
N VAL D 556 -53.43 26.64 23.06
CA VAL D 556 -53.31 26.34 21.64
C VAL D 556 -54.52 26.96 20.92
N VAL D 557 -54.31 28.03 20.12
CA VAL D 557 -55.40 28.72 19.42
C VAL D 557 -55.55 28.17 17.99
N ILE D 558 -56.70 27.57 17.69
CA ILE D 558 -56.95 26.92 16.40
C ILE D 558 -57.78 27.79 15.43
N ALA D 559 -57.24 28.05 14.23
CA ALA D 559 -57.98 28.73 13.16
C ALA D 559 -58.09 27.74 12.03
N MET D 560 -59.32 27.39 11.65
CA MET D 560 -59.49 26.36 10.63
C MET D 560 -60.66 26.68 9.68
N PRO D 561 -60.66 26.07 8.47
CA PRO D 561 -61.76 26.33 7.55
C PRO D 561 -62.99 25.50 7.89
N HIS D 562 -64.06 25.73 7.13
CA HIS D 562 -65.33 25.06 7.27
C HIS D 562 -65.25 23.54 7.21
N ARG D 563 -64.18 22.97 6.62
CA ARG D 563 -64.07 21.53 6.49
C ARG D 563 -63.82 20.84 7.82
N GLY D 564 -64.70 19.88 8.17
CA GLY D 564 -64.67 19.08 9.39
C GLY D 564 -64.62 19.85 10.70
N ARG D 565 -65.15 21.08 10.73
CA ARG D 565 -65.11 21.94 11.91
C ARG D 565 -65.92 21.44 13.11
N LEU D 566 -67.05 20.76 12.89
CA LEU D 566 -67.88 20.26 13.99
C LEU D 566 -67.20 19.10 14.72
N ASN D 567 -66.45 18.28 13.98
CA ASN D 567 -65.70 17.15 14.50
C ASN D 567 -64.61 17.64 15.47
N VAL D 568 -63.94 18.74 15.09
CA VAL D 568 -62.90 19.35 15.91
C VAL D 568 -63.53 19.96 17.16
N LEU D 569 -64.67 20.63 17.02
CA LEU D 569 -65.36 21.24 18.15
C LEU D 569 -65.72 20.22 19.24
N ALA D 570 -66.06 18.99 18.85
CA ALA D 570 -66.43 17.97 19.83
C ALA D 570 -65.23 17.12 20.32
N ASN D 571 -64.40 16.58 19.41
CA ASN D 571 -63.32 15.68 19.80
C ASN D 571 -61.96 16.38 20.09
N ILE D 572 -61.81 17.67 19.76
CA ILE D 572 -60.55 18.39 19.98
C ILE D 572 -60.69 19.57 20.96
N VAL D 573 -61.69 20.44 20.72
CA VAL D 573 -61.90 21.59 21.59
C VAL D 573 -62.38 21.13 22.97
N GLY D 574 -63.35 20.22 22.98
CA GLY D 574 -63.88 19.69 24.23
C GLY D 574 -65.27 20.21 24.51
N LYS D 575 -66.09 20.32 23.47
CA LYS D 575 -67.45 20.79 23.60
C LYS D 575 -68.42 19.61 23.53
N PRO D 576 -69.46 19.62 24.37
CA PRO D 576 -70.44 18.52 24.33
C PRO D 576 -71.32 18.61 23.10
N TYR D 577 -71.81 17.46 22.63
CA TYR D 577 -72.68 17.40 21.45
C TYR D 577 -73.93 18.29 21.60
N SER D 578 -74.34 18.58 22.86
CA SER D 578 -75.48 19.43 23.17
C SER D 578 -75.28 20.87 22.66
N GLN D 579 -74.16 21.51 23.01
CA GLN D 579 -73.89 22.89 22.58
C GLN D 579 -73.46 23.00 21.11
N ILE D 580 -73.53 21.91 20.35
CA ILE D 580 -73.11 21.90 18.96
C ILE D 580 -74.32 21.92 18.04
N PHE D 581 -75.31 21.09 18.31
CA PHE D 581 -76.47 20.97 17.42
C PHE D 581 -77.70 21.76 17.92
N SER D 582 -77.52 22.69 18.86
CA SER D 582 -78.63 23.51 19.33
C SER D 582 -79.03 24.46 18.22
N GLU D 583 -80.15 24.15 17.55
CA GLU D 583 -80.66 24.91 16.41
C GLU D 583 -79.77 24.68 15.20
N PHE D 584 -79.83 23.47 14.64
CA PHE D 584 -79.03 23.10 13.48
C PHE D 584 -79.88 23.09 12.21
N GLU D 585 -79.27 23.38 11.05
CA GLU D 585 -79.96 23.38 9.76
C GLU D 585 -79.26 22.43 8.76
N PRO D 590 -80.47 22.44 1.49
CA PRO D 590 -80.34 21.31 0.55
C PRO D 590 -80.09 21.76 -0.90
N SER D 591 -79.50 22.95 -1.08
CA SER D 591 -79.22 23.54 -2.39
C SER D 591 -78.10 22.80 -3.15
N GLN D 592 -77.98 23.04 -4.47
CA GLN D 592 -76.91 22.45 -5.27
C GLN D 592 -75.56 23.15 -4.98
N ALA D 593 -75.58 24.40 -4.53
CA ALA D 593 -74.37 25.14 -4.20
C ALA D 593 -74.00 24.99 -2.73
N HIS D 594 -72.71 25.01 -2.42
CA HIS D 594 -72.26 24.93 -1.03
C HIS D 594 -72.47 26.29 -0.33
N GLY D 595 -72.69 26.26 0.97
CA GLY D 595 -72.90 27.49 1.74
C GLY D 595 -72.24 27.46 3.10
N SER D 596 -72.87 28.10 4.09
CA SER D 596 -72.37 28.11 5.46
C SER D 596 -73.14 27.13 6.37
N GLY D 597 -74.40 26.84 6.03
CA GLY D 597 -75.27 25.95 6.78
C GLY D 597 -75.58 26.55 8.12
N ASP D 598 -75.41 25.76 9.20
CA ASP D 598 -75.56 26.30 10.54
C ASP D 598 -74.37 27.22 10.83
N VAL D 599 -74.60 28.28 11.58
CA VAL D 599 -73.55 29.25 11.89
C VAL D 599 -72.41 28.67 12.76
N LYS D 600 -72.59 27.48 13.35
CA LYS D 600 -71.56 26.84 14.16
C LYS D 600 -70.26 26.62 13.37
N TYR D 601 -70.37 26.48 12.03
CA TYR D 601 -69.22 26.34 11.12
C TYR D 601 -68.38 27.64 10.99
N HIS D 602 -68.80 28.73 11.66
CA HIS D 602 -68.11 30.01 11.68
C HIS D 602 -67.64 30.36 13.10
N LEU D 603 -68.47 30.03 14.10
CA LEU D 603 -68.26 30.34 15.51
C LEU D 603 -67.07 29.64 16.13
N GLY D 604 -66.40 30.32 17.04
CA GLY D 604 -65.25 29.77 17.74
C GLY D 604 -65.46 29.63 19.24
N ALA D 605 -65.52 28.39 19.74
CA ALA D 605 -65.72 28.11 21.17
C ALA D 605 -64.43 27.61 21.85
N THR D 606 -64.34 27.75 23.18
CA THR D 606 -63.15 27.33 23.94
C THR D 606 -63.46 26.09 24.82
N GLY D 607 -62.41 25.38 25.22
CA GLY D 607 -62.48 24.19 26.06
C GLY D 607 -61.15 23.86 26.70
N THR D 608 -61.04 22.72 27.38
CA THR D 608 -59.79 22.35 28.04
C THR D 608 -59.36 20.91 27.68
N TYR D 609 -58.05 20.70 27.51
CA TYR D 609 -57.50 19.39 27.17
C TYR D 609 -56.71 18.79 28.32
N ILE D 610 -57.08 17.57 28.72
CA ILE D 610 -56.44 16.81 29.78
C ILE D 610 -55.54 15.76 29.16
N GLN D 611 -54.26 15.75 29.51
CA GLN D 611 -53.33 14.77 28.95
C GLN D 611 -53.73 13.36 29.31
N MET D 612 -53.80 12.47 28.31
CA MET D 612 -54.19 11.09 28.56
C MET D 612 -53.09 10.39 29.36
N PHE D 613 -51.83 10.60 28.99
CA PHE D 613 -50.73 9.94 29.68
C PHE D 613 -49.89 10.92 30.49
N GLY D 614 -49.79 12.17 30.05
CA GLY D 614 -49.01 13.18 30.73
C GLY D 614 -49.60 13.65 32.04
N ASP D 615 -48.95 14.63 32.69
CA ASP D 615 -49.43 15.13 33.98
C ASP D 615 -49.88 16.59 33.96
N ASN D 616 -50.22 17.13 32.79
CA ASN D 616 -50.62 18.53 32.71
C ASN D 616 -51.93 18.73 31.94
N ASP D 617 -52.53 19.92 32.08
CA ASP D 617 -53.75 20.28 31.39
C ASP D 617 -53.52 21.59 30.63
N ILE D 618 -54.02 21.67 29.39
CA ILE D 618 -53.79 22.86 28.57
C ILE D 618 -55.09 23.40 27.96
N GLU D 619 -55.13 24.71 27.69
CA GLU D 619 -56.30 25.35 27.12
C GLU D 619 -56.33 25.22 25.61
N VAL D 620 -57.51 24.93 25.07
CA VAL D 620 -57.72 24.79 23.63
C VAL D 620 -58.85 25.70 23.20
N SER D 621 -58.56 26.75 22.43
CA SER D 621 -59.61 27.65 21.96
C SER D 621 -59.66 27.67 20.43
N LEU D 622 -60.83 27.97 19.88
CA LEU D 622 -61.06 28.05 18.43
C LEU D 622 -61.45 29.50 18.07
N THR D 623 -61.02 30.00 16.89
CA THR D 623 -61.36 31.38 16.52
C THR D 623 -62.34 31.42 15.34
N ALA D 624 -63.12 32.51 15.28
CA ALA D 624 -64.12 32.71 14.25
C ALA D 624 -63.50 33.10 12.92
N ASN D 625 -64.06 32.60 11.82
CA ASN D 625 -63.59 32.89 10.48
C ASN D 625 -64.73 32.89 9.46
N PRO D 626 -64.63 33.68 8.38
CA PRO D 626 -65.68 33.66 7.37
C PRO D 626 -65.44 32.56 6.31
N SER D 627 -66.26 32.51 5.25
CA SER D 627 -66.09 31.50 4.20
C SER D 627 -64.84 31.72 3.32
N HIS D 628 -64.22 32.91 3.41
CA HIS D 628 -63.01 33.22 2.66
C HIS D 628 -61.86 32.42 3.24
N LEU D 629 -61.37 31.44 2.47
CA LEU D 629 -60.28 30.58 2.89
C LEU D 629 -59.02 31.40 3.16
N GLU D 630 -58.24 30.98 4.17
CA GLU D 630 -56.98 31.59 4.59
C GLU D 630 -57.11 33.07 5.02
N ALA D 631 -58.33 33.62 5.10
CA ALA D 631 -58.52 35.00 5.54
C ALA D 631 -58.26 35.16 7.04
N VAL D 632 -58.52 34.10 7.82
CA VAL D 632 -58.33 34.07 9.27
C VAL D 632 -56.83 33.98 9.65
N ASP D 633 -55.96 33.54 8.73
CA ASP D 633 -54.52 33.37 8.99
C ASP D 633 -53.88 34.57 9.72
N PRO D 634 -53.99 35.84 9.27
CA PRO D 634 -53.37 36.95 10.02
C PRO D 634 -54.11 37.31 11.32
N VAL D 635 -55.40 36.98 11.40
CA VAL D 635 -56.23 37.23 12.56
C VAL D 635 -55.81 36.31 13.71
N LEU D 636 -55.51 35.03 13.40
CA LEU D 636 -55.07 34.08 14.41
C LEU D 636 -53.72 34.45 14.97
N GLU D 637 -52.77 34.84 14.10
CA GLU D 637 -51.44 35.24 14.56
C GLU D 637 -51.50 36.57 15.37
N GLY D 638 -52.53 37.39 15.17
CA GLY D 638 -52.73 38.59 15.95
C GLY D 638 -53.29 38.29 17.33
N LEU D 639 -54.17 37.27 17.42
CA LEU D 639 -54.82 36.80 18.65
C LEU D 639 -53.81 36.12 19.58
N VAL D 640 -52.94 35.29 19.00
CA VAL D 640 -51.88 34.58 19.72
C VAL D 640 -50.90 35.60 20.31
N ARG D 641 -50.54 36.64 19.54
CA ARG D 641 -49.64 37.68 20.00
C ARG D 641 -50.27 38.52 21.11
N ALA D 642 -51.59 38.76 21.03
CA ALA D 642 -52.32 39.53 22.04
C ALA D 642 -52.26 38.84 23.39
N LYS D 643 -52.41 37.50 23.40
CA LYS D 643 -52.40 36.69 24.62
C LYS D 643 -50.97 36.55 25.15
N GLN D 644 -49.99 36.38 24.25
CA GLN D 644 -48.59 36.25 24.64
C GLN D 644 -48.11 37.51 25.36
N ASP D 645 -48.38 38.70 24.80
CA ASP D 645 -47.98 39.96 25.39
C ASP D 645 -48.62 40.18 26.76
N LEU D 646 -49.88 39.74 26.92
CA LEU D 646 -50.63 39.84 28.15
C LEU D 646 -49.98 39.07 29.29
N LEU D 647 -49.35 37.94 28.97
CA LEU D 647 -48.75 37.08 30.00
C LEU D 647 -47.33 37.48 30.41
N ASP D 648 -46.80 38.64 29.94
CA ASP D 648 -45.41 39.05 30.21
C ASP D 648 -44.43 37.96 29.68
N THR D 649 -44.79 37.34 28.54
CA THR D 649 -44.05 36.26 27.87
C THR D 649 -44.02 36.50 26.34
N GLY D 650 -43.18 35.78 25.63
CA GLY D 650 -43.06 35.96 24.18
C GLY D 650 -42.15 37.11 23.85
N GLU D 651 -42.41 37.81 22.74
CA GLU D 651 -41.55 38.92 22.32
C GLU D 651 -41.64 40.13 23.28
N GLU D 652 -42.82 40.41 23.87
CA GLU D 652 -42.97 41.54 24.81
C GLU D 652 -43.10 41.06 26.28
N GLY D 653 -42.03 40.44 26.79
CA GLY D 653 -42.00 39.95 28.15
C GLY D 653 -40.61 39.55 28.62
N SER D 654 -40.42 39.51 29.95
CA SER D 654 -39.15 39.15 30.57
C SER D 654 -38.81 37.67 30.33
N ASP D 655 -39.83 36.80 30.31
CA ASP D 655 -39.66 35.37 30.09
C ASP D 655 -40.26 34.98 28.74
N ASN D 656 -39.46 35.08 27.66
CA ASN D 656 -39.87 34.76 26.30
C ASN D 656 -40.08 33.25 26.09
N ARG D 657 -41.22 32.73 26.58
CA ARG D 657 -41.57 31.33 26.52
C ARG D 657 -42.47 31.04 25.31
N PHE D 658 -43.37 31.99 24.98
CA PHE D 658 -44.32 31.85 23.86
C PHE D 658 -45.26 30.71 24.17
N SER D 659 -46.02 30.86 25.25
CA SER D 659 -46.94 29.83 25.71
C SER D 659 -48.29 29.76 24.95
N VAL D 660 -48.44 30.58 23.91
CA VAL D 660 -49.63 30.56 23.08
C VAL D 660 -49.20 30.03 21.72
N VAL D 661 -49.70 28.86 21.32
CA VAL D 661 -49.27 28.22 20.08
C VAL D 661 -50.35 28.24 19.00
N PRO D 662 -50.08 28.85 17.83
CA PRO D 662 -51.10 28.88 16.77
C PRO D 662 -51.17 27.61 15.94
N LEU D 663 -52.25 26.83 16.11
CA LEU D 663 -52.46 25.62 15.32
C LEU D 663 -53.34 25.99 14.13
N MET D 664 -52.73 26.26 12.98
CA MET D 664 -53.44 26.69 11.80
C MET D 664 -53.63 25.58 10.78
N LEU D 665 -54.88 25.24 10.46
CA LEU D 665 -55.16 24.22 9.46
C LEU D 665 -55.56 24.88 8.13
N HIS D 666 -55.19 24.29 6.98
CA HIS D 666 -55.44 24.92 5.68
C HIS D 666 -55.88 23.92 4.60
N GLY D 667 -56.51 24.43 3.54
CA GLY D 667 -56.92 23.60 2.41
C GLY D 667 -55.74 23.26 1.52
N ASP D 668 -55.84 22.19 0.71
CA ASP D 668 -54.73 21.77 -0.13
C ASP D 668 -54.45 22.80 -1.25
N ALA D 669 -55.49 23.31 -1.93
CA ALA D 669 -55.28 24.32 -2.98
C ALA D 669 -55.30 25.75 -2.43
N ALA D 670 -55.85 25.95 -1.23
CA ALA D 670 -55.94 27.26 -0.59
C ALA D 670 -54.58 27.79 -0.21
N PHE D 671 -53.69 26.92 0.28
CA PHE D 671 -52.36 27.33 0.73
C PHE D 671 -51.50 27.87 -0.41
N ALA D 672 -51.60 27.24 -1.57
CA ALA D 672 -50.84 27.68 -2.74
C ALA D 672 -51.56 28.84 -3.43
N GLY D 673 -52.88 28.78 -3.49
CA GLY D 673 -53.69 29.79 -4.14
C GLY D 673 -53.68 31.17 -3.51
N GLN D 674 -54.17 31.29 -2.27
CA GLN D 674 -54.29 32.58 -1.57
C GLN D 674 -52.97 33.28 -1.36
N GLY D 675 -53.00 34.60 -1.49
CA GLY D 675 -51.84 35.47 -1.34
C GLY D 675 -51.61 35.96 0.07
N VAL D 676 -52.65 35.90 0.92
CA VAL D 676 -52.59 36.26 2.33
C VAL D 676 -51.56 35.38 3.05
N VAL D 677 -51.50 34.08 2.68
CA VAL D 677 -50.59 33.07 3.19
C VAL D 677 -49.13 33.60 3.22
N ALA D 678 -48.69 34.29 2.15
CA ALA D 678 -47.34 34.86 2.11
C ALA D 678 -47.18 36.03 3.08
N GLU D 679 -48.15 36.96 3.12
CA GLU D 679 -48.12 38.10 4.01
C GLU D 679 -48.05 37.66 5.47
N THR D 680 -48.79 36.59 5.82
CA THR D 680 -48.87 36.02 7.15
C THR D 680 -47.52 35.39 7.56
N LEU D 681 -46.85 34.71 6.63
CA LEU D 681 -45.53 34.13 6.91
C LEU D 681 -44.47 35.20 7.12
N ASN D 682 -44.60 36.34 6.42
CA ASN D 682 -43.69 37.46 6.55
C ASN D 682 -43.77 38.06 7.96
N LEU D 683 -44.98 38.11 8.54
CA LEU D 683 -45.14 38.67 9.89
C LEU D 683 -44.98 37.61 10.98
N ALA D 684 -44.55 36.38 10.66
CA ALA D 684 -44.40 35.34 11.68
C ALA D 684 -43.14 35.54 12.54
N LEU D 685 -42.19 36.41 12.11
CA LEU D 685 -40.97 36.64 12.88
C LEU D 685 -40.49 38.11 12.84
N LEU D 686 -41.41 39.09 12.92
CA LEU D 686 -41.02 40.51 12.94
C LEU D 686 -40.91 41.03 14.39
N ARG D 687 -40.18 42.14 14.59
CA ARG D 687 -39.94 42.72 15.92
C ARG D 687 -41.20 42.83 16.78
N GLY D 688 -42.28 43.33 16.21
CA GLY D 688 -43.54 43.48 16.95
C GLY D 688 -44.69 42.69 16.40
N TYR D 689 -44.39 41.58 15.73
CA TYR D 689 -45.42 40.72 15.17
C TYR D 689 -45.14 39.24 15.44
N ARG D 690 -43.85 38.87 15.56
CA ARG D 690 -43.40 37.49 15.78
C ARG D 690 -44.17 36.76 16.87
N THR D 691 -44.65 35.58 16.53
CA THR D 691 -45.34 34.73 17.49
C THR D 691 -44.47 33.54 17.94
N GLY D 692 -43.19 33.51 17.53
CA GLY D 692 -42.22 32.48 17.89
C GLY D 692 -42.52 31.11 17.36
N GLY D 693 -42.95 31.02 16.11
CA GLY D 693 -43.27 29.74 15.51
C GLY D 693 -44.75 29.43 15.52
N THR D 694 -45.23 28.77 14.47
CA THR D 694 -46.64 28.43 14.27
C THR D 694 -46.73 27.03 13.68
N ILE D 695 -47.66 26.20 14.17
CA ILE D 695 -47.81 24.85 13.62
C ILE D 695 -48.87 24.88 12.52
N HIS D 696 -48.47 24.59 11.28
CA HIS D 696 -49.39 24.61 10.14
C HIS D 696 -49.69 23.21 9.65
N ILE D 697 -50.96 22.78 9.74
CA ILE D 697 -51.35 21.46 9.26
C ILE D 697 -52.21 21.58 8.03
N VAL D 698 -51.60 21.48 6.85
CA VAL D 698 -52.34 21.54 5.59
C VAL D 698 -52.95 20.18 5.34
N VAL D 699 -54.26 20.13 5.15
CA VAL D 699 -54.94 18.86 4.92
C VAL D 699 -55.12 18.70 3.40
N ASN D 700 -54.12 18.10 2.75
CA ASN D 700 -54.13 17.89 1.31
C ASN D 700 -55.07 16.76 0.90
N ASN D 701 -56.33 17.08 0.59
CA ASN D 701 -57.27 16.06 0.13
C ASN D 701 -57.13 15.76 -1.39
N GLN D 702 -56.08 16.31 -2.04
CA GLN D 702 -55.70 16.14 -3.45
C GLN D 702 -56.81 16.59 -4.38
N ILE D 703 -57.57 17.64 -4.02
CA ILE D 703 -58.66 18.20 -4.83
C ILE D 703 -59.08 19.59 -4.30
N GLY D 704 -59.74 20.36 -5.15
CA GLY D 704 -60.27 21.67 -4.80
C GLY D 704 -61.59 21.87 -5.51
N PHE D 705 -62.67 21.27 -4.96
CA PHE D 705 -64.03 21.27 -5.52
C PHE D 705 -63.98 20.38 -6.79
N THR D 706 -63.56 20.95 -7.92
CA THR D 706 -63.34 20.25 -9.19
C THR D 706 -61.99 20.68 -9.82
N THR D 707 -61.38 21.79 -9.36
CA THR D 707 -60.09 22.27 -9.84
C THR D 707 -59.01 21.27 -9.40
N ALA D 708 -58.29 20.69 -10.36
CA ALA D 708 -57.23 19.72 -10.09
C ALA D 708 -56.08 20.40 -9.36
N PRO D 709 -55.38 19.68 -8.46
CA PRO D 709 -54.26 20.32 -7.74
C PRO D 709 -53.16 20.78 -8.69
N THR D 710 -53.05 20.14 -9.86
CA THR D 710 -52.07 20.47 -10.89
C THR D 710 -52.31 21.88 -11.43
N ASP D 711 -53.58 22.24 -11.62
CA ASP D 711 -53.97 23.55 -12.13
C ASP D 711 -54.06 24.62 -11.02
N SER D 712 -53.88 24.26 -9.75
CA SER D 712 -53.99 25.21 -8.64
C SER D 712 -52.63 25.65 -8.06
N ARG D 713 -51.50 25.11 -8.56
CA ARG D 713 -50.19 25.50 -8.03
C ARG D 713 -49.08 25.27 -9.06
N SER D 714 -48.07 26.14 -9.04
CA SER D 714 -46.92 26.02 -9.94
C SER D 714 -45.71 25.48 -9.17
N SER D 715 -45.94 24.58 -8.20
CA SER D 715 -44.87 24.00 -7.39
C SER D 715 -45.12 22.50 -7.13
N GLU D 716 -44.07 21.76 -6.71
CA GLU D 716 -44.16 20.33 -6.45
C GLU D 716 -45.17 20.07 -5.33
N TYR D 717 -45.03 20.83 -4.25
CA TYR D 717 -45.94 20.74 -3.13
C TYR D 717 -46.71 22.03 -2.96
N CYS D 718 -47.91 21.95 -2.36
CA CYS D 718 -48.72 23.14 -2.10
C CYS D 718 -48.03 24.02 -1.02
N THR D 719 -47.38 23.35 -0.06
CA THR D 719 -46.62 23.90 1.05
C THR D 719 -45.28 24.55 0.63
N ASP D 720 -44.94 24.53 -0.67
CA ASP D 720 -43.70 25.15 -1.14
C ASP D 720 -43.64 26.65 -0.83
N VAL D 721 -44.79 27.29 -0.49
CA VAL D 721 -44.90 28.69 -0.11
C VAL D 721 -44.16 28.96 1.22
N ALA D 722 -44.21 27.99 2.14
CA ALA D 722 -43.56 28.05 3.45
C ALA D 722 -42.05 28.19 3.37
N LYS D 723 -41.44 27.68 2.30
CA LYS D 723 -39.99 27.78 2.11
C LYS D 723 -39.47 29.23 2.15
N MET D 724 -40.36 30.22 2.05
CA MET D 724 -40.00 31.61 2.12
C MET D 724 -39.22 31.95 3.39
N ILE D 725 -39.62 31.36 4.51
CA ILE D 725 -38.97 31.64 5.80
C ILE D 725 -38.11 30.49 6.34
N GLY D 726 -37.78 29.52 5.50
CA GLY D 726 -36.97 28.39 5.93
C GLY D 726 -37.72 27.44 6.84
N ALA D 727 -39.03 27.29 6.57
CA ALA D 727 -39.88 26.41 7.37
C ALA D 727 -39.74 24.96 6.94
N PRO D 728 -39.34 24.08 7.87
CA PRO D 728 -39.24 22.65 7.53
C PRO D 728 -40.59 22.04 7.16
N ILE D 729 -40.64 21.29 6.06
CA ILE D 729 -41.88 20.71 5.57
C ILE D 729 -41.84 19.19 5.68
N PHE D 730 -42.84 18.59 6.36
CA PHE D 730 -42.89 17.14 6.51
C PHE D 730 -44.11 16.59 5.84
N HIS D 731 -43.96 16.14 4.60
CA HIS D 731 -45.07 15.58 3.84
C HIS D 731 -45.37 14.17 4.37
N VAL D 732 -46.40 14.01 5.22
CA VAL D 732 -46.72 12.72 5.84
C VAL D 732 -48.00 12.07 5.25
N ASN D 733 -48.03 10.72 5.17
CA ASN D 733 -49.17 9.98 4.63
C ASN D 733 -50.33 9.94 5.64
N GLY D 734 -51.50 10.41 5.21
CA GLY D 734 -52.71 10.49 6.02
C GLY D 734 -53.42 9.18 6.29
N ASP D 735 -52.79 8.06 5.91
CA ASP D 735 -53.34 6.74 6.17
C ASP D 735 -52.65 6.11 7.39
N ASP D 736 -51.34 6.39 7.60
CA ASP D 736 -50.58 5.89 8.74
C ASP D 736 -50.74 6.84 9.91
N PRO D 737 -51.52 6.45 10.92
CA PRO D 737 -51.77 7.35 12.06
C PRO D 737 -50.54 7.50 12.96
N GLU D 738 -49.82 6.40 13.21
CA GLU D 738 -48.62 6.42 14.04
C GLU D 738 -47.55 7.38 13.46
N ALA D 739 -47.52 7.52 12.13
CA ALA D 739 -46.59 8.43 11.48
C ALA D 739 -47.05 9.86 11.68
N CYS D 740 -48.36 10.12 11.50
CA CYS D 740 -48.95 11.44 11.66
C CYS D 740 -48.72 11.98 13.05
N ALA D 741 -48.79 11.13 14.07
CA ALA D 741 -48.57 11.56 15.45
C ALA D 741 -47.12 11.91 15.68
N TRP D 742 -46.17 11.10 15.15
CA TRP D 742 -44.75 11.36 15.29
C TRP D 742 -44.39 12.68 14.62
N VAL D 743 -44.87 12.89 13.38
CA VAL D 743 -44.62 14.11 12.62
C VAL D 743 -45.16 15.33 13.39
N ALA D 744 -46.39 15.22 13.90
CA ALA D 744 -47.01 16.30 14.64
C ALA D 744 -46.23 16.61 15.92
N ARG D 745 -45.85 15.59 16.69
CA ARG D 745 -45.14 15.81 17.93
C ARG D 745 -43.76 16.38 17.67
N LEU D 746 -43.09 15.94 16.59
CA LEU D 746 -41.77 16.45 16.23
C LEU D 746 -41.82 17.93 15.83
N ALA D 747 -42.91 18.35 15.19
CA ALA D 747 -43.09 19.73 14.80
C ALA D 747 -43.13 20.63 16.04
N VAL D 748 -43.78 20.15 17.12
CA VAL D 748 -43.88 20.86 18.39
C VAL D 748 -42.47 21.05 18.99
N ASP D 749 -41.64 20.01 18.91
CA ASP D 749 -40.28 20.06 19.42
C ASP D 749 -39.47 21.12 18.67
N PHE D 750 -39.60 21.16 17.33
CA PHE D 750 -38.89 22.13 16.50
C PHE D 750 -39.35 23.53 16.84
N ARG D 751 -40.67 23.76 16.91
CA ARG D 751 -41.25 25.07 17.22
C ARG D 751 -40.77 25.56 18.58
N GLN D 752 -40.65 24.66 19.56
CA GLN D 752 -40.18 25.03 20.89
C GLN D 752 -38.67 25.23 20.92
N ALA D 753 -37.93 24.59 20.03
CA ALA D 753 -36.48 24.70 20.01
C ALA D 753 -35.97 25.92 19.24
N PHE D 754 -36.56 26.22 18.07
CA PHE D 754 -36.05 27.31 17.22
C PHE D 754 -37.00 28.50 17.06
N LYS D 755 -38.25 28.37 17.52
CA LYS D 755 -39.27 29.41 17.42
C LYS D 755 -39.49 29.81 15.96
N LYS D 756 -39.67 28.79 15.11
CA LYS D 756 -39.89 28.95 13.67
C LYS D 756 -41.11 28.14 13.23
N ASP D 757 -41.88 28.66 12.27
CA ASP D 757 -43.07 28.00 11.74
C ASP D 757 -42.70 26.63 11.14
N VAL D 758 -43.55 25.63 11.32
CA VAL D 758 -43.33 24.27 10.80
C VAL D 758 -44.57 23.84 10.00
N VAL D 759 -44.39 23.20 8.82
CA VAL D 759 -45.54 22.79 8.01
C VAL D 759 -45.64 21.27 7.83
N ILE D 760 -46.80 20.72 8.16
CA ILE D 760 -47.10 19.30 8.04
C ILE D 760 -48.11 19.07 6.91
N ASP D 761 -47.66 18.52 5.78
CA ASP D 761 -48.56 18.27 4.64
C ASP D 761 -49.21 16.89 4.79
N MET D 762 -50.48 16.84 5.22
CA MET D 762 -51.18 15.57 5.37
C MET D 762 -51.88 15.16 4.08
N LEU D 763 -51.27 14.22 3.36
CA LEU D 763 -51.84 13.72 2.11
C LEU D 763 -52.95 12.72 2.39
N CYS D 764 -54.18 13.10 2.10
CA CYS D 764 -55.34 12.25 2.30
C CYS D 764 -56.26 12.33 1.05
N TYR D 765 -57.51 11.86 1.15
CA TYR D 765 -58.43 11.87 0.02
C TYR D 765 -59.79 12.40 0.45
N ARG D 766 -60.50 13.05 -0.48
CA ARG D 766 -61.85 13.53 -0.19
C ARG D 766 -62.81 12.45 -0.60
N ARG D 767 -63.60 11.95 0.35
CA ARG D 767 -64.51 10.83 0.11
C ARG D 767 -65.67 11.15 -0.83
N ARG D 768 -66.36 12.27 -0.60
CA ARG D 768 -67.51 12.65 -1.42
C ARG D 768 -67.33 14.08 -1.97
N GLY D 769 -68.10 14.44 -2.99
CA GLY D 769 -68.05 15.78 -3.58
C GLY D 769 -68.58 16.87 -2.67
N HIS D 770 -68.44 18.14 -3.09
CA HIS D 770 -68.89 19.30 -2.30
C HIS D 770 -70.43 19.43 -2.27
N ASN D 771 -71.12 18.88 -3.26
CA ASN D 771 -72.58 18.91 -3.31
C ASN D 771 -73.12 17.49 -2.98
N GLU D 772 -74.35 17.39 -2.43
CA GLU D 772 -74.92 16.08 -2.10
C GLU D 772 -75.17 15.24 -3.39
N GLY D 773 -75.59 15.92 -4.44
CA GLY D 773 -75.81 15.31 -5.74
C GLY D 773 -74.65 15.59 -6.67
N ASP D 774 -73.43 15.51 -6.14
CA ASP D 774 -72.22 15.75 -6.90
C ASP D 774 -71.36 14.53 -6.89
N ASP D 775 -71.14 13.97 -8.07
CA ASP D 775 -70.25 12.85 -8.28
C ASP D 775 -69.07 13.43 -9.01
N PRO D 776 -68.02 13.93 -8.32
CA PRO D 776 -66.91 14.58 -9.04
C PRO D 776 -66.12 13.63 -9.95
N SER D 777 -66.61 12.38 -10.16
CA SER D 777 -66.04 11.44 -11.11
C SER D 777 -66.26 11.93 -12.58
N MET D 778 -67.01 13.03 -12.77
CA MET D 778 -67.20 13.67 -14.07
C MET D 778 -65.88 14.34 -14.46
N THR D 779 -65.22 15.02 -13.49
CA THR D 779 -63.96 15.74 -13.65
C THR D 779 -62.72 14.83 -13.43
N GLN D 780 -62.63 14.09 -12.31
CA GLN D 780 -61.48 13.19 -12.08
C GLN D 780 -61.96 11.78 -11.88
N PRO D 781 -62.19 11.05 -12.99
CA PRO D 781 -62.72 9.68 -12.86
C PRO D 781 -61.70 8.72 -12.27
N TYR D 782 -60.43 8.85 -12.67
CA TYR D 782 -59.37 7.99 -12.17
C TYR D 782 -59.19 8.18 -10.67
N MET D 783 -59.19 9.44 -10.19
CA MET D 783 -58.99 9.71 -8.77
C MET D 783 -60.12 9.11 -7.95
N TYR D 784 -61.37 9.33 -8.35
CA TYR D 784 -62.50 8.82 -7.60
C TYR D 784 -62.73 7.33 -7.80
N ASP D 785 -62.13 6.70 -8.82
CA ASP D 785 -62.20 5.24 -8.97
C ASP D 785 -61.38 4.55 -7.89
N VAL D 786 -60.27 5.18 -7.47
CA VAL D 786 -59.40 4.67 -6.43
C VAL D 786 -60.08 4.82 -5.06
N ILE D 787 -60.61 6.03 -4.78
CA ILE D 787 -61.29 6.31 -3.52
C ILE D 787 -62.50 5.38 -3.34
N ASP D 788 -63.16 4.95 -4.43
CA ASP D 788 -64.27 4.00 -4.36
C ASP D 788 -63.87 2.71 -3.67
N THR D 789 -62.66 2.24 -3.94
CA THR D 789 -62.14 0.99 -3.39
C THR D 789 -61.24 1.20 -2.18
N LYS D 790 -61.32 2.35 -1.51
CA LYS D 790 -60.48 2.64 -0.36
C LYS D 790 -61.17 2.22 0.94
N ARG D 791 -60.38 1.99 1.99
CA ARG D 791 -60.91 1.65 3.30
C ARG D 791 -60.69 2.80 4.25
N GLY D 792 -61.60 2.98 5.19
CA GLY D 792 -61.53 4.05 6.18
C GLY D 792 -60.24 4.02 7.00
N SER D 793 -59.59 5.18 7.15
CA SER D 793 -58.32 5.31 7.86
C SER D 793 -58.37 4.88 9.34
N ARG D 794 -59.54 4.51 9.86
CA ARG D 794 -59.68 3.99 11.22
C ARG D 794 -59.77 2.47 11.16
N LYS D 795 -60.59 1.94 10.24
CA LYS D 795 -60.78 0.50 10.09
C LYS D 795 -59.54 -0.17 9.53
N ALA D 796 -58.84 0.50 8.61
CA ALA D 796 -57.63 -0.05 8.01
C ALA D 796 -56.53 -0.16 9.06
N TYR D 797 -56.39 0.86 9.91
CA TYR D 797 -55.41 0.88 10.99
C TYR D 797 -55.71 -0.23 12.03
N THR D 798 -57.00 -0.55 12.21
CA THR D 798 -57.45 -1.59 13.12
C THR D 798 -56.94 -2.94 12.66
N GLU D 799 -57.04 -3.22 11.36
CA GLU D 799 -56.57 -4.49 10.81
C GLU D 799 -55.06 -4.60 10.87
N ALA D 800 -54.36 -3.47 10.68
CA ALA D 800 -52.92 -3.43 10.70
C ALA D 800 -52.37 -3.79 12.07
N LEU D 801 -53.04 -3.37 13.14
CA LEU D 801 -52.61 -3.68 14.50
C LEU D 801 -52.81 -5.19 14.80
N ILE D 802 -53.84 -5.82 14.22
CA ILE D 802 -54.11 -7.24 14.40
C ILE D 802 -53.08 -8.05 13.60
N GLY D 803 -52.86 -7.66 12.35
CA GLY D 803 -51.92 -8.29 11.44
C GLY D 803 -50.49 -8.27 11.92
N ARG D 804 -50.09 -7.15 12.51
CA ARG D 804 -48.73 -7.02 13.05
C ARG D 804 -48.56 -7.67 14.44
N GLY D 805 -49.61 -8.23 15.01
CA GLY D 805 -49.53 -8.85 16.33
C GLY D 805 -49.49 -7.86 17.49
N ASP D 806 -49.81 -6.58 17.22
CA ASP D 806 -49.83 -5.54 18.25
C ASP D 806 -51.02 -5.76 19.17
N ILE D 807 -52.19 -6.12 18.60
CA ILE D 807 -53.40 -6.38 19.38
C ILE D 807 -54.00 -7.76 19.03
N SER D 808 -54.83 -8.29 19.94
CA SER D 808 -55.51 -9.58 19.79
C SER D 808 -56.99 -9.39 19.38
N MET D 809 -57.76 -10.50 19.27
CA MET D 809 -59.17 -10.39 18.97
C MET D 809 -59.97 -9.88 20.19
N LYS D 810 -59.43 -10.05 21.41
CA LYS D 810 -60.06 -9.48 22.61
C LYS D 810 -59.89 -7.96 22.56
N GLU D 811 -58.68 -7.48 22.18
CA GLU D 811 -58.41 -6.06 22.02
C GLU D 811 -59.21 -5.48 20.84
N ALA D 812 -59.48 -6.30 19.79
CA ALA D 812 -60.31 -5.94 18.64
C ALA D 812 -61.78 -5.75 19.07
N GLU D 813 -62.21 -6.47 20.10
CA GLU D 813 -63.54 -6.33 20.65
C GLU D 813 -63.61 -5.11 21.55
N ASP D 814 -62.54 -4.80 22.31
CA ASP D 814 -62.46 -3.60 23.15
C ASP D 814 -62.57 -2.34 22.29
N ALA D 815 -61.98 -2.37 21.08
CA ALA D 815 -62.01 -1.25 20.14
C ALA D 815 -63.33 -1.18 19.39
N LEU D 816 -63.89 -2.33 19.00
CA LEU D 816 -65.14 -2.35 18.27
C LEU D 816 -66.32 -1.99 19.15
N ARG D 817 -66.28 -2.37 20.43
CA ARG D 817 -67.32 -1.99 21.38
C ARG D 817 -67.22 -0.48 21.65
N ASP D 818 -66.01 0.08 21.70
CA ASP D 818 -65.80 1.52 21.91
C ASP D 818 -66.35 2.31 20.70
N TYR D 819 -66.25 1.76 19.48
CA TYR D 819 -66.76 2.42 18.28
C TYR D 819 -68.29 2.54 18.37
N GLN D 820 -68.98 1.45 18.71
CA GLN D 820 -70.44 1.49 18.84
C GLN D 820 -70.88 2.30 20.04
N GLY D 821 -70.11 2.23 21.12
CA GLY D 821 -70.36 2.95 22.36
C GLY D 821 -70.28 4.45 22.22
N GLN D 822 -69.47 4.93 21.26
CA GLN D 822 -69.33 6.35 20.98
C GLN D 822 -70.29 6.79 19.85
N LEU D 823 -70.71 5.86 18.97
CA LEU D 823 -71.63 6.12 17.88
C LEU D 823 -73.06 6.25 18.42
N GLU D 824 -73.44 5.36 19.33
CA GLU D 824 -74.74 5.39 20.00
C GLU D 824 -74.83 6.62 20.91
N ARG D 825 -73.72 6.95 21.59
CA ARG D 825 -73.54 8.07 22.50
C ARG D 825 -74.04 9.40 21.93
N VAL D 826 -73.68 9.74 20.67
CA VAL D 826 -74.08 11.00 20.07
C VAL D 826 -75.49 10.89 19.43
N PHE D 827 -75.85 9.72 18.88
CA PHE D 827 -77.16 9.55 18.25
C PHE D 827 -78.29 9.63 19.25
N ASN D 828 -78.09 9.10 20.45
CA ASN D 828 -79.12 9.11 21.47
C ASN D 828 -79.15 10.44 22.22
N GLU D 829 -77.99 11.09 22.42
CA GLU D 829 -77.95 12.39 23.09
C GLU D 829 -78.65 13.47 22.25
N VAL D 830 -78.53 13.37 20.91
CA VAL D 830 -79.14 14.31 19.98
C VAL D 830 -80.65 14.04 19.88
N ARG D 831 -81.05 12.76 19.79
CA ARG D 831 -82.47 12.41 19.70
C ARG D 831 -83.24 12.86 20.95
N GLU D 832 -82.56 12.88 22.12
CA GLU D 832 -83.17 13.32 23.39
C GLU D 832 -83.21 14.84 23.47
N LEU D 833 -82.14 15.51 23.05
CA LEU D 833 -82.07 16.98 23.06
C LEU D 833 -82.97 17.63 21.99
N GLU D 834 -83.38 16.86 20.96
CA GLU D 834 -84.27 17.36 19.91
C GLU D 834 -85.70 17.48 20.42
N LYS D 835 -86.14 16.51 21.24
CA LYS D 835 -87.48 16.50 21.82
C LYS D 835 -87.67 17.67 22.81
N HIS D 836 -86.59 18.10 23.46
CA HIS D 836 -86.61 19.22 24.40
C HIS D 836 -86.32 20.54 23.63
N GLU D 837 -87.16 20.86 22.64
CA GLU D 837 -87.00 22.07 21.83
C GLU D 837 -88.35 22.54 21.28
N LEU D 854 -69.11 59.27 30.91
CA LEU D 854 -67.66 59.09 30.86
C LEU D 854 -66.91 60.41 30.63
N ALA D 855 -65.80 60.67 31.39
CA ALA D 855 -64.99 61.90 31.31
C ALA D 855 -63.85 61.78 30.32
N THR D 856 -63.98 62.45 29.19
CA THR D 856 -63.01 62.40 28.11
C THR D 856 -61.88 63.42 28.21
N ALA D 857 -61.73 64.10 29.36
CA ALA D 857 -60.70 65.13 29.48
C ALA D 857 -59.78 64.92 30.69
N VAL D 858 -58.56 65.48 30.61
CA VAL D 858 -57.58 65.42 31.67
C VAL D 858 -57.15 66.83 32.09
N ASP D 859 -56.60 66.97 33.31
CA ASP D 859 -56.13 68.25 33.82
C ASP D 859 -54.85 68.70 33.08
N LYS D 860 -54.48 69.99 33.19
CA LYS D 860 -53.31 70.51 32.50
C LYS D 860 -52.00 69.97 33.07
N ALA D 861 -51.99 69.50 34.33
CA ALA D 861 -50.77 68.92 34.90
C ALA D 861 -50.39 67.58 34.23
N MET D 862 -51.39 66.83 33.75
CA MET D 862 -51.18 65.58 33.01
C MET D 862 -50.53 65.90 31.65
N LEU D 863 -51.03 66.96 30.98
CA LEU D 863 -50.51 67.43 29.71
C LEU D 863 -49.06 67.89 29.85
N GLN D 864 -48.75 68.57 30.97
CA GLN D 864 -47.40 69.03 31.28
C GLN D 864 -46.43 67.89 31.59
N ARG D 865 -46.94 66.71 31.98
CA ARG D 865 -46.10 65.54 32.21
C ARG D 865 -45.69 64.96 30.85
N ILE D 866 -46.65 64.90 29.89
CA ILE D 866 -46.41 64.42 28.52
C ILE D 866 -45.50 65.40 27.74
N GLY D 867 -45.70 66.70 27.96
CA GLY D 867 -44.89 67.75 27.33
C GLY D 867 -43.44 67.78 27.81
N ASP D 868 -43.19 67.26 29.02
CA ASP D 868 -41.86 67.18 29.58
C ASP D 868 -41.17 65.86 29.23
N ALA D 869 -41.94 64.80 28.94
CA ALA D 869 -41.42 63.50 28.54
C ALA D 869 -40.66 63.58 27.21
N HIS D 870 -41.01 64.53 26.34
CA HIS D 870 -40.30 64.74 25.08
C HIS D 870 -38.89 65.31 25.32
N LEU D 871 -38.64 65.93 26.49
CA LEU D 871 -37.31 66.44 26.81
C LEU D 871 -36.67 65.68 28.01
N ALA D 872 -37.21 64.49 28.36
CA ALA D 872 -36.68 63.62 29.41
C ALA D 872 -35.78 62.56 28.78
N LEU D 873 -34.87 63.04 27.90
CA LEU D 873 -33.92 62.25 27.14
C LEU D 873 -32.92 61.55 28.04
N PRO D 874 -32.51 60.32 27.71
CA PRO D 874 -31.52 59.62 28.54
C PRO D 874 -30.16 60.33 28.59
N GLU D 875 -29.36 60.03 29.62
CA GLU D 875 -28.07 60.68 29.78
C GLU D 875 -27.15 60.37 28.62
N GLY D 876 -26.85 61.38 27.82
CA GLY D 876 -25.97 61.21 26.68
C GLY D 876 -26.68 60.83 25.40
N PHE D 877 -27.97 61.15 25.29
CA PHE D 877 -28.73 60.85 24.09
C PHE D 877 -28.63 62.00 23.11
N THR D 878 -27.80 61.86 22.08
CA THR D 878 -27.61 62.87 21.05
C THR D 878 -28.81 62.86 20.08
N VAL D 879 -29.79 63.75 20.26
CA VAL D 879 -30.99 63.79 19.41
C VAL D 879 -30.68 64.46 18.07
N HIS D 880 -31.28 63.94 16.97
CA HIS D 880 -31.12 64.47 15.62
C HIS D 880 -31.56 65.93 15.57
N PRO D 881 -30.78 66.82 14.95
CA PRO D 881 -31.13 68.25 14.96
C PRO D 881 -32.43 68.59 14.26
N ARG D 882 -32.95 67.75 13.36
CA ARG D 882 -34.24 68.02 12.73
C ARG D 882 -35.41 67.66 13.68
N VAL D 883 -35.18 66.76 14.65
CA VAL D 883 -36.19 66.33 15.64
C VAL D 883 -36.07 67.15 16.95
N ARG D 884 -34.84 67.58 17.29
CA ARG D 884 -34.50 68.36 18.48
C ARG D 884 -35.49 69.51 18.79
N PRO D 885 -35.87 70.40 17.83
CA PRO D 885 -36.79 71.49 18.18
C PRO D 885 -38.23 71.03 18.36
N VAL D 886 -38.61 69.88 17.80
CA VAL D 886 -39.97 69.34 17.95
C VAL D 886 -40.25 68.97 19.43
N LEU D 887 -39.23 68.51 20.13
CA LEU D 887 -39.31 68.16 21.54
C LEU D 887 -39.55 69.42 22.39
N GLU D 888 -38.82 70.51 22.07
CA GLU D 888 -38.93 71.79 22.76
C GLU D 888 -40.24 72.51 22.44
N LYS D 889 -40.76 72.32 21.22
CA LYS D 889 -42.02 72.91 20.80
C LYS D 889 -43.18 72.23 21.54
N ARG D 890 -43.09 70.91 21.77
CA ARG D 890 -44.11 70.17 22.51
C ARG D 890 -44.09 70.52 24.02
N ARG D 891 -42.94 70.96 24.55
CA ARG D 891 -42.84 71.43 25.93
C ARG D 891 -43.56 72.78 26.06
N GLU D 892 -43.46 73.63 25.03
CA GLU D 892 -44.11 74.93 24.95
C GLU D 892 -45.62 74.78 24.75
N MET D 893 -46.02 73.84 23.89
CA MET D 893 -47.43 73.58 23.57
C MET D 893 -48.22 73.08 24.77
N ALA D 894 -47.63 72.19 25.58
CA ALA D 894 -48.29 71.63 26.76
C ALA D 894 -48.39 72.63 27.93
N TYR D 895 -47.56 73.68 27.92
CA TYR D 895 -47.57 74.68 28.97
C TYR D 895 -48.23 76.00 28.51
N GLU D 896 -48.54 76.18 27.21
CA GLU D 896 -49.16 77.42 26.73
C GLU D 896 -50.40 77.19 25.85
N GLY D 897 -50.28 76.39 24.80
CA GLY D 897 -51.39 76.13 23.89
C GLY D 897 -50.98 76.02 22.45
N ARG D 898 -51.95 76.16 21.53
CA ARG D 898 -51.75 76.04 20.08
C ARG D 898 -51.19 74.67 19.75
N ILE D 899 -51.78 73.63 20.36
CA ILE D 899 -51.36 72.25 20.20
C ILE D 899 -51.79 71.71 18.84
N ASP D 900 -50.82 71.36 17.98
CA ASP D 900 -51.11 70.83 16.65
C ASP D 900 -51.65 69.39 16.73
N TRP D 901 -52.19 68.89 15.62
CA TRP D 901 -52.75 67.53 15.55
C TRP D 901 -51.75 66.47 15.97
N ALA D 902 -50.48 66.65 15.58
CA ALA D 902 -49.39 65.73 15.87
C ALA D 902 -49.18 65.51 17.38
N PHE D 903 -49.17 66.59 18.18
CA PHE D 903 -48.97 66.45 19.62
C PHE D 903 -50.28 66.00 20.30
N ALA D 904 -51.44 66.43 19.79
CA ALA D 904 -52.76 66.05 20.31
C ALA D 904 -52.97 64.54 20.26
N GLU D 905 -52.46 63.91 19.19
CA GLU D 905 -52.54 62.47 18.95
C GLU D 905 -51.78 61.71 20.04
N LEU D 906 -50.59 62.22 20.41
CA LEU D 906 -49.73 61.60 21.43
C LEU D 906 -50.22 61.91 22.84
N LEU D 907 -50.91 63.04 23.04
CA LEU D 907 -51.46 63.40 24.35
C LEU D 907 -52.64 62.50 24.70
N ALA D 908 -53.45 62.11 23.68
CA ALA D 908 -54.61 61.23 23.86
C ALA D 908 -54.17 59.84 24.28
N LEU D 909 -53.07 59.35 23.69
CA LEU D 909 -52.54 58.04 24.05
C LEU D 909 -51.65 58.10 25.31
N GLY D 910 -50.94 59.20 25.49
CA GLY D 910 -50.07 59.42 26.65
C GLY D 910 -50.82 59.44 27.96
N SER D 911 -52.06 59.95 27.93
CA SER D 911 -52.90 59.97 29.12
C SER D 911 -53.43 58.58 29.45
N LEU D 912 -53.75 57.77 28.41
CA LEU D 912 -54.26 56.41 28.53
C LEU D 912 -53.18 55.45 29.06
N ILE D 913 -51.90 55.67 28.70
CA ILE D 913 -50.80 54.85 29.17
C ILE D 913 -50.55 55.14 30.65
N ALA D 914 -50.54 56.43 31.03
CA ALA D 914 -50.38 56.84 32.42
C ALA D 914 -51.57 56.39 33.30
N GLU D 915 -52.77 56.24 32.70
CA GLU D 915 -53.94 55.74 33.41
C GLU D 915 -53.79 54.24 33.71
N GLY D 916 -53.16 53.51 32.81
CA GLY D 916 -52.92 52.09 32.99
C GLY D 916 -53.43 51.21 31.86
N LYS D 917 -53.64 51.81 30.68
CA LYS D 917 -54.15 51.05 29.54
C LYS D 917 -53.06 50.76 28.52
N LEU D 918 -53.13 49.59 27.88
CA LEU D 918 -52.18 49.19 26.84
C LEU D 918 -52.53 49.87 25.53
N VAL D 919 -51.54 50.46 24.87
CA VAL D 919 -51.73 51.13 23.58
C VAL D 919 -50.85 50.46 22.53
N ARG D 920 -51.44 49.92 21.45
CA ARG D 920 -50.66 49.28 20.39
C ARG D 920 -50.83 50.02 19.07
N LEU D 921 -49.98 51.02 18.84
CA LEU D 921 -50.04 51.81 17.61
C LEU D 921 -48.97 51.33 16.66
N SER D 922 -49.38 50.72 15.55
CA SER D 922 -48.43 50.22 14.57
C SER D 922 -49.00 50.29 13.18
N GLY D 923 -48.20 50.77 12.25
CA GLY D 923 -48.58 50.86 10.86
C GLY D 923 -47.38 51.11 9.97
N GLN D 924 -47.63 51.33 8.68
CA GLN D 924 -46.56 51.57 7.73
C GLN D 924 -45.89 52.91 8.02
N ASP D 925 -44.60 52.86 8.45
CA ASP D 925 -43.76 54.01 8.80
C ASP D 925 -44.40 54.88 9.89
N THR D 926 -45.13 54.24 10.81
CA THR D 926 -45.85 54.91 11.89
C THR D 926 -44.89 55.35 13.03
N GLN D 927 -43.75 54.66 13.24
CA GLN D 927 -42.78 55.02 14.28
C GLN D 927 -42.32 56.48 14.16
N ARG D 928 -41.86 56.89 12.98
CA ARG D 928 -41.47 58.27 12.75
C ARG D 928 -42.69 59.11 12.38
N GLY D 929 -43.58 58.53 11.59
CA GLY D 929 -44.77 59.20 11.12
C GLY D 929 -44.69 59.33 9.63
N THR D 930 -45.76 58.96 8.92
CA THR D 930 -45.84 59.00 7.46
C THR D 930 -45.42 60.38 6.91
N PHE D 931 -45.88 61.44 7.55
CA PHE D 931 -45.64 62.81 7.11
C PHE D 931 -44.74 63.56 8.10
N THR D 932 -43.82 62.85 8.78
CA THR D 932 -42.88 63.38 9.77
C THR D 932 -43.65 64.15 10.87
N GLN D 933 -44.62 63.47 11.50
CA GLN D 933 -45.44 64.13 12.51
C GLN D 933 -45.49 63.39 13.86
N ARG D 934 -45.44 62.03 13.87
CA ARG D 934 -45.58 61.28 15.10
C ARG D 934 -44.35 61.38 16.03
N HIS D 935 -43.18 60.86 15.61
CA HIS D 935 -41.94 60.83 16.37
C HIS D 935 -42.14 60.13 17.72
N ALA D 936 -42.90 59.03 17.72
CA ALA D 936 -43.13 58.21 18.91
C ALA D 936 -41.83 57.51 19.37
N VAL D 937 -40.90 57.29 18.42
CA VAL D 937 -39.58 56.71 18.63
C VAL D 937 -38.57 57.64 17.96
N ILE D 938 -37.63 58.18 18.74
CA ILE D 938 -36.59 59.04 18.17
C ILE D 938 -35.25 58.32 18.28
N VAL D 939 -34.42 58.40 17.23
CA VAL D 939 -33.16 57.68 17.22
C VAL D 939 -31.96 58.63 17.30
N ASP D 940 -31.03 58.27 18.17
CA ASP D 940 -29.78 58.96 18.43
C ASP D 940 -28.97 59.06 17.13
N ARG D 941 -28.41 60.22 16.87
CA ARG D 941 -27.65 60.46 15.64
C ARG D 941 -26.28 59.77 15.70
N LYS D 942 -25.64 59.75 16.87
CA LYS D 942 -24.32 59.14 17.01
C LYS D 942 -24.35 57.64 17.28
N THR D 943 -25.22 57.20 18.21
CA THR D 943 -25.24 55.82 18.64
C THR D 943 -26.24 54.96 17.85
N GLY D 944 -27.46 55.43 17.73
CA GLY D 944 -28.52 54.67 17.06
C GLY D 944 -29.49 54.01 18.03
N GLU D 945 -29.53 54.49 19.27
CA GLU D 945 -30.45 53.95 20.26
C GLU D 945 -31.85 54.51 20.07
N GLU D 946 -32.86 53.76 20.47
CA GLU D 946 -34.24 54.20 20.33
C GLU D 946 -34.76 54.79 21.63
N PHE D 947 -35.55 55.86 21.55
CA PHE D 947 -36.12 56.49 22.74
C PHE D 947 -37.61 56.69 22.56
N THR D 948 -38.40 56.23 23.54
CA THR D 948 -39.85 56.39 23.49
C THR D 948 -40.31 57.28 24.64
N PRO D 949 -40.87 58.46 24.33
CA PRO D 949 -41.32 59.34 25.41
C PRO D 949 -42.65 58.89 26.03
N LEU D 950 -43.48 58.15 25.28
CA LEU D 950 -44.77 57.69 25.81
C LEU D 950 -44.63 56.53 26.80
N GLN D 951 -43.49 55.81 26.78
CA GLN D 951 -43.26 54.73 27.75
C GLN D 951 -42.88 55.30 29.15
N LEU D 952 -42.42 56.56 29.22
CA LEU D 952 -42.09 57.22 30.48
C LEU D 952 -43.35 57.44 31.34
N LEU D 953 -44.52 57.61 30.69
CA LEU D 953 -45.82 57.79 31.34
C LEU D 953 -46.32 56.52 32.01
N ALA D 954 -45.83 55.34 31.60
CA ALA D 954 -46.22 54.07 32.21
C ALA D 954 -45.65 53.87 33.63
N THR D 955 -44.95 54.88 34.17
CA THR D 955 -44.39 54.86 35.52
C THR D 955 -44.75 56.15 36.22
N ASN D 956 -45.61 56.07 37.25
CA ASN D 956 -46.06 57.21 38.03
C ASN D 956 -44.87 57.89 38.74
N PRO D 957 -44.96 59.19 39.05
CA PRO D 957 -43.84 59.89 39.68
C PRO D 957 -43.32 59.23 40.95
N ASP D 958 -44.18 58.52 41.67
CA ASP D 958 -43.80 57.83 42.90
C ASP D 958 -43.10 56.47 42.66
N GLY D 959 -42.68 56.20 41.43
CA GLY D 959 -41.99 54.97 41.06
C GLY D 959 -42.89 53.81 40.71
N THR D 960 -44.16 53.84 41.14
CA THR D 960 -45.09 52.76 40.87
C THR D 960 -45.46 52.67 39.42
N PRO D 961 -45.40 51.46 38.85
CA PRO D 961 -45.80 51.31 37.45
C PRO D 961 -47.31 51.44 37.31
N THR D 962 -47.76 52.12 36.28
CA THR D 962 -49.18 52.34 36.04
C THR D 962 -49.88 51.09 35.50
N GLY D 963 -49.14 50.20 34.86
CA GLY D 963 -49.70 49.01 34.25
C GLY D 963 -49.93 49.16 32.76
N GLY D 964 -49.77 50.38 32.24
CA GLY D 964 -49.93 50.68 30.83
C GLY D 964 -48.66 50.41 30.06
N LYS D 965 -48.76 50.39 28.73
CA LYS D 965 -47.60 50.13 27.88
C LYS D 965 -47.81 50.69 26.50
N PHE D 966 -46.73 51.13 25.87
CA PHE D 966 -46.79 51.67 24.52
C PHE D 966 -46.05 50.74 23.56
N LEU D 967 -46.80 50.17 22.61
CA LEU D 967 -46.26 49.28 21.59
C LEU D 967 -46.28 49.97 20.23
N VAL D 968 -45.13 50.47 19.76
CA VAL D 968 -45.07 51.15 18.47
C VAL D 968 -44.08 50.45 17.54
N TYR D 969 -44.60 49.92 16.43
CA TYR D 969 -43.77 49.18 15.47
C TYR D 969 -44.00 49.66 14.03
N ASN D 970 -43.07 49.35 13.13
CA ASN D 970 -43.21 49.67 11.71
C ASN D 970 -43.57 48.40 10.96
N SER D 971 -44.80 48.29 10.48
CA SER D 971 -45.25 47.09 9.78
C SER D 971 -44.58 46.94 8.42
N ALA D 972 -44.60 45.71 7.89
CA ALA D 972 -44.06 45.36 6.58
C ALA D 972 -44.89 46.07 5.46
N LEU D 973 -44.54 45.92 4.16
CA LEU D 973 -45.31 46.54 3.09
C LEU D 973 -46.56 45.71 2.78
N SER D 974 -47.29 45.32 3.85
CA SER D 974 -48.49 44.50 3.82
C SER D 974 -49.74 45.30 4.19
N GLU D 975 -50.89 44.89 3.67
CA GLU D 975 -52.15 45.54 3.96
C GLU D 975 -53.12 44.56 4.56
N PHE D 976 -53.37 43.44 3.86
CA PHE D 976 -54.32 42.42 4.31
C PHE D 976 -53.97 41.89 5.70
N ALA D 977 -52.71 41.51 5.90
CA ALA D 977 -52.27 40.96 7.18
C ALA D 977 -52.02 42.05 8.23
N ALA D 978 -51.62 43.27 7.81
CA ALA D 978 -51.38 44.35 8.76
C ALA D 978 -52.66 44.73 9.49
N VAL D 979 -53.78 44.80 8.75
CA VAL D 979 -55.09 45.12 9.28
C VAL D 979 -55.68 43.90 10.03
N GLY D 980 -55.47 42.69 9.50
CA GLY D 980 -55.96 41.47 10.13
C GLY D 980 -55.27 41.12 11.44
N PHE D 981 -54.02 41.58 11.61
CA PHE D 981 -53.25 41.33 12.82
C PHE D 981 -53.73 42.23 13.95
N GLU D 982 -53.89 43.55 13.67
CA GLU D 982 -54.36 44.48 14.69
C GLU D 982 -55.78 44.16 15.12
N TYR D 983 -56.62 43.67 14.19
CA TYR D 983 -58.00 43.28 14.49
C TYR D 983 -57.98 42.09 15.46
N GLY D 984 -57.14 41.10 15.18
CA GLY D 984 -56.98 39.92 16.02
C GLY D 984 -56.44 40.25 17.40
N TYR D 985 -55.66 41.33 17.51
CA TYR D 985 -55.12 41.80 18.76
C TYR D 985 -56.25 42.37 19.62
N SER D 986 -57.17 43.16 19.03
CA SER D 986 -58.31 43.72 19.77
C SER D 986 -59.34 42.65 20.20
N VAL D 987 -59.26 41.43 19.62
CA VAL D 987 -60.12 40.30 19.96
C VAL D 987 -59.45 39.49 21.09
N GLY D 988 -58.14 39.28 20.99
CA GLY D 988 -57.36 38.57 22.01
C GLY D 988 -57.22 39.36 23.30
N ASN D 989 -57.18 40.69 23.20
CA ASN D 989 -57.08 41.59 24.35
C ASN D 989 -57.99 42.80 24.13
N PRO D 990 -59.23 42.73 24.63
CA PRO D 990 -60.17 43.85 24.42
C PRO D 990 -59.75 45.12 25.16
N ASP D 991 -59.08 44.98 26.30
CA ASP D 991 -58.63 46.08 27.15
C ASP D 991 -57.34 46.67 26.60
N ALA D 992 -57.33 46.93 25.30
CA ALA D 992 -56.18 47.48 24.64
C ALA D 992 -56.60 48.39 23.49
N MET D 993 -56.01 49.58 23.48
CA MET D 993 -56.20 50.61 22.47
C MET D 993 -55.41 50.20 21.24
N VAL D 994 -55.99 49.38 20.35
CA VAL D 994 -55.25 48.92 19.16
C VAL D 994 -55.48 49.89 18.00
N LEU D 995 -54.41 50.52 17.50
CA LEU D 995 -54.53 51.49 16.40
C LEU D 995 -53.66 51.10 15.21
N TRP D 996 -54.25 51.11 14.00
CA TRP D 996 -53.52 50.83 12.76
C TRP D 996 -53.53 52.05 11.84
N GLU D 997 -52.35 52.59 11.53
CA GLU D 997 -52.26 53.75 10.65
C GLU D 997 -51.75 53.36 9.27
N ALA D 998 -52.54 53.65 8.22
CA ALA D 998 -52.11 53.43 6.84
C ALA D 998 -51.15 54.56 6.42
N GLN D 999 -50.37 54.35 5.35
CA GLN D 999 -49.50 55.42 4.83
C GLN D 999 -50.41 56.51 4.25
N PHE D 1000 -51.38 56.09 3.42
CA PHE D 1000 -52.45 56.89 2.85
C PHE D 1000 -53.72 56.06 2.91
N GLY D 1001 -54.85 56.70 3.16
CA GLY D 1001 -56.12 56.00 3.29
C GLY D 1001 -56.50 55.18 2.07
N ASP D 1002 -56.08 55.65 0.89
CA ASP D 1002 -56.34 55.07 -0.42
C ASP D 1002 -55.83 53.63 -0.58
N PHE D 1003 -54.83 53.24 0.21
CA PHE D 1003 -54.26 51.90 0.12
C PHE D 1003 -55.04 50.84 0.93
N VAL D 1004 -56.14 51.22 1.57
CA VAL D 1004 -56.91 50.30 2.39
C VAL D 1004 -57.64 49.21 1.56
N ASN D 1005 -57.87 49.45 0.27
CA ASN D 1005 -58.56 48.50 -0.59
C ASN D 1005 -57.87 47.13 -0.70
N GLY D 1006 -56.60 47.04 -0.29
CA GLY D 1006 -55.88 45.78 -0.28
C GLY D 1006 -56.42 44.87 0.80
N ALA D 1007 -56.74 45.45 1.96
CA ALA D 1007 -57.29 44.71 3.09
C ALA D 1007 -58.82 44.78 3.12
N GLN D 1008 -59.47 44.93 1.96
CA GLN D 1008 -60.92 45.06 1.91
C GLN D 1008 -61.63 43.84 2.51
N SER D 1009 -61.02 42.66 2.44
CA SER D 1009 -61.64 41.45 3.01
C SER D 1009 -61.70 41.52 4.53
N ILE D 1010 -60.67 42.12 5.16
CA ILE D 1010 -60.64 42.26 6.61
C ILE D 1010 -61.74 43.26 7.05
N ILE D 1011 -61.95 44.33 6.28
CA ILE D 1011 -62.99 45.32 6.61
C ILE D 1011 -64.40 44.72 6.40
N ASP D 1012 -64.64 44.11 5.23
CA ASP D 1012 -65.94 43.55 4.86
C ASP D 1012 -66.36 42.35 5.70
N GLU D 1013 -65.40 41.46 6.03
CA GLU D 1013 -65.74 40.23 6.70
C GLU D 1013 -65.44 40.18 8.19
N PHE D 1014 -64.41 40.89 8.66
CA PHE D 1014 -64.05 40.79 10.07
C PHE D 1014 -64.38 42.02 10.92
N ILE D 1015 -64.19 43.24 10.40
CA ILE D 1015 -64.40 44.45 11.19
C ILE D 1015 -65.90 44.86 11.21
N SER D 1016 -66.52 45.13 10.05
CA SER D 1016 -67.91 45.59 9.93
C SER D 1016 -68.92 44.53 10.37
N SER D 1017 -68.77 43.31 9.86
CA SER D 1017 -69.70 42.23 10.21
C SER D 1017 -69.15 41.29 11.29
N GLY D 1018 -68.09 41.69 12.00
CA GLY D 1018 -67.52 40.86 13.06
C GLY D 1018 -68.39 40.87 14.29
N GLU D 1019 -68.66 42.08 14.81
CA GLU D 1019 -69.51 42.28 15.97
C GLU D 1019 -70.97 41.77 15.74
N ALA D 1020 -71.30 41.33 14.50
CA ALA D 1020 -72.65 40.89 14.21
C ALA D 1020 -72.76 39.40 13.75
N LYS D 1021 -72.03 38.96 12.70
CA LYS D 1021 -72.13 37.60 12.17
C LYS D 1021 -71.87 36.54 13.23
N TRP D 1022 -70.89 36.78 14.08
CA TRP D 1022 -70.50 35.82 15.10
C TRP D 1022 -70.56 36.46 16.48
N GLY D 1023 -70.07 37.69 16.58
CA GLY D 1023 -70.05 38.43 17.84
C GLY D 1023 -68.66 38.82 18.30
N GLN D 1024 -67.63 38.65 17.44
CA GLN D 1024 -66.25 39.01 17.79
C GLN D 1024 -66.13 40.53 17.83
N LEU D 1025 -66.23 41.06 19.03
CA LEU D 1025 -66.19 42.49 19.33
C LEU D 1025 -64.86 43.11 18.94
N SER D 1026 -64.90 44.05 17.99
CA SER D 1026 -63.69 44.69 17.52
C SER D 1026 -63.47 46.06 18.18
N ASP D 1027 -62.36 46.22 18.90
CA ASP D 1027 -62.02 47.50 19.53
C ASP D 1027 -60.80 48.08 18.82
N VAL D 1028 -60.83 48.08 17.48
CA VAL D 1028 -59.71 48.58 16.70
C VAL D 1028 -59.99 50.00 16.20
N VAL D 1029 -58.93 50.79 16.07
CA VAL D 1029 -58.99 52.14 15.56
C VAL D 1029 -58.20 52.18 14.28
N LEU D 1030 -58.82 52.60 13.16
CA LEU D 1030 -58.13 52.62 11.88
C LEU D 1030 -57.86 54.04 11.39
N LEU D 1031 -56.67 54.59 11.71
CA LEU D 1031 -56.30 55.93 11.24
C LEU D 1031 -56.00 55.90 9.74
N LEU D 1032 -56.77 56.64 8.95
CA LEU D 1032 -56.59 56.68 7.50
C LEU D 1032 -56.33 58.09 7.02
N PRO D 1033 -55.09 58.41 6.63
CA PRO D 1033 -54.81 59.76 6.13
C PRO D 1033 -55.65 60.12 4.91
N HIS D 1034 -56.58 61.03 5.12
CA HIS D 1034 -57.53 61.51 4.12
C HIS D 1034 -57.41 63.02 4.02
N GLY D 1035 -57.26 63.52 2.81
CA GLY D 1035 -57.15 64.95 2.58
C GLY D 1035 -57.09 65.28 1.11
N HIS D 1036 -57.93 66.21 0.65
CA HIS D 1036 -57.92 66.57 -0.77
C HIS D 1036 -56.86 67.63 -1.05
N GLU D 1037 -55.69 67.17 -1.50
CA GLU D 1037 -54.56 68.04 -1.85
C GLU D 1037 -54.17 67.92 -3.34
N GLY D 1038 -54.61 66.86 -4.01
CA GLY D 1038 -54.35 66.64 -5.43
C GLY D 1038 -53.09 65.88 -5.75
N GLN D 1039 -52.54 65.16 -4.76
CA GLN D 1039 -51.33 64.38 -4.98
C GLN D 1039 -51.62 63.06 -5.74
N GLY D 1040 -52.70 63.01 -6.49
CA GLY D 1040 -53.09 61.83 -7.25
C GLY D 1040 -54.30 61.14 -6.68
N PRO D 1041 -54.90 60.21 -7.43
CA PRO D 1041 -56.09 59.50 -6.92
C PRO D 1041 -55.74 58.51 -5.79
N ASP D 1042 -54.49 58.05 -5.76
CA ASP D 1042 -54.06 57.14 -4.71
C ASP D 1042 -53.34 57.86 -3.57
N HIS D 1043 -53.44 59.19 -3.47
CA HIS D 1043 -52.81 59.94 -2.40
C HIS D 1043 -53.73 61.10 -1.96
N THR D 1044 -55.04 60.86 -1.89
CA THR D 1044 -55.99 61.90 -1.52
C THR D 1044 -57.18 61.33 -0.68
N SER D 1045 -58.13 60.59 -1.29
CA SER D 1045 -59.34 60.12 -0.59
C SER D 1045 -59.26 58.68 -0.12
N GLY D 1046 -59.48 58.49 1.18
CA GLY D 1046 -59.54 57.17 1.80
C GLY D 1046 -60.87 56.47 1.64
N ARG D 1047 -61.69 56.91 0.67
CA ARG D 1047 -63.00 56.37 0.30
C ARG D 1047 -63.94 56.20 1.50
N ILE D 1048 -64.51 57.32 2.00
CA ILE D 1048 -65.43 57.28 3.16
C ILE D 1048 -66.78 56.66 2.75
N GLU D 1049 -67.20 56.89 1.50
CA GLU D 1049 -68.45 56.42 0.92
C GLU D 1049 -68.71 54.93 1.16
N ARG D 1050 -67.66 54.12 1.19
CA ARG D 1050 -67.78 52.69 1.38
C ARG D 1050 -68.01 52.32 2.83
N PHE D 1051 -67.32 53.01 3.76
CA PHE D 1051 -67.48 52.76 5.20
C PHE D 1051 -68.91 53.03 5.63
N LEU D 1052 -69.45 54.17 5.18
CA LEU D 1052 -70.81 54.59 5.46
C LEU D 1052 -71.82 53.62 4.82
N GLN D 1053 -71.50 53.09 3.63
CA GLN D 1053 -72.34 52.16 2.89
C GLN D 1053 -72.50 50.83 3.64
N LEU D 1054 -71.46 50.36 4.36
CA LEU D 1054 -71.59 49.11 5.11
C LEU D 1054 -71.85 49.32 6.60
N TRP D 1055 -72.33 50.50 6.99
CA TRP D 1055 -72.62 50.78 8.38
C TRP D 1055 -74.06 50.43 8.72
N ALA D 1056 -74.23 49.61 9.74
CA ALA D 1056 -75.55 49.22 10.27
C ALA D 1056 -75.76 49.89 11.65
N GLU D 1057 -76.99 49.89 12.19
CA GLU D 1057 -77.24 50.50 13.49
C GLU D 1057 -76.35 49.89 14.59
N GLY D 1058 -75.36 50.66 15.02
CA GLY D 1058 -74.43 50.27 16.05
C GLY D 1058 -73.49 49.12 15.74
N SER D 1059 -72.72 49.25 14.66
CA SER D 1059 -71.74 48.21 14.30
C SER D 1059 -70.33 48.82 14.24
N MET D 1060 -70.21 50.08 13.82
CA MET D 1060 -68.96 50.83 13.71
C MET D 1060 -69.15 52.31 14.13
N THR D 1061 -68.06 53.09 14.15
CA THR D 1061 -68.10 54.51 14.48
C THR D 1061 -67.19 55.27 13.52
N ILE D 1062 -67.71 55.65 12.35
CA ILE D 1062 -66.93 56.41 11.38
C ILE D 1062 -66.84 57.87 11.88
N ALA D 1063 -65.63 58.45 11.85
CA ALA D 1063 -65.44 59.81 12.35
C ALA D 1063 -64.43 60.59 11.52
N MET D 1064 -64.65 61.90 11.38
CA MET D 1064 -63.73 62.78 10.65
C MET D 1064 -63.49 64.03 11.45
N PRO D 1065 -62.44 64.04 12.28
CA PRO D 1065 -62.21 65.21 13.13
C PRO D 1065 -61.58 66.38 12.39
N SER D 1066 -61.86 67.59 12.88
CA SER D 1066 -61.39 68.84 12.28
C SER D 1066 -60.43 69.60 13.20
N THR D 1067 -60.53 69.41 14.51
CA THR D 1067 -59.67 70.11 15.46
C THR D 1067 -58.86 69.12 16.28
N PRO D 1068 -57.62 69.50 16.67
CA PRO D 1068 -56.78 68.59 17.46
C PRO D 1068 -57.41 68.21 18.80
N ALA D 1069 -58.14 69.14 19.41
CA ALA D 1069 -58.81 68.90 20.67
C ALA D 1069 -59.90 67.86 20.53
N ASN D 1070 -60.64 67.88 19.41
CA ASN D 1070 -61.71 66.92 19.20
C ASN D 1070 -61.19 65.51 18.97
N TYR D 1071 -60.08 65.39 18.24
CA TYR D 1071 -59.45 64.09 18.01
C TYR D 1071 -58.94 63.51 19.34
N PHE D 1072 -58.44 64.39 20.23
CA PHE D 1072 -57.95 64.03 21.55
C PHE D 1072 -59.07 63.39 22.37
N HIS D 1073 -60.25 64.02 22.39
CA HIS D 1073 -61.39 63.49 23.14
C HIS D 1073 -61.97 62.26 22.48
N LEU D 1074 -61.90 62.16 21.14
CA LEU D 1074 -62.40 61.04 20.37
C LEU D 1074 -61.67 59.74 20.75
N LEU D 1075 -60.33 59.80 20.83
CA LEU D 1075 -59.53 58.63 21.17
C LEU D 1075 -59.74 58.25 22.62
N ARG D 1076 -59.78 59.24 23.52
CA ARG D 1076 -59.97 58.99 24.94
C ARG D 1076 -61.37 58.43 25.22
N ARG D 1077 -62.37 58.88 24.46
CA ARG D 1077 -63.72 58.40 24.59
C ARG D 1077 -63.79 56.96 24.12
N HIS D 1078 -63.20 56.64 22.95
CA HIS D 1078 -63.22 55.27 22.44
C HIS D 1078 -62.38 54.32 23.31
N GLY D 1079 -61.33 54.84 23.92
CA GLY D 1079 -60.46 54.03 24.77
C GLY D 1079 -61.01 53.76 26.16
N LYS D 1080 -61.98 54.58 26.60
CA LYS D 1080 -62.55 54.42 27.94
C LYS D 1080 -64.07 54.22 27.93
N ASP D 1081 -64.68 53.92 26.78
CA ASP D 1081 -66.13 53.71 26.72
C ASP D 1081 -66.54 52.31 27.21
N GLY D 1082 -65.65 51.33 27.06
CA GLY D 1082 -65.94 49.96 27.44
C GLY D 1082 -66.55 49.18 26.30
N ILE D 1083 -67.45 49.83 25.57
CA ILE D 1083 -68.14 49.27 24.41
C ILE D 1083 -67.16 49.02 23.28
N GLN D 1084 -67.07 47.77 22.87
CA GLN D 1084 -66.18 47.37 21.80
C GLN D 1084 -66.79 47.73 20.47
N ARG D 1085 -66.30 48.80 19.86
CA ARG D 1085 -66.81 49.23 18.56
C ARG D 1085 -65.69 49.81 17.74
N PRO D 1086 -65.51 49.32 16.49
CA PRO D 1086 -64.42 49.84 15.66
C PRO D 1086 -64.59 51.31 15.27
N LEU D 1087 -63.62 52.15 15.62
CA LEU D 1087 -63.64 53.58 15.32
C LEU D 1087 -62.73 53.89 14.12
N ILE D 1088 -63.32 54.23 12.97
CA ILE D 1088 -62.57 54.54 11.76
C ILE D 1088 -62.28 56.04 11.70
N VAL D 1089 -61.10 56.45 12.16
CA VAL D 1089 -60.72 57.87 12.17
C VAL D 1089 -60.03 58.26 10.87
N PHE D 1090 -60.34 59.45 10.33
CA PHE D 1090 -59.71 59.94 9.10
C PHE D 1090 -58.81 61.12 9.43
N THR D 1091 -57.56 60.83 9.75
CA THR D 1091 -56.57 61.83 10.10
C THR D 1091 -56.23 62.69 8.87
N PRO D 1092 -55.96 63.99 9.04
CA PRO D 1092 -55.62 64.82 7.89
C PRO D 1092 -54.16 64.66 7.47
N LYS D 1093 -53.80 65.28 6.34
CA LYS D 1093 -52.45 65.19 5.83
C LYS D 1093 -51.80 66.56 5.89
N SER D 1094 -52.34 67.53 5.14
CA SER D 1094 -51.80 68.88 5.12
C SER D 1094 -52.16 69.64 6.39
N MET D 1095 -53.40 69.43 6.87
CA MET D 1095 -53.93 70.10 8.06
C MET D 1095 -53.17 69.75 9.36
N LEU D 1096 -52.17 68.88 9.31
CA LEU D 1096 -51.36 68.56 10.48
C LEU D 1096 -50.49 69.78 10.80
N ARG D 1097 -49.82 70.31 9.78
CA ARG D 1097 -48.97 71.49 9.92
C ARG D 1097 -49.71 72.80 9.65
N ASN D 1098 -51.04 72.78 9.55
CA ASN D 1098 -51.82 73.99 9.33
C ASN D 1098 -51.79 74.83 10.59
N LYS D 1099 -51.39 76.10 10.47
CA LYS D 1099 -51.32 77.02 11.61
C LYS D 1099 -52.70 77.29 12.21
N ALA D 1100 -53.76 77.18 11.41
CA ALA D 1100 -55.12 77.41 11.88
C ALA D 1100 -55.65 76.21 12.66
N ALA D 1101 -55.26 74.99 12.28
CA ALA D 1101 -55.74 73.79 12.95
C ALA D 1101 -54.96 73.51 14.24
N VAL D 1102 -55.15 74.39 15.23
CA VAL D 1102 -54.51 74.27 16.54
C VAL D 1102 -55.60 74.18 17.66
N SER D 1103 -55.19 74.02 18.93
CA SER D 1103 -56.14 73.97 20.03
C SER D 1103 -55.50 74.49 21.33
N ASP D 1104 -56.23 75.29 22.09
CA ASP D 1104 -55.78 75.87 23.35
C ASP D 1104 -55.83 74.83 24.48
N ILE D 1105 -55.23 75.13 25.63
CA ILE D 1105 -55.24 74.20 26.75
C ILE D 1105 -56.66 73.99 27.27
N ARG D 1106 -57.48 75.06 27.33
CA ARG D 1106 -58.85 74.95 27.81
C ARG D 1106 -59.69 73.97 26.99
N ASP D 1107 -59.30 73.67 25.75
CA ASP D 1107 -60.02 72.72 24.90
C ASP D 1107 -59.75 71.29 25.37
N PHE D 1108 -58.50 71.00 25.74
CA PHE D 1108 -58.08 69.68 26.20
C PHE D 1108 -58.49 69.42 27.65
N THR D 1109 -58.66 70.48 28.45
CA THR D 1109 -58.98 70.31 29.87
C THR D 1109 -60.47 70.55 30.17
N GLU D 1110 -61.05 71.67 29.74
CA GLU D 1110 -62.43 72.01 30.08
C GLU D 1110 -63.41 71.73 28.92
N SER D 1111 -63.31 70.55 28.29
CA SER D 1111 -64.19 70.22 27.18
C SER D 1111 -64.37 68.70 26.99
N LYS D 1112 -65.39 68.30 26.23
CA LYS D 1112 -65.66 66.89 25.92
C LYS D 1112 -65.69 66.68 24.38
N PHE D 1113 -65.92 65.43 23.92
CA PHE D 1113 -65.98 65.16 22.49
C PHE D 1113 -67.21 65.83 21.88
N ARG D 1114 -67.04 66.43 20.70
CA ARG D 1114 -68.16 67.09 20.02
C ARG D 1114 -68.47 66.40 18.71
N SER D 1115 -69.63 65.75 18.63
CA SER D 1115 -70.05 65.10 17.40
C SER D 1115 -70.52 66.11 16.34
N VAL D 1116 -70.96 67.31 16.78
CA VAL D 1116 -71.40 68.43 15.95
C VAL D 1116 -70.62 69.68 16.41
N LEU D 1117 -70.10 70.49 15.47
CA LEU D 1117 -69.29 71.64 15.84
C LEU D 1117 -69.65 72.95 15.14
N GLU D 1118 -70.07 73.94 15.93
CA GLU D 1118 -70.39 75.27 15.42
C GLU D 1118 -69.13 76.12 15.25
N GLU D 1119 -69.25 77.26 14.58
CA GLU D 1119 -68.14 78.20 14.41
C GLU D 1119 -67.69 78.78 15.76
N PRO D 1120 -66.46 79.36 15.85
CA PRO D 1120 -66.02 79.92 17.13
C PRO D 1120 -66.63 81.28 17.50
N MET D 1121 -67.17 82.01 16.52
CA MET D 1121 -67.76 83.32 16.77
C MET D 1121 -69.14 83.20 17.43
N TYR D 1122 -69.91 82.17 17.06
CA TYR D 1122 -71.25 81.98 17.62
C TYR D 1122 -71.20 81.34 19.02
N THR D 1123 -70.17 80.54 19.30
CA THR D 1123 -70.06 79.85 20.57
C THR D 1123 -69.32 80.67 21.63
N ASP D 1124 -68.15 81.24 21.30
CA ASP D 1124 -67.37 81.98 22.29
C ASP D 1124 -67.28 83.46 22.00
N GLY D 1125 -67.07 83.83 20.75
CA GLY D 1125 -66.98 85.23 20.39
C GLY D 1125 -68.33 85.93 20.29
N GLU D 1126 -68.33 87.19 19.88
CA GLU D 1126 -69.58 87.93 19.69
C GLU D 1126 -70.09 87.67 18.27
N GLY D 1127 -70.94 86.66 18.13
CA GLY D 1127 -71.49 86.28 16.83
C GLY D 1127 -73.00 86.26 16.80
N ASP D 1128 -73.57 86.82 15.72
CA ASP D 1128 -75.02 86.88 15.58
C ASP D 1128 -75.55 85.69 14.82
N ARG D 1129 -76.34 84.86 15.49
CA ARG D 1129 -76.94 83.68 14.90
C ARG D 1129 -78.12 84.03 13.98
N ASN D 1130 -78.80 85.16 14.23
CA ASN D 1130 -79.92 85.56 13.38
C ASN D 1130 -79.45 85.99 12.01
N LYS D 1131 -78.30 86.67 11.93
CA LYS D 1131 -77.75 87.16 10.66
C LYS D 1131 -77.60 86.08 9.59
N VAL D 1132 -77.52 84.81 10.01
CA VAL D 1132 -77.34 83.68 9.12
C VAL D 1132 -78.59 83.34 8.29
N THR D 1133 -78.42 83.34 6.96
CA THR D 1133 -79.43 83.00 5.95
C THR D 1133 -78.98 81.74 5.18
N ARG D 1134 -77.66 81.65 4.90
CA ARG D 1134 -77.01 80.55 4.19
C ARG D 1134 -76.34 79.59 5.19
N LEU D 1135 -76.76 78.32 5.19
CA LEU D 1135 -76.20 77.35 6.11
C LEU D 1135 -75.31 76.35 5.40
N LEU D 1136 -74.08 76.21 5.89
CA LEU D 1136 -73.10 75.27 5.35
C LEU D 1136 -72.82 74.15 6.34
N LEU D 1137 -72.83 72.92 5.85
CA LEU D 1137 -72.54 71.70 6.60
C LEU D 1137 -71.28 71.08 5.97
N THR D 1138 -70.25 70.79 6.76
CA THR D 1138 -69.00 70.24 6.23
C THR D 1138 -68.41 69.19 7.23
N SER D 1139 -67.19 68.64 6.98
CA SER D 1139 -66.62 67.66 7.89
C SER D 1139 -65.08 67.71 7.99
N GLY D 1140 -64.40 67.75 6.85
CA GLY D 1140 -62.94 67.74 6.83
C GLY D 1140 -62.25 69.06 7.08
N LYS D 1141 -61.02 69.20 6.53
CA LYS D 1141 -60.20 70.42 6.63
C LYS D 1141 -60.79 71.60 5.84
N ILE D 1142 -61.67 71.30 4.87
CA ILE D 1142 -62.39 72.24 4.01
C ILE D 1142 -63.07 73.36 4.84
N TYR D 1143 -63.39 73.09 6.12
CA TYR D 1143 -63.97 74.09 7.02
C TYR D 1143 -63.03 75.30 7.16
N TYR D 1144 -61.72 75.06 7.30
CA TYR D 1144 -60.75 76.14 7.47
C TYR D 1144 -60.66 77.05 6.24
N GLU D 1145 -60.89 76.50 5.05
CA GLU D 1145 -60.89 77.29 3.82
C GLU D 1145 -62.18 78.12 3.71
N LEU D 1146 -63.31 77.55 4.14
CA LEU D 1146 -64.62 78.22 4.13
C LEU D 1146 -64.70 79.30 5.21
N ALA D 1147 -64.00 79.13 6.34
CA ALA D 1147 -64.02 80.11 7.42
C ALA D 1147 -63.15 81.33 7.06
N ALA D 1148 -62.02 81.09 6.39
CA ALA D 1148 -61.13 82.18 5.98
C ALA D 1148 -61.75 83.00 4.83
N ARG D 1149 -62.49 82.34 3.94
CA ARG D 1149 -63.21 82.97 2.84
C ARG D 1149 -64.33 83.88 3.38
N LYS D 1150 -65.01 83.42 4.45
CA LYS D 1150 -66.07 84.15 5.13
C LYS D 1150 -65.49 85.39 5.85
N ALA D 1151 -64.30 85.25 6.44
CA ALA D 1151 -63.62 86.34 7.14
C ALA D 1151 -63.11 87.41 6.17
N LYS D 1152 -62.82 87.04 4.92
CA LYS D 1152 -62.34 87.99 3.92
C LYS D 1152 -63.48 88.86 3.42
N GLU D 1153 -64.64 88.25 3.12
CA GLU D 1153 -65.81 88.97 2.61
C GLU D 1153 -66.75 89.48 3.70
N ASN D 1154 -66.46 89.21 4.99
CA ASN D 1154 -67.30 89.61 6.12
C ASN D 1154 -68.76 89.17 5.95
N ARG D 1155 -68.96 88.01 5.33
CA ARG D 1155 -70.29 87.46 5.08
C ARG D 1155 -70.90 86.93 6.36
N GLU D 1156 -71.54 87.82 7.13
CA GLU D 1156 -72.17 87.44 8.40
C GLU D 1156 -73.46 86.62 8.23
N ASP D 1157 -73.89 86.39 6.99
CA ASP D 1157 -75.07 85.59 6.69
C ASP D 1157 -74.75 84.11 6.43
N VAL D 1158 -73.50 83.67 6.62
CA VAL D 1158 -73.13 82.28 6.34
C VAL D 1158 -72.61 81.58 7.59
N ALA D 1159 -73.27 80.50 8.03
CA ALA D 1159 -72.80 79.74 9.20
C ALA D 1159 -72.27 78.38 8.76
N ILE D 1160 -71.22 77.89 9.41
CA ILE D 1160 -70.63 76.60 9.06
C ILE D 1160 -70.64 75.65 10.27
N VAL D 1161 -71.39 74.57 10.12
CA VAL D 1161 -71.53 73.55 11.13
C VAL D 1161 -70.80 72.30 10.65
N ARG D 1162 -70.05 71.65 11.54
CA ARG D 1162 -69.29 70.46 11.16
C ARG D 1162 -69.90 69.18 11.75
N ILE D 1163 -69.95 68.12 10.93
CA ILE D 1163 -70.45 66.82 11.36
C ILE D 1163 -69.23 65.96 11.60
N GLU D 1164 -68.73 65.94 12.83
CA GLU D 1164 -67.52 65.19 13.17
C GLU D 1164 -67.82 63.68 13.16
N GLN D 1165 -68.83 63.22 13.92
CA GLN D 1165 -69.20 61.81 13.90
C GLN D 1165 -70.15 61.57 12.74
N LEU D 1166 -69.64 60.96 11.68
CA LEU D 1166 -70.43 60.69 10.48
C LEU D 1166 -71.41 59.56 10.69
N ALA D 1167 -71.03 58.54 11.47
CA ALA D 1167 -71.91 57.41 11.73
C ALA D 1167 -71.62 56.77 13.08
N PRO D 1168 -72.63 56.64 13.95
CA PRO D 1168 -74.02 57.06 13.77
C PRO D 1168 -74.16 58.57 13.67
N LEU D 1169 -75.17 59.04 12.91
CA LEU D 1169 -75.40 60.47 12.73
C LEU D 1169 -75.89 61.05 14.06
N PRO D 1170 -75.33 62.19 14.50
CA PRO D 1170 -75.73 62.74 15.81
C PRO D 1170 -77.08 63.46 15.76
N ARG D 1171 -78.19 62.68 15.74
CA ARG D 1171 -79.56 63.18 15.62
C ARG D 1171 -79.93 64.25 16.64
N ARG D 1172 -79.68 64.00 17.93
CA ARG D 1172 -80.03 64.96 18.96
C ARG D 1172 -79.08 66.14 18.94
N ARG D 1173 -77.77 65.88 18.90
CA ARG D 1173 -76.78 66.95 18.86
C ARG D 1173 -76.96 67.89 17.68
N LEU D 1174 -77.52 67.40 16.58
CA LEU D 1174 -77.71 68.19 15.38
C LEU D 1174 -79.07 68.87 15.36
N ALA D 1175 -80.12 68.22 15.89
CA ALA D 1175 -81.44 68.86 15.89
C ALA D 1175 -81.44 70.14 16.74
N GLU D 1176 -80.80 70.09 17.92
CA GLU D 1176 -80.68 71.23 18.84
C GLU D 1176 -79.86 72.36 18.20
N THR D 1177 -78.79 71.99 17.47
CA THR D 1177 -77.87 72.91 16.78
C THR D 1177 -78.58 73.62 15.63
N LEU D 1178 -79.38 72.84 14.88
CA LEU D 1178 -80.13 73.34 13.73
C LEU D 1178 -81.24 74.30 14.14
N ASP D 1179 -81.77 74.17 15.36
CA ASP D 1179 -82.80 75.09 15.84
C ASP D 1179 -82.19 76.49 16.08
N ARG D 1180 -80.88 76.57 16.41
CA ARG D 1180 -80.19 77.86 16.45
C ARG D 1180 -80.06 78.38 15.03
N TYR D 1181 -79.75 79.68 14.85
CA TYR D 1181 -79.69 80.31 13.52
C TYR D 1181 -81.08 80.17 12.86
N PRO D 1182 -82.09 80.92 13.32
CA PRO D 1182 -83.46 80.68 12.82
C PRO D 1182 -83.74 81.26 11.44
N ASN D 1183 -83.00 82.31 11.05
CA ASN D 1183 -83.25 82.95 9.76
C ASN D 1183 -82.57 82.23 8.60
N VAL D 1184 -82.27 80.94 8.76
CA VAL D 1184 -81.64 80.15 7.71
C VAL D 1184 -82.71 79.77 6.70
N LYS D 1185 -82.47 80.11 5.44
CA LYS D 1185 -83.40 79.80 4.37
C LYS D 1185 -82.82 78.82 3.33
N GLU D 1186 -81.54 78.44 3.45
CA GLU D 1186 -80.94 77.48 2.52
C GLU D 1186 -79.89 76.62 3.24
N LYS D 1187 -79.82 75.32 2.88
CA LYS D 1187 -78.88 74.39 3.49
C LYS D 1187 -77.99 73.71 2.43
N PHE D 1188 -76.69 73.60 2.70
CA PHE D 1188 -75.74 73.00 1.77
C PHE D 1188 -74.80 72.02 2.41
N TRP D 1189 -74.46 70.94 1.70
CA TRP D 1189 -73.46 70.01 2.17
C TRP D 1189 -72.22 70.22 1.32
N VAL D 1190 -71.18 70.83 1.90
CA VAL D 1190 -69.95 71.15 1.19
C VAL D 1190 -68.85 70.14 1.50
N GLN D 1191 -68.48 69.32 0.51
CA GLN D 1191 -67.43 68.29 0.61
C GLN D 1191 -66.48 68.37 -0.59
N GLU D 1192 -65.18 68.12 -0.36
CA GLU D 1192 -64.17 68.16 -1.43
C GLU D 1192 -64.25 66.93 -2.34
N GLU D 1193 -64.73 65.79 -1.79
CA GLU D 1193 -64.87 64.52 -2.49
C GLU D 1193 -65.85 64.63 -3.66
N PRO D 1194 -65.75 63.73 -4.65
CA PRO D 1194 -66.68 63.78 -5.80
C PRO D 1194 -68.15 63.57 -5.40
N ALA D 1195 -69.07 63.71 -6.37
CA ALA D 1195 -70.50 63.55 -6.12
C ALA D 1195 -70.86 62.08 -5.77
N ASN D 1196 -70.48 61.10 -6.62
CA ASN D 1196 -70.77 59.68 -6.33
C ASN D 1196 -69.95 59.12 -5.15
N GLN D 1197 -68.96 59.87 -4.67
CA GLN D 1197 -68.10 59.50 -3.55
C GLN D 1197 -68.23 60.52 -2.39
N GLY D 1198 -67.61 60.23 -1.25
CA GLY D 1198 -67.67 61.11 -0.10
C GLY D 1198 -68.80 60.75 0.84
N ALA D 1199 -69.50 61.76 1.35
CA ALA D 1199 -70.59 61.53 2.29
C ALA D 1199 -71.97 61.78 1.69
N TRP D 1200 -72.05 62.53 0.59
CA TRP D 1200 -73.32 62.85 -0.04
C TRP D 1200 -74.17 61.62 -0.45
N PRO D 1201 -73.62 60.52 -1.02
CA PRO D 1201 -74.49 59.39 -1.43
C PRO D 1201 -75.33 58.80 -0.30
N SER D 1202 -74.86 58.96 0.94
CA SER D 1202 -75.55 58.47 2.13
C SER D 1202 -76.32 59.61 2.81
N PHE D 1203 -75.69 60.77 2.99
CA PHE D 1203 -76.28 61.94 3.66
C PHE D 1203 -77.48 62.52 2.90
N GLY D 1204 -77.35 62.68 1.59
CA GLY D 1204 -78.40 63.21 0.74
C GLY D 1204 -79.69 62.40 0.73
N LEU D 1205 -79.63 61.16 1.22
CA LEU D 1205 -80.78 60.25 1.28
C LEU D 1205 -81.21 59.95 2.75
N THR D 1206 -80.30 60.16 3.71
CA THR D 1206 -80.57 59.89 5.12
C THR D 1206 -81.12 61.13 5.82
N LEU D 1207 -80.47 62.29 5.62
CA LEU D 1207 -80.84 63.55 6.28
C LEU D 1207 -82.29 63.99 6.02
N PRO D 1208 -82.83 64.03 4.77
CA PRO D 1208 -84.24 64.43 4.61
C PRO D 1208 -85.23 63.36 5.06
N GLU D 1209 -84.75 62.18 5.46
CA GLU D 1209 -85.57 61.07 5.93
C GLU D 1209 -85.56 60.98 7.47
N ILE D 1210 -84.46 61.42 8.12
CA ILE D 1210 -84.31 61.36 9.58
C ILE D 1210 -84.67 62.69 10.24
N LEU D 1211 -84.16 63.81 9.71
CA LEU D 1211 -84.48 65.15 10.22
C LEU D 1211 -85.14 65.98 9.10
N PRO D 1212 -86.39 65.66 8.71
CA PRO D 1212 -87.01 66.40 7.58
C PRO D 1212 -87.41 67.83 7.91
N ASP D 1213 -87.55 68.15 9.20
CA ASP D 1213 -87.92 69.49 9.60
C ASP D 1213 -86.83 70.53 9.28
N HIS D 1214 -85.61 70.09 8.97
CA HIS D 1214 -84.52 71.02 8.65
C HIS D 1214 -83.85 70.65 7.33
N PHE D 1215 -83.54 69.36 7.14
CA PHE D 1215 -82.81 68.90 5.98
C PHE D 1215 -83.65 68.60 4.73
N THR D 1216 -84.94 68.95 4.71
CA THR D 1216 -85.74 68.74 3.49
C THR D 1216 -85.37 69.84 2.52
N GLY D 1217 -85.01 69.47 1.30
CA GLY D 1217 -84.59 70.42 0.30
C GLY D 1217 -83.15 70.84 0.55
N LEU D 1218 -82.30 69.86 0.80
CA LEU D 1218 -80.89 70.10 1.06
C LEU D 1218 -80.13 70.16 -0.26
N LYS D 1219 -79.31 71.19 -0.44
CA LYS D 1219 -78.52 71.32 -1.67
C LYS D 1219 -77.09 70.79 -1.46
N ARG D 1220 -76.39 70.45 -2.54
CA ARG D 1220 -75.04 69.88 -2.44
C ARG D 1220 -74.00 70.69 -3.22
N ILE D 1221 -72.97 71.19 -2.53
CA ILE D 1221 -71.88 71.93 -3.16
C ILE D 1221 -70.61 71.07 -3.12
N SER D 1222 -70.38 70.24 -4.15
CA SER D 1222 -69.22 69.33 -4.15
C SER D 1222 -68.58 69.17 -5.55
N ARG D 1223 -67.51 68.34 -5.65
CA ARG D 1223 -66.82 68.06 -6.90
C ARG D 1223 -67.66 67.14 -7.79
N ARG D 1224 -67.40 67.18 -9.10
CA ARG D 1224 -68.10 66.34 -10.05
C ARG D 1224 -67.78 64.87 -9.84
N ALA D 1225 -68.73 63.99 -10.18
CA ALA D 1225 -68.57 62.55 -9.99
C ALA D 1225 -67.52 61.95 -10.91
N MET D 1226 -66.53 61.25 -10.33
CA MET D 1226 -65.44 60.59 -11.07
C MET D 1226 -65.34 59.11 -10.69
N SER D 1227 -64.73 58.29 -11.57
CA SER D 1227 -64.53 56.86 -11.27
C SER D 1227 -63.34 56.67 -10.29
N ALA D 1228 -62.40 57.64 -10.27
CA ALA D 1228 -61.25 57.68 -9.37
C ALA D 1228 -61.52 58.70 -8.24
N PRO D 1229 -60.89 58.54 -7.08
CA PRO D 1229 -61.16 59.47 -5.96
C PRO D 1229 -60.81 60.94 -6.23
N SER D 1230 -59.84 61.21 -7.13
CA SER D 1230 -59.43 62.58 -7.44
C SER D 1230 -58.84 62.67 -8.89
N SER D 1231 -58.47 63.88 -9.34
CA SER D 1231 -57.88 64.08 -10.67
C SER D 1231 -56.36 63.94 -10.61
N GLY D 1232 -55.77 63.40 -11.66
CA GLY D 1232 -54.34 63.15 -11.76
C GLY D 1232 -53.45 64.37 -11.72
N SER D 1233 -53.82 65.42 -12.47
CA SER D 1233 -53.02 66.64 -12.52
C SER D 1233 -53.25 67.48 -11.28
N SER D 1234 -52.19 68.10 -10.78
CA SER D 1234 -52.26 68.95 -9.60
C SER D 1234 -52.93 70.30 -9.91
N LYS D 1235 -52.81 70.78 -11.14
CA LYS D 1235 -53.43 72.05 -11.56
C LYS D 1235 -54.95 71.95 -11.54
N VAL D 1236 -55.49 70.79 -11.94
CA VAL D 1236 -56.94 70.53 -11.99
C VAL D 1236 -57.56 70.58 -10.59
N HIS D 1237 -56.83 70.07 -9.60
CA HIS D 1237 -57.31 70.05 -8.22
C HIS D 1237 -57.47 71.46 -7.66
N ALA D 1238 -56.55 72.37 -8.01
CA ALA D 1238 -56.59 73.75 -7.53
C ALA D 1238 -57.81 74.50 -8.04
N VAL D 1239 -58.19 74.23 -9.30
CA VAL D 1239 -59.34 74.86 -9.94
C VAL D 1239 -60.62 74.31 -9.33
N GLU D 1240 -60.71 72.98 -9.18
CA GLU D 1240 -61.88 72.32 -8.62
C GLU D 1240 -62.10 72.70 -7.14
N GLN D 1241 -61.01 72.87 -6.37
CA GLN D 1241 -61.14 73.26 -4.95
C GLN D 1241 -61.62 74.72 -4.83
N GLN D 1242 -61.24 75.59 -5.78
CA GLN D 1242 -61.68 76.96 -5.75
C GLN D 1242 -63.13 77.09 -6.27
N GLU D 1243 -63.56 76.20 -7.16
CA GLU D 1243 -64.92 76.19 -7.70
C GLU D 1243 -65.95 75.99 -6.61
N ILE D 1244 -65.66 75.09 -5.66
CA ILE D 1244 -66.58 74.79 -4.57
C ILE D 1244 -66.60 75.95 -3.55
N LEU D 1245 -65.45 76.62 -3.33
CA LEU D 1245 -65.37 77.75 -2.41
C LEU D 1245 -66.16 78.96 -2.94
N ASP D 1246 -66.18 79.15 -4.27
CA ASP D 1246 -66.94 80.24 -4.87
C ASP D 1246 -68.43 79.90 -4.97
N THR D 1247 -68.77 78.61 -5.11
CA THR D 1247 -70.16 78.15 -5.19
C THR D 1247 -70.84 78.29 -3.85
N ALA D 1248 -70.14 77.94 -2.76
CA ALA D 1248 -70.70 78.08 -1.42
C ALA D 1248 -70.67 79.54 -0.90
N PHE D 1249 -70.12 80.48 -1.68
CA PHE D 1249 -70.06 81.90 -1.31
C PHE D 1249 -70.56 82.76 -2.46
N GLY D 1250 -71.72 82.40 -2.97
CA GLY D 1250 -72.38 83.09 -4.08
C GLY D 1250 -73.74 82.47 -4.37
N GLY E 122 13.95 69.89 12.87
CA GLY E 122 13.00 68.91 13.35
C GLY E 122 12.90 68.83 14.86
N ASP E 123 12.11 67.87 15.38
CA ASP E 123 11.94 67.71 16.81
C ASP E 123 12.78 66.54 17.34
N GLU E 124 14.10 66.74 17.43
CA GLU E 124 15.00 65.70 17.91
C GLU E 124 15.52 66.04 19.30
N SER E 125 15.66 65.03 20.16
CA SER E 125 16.12 65.23 21.52
C SER E 125 17.37 64.40 21.81
N GLN E 126 18.49 65.07 22.10
CA GLN E 126 19.75 64.40 22.38
C GLN E 126 19.96 64.29 23.88
N ILE E 127 19.85 63.06 24.41
CA ILE E 127 20.02 62.82 25.84
C ILE E 127 21.46 62.40 26.17
N LEU E 128 22.06 63.05 27.19
CA LEU E 128 23.41 62.76 27.64
C LEU E 128 23.51 61.38 28.26
N ARG E 129 24.50 60.57 27.83
CA ARG E 129 24.69 59.24 28.40
C ARG E 129 25.47 59.32 29.72
N GLY E 130 25.08 58.52 30.71
CA GLY E 130 25.74 58.47 32.00
C GLY E 130 26.34 57.10 32.26
N ALA E 131 25.50 56.12 32.61
CA ALA E 131 25.93 54.73 32.80
C ALA E 131 26.16 54.06 31.42
N ALA E 132 25.37 54.48 30.42
CA ALA E 132 25.49 54.05 29.04
C ALA E 132 26.77 54.59 28.42
N ALA E 133 27.24 55.79 28.85
CA ALA E 133 28.48 56.39 28.37
C ALA E 133 29.66 55.46 28.63
N ALA E 134 29.64 54.74 29.76
CA ALA E 134 30.67 53.75 30.08
C ALA E 134 30.67 52.62 29.06
N VAL E 135 29.50 52.21 28.62
CA VAL E 135 29.31 51.16 27.63
C VAL E 135 29.72 51.65 26.22
N VAL E 136 29.49 52.94 25.91
CA VAL E 136 29.85 53.53 24.61
C VAL E 136 31.36 53.49 24.38
N LYS E 137 32.14 53.80 25.41
CA LYS E 137 33.59 53.82 25.28
C LYS E 137 34.18 52.40 25.16
N ASN E 138 33.44 51.36 25.59
CA ASN E 138 33.87 49.96 25.45
C ASN E 138 33.79 49.55 23.97
N MET E 139 32.74 49.99 23.27
CA MET E 139 32.54 49.76 21.84
C MET E 139 33.59 50.51 21.05
N ASN E 140 33.93 51.74 21.48
CA ASN E 140 34.99 52.55 20.89
C ASN E 140 36.37 51.90 21.14
N ALA E 141 36.55 51.22 22.28
CA ALA E 141 37.79 50.52 22.59
C ALA E 141 37.90 49.23 21.77
N SER E 142 36.77 48.56 21.51
CA SER E 142 36.77 47.35 20.68
C SER E 142 37.03 47.64 19.19
N LEU E 143 37.09 48.92 18.78
CA LEU E 143 37.33 49.30 17.39
C LEU E 143 38.78 49.06 16.95
N GLU E 144 39.72 48.94 17.89
CA GLU E 144 41.11 48.61 17.57
C GLU E 144 41.31 47.10 17.35
N VAL E 145 40.29 46.25 17.64
CA VAL E 145 40.33 44.80 17.52
C VAL E 145 39.92 44.34 16.10
N PRO E 146 40.86 43.74 15.33
CA PRO E 146 40.51 43.25 13.99
C PRO E 146 39.85 41.89 14.07
N THR E 147 38.52 41.85 13.94
CA THR E 147 37.77 40.62 14.11
C THR E 147 37.37 39.94 12.79
N ALA E 148 37.08 38.64 12.91
CA ALA E 148 36.59 37.70 11.89
C ALA E 148 35.67 36.68 12.59
N THR E 149 34.72 36.05 11.87
CA THR E 149 33.80 35.12 12.55
C THR E 149 33.61 33.78 11.85
N SER E 150 33.91 32.70 12.56
CA SER E 150 33.69 31.35 12.07
C SER E 150 32.31 30.89 12.56
N VAL E 151 31.44 30.43 11.67
CA VAL E 151 30.10 29.99 12.07
C VAL E 151 29.89 28.51 11.73
N ARG E 152 29.30 27.74 12.65
CA ARG E 152 29.10 26.32 12.43
C ARG E 152 27.82 25.79 13.08
N ALA E 153 27.04 25.00 12.33
CA ALA E 153 25.80 24.42 12.81
C ALA E 153 26.03 23.02 13.35
N ILE E 154 25.56 22.78 14.57
CA ILE E 154 25.71 21.48 15.24
C ILE E 154 24.35 20.86 15.53
N PRO E 155 24.10 19.60 15.11
CA PRO E 155 22.83 18.96 15.44
C PRO E 155 22.74 18.75 16.94
N ALA E 156 21.69 19.28 17.54
CA ALA E 156 21.54 19.23 18.99
C ALA E 156 20.65 18.11 19.49
N LYS E 157 20.04 17.31 18.60
CA LYS E 157 19.16 16.21 18.95
C LYS E 157 19.75 15.29 20.03
N LEU E 158 21.09 15.20 20.13
CA LEU E 158 21.72 14.37 21.16
C LEU E 158 21.60 14.99 22.54
N MET E 159 22.08 16.24 22.74
CA MET E 159 22.00 16.85 24.06
C MET E 159 20.57 17.18 24.49
N ILE E 160 19.62 17.23 23.53
CA ILE E 160 18.23 17.47 23.87
C ILE E 160 17.68 16.21 24.51
N ASP E 161 17.81 15.05 23.83
CA ASP E 161 17.33 13.75 24.31
C ASP E 161 18.08 13.26 25.56
N ASN E 162 19.32 13.76 25.81
CA ASN E 162 20.08 13.41 27.01
C ASN E 162 19.62 14.32 28.17
N ARG E 163 19.31 15.60 27.88
CA ARG E 163 18.77 16.54 28.85
C ARG E 163 17.44 16.03 29.41
N VAL E 164 16.64 15.34 28.57
CA VAL E 164 15.36 14.70 28.91
C VAL E 164 15.57 13.77 30.10
N VAL E 165 16.62 12.95 30.04
CA VAL E 165 16.91 12.00 31.09
C VAL E 165 17.56 12.69 32.28
N ILE E 166 18.55 13.58 32.04
CA ILE E 166 19.25 14.30 33.11
C ILE E 166 18.28 15.03 34.05
N ASN E 167 17.40 15.88 33.52
CA ASN E 167 16.48 16.65 34.36
C ASN E 167 15.32 15.82 34.91
N ASN E 168 15.02 14.64 34.35
CA ASN E 168 14.00 13.78 34.92
C ASN E 168 14.60 13.02 36.09
N HIS E 169 15.83 12.49 35.92
CA HIS E 169 16.52 11.73 36.97
C HIS E 169 16.86 12.65 38.14
N LEU E 170 17.28 13.89 37.88
CA LEU E 170 17.62 14.83 38.95
C LEU E 170 16.36 15.24 39.72
N LYS E 171 15.24 15.40 39.02
CA LYS E 171 13.96 15.76 39.63
C LYS E 171 13.44 14.63 40.53
N ARG E 172 13.66 13.38 40.15
CA ARG E 172 13.18 12.24 40.94
C ARG E 172 14.14 11.79 42.04
N THR E 173 15.26 12.50 42.28
CA THR E 173 16.21 12.07 43.30
C THR E 173 16.65 13.17 44.30
N ARG E 174 17.09 14.35 43.84
CA ARG E 174 17.63 15.36 44.75
C ARG E 174 17.47 16.80 44.28
N GLY E 175 16.72 17.03 43.22
CA GLY E 175 16.56 18.34 42.65
C GLY E 175 17.69 18.67 41.69
N GLY E 176 17.78 19.93 41.28
CA GLY E 176 18.81 20.38 40.36
C GLY E 176 18.36 20.29 38.92
N LYS E 177 18.76 21.27 38.11
CA LYS E 177 18.40 21.27 36.70
C LYS E 177 19.56 21.71 35.84
N ILE E 178 19.86 20.93 34.82
CA ILE E 178 20.92 21.23 33.88
C ILE E 178 20.29 21.85 32.64
N SER E 179 20.70 23.08 32.34
CA SER E 179 20.24 23.76 31.15
C SER E 179 21.27 23.57 30.04
N PHE E 180 20.88 23.88 28.79
CA PHE E 180 21.80 23.75 27.67
C PHE E 180 23.06 24.61 27.84
N THR E 181 23.00 25.67 28.67
CA THR E 181 24.13 26.55 28.95
C THR E 181 25.19 25.86 29.79
N HIS E 182 24.79 24.99 30.71
CA HIS E 182 25.75 24.27 31.55
C HIS E 182 26.61 23.37 30.70
N LEU E 183 25.97 22.64 29.80
CA LEU E 183 26.60 21.71 28.89
C LEU E 183 27.48 22.46 27.90
N LEU E 184 26.96 23.55 27.34
CA LEU E 184 27.63 24.40 26.37
C LEU E 184 28.90 25.03 26.95
N GLY E 185 28.78 25.63 28.12
CA GLY E 185 29.91 26.28 28.78
C GLY E 185 30.98 25.30 29.19
N TYR E 186 30.58 24.10 29.60
CA TYR E 186 31.52 23.07 30.03
C TYR E 186 32.35 22.57 28.85
N ALA E 187 31.71 22.39 27.69
CA ALA E 187 32.40 21.98 26.48
C ALA E 187 33.37 23.06 26.02
N ILE E 188 33.01 24.35 26.17
CA ILE E 188 33.87 25.48 25.82
C ILE E 188 35.13 25.44 26.68
N VAL E 189 34.98 25.19 27.98
CA VAL E 189 36.07 25.11 28.94
C VAL E 189 37.01 23.95 28.63
N GLN E 190 36.47 22.75 28.31
CA GLN E 190 37.32 21.61 28.00
C GLN E 190 38.02 21.79 26.63
N ALA E 191 37.37 22.48 25.68
CA ALA E 191 37.96 22.76 24.36
C ALA E 191 39.07 23.80 24.47
N VAL E 192 38.97 24.74 25.43
CA VAL E 192 39.99 25.75 25.71
C VAL E 192 41.29 25.04 26.14
N LYS E 193 41.19 23.91 26.85
CA LYS E 193 42.35 23.13 27.27
C LYS E 193 43.09 22.60 26.05
N LYS E 194 42.35 22.14 25.03
CA LYS E 194 42.94 21.62 23.79
C LYS E 194 43.61 22.75 23.00
N PHE E 195 42.95 23.91 22.88
CA PHE E 195 43.51 25.06 22.16
C PHE E 195 43.89 26.14 23.14
N PRO E 196 45.19 26.33 23.36
CA PRO E 196 45.61 27.31 24.36
C PRO E 196 45.51 28.74 23.89
N ASN E 197 45.74 29.00 22.60
CA ASN E 197 45.69 30.36 22.09
C ASN E 197 44.25 30.94 22.14
N MET E 198 43.23 30.13 22.42
CA MET E 198 41.86 30.63 22.52
C MET E 198 41.58 31.37 23.85
N ASN E 199 42.41 31.15 24.89
CA ASN E 199 42.25 31.84 26.17
C ASN E 199 43.04 33.16 26.20
N ARG E 200 44.21 33.18 25.53
CA ARG E 200 45.10 34.33 25.43
C ARG E 200 44.43 35.53 24.80
N HIS E 201 44.93 36.74 25.09
CA HIS E 201 44.40 37.95 24.48
C HIS E 201 45.53 38.91 24.13
N PHE E 202 45.41 39.59 22.99
CA PHE E 202 46.45 40.51 22.55
C PHE E 202 46.53 41.72 23.47
N ALA E 203 47.75 42.20 23.70
CA ALA E 203 48.03 43.37 24.52
C ALA E 203 49.34 44.04 24.10
N VAL E 204 49.51 45.33 24.41
CA VAL E 204 50.73 46.04 24.07
C VAL E 204 51.39 46.55 25.35
N VAL E 205 52.56 46.00 25.67
CA VAL E 205 53.33 46.39 26.85
C VAL E 205 54.58 47.11 26.43
N ASP E 206 54.64 48.43 26.65
CA ASP E 206 55.78 49.30 26.34
C ASP E 206 56.08 49.30 24.83
N GLY E 207 55.04 49.36 24.02
CA GLY E 207 55.18 49.37 22.57
C GLY E 207 55.62 48.04 21.99
N LYS E 208 55.24 46.94 22.63
CA LYS E 208 55.64 45.61 22.18
C LYS E 208 54.40 44.73 21.93
N PRO E 209 54.39 43.90 20.88
CA PRO E 209 53.23 43.03 20.64
C PRO E 209 53.28 41.79 21.51
N THR E 210 52.96 41.95 22.79
CA THR E 210 52.99 40.84 23.74
C THR E 210 51.58 40.30 23.97
N ALA E 211 51.42 38.98 23.94
CA ALA E 211 50.12 38.35 24.17
C ALA E 211 50.04 37.76 25.56
N ILE E 212 49.07 38.20 26.35
CA ILE E 212 48.87 37.72 27.72
C ILE E 212 48.38 36.28 27.70
N THR E 213 48.95 35.42 28.55
CA THR E 213 48.51 34.03 28.65
C THR E 213 47.99 33.82 30.07
N PRO E 214 46.68 34.01 30.30
CA PRO E 214 46.15 33.92 31.67
C PRO E 214 46.30 32.54 32.28
N ALA E 215 46.44 32.51 33.61
CA ALA E 215 46.59 31.26 34.33
C ALA E 215 45.27 30.53 34.44
N HIS E 216 44.18 31.26 34.64
CA HIS E 216 42.88 30.64 34.77
C HIS E 216 41.97 31.03 33.62
N THR E 217 41.25 30.05 33.11
CA THR E 217 40.33 30.25 32.00
C THR E 217 38.98 30.65 32.63
N ASN E 218 38.68 31.97 32.63
CA ASN E 218 37.45 32.46 33.25
C ASN E 218 36.38 32.73 32.22
N LEU E 219 35.41 31.81 32.14
CA LEU E 219 34.30 31.86 31.20
C LEU E 219 33.30 32.94 31.55
N GLY E 220 33.17 33.91 30.66
CA GLY E 220 32.23 35.01 30.80
C GLY E 220 30.80 34.55 30.63
N LEU E 221 29.85 35.29 31.19
CA LEU E 221 28.45 34.92 31.13
C LEU E 221 27.57 36.15 30.92
N ALA E 222 26.68 36.12 29.94
CA ALA E 222 25.78 37.24 29.68
C ALA E 222 24.59 37.18 30.67
N ILE E 223 24.73 37.75 31.89
CA ILE E 223 23.67 37.72 32.89
C ILE E 223 22.90 39.04 32.97
N ASP E 224 21.63 39.02 32.55
CA ASP E 224 20.79 40.20 32.59
C ASP E 224 20.05 40.30 33.91
N LEU E 225 20.53 41.16 34.82
CA LEU E 225 19.88 41.33 36.12
C LEU E 225 18.62 42.16 35.97
N GLN E 226 17.43 41.54 36.08
CA GLN E 226 16.18 42.31 36.00
C GLN E 226 16.00 43.09 37.31
N GLY E 227 16.30 44.39 37.27
CA GLY E 227 16.27 45.30 38.42
C GLY E 227 14.93 45.53 39.09
N LYS E 228 14.90 46.49 40.05
CA LYS E 228 13.71 46.83 40.85
C LYS E 228 12.62 47.52 40.02
N ASP E 229 13.00 48.43 39.10
CA ASP E 229 12.03 49.15 38.26
C ASP E 229 12.09 48.69 36.78
N GLY E 230 12.44 47.42 36.56
CA GLY E 230 12.55 46.85 35.22
C GLY E 230 13.88 47.04 34.53
N ASN E 231 14.81 47.79 35.16
CA ASN E 231 16.14 48.08 34.64
C ASN E 231 16.99 46.82 34.49
N ARG E 232 17.01 46.23 33.28
CA ARG E 232 17.79 45.02 33.01
C ARG E 232 19.27 45.36 32.88
N SER E 233 20.02 45.40 33.99
CA SER E 233 21.45 45.70 33.94
C SER E 233 22.23 44.48 33.46
N LEU E 234 22.72 44.51 32.23
CA LEU E 234 23.45 43.38 31.65
C LEU E 234 24.89 43.30 32.19
N VAL E 235 25.17 42.26 32.99
CA VAL E 235 26.49 42.09 33.61
C VAL E 235 27.33 41.04 32.86
N VAL E 236 28.65 41.14 33.04
CA VAL E 236 29.63 40.23 32.44
C VAL E 236 30.23 39.35 33.55
N ALA E 237 29.42 38.46 34.15
CA ALA E 237 29.87 37.59 35.25
C ALA E 237 30.97 36.60 34.80
N ALA E 238 31.69 35.94 35.76
CA ALA E 238 32.75 35.01 35.38
C ALA E 238 32.93 33.85 36.36
N ILE E 239 33.09 32.64 35.81
CA ILE E 239 33.34 31.42 36.54
C ILE E 239 34.86 31.19 36.46
N LYS E 240 35.59 31.30 37.59
CA LYS E 240 37.04 31.21 37.57
C LYS E 240 37.61 29.81 37.87
N ARG E 241 38.84 29.55 37.39
CA ARG E 241 39.59 28.28 37.55
C ARG E 241 38.81 27.12 36.95
N CYS E 242 38.25 27.33 35.77
CA CYS E 242 37.45 26.33 35.09
C CYS E 242 38.30 25.15 34.59
N GLU E 243 39.54 25.42 34.17
CA GLU E 243 40.45 24.39 33.67
C GLU E 243 40.78 23.33 34.74
N THR E 244 40.67 23.68 36.02
CA THR E 244 40.92 22.76 37.12
C THR E 244 39.59 22.22 37.66
N MET E 245 38.63 21.97 36.78
CA MET E 245 37.31 21.52 37.22
C MET E 245 36.76 20.34 36.43
N ARG E 246 35.94 19.55 37.12
CA ARG E 246 35.13 18.46 36.61
C ARG E 246 33.70 19.02 36.41
N PHE E 247 32.79 18.28 35.75
CA PHE E 247 31.43 18.78 35.48
C PHE E 247 30.71 19.26 36.74
N GLY E 248 30.93 18.58 37.87
CA GLY E 248 30.33 18.94 39.14
C GLY E 248 30.85 20.26 39.67
N GLN E 249 32.17 20.42 39.72
CA GLN E 249 32.79 21.64 40.20
C GLN E 249 32.47 22.84 39.31
N PHE E 250 32.32 22.60 38.00
CA PHE E 250 31.99 23.68 37.08
C PHE E 250 30.57 24.17 37.32
N ILE E 251 29.57 23.28 37.33
CA ILE E 251 28.19 23.71 37.54
C ILE E 251 27.96 24.25 38.96
N ALA E 252 28.82 23.88 39.93
CA ALA E 252 28.70 24.43 41.27
C ALA E 252 29.14 25.89 41.26
N ALA E 253 30.25 26.19 40.57
CA ALA E 253 30.76 27.56 40.43
C ALA E 253 29.86 28.44 39.54
N TYR E 254 29.11 27.82 38.62
CA TYR E 254 28.15 28.51 37.77
C TYR E 254 26.95 28.92 38.63
N GLU E 255 26.40 27.97 39.40
CA GLU E 255 25.24 28.25 40.24
C GLU E 255 25.56 29.21 41.39
N ASP E 256 26.84 29.38 41.75
CA ASP E 256 27.22 30.36 42.76
C ASP E 256 27.11 31.75 42.14
N ILE E 257 27.66 31.92 40.92
CA ILE E 257 27.63 33.18 40.16
C ILE E 257 26.14 33.57 39.85
N VAL E 258 25.23 32.57 39.74
CA VAL E 258 23.81 32.76 39.51
C VAL E 258 23.11 33.18 40.81
N ARG E 259 23.35 32.43 41.92
CA ARG E 259 22.75 32.71 43.22
C ARG E 259 23.14 34.10 43.74
N ARG E 260 24.35 34.57 43.43
CA ARG E 260 24.81 35.89 43.87
C ARG E 260 24.22 36.99 43.01
N ALA E 261 24.11 36.76 41.70
CA ALA E 261 23.53 37.74 40.79
C ALA E 261 22.03 37.90 41.03
N ARG E 262 21.35 36.80 41.34
CA ARG E 262 19.91 36.80 41.60
C ARG E 262 19.57 37.46 42.93
N ASP E 263 20.46 37.36 43.93
CA ASP E 263 20.19 37.93 45.24
C ASP E 263 21.04 39.19 45.55
N GLY E 264 21.49 39.88 44.50
CA GLY E 264 22.24 41.13 44.60
C GLY E 264 23.50 41.13 45.45
N LYS E 265 24.19 40.01 45.54
CA LYS E 265 25.43 39.90 46.29
C LYS E 265 26.64 39.73 45.37
N LEU E 266 26.57 40.28 44.15
CA LEU E 266 27.68 40.17 43.20
C LEU E 266 28.75 41.20 43.55
N THR E 267 29.97 40.72 43.83
CA THR E 267 31.11 41.57 44.19
C THR E 267 31.80 42.12 42.91
N ALA E 268 32.73 43.08 43.05
CA ALA E 268 33.41 43.66 41.90
C ALA E 268 34.51 42.78 41.33
N GLU E 269 35.04 41.84 42.12
CA GLU E 269 36.11 40.95 41.66
C GLU E 269 35.61 39.91 40.64
N ASP E 270 34.30 39.69 40.56
CA ASP E 270 33.70 38.76 39.62
C ASP E 270 33.91 39.20 38.18
N PHE E 271 33.83 40.51 37.95
CA PHE E 271 33.92 41.08 36.61
C PHE E 271 35.38 41.27 36.14
N SER E 272 36.35 41.25 37.04
CA SER E 272 37.75 41.43 36.67
C SER E 272 38.44 40.11 36.43
N GLY E 273 38.55 39.71 35.16
CA GLY E 273 39.24 38.47 34.83
C GLY E 273 38.63 37.64 33.71
N VAL E 274 37.66 38.18 32.98
CA VAL E 274 37.04 37.44 31.87
C VAL E 274 38.07 37.26 30.74
N THR E 275 38.53 36.02 30.54
CA THR E 275 39.54 35.71 29.52
C THR E 275 38.90 35.22 28.20
N ILE E 276 37.71 34.64 28.27
CA ILE E 276 36.94 34.15 27.12
C ILE E 276 35.47 34.21 27.51
N SER E 277 34.62 34.87 26.71
CA SER E 277 33.21 35.04 27.04
C SER E 277 32.26 34.26 26.09
N LEU E 278 30.99 34.11 26.49
CA LEU E 278 29.96 33.40 25.72
C LEU E 278 28.62 34.18 25.79
N THR E 279 27.99 34.42 24.64
CA THR E 279 26.69 35.10 24.59
C THR E 279 25.64 34.19 23.96
N ASN E 280 24.36 34.41 24.29
CA ASN E 280 23.30 33.59 23.70
C ASN E 280 22.22 34.45 23.04
N PRO E 281 22.46 34.90 21.80
CA PRO E 281 21.40 35.62 21.07
C PRO E 281 20.24 34.71 20.67
N GLY E 282 20.47 33.39 20.71
CA GLY E 282 19.49 32.35 20.41
C GLY E 282 18.38 32.21 21.43
N THR E 283 18.43 33.02 22.49
CA THR E 283 17.38 33.08 23.50
C THR E 283 16.11 33.70 22.90
N LEU E 284 16.30 34.74 22.09
CA LEU E 284 15.23 35.45 21.42
C LEU E 284 14.89 34.85 20.03
N GLY E 285 15.38 33.65 19.73
CA GLY E 285 15.14 32.98 18.45
C GLY E 285 16.05 33.41 17.31
N THR E 286 16.99 34.32 17.55
CA THR E 286 17.91 34.79 16.53
C THR E 286 18.86 33.64 16.18
N VAL E 287 18.73 33.09 14.96
CA VAL E 287 19.46 31.94 14.44
C VAL E 287 20.96 32.00 14.75
N HIS E 288 21.63 33.08 14.35
CA HIS E 288 23.05 33.25 14.62
C HIS E 288 23.39 34.73 14.65
N SER E 289 24.48 35.09 15.33
CA SER E 289 24.90 36.48 15.41
C SER E 289 26.38 36.63 15.13
N VAL E 290 26.78 37.82 14.72
CA VAL E 290 28.17 38.17 14.51
C VAL E 290 28.50 39.19 15.58
N PRO E 291 28.87 38.73 16.78
CA PRO E 291 29.06 39.66 17.89
C PRO E 291 30.31 40.51 17.76
N ARG E 292 30.37 41.55 18.58
CA ARG E 292 31.52 42.45 18.64
C ARG E 292 32.38 41.99 19.84
N LEU E 293 33.70 41.74 19.63
CA LEU E 293 34.61 41.25 20.68
C LEU E 293 35.34 42.39 21.39
N MET E 294 35.13 42.48 22.71
CA MET E 294 35.76 43.49 23.57
C MET E 294 37.23 43.17 23.83
N GLN E 295 38.03 44.19 24.22
CA GLN E 295 39.44 44.00 24.53
C GLN E 295 39.61 43.16 25.80
N GLY E 296 40.75 42.50 25.91
CA GLY E 296 41.02 41.67 27.08
C GLY E 296 40.62 40.21 26.93
N GLN E 297 39.84 39.89 25.88
CA GLN E 297 39.44 38.51 25.62
C GLN E 297 40.02 38.04 24.29
N GLY E 298 40.34 36.76 24.21
CA GLY E 298 40.87 36.19 22.98
C GLY E 298 39.76 36.03 21.95
N ALA E 299 38.64 35.46 22.38
CA ALA E 299 37.50 35.24 21.49
C ALA E 299 36.20 35.18 22.26
N ILE E 300 35.10 35.57 21.61
CA ILE E 300 33.78 35.47 22.22
C ILE E 300 32.95 34.49 21.36
N ILE E 301 32.26 33.56 22.02
CA ILE E 301 31.45 32.52 21.38
C ILE E 301 29.96 32.90 21.39
N GLY E 302 29.35 32.99 20.22
CA GLY E 302 27.94 33.35 20.11
C GLY E 302 27.07 32.15 19.80
N ALA E 303 26.53 31.51 20.85
CA ALA E 303 25.68 30.34 20.71
C ALA E 303 24.33 30.70 20.12
N GLY E 304 24.04 30.13 18.96
CA GLY E 304 22.82 30.39 18.22
C GLY E 304 21.53 29.83 18.80
N ALA E 305 20.47 29.91 17.98
CA ALA E 305 19.14 29.45 18.40
C ALA E 305 19.02 27.97 18.15
N MET E 306 18.85 27.19 19.21
CA MET E 306 18.72 25.75 19.08
C MET E 306 17.32 25.39 18.63
N GLU E 307 17.12 25.25 17.31
CA GLU E 307 15.79 24.98 16.79
C GLU E 307 15.81 24.35 15.40
N TYR E 308 14.64 23.90 14.93
CA TYR E 308 14.43 23.39 13.59
C TYR E 308 14.52 24.57 12.60
N PRO E 309 15.09 24.35 11.40
CA PRO E 309 15.22 25.46 10.43
C PRO E 309 13.88 26.03 9.99
N ALA E 310 13.90 27.25 9.44
CA ALA E 310 12.71 27.98 9.00
C ALA E 310 11.79 27.21 8.04
N GLU E 311 12.34 26.43 7.10
CA GLU E 311 11.53 25.71 6.12
C GLU E 311 10.63 24.63 6.76
N PHE E 312 11.19 23.86 7.68
CA PHE E 312 10.48 22.78 8.36
C PHE E 312 9.43 23.25 9.34
N GLN E 313 9.50 24.51 9.80
CA GLN E 313 8.59 25.04 10.81
C GLN E 313 7.12 24.79 10.52
N GLY E 314 6.78 24.62 9.25
CA GLY E 314 5.39 24.38 8.87
C GLY E 314 4.94 22.93 8.80
N ALA E 315 5.87 21.94 8.83
CA ALA E 315 5.49 20.53 8.71
C ALA E 315 5.14 19.89 10.07
N SER E 316 4.40 18.76 10.06
CA SER E 316 4.00 18.06 11.29
C SER E 316 5.18 17.35 11.95
N GLU E 317 5.16 17.22 13.29
CA GLU E 317 6.24 16.56 14.04
C GLU E 317 6.41 15.12 13.61
N GLU E 318 5.29 14.42 13.42
CA GLU E 318 5.24 13.02 12.98
C GLU E 318 5.92 12.84 11.62
N ARG E 319 5.89 13.85 10.77
CA ARG E 319 6.53 13.83 9.48
C ARG E 319 8.06 13.92 9.66
N ILE E 320 8.52 14.90 10.46
CA ILE E 320 9.94 15.19 10.72
C ILE E 320 10.68 14.01 11.37
N ALA E 321 10.17 13.51 12.52
CA ALA E 321 10.81 12.40 13.24
C ALA E 321 10.83 11.11 12.43
N ASP E 322 9.84 10.92 11.54
CA ASP E 322 9.77 9.76 10.69
C ASP E 322 10.91 9.79 9.63
N LEU E 323 11.38 10.98 9.22
CA LEU E 323 12.45 11.09 8.23
C LEU E 323 13.83 11.09 8.89
N GLY E 324 13.94 11.78 10.01
CA GLY E 324 15.20 11.85 10.74
C GLY E 324 15.85 13.22 10.73
N ILE E 325 15.04 14.27 10.79
CA ILE E 325 15.57 15.64 10.84
C ILE E 325 15.57 16.09 12.31
N GLY E 326 16.67 16.67 12.78
CA GLY E 326 16.78 17.09 14.17
C GLY E 326 17.06 18.56 14.37
N LYS E 327 16.80 19.07 15.58
CA LYS E 327 17.07 20.46 15.88
C LYS E 327 18.57 20.75 15.82
N LEU E 328 18.95 22.02 15.62
CA LEU E 328 20.37 22.37 15.54
C LEU E 328 20.66 23.73 16.13
N ILE E 329 21.90 23.92 16.56
CA ILE E 329 22.33 25.19 17.11
C ILE E 329 23.41 25.76 16.19
N THR E 330 23.27 27.04 15.86
CA THR E 330 24.23 27.71 14.99
C THR E 330 25.30 28.36 15.82
N LEU E 331 26.31 27.60 16.25
CA LEU E 331 27.40 28.10 17.10
C LEU E 331 28.42 28.98 16.36
N THR E 332 28.50 30.26 16.75
CA THR E 332 29.43 31.22 16.14
C THR E 332 30.64 31.44 17.05
N SER E 333 31.73 31.94 16.48
CA SER E 333 32.95 32.19 17.23
C SER E 333 33.66 33.39 16.65
N THR E 334 33.27 34.60 17.07
CA THR E 334 33.93 35.81 16.59
C THR E 334 35.22 35.98 17.42
N TYR E 335 36.38 36.16 16.75
CA TYR E 335 37.67 36.19 17.43
C TYR E 335 38.58 37.37 17.01
N ASP E 336 39.74 37.54 17.71
CA ASP E 336 40.75 38.56 17.46
C ASP E 336 41.81 38.00 16.51
N HIS E 337 41.94 38.59 15.31
CA HIS E 337 42.90 38.10 14.33
C HIS E 337 44.35 38.46 14.65
N ARG E 338 44.61 39.25 15.70
CA ARG E 338 45.99 39.59 16.07
C ARG E 338 46.73 38.42 16.74
N ILE E 339 46.02 37.33 17.13
CA ILE E 339 46.64 36.17 17.78
C ILE E 339 46.05 34.87 17.23
N ILE E 340 44.72 34.77 17.18
CA ILE E 340 44.01 33.59 16.72
C ILE E 340 43.81 33.66 15.21
N GLN E 341 44.07 32.56 14.48
CA GLN E 341 43.85 32.55 13.04
C GLN E 341 42.72 31.57 12.68
N GLY E 342 42.09 31.80 11.52
CA GLY E 342 40.95 31.04 11.01
C GLY E 342 40.97 29.54 11.21
N ALA E 343 42.15 28.95 11.10
CA ALA E 343 42.32 27.51 11.26
C ALA E 343 42.10 27.09 12.72
N GLU E 344 42.69 27.83 13.67
CA GLU E 344 42.54 27.52 15.07
C GLU E 344 41.09 27.69 15.52
N SER E 345 40.45 28.79 15.13
CA SER E 345 39.06 29.03 15.50
C SER E 345 38.11 28.05 14.82
N GLY E 346 38.43 27.66 13.60
CA GLY E 346 37.64 26.69 12.86
C GLY E 346 37.72 25.31 13.50
N ASP E 347 38.92 24.95 13.99
CA ASP E 347 39.14 23.66 14.64
C ASP E 347 38.55 23.68 16.05
N PHE E 348 38.54 24.84 16.73
CA PHE E 348 37.96 24.99 18.06
C PHE E 348 36.49 24.69 18.03
N LEU E 349 35.78 25.18 17.01
CA LEU E 349 34.36 24.91 16.87
C LEU E 349 34.12 23.45 16.47
N ARG E 350 35.04 22.85 15.67
CA ARG E 350 34.93 21.44 15.32
C ARG E 350 35.06 20.57 16.57
N THR E 351 36.00 20.93 17.45
CA THR E 351 36.22 20.22 18.69
C THR E 351 34.96 20.26 19.57
N ILE E 352 34.29 21.43 19.67
CA ILE E 352 33.06 21.56 20.44
C ILE E 352 31.98 20.65 19.88
N HIS E 353 31.84 20.60 18.55
CA HIS E 353 30.89 19.71 17.87
C HIS E 353 31.17 18.24 18.26
N GLN E 354 32.45 17.82 18.21
CA GLN E 354 32.84 16.45 18.58
C GLN E 354 32.40 16.10 20.00
N LEU E 355 32.48 17.07 20.92
CA LEU E 355 32.05 16.87 22.30
C LEU E 355 30.55 16.76 22.40
N LEU E 356 29.82 17.70 21.80
CA LEU E 356 28.35 17.73 21.86
C LEU E 356 27.68 16.49 21.22
N LEU E 357 28.44 15.71 20.43
CA LEU E 357 27.93 14.47 19.85
C LEU E 357 28.75 13.22 20.30
N ASP E 358 29.71 13.39 21.20
CA ASP E 358 30.56 12.34 21.76
C ASP E 358 29.78 11.45 22.74
N ASP E 359 30.35 10.29 23.13
CA ASP E 359 29.71 9.39 24.08
C ASP E 359 30.39 9.51 25.44
N ASP E 360 31.73 9.63 25.47
CA ASP E 360 32.52 9.80 26.70
C ASP E 360 32.24 11.12 27.38
N PHE E 361 31.86 12.16 26.61
CA PHE E 361 31.50 13.46 27.15
C PHE E 361 30.26 13.32 28.02
N PHE E 362 29.26 12.59 27.51
CA PHE E 362 28.02 12.34 28.26
C PHE E 362 28.25 11.27 29.35
N ASP E 363 29.21 10.36 29.16
CA ASP E 363 29.58 9.37 30.16
C ASP E 363 30.14 10.07 31.40
N GLU E 364 30.98 11.08 31.18
CA GLU E 364 31.60 11.87 32.24
C GLU E 364 30.55 12.70 32.97
N ILE E 365 29.64 13.31 32.21
CA ILE E 365 28.58 14.15 32.76
C ILE E 365 27.63 13.29 33.61
N PHE E 366 27.24 12.11 33.12
CA PHE E 366 26.35 11.22 33.87
C PHE E 366 27.00 10.73 35.17
N ARG E 367 28.32 10.54 35.15
CA ARG E 367 29.06 10.12 36.33
C ARG E 367 29.03 11.22 37.38
N GLU E 368 29.25 12.46 36.95
CA GLU E 368 29.26 13.62 37.83
C GLU E 368 27.86 13.99 38.36
N LEU E 369 26.81 13.65 37.59
CA LEU E 369 25.44 13.94 38.02
C LEU E 369 24.78 12.78 38.80
N GLY E 370 25.52 11.71 39.08
CA GLY E 370 24.98 10.58 39.82
C GLY E 370 23.98 9.74 39.04
N ILE E 371 24.10 9.73 37.72
CA ILE E 371 23.23 8.92 36.88
C ILE E 371 23.98 7.67 36.49
N PRO E 372 23.52 6.50 36.93
CA PRO E 372 24.26 5.26 36.67
C PRO E 372 24.00 4.64 35.29
N TYR E 373 22.87 5.00 34.68
CA TYR E 373 22.42 4.43 33.41
C TYR E 373 23.23 4.95 32.22
N GLU E 374 23.18 4.21 31.10
CA GLU E 374 23.92 4.58 29.90
C GLU E 374 23.27 5.77 29.19
N PRO E 375 24.04 6.83 28.91
CA PRO E 375 23.47 7.98 28.21
C PRO E 375 23.15 7.70 26.75
N VAL E 376 22.30 8.53 26.14
CA VAL E 376 21.93 8.40 24.73
C VAL E 376 23.16 8.62 23.85
N ARG E 377 23.27 7.86 22.77
CA ARG E 377 24.41 7.98 21.87
C ARG E 377 23.98 8.49 20.52
N TRP E 378 24.83 9.31 19.88
CA TRP E 378 24.52 9.85 18.57
C TRP E 378 24.60 8.73 17.54
N ARG E 379 23.45 8.23 17.12
CA ARG E 379 23.38 7.17 16.13
C ARG E 379 22.55 7.63 14.96
N THR E 380 23.02 7.37 13.73
CA THR E 380 22.28 7.80 12.55
C THR E 380 21.20 6.79 12.17
N ASP E 381 19.94 7.26 12.20
CA ASP E 381 18.67 6.59 11.90
C ASP E 381 18.79 5.17 11.34
N ASN E 382 17.95 4.26 11.84
CA ASN E 382 17.93 2.91 11.33
C ASN E 382 16.96 2.89 10.17
N PRO E 383 17.43 2.53 8.97
CA PRO E 383 16.54 2.58 7.79
C PRO E 383 15.54 1.44 7.70
N ASP E 384 15.26 0.75 8.81
CA ASP E 384 14.31 -0.35 8.79
C ASP E 384 12.88 0.16 8.99
N SER E 385 11.91 -0.60 8.50
CA SER E 385 10.50 -0.24 8.61
C SER E 385 10.01 -0.37 10.05
N ILE E 386 8.83 0.17 10.31
CA ILE E 386 8.23 0.13 11.64
C ILE E 386 7.84 -1.33 11.98
N GLU E 387 7.45 -2.16 10.99
CA GLU E 387 7.11 -3.56 11.25
C GLU E 387 8.34 -4.32 11.71
N ASP E 388 9.48 -4.08 11.05
CA ASP E 388 10.73 -4.73 11.40
C ASP E 388 11.19 -4.28 12.78
N LYS E 389 11.07 -2.99 13.07
CA LYS E 389 11.46 -2.41 14.36
C LYS E 389 10.53 -2.83 15.51
N ASN E 390 9.26 -3.14 15.20
CA ASN E 390 8.27 -3.48 16.21
C ASN E 390 8.64 -4.73 16.99
N ALA E 391 8.93 -5.86 16.32
CA ALA E 391 9.28 -7.10 17.01
C ALA E 391 10.52 -6.93 17.90
N ARG E 392 11.43 -6.00 17.54
CA ARG E 392 12.62 -5.71 18.35
C ARG E 392 12.22 -5.02 19.65
N VAL E 393 11.28 -4.05 19.55
CA VAL E 393 10.78 -3.30 20.69
C VAL E 393 9.94 -4.22 21.61
N ILE E 394 9.17 -5.16 21.04
CA ILE E 394 8.39 -6.11 21.84
C ILE E 394 9.34 -6.99 22.67
N GLU E 395 10.37 -7.53 22.02
CA GLU E 395 11.38 -8.37 22.61
C GLU E 395 12.17 -7.61 23.67
N LEU E 396 12.49 -6.34 23.41
CA LEU E 396 13.21 -5.47 24.33
C LEU E 396 12.44 -5.32 25.63
N ILE E 397 11.12 -5.16 25.54
CA ILE E 397 10.28 -5.01 26.72
C ILE E 397 10.22 -6.32 27.50
N ALA E 398 10.13 -7.45 26.79
CA ALA E 398 10.12 -8.76 27.45
C ALA E 398 11.42 -9.01 28.23
N ALA E 399 12.59 -8.60 27.67
CA ALA E 399 13.89 -8.78 28.32
C ALA E 399 14.04 -7.88 29.55
N TYR E 400 13.43 -6.69 29.52
CA TYR E 400 13.49 -5.75 30.63
C TYR E 400 12.78 -6.27 31.87
N ARG E 401 11.72 -7.06 31.70
CA ARG E 401 10.95 -7.58 32.83
C ARG E 401 11.67 -8.75 33.52
N ASN E 402 12.36 -9.57 32.73
CA ASN E 402 13.07 -10.71 33.27
C ASN E 402 14.31 -10.28 34.02
N ARG E 403 15.12 -9.37 33.43
CA ARG E 403 16.37 -8.98 34.05
C ARG E 403 16.53 -7.48 34.26
N GLY E 404 15.43 -6.80 34.51
CA GLY E 404 15.46 -5.37 34.81
C GLY E 404 16.19 -5.09 36.12
N HIS E 405 16.09 -6.03 37.08
CA HIS E 405 16.72 -6.01 38.41
C HIS E 405 18.25 -6.04 38.32
N LEU E 406 18.80 -6.69 37.30
CA LEU E 406 20.25 -6.77 37.13
C LEU E 406 20.84 -5.42 36.77
N MET E 407 20.11 -4.63 35.99
CA MET E 407 20.56 -3.29 35.67
C MET E 407 19.73 -2.33 36.50
N ALA E 408 19.75 -2.49 37.82
CA ALA E 408 19.00 -1.62 38.71
C ALA E 408 19.90 -0.92 39.73
N ASP E 409 19.54 0.32 40.12
CA ASP E 409 20.33 1.08 41.08
C ASP E 409 19.83 0.77 42.50
N ILE E 410 20.03 -0.47 42.93
CA ILE E 410 19.56 -0.95 44.22
C ILE E 410 20.70 -1.05 45.27
N ASP E 411 21.97 -0.86 44.85
CA ASP E 411 23.11 -0.85 45.77
C ASP E 411 23.35 0.58 46.21
N PRO E 412 23.15 0.87 47.51
CA PRO E 412 23.39 2.24 47.98
C PRO E 412 24.86 2.63 47.98
N LEU E 413 25.77 1.64 48.08
CA LEU E 413 27.20 1.89 48.09
C LEU E 413 27.80 1.99 46.68
N ARG E 414 27.05 1.62 45.62
CA ARG E 414 27.48 1.64 44.21
C ARG E 414 28.86 1.02 44.04
N LEU E 415 28.99 -0.21 44.51
CA LEU E 415 30.26 -0.92 44.47
C LEU E 415 30.52 -1.47 43.07
N ASP E 416 29.52 -2.11 42.45
CA ASP E 416 29.67 -2.63 41.09
C ASP E 416 29.06 -1.67 40.09
N ASN E 417 29.89 -0.83 39.50
CA ASN E 417 29.43 0.11 38.49
C ASN E 417 29.20 -0.54 37.13
N THR E 418 29.68 -1.77 36.93
CA THR E 418 29.58 -2.44 35.65
C THR E 418 28.21 -3.06 35.39
N ARG E 419 27.41 -3.36 36.43
CA ARG E 419 26.10 -3.98 36.21
C ARG E 419 25.16 -3.11 35.31
N PHE E 420 25.44 -1.79 35.22
CA PHE E 420 24.70 -0.81 34.43
C PHE E 420 25.18 -0.71 32.98
N ARG E 421 26.30 -1.36 32.62
CA ARG E 421 26.82 -1.33 31.25
C ARG E 421 27.06 -2.73 30.67
N SER E 422 27.06 -3.78 31.51
CA SER E 422 27.35 -5.14 31.06
C SER E 422 26.09 -5.88 30.61
N HIS E 423 25.16 -5.18 29.95
CA HIS E 423 23.95 -5.84 29.48
C HIS E 423 23.48 -5.35 28.14
N PRO E 424 23.77 -6.14 27.09
CA PRO E 424 23.28 -5.78 25.74
C PRO E 424 21.81 -6.15 25.53
N ASP E 425 21.28 -7.10 26.32
CA ASP E 425 19.87 -7.51 26.27
C ASP E 425 18.93 -6.39 26.76
N LEU E 426 19.47 -5.38 27.49
CA LEU E 426 18.73 -4.22 27.98
C LEU E 426 19.19 -2.92 27.27
N ASP E 427 20.38 -2.92 26.66
CA ASP E 427 20.90 -1.80 25.88
C ASP E 427 19.99 -1.63 24.65
N VAL E 428 19.65 -0.39 24.29
CA VAL E 428 18.70 -0.15 23.21
C VAL E 428 19.38 -0.18 21.82
N ASN E 429 20.61 0.32 21.69
CA ASN E 429 21.31 0.32 20.40
C ASN E 429 21.46 -1.08 19.83
N SER E 430 21.68 -2.07 20.72
CA SER E 430 21.82 -3.49 20.39
C SER E 430 20.50 -4.16 19.96
N HIS E 431 19.45 -3.37 19.74
CA HIS E 431 18.14 -3.85 19.30
C HIS E 431 17.65 -3.11 18.05
N GLY E 432 18.59 -2.66 17.22
CA GLY E 432 18.30 -1.93 15.99
C GLY E 432 17.46 -0.70 16.22
N LEU E 433 17.88 0.17 17.14
CA LEU E 433 17.13 1.38 17.46
C LEU E 433 18.08 2.56 17.71
N THR E 434 17.61 3.77 17.38
CA THR E 434 18.39 5.01 17.51
C THR E 434 17.55 6.09 18.23
N LEU E 435 18.15 7.25 18.56
CA LEU E 435 17.43 8.36 19.19
C LEU E 435 16.34 8.97 18.26
N TRP E 436 16.41 8.68 16.95
CA TRP E 436 15.44 9.13 15.95
C TRP E 436 14.16 8.32 16.07
N ASP E 437 14.28 7.01 16.38
CA ASP E 437 13.13 6.13 16.59
C ASP E 437 12.41 6.39 17.93
N LEU E 438 12.99 7.24 18.82
CA LEU E 438 12.47 7.59 20.14
C LEU E 438 11.08 8.22 20.11
N ASP E 439 10.79 8.99 19.06
CA ASP E 439 9.51 9.68 18.97
C ASP E 439 8.50 8.92 18.07
N ARG E 440 8.83 7.71 17.63
CA ARG E 440 7.94 6.95 16.76
C ARG E 440 7.04 6.02 17.56
N GLU E 441 5.88 5.70 17.02
CA GLU E 441 4.93 4.83 17.68
C GLU E 441 5.18 3.38 17.38
N PHE E 442 5.03 2.51 18.38
CA PHE E 442 5.21 1.07 18.20
C PHE E 442 4.02 0.33 18.81
N LYS E 443 3.55 -0.72 18.12
CA LYS E 443 2.39 -1.53 18.53
C LYS E 443 2.77 -2.49 19.66
N VAL E 444 3.09 -1.92 20.83
CA VAL E 444 3.44 -2.64 22.04
C VAL E 444 2.17 -3.22 22.65
N ASP E 445 1.89 -4.50 22.37
CA ASP E 445 0.67 -5.13 22.83
C ASP E 445 0.57 -5.15 24.35
N GLY E 446 -0.26 -4.25 24.87
CA GLY E 446 -0.54 -4.11 26.30
C GLY E 446 0.65 -3.87 27.20
N PHE E 447 1.57 -2.97 26.81
CA PHE E 447 2.72 -2.66 27.66
C PHE E 447 2.21 -1.81 28.85
N ALA E 448 2.11 -0.48 28.71
CA ALA E 448 1.57 0.36 29.77
C ALA E 448 0.06 0.50 29.59
N GLY E 449 -0.60 -0.59 29.20
CA GLY E 449 -2.03 -0.62 28.92
C GLY E 449 -2.32 -0.18 27.50
N VAL E 450 -1.61 0.85 27.04
CA VAL E 450 -1.78 1.42 25.72
C VAL E 450 -1.25 0.49 24.65
N GLN E 451 -2.02 0.32 23.57
CA GLN E 451 -1.60 -0.52 22.46
C GLN E 451 -0.57 0.19 21.55
N ARG E 452 -0.34 1.49 21.74
CA ARG E 452 0.64 2.24 20.97
C ARG E 452 1.35 3.20 21.87
N LYS E 453 2.68 3.29 21.75
CA LYS E 453 3.46 4.16 22.61
C LYS E 453 4.73 4.63 21.91
N LYS E 454 5.18 5.84 22.25
CA LYS E 454 6.44 6.35 21.72
C LYS E 454 7.60 5.62 22.41
N LEU E 455 8.70 5.38 21.70
CA LEU E 455 9.85 4.66 22.25
C LEU E 455 10.40 5.30 23.51
N ARG E 456 10.52 6.64 23.55
CA ARG E 456 11.04 7.31 24.74
C ARG E 456 10.12 7.12 25.96
N ASP E 457 8.82 6.89 25.74
CA ASP E 457 7.90 6.62 26.83
C ASP E 457 8.09 5.19 27.33
N ILE E 458 8.22 4.25 26.39
CA ILE E 458 8.46 2.83 26.67
C ILE E 458 9.71 2.63 27.55
N LEU E 459 10.84 3.32 27.21
CA LEU E 459 12.10 3.19 27.94
C LEU E 459 12.05 3.86 29.31
N SER E 460 11.31 4.97 29.42
CA SER E 460 11.18 5.67 30.69
C SER E 460 10.30 4.89 31.67
N VAL E 461 9.28 4.16 31.16
CA VAL E 461 8.43 3.33 32.01
C VAL E 461 9.27 2.20 32.58
N LEU E 462 9.97 1.46 31.70
CA LEU E 462 10.83 0.36 32.12
C LEU E 462 11.92 0.82 33.09
N ARG E 463 12.40 2.05 32.94
CA ARG E 463 13.41 2.59 33.84
C ARG E 463 12.82 2.77 35.24
N ASP E 464 11.76 3.58 35.39
CA ASP E 464 11.14 3.85 36.70
C ASP E 464 10.49 2.58 37.34
N ALA E 465 10.27 1.52 36.54
CA ALA E 465 9.67 0.29 37.02
C ALA E 465 10.70 -0.77 37.42
N TYR E 466 11.77 -0.99 36.62
CA TYR E 466 12.74 -2.05 36.91
C TYR E 466 14.16 -1.57 37.12
N CYS E 467 14.51 -0.39 36.61
CA CYS E 467 15.88 0.11 36.74
C CYS E 467 16.03 1.09 37.91
N ARG E 468 14.93 1.67 38.43
CA ARG E 468 15.02 2.61 39.53
C ARG E 468 15.52 1.87 40.79
N HIS E 469 15.03 2.23 41.97
CA HIS E 469 15.48 1.59 43.20
C HIS E 469 14.68 0.34 43.53
N VAL E 470 13.95 -0.23 42.55
CA VAL E 470 13.19 -1.44 42.77
C VAL E 470 13.47 -2.44 41.68
N GLY E 471 14.12 -3.53 42.05
CA GLY E 471 14.41 -4.62 41.12
C GLY E 471 13.26 -5.60 41.20
N VAL E 472 12.70 -5.98 40.04
CA VAL E 472 11.54 -6.88 40.06
C VAL E 472 11.90 -8.24 39.47
N GLU E 473 11.47 -9.27 40.18
CA GLU E 473 11.62 -10.67 39.84
C GLU E 473 10.29 -11.30 39.99
N TYR E 474 9.56 -11.39 38.92
CA TYR E 474 8.21 -11.95 38.92
C TYR E 474 7.97 -12.91 37.73
N THR E 475 8.85 -12.85 36.73
CA THR E 475 8.83 -13.63 35.50
C THR E 475 8.97 -15.13 35.81
N HIS E 476 9.73 -15.49 36.84
CA HIS E 476 9.90 -16.89 37.21
C HIS E 476 8.65 -17.52 37.83
N ILE E 477 7.66 -16.71 38.21
CA ILE E 477 6.43 -17.23 38.80
C ILE E 477 5.62 -17.94 37.71
N LEU E 478 5.05 -19.11 38.02
CA LEU E 478 4.32 -19.94 37.08
C LEU E 478 2.87 -19.50 36.87
N GLU E 479 2.29 -18.81 37.86
CA GLU E 479 0.92 -18.33 37.73
C GLU E 479 0.91 -17.09 36.85
N PRO E 480 0.03 -17.06 35.84
CA PRO E 480 0.04 -15.92 34.90
C PRO E 480 -0.59 -14.65 35.45
N GLU E 481 -1.76 -14.75 36.10
CA GLU E 481 -2.43 -13.57 36.65
C GLU E 481 -1.57 -12.82 37.66
N GLN E 482 -0.64 -13.51 38.33
CA GLN E 482 0.27 -12.90 39.28
C GLN E 482 1.27 -12.01 38.56
N GLN E 483 1.76 -12.45 37.39
CA GLN E 483 2.67 -11.65 36.59
C GLN E 483 1.93 -10.44 36.04
N ARG E 484 0.68 -10.65 35.56
CA ARG E 484 -0.16 -9.57 35.07
C ARG E 484 -0.41 -8.53 36.14
N TRP E 485 -0.62 -9.01 37.37
CA TRP E 485 -0.86 -8.22 38.56
C TRP E 485 0.33 -7.30 38.86
N ILE E 486 1.56 -7.85 38.85
CA ILE E 486 2.76 -7.06 39.15
C ILE E 486 3.06 -6.06 38.01
N GLN E 487 2.66 -6.35 36.76
CA GLN E 487 2.83 -5.39 35.66
C GLN E 487 1.89 -4.19 35.81
N GLU E 488 0.71 -4.40 36.40
CA GLU E 488 -0.23 -3.32 36.64
C GLU E 488 0.25 -2.35 37.71
N ARG E 489 1.16 -2.78 38.59
CA ARG E 489 1.66 -1.94 39.67
C ARG E 489 3.03 -1.34 39.36
N VAL E 490 3.92 -2.17 38.79
CA VAL E 490 5.29 -1.80 38.48
C VAL E 490 5.35 -0.92 37.22
N GLU E 491 4.75 -1.38 36.10
CA GLU E 491 4.71 -0.66 34.83
C GLU E 491 3.64 0.44 34.83
N THR E 492 3.74 1.35 35.79
CA THR E 492 2.82 2.48 35.93
C THR E 492 3.61 3.64 36.51
N LYS E 493 3.42 4.86 36.00
CA LYS E 493 4.08 6.04 36.56
C LYS E 493 3.44 6.31 37.92
N HIS E 494 4.09 5.78 38.98
CA HIS E 494 3.59 5.84 40.35
C HIS E 494 3.56 7.25 40.89
N ASP E 495 2.47 7.58 41.56
CA ASP E 495 2.24 8.90 42.15
C ASP E 495 3.27 9.20 43.21
N LYS E 496 3.76 10.44 43.24
CA LYS E 496 4.71 10.87 44.27
C LYS E 496 3.95 10.96 45.57
N PRO E 497 4.50 10.38 46.65
CA PRO E 497 3.77 10.40 47.93
C PRO E 497 3.51 11.82 48.44
N THR E 498 2.42 11.99 49.21
CA THR E 498 2.05 13.30 49.74
C THR E 498 3.12 13.80 50.71
N VAL E 499 3.19 15.12 50.90
CA VAL E 499 4.15 15.69 51.85
C VAL E 499 3.83 15.19 53.28
N ALA E 500 2.55 14.93 53.60
CA ALA E 500 2.12 14.40 54.90
C ALA E 500 2.59 12.96 55.09
N GLU E 501 2.58 12.17 54.00
CA GLU E 501 3.06 10.80 54.01
C GLU E 501 4.57 10.79 54.18
N GLN E 502 5.26 11.66 53.44
CA GLN E 502 6.72 11.81 53.52
C GLN E 502 7.15 12.21 54.93
N LYS E 503 6.36 13.09 55.58
CA LYS E 503 6.66 13.57 56.93
C LYS E 503 6.53 12.45 57.96
N TYR E 504 5.58 11.51 57.76
CA TYR E 504 5.45 10.35 58.65
C TYR E 504 6.65 9.40 58.50
N ILE E 505 7.22 9.31 57.29
CA ILE E 505 8.41 8.52 56.99
C ILE E 505 9.60 9.11 57.70
N LEU E 506 9.74 10.44 57.68
CA LEU E 506 10.84 11.11 58.34
C LEU E 506 10.66 11.09 59.86
N SER E 507 9.42 11.07 60.39
CA SER E 507 9.20 10.98 61.84
C SER E 507 9.59 9.60 62.36
N LYS E 508 9.31 8.55 61.57
CA LYS E 508 9.65 7.17 61.88
C LYS E 508 11.18 6.96 61.78
N LEU E 509 11.85 7.66 60.84
CA LEU E 509 13.29 7.60 60.68
C LEU E 509 14.03 8.44 61.74
N ASN E 510 13.36 9.47 62.31
CA ASN E 510 13.93 10.31 63.35
C ASN E 510 14.05 9.52 64.64
N ALA E 511 13.00 8.76 65.00
CA ALA E 511 12.97 7.93 66.20
C ALA E 511 13.90 6.72 66.06
N ALA E 512 14.11 6.23 64.84
CA ALA E 512 14.99 5.09 64.60
C ALA E 512 16.46 5.52 64.67
N GLU E 513 16.82 6.65 64.05
CA GLU E 513 18.20 7.13 64.07
C GLU E 513 18.57 7.64 65.48
N ALA E 514 17.60 8.20 66.23
CA ALA E 514 17.86 8.64 67.60
C ALA E 514 17.98 7.45 68.55
N PHE E 515 17.25 6.35 68.30
CA PHE E 515 17.32 5.17 69.15
C PHE E 515 18.69 4.55 69.10
N GLU E 516 19.25 4.38 67.89
CA GLU E 516 20.58 3.81 67.72
C GLU E 516 21.67 4.80 68.18
N THR E 517 21.40 6.10 68.15
CA THR E 517 22.31 7.13 68.65
C THR E 517 22.42 6.99 70.19
N PHE E 518 21.29 6.73 70.85
CA PHE E 518 21.22 6.54 72.29
C PHE E 518 21.88 5.22 72.70
N LEU E 519 21.63 4.13 71.96
CA LEU E 519 22.19 2.79 72.25
C LEU E 519 23.69 2.73 72.03
N GLN E 520 24.22 3.50 71.05
CA GLN E 520 25.69 3.52 70.84
C GLN E 520 26.36 4.59 71.72
N THR E 521 25.66 5.14 72.74
CA THR E 521 26.20 6.17 73.61
C THR E 521 26.02 5.76 75.08
N LYS E 522 24.78 5.45 75.48
CA LYS E 522 24.41 5.08 76.83
C LYS E 522 25.09 3.80 77.26
N TYR E 523 25.23 2.85 76.34
CA TYR E 523 25.85 1.57 76.65
C TYR E 523 27.05 1.30 75.75
N VAL E 524 27.89 0.36 76.17
CA VAL E 524 29.05 -0.06 75.40
C VAL E 524 28.91 -1.55 75.10
N GLY E 525 29.60 -1.97 74.04
CA GLY E 525 29.50 -3.34 73.54
C GLY E 525 28.45 -3.47 72.44
N GLN E 526 27.68 -2.39 72.20
CA GLN E 526 26.62 -2.32 71.21
C GLN E 526 27.15 -2.04 69.81
N LYS E 527 28.40 -2.45 69.49
CA LYS E 527 28.91 -2.35 68.12
C LYS E 527 28.14 -3.36 67.27
N ARG E 528 27.92 -4.57 67.82
CA ARG E 528 27.04 -5.55 67.21
C ARG E 528 25.59 -5.03 67.40
N PHE E 529 24.61 -5.60 66.71
CA PHE E 529 23.20 -5.17 66.83
C PHE E 529 22.98 -3.69 66.38
N SER E 530 24.04 -2.98 65.93
CA SER E 530 23.96 -1.59 65.50
C SER E 530 23.29 -1.49 64.15
N LEU E 531 22.00 -1.15 64.18
CA LEU E 531 21.17 -0.99 63.00
C LEU E 531 21.49 0.31 62.25
N GLU E 532 22.74 0.76 62.29
CA GLU E 532 23.15 1.98 61.61
C GLU E 532 23.40 1.63 60.15
N GLY E 533 22.71 2.34 59.27
CA GLY E 533 22.72 2.11 57.84
C GLY E 533 21.40 1.52 57.34
N ALA E 534 20.77 0.70 58.20
CA ALA E 534 19.50 0.04 57.90
C ALA E 534 18.35 0.57 58.77
N GLU E 535 18.41 1.86 59.17
CA GLU E 535 17.31 2.47 59.92
C GLU E 535 16.00 2.43 59.12
N THR E 536 16.12 2.44 57.77
CA THR E 536 15.05 2.36 56.77
C THR E 536 14.16 1.13 56.99
N VAL E 537 14.68 0.06 57.63
CA VAL E 537 13.90 -1.14 57.88
C VAL E 537 12.85 -0.89 58.98
N ILE E 538 13.03 0.14 59.84
CA ILE E 538 12.05 0.46 60.88
C ILE E 538 10.76 0.97 60.19
N PRO E 539 10.75 2.06 59.38
CA PRO E 539 9.50 2.45 58.72
C PRO E 539 9.02 1.46 57.66
N MET E 540 9.92 0.58 57.15
CA MET E 540 9.54 -0.43 56.17
C MET E 540 8.56 -1.41 56.80
N MET E 541 8.85 -1.86 58.03
CA MET E 541 7.96 -2.76 58.75
C MET E 541 6.68 -2.05 59.13
N ASP E 542 6.79 -0.77 59.53
CA ASP E 542 5.66 0.08 59.87
C ASP E 542 4.68 0.16 58.69
N ALA E 543 5.20 0.24 57.46
CA ALA E 543 4.38 0.29 56.27
C ALA E 543 3.60 -1.01 56.11
N VAL E 544 4.25 -2.15 56.37
CA VAL E 544 3.62 -3.47 56.27
C VAL E 544 2.46 -3.57 57.25
N ILE E 545 2.67 -3.10 58.48
CA ILE E 545 1.67 -3.19 59.52
C ILE E 545 0.56 -2.15 59.33
N ASP E 546 0.88 -0.96 58.79
CA ASP E 546 -0.14 0.05 58.48
C ASP E 546 -1.08 -0.50 57.39
N GLN E 547 -0.49 -1.17 56.40
CA GLN E 547 -1.23 -1.79 55.32
C GLN E 547 -2.11 -2.91 55.85
N CYS E 548 -1.58 -3.72 56.77
CA CYS E 548 -2.27 -4.85 57.36
C CYS E 548 -3.51 -4.39 58.11
N ALA E 549 -3.40 -3.30 58.87
CA ALA E 549 -4.54 -2.76 59.59
C ALA E 549 -5.61 -2.29 58.63
N GLU E 550 -5.20 -1.64 57.53
CA GLU E 550 -6.09 -1.18 56.49
C GLU E 550 -6.80 -2.35 55.81
N HIS E 551 -6.08 -3.46 55.62
CA HIS E 551 -6.57 -4.69 55.03
C HIS E 551 -7.60 -5.44 55.88
N GLY E 552 -7.80 -5.02 57.13
CA GLY E 552 -8.75 -5.67 58.01
C GLY E 552 -8.17 -6.93 58.63
N LEU E 553 -6.89 -6.85 59.03
CA LEU E 553 -6.22 -7.97 59.64
C LEU E 553 -6.13 -7.79 61.16
N ASP E 554 -5.93 -8.89 61.89
CA ASP E 554 -5.94 -8.85 63.35
C ASP E 554 -4.57 -8.76 64.00
N GLU E 555 -3.58 -9.58 63.57
CA GLU E 555 -2.27 -9.55 64.22
C GLU E 555 -1.11 -9.83 63.27
N VAL E 556 0.02 -9.15 63.52
CA VAL E 556 1.27 -9.31 62.78
C VAL E 556 2.31 -9.88 63.76
N VAL E 557 2.72 -11.15 63.59
CA VAL E 557 3.68 -11.80 64.48
C VAL E 557 5.11 -11.68 63.91
N ILE E 558 5.99 -10.99 64.63
CA ILE E 558 7.37 -10.73 64.18
C ILE E 558 8.42 -11.67 64.80
N ALA E 559 9.19 -12.36 63.95
CA ALA E 559 10.32 -13.18 64.38
C ALA E 559 11.53 -12.57 63.76
N MET E 560 12.49 -12.13 64.57
CA MET E 560 13.65 -11.44 64.04
C MET E 560 14.93 -11.79 64.81
N PRO E 561 16.12 -11.56 64.20
CA PRO E 561 17.36 -11.86 64.91
C PRO E 561 17.74 -10.76 65.90
N HIS E 562 18.85 -10.97 66.61
CA HIS E 562 19.37 -10.03 67.59
C HIS E 562 19.54 -8.60 67.05
N ARG E 563 19.88 -8.45 65.76
CA ARG E 563 20.15 -7.12 65.21
C ARG E 563 18.93 -6.18 65.20
N GLY E 564 19.11 -5.00 65.81
CA GLY E 564 18.11 -3.94 65.94
C GLY E 564 16.86 -4.29 66.73
N ARG E 565 16.88 -5.41 67.45
CA ARG E 565 15.76 -5.92 68.25
C ARG E 565 15.18 -4.92 69.23
N LEU E 566 16.04 -4.13 69.90
CA LEU E 566 15.56 -3.15 70.88
C LEU E 566 14.84 -2.00 70.21
N ASN E 567 15.31 -1.59 69.02
CA ASN E 567 14.74 -0.52 68.22
C ASN E 567 13.32 -0.89 67.78
N VAL E 568 13.13 -2.15 67.37
CA VAL E 568 11.84 -2.68 66.95
C VAL E 568 10.90 -2.74 68.16
N LEU E 569 11.41 -3.20 69.32
CA LEU E 569 10.60 -3.30 70.52
C LEU E 569 10.01 -1.95 70.93
N ALA E 570 10.74 -0.85 70.72
CA ALA E 570 10.23 0.46 71.10
C ALA E 570 9.45 1.17 69.99
N ASN E 571 9.98 1.25 68.76
CA ASN E 571 9.33 2.00 67.68
C ASN E 571 8.35 1.17 66.80
N ILE E 572 8.31 -0.16 66.95
CA ILE E 572 7.42 -0.99 66.13
C ILE E 572 6.41 -1.77 67.00
N VAL E 573 6.87 -2.47 68.03
CA VAL E 573 5.99 -3.25 68.90
C VAL E 573 5.09 -2.31 69.70
N GLY E 574 5.68 -1.28 70.28
CA GLY E 574 4.92 -0.32 71.07
C GLY E 574 5.21 -0.47 72.55
N LYS E 575 6.46 -0.73 72.90
CA LYS E 575 6.86 -0.88 74.30
C LYS E 575 7.57 0.37 74.77
N PRO E 576 7.30 0.81 76.00
CA PRO E 576 7.97 2.01 76.51
C PRO E 576 9.42 1.73 76.85
N TYR E 577 10.26 2.77 76.75
CA TYR E 577 11.69 2.66 77.05
C TYR E 577 11.95 2.11 78.47
N SER E 578 10.99 2.28 79.39
CA SER E 578 11.07 1.79 80.76
C SER E 578 11.16 0.27 80.82
N GLN E 579 10.25 -0.45 80.17
CA GLN E 579 10.25 -1.92 80.18
C GLN E 579 11.32 -2.53 79.29
N ILE E 580 12.21 -1.72 78.72
CA ILE E 580 13.25 -2.20 77.82
C ILE E 580 14.59 -2.27 78.54
N PHE E 581 14.94 -1.21 79.26
CA PHE E 581 16.26 -1.14 79.90
C PHE E 581 16.23 -1.50 81.40
N SER E 582 15.16 -2.14 81.88
CA SER E 582 15.08 -2.58 83.27
C SER E 582 16.06 -3.71 83.48
N GLU E 583 17.19 -3.41 84.12
CA GLU E 583 18.28 -4.35 84.37
C GLU E 583 19.00 -4.64 83.06
N PHE E 584 19.73 -3.65 82.54
CA PHE E 584 20.45 -3.79 81.28
C PHE E 584 21.95 -3.99 81.52
N GLU E 585 22.64 -4.70 80.63
CA GLU E 585 24.09 -4.94 80.74
C GLU E 585 24.84 -4.48 79.47
N PRO E 590 31.89 -6.56 77.68
CA PRO E 590 32.85 -5.79 76.88
C PRO E 590 33.94 -6.68 76.26
N SER E 591 33.64 -7.96 76.04
CA SER E 591 34.57 -8.94 75.47
C SER E 591 34.86 -8.69 73.97
N GLN E 592 35.90 -9.33 73.42
CA GLN E 592 36.22 -9.20 72.00
C GLN E 592 35.20 -10.00 71.13
N ALA E 593 34.57 -11.05 71.69
CA ALA E 593 33.59 -11.85 70.99
C ALA E 593 32.17 -11.34 71.22
N HIS E 594 31.30 -11.47 70.22
CA HIS E 594 29.90 -11.06 70.36
C HIS E 594 29.12 -12.08 71.22
N GLY E 595 28.09 -11.62 71.92
CA GLY E 595 27.27 -12.49 72.75
C GLY E 595 25.79 -12.18 72.68
N SER E 596 25.07 -12.38 73.78
CA SER E 596 23.63 -12.09 73.85
C SER E 596 23.34 -10.76 74.59
N GLY E 597 24.26 -10.35 75.47
CA GLY E 597 24.14 -9.14 76.27
C GLY E 597 22.98 -9.26 77.24
N ASP E 598 22.11 -8.24 77.26
CA ASP E 598 20.90 -8.32 78.08
C ASP E 598 19.97 -9.33 77.40
N VAL E 599 19.20 -10.07 78.20
CA VAL E 599 18.29 -11.08 77.67
C VAL E 599 17.12 -10.50 76.85
N LYS E 600 16.89 -9.17 76.89
CA LYS E 600 15.84 -8.52 76.10
C LYS E 600 16.00 -8.79 74.60
N TYR E 601 17.24 -9.01 74.13
CA TYR E 601 17.56 -9.35 72.75
C TYR E 601 17.04 -10.75 72.33
N HIS E 602 16.46 -11.52 73.26
CA HIS E 602 15.89 -12.85 73.04
C HIS E 602 14.38 -12.85 73.28
N LEU E 603 13.93 -12.10 74.29
CA LEU E 603 12.53 -12.04 74.75
C LEU E 603 11.60 -11.41 73.74
N GLY E 604 10.37 -11.92 73.72
CA GLY E 604 9.33 -11.41 72.82
C GLY E 604 8.13 -10.81 73.54
N ALA E 605 7.92 -9.49 73.39
CA ALA E 605 6.80 -8.79 74.01
C ALA E 605 5.74 -8.34 72.99
N THR E 606 4.49 -8.10 73.45
CA THR E 606 3.39 -7.69 72.57
C THR E 606 2.99 -6.20 72.81
N GLY E 607 2.31 -5.63 71.82
CA GLY E 607 1.84 -4.24 71.85
C GLY E 607 0.75 -3.99 70.82
N THR E 608 0.32 -2.73 70.64
CA THR E 608 -0.74 -2.42 69.67
C THR E 608 -0.33 -1.26 68.74
N TYR E 609 -0.72 -1.36 67.46
CA TYR E 609 -0.42 -0.34 66.45
C TYR E 609 -1.67 0.41 66.01
N ILE E 610 -1.62 1.75 66.12
CA ILE E 610 -2.70 2.64 65.71
C ILE E 610 -2.33 3.26 64.38
N GLN E 611 -3.22 3.13 63.37
CA GLN E 611 -2.94 3.69 62.06
C GLN E 611 -2.81 5.20 62.11
N MET E 612 -1.73 5.74 61.55
CA MET E 612 -1.51 7.17 61.56
C MET E 612 -2.55 7.85 60.70
N PHE E 613 -2.82 7.31 59.51
CA PHE E 613 -3.79 7.91 58.61
C PHE E 613 -5.06 7.08 58.45
N GLY E 614 -4.94 5.76 58.58
CA GLY E 614 -6.08 4.87 58.45
C GLY E 614 -7.07 4.93 59.60
N ASP E 615 -8.10 4.08 59.58
CA ASP E 615 -9.13 4.10 60.61
C ASP E 615 -9.18 2.82 61.45
N ASN E 616 -8.11 2.02 61.46
CA ASN E 616 -8.13 0.77 62.21
C ASN E 616 -6.91 0.60 63.14
N ASP E 617 -7.02 -0.34 64.08
CA ASP E 617 -5.93 -0.66 65.02
C ASP E 617 -5.62 -2.15 64.92
N ILE E 618 -4.33 -2.50 64.92
CA ILE E 618 -3.92 -3.88 64.76
C ILE E 618 -2.93 -4.33 65.83
N GLU E 619 -2.93 -5.63 66.15
CA GLU E 619 -2.03 -6.17 67.16
C GLU E 619 -0.66 -6.49 66.58
N VAL E 620 0.38 -6.16 67.33
CA VAL E 620 1.76 -6.42 66.93
C VAL E 620 2.46 -7.19 68.03
N SER E 621 2.80 -8.46 67.80
CA SER E 621 3.51 -9.24 68.81
C SER E 621 4.88 -9.72 68.30
N LEU E 622 5.82 -9.95 69.21
CA LEU E 622 7.16 -10.42 68.88
C LEU E 622 7.39 -11.80 69.52
N THR E 623 8.15 -12.70 68.86
CA THR E 623 8.39 -14.02 69.42
C THR E 623 9.86 -14.23 69.83
N ALA E 624 10.06 -15.11 70.82
CA ALA E 624 11.38 -15.41 71.35
C ALA E 624 12.19 -16.29 70.43
N ASN E 625 13.50 -16.03 70.36
CA ASN E 625 14.41 -16.80 69.50
C ASN E 625 15.81 -16.86 70.11
N PRO E 626 16.57 -17.94 69.84
CA PRO E 626 17.94 -18.03 70.37
C PRO E 626 18.96 -17.35 69.43
N SER E 627 20.27 -17.46 69.73
CA SER E 627 21.31 -16.85 68.87
C SER E 627 21.48 -17.56 67.53
N HIS E 628 20.91 -18.77 67.38
CA HIS E 628 20.97 -19.52 66.13
C HIS E 628 20.11 -18.83 65.11
N LEU E 629 20.75 -18.24 64.10
CA LEU E 629 20.06 -17.54 63.04
C LEU E 629 19.09 -18.46 62.30
N GLU E 630 17.94 -17.89 61.88
CA GLU E 630 16.87 -18.56 61.13
C GLU E 630 16.28 -19.79 61.84
N ALA E 631 16.65 -20.05 63.11
CA ALA E 631 16.09 -21.19 63.83
C ALA E 631 14.62 -20.94 64.22
N VAL E 632 14.24 -19.68 64.44
CA VAL E 632 12.89 -19.28 64.81
C VAL E 632 11.90 -19.36 63.63
N ASP E 633 12.41 -19.38 62.38
CA ASP E 633 11.57 -19.42 61.17
C ASP E 633 10.42 -20.45 61.24
N PRO E 634 10.63 -21.75 61.54
CA PRO E 634 9.48 -22.67 61.61
C PRO E 634 8.60 -22.49 62.86
N VAL E 635 9.18 -21.91 63.92
CA VAL E 635 8.50 -21.65 65.17
C VAL E 635 7.47 -20.52 64.96
N LEU E 636 7.84 -19.47 64.21
CA LEU E 636 6.94 -18.35 63.93
C LEU E 636 5.77 -18.80 63.07
N GLU E 637 6.03 -19.61 62.02
CA GLU E 637 4.96 -20.10 61.15
C GLU E 637 4.03 -21.08 61.92
N GLY E 638 4.52 -21.71 62.99
CA GLY E 638 3.69 -22.56 63.83
C GLY E 638 2.80 -21.75 64.77
N LEU E 639 3.31 -20.61 65.25
CA LEU E 639 2.62 -19.68 66.16
C LEU E 639 1.49 -18.96 65.42
N VAL E 640 1.76 -18.53 64.19
CA VAL E 640 0.79 -17.85 63.33
C VAL E 640 -0.37 -18.81 63.01
N ARG E 641 -0.05 -20.08 62.73
CA ARG E 641 -1.06 -21.09 62.43
C ARG E 641 -1.89 -21.42 63.68
N ALA E 642 -1.27 -21.42 64.86
CA ALA E 642 -1.97 -21.69 66.11
C ALA E 642 -3.05 -20.64 66.38
N LYS E 643 -2.72 -19.36 66.12
CA LYS E 643 -3.63 -18.24 66.32
C LYS E 643 -4.71 -18.21 65.26
N GLN E 644 -4.37 -18.55 64.01
CA GLN E 644 -5.32 -18.57 62.91
C GLN E 644 -6.43 -19.58 63.19
N ASP E 645 -6.05 -20.83 63.53
CA ASP E 645 -6.99 -21.90 63.85
C ASP E 645 -7.92 -21.53 64.99
N LEU E 646 -7.38 -20.82 65.99
CA LEU E 646 -8.13 -20.36 67.15
C LEU E 646 -9.24 -19.39 66.78
N LEU E 647 -9.02 -18.57 65.76
CA LEU E 647 -10.00 -17.55 65.36
C LEU E 647 -11.07 -18.04 64.40
N ASP E 648 -11.15 -19.35 64.10
CA ASP E 648 -12.12 -19.89 63.12
C ASP E 648 -11.88 -19.22 61.74
N THR E 649 -10.58 -18.95 61.41
CA THR E 649 -10.09 -18.29 60.18
C THR E 649 -8.81 -19.02 59.65
N GLY E 650 -8.40 -18.70 58.42
CA GLY E 650 -7.23 -19.33 57.83
C GLY E 650 -7.60 -20.65 57.18
N GLU E 651 -6.82 -21.71 57.41
CA GLU E 651 -7.11 -23.01 56.81
C GLU E 651 -8.23 -23.77 57.57
N GLU E 652 -8.23 -23.74 58.93
CA GLU E 652 -9.25 -24.43 59.73
C GLU E 652 -10.34 -23.48 60.24
N GLY E 653 -11.12 -22.93 59.31
CA GLY E 653 -12.20 -22.01 59.64
C GLY E 653 -13.16 -21.71 58.51
N SER E 654 -14.38 -21.27 58.86
CA SER E 654 -15.43 -20.93 57.91
C SER E 654 -15.05 -19.69 57.07
N ASP E 655 -14.35 -18.74 57.68
CA ASP E 655 -13.91 -17.53 57.00
C ASP E 655 -12.39 -17.54 56.81
N ASN E 656 -11.91 -18.17 55.71
CA ASN E 656 -10.49 -18.28 55.37
C ASN E 656 -9.87 -16.93 54.98
N ARG E 657 -9.53 -16.12 55.98
CA ARG E 657 -8.98 -14.79 55.79
C ARG E 657 -7.48 -14.76 56.06
N PHE E 658 -7.03 -15.50 57.08
CA PHE E 658 -5.64 -15.52 57.51
C PHE E 658 -5.33 -14.17 58.13
N SER E 659 -6.05 -13.84 59.20
CA SER E 659 -5.86 -12.55 59.87
C SER E 659 -4.54 -12.45 60.66
N VAL E 660 -3.72 -13.50 60.67
CA VAL E 660 -2.43 -13.47 61.35
C VAL E 660 -1.36 -13.48 60.28
N VAL E 661 -0.52 -12.45 60.25
CA VAL E 661 0.50 -12.31 59.21
C VAL E 661 1.92 -12.45 59.77
N PRO E 662 2.71 -13.40 59.26
CA PRO E 662 4.09 -13.57 59.77
C PRO E 662 5.08 -12.61 59.13
N LEU E 663 5.56 -11.63 59.90
CA LEU E 663 6.58 -10.70 59.43
C LEU E 663 7.94 -11.22 59.87
N MET E 664 8.62 -11.92 58.97
CA MET E 664 9.89 -12.54 59.28
C MET E 664 11.08 -11.77 58.72
N LEU E 665 11.98 -11.32 59.59
CA LEU E 665 13.17 -10.59 59.16
C LEU E 665 14.40 -11.51 59.21
N HIS E 666 15.40 -11.28 58.33
CA HIS E 666 16.56 -12.16 58.27
C HIS E 666 17.88 -11.42 57.97
N GLY E 667 19.01 -12.04 58.30
CA GLY E 667 20.32 -11.49 57.97
C GLY E 667 20.64 -11.70 56.50
N ASP E 668 21.62 -10.96 55.95
CA ASP E 668 21.95 -11.04 54.53
C ASP E 668 22.41 -12.47 54.13
N ALA E 669 23.45 -12.98 54.77
CA ALA E 669 23.97 -14.30 54.44
C ALA E 669 23.16 -15.44 55.08
N ALA E 670 22.35 -15.14 56.11
CA ALA E 670 21.54 -16.13 56.82
C ALA E 670 20.45 -16.76 55.97
N PHE E 671 19.97 -16.04 54.94
CA PHE E 671 18.90 -16.53 54.09
C PHE E 671 19.39 -17.66 53.15
N ALA E 672 20.46 -17.42 52.39
CA ALA E 672 21.01 -18.46 51.51
C ALA E 672 21.83 -19.49 52.32
N GLY E 673 22.40 -19.07 53.46
CA GLY E 673 23.21 -19.90 54.32
C GLY E 673 22.51 -21.09 54.97
N GLN E 674 21.71 -20.86 56.02
CA GLN E 674 21.05 -21.95 56.73
C GLN E 674 20.06 -22.71 55.86
N GLY E 675 19.88 -23.99 56.19
CA GLY E 675 19.03 -24.93 55.46
C GLY E 675 17.60 -25.02 55.94
N VAL E 676 17.35 -24.55 57.17
CA VAL E 676 16.01 -24.48 57.76
C VAL E 676 15.08 -23.64 56.85
N VAL E 677 15.66 -22.59 56.19
CA VAL E 677 15.03 -21.67 55.26
C VAL E 677 14.22 -22.42 54.21
N ALA E 678 14.79 -23.50 53.67
CA ALA E 678 14.10 -24.30 52.65
C ALA E 678 12.95 -25.11 53.26
N GLU E 679 13.18 -25.76 54.41
CA GLU E 679 12.16 -26.57 55.08
C GLU E 679 10.95 -25.72 55.44
N THR E 680 11.19 -24.47 55.88
CA THR E 680 10.16 -23.52 56.29
C THR E 680 9.33 -23.07 55.08
N LEU E 681 9.98 -22.86 53.93
CA LEU E 681 9.26 -22.48 52.71
C LEU E 681 8.39 -23.62 52.21
N ASN E 682 8.83 -24.87 52.40
CA ASN E 682 8.07 -26.04 52.00
C ASN E 682 6.77 -26.15 52.79
N LEU E 683 6.81 -25.79 54.08
CA LEU E 683 5.60 -25.86 54.92
C LEU E 683 4.78 -24.58 54.87
N ALA E 684 5.11 -23.61 53.99
CA ALA E 684 4.35 -22.36 53.92
C ALA E 684 3.00 -22.51 53.22
N LEU E 685 2.76 -23.63 52.51
CA LEU E 685 1.48 -23.85 51.81
C LEU E 685 1.01 -25.32 51.82
N LEU E 686 1.17 -26.03 52.96
CA LEU E 686 0.69 -27.41 53.07
C LEU E 686 -0.72 -27.48 53.68
N ARG E 687 -1.44 -28.59 53.45
CA ARG E 687 -2.82 -28.80 53.93
C ARG E 687 -3.03 -28.41 55.39
N GLY E 688 -2.13 -28.85 56.28
CA GLY E 688 -2.23 -28.53 57.69
C GLY E 688 -1.07 -27.75 58.25
N TYR E 689 -0.36 -27.04 57.41
CA TYR E 689 0.79 -26.24 57.83
C TYR E 689 0.75 -24.81 57.26
N ARG E 690 -0.01 -24.59 56.18
CA ARG E 690 -0.10 -23.32 55.49
C ARG E 690 -0.43 -22.15 56.40
N THR E 691 0.18 -21.03 56.09
CA THR E 691 -0.06 -19.74 56.76
C THR E 691 -0.65 -18.69 55.77
N GLY E 692 -0.99 -19.10 54.54
CA GLY E 692 -1.57 -18.25 53.51
C GLY E 692 -0.68 -17.09 53.14
N GLY E 693 0.61 -17.35 53.03
CA GLY E 693 1.56 -16.30 52.70
C GLY E 693 2.31 -15.80 53.92
N THR E 694 3.50 -15.23 53.71
CA THR E 694 4.38 -14.73 54.77
C THR E 694 5.20 -13.58 54.21
N ILE E 695 5.35 -12.49 54.95
CA ILE E 695 6.15 -11.35 54.47
C ILE E 695 7.56 -11.50 54.98
N HIS E 696 8.54 -11.67 54.07
CA HIS E 696 9.93 -11.85 54.46
C HIS E 696 10.76 -10.63 54.12
N ILE E 697 11.33 -9.98 55.13
CA ILE E 697 12.17 -8.82 54.90
C ILE E 697 13.62 -9.13 55.23
N VAL E 698 14.39 -9.52 54.22
CA VAL E 698 15.81 -9.79 54.42
C VAL E 698 16.53 -8.45 54.43
N VAL E 699 17.33 -8.22 55.46
CA VAL E 699 18.08 -6.97 55.59
C VAL E 699 19.52 -7.23 55.12
N ASN E 700 19.75 -7.11 53.81
CA ASN E 700 21.05 -7.38 53.21
C ASN E 700 22.04 -6.27 53.52
N ASN E 701 22.84 -6.44 54.57
CA ASN E 701 23.87 -5.47 54.91
C ASN E 701 25.15 -5.63 54.06
N GLN E 702 25.15 -6.56 53.08
CA GLN E 702 26.25 -6.85 52.17
C GLN E 702 27.51 -7.29 52.92
N ILE E 703 27.35 -8.02 54.03
CA ILE E 703 28.45 -8.54 54.85
C ILE E 703 27.89 -9.50 55.93
N GLY E 704 28.76 -10.29 56.55
CA GLY E 704 28.42 -11.21 57.63
C GLY E 704 29.62 -11.42 58.52
N PHE E 705 29.92 -10.42 59.37
CA PHE E 705 31.08 -10.38 60.27
C PHE E 705 32.35 -10.04 59.43
N THR E 706 32.98 -11.05 58.80
CA THR E 706 34.14 -10.92 57.91
C THR E 706 33.95 -11.81 56.66
N THR E 707 33.01 -12.78 56.69
CA THR E 707 32.69 -13.63 55.54
C THR E 707 32.02 -12.76 54.51
N ALA E 708 32.65 -12.64 53.34
CA ALA E 708 32.10 -11.85 52.25
C ALA E 708 30.81 -12.50 51.74
N PRO E 709 29.82 -11.70 51.30
CA PRO E 709 28.57 -12.30 50.78
C PRO E 709 28.82 -13.21 49.58
N THR E 710 29.91 -12.97 48.84
CA THR E 710 30.33 -13.75 47.68
C THR E 710 30.65 -15.19 48.09
N ASP E 711 31.32 -15.35 49.22
CA ASP E 711 31.70 -16.67 49.74
C ASP E 711 30.58 -17.34 50.56
N SER E 712 29.45 -16.66 50.80
CA SER E 712 28.35 -17.20 51.60
C SER E 712 27.15 -17.68 50.77
N ARG E 713 27.18 -17.53 49.44
CA ARG E 713 26.07 -17.98 48.60
C ARG E 713 26.53 -18.27 47.17
N SER E 714 25.89 -19.26 46.54
CA SER E 714 26.21 -19.62 45.16
C SER E 714 25.13 -19.08 44.21
N SER E 715 24.57 -17.90 44.52
CA SER E 715 23.52 -17.29 43.72
C SER E 715 23.71 -15.77 43.59
N GLU E 716 23.03 -15.14 42.62
CA GLU E 716 23.13 -13.69 42.38
C GLU E 716 22.61 -12.95 43.60
N TYR E 717 21.44 -13.34 44.10
CA TYR E 717 20.86 -12.78 45.30
C TYR E 717 20.81 -13.85 46.39
N CYS E 718 20.76 -13.42 47.66
CA CYS E 718 20.66 -14.37 48.77
C CYS E 718 19.28 -15.04 48.74
N THR E 719 18.25 -14.21 48.49
CA THR E 719 16.83 -14.53 48.40
C THR E 719 16.47 -15.53 47.29
N ASP E 720 17.43 -15.91 46.43
CA ASP E 720 17.17 -16.84 45.34
C ASP E 720 16.56 -18.17 45.81
N VAL E 721 16.73 -18.51 47.08
CA VAL E 721 16.17 -19.72 47.70
C VAL E 721 14.62 -19.67 47.69
N ALA E 722 14.04 -18.46 47.84
CA ALA E 722 12.60 -18.24 47.83
C ALA E 722 11.93 -18.66 46.53
N LYS E 723 12.67 -18.61 45.42
CA LYS E 723 12.13 -19.02 44.13
C LYS E 723 11.62 -20.47 44.11
N MET E 724 11.89 -21.26 45.17
CA MET E 724 11.42 -22.63 45.29
C MET E 724 9.90 -22.71 45.20
N ILE E 725 9.21 -21.73 45.82
CA ILE E 725 7.75 -21.73 45.82
C ILE E 725 7.11 -20.65 44.93
N GLY E 726 7.90 -20.05 44.03
CA GLY E 726 7.39 -19.02 43.14
C GLY E 726 7.14 -17.70 43.84
N ALA E 727 7.95 -17.41 44.85
CA ALA E 727 7.82 -16.18 45.63
C ALA E 727 8.41 -14.99 44.91
N PRO E 728 7.59 -13.97 44.64
CA PRO E 728 8.12 -12.75 43.99
C PRO E 728 9.15 -12.04 44.86
N ILE E 729 10.30 -11.69 44.27
CA ILE E 729 11.36 -11.02 45.00
C ILE E 729 11.49 -9.56 44.54
N PHE E 730 11.50 -8.61 45.47
CA PHE E 730 11.66 -7.20 45.12
C PHE E 730 12.89 -6.66 45.77
N HIS E 731 14.00 -6.64 45.02
CA HIS E 731 15.27 -6.15 45.53
C HIS E 731 15.20 -4.62 45.57
N VAL E 732 14.93 -4.01 46.75
CA VAL E 732 14.76 -2.56 46.89
C VAL E 732 15.98 -1.88 47.58
N ASN E 733 16.32 -0.64 47.18
CA ASN E 733 17.44 0.11 47.75
C ASN E 733 17.08 0.67 49.15
N GLY E 734 17.89 0.31 50.15
CA GLY E 734 17.71 0.72 51.54
C GLY E 734 18.04 2.16 51.87
N ASP E 735 18.30 2.96 50.85
CA ASP E 735 18.58 4.38 51.03
C ASP E 735 17.33 5.20 50.73
N ASP E 736 16.51 4.76 49.73
CA ASP E 736 15.27 5.43 49.36
C ASP E 736 14.14 4.90 50.23
N PRO E 737 13.68 5.71 51.19
CA PRO E 737 12.64 5.24 52.11
C PRO E 737 11.28 5.15 51.43
N GLU E 738 10.96 6.12 50.56
CA GLU E 738 9.69 6.12 49.84
C GLU E 738 9.51 4.86 49.00
N ALA E 739 10.61 4.35 48.45
CA ALA E 739 10.59 3.13 47.66
C ALA E 739 10.36 1.93 48.57
N CYS E 740 11.04 1.88 49.73
CA CYS E 740 10.92 0.81 50.71
C CYS E 740 9.49 0.67 51.19
N ALA E 741 8.80 1.79 51.39
CA ALA E 741 7.42 1.76 51.85
C ALA E 741 6.50 1.22 50.76
N TRP E 742 6.70 1.65 49.50
CA TRP E 742 5.89 1.17 48.38
C TRP E 742 6.07 -0.32 48.20
N VAL E 743 7.32 -0.80 48.22
CA VAL E 743 7.64 -2.21 48.08
C VAL E 743 6.99 -3.02 49.20
N ALA E 744 7.10 -2.52 50.43
CA ALA E 744 6.53 -3.20 51.58
C ALA E 744 5.01 -3.26 51.49
N ARG E 745 4.36 -2.15 51.13
CA ARG E 745 2.91 -2.11 51.05
C ARG E 745 2.42 -2.99 49.91
N LEU E 746 3.14 -3.03 48.79
CA LEU E 746 2.78 -3.87 47.64
C LEU E 746 2.88 -5.36 47.98
N ALA E 747 3.85 -5.73 48.83
CA ALA E 747 4.01 -7.11 49.26
C ALA E 747 2.77 -7.58 50.02
N VAL E 748 2.21 -6.68 50.86
CA VAL E 748 1.00 -6.94 51.64
C VAL E 748 -0.18 -7.21 50.70
N ASP E 749 -0.28 -6.42 49.62
CA ASP E 749 -1.35 -6.58 48.63
C ASP E 749 -1.25 -7.94 47.97
N PHE E 750 -0.03 -8.35 47.58
CA PHE E 750 0.20 -9.63 46.95
C PHE E 750 -0.17 -10.75 47.89
N ARG E 751 0.31 -10.71 49.14
CA ARG E 751 0.05 -11.72 50.15
C ARG E 751 -1.46 -11.86 50.40
N GLN E 752 -2.18 -10.74 50.38
CA GLN E 752 -3.62 -10.79 50.59
C GLN E 752 -4.37 -11.26 49.34
N ALA E 753 -3.80 -11.05 48.16
CA ALA E 753 -4.44 -11.44 46.91
C ALA E 753 -4.22 -12.90 46.55
N PHE E 754 -3.00 -13.42 46.71
CA PHE E 754 -2.69 -14.79 46.27
C PHE E 754 -2.36 -15.78 47.40
N LYS E 755 -2.17 -15.28 48.63
CA LYS E 755 -1.84 -16.09 49.80
C LYS E 755 -0.53 -16.86 49.55
N LYS E 756 0.48 -16.13 49.09
CA LYS E 756 1.80 -16.66 48.78
C LYS E 756 2.90 -15.79 49.45
N ASP E 757 3.98 -16.44 49.91
CA ASP E 757 5.10 -15.75 50.55
C ASP E 757 5.72 -14.73 49.58
N VAL E 758 6.14 -13.57 50.09
CA VAL E 758 6.75 -12.49 49.30
C VAL E 758 8.08 -12.10 49.94
N VAL E 759 9.15 -11.89 49.15
CA VAL E 759 10.46 -11.54 49.72
C VAL E 759 10.95 -10.16 49.29
N ILE E 760 11.28 -9.32 50.26
CA ILE E 760 11.79 -7.98 50.04
C ILE E 760 13.26 -7.92 50.42
N ASP E 761 14.16 -7.83 49.44
CA ASP E 761 15.59 -7.76 49.71
C ASP E 761 16.01 -6.30 49.93
N MET E 762 16.21 -5.88 51.19
CA MET E 762 16.62 -4.51 51.47
C MET E 762 18.13 -4.37 51.47
N LEU E 763 18.67 -3.84 50.36
CA LEU E 763 20.11 -3.63 50.22
C LEU E 763 20.56 -2.41 50.99
N CYS E 764 21.31 -2.62 52.05
CA CYS E 764 21.81 -1.57 52.92
C CYS E 764 23.30 -1.81 53.23
N TYR E 765 23.84 -1.14 54.25
CA TYR E 765 25.23 -1.31 54.62
C TYR E 765 25.37 -1.41 56.14
N ARG E 766 26.37 -2.16 56.61
CA ARG E 766 26.62 -2.25 58.03
C ARG E 766 27.62 -1.18 58.39
N ARG E 767 27.25 -0.27 59.28
CA ARG E 767 28.06 0.88 59.64
C ARG E 767 29.36 0.52 60.38
N ARG E 768 29.27 -0.31 61.42
CA ARG E 768 30.43 -0.69 62.21
C ARG E 768 30.55 -2.22 62.30
N GLY E 769 31.71 -2.73 62.69
CA GLY E 769 31.94 -4.16 62.84
C GLY E 769 31.17 -4.77 64.01
N HIS E 770 31.20 -6.09 64.17
CA HIS E 770 30.46 -6.73 65.27
C HIS E 770 31.15 -6.55 66.64
N ASN E 771 32.46 -6.27 66.65
CA ASN E 771 33.17 -6.00 67.90
C ASN E 771 33.39 -4.46 68.03
N GLU E 772 33.50 -3.92 69.25
CA GLU E 772 33.72 -2.47 69.41
C GLU E 772 35.10 -2.04 68.88
N GLY E 773 36.09 -2.91 69.08
CA GLY E 773 37.44 -2.71 68.58
C GLY E 773 37.68 -3.53 67.33
N ASP E 774 36.66 -3.57 66.45
CA ASP E 774 36.71 -4.29 65.19
C ASP E 774 36.54 -3.33 64.05
N ASP E 775 37.57 -3.22 63.24
CA ASP E 775 37.57 -2.42 62.03
C ASP E 775 37.57 -3.44 60.92
N PRO E 776 36.40 -3.90 60.43
CA PRO E 776 36.43 -4.95 59.39
C PRO E 776 37.04 -4.50 58.06
N SER E 777 37.66 -3.30 58.02
CA SER E 777 38.43 -2.82 56.87
C SER E 777 39.72 -3.67 56.65
N MET E 778 40.04 -4.60 57.58
CA MET E 778 41.13 -5.56 57.45
C MET E 778 40.77 -6.56 56.36
N THR E 779 39.50 -7.04 56.38
CA THR E 779 38.94 -8.03 55.45
C THR E 779 38.33 -7.35 54.18
N GLN E 780 37.47 -6.33 54.32
CA GLN E 780 36.89 -5.65 53.15
C GLN E 780 37.21 -4.17 53.19
N PRO E 781 38.40 -3.79 52.70
CA PRO E 781 38.79 -2.38 52.78
C PRO E 781 38.01 -1.50 51.81
N TYR E 782 37.77 -1.99 50.60
CA TYR E 782 37.02 -1.22 49.60
C TYR E 782 35.60 -0.98 50.08
N MET E 783 34.94 -2.01 50.62
CA MET E 783 33.55 -1.85 51.09
C MET E 783 33.45 -0.83 52.20
N TYR E 784 34.34 -0.92 53.20
CA TYR E 784 34.28 -0.01 54.33
C TYR E 784 34.85 1.37 54.00
N ASP E 785 35.59 1.53 52.89
CA ASP E 785 36.04 2.85 52.46
C ASP E 785 34.86 3.68 51.95
N VAL E 786 33.87 3.02 51.33
CA VAL E 786 32.67 3.65 50.81
C VAL E 786 31.75 4.04 51.97
N ILE E 787 31.52 3.11 52.91
CA ILE E 787 30.67 3.35 54.06
C ILE E 787 31.22 4.50 54.92
N ASP E 788 32.56 4.70 54.95
CA ASP E 788 33.19 5.81 55.66
C ASP E 788 32.65 7.16 55.20
N THR E 789 32.43 7.29 53.89
CA THR E 789 31.96 8.52 53.28
C THR E 789 30.46 8.55 53.02
N LYS E 790 29.68 7.68 53.69
CA LYS E 790 28.24 7.61 53.50
C LYS E 790 27.50 8.51 54.49
N ARG E 791 26.26 8.87 54.16
CA ARG E 791 25.44 9.68 55.04
C ARG E 791 24.28 8.85 55.57
N GLY E 792 23.85 9.13 56.80
CA GLY E 792 22.75 8.42 57.46
C GLY E 792 21.47 8.46 56.65
N SER E 793 20.81 7.29 56.47
CA SER E 793 19.60 7.12 55.66
C SER E 793 18.40 7.98 56.13
N ARG E 794 18.54 8.71 57.25
CA ARG E 794 17.51 9.62 57.73
C ARG E 794 17.89 11.05 57.33
N LYS E 795 19.16 11.42 57.55
CA LYS E 795 19.65 12.76 57.24
C LYS E 795 19.72 12.99 55.73
N ALA E 796 20.10 11.97 54.98
CA ALA E 796 20.18 12.07 53.53
C ALA E 796 18.80 12.29 52.93
N TYR E 797 17.80 11.55 53.44
CA TYR E 797 16.40 11.67 52.99
C TYR E 797 15.85 13.07 53.33
N THR E 798 16.31 13.67 54.42
CA THR E 798 15.91 15.00 54.85
C THR E 798 16.35 16.03 53.82
N GLU E 799 17.60 15.93 53.35
CA GLU E 799 18.11 16.85 52.34
C GLU E 799 17.41 16.70 51.01
N ALA E 800 17.06 15.46 50.66
CA ALA E 800 16.38 15.14 49.42
C ALA E 800 15.02 15.78 49.35
N LEU E 801 14.29 15.82 50.47
CA LEU E 801 12.97 16.45 50.50
C LEU E 801 13.07 17.97 50.34
N ILE E 802 14.16 18.58 50.83
CA ILE E 802 14.38 20.02 50.70
C ILE E 802 14.78 20.34 49.26
N GLY E 803 15.71 19.56 48.73
CA GLY E 803 16.22 19.72 47.36
C GLY E 803 15.16 19.54 46.30
N ARG E 804 14.24 18.60 46.50
CA ARG E 804 13.16 18.38 45.56
C ARG E 804 11.98 19.36 45.73
N GLY E 805 12.04 20.26 46.70
CA GLY E 805 10.97 21.22 46.94
C GLY E 805 9.75 20.63 47.63
N ASP E 806 9.88 19.41 48.19
CA ASP E 806 8.79 18.74 48.90
C ASP E 806 8.54 19.45 50.24
N ILE E 807 9.62 19.85 50.93
CA ILE E 807 9.51 20.55 52.20
C ILE E 807 10.33 21.85 52.19
N SER E 808 10.00 22.78 53.09
CA SER E 808 10.66 24.07 53.23
C SER E 808 11.64 24.07 54.42
N MET E 809 12.27 25.22 54.72
CA MET E 809 13.16 25.32 55.87
C MET E 809 12.36 25.35 57.18
N LYS E 810 11.08 25.75 57.14
CA LYS E 810 10.22 25.70 58.31
C LYS E 810 9.92 24.24 58.60
N GLU E 811 9.62 23.44 57.56
CA GLU E 811 9.37 22.00 57.68
C GLU E 811 10.67 21.27 58.10
N ALA E 812 11.85 21.78 57.68
CA ALA E 812 13.16 21.26 58.08
C ALA E 812 13.42 21.49 59.59
N GLU E 813 12.83 22.56 60.14
CA GLU E 813 12.93 22.85 61.55
C GLU E 813 11.95 21.99 62.33
N ASP E 814 10.75 21.72 61.78
CA ASP E 814 9.76 20.84 62.38
C ASP E 814 10.32 19.42 62.53
N ALA E 815 11.11 18.98 61.55
CA ALA E 815 11.73 17.65 61.56
C ALA E 815 12.96 17.61 62.45
N LEU E 816 13.76 18.69 62.45
CA LEU E 816 14.97 18.72 63.27
C LEU E 816 14.64 18.86 64.75
N ARG E 817 13.58 19.60 65.07
CA ARG E 817 13.14 19.72 66.46
C ARG E 817 12.56 18.38 66.93
N ASP E 818 11.87 17.64 66.05
CA ASP E 818 11.32 16.31 66.37
C ASP E 818 12.46 15.33 66.63
N TYR E 819 13.60 15.46 65.92
CA TYR E 819 14.74 14.56 66.12
C TYR E 819 15.31 14.77 67.53
N GLN E 820 15.54 16.02 67.95
CA GLN E 820 16.05 16.29 69.29
C GLN E 820 15.02 15.98 70.36
N GLY E 821 13.75 16.23 70.06
CA GLY E 821 12.63 15.99 70.97
C GLY E 821 12.42 14.52 71.30
N GLN E 822 12.82 13.63 70.36
CA GLN E 822 12.73 12.19 70.57
C GLN E 822 14.05 11.62 71.11
N LEU E 823 15.18 12.31 70.88
CA LEU E 823 16.51 11.91 71.36
C LEU E 823 16.63 12.24 72.85
N GLU E 824 16.17 13.41 73.25
CA GLU E 824 16.15 13.84 74.65
C GLU E 824 15.16 12.97 75.44
N ARG E 825 14.01 12.65 74.81
CA ARG E 825 12.90 11.84 75.34
C ARG E 825 13.38 10.52 75.96
N VAL E 826 14.26 9.77 75.28
CA VAL E 826 14.74 8.49 75.80
C VAL E 826 15.94 8.67 76.75
N PHE E 827 16.80 9.67 76.51
CA PHE E 827 17.96 9.90 77.37
C PHE E 827 17.58 10.35 78.76
N ASN E 828 16.53 11.17 78.86
CA ASN E 828 16.07 11.68 80.15
C ASN E 828 15.17 10.66 80.84
N GLU E 829 14.37 9.87 80.10
CA GLU E 829 13.52 8.84 80.71
C GLU E 829 14.38 7.73 81.35
N VAL E 830 15.52 7.41 80.72
CA VAL E 830 16.43 6.39 81.22
C VAL E 830 17.22 6.94 82.42
N ARG E 831 17.70 8.19 82.34
CA ARG E 831 18.44 8.80 83.45
C ARG E 831 17.58 8.91 84.72
N GLU E 832 16.25 9.08 84.56
CA GLU E 832 15.31 9.17 85.68
C GLU E 832 14.99 7.77 86.22
N LEU E 833 14.80 6.78 85.33
CA LEU E 833 14.51 5.40 85.73
C LEU E 833 15.75 4.69 86.34
N GLU E 834 16.95 5.22 86.11
CA GLU E 834 18.19 4.65 86.67
C GLU E 834 18.32 5.00 88.15
N LYS E 835 17.93 6.23 88.52
CA LYS E 835 17.96 6.71 89.90
C LYS E 835 16.97 5.94 90.78
N HIS E 836 15.85 5.46 90.20
CA HIS E 836 14.86 4.68 90.91
C HIS E 836 15.21 3.17 90.81
N GLU E 837 16.39 2.80 91.32
CA GLU E 837 16.85 1.41 91.28
C GLU E 837 17.80 1.14 92.45
N LEU E 854 -6.51 -33.75 90.01
CA LEU E 854 -6.89 -33.99 88.63
C LEU E 854 -7.26 -35.47 88.37
N ALA E 855 -8.39 -35.74 87.70
CA ALA E 855 -8.86 -37.10 87.41
C ALA E 855 -8.38 -37.61 86.05
N THR E 856 -7.40 -38.53 86.03
CA THR E 856 -6.83 -39.04 84.78
C THR E 856 -7.54 -40.28 84.23
N ALA E 857 -8.82 -40.48 84.56
CA ALA E 857 -9.55 -41.65 84.05
C ALA E 857 -10.98 -41.33 83.64
N VAL E 858 -11.54 -42.14 82.72
CA VAL E 858 -12.91 -41.98 82.23
C VAL E 858 -13.72 -43.26 82.44
N ASP E 859 -15.05 -43.15 82.45
CA ASP E 859 -15.93 -44.31 82.61
C ASP E 859 -15.94 -45.18 81.35
N LYS E 860 -16.43 -46.43 81.45
CA LYS E 860 -16.44 -47.34 80.31
C LYS E 860 -17.43 -46.92 79.23
N ALA E 861 -18.44 -46.10 79.54
CA ALA E 861 -19.39 -45.63 78.53
C ALA E 861 -18.73 -44.65 77.54
N MET E 862 -17.72 -43.89 78.00
CA MET E 862 -16.93 -42.98 77.16
C MET E 862 -16.09 -43.82 76.18
N LEU E 863 -15.48 -44.90 76.67
CA LEU E 863 -14.69 -45.83 75.88
C LEU E 863 -15.55 -46.49 74.81
N GLN E 864 -16.79 -46.85 75.17
CA GLN E 864 -17.76 -47.46 74.24
C GLN E 864 -18.25 -46.48 73.17
N ARG E 865 -18.14 -45.17 73.41
CA ARG E 865 -18.50 -44.17 72.41
C ARG E 865 -17.39 -44.11 71.35
N ILE E 866 -16.10 -44.16 71.79
CA ILE E 866 -14.92 -44.15 70.92
C ILE E 866 -14.84 -45.48 70.13
N GLY E 867 -15.18 -46.60 70.77
CA GLY E 867 -15.18 -47.91 70.14
C GLY E 867 -16.25 -48.08 69.08
N ASP E 868 -17.33 -47.28 69.18
CA ASP E 868 -18.41 -47.30 68.18
C ASP E 868 -18.16 -46.31 67.05
N ALA E 869 -17.36 -45.25 67.31
CA ALA E 869 -16.99 -44.25 66.29
C ALA E 869 -16.20 -44.87 65.14
N HIS E 870 -15.45 -45.95 65.41
CA HIS E 870 -14.71 -46.65 64.37
C HIS E 870 -15.66 -47.39 63.40
N LEU E 871 -16.91 -47.67 63.81
CA LEU E 871 -17.88 -48.30 62.93
C LEU E 871 -19.08 -47.37 62.62
N ALA E 872 -18.93 -46.05 62.85
CA ALA E 872 -19.93 -45.04 62.54
C ALA E 872 -19.58 -44.40 61.18
N LEU E 873 -19.31 -45.27 60.20
CA LEU E 873 -18.92 -44.95 58.83
C LEU E 873 -20.03 -44.21 58.09
N PRO E 874 -19.66 -43.25 57.24
CA PRO E 874 -20.70 -42.51 56.48
C PRO E 874 -21.49 -43.42 55.53
N GLU E 875 -22.68 -42.97 55.12
CA GLU E 875 -23.53 -43.73 54.22
C GLU E 875 -22.83 -43.96 52.88
N GLY E 876 -22.50 -45.21 52.62
CA GLY E 876 -21.84 -45.60 51.38
C GLY E 876 -20.33 -45.50 51.41
N PHE E 877 -19.74 -45.61 52.59
CA PHE E 877 -18.29 -45.54 52.71
C PHE E 877 -17.69 -46.93 52.60
N THR E 878 -17.13 -47.25 51.43
CA THR E 878 -16.49 -48.53 51.17
C THR E 878 -15.11 -48.59 51.84
N VAL E 879 -15.00 -49.19 53.03
CA VAL E 879 -13.73 -49.26 53.77
C VAL E 879 -12.82 -50.33 53.19
N HIS E 880 -11.50 -50.06 53.14
CA HIS E 880 -10.48 -50.98 52.65
C HIS E 880 -10.52 -52.28 53.46
N PRO E 881 -10.50 -53.44 52.80
CA PRO E 881 -10.61 -54.71 53.53
C PRO E 881 -9.49 -54.99 54.54
N ARG E 882 -8.31 -54.36 54.39
CA ARG E 882 -7.23 -54.56 55.37
C ARG E 882 -7.49 -53.73 56.65
N VAL E 883 -8.27 -52.64 56.54
CA VAL E 883 -8.59 -51.76 57.67
C VAL E 883 -9.95 -52.16 58.32
N ARG E 884 -10.87 -52.69 57.50
CA ARG E 884 -12.20 -53.14 57.88
C ARG E 884 -12.23 -53.93 59.21
N PRO E 885 -11.40 -54.97 59.45
CA PRO E 885 -11.50 -55.71 60.72
C PRO E 885 -10.92 -54.95 61.91
N VAL E 886 -10.05 -53.96 61.68
CA VAL E 886 -9.47 -53.16 62.76
C VAL E 886 -10.57 -52.33 63.45
N LEU E 887 -11.57 -51.88 62.69
CA LEU E 887 -12.70 -51.11 63.20
C LEU E 887 -13.56 -51.99 64.10
N GLU E 888 -13.81 -53.24 63.69
CA GLU E 888 -14.60 -54.21 64.43
C GLU E 888 -13.87 -54.73 65.67
N LYS E 889 -12.54 -54.82 65.60
CA LYS E 889 -11.72 -55.24 66.72
C LYS E 889 -11.73 -54.15 67.81
N ARG E 890 -11.72 -52.87 67.42
CA ARG E 890 -11.78 -51.77 68.36
C ARG E 890 -13.16 -51.65 69.02
N ARG E 891 -14.23 -52.13 68.36
CA ARG E 891 -15.57 -52.17 68.94
C ARG E 891 -15.62 -53.26 70.02
N GLU E 892 -14.92 -54.39 69.80
CA GLU E 892 -14.81 -55.50 70.73
C GLU E 892 -13.92 -55.12 71.93
N MET E 893 -12.81 -54.41 71.67
CA MET E 893 -11.85 -54.01 72.70
C MET E 893 -12.46 -53.01 73.70
N ALA E 894 -13.27 -52.06 73.22
CA ALA E 894 -13.91 -51.06 74.07
C ALA E 894 -15.06 -51.63 74.91
N TYR E 895 -15.62 -52.77 74.50
CA TYR E 895 -16.72 -53.39 75.21
C TYR E 895 -16.28 -54.63 76.03
N GLU E 896 -15.02 -55.12 75.85
CA GLU E 896 -14.58 -56.31 76.58
C GLU E 896 -13.21 -56.13 77.26
N GLY E 897 -12.19 -55.70 76.52
CA GLY E 897 -10.86 -55.52 77.07
C GLY E 897 -9.75 -55.92 76.14
N ARG E 898 -8.54 -56.13 76.69
CA ARG E 898 -7.34 -56.49 75.93
C ARG E 898 -7.04 -55.42 74.90
N ILE E 899 -7.12 -54.16 75.32
CA ILE E 899 -6.91 -53.00 74.46
C ILE E 899 -5.43 -52.80 74.16
N ASP E 900 -5.04 -52.93 72.88
CA ASP E 900 -3.65 -52.77 72.47
C ASP E 900 -3.21 -51.29 72.53
N TRP E 901 -1.90 -51.04 72.42
CA TRP E 901 -1.34 -49.70 72.47
C TRP E 901 -1.95 -48.78 71.43
N ALA E 902 -2.22 -49.31 70.23
CA ALA E 902 -2.78 -48.56 69.11
C ALA E 902 -4.15 -47.96 69.42
N PHE E 903 -5.06 -48.72 70.05
CA PHE E 903 -6.38 -48.21 70.40
C PHE E 903 -6.31 -47.32 71.65
N ALA E 904 -5.42 -47.65 72.60
CA ALA E 904 -5.24 -46.87 73.83
C ALA E 904 -4.80 -45.43 73.53
N GLU E 905 -3.97 -45.27 72.50
CA GLU E 905 -3.45 -43.99 72.03
C GLU E 905 -4.60 -43.10 71.56
N LEU E 906 -5.55 -43.69 70.82
CA LEU E 906 -6.72 -42.98 70.27
C LEU E 906 -7.79 -42.76 71.34
N LEU E 907 -7.87 -43.62 72.36
CA LEU E 907 -8.82 -43.46 73.44
C LEU E 907 -8.43 -42.30 74.33
N ALA E 908 -7.11 -42.09 74.52
CA ALA E 908 -6.56 -41.00 75.33
C ALA E 908 -6.86 -39.64 74.71
N LEU E 909 -6.79 -39.56 73.37
CA LEU E 909 -7.09 -38.32 72.66
C LEU E 909 -8.60 -38.18 72.38
N GLY E 910 -9.29 -39.30 72.17
CA GLY E 910 -10.72 -39.33 71.91
C GLY E 910 -11.54 -38.81 73.08
N SER E 911 -11.06 -39.06 74.31
CA SER E 911 -11.74 -38.57 75.51
C SER E 911 -11.51 -37.07 75.66
N LEU E 912 -10.31 -36.57 75.32
CA LEU E 912 -9.94 -35.16 75.39
C LEU E 912 -10.71 -34.30 74.36
N ILE E 913 -11.00 -34.88 73.17
CA ILE E 913 -11.76 -34.16 72.13
C ILE E 913 -13.22 -34.06 72.58
N ALA E 914 -13.79 -35.15 73.11
CA ALA E 914 -15.16 -35.15 73.62
C ALA E 914 -15.30 -34.24 74.85
N GLU E 915 -14.22 -34.05 75.62
CA GLU E 915 -14.22 -33.13 76.76
C GLU E 915 -14.27 -31.67 76.29
N GLY E 916 -13.63 -31.37 75.17
CA GLY E 916 -13.63 -30.05 74.60
C GLY E 916 -12.26 -29.47 74.35
N LYS E 917 -11.23 -30.33 74.27
CA LYS E 917 -9.86 -29.87 74.06
C LYS E 917 -9.40 -30.12 72.62
N LEU E 918 -8.60 -29.20 72.09
CA LEU E 918 -8.05 -29.29 70.75
C LEU E 918 -6.86 -30.27 70.74
N VAL E 919 -6.84 -31.21 69.80
CA VAL E 919 -5.75 -32.18 69.68
C VAL E 919 -5.10 -32.04 68.31
N ARG E 920 -3.81 -31.73 68.25
CA ARG E 920 -3.11 -31.60 66.97
C ARG E 920 -2.01 -32.66 66.83
N LEU E 921 -2.37 -33.83 66.30
CA LEU E 921 -1.43 -34.91 66.11
C LEU E 921 -0.99 -34.96 64.67
N SER E 922 0.29 -34.66 64.42
CA SER E 922 0.81 -34.66 63.06
C SER E 922 2.27 -35.03 63.04
N GLY E 923 2.62 -35.90 62.13
CA GLY E 923 4.00 -36.34 61.96
C GLY E 923 4.21 -37.05 60.64
N GLN E 924 5.41 -37.60 60.43
CA GLN E 924 5.72 -38.31 59.19
C GLN E 924 4.90 -39.61 59.13
N ASP E 925 3.96 -39.68 58.16
CA ASP E 925 3.05 -40.80 57.91
C ASP E 925 2.23 -41.17 59.15
N THR E 926 1.87 -40.16 59.95
CA THR E 926 1.14 -40.32 61.19
C THR E 926 -0.37 -40.58 60.92
N GLN E 927 -0.94 -40.09 59.80
CA GLN E 927 -2.35 -40.30 59.46
C GLN E 927 -2.73 -41.78 59.46
N ARG E 928 -1.98 -42.61 58.73
CA ARG E 928 -2.21 -44.04 58.73
C ARG E 928 -1.50 -44.70 59.90
N GLY E 929 -0.31 -44.23 60.20
CA GLY E 929 0.51 -44.77 61.27
C GLY E 929 1.75 -45.35 60.66
N THR E 930 2.92 -45.01 61.22
CA THR E 930 4.22 -45.48 60.73
C THR E 930 4.27 -47.02 60.58
N PHE E 931 3.70 -47.72 61.56
CA PHE E 931 3.71 -49.18 61.59
C PHE E 931 2.30 -49.75 61.42
N THR E 932 1.43 -49.06 60.65
CA THR E 932 0.04 -49.45 60.37
C THR E 932 -0.70 -49.67 61.68
N GLN E 933 -0.69 -48.67 62.58
CA GLN E 933 -1.32 -48.82 63.88
C GLN E 933 -2.34 -47.71 64.21
N ARG E 934 -2.11 -46.47 63.76
CA ARG E 934 -2.99 -45.36 64.13
C ARG E 934 -4.36 -45.41 63.43
N HIS E 935 -4.42 -45.29 62.09
CA HIS E 935 -5.64 -45.27 61.30
C HIS E 935 -6.59 -44.18 61.77
N ALA E 936 -6.05 -43.00 62.10
CA ALA E 936 -6.84 -41.83 62.50
C ALA E 936 -7.68 -41.30 61.34
N VAL E 937 -7.24 -41.55 60.10
CA VAL E 937 -7.88 -41.21 58.84
C VAL E 937 -7.93 -42.48 58.00
N ILE E 938 -9.13 -42.94 57.63
CA ILE E 938 -9.26 -44.12 56.79
C ILE E 938 -9.82 -43.67 55.43
N VAL E 939 -9.28 -44.22 54.33
CA VAL E 939 -9.69 -43.79 53.00
C VAL E 939 -10.47 -44.89 52.27
N ASP E 940 -11.59 -44.46 51.67
CA ASP E 940 -12.51 -45.26 50.89
C ASP E 940 -11.76 -45.88 49.72
N ARG E 941 -11.99 -47.16 49.47
CA ARG E 941 -11.31 -47.88 48.41
C ARG E 941 -11.83 -47.48 47.03
N LYS E 942 -13.14 -47.23 46.90
CA LYS E 942 -13.74 -46.87 45.63
C LYS E 942 -13.68 -45.38 45.32
N THR E 943 -14.02 -44.53 46.30
CA THR E 943 -14.13 -43.10 46.07
C THR E 943 -12.82 -42.34 46.38
N GLY E 944 -12.25 -42.60 47.54
CA GLY E 944 -11.05 -41.89 47.98
C GLY E 944 -11.34 -40.80 49.01
N GLU E 945 -12.50 -40.86 49.67
CA GLU E 945 -12.86 -39.89 50.68
C GLU E 945 -12.18 -40.22 51.99
N GLU E 946 -11.94 -39.21 52.81
CA GLU E 946 -11.30 -39.39 54.10
C GLU E 946 -12.32 -39.46 55.22
N PHE E 947 -12.10 -40.34 56.20
CA PHE E 947 -13.01 -40.46 57.34
C PHE E 947 -12.22 -40.41 58.64
N THR E 948 -12.62 -39.53 59.55
CA THR E 948 -11.96 -39.42 60.85
C THR E 948 -12.93 -39.80 61.96
N PRO E 949 -12.63 -40.90 62.69
CA PRO E 949 -13.54 -41.31 63.76
C PRO E 949 -13.40 -40.45 65.03
N LEU E 950 -12.23 -39.82 65.24
CA LEU E 950 -12.04 -38.99 66.43
C LEU E 950 -12.76 -37.64 66.34
N GLN E 951 -13.12 -37.19 65.13
CA GLN E 951 -13.87 -35.94 64.98
C GLN E 951 -15.36 -36.14 65.35
N LEU E 952 -15.86 -37.39 65.37
CA LEU E 952 -17.24 -37.70 65.75
C LEU E 952 -17.48 -37.39 67.25
N LEU E 953 -16.41 -37.53 68.07
CA LEU E 953 -16.43 -37.25 69.51
C LEU E 953 -16.56 -35.76 69.83
N ALA E 954 -16.20 -34.88 68.88
CA ALA E 954 -16.33 -33.43 69.07
C ALA E 954 -17.80 -32.95 69.06
N THR E 955 -18.77 -33.87 68.98
CA THR E 955 -20.19 -33.56 69.00
C THR E 955 -20.88 -34.48 69.99
N ASN E 956 -21.37 -33.93 71.10
CA ASN E 956 -22.06 -34.69 72.15
C ASN E 956 -23.34 -35.34 71.61
N PRO E 957 -23.79 -36.44 72.22
CA PRO E 957 -24.99 -37.14 71.70
C PRO E 957 -26.22 -36.24 71.54
N ASP E 958 -26.32 -35.20 72.36
CA ASP E 958 -27.45 -34.27 72.29
C ASP E 958 -27.31 -33.22 71.17
N GLY E 959 -26.37 -33.40 70.25
CA GLY E 959 -26.15 -32.51 69.12
C GLY E 959 -25.22 -31.35 69.40
N THR E 960 -25.03 -30.99 70.68
CA THR E 960 -24.19 -29.87 71.05
C THR E 960 -22.73 -30.15 70.78
N PRO E 961 -22.03 -29.20 70.13
CA PRO E 961 -20.60 -29.39 69.89
C PRO E 961 -19.82 -29.24 71.19
N THR E 962 -18.84 -30.12 71.38
CA THR E 962 -18.03 -30.10 72.60
C THR E 962 -17.02 -28.95 72.61
N GLY E 963 -16.63 -28.46 71.44
CA GLY E 963 -15.62 -27.42 71.33
C GLY E 963 -14.24 -27.97 71.02
N GLY E 964 -14.08 -29.30 71.06
CA GLY E 964 -12.83 -29.95 70.75
C GLY E 964 -12.67 -30.19 69.27
N LYS E 965 -11.45 -30.53 68.84
CA LYS E 965 -11.19 -30.76 67.43
C LYS E 965 -9.98 -31.66 67.24
N PHE E 966 -10.00 -32.47 66.19
CA PHE E 966 -8.90 -33.36 65.88
C PHE E 966 -8.21 -32.90 64.60
N LEU E 967 -6.93 -32.51 64.72
CA LEU E 967 -6.13 -32.08 63.59
C LEU E 967 -5.05 -33.13 63.29
N VAL E 968 -5.26 -33.95 62.25
CA VAL E 968 -4.28 -34.99 61.91
C VAL E 968 -3.77 -34.80 60.48
N TYR E 969 -2.47 -34.53 60.34
CA TYR E 969 -1.88 -34.30 59.04
C TYR E 969 -0.60 -35.12 58.83
N ASN E 970 -0.16 -35.27 57.58
CA ASN E 970 1.07 -35.96 57.26
C ASN E 970 2.13 -34.92 56.89
N SER E 971 3.13 -34.75 57.75
CA SER E 971 4.18 -33.76 57.52
C SER E 971 5.11 -34.16 56.36
N ALA E 972 5.80 -33.16 55.80
CA ALA E 972 6.77 -33.33 54.73
C ALA E 972 7.99 -34.17 55.22
N LEU E 973 9.00 -34.47 54.36
CA LEU E 973 10.17 -35.22 54.81
C LEU E 973 11.15 -34.29 55.53
N SER E 974 10.61 -33.48 56.44
CA SER E 974 11.33 -32.50 57.25
C SER E 974 11.40 -32.91 58.72
N GLU E 975 12.45 -32.44 59.40
CA GLU E 975 12.63 -32.74 60.81
C GLU E 975 12.73 -31.45 61.59
N PHE E 976 13.66 -30.56 61.22
CA PHE E 976 13.88 -29.29 61.89
C PHE E 976 12.61 -28.46 61.96
N ALA E 977 11.93 -28.27 60.83
CA ALA E 977 10.73 -27.47 60.78
C ALA E 977 9.50 -28.23 61.27
N ALA E 978 9.45 -29.57 61.14
CA ALA E 978 8.31 -30.34 61.62
C ALA E 978 8.17 -30.23 63.13
N VAL E 979 9.31 -30.30 63.83
CA VAL E 979 9.38 -30.20 65.29
C VAL E 979 9.22 -28.72 65.73
N GLY E 980 9.81 -27.79 64.98
CA GLY E 980 9.70 -26.37 65.27
C GLY E 980 8.31 -25.80 65.08
N PHE E 981 7.51 -26.40 64.19
CA PHE E 981 6.16 -25.96 63.91
C PHE E 981 5.23 -26.37 65.03
N GLU E 982 5.29 -27.64 65.46
CA GLU E 982 4.44 -28.13 66.55
C GLU E 982 4.76 -27.42 67.87
N TYR E 983 6.04 -27.09 68.08
CA TYR E 983 6.47 -26.37 69.28
C TYR E 983 5.84 -24.97 69.28
N GLY E 984 5.89 -24.30 68.15
CA GLY E 984 5.31 -22.97 67.98
C GLY E 984 3.80 -22.96 68.15
N TYR E 985 3.16 -24.10 67.83
CA TYR E 985 1.72 -24.25 67.98
C TYR E 985 1.38 -24.33 69.47
N SER E 986 2.17 -25.07 70.28
CA SER E 986 1.93 -25.14 71.73
C SER E 986 2.22 -23.82 72.47
N VAL E 987 2.91 -22.88 71.82
CA VAL E 987 3.21 -21.55 72.34
C VAL E 987 2.07 -20.59 71.97
N GLY E 988 1.62 -20.67 70.72
CA GLY E 988 0.51 -19.85 70.22
C GLY E 988 -0.82 -20.22 70.83
N ASN E 989 -1.00 -21.51 71.16
CA ASN E 989 -2.22 -22.02 71.79
C ASN E 989 -1.85 -23.05 72.86
N PRO E 990 -1.71 -22.60 74.10
CA PRO E 990 -1.32 -23.53 75.17
C PRO E 990 -2.39 -24.58 75.48
N ASP E 991 -3.66 -24.23 75.30
CA ASP E 991 -4.81 -25.10 75.57
C ASP E 991 -5.03 -26.05 74.41
N ALA E 992 -3.95 -26.68 73.96
CA ALA E 992 -3.99 -27.61 72.87
C ALA E 992 -2.98 -28.72 73.07
N MET E 993 -3.45 -29.95 72.92
CA MET E 993 -2.68 -31.17 73.01
C MET E 993 -1.89 -31.31 71.71
N VAL E 994 -0.69 -30.70 71.63
CA VAL E 994 0.11 -30.77 70.40
C VAL E 994 1.05 -31.98 70.43
N LEU E 995 0.89 -32.92 69.50
CA LEU E 995 1.72 -34.12 69.46
C LEU E 995 2.46 -34.28 68.14
N TRP E 996 3.77 -34.53 68.19
CA TRP E 996 4.57 -34.78 66.99
C TRP E 996 5.15 -36.20 67.02
N GLU E 997 4.80 -37.02 66.03
CA GLU E 997 5.31 -38.39 65.96
C GLU E 997 6.36 -38.53 64.87
N ALA E 998 7.56 -38.96 65.23
CA ALA E 998 8.61 -39.25 64.26
C ALA E 998 8.34 -40.62 63.60
N GLN E 999 8.97 -40.90 62.44
CA GLN E 999 8.83 -42.23 61.81
C GLN E 999 9.54 -43.24 62.73
N PHE E 1000 10.77 -42.92 63.11
CA PHE E 1000 11.61 -43.64 64.08
C PHE E 1000 12.28 -42.60 64.95
N GLY E 1001 12.44 -42.91 66.23
CA GLY E 1001 13.05 -41.97 67.17
C GLY E 1001 14.42 -41.50 66.76
N ASP E 1002 15.18 -42.37 66.09
CA ASP E 1002 16.56 -42.17 65.63
C ASP E 1002 16.73 -40.98 64.69
N PHE E 1003 15.67 -40.56 63.99
CA PHE E 1003 15.74 -39.45 63.06
C PHE E 1003 15.59 -38.07 63.72
N VAL E 1004 15.44 -38.01 65.05
CA VAL E 1004 15.24 -36.75 65.75
C VAL E 1004 16.49 -35.85 65.74
N ASN E 1005 17.68 -36.42 65.53
CA ASN E 1005 18.93 -35.65 65.52
C ASN E 1005 18.97 -34.52 64.46
N GLY E 1006 18.07 -34.57 63.48
CA GLY E 1006 17.97 -33.52 62.48
C GLY E 1006 17.43 -32.24 63.10
N ALA E 1007 16.46 -32.38 63.99
CA ALA E 1007 15.85 -31.25 64.69
C ALA E 1007 16.50 -31.01 66.06
N GLN E 1008 17.78 -31.38 66.23
CA GLN E 1008 18.45 -31.24 67.52
C GLN E 1008 18.48 -29.79 68.00
N SER E 1009 18.49 -28.81 67.08
CA SER E 1009 18.49 -27.41 67.48
C SER E 1009 17.18 -27.02 68.13
N ILE E 1010 16.06 -27.57 67.67
CA ILE E 1010 14.75 -27.27 68.25
C ILE E 1010 14.67 -27.87 69.67
N ILE E 1011 15.23 -29.06 69.89
CA ILE E 1011 15.23 -29.68 71.21
C ILE E 1011 16.17 -28.91 72.18
N ASP E 1012 17.41 -28.64 71.75
CA ASP E 1012 18.41 -27.97 72.58
C ASP E 1012 18.11 -26.52 72.90
N GLU E 1013 17.54 -25.79 71.94
CA GLU E 1013 17.33 -24.36 72.12
C GLU E 1013 15.92 -23.94 72.42
N PHE E 1014 14.91 -24.65 71.91
CA PHE E 1014 13.52 -24.22 72.11
C PHE E 1014 12.71 -25.05 73.10
N ILE E 1015 12.85 -26.38 73.08
CA ILE E 1015 12.04 -27.23 73.94
C ILE E 1015 12.60 -27.32 75.39
N SER E 1016 13.85 -27.81 75.56
CA SER E 1016 14.49 -27.99 76.86
C SER E 1016 14.75 -26.68 77.60
N SER E 1017 15.36 -25.71 76.91
CA SER E 1017 15.67 -24.43 77.52
C SER E 1017 14.65 -23.32 77.19
N GLY E 1018 13.49 -23.69 76.66
CA GLY E 1018 12.46 -22.71 76.32
C GLY E 1018 11.77 -22.19 77.56
N GLU E 1019 11.22 -23.11 78.35
CA GLU E 1019 10.55 -22.77 79.61
C GLU E 1019 11.50 -22.10 80.63
N ALA E 1020 12.80 -21.99 80.32
CA ALA E 1020 13.75 -21.40 81.25
C ALA E 1020 14.47 -20.14 80.71
N LYS E 1021 15.15 -20.18 79.54
CA LYS E 1021 15.92 -19.04 79.01
C LYS E 1021 15.07 -17.79 78.87
N TRP E 1022 13.83 -17.96 78.42
CA TRP E 1022 12.95 -16.83 78.17
C TRP E 1022 11.65 -17.01 78.95
N GLY E 1023 11.12 -18.22 78.94
CA GLY E 1023 9.87 -18.53 79.61
C GLY E 1023 8.76 -19.02 78.70
N GLN E 1024 9.09 -19.32 77.43
CA GLN E 1024 8.10 -19.82 76.47
C GLN E 1024 7.72 -21.25 76.83
N LEU E 1025 6.62 -21.36 77.55
CA LEU E 1025 6.07 -22.60 78.06
C LEU E 1025 5.71 -23.56 76.93
N SER E 1026 6.38 -24.71 76.88
CA SER E 1026 6.13 -25.69 75.84
C SER E 1026 5.20 -26.80 76.32
N ASP E 1027 4.04 -26.95 75.68
CA ASP E 1027 3.10 -28.03 76.02
C ASP E 1027 3.05 -29.02 74.85
N VAL E 1028 4.23 -29.42 74.36
CA VAL E 1028 4.33 -30.33 73.24
C VAL E 1028 4.63 -31.76 73.71
N VAL E 1029 4.12 -32.73 72.97
CA VAL E 1029 4.34 -34.14 73.24
C VAL E 1029 5.09 -34.71 72.06
N LEU E 1030 6.27 -35.30 72.30
CA LEU E 1030 7.08 -35.84 71.21
C LEU E 1030 7.12 -37.37 71.21
N LEU E 1031 6.21 -38.02 70.47
CA LEU E 1031 6.19 -39.48 70.38
C LEU E 1031 7.37 -39.95 69.53
N LEU E 1032 8.27 -40.74 70.12
CA LEU E 1032 9.45 -41.23 69.41
C LEU E 1032 9.49 -42.75 69.44
N PRO E 1033 9.21 -43.41 68.29
CA PRO E 1033 9.26 -44.87 68.27
C PRO E 1033 10.65 -45.41 68.63
N HIS E 1034 10.72 -46.03 69.81
CA HIS E 1034 11.91 -46.59 70.40
C HIS E 1034 11.67 -48.06 70.72
N GLY E 1035 12.56 -48.93 70.27
CA GLY E 1035 12.44 -50.35 70.52
C GLY E 1035 13.63 -51.11 70.00
N HIS E 1036 14.24 -51.96 70.84
CA HIS E 1036 15.40 -52.72 70.39
C HIS E 1036 14.97 -54.00 69.69
N GLU E 1037 14.91 -53.94 68.34
CA GLU E 1037 14.54 -55.07 67.49
C GLU E 1037 15.68 -55.48 66.54
N GLY E 1038 16.68 -54.61 66.35
CA GLY E 1038 17.83 -54.88 65.51
C GLY E 1038 17.68 -54.52 64.05
N GLN E 1039 16.71 -53.65 63.74
CA GLN E 1039 16.50 -53.22 62.36
C GLN E 1039 17.54 -52.17 61.92
N GLY E 1040 18.70 -52.15 62.56
CA GLY E 1040 19.76 -51.19 62.24
C GLY E 1040 19.94 -50.14 63.31
N PRO E 1041 21.04 -49.39 63.26
CA PRO E 1041 21.26 -48.34 64.27
C PRO E 1041 20.32 -47.16 64.10
N ASP E 1042 19.80 -46.94 62.89
CA ASP E 1042 18.88 -45.85 62.63
C ASP E 1042 17.42 -46.31 62.67
N HIS E 1043 17.13 -47.51 63.19
CA HIS E 1043 15.76 -48.00 63.28
C HIS E 1043 15.57 -48.77 64.61
N THR E 1044 16.15 -48.28 65.71
CA THR E 1044 16.05 -48.96 67.00
C THR E 1044 15.98 -47.94 68.18
N SER E 1045 17.08 -47.25 68.56
CA SER E 1045 17.09 -46.36 69.73
C SER E 1045 16.92 -44.89 69.40
N GLY E 1046 15.93 -44.28 70.03
CA GLY E 1046 15.65 -42.86 69.92
C GLY E 1046 16.53 -41.99 70.81
N ARG E 1047 17.67 -42.53 71.28
CA ARG E 1047 18.69 -41.89 72.10
C ARG E 1047 18.09 -41.20 73.34
N ILE E 1048 17.70 -41.97 74.36
CA ILE E 1048 17.13 -41.42 75.61
C ILE E 1048 18.21 -40.70 76.43
N GLU E 1049 19.45 -41.20 76.39
CA GLU E 1049 20.60 -40.69 77.11
C GLU E 1049 20.78 -39.19 76.98
N ARG E 1050 20.45 -38.62 75.82
CA ARG E 1050 20.61 -37.20 75.57
C ARG E 1050 19.51 -36.37 76.21
N PHE E 1051 18.26 -36.87 76.19
CA PHE E 1051 17.12 -36.18 76.79
C PHE E 1051 17.35 -36.02 78.30
N LEU E 1052 17.77 -37.12 78.94
CA LEU E 1052 18.07 -37.17 80.36
C LEU E 1052 19.25 -36.25 80.70
N GLN E 1053 20.25 -36.19 79.80
CA GLN E 1053 21.45 -35.36 79.96
C GLN E 1053 21.12 -33.86 79.99
N LEU E 1054 20.11 -33.41 79.23
CA LEU E 1054 19.74 -31.98 79.25
C LEU E 1054 18.51 -31.69 80.12
N TRP E 1055 18.17 -32.60 81.04
CA TRP E 1055 17.03 -32.39 81.92
C TRP E 1055 17.45 -31.67 83.20
N ALA E 1056 16.79 -30.56 83.49
CA ALA E 1056 16.99 -29.79 84.72
C ALA E 1056 15.77 -29.96 85.63
N GLU E 1057 15.86 -29.55 86.92
CA GLU E 1057 14.72 -29.69 87.84
C GLU E 1057 13.48 -28.96 87.30
N GLY E 1058 12.51 -29.75 86.84
CA GLY E 1058 11.25 -29.26 86.31
C GLY E 1058 11.32 -28.46 85.02
N SER E 1059 11.89 -29.05 83.97
CA SER E 1059 11.94 -28.38 82.66
C SER E 1059 11.24 -29.23 81.60
N MET E 1060 11.33 -30.58 81.72
CA MET E 1060 10.71 -31.54 80.81
C MET E 1060 10.16 -32.76 81.58
N THR E 1061 9.51 -33.69 80.87
CA THR E 1061 8.97 -34.91 81.47
C THR E 1061 9.25 -36.09 80.54
N ILE E 1062 10.44 -36.69 80.65
CA ILE E 1062 10.79 -37.85 79.82
C ILE E 1062 10.05 -39.07 80.38
N ALA E 1063 9.41 -39.85 79.50
CA ALA E 1063 8.62 -41.00 79.94
C ALA E 1063 8.75 -42.19 78.98
N MET E 1064 8.73 -43.41 79.51
CA MET E 1064 8.79 -44.61 78.69
C MET E 1064 7.75 -45.60 79.18
N PRO E 1065 6.54 -45.56 78.60
CA PRO E 1065 5.46 -46.43 79.08
C PRO E 1065 5.62 -47.88 78.62
N SER E 1066 5.09 -48.81 79.42
CA SER E 1066 5.16 -50.24 79.15
C SER E 1066 3.79 -50.87 78.90
N THR E 1067 2.72 -50.26 79.43
CA THR E 1067 1.37 -50.80 79.25
C THR E 1067 0.48 -49.79 78.55
N PRO E 1068 -0.48 -50.27 77.75
CA PRO E 1068 -1.39 -49.35 77.04
C PRO E 1068 -2.20 -48.48 77.99
N ALA E 1069 -2.58 -49.02 79.15
CA ALA E 1069 -3.33 -48.27 80.14
C ALA E 1069 -2.51 -47.12 80.71
N ASN E 1070 -1.21 -47.33 80.93
CA ASN E 1070 -0.34 -46.30 81.50
C ASN E 1070 -0.13 -45.17 80.51
N TYR E 1071 0.03 -45.49 79.23
CA TYR E 1071 0.18 -44.46 78.20
C TYR E 1071 -1.10 -43.62 78.10
N PHE E 1072 -2.28 -44.25 78.28
CA PHE E 1072 -3.58 -43.56 78.27
C PHE E 1072 -3.63 -42.51 79.37
N HIS E 1073 -3.27 -42.92 80.60
CA HIS E 1073 -3.27 -42.01 81.74
C HIS E 1073 -2.23 -40.93 81.59
N LEU E 1074 -1.08 -41.24 80.96
CA LEU E 1074 0.03 -40.33 80.73
C LEU E 1074 -0.40 -39.15 79.86
N LEU E 1075 -1.09 -39.44 78.74
CA LEU E 1075 -1.55 -38.40 77.83
C LEU E 1075 -2.65 -37.58 78.45
N ARG E 1076 -3.60 -38.22 79.13
CA ARG E 1076 -4.70 -37.49 79.77
C ARG E 1076 -4.20 -36.64 80.91
N ARG E 1077 -3.19 -37.11 81.64
CA ARG E 1077 -2.58 -36.37 82.73
C ARG E 1077 -1.88 -35.15 82.17
N HIS E 1078 -1.07 -35.32 81.11
CA HIS E 1078 -0.36 -34.18 80.52
C HIS E 1078 -1.32 -33.19 79.84
N GLY E 1079 -2.42 -33.69 79.30
CA GLY E 1079 -3.41 -32.86 78.64
C GLY E 1079 -4.31 -32.09 79.57
N LYS E 1080 -4.41 -32.52 80.83
CA LYS E 1080 -5.29 -31.86 81.80
C LYS E 1080 -4.56 -31.37 83.07
N ASP E 1081 -3.21 -31.34 83.07
CA ASP E 1081 -2.47 -30.89 84.25
C ASP E 1081 -2.46 -29.36 84.38
N GLY E 1082 -2.54 -28.65 83.26
CA GLY E 1082 -2.48 -27.20 83.25
C GLY E 1082 -1.06 -26.71 83.11
N ILE E 1083 -0.13 -27.38 83.81
CA ILE E 1083 1.29 -27.07 83.78
C ILE E 1083 1.87 -27.36 82.42
N GLN E 1084 2.42 -26.33 81.80
CA GLN E 1084 3.02 -26.44 80.49
C GLN E 1084 4.39 -27.06 80.61
N ARG E 1085 4.51 -28.34 80.27
CA ARG E 1085 5.79 -29.01 80.33
C ARG E 1085 5.89 -30.01 79.21
N PRO E 1086 6.99 -29.96 78.44
CA PRO E 1086 7.12 -30.90 77.31
C PRO E 1086 7.28 -32.36 77.76
N LEU E 1087 6.38 -33.23 77.30
CA LEU E 1087 6.39 -34.65 77.64
C LEU E 1087 6.98 -35.47 76.47
N ILE E 1088 8.19 -36.00 76.64
CA ILE E 1088 8.85 -36.80 75.61
C ILE E 1088 8.48 -38.29 75.79
N VAL E 1089 7.46 -38.77 75.06
CA VAL E 1089 7.01 -40.16 75.18
C VAL E 1089 7.77 -41.05 74.19
N PHE E 1090 8.16 -42.27 74.61
CA PHE E 1090 8.85 -43.20 73.75
C PHE E 1090 7.94 -44.39 73.44
N THR E 1091 7.14 -44.26 72.39
CA THR E 1091 6.20 -45.29 71.96
C THR E 1091 6.96 -46.52 71.45
N PRO E 1092 6.45 -47.74 71.69
CA PRO E 1092 7.15 -48.93 71.21
C PRO E 1092 6.89 -49.20 69.73
N LYS E 1093 7.59 -50.18 69.16
CA LYS E 1093 7.44 -50.51 67.76
C LYS E 1093 6.85 -51.90 67.63
N SER E 1094 7.56 -52.92 68.11
CA SER E 1094 7.08 -54.30 68.04
C SER E 1094 6.00 -54.55 69.08
N MET E 1095 6.16 -53.98 70.28
CA MET E 1095 5.25 -54.14 71.40
C MET E 1095 3.84 -53.58 71.13
N LEU E 1096 3.59 -52.97 69.96
CA LEU E 1096 2.26 -52.49 69.62
C LEU E 1096 1.36 -53.69 69.34
N ARG E 1097 1.86 -54.63 68.53
CA ARG E 1097 1.13 -55.85 68.19
C ARG E 1097 1.44 -57.01 69.14
N ASN E 1098 2.14 -56.76 70.26
CA ASN E 1098 2.45 -57.81 71.23
C ASN E 1098 1.18 -58.22 71.94
N LYS E 1099 0.86 -59.52 71.94
CA LYS E 1099 -0.35 -60.03 72.59
C LYS E 1099 -0.29 -59.85 74.12
N ALA E 1100 0.90 -59.79 74.69
CA ALA E 1100 1.07 -59.60 76.12
C ALA E 1100 0.86 -58.13 76.53
N ALA E 1101 1.24 -57.19 75.67
CA ALA E 1101 1.09 -55.77 75.97
C ALA E 1101 -0.33 -55.28 75.71
N VAL E 1102 -1.28 -55.75 76.53
CA VAL E 1102 -2.68 -55.37 76.43
C VAL E 1102 -3.16 -54.73 77.79
N SER E 1103 -4.42 -54.28 77.87
CA SER E 1103 -4.95 -53.71 79.10
C SER E 1103 -6.47 -53.94 79.19
N ASP E 1104 -6.94 -54.30 80.39
CA ASP E 1104 -8.35 -54.60 80.74
C ASP E 1104 -9.20 -53.33 80.87
N ILE E 1105 -10.52 -53.49 81.02
CA ILE E 1105 -11.44 -52.35 81.17
C ILE E 1105 -11.15 -51.59 82.47
N ARG E 1106 -11.04 -52.31 83.60
CA ARG E 1106 -10.80 -51.71 84.91
C ARG E 1106 -9.53 -50.85 84.98
N ASP E 1107 -8.63 -50.98 84.00
CA ASP E 1107 -7.39 -50.20 83.94
C ASP E 1107 -7.68 -48.76 83.51
N PHE E 1108 -8.55 -48.61 82.52
CA PHE E 1108 -8.89 -47.30 81.98
C PHE E 1108 -9.99 -46.59 82.81
N THR E 1109 -10.71 -47.32 83.67
CA THR E 1109 -11.79 -46.74 84.45
C THR E 1109 -11.43 -46.59 85.94
N GLU E 1110 -10.82 -47.61 86.56
CA GLU E 1110 -10.53 -47.56 88.00
C GLU E 1110 -9.01 -47.46 88.29
N SER E 1111 -8.31 -46.52 87.65
CA SER E 1111 -6.88 -46.35 87.89
C SER E 1111 -6.35 -44.97 87.46
N LYS E 1112 -5.09 -44.65 87.85
CA LYS E 1112 -4.43 -43.40 87.51
C LYS E 1112 -3.02 -43.69 86.88
N PHE E 1113 -2.28 -42.65 86.50
CA PHE E 1113 -0.95 -42.83 85.91
C PHE E 1113 0.01 -43.40 86.96
N ARG E 1114 0.85 -44.35 86.57
CA ARG E 1114 1.81 -44.96 87.48
C ARG E 1114 3.23 -44.64 87.04
N SER E 1115 3.95 -43.84 87.82
CA SER E 1115 5.34 -43.52 87.52
C SER E 1115 6.29 -44.70 87.83
N VAL E 1116 5.88 -45.60 88.75
CA VAL E 1116 6.59 -46.80 89.15
C VAL E 1116 5.61 -47.97 89.04
N LEU E 1117 6.05 -49.12 88.47
CA LEU E 1117 5.14 -50.24 88.27
C LEU E 1117 5.67 -51.61 88.71
N GLU E 1118 5.00 -52.21 89.69
CA GLU E 1118 5.35 -53.54 90.19
C GLU E 1118 4.75 -54.63 89.29
N GLU E 1119 5.16 -55.88 89.49
CA GLU E 1119 4.63 -57.01 88.74
C GLU E 1119 3.13 -57.24 89.07
N PRO E 1120 2.38 -57.98 88.22
CA PRO E 1120 0.95 -58.19 88.51
C PRO E 1120 0.66 -59.23 89.60
N MET E 1121 1.63 -60.11 89.90
CA MET E 1121 1.43 -61.14 90.92
C MET E 1121 1.53 -60.57 92.34
N TYR E 1122 2.39 -59.57 92.54
CA TYR E 1122 2.56 -58.98 93.87
C TYR E 1122 1.45 -57.96 94.18
N THR E 1123 0.89 -57.32 93.15
CA THR E 1123 -0.14 -56.31 93.34
C THR E 1123 -1.56 -56.89 93.38
N ASP E 1124 -1.92 -57.76 92.41
CA ASP E 1124 -3.28 -58.29 92.36
C ASP E 1124 -3.35 -59.78 92.63
N GLY E 1125 -2.42 -60.53 92.07
CA GLY E 1125 -2.40 -61.98 92.26
C GLY E 1125 -1.82 -62.40 93.61
N GLU E 1126 -1.70 -63.70 93.82
CA GLU E 1126 -1.11 -64.21 95.05
C GLU E 1126 0.41 -64.29 94.86
N GLY E 1127 1.10 -63.24 95.24
CA GLY E 1127 2.55 -63.17 95.09
C GLY E 1127 3.28 -62.87 96.38
N ASP E 1128 4.37 -63.60 96.64
CA ASP E 1128 5.15 -63.42 97.86
C ASP E 1128 6.29 -62.45 97.64
N ARG E 1129 6.21 -61.32 98.34
CA ARG E 1129 7.23 -60.29 98.25
C ARG E 1129 8.51 -60.68 99.02
N ASN E 1130 8.39 -61.53 100.05
CA ASN E 1130 9.57 -61.94 100.83
C ASN E 1130 10.47 -62.85 100.01
N LYS E 1131 9.87 -63.74 99.20
CA LYS E 1131 10.62 -64.69 98.37
C LYS E 1131 11.69 -64.02 97.49
N VAL E 1132 11.53 -62.73 97.20
CA VAL E 1132 12.42 -61.97 96.35
C VAL E 1132 13.78 -61.66 96.99
N THR E 1133 14.84 -62.11 96.33
CA THR E 1133 16.26 -61.91 96.68
C THR E 1133 16.96 -61.06 95.61
N ARG E 1134 16.61 -61.30 94.33
CA ARG E 1134 17.13 -60.62 93.15
C ARG E 1134 16.14 -59.55 92.68
N LEU E 1135 16.57 -58.28 92.65
CA LEU E 1135 15.70 -57.20 92.22
C LEU E 1135 16.08 -56.65 90.86
N LEU E 1136 15.12 -56.61 89.95
CA LEU E 1136 15.33 -56.08 88.61
C LEU E 1136 14.55 -54.79 88.40
N LEU E 1137 15.21 -53.78 87.85
CA LEU E 1137 14.64 -52.47 87.51
C LEU E 1137 14.73 -52.32 85.99
N THR E 1138 13.63 -52.02 85.32
CA THR E 1138 13.63 -51.90 83.86
C THR E 1138 12.68 -50.73 83.40
N SER E 1139 12.45 -50.53 82.08
CA SER E 1139 11.58 -49.45 81.64
C SER E 1139 10.78 -49.77 80.36
N GLY E 1140 11.46 -50.28 79.33
CA GLY E 1140 10.80 -50.55 78.06
C GLY E 1140 10.02 -51.85 77.96
N LYS E 1141 9.93 -52.38 76.73
CA LYS E 1141 9.24 -53.65 76.42
C LYS E 1141 9.97 -54.87 76.98
N ILE E 1142 11.27 -54.72 77.29
CA ILE E 1142 12.17 -55.72 77.86
C ILE E 1142 11.54 -56.38 79.10
N TYR E 1143 10.64 -55.68 79.81
CA TYR E 1143 9.92 -56.22 80.96
C TYR E 1143 9.15 -57.49 80.57
N TYR E 1144 8.48 -57.48 79.41
CA TYR E 1144 7.69 -58.63 78.95
C TYR E 1144 8.55 -59.87 78.69
N GLU E 1145 9.80 -59.67 78.27
CA GLU E 1145 10.73 -60.79 78.01
C GLU E 1145 11.24 -61.35 79.34
N LEU E 1146 11.49 -60.46 80.33
CA LEU E 1146 11.96 -60.83 81.66
C LEU E 1146 10.85 -61.51 82.49
N ALA E 1147 9.59 -61.14 82.26
CA ALA E 1147 8.47 -61.72 83.00
C ALA E 1147 8.16 -63.12 82.48
N ALA E 1148 8.27 -63.32 81.15
CA ALA E 1148 8.01 -64.64 80.56
C ALA E 1148 9.12 -65.62 80.91
N ARG E 1149 10.38 -65.14 81.01
CA ARG E 1149 11.54 -65.94 81.41
C ARG E 1149 11.41 -66.39 82.87
N LYS E 1150 10.87 -65.51 83.72
CA LYS E 1150 10.61 -65.77 85.13
C LYS E 1150 9.49 -66.81 85.29
N ALA E 1151 8.45 -66.73 84.44
CA ALA E 1151 7.33 -67.66 84.45
C ALA E 1151 7.73 -69.06 83.95
N LYS E 1152 8.75 -69.15 83.12
CA LYS E 1152 9.22 -70.44 82.61
C LYS E 1152 10.01 -71.19 83.68
N GLU E 1153 10.91 -70.48 84.39
CA GLU E 1153 11.75 -71.08 85.42
C GLU E 1153 11.12 -71.04 86.83
N ASN E 1154 9.92 -70.44 86.99
CA ASN E 1154 9.22 -70.29 88.27
C ASN E 1154 10.13 -69.66 89.34
N ARG E 1155 11.00 -68.75 88.92
CA ARG E 1155 11.93 -68.06 89.80
C ARG E 1155 11.21 -67.06 90.67
N GLU E 1156 10.66 -67.51 91.80
CA GLU E 1156 9.92 -66.63 92.71
C GLU E 1156 10.84 -65.70 93.52
N ASP E 1157 12.16 -65.80 93.33
CA ASP E 1157 13.11 -64.94 94.00
C ASP E 1157 13.48 -63.69 93.17
N VAL E 1158 12.82 -63.45 92.01
CA VAL E 1158 13.15 -62.31 91.17
C VAL E 1158 11.96 -61.37 90.99
N ALA E 1159 12.09 -60.10 91.39
CA ALA E 1159 11.01 -59.13 91.21
C ALA E 1159 11.39 -58.10 90.17
N ILE E 1160 10.43 -57.66 89.35
CA ILE E 1160 10.71 -56.68 88.32
C ILE E 1160 9.85 -55.42 88.51
N VAL E 1161 10.51 -54.31 88.76
CA VAL E 1161 9.89 -53.02 88.96
C VAL E 1161 10.21 -52.14 87.76
N ARG E 1162 9.21 -51.41 87.25
CA ARG E 1162 9.42 -50.55 86.08
C ARG E 1162 9.43 -49.07 86.45
N ILE E 1163 10.36 -48.32 85.86
CA ILE E 1163 10.45 -46.88 86.06
C ILE E 1163 9.87 -46.24 84.82
N GLU E 1164 8.56 -45.96 84.86
CA GLU E 1164 7.87 -45.38 83.71
C GLU E 1164 8.29 -43.91 83.50
N GLN E 1165 8.18 -43.07 84.54
CA GLN E 1165 8.63 -41.69 84.41
C GLN E 1165 10.11 -41.63 84.72
N LEU E 1166 10.92 -41.47 83.68
CA LEU E 1166 12.38 -41.44 83.83
C LEU E 1166 12.86 -40.13 84.41
N ALA E 1167 12.18 -39.01 84.08
CA ALA E 1167 12.58 -37.70 84.60
C ALA E 1167 11.38 -36.76 84.68
N PRO E 1168 11.10 -36.18 85.85
CA PRO E 1168 11.82 -36.36 87.12
C PRO E 1168 11.69 -37.78 87.66
N LEU E 1169 12.72 -38.25 88.37
CA LEU E 1169 12.72 -39.60 88.95
C LEU E 1169 11.69 -39.65 90.06
N PRO E 1170 10.83 -40.68 90.09
CA PRO E 1170 9.78 -40.73 91.13
C PRO E 1170 10.33 -41.16 92.49
N ARG E 1171 11.01 -40.25 93.19
CA ARG E 1171 11.67 -40.50 94.47
C ARG E 1171 10.75 -41.08 95.53
N ARG E 1172 9.56 -40.50 95.74
CA ARG E 1172 8.64 -41.00 96.75
C ARG E 1172 7.99 -42.29 96.29
N ARG E 1173 7.47 -42.31 95.06
CA ARG E 1173 6.82 -43.51 94.51
C ARG E 1173 7.75 -44.72 94.50
N LEU E 1174 9.07 -44.49 94.40
CA LEU E 1174 10.02 -45.57 94.34
C LEU E 1174 10.55 -45.94 95.72
N ALA E 1175 10.69 -44.98 96.64
CA ALA E 1175 11.18 -45.31 97.99
C ALA E 1175 10.20 -46.24 98.71
N GLU E 1176 8.88 -45.95 98.60
CA GLU E 1176 7.80 -46.75 99.20
C GLU E 1176 7.76 -48.15 98.59
N THR E 1177 7.96 -48.23 97.26
CA THR E 1177 7.95 -49.45 96.47
C THR E 1177 9.16 -50.34 96.84
N LEU E 1178 10.34 -49.71 97.03
CA LEU E 1178 11.58 -50.40 97.38
C LEU E 1178 11.55 -50.95 98.81
N ASP E 1179 10.74 -50.36 99.70
CA ASP E 1179 10.61 -50.87 101.06
C ASP E 1179 9.88 -52.22 101.05
N ARG E 1180 8.97 -52.47 100.09
CA ARG E 1180 8.39 -53.80 99.90
C ARG E 1180 9.50 -54.73 99.41
N TYR E 1181 9.29 -56.06 99.46
CA TYR E 1181 10.32 -57.04 99.07
C TYR E 1181 11.56 -56.83 99.96
N PRO E 1182 11.49 -57.19 101.25
CA PRO E 1182 12.59 -56.86 102.16
C PRO E 1182 13.80 -57.78 102.05
N ASN E 1183 13.62 -59.02 101.59
CA ASN E 1183 14.72 -59.97 101.49
C ASN E 1183 15.55 -59.77 100.21
N VAL E 1184 15.52 -58.57 99.63
CA VAL E 1184 16.29 -58.29 98.43
C VAL E 1184 17.74 -58.05 98.84
N LYS E 1185 18.65 -58.80 98.24
CA LYS E 1185 20.07 -58.66 98.54
C LYS E 1185 20.88 -58.17 97.33
N GLU E 1186 20.27 -58.01 96.15
CA GLU E 1186 20.97 -57.52 94.97
C GLU E 1186 20.03 -56.70 94.08
N LYS E 1187 20.54 -55.61 93.49
CA LYS E 1187 19.75 -54.74 92.63
C LYS E 1187 20.40 -54.60 91.24
N PHE E 1188 19.58 -54.65 90.18
CA PHE E 1188 20.07 -54.56 88.80
C PHE E 1188 19.26 -53.62 87.94
N TRP E 1189 19.93 -52.89 87.05
CA TRP E 1189 19.23 -52.05 86.08
C TRP E 1189 19.37 -52.75 84.74
N VAL E 1190 18.27 -53.35 84.25
CA VAL E 1190 18.26 -54.10 83.00
C VAL E 1190 17.68 -53.26 81.85
N GLN E 1191 18.55 -52.86 80.90
CA GLN E 1191 18.17 -52.08 79.72
C GLN E 1191 18.77 -52.69 78.45
N GLU E 1192 18.03 -52.64 77.34
CA GLU E 1192 18.49 -53.20 76.06
C GLU E 1192 19.56 -52.28 75.39
N GLU E 1193 19.50 -50.98 75.67
CA GLU E 1193 20.42 -49.97 75.14
C GLU E 1193 21.87 -50.25 75.57
N PRO E 1194 22.86 -49.73 74.83
CA PRO E 1194 24.27 -49.95 75.20
C PRO E 1194 24.63 -49.34 76.58
N ALA E 1195 25.87 -49.59 77.05
CA ALA E 1195 26.31 -49.08 78.34
C ALA E 1195 26.45 -47.54 78.34
N ASN E 1196 27.20 -46.95 77.38
CA ASN E 1196 27.36 -45.49 77.31
C ASN E 1196 26.06 -44.76 76.89
N GLN E 1197 25.04 -45.51 76.44
CA GLN E 1197 23.76 -44.99 76.01
C GLN E 1197 22.62 -45.57 76.89
N GLY E 1198 21.41 -45.08 76.70
CA GLY E 1198 20.26 -45.54 77.47
C GLY E 1198 20.02 -44.71 78.71
N ALA E 1199 19.70 -45.36 79.82
CA ALA E 1199 19.42 -44.64 81.06
C ALA E 1199 20.52 -44.80 82.11
N TRP E 1200 21.37 -45.82 81.98
CA TRP E 1200 22.44 -46.07 82.94
C TRP E 1200 23.41 -44.88 83.14
N PRO E 1201 23.87 -44.13 82.10
CA PRO E 1201 24.82 -43.04 82.36
C PRO E 1201 24.34 -41.98 83.36
N SER E 1202 23.02 -41.84 83.48
CA SER E 1202 22.39 -40.90 84.39
C SER E 1202 21.92 -41.61 85.67
N PHE E 1203 21.26 -42.77 85.54
CA PHE E 1203 20.73 -43.54 86.67
C PHE E 1203 21.82 -44.09 87.59
N GLY E 1204 22.88 -44.66 87.01
CA GLY E 1204 23.99 -45.22 87.78
C GLY E 1204 24.74 -44.22 88.65
N LEU E 1205 24.53 -42.93 88.41
CA LEU E 1205 25.17 -41.86 89.16
C LEU E 1205 24.16 -41.05 90.01
N THR E 1206 22.86 -41.11 89.66
CA THR E 1206 21.82 -40.39 90.37
C THR E 1206 21.22 -41.24 91.49
N LEU E 1207 20.88 -42.51 91.20
CA LEU E 1207 20.25 -43.42 92.15
C LEU E 1207 21.06 -43.64 93.45
N PRO E 1208 22.38 -43.95 93.44
CA PRO E 1208 23.10 -44.10 94.72
C PRO E 1208 23.36 -42.77 95.45
N GLU E 1209 23.02 -41.64 94.82
CA GLU E 1209 23.19 -40.31 95.38
C GLU E 1209 21.86 -39.76 95.97
N ILE E 1210 20.70 -40.18 95.41
CA ILE E 1210 19.38 -39.71 95.83
C ILE E 1210 18.73 -40.69 96.81
N LEU E 1211 18.76 -41.99 96.50
CA LEU E 1211 18.20 -43.01 97.37
C LEU E 1211 19.33 -44.01 97.75
N PRO E 1212 20.31 -43.61 98.58
CA PRO E 1212 21.42 -44.52 98.89
C PRO E 1212 21.05 -45.68 99.81
N ASP E 1213 19.93 -45.56 100.53
CA ASP E 1213 19.46 -46.61 101.42
C ASP E 1213 19.05 -47.89 100.67
N HIS E 1214 18.86 -47.81 99.34
CA HIS E 1214 18.47 -48.97 98.56
C HIS E 1214 19.38 -49.15 97.34
N PHE E 1215 19.64 -48.06 96.60
CA PHE E 1215 20.40 -48.13 95.37
C PHE E 1215 21.93 -48.07 95.52
N THR E 1216 22.47 -48.17 96.75
CA THR E 1216 23.94 -48.18 96.90
C THR E 1216 24.40 -49.59 96.54
N GLY E 1217 25.36 -49.67 95.64
CA GLY E 1217 25.85 -50.95 95.17
C GLY E 1217 24.91 -51.54 94.14
N LEU E 1218 24.49 -50.69 93.19
CA LEU E 1218 23.59 -51.10 92.14
C LEU E 1218 24.37 -51.69 90.98
N LYS E 1219 23.97 -52.87 90.50
CA LYS E 1219 24.66 -53.50 89.37
C LYS E 1219 23.91 -53.21 88.06
N ARG E 1220 24.59 -53.34 86.92
CA ARG E 1220 24.00 -53.03 85.62
C ARG E 1220 24.04 -54.22 84.65
N ILE E 1221 22.88 -54.66 84.19
CA ILE E 1221 22.78 -55.76 83.22
C ILE E 1221 22.34 -55.18 81.88
N SER E 1222 23.28 -54.75 81.02
CA SER E 1222 22.93 -54.13 79.74
C SER E 1222 23.90 -54.52 78.60
N ARG E 1223 23.65 -53.99 77.38
CA ARG E 1223 24.49 -54.24 76.21
C ARG E 1223 25.82 -53.49 76.32
N ARG E 1224 26.83 -53.96 75.60
CA ARG E 1224 28.15 -53.33 75.60
C ARG E 1224 28.09 -51.96 74.96
N ALA E 1225 28.98 -51.07 75.38
CA ALA E 1225 29.01 -49.70 74.87
C ALA E 1225 29.47 -49.62 73.42
N MET E 1226 28.64 -49.00 72.56
CA MET E 1226 28.91 -48.81 71.13
C MET E 1226 28.82 -47.34 70.72
N SER E 1227 29.46 -46.97 69.60
CA SER E 1227 29.38 -45.59 69.09
C SER E 1227 28.01 -45.35 68.38
N ALA E 1228 27.38 -46.42 67.88
CA ALA E 1228 26.07 -46.40 67.26
C ALA E 1228 25.02 -46.95 68.24
N PRO E 1229 23.75 -46.57 68.09
CA PRO E 1229 22.72 -47.04 69.04
C PRO E 1229 22.52 -48.56 69.08
N SER E 1230 22.79 -49.27 67.98
CA SER E 1230 22.61 -50.73 67.92
C SER E 1230 23.58 -51.38 66.89
N SER E 1231 23.57 -52.73 66.76
CA SER E 1231 24.43 -53.42 65.80
C SER E 1231 23.73 -53.56 64.46
N GLY E 1232 24.51 -53.48 63.38
CA GLY E 1232 24.02 -53.56 62.01
C GLY E 1232 23.35 -54.86 61.62
N SER E 1233 23.99 -55.99 61.95
CA SER E 1233 23.43 -57.29 61.61
C SER E 1233 22.29 -57.66 62.54
N SER E 1234 21.25 -58.29 62.00
CA SER E 1234 20.09 -58.72 62.79
C SER E 1234 20.41 -59.94 63.66
N LYS E 1235 21.34 -60.79 63.23
CA LYS E 1235 21.74 -61.97 63.98
C LYS E 1235 22.43 -61.58 65.28
N VAL E 1236 23.25 -60.51 65.25
CA VAL E 1236 24.00 -60.00 66.40
C VAL E 1236 23.05 -59.50 67.50
N HIS E 1237 21.94 -58.87 67.10
CA HIS E 1237 20.96 -58.35 68.03
C HIS E 1237 20.28 -59.46 68.82
N ALA E 1238 20.00 -60.60 68.17
CA ALA E 1238 19.34 -61.72 68.81
C ALA E 1238 20.21 -62.34 69.91
N VAL E 1239 21.53 -62.40 69.67
CA VAL E 1239 22.50 -62.96 70.62
C VAL E 1239 22.64 -62.02 71.81
N GLU E 1240 22.80 -60.71 71.53
CA GLU E 1240 22.95 -59.70 72.56
C GLU E 1240 21.70 -59.55 73.43
N GLN E 1241 20.50 -59.70 72.84
CA GLN E 1241 19.25 -59.62 73.61
C GLN E 1241 19.07 -60.84 74.53
N GLN E 1242 19.57 -62.01 74.09
CA GLN E 1242 19.50 -63.21 74.91
C GLN E 1242 20.56 -63.21 76.01
N GLU E 1243 21.71 -62.57 75.77
CA GLU E 1243 22.79 -62.46 76.74
C GLU E 1243 22.33 -61.74 78.00
N ILE E 1244 21.56 -60.67 77.84
CA ILE E 1244 21.07 -59.88 78.97
C ILE E 1244 19.98 -60.66 79.73
N LEU E 1245 19.14 -61.44 79.03
CA LEU E 1245 18.09 -62.24 79.65
C LEU E 1245 18.67 -63.37 80.50
N ASP E 1246 19.81 -63.95 80.07
CA ASP E 1246 20.47 -65.01 80.83
C ASP E 1246 21.30 -64.44 81.98
N THR E 1247 21.83 -63.21 81.83
CA THR E 1247 22.62 -62.54 82.86
C THR E 1247 21.73 -62.14 84.02
N ALA E 1248 20.54 -61.63 83.73
CA ALA E 1248 19.59 -61.24 84.77
C ALA E 1248 18.84 -62.45 85.38
N PHE E 1249 19.09 -63.68 84.90
CA PHE E 1249 18.47 -64.88 85.42
C PHE E 1249 19.53 -65.95 85.67
N GLY E 1250 20.58 -65.55 86.38
CA GLY E 1250 21.71 -66.41 86.72
C GLY E 1250 22.71 -65.66 87.60
N GLY F 122 -21.40 -58.84 -36.59
CA GLY F 122 -20.50 -57.79 -37.03
C GLY F 122 -19.13 -57.86 -36.39
N ASP F 123 -18.44 -59.00 -36.57
CA ASP F 123 -17.11 -59.28 -36.02
C ASP F 123 -17.11 -59.08 -34.50
N GLU F 124 -18.07 -59.72 -33.82
CA GLU F 124 -18.19 -59.60 -32.37
C GLU F 124 -17.98 -60.93 -31.66
N SER F 125 -17.56 -60.89 -30.38
CA SER F 125 -17.34 -62.09 -29.59
C SER F 125 -18.17 -62.06 -28.31
N GLN F 126 -19.14 -62.97 -28.20
CA GLN F 126 -19.99 -63.04 -27.01
C GLN F 126 -19.53 -64.15 -26.09
N ILE F 127 -18.88 -63.78 -24.98
CA ILE F 127 -18.38 -64.78 -24.04
C ILE F 127 -19.33 -64.91 -22.85
N LEU F 128 -19.69 -66.15 -22.51
CA LEU F 128 -20.57 -66.47 -21.39
C LEU F 128 -19.89 -66.13 -20.07
N ARG F 129 -20.59 -65.43 -19.17
CA ARG F 129 -20.03 -65.10 -17.85
C ARG F 129 -20.12 -66.31 -16.90
N GLY F 130 -19.08 -66.53 -16.09
CA GLY F 130 -19.04 -67.66 -15.17
C GLY F 130 -19.06 -67.26 -13.71
N ALA F 131 -17.93 -66.77 -13.20
CA ALA F 131 -17.83 -66.31 -11.81
C ALA F 131 -18.47 -64.93 -11.69
N ALA F 132 -18.22 -64.07 -12.67
CA ALA F 132 -18.81 -62.74 -12.72
C ALA F 132 -20.33 -62.82 -12.94
N ALA F 133 -20.85 -63.93 -13.52
CA ALA F 133 -22.30 -64.12 -13.71
C ALA F 133 -23.05 -64.04 -12.39
N ALA F 134 -22.40 -64.42 -11.27
CA ALA F 134 -23.00 -64.30 -9.95
C ALA F 134 -23.27 -62.83 -9.62
N VAL F 135 -22.34 -61.94 -9.98
CA VAL F 135 -22.43 -60.49 -9.79
C VAL F 135 -23.57 -59.93 -10.66
N VAL F 136 -23.70 -60.44 -11.89
CA VAL F 136 -24.75 -60.02 -12.83
C VAL F 136 -26.15 -60.36 -12.28
N LYS F 137 -26.28 -61.48 -11.54
CA LYS F 137 -27.55 -61.88 -10.94
C LYS F 137 -27.93 -60.95 -9.77
N ASN F 138 -26.94 -60.40 -9.05
CA ASN F 138 -27.15 -59.46 -7.93
C ASN F 138 -27.62 -58.09 -8.42
N MET F 139 -27.17 -57.67 -9.61
CA MET F 139 -27.61 -56.42 -10.22
C MET F 139 -29.09 -56.56 -10.62
N ASN F 140 -29.47 -57.74 -11.15
CA ASN F 140 -30.85 -58.08 -11.52
C ASN F 140 -31.73 -58.16 -10.27
N ALA F 141 -31.19 -58.70 -9.17
CA ALA F 141 -31.91 -58.79 -7.91
C ALA F 141 -32.10 -57.40 -7.30
N SER F 142 -31.09 -56.52 -7.43
CA SER F 142 -31.19 -55.16 -6.88
C SER F 142 -32.11 -54.22 -7.69
N LEU F 143 -32.73 -54.72 -8.78
CA LEU F 143 -33.65 -53.93 -9.59
C LEU F 143 -34.97 -53.68 -8.87
N GLU F 144 -35.40 -54.62 -8.03
CA GLU F 144 -36.65 -54.47 -7.25
C GLU F 144 -36.53 -53.42 -6.13
N VAL F 145 -35.32 -52.86 -5.91
CA VAL F 145 -35.01 -51.88 -4.87
C VAL F 145 -35.23 -50.44 -5.37
N PRO F 146 -36.29 -49.74 -4.90
CA PRO F 146 -36.49 -48.35 -5.33
C PRO F 146 -35.54 -47.43 -4.62
N THR F 147 -34.49 -46.96 -5.31
CA THR F 147 -33.49 -46.12 -4.68
C THR F 147 -33.64 -44.63 -5.06
N ALA F 148 -33.08 -43.80 -4.20
CA ALA F 148 -32.94 -42.36 -4.27
C ALA F 148 -31.58 -42.02 -3.62
N THR F 149 -30.94 -40.90 -4.00
CA THR F 149 -29.62 -40.61 -3.44
C THR F 149 -29.48 -39.20 -2.88
N SER F 150 -29.12 -39.10 -1.62
CA SER F 150 -28.86 -37.82 -0.96
C SER F 150 -27.36 -37.53 -1.06
N VAL F 151 -26.97 -36.36 -1.57
CA VAL F 151 -25.54 -36.03 -1.72
C VAL F 151 -25.20 -34.79 -0.89
N ARG F 152 -24.05 -34.81 -0.20
CA ARG F 152 -23.65 -33.69 0.65
C ARG F 152 -22.13 -33.51 0.70
N ALA F 153 -21.66 -32.28 0.55
CA ALA F 153 -20.24 -31.96 0.60
C ALA F 153 -19.83 -31.53 2.01
N ILE F 154 -18.77 -32.16 2.55
CA ILE F 154 -18.26 -31.88 3.88
C ILE F 154 -16.82 -31.37 3.82
N PRO F 155 -16.52 -30.21 4.42
CA PRO F 155 -15.13 -29.73 4.43
C PRO F 155 -14.27 -30.68 5.26
N ALA F 156 -13.22 -31.20 4.66
CA ALA F 156 -12.38 -32.19 5.31
C ALA F 156 -11.12 -31.61 5.95
N LYS F 157 -10.85 -30.30 5.79
CA LYS F 157 -9.67 -29.63 6.33
C LYS F 157 -9.42 -29.96 7.81
N LEU F 158 -10.48 -30.31 8.58
CA LEU F 158 -10.31 -30.67 9.98
C LEU F 158 -9.68 -32.06 10.14
N MET F 159 -10.27 -33.11 9.55
CA MET F 159 -9.69 -34.45 9.71
C MET F 159 -8.36 -34.61 8.98
N ILE F 160 -8.04 -33.73 8.03
CA ILE F 160 -6.77 -33.79 7.34
C ILE F 160 -5.68 -33.32 8.31
N ASP F 161 -5.87 -32.13 8.90
CA ASP F 161 -4.92 -31.52 9.84
C ASP F 161 -4.83 -32.30 11.17
N ASN F 162 -5.86 -33.10 11.52
CA ASN F 162 -5.84 -33.93 12.72
C ASN F 162 -5.09 -35.24 12.42
N ARG F 163 -5.25 -35.79 11.19
CA ARG F 163 -4.53 -36.98 10.74
C ARG F 163 -3.03 -36.73 10.78
N VAL F 164 -2.60 -35.49 10.44
CA VAL F 164 -1.23 -35.02 10.47
C VAL F 164 -0.59 -35.32 11.84
N VAL F 165 -1.32 -35.02 12.90
CA VAL F 165 -0.84 -35.22 14.25
C VAL F 165 -0.94 -36.69 14.63
N ILE F 166 -2.09 -37.33 14.33
CA ILE F 166 -2.33 -38.73 14.68
C ILE F 166 -1.22 -39.66 14.17
N ASN F 167 -0.90 -39.61 12.87
CA ASN F 167 0.10 -40.51 12.31
C ASN F 167 1.53 -40.13 12.70
N ASN F 168 1.78 -38.86 13.06
CA ASN F 168 3.11 -38.47 13.50
C ASN F 168 3.34 -38.98 14.93
N HIS F 169 2.33 -38.81 15.80
CA HIS F 169 2.40 -39.24 17.20
C HIS F 169 2.47 -40.77 17.28
N LEU F 170 1.72 -41.47 16.43
CA LEU F 170 1.75 -42.94 16.44
C LEU F 170 3.09 -43.47 15.96
N LYS F 171 3.69 -42.80 14.97
CA LYS F 171 4.99 -43.17 14.42
C LYS F 171 6.11 -42.99 15.45
N ARG F 172 6.01 -41.95 16.29
CA ARG F 172 7.03 -41.66 17.28
C ARG F 172 6.86 -42.41 18.60
N THR F 173 5.84 -43.29 18.72
CA THR F 173 5.60 -43.97 20.00
C THR F 173 5.44 -45.50 19.93
N ARG F 174 4.59 -46.03 19.04
CA ARG F 174 4.33 -47.47 19.03
C ARG F 174 3.94 -48.04 17.67
N GLY F 175 4.06 -47.25 16.62
CA GLY F 175 3.65 -47.67 15.28
C GLY F 175 2.17 -47.43 15.06
N GLY F 176 1.66 -47.95 13.94
CA GLY F 176 0.26 -47.81 13.59
C GLY F 176 -0.02 -46.59 12.74
N LYS F 177 -0.96 -46.71 11.80
CA LYS F 177 -1.30 -45.60 10.92
C LYS F 177 -2.79 -45.55 10.68
N ILE F 178 -3.37 -44.37 10.88
CA ILE F 178 -4.79 -44.12 10.66
C ILE F 178 -4.97 -43.51 9.27
N SER F 179 -5.81 -44.16 8.45
CA SER F 179 -6.18 -43.65 7.13
C SER F 179 -7.50 -42.91 7.24
N PHE F 180 -7.86 -42.14 6.21
CA PHE F 180 -9.11 -41.38 6.23
C PHE F 180 -10.34 -42.28 6.33
N THR F 181 -10.27 -43.51 5.81
CA THR F 181 -11.39 -44.44 5.85
C THR F 181 -11.69 -44.93 7.28
N HIS F 182 -10.67 -44.95 8.15
CA HIS F 182 -10.83 -45.36 9.55
C HIS F 182 -11.79 -44.42 10.25
N LEU F 183 -11.57 -43.12 10.08
CA LEU F 183 -12.38 -42.09 10.68
C LEU F 183 -13.78 -42.10 10.08
N LEU F 184 -13.85 -42.25 8.75
CA LEU F 184 -15.08 -42.27 7.98
C LEU F 184 -16.00 -43.42 8.40
N GLY F 185 -15.46 -44.63 8.46
CA GLY F 185 -16.22 -45.81 8.84
C GLY F 185 -16.71 -45.76 10.28
N TYR F 186 -15.89 -45.19 11.17
CA TYR F 186 -16.22 -45.08 12.57
C TYR F 186 -17.39 -44.13 12.78
N ALA F 187 -17.39 -43.00 12.05
CA ALA F 187 -18.47 -42.03 12.13
C ALA F 187 -19.76 -42.64 11.59
N ILE F 188 -19.68 -43.47 10.53
CA ILE F 188 -20.82 -44.16 9.94
C ILE F 188 -21.46 -45.07 10.99
N VAL F 189 -20.62 -45.82 11.72
CA VAL F 189 -21.04 -46.76 12.75
C VAL F 189 -21.73 -46.03 13.91
N GLN F 190 -21.15 -44.91 14.37
CA GLN F 190 -21.75 -44.16 15.48
C GLN F 190 -23.05 -43.46 15.04
N ALA F 191 -23.14 -43.03 13.77
CA ALA F 191 -24.35 -42.40 13.23
C ALA F 191 -25.48 -43.42 13.05
N VAL F 192 -25.13 -44.69 12.77
CA VAL F 192 -26.09 -45.79 12.65
C VAL F 192 -26.81 -45.97 14.01
N LYS F 193 -26.10 -45.76 15.13
CA LYS F 193 -26.69 -45.86 16.45
C LYS F 193 -27.78 -44.81 16.63
N LYS F 194 -27.56 -43.59 16.12
CA LYS F 194 -28.53 -42.51 16.20
C LYS F 194 -29.75 -42.80 15.32
N PHE F 195 -29.53 -43.30 14.10
CA PHE F 195 -30.63 -43.62 13.20
C PHE F 195 -30.73 -45.12 13.05
N PRO F 196 -31.76 -45.73 13.66
CA PRO F 196 -31.85 -47.20 13.63
C PRO F 196 -32.34 -47.74 12.30
N ASN F 197 -33.23 -47.01 11.62
CA ASN F 197 -33.77 -47.47 10.35
C ASN F 197 -32.68 -47.58 9.26
N MET F 198 -31.47 -46.99 9.48
CA MET F 198 -30.38 -47.06 8.50
C MET F 198 -29.70 -48.45 8.45
N ASN F 199 -29.86 -49.27 9.49
CA ASN F 199 -29.27 -50.61 9.51
C ASN F 199 -30.24 -51.65 8.96
N ARG F 200 -31.55 -51.46 9.18
CA ARG F 200 -32.61 -52.34 8.73
C ARG F 200 -32.68 -52.47 7.23
N HIS F 201 -33.25 -53.57 6.72
CA HIS F 201 -33.42 -53.76 5.29
C HIS F 201 -34.78 -54.38 5.00
N PHE F 202 -35.42 -53.94 3.91
CA PHE F 202 -36.73 -54.45 3.56
C PHE F 202 -36.66 -55.90 3.13
N ALA F 203 -37.69 -56.67 3.48
CA ALA F 203 -37.83 -58.08 3.14
C ALA F 203 -39.30 -58.50 3.11
N VAL F 204 -39.63 -59.57 2.38
CA VAL F 204 -41.00 -60.05 2.31
C VAL F 204 -41.06 -61.48 2.84
N VAL F 205 -41.73 -61.66 3.98
CA VAL F 205 -41.88 -62.97 4.60
C VAL F 205 -43.33 -63.41 4.52
N ASP F 206 -43.61 -64.41 3.68
CA ASP F 206 -44.95 -64.99 3.46
C ASP F 206 -45.94 -63.95 2.94
N GLY F 207 -45.48 -63.13 2.00
CA GLY F 207 -46.30 -62.09 1.40
C GLY F 207 -46.61 -60.94 2.33
N LYS F 208 -45.69 -60.63 3.25
CA LYS F 208 -45.90 -59.56 4.21
C LYS F 208 -44.76 -58.54 4.13
N PRO F 209 -45.05 -57.23 4.25
CA PRO F 209 -43.97 -56.24 4.20
C PRO F 209 -43.27 -56.12 5.55
N THR F 210 -42.41 -57.09 5.86
CA THR F 210 -41.68 -57.11 7.12
C THR F 210 -40.26 -56.60 6.92
N ALA F 211 -39.80 -55.72 7.81
CA ALA F 211 -38.44 -55.18 7.72
C ALA F 211 -37.53 -55.81 8.76
N ILE F 212 -36.45 -56.44 8.31
CA ILE F 212 -35.48 -57.09 9.18
C ILE F 212 -34.72 -56.05 9.99
N THR F 213 -34.53 -56.28 11.29
CA THR F 213 -33.77 -55.37 12.13
C THR F 213 -32.56 -56.14 12.68
N PRO F 214 -31.43 -56.10 11.99
CA PRO F 214 -30.27 -56.89 12.41
C PRO F 214 -29.72 -56.50 13.77
N ALA F 215 -29.14 -57.49 14.45
CA ALA F 215 -28.57 -57.27 15.77
C ALA F 215 -27.26 -56.53 15.69
N HIS F 216 -26.44 -56.83 14.67
CA HIS F 216 -25.16 -56.18 14.53
C HIS F 216 -25.10 -55.32 13.28
N THR F 217 -24.42 -54.19 13.41
CA THR F 217 -24.24 -53.23 12.34
C THR F 217 -22.92 -53.59 11.65
N ASN F 218 -22.99 -54.52 10.68
CA ASN F 218 -21.79 -54.97 9.99
C ASN F 218 -21.49 -54.15 8.76
N LEU F 219 -20.63 -53.16 8.95
CA LEU F 219 -20.17 -52.20 7.95
C LEU F 219 -19.44 -52.91 6.82
N GLY F 220 -20.03 -52.85 5.64
CA GLY F 220 -19.43 -53.44 4.45
C GLY F 220 -18.24 -52.62 3.99
N LEU F 221 -17.19 -53.29 3.52
CA LEU F 221 -15.98 -52.63 3.05
C LEU F 221 -15.64 -53.05 1.65
N ALA F 222 -15.49 -52.10 0.73
CA ALA F 222 -15.11 -52.43 -0.63
C ALA F 222 -13.61 -52.73 -0.68
N ILE F 223 -13.23 -53.97 -0.33
CA ILE F 223 -11.81 -54.36 -0.31
C ILE F 223 -11.37 -54.84 -1.68
N ASP F 224 -10.43 -54.13 -2.30
CA ASP F 224 -9.95 -54.47 -3.63
C ASP F 224 -8.76 -55.41 -3.57
N LEU F 225 -8.98 -56.68 -3.90
CA LEU F 225 -7.94 -57.70 -3.89
C LEU F 225 -7.34 -57.89 -5.29
N GLN F 226 -6.05 -57.57 -5.45
CA GLN F 226 -5.36 -57.72 -6.74
C GLN F 226 -5.05 -59.21 -7.00
N GLY F 227 -5.78 -59.80 -7.94
CA GLY F 227 -5.67 -61.21 -8.32
C GLY F 227 -4.37 -61.69 -8.93
N LYS F 228 -4.38 -62.95 -9.42
CA LYS F 228 -3.21 -63.61 -10.02
C LYS F 228 -2.79 -62.99 -11.36
N ASP F 229 -3.75 -62.64 -12.22
CA ASP F 229 -3.43 -62.05 -13.52
C ASP F 229 -3.84 -60.56 -13.60
N GLY F 230 -3.77 -59.86 -12.47
CA GLY F 230 -4.12 -58.46 -12.39
C GLY F 230 -5.59 -58.16 -12.14
N ASN F 231 -6.44 -59.21 -12.14
CA ASN F 231 -7.89 -59.12 -11.93
C ASN F 231 -8.21 -58.58 -10.52
N ARG F 232 -8.45 -57.26 -10.42
CA ARG F 232 -8.77 -56.60 -9.15
C ARG F 232 -10.19 -57.00 -8.67
N SER F 233 -10.26 -58.15 -8.00
CA SER F 233 -11.48 -58.76 -7.45
C SER F 233 -11.97 -57.96 -6.24
N LEU F 234 -13.07 -57.21 -6.42
CA LEU F 234 -13.62 -56.39 -5.36
C LEU F 234 -14.56 -57.20 -4.45
N VAL F 235 -14.14 -57.43 -3.20
CA VAL F 235 -14.93 -58.18 -2.23
C VAL F 235 -15.54 -57.27 -1.17
N VAL F 236 -16.57 -57.74 -0.48
CA VAL F 236 -17.25 -56.94 0.54
C VAL F 236 -17.08 -57.54 1.94
N ALA F 237 -16.00 -57.19 2.65
CA ALA F 237 -15.77 -57.72 3.98
C ALA F 237 -16.56 -56.95 5.02
N ALA F 238 -17.15 -57.65 5.99
CA ALA F 238 -17.95 -56.99 7.03
C ALA F 238 -17.26 -57.00 8.39
N ILE F 239 -17.22 -55.84 9.03
CA ILE F 239 -16.66 -55.73 10.38
C ILE F 239 -17.82 -56.09 11.34
N LYS F 240 -17.71 -57.24 12.01
CA LYS F 240 -18.79 -57.74 12.88
C LYS F 240 -18.92 -56.99 14.21
N ARG F 241 -20.18 -56.72 14.62
CA ARG F 241 -20.56 -56.05 15.87
C ARG F 241 -19.87 -54.70 16.05
N CYS F 242 -20.20 -53.72 15.20
CA CYS F 242 -19.58 -52.40 15.25
C CYS F 242 -20.19 -51.52 16.33
N GLU F 243 -21.52 -51.64 16.55
CA GLU F 243 -22.25 -50.85 17.54
C GLU F 243 -21.74 -51.05 18.99
N THR F 244 -21.03 -52.15 19.24
CA THR F 244 -20.50 -52.45 20.57
C THR F 244 -18.99 -52.17 20.58
N MET F 245 -18.55 -51.10 19.90
CA MET F 245 -17.13 -50.80 19.81
C MET F 245 -16.77 -49.34 20.01
N ARG F 246 -15.61 -49.15 20.63
CA ARG F 246 -14.93 -47.88 20.81
C ARG F 246 -13.96 -47.71 19.62
N PHE F 247 -13.36 -46.53 19.43
CA PHE F 247 -12.46 -46.29 18.28
C PHE F 247 -11.33 -47.32 18.18
N GLY F 248 -10.81 -47.76 19.32
CA GLY F 248 -9.76 -48.76 19.37
C GLY F 248 -10.22 -50.12 18.88
N GLN F 249 -11.33 -50.60 19.42
CA GLN F 249 -11.90 -51.90 19.03
C GLN F 249 -12.32 -51.91 17.58
N PHE F 250 -12.82 -50.78 17.06
CA PHE F 250 -13.25 -50.71 15.68
C PHE F 250 -12.05 -50.82 14.74
N ILE F 251 -11.01 -50.00 14.92
CA ILE F 251 -9.83 -50.06 14.04
C ILE F 251 -9.05 -51.38 14.19
N ALA F 252 -9.20 -52.07 15.33
CA ALA F 252 -8.55 -53.37 15.51
C ALA F 252 -9.26 -54.39 14.64
N ALA F 253 -10.61 -54.39 14.64
CA ALA F 253 -11.42 -55.30 13.83
C ALA F 253 -11.34 -54.97 12.34
N TYR F 254 -11.06 -53.71 11.99
CA TYR F 254 -10.90 -53.30 10.61
C TYR F 254 -9.56 -53.84 10.10
N GLU F 255 -8.48 -53.67 10.89
CA GLU F 255 -7.16 -54.12 10.46
C GLU F 255 -6.99 -55.64 10.50
N ASP F 256 -7.88 -56.36 11.19
CA ASP F 256 -7.85 -57.81 11.18
C ASP F 256 -8.44 -58.25 9.83
N ILE F 257 -9.62 -57.70 9.48
CA ILE F 257 -10.33 -57.96 8.24
C ILE F 257 -9.44 -57.54 7.03
N VAL F 258 -8.60 -56.49 7.18
CA VAL F 258 -7.71 -56.02 6.12
C VAL F 258 -6.49 -56.95 6.00
N ARG F 259 -5.83 -57.27 7.12
CA ARG F 259 -4.65 -58.12 7.08
C ARG F 259 -4.99 -59.51 6.53
N ARG F 260 -6.15 -60.05 6.89
CA ARG F 260 -6.57 -61.36 6.43
C ARG F 260 -7.04 -61.36 4.97
N ALA F 261 -7.76 -60.32 4.50
CA ALA F 261 -8.19 -60.28 3.09
C ALA F 261 -6.99 -60.10 2.18
N ARG F 262 -5.99 -59.33 2.61
CA ARG F 262 -4.76 -59.09 1.84
C ARG F 262 -3.96 -60.38 1.64
N ASP F 263 -4.02 -61.31 2.61
CA ASP F 263 -3.27 -62.55 2.52
C ASP F 263 -4.17 -63.79 2.26
N GLY F 264 -5.36 -63.56 1.69
CA GLY F 264 -6.30 -64.60 1.32
C GLY F 264 -6.75 -65.57 2.41
N LYS F 265 -6.81 -65.08 3.65
CA LYS F 265 -7.23 -65.92 4.78
C LYS F 265 -8.58 -65.49 5.34
N LEU F 266 -9.42 -64.81 4.54
CA LEU F 266 -10.74 -64.37 5.01
C LEU F 266 -11.75 -65.50 4.80
N THR F 267 -12.46 -65.89 5.86
CA THR F 267 -13.43 -66.98 5.78
C THR F 267 -14.69 -66.53 5.06
N ALA F 268 -15.41 -67.47 4.47
CA ALA F 268 -16.68 -67.18 3.80
C ALA F 268 -17.71 -66.58 4.78
N GLU F 269 -17.54 -66.81 6.09
CA GLU F 269 -18.39 -66.27 7.14
C GLU F 269 -18.26 -64.74 7.25
N ASP F 270 -17.12 -64.16 6.83
CA ASP F 270 -16.91 -62.72 6.87
C ASP F 270 -17.79 -61.97 5.88
N PHE F 271 -18.01 -62.57 4.71
CA PHE F 271 -18.79 -61.94 3.63
C PHE F 271 -20.31 -62.05 3.82
N SER F 272 -20.76 -62.88 4.76
CA SER F 272 -22.18 -63.06 5.01
C SER F 272 -22.60 -62.30 6.26
N GLY F 273 -23.38 -61.24 6.08
CA GLY F 273 -23.87 -60.47 7.21
C GLY F 273 -23.83 -58.97 7.06
N VAL F 274 -23.49 -58.45 5.86
CA VAL F 274 -23.45 -57.01 5.64
C VAL F 274 -24.86 -56.40 5.77
N THR F 275 -24.99 -55.32 6.55
CA THR F 275 -26.28 -54.66 6.81
C THR F 275 -26.31 -53.20 6.28
N ILE F 276 -25.13 -52.59 6.10
CA ILE F 276 -24.94 -51.24 5.61
C ILE F 276 -23.50 -51.18 5.06
N SER F 277 -23.32 -50.78 3.80
CA SER F 277 -22.01 -50.79 3.17
C SER F 277 -21.46 -49.39 2.85
N LEU F 278 -20.15 -49.30 2.56
CA LEU F 278 -19.46 -48.07 2.20
C LEU F 278 -18.51 -48.30 1.02
N THR F 279 -18.59 -47.47 -0.01
CA THR F 279 -17.71 -47.55 -1.16
C THR F 279 -16.92 -46.25 -1.32
N ASN F 280 -15.74 -46.32 -1.96
CA ASN F 280 -14.95 -45.10 -2.17
C ASN F 280 -14.59 -44.91 -3.65
N PRO F 281 -15.52 -44.35 -4.45
CA PRO F 281 -15.19 -44.03 -5.84
C PRO F 281 -14.20 -42.86 -5.95
N GLY F 282 -14.07 -42.08 -4.87
CA GLY F 282 -13.16 -40.96 -4.78
C GLY F 282 -11.69 -41.34 -4.76
N THR F 283 -11.40 -42.64 -4.78
CA THR F 283 -10.03 -43.16 -4.87
C THR F 283 -9.44 -42.80 -6.23
N LEU F 284 -10.25 -42.93 -7.28
CA LEU F 284 -9.87 -42.64 -8.65
C LEU F 284 -10.14 -41.18 -9.06
N GLY F 285 -10.39 -40.30 -8.09
CA GLY F 285 -10.65 -38.89 -8.34
C GLY F 285 -12.09 -38.55 -8.71
N THR F 286 -12.97 -39.56 -8.80
CA THR F 286 -14.37 -39.35 -9.14
C THR F 286 -15.04 -38.59 -7.98
N VAL F 287 -15.40 -37.31 -8.22
CA VAL F 287 -15.99 -36.37 -7.26
C VAL F 287 -17.11 -37.02 -6.42
N HIS F 288 -18.13 -37.59 -7.06
CA HIS F 288 -19.20 -38.24 -6.35
C HIS F 288 -19.84 -39.30 -7.25
N SER F 289 -20.48 -40.29 -6.64
CA SER F 289 -21.13 -41.33 -7.41
C SER F 289 -22.54 -41.60 -6.92
N VAL F 290 -23.36 -42.19 -7.79
CA VAL F 290 -24.70 -42.62 -7.44
C VAL F 290 -24.68 -44.13 -7.52
N PRO F 291 -24.29 -44.78 -6.41
CA PRO F 291 -24.11 -46.24 -6.46
C PRO F 291 -25.42 -47.03 -6.53
N ARG F 292 -25.29 -48.32 -6.83
CA ARG F 292 -26.41 -49.23 -6.89
C ARG F 292 -26.48 -50.00 -5.58
N LEU F 293 -27.69 -50.08 -4.97
CA LEU F 293 -27.89 -50.75 -3.68
C LEU F 293 -28.42 -52.18 -3.81
N MET F 294 -27.61 -53.16 -3.41
CA MET F 294 -27.96 -54.58 -3.46
C MET F 294 -28.98 -54.94 -2.39
N GLN F 295 -29.69 -56.06 -2.55
CA GLN F 295 -30.67 -56.49 -1.56
C GLN F 295 -29.99 -56.96 -0.27
N GLY F 296 -30.71 -56.90 0.84
CA GLY F 296 -30.15 -57.27 2.14
C GLY F 296 -29.56 -56.11 2.92
N GLN F 297 -29.31 -54.98 2.24
CA GLN F 297 -28.77 -53.75 2.83
C GLN F 297 -29.86 -52.68 2.93
N GLY F 298 -29.68 -51.74 3.85
CA GLY F 298 -30.62 -50.64 4.00
C GLY F 298 -30.24 -49.47 3.13
N ALA F 299 -28.93 -49.17 3.09
CA ALA F 299 -28.37 -48.07 2.33
C ALA F 299 -26.87 -48.31 2.06
N ILE F 300 -26.27 -47.56 1.11
CA ILE F 300 -24.84 -47.66 0.86
C ILE F 300 -24.28 -46.24 0.61
N ILE F 301 -23.33 -45.87 1.48
CA ILE F 301 -22.69 -44.57 1.47
C ILE F 301 -21.54 -44.55 0.49
N GLY F 302 -21.59 -43.65 -0.45
CA GLY F 302 -20.55 -43.47 -1.44
C GLY F 302 -19.69 -42.28 -1.13
N ALA F 303 -18.58 -42.50 -0.43
CA ALA F 303 -17.65 -41.44 -0.04
C ALA F 303 -16.90 -40.91 -1.26
N GLY F 304 -17.10 -39.63 -1.54
CA GLY F 304 -16.50 -38.97 -2.69
C GLY F 304 -15.01 -38.72 -2.63
N ALA F 305 -14.52 -37.90 -3.57
CA ALA F 305 -13.11 -37.60 -3.65
C ALA F 305 -12.74 -36.47 -2.73
N MET F 306 -11.93 -36.75 -1.71
CA MET F 306 -11.52 -35.70 -0.78
C MET F 306 -10.48 -34.82 -1.42
N GLU F 307 -10.93 -33.74 -2.07
CA GLU F 307 -10.03 -32.85 -2.77
C GLU F 307 -10.59 -31.44 -2.97
N TYR F 308 -9.72 -30.53 -3.45
CA TYR F 308 -10.08 -29.18 -3.82
C TYR F 308 -10.94 -29.22 -5.09
N PRO F 309 -11.94 -28.35 -5.23
CA PRO F 309 -12.80 -28.39 -6.43
C PRO F 309 -12.03 -28.10 -7.71
N ALA F 310 -12.62 -28.49 -8.85
CA ALA F 310 -12.03 -28.36 -10.17
C ALA F 310 -11.53 -26.92 -10.52
N GLU F 311 -12.28 -25.88 -10.12
CA GLU F 311 -11.91 -24.50 -10.48
C GLU F 311 -10.58 -24.06 -9.86
N PHE F 312 -10.39 -24.38 -8.57
CA PHE F 312 -9.21 -24.01 -7.81
C PHE F 312 -7.96 -24.77 -8.21
N GLN F 313 -8.10 -25.92 -8.89
CA GLN F 313 -6.96 -26.76 -9.25
C GLN F 313 -5.84 -26.01 -9.96
N GLY F 314 -6.15 -24.89 -10.59
CA GLY F 314 -5.15 -24.11 -11.28
C GLY F 314 -4.45 -23.02 -10.49
N ALA F 315 -4.93 -22.68 -9.29
CA ALA F 315 -4.31 -21.60 -8.48
C ALA F 315 -3.20 -22.12 -7.55
N SER F 316 -2.32 -21.22 -7.08
CA SER F 316 -1.21 -21.58 -6.19
C SER F 316 -1.70 -21.89 -4.77
N GLU F 317 -0.99 -22.78 -4.05
CA GLU F 317 -1.36 -23.17 -2.68
C GLU F 317 -1.35 -21.98 -1.74
N GLU F 318 -0.35 -21.12 -1.88
CA GLU F 318 -0.18 -19.89 -1.10
C GLU F 318 -1.37 -18.95 -1.27
N ARG F 319 -2.01 -18.97 -2.44
CA ARG F 319 -3.17 -18.16 -2.72
C ARG F 319 -4.38 -18.72 -1.94
N ILE F 320 -4.61 -20.04 -2.05
CA ILE F 320 -5.76 -20.74 -1.44
C ILE F 320 -5.75 -20.66 0.10
N ALA F 321 -4.65 -21.05 0.77
CA ALA F 321 -4.55 -21.03 2.22
C ALA F 321 -4.66 -19.60 2.79
N ASP F 322 -4.22 -18.60 2.02
CA ASP F 322 -4.30 -17.22 2.42
C ASP F 322 -5.77 -16.74 2.44
N LEU F 323 -6.66 -17.32 1.62
CA LEU F 323 -8.06 -16.92 1.60
C LEU F 323 -8.90 -17.72 2.59
N GLY F 324 -8.62 -19.01 2.68
CA GLY F 324 -9.32 -19.88 3.61
C GLY F 324 -10.19 -20.92 2.94
N ILE F 325 -9.74 -21.44 1.79
CA ILE F 325 -10.49 -22.48 1.08
C ILE F 325 -9.87 -23.85 1.46
N GLY F 326 -10.71 -24.82 1.80
CA GLY F 326 -10.23 -26.13 2.21
C GLY F 326 -10.73 -27.28 1.39
N LYS F 327 -10.04 -28.44 1.47
CA LYS F 327 -10.46 -29.62 0.72
C LYS F 327 -11.80 -30.13 1.23
N LEU F 328 -12.53 -30.87 0.39
CA LEU F 328 -13.83 -31.38 0.79
C LEU F 328 -14.13 -32.75 0.22
N ILE F 329 -15.01 -33.48 0.89
CA ILE F 329 -15.41 -34.81 0.45
C ILE F 329 -16.91 -34.76 0.08
N THR F 330 -17.25 -35.25 -1.11
CA THR F 330 -18.65 -35.24 -1.56
C THR F 330 -19.30 -36.54 -1.11
N LEU F 331 -19.74 -36.61 0.14
CA LEU F 331 -20.35 -37.81 0.70
C LEU F 331 -21.77 -38.09 0.21
N THR F 332 -21.96 -39.21 -0.51
CA THR F 332 -23.26 -39.61 -1.04
C THR F 332 -23.88 -40.72 -0.19
N SER F 333 -25.20 -40.91 -0.29
CA SER F 333 -25.90 -41.93 0.47
C SER F 333 -27.13 -42.43 -0.27
N THR F 334 -26.95 -43.42 -1.14
CA THR F 334 -28.08 -44.01 -1.85
C THR F 334 -28.74 -45.02 -0.90
N TYR F 335 -30.08 -45.00 -0.81
CA TYR F 335 -30.80 -45.83 0.16
C TYR F 335 -32.08 -46.48 -0.41
N ASP F 336 -32.72 -47.36 0.39
CA ASP F 336 -33.99 -48.01 0.03
C ASP F 336 -35.13 -47.08 0.39
N HIS F 337 -35.92 -46.64 -0.60
CA HIS F 337 -37.03 -45.71 -0.39
C HIS F 337 -38.31 -46.38 0.17
N ARG F 338 -38.29 -47.71 0.39
CA ARG F 338 -39.44 -48.40 0.95
C ARG F 338 -39.51 -48.18 2.46
N ILE F 339 -38.37 -48.32 3.15
CA ILE F 339 -38.24 -48.20 4.61
C ILE F 339 -37.63 -46.86 5.04
N ILE F 340 -36.49 -46.48 4.44
CA ILE F 340 -35.83 -45.21 4.76
C ILE F 340 -36.36 -44.12 3.84
N GLN F 341 -36.70 -42.96 4.39
CA GLN F 341 -37.19 -41.85 3.57
C GLN F 341 -36.16 -40.71 3.52
N GLY F 342 -36.26 -39.87 2.51
CA GLY F 342 -35.36 -38.75 2.26
C GLY F 342 -34.93 -37.92 3.46
N ALA F 343 -35.84 -37.73 4.41
CA ALA F 343 -35.54 -36.97 5.61
C ALA F 343 -34.56 -37.71 6.51
N GLU F 344 -34.76 -39.01 6.71
CA GLU F 344 -33.87 -39.80 7.55
C GLU F 344 -32.48 -39.88 6.93
N SER F 345 -32.39 -40.14 5.62
CA SER F 345 -31.09 -40.22 4.96
C SER F 345 -30.40 -38.85 4.89
N GLY F 346 -31.19 -37.79 4.75
CA GLY F 346 -30.67 -36.43 4.73
C GLY F 346 -30.10 -36.04 6.08
N ASP F 347 -30.78 -36.46 7.15
CA ASP F 347 -30.33 -36.18 8.51
C ASP F 347 -29.13 -37.06 8.89
N PHE F 348 -29.07 -38.30 8.36
CA PHE F 348 -27.98 -39.23 8.60
C PHE F 348 -26.68 -38.63 8.10
N LEU F 349 -26.71 -38.03 6.90
CA LEU F 349 -25.51 -37.38 6.35
C LEU F 349 -25.18 -36.11 7.12
N ARG F 350 -26.20 -35.38 7.62
CA ARG F 350 -25.96 -34.20 8.44
C ARG F 350 -25.25 -34.59 9.73
N THR F 351 -25.68 -35.69 10.34
CA THR F 351 -25.09 -36.22 11.56
C THR F 351 -23.62 -36.56 11.35
N ILE F 352 -23.28 -37.22 10.22
CA ILE F 352 -21.89 -37.57 9.90
C ILE F 352 -21.06 -36.28 9.77
N HIS F 353 -21.62 -35.25 9.13
CA HIS F 353 -21.01 -33.94 8.96
C HIS F 353 -20.67 -33.34 10.34
N GLN F 354 -21.63 -33.38 11.27
CA GLN F 354 -21.44 -32.87 12.62
C GLN F 354 -20.29 -33.56 13.32
N LEU F 355 -20.12 -34.87 13.10
CA LEU F 355 -19.03 -35.64 13.69
C LEU F 355 -17.70 -35.27 13.09
N LEU F 356 -17.60 -35.25 11.76
CA LEU F 356 -16.35 -34.96 11.06
C LEU F 356 -15.82 -33.53 11.33
N LEU F 357 -16.66 -32.64 11.89
CA LEU F 357 -16.21 -31.29 12.26
C LEU F 357 -16.39 -31.01 13.78
N ASP F 358 -16.80 -32.03 14.56
CA ASP F 358 -17.00 -31.96 16.01
C ASP F 358 -15.65 -31.90 16.76
N ASP F 359 -15.69 -31.58 18.06
CA ASP F 359 -14.48 -31.53 18.88
C ASP F 359 -14.41 -32.76 19.78
N ASP F 360 -15.55 -33.18 20.34
CA ASP F 360 -15.66 -34.38 21.19
C ASP F 360 -15.39 -35.66 20.41
N PHE F 361 -15.68 -35.68 19.11
CA PHE F 361 -15.41 -36.82 18.24
C PHE F 361 -13.91 -37.05 18.17
N PHE F 362 -13.15 -35.98 17.98
CA PHE F 362 -11.70 -36.07 17.94
C PHE F 362 -11.11 -36.22 19.35
N ASP F 363 -11.80 -35.72 20.38
CA ASP F 363 -11.39 -35.91 21.77
C ASP F 363 -11.43 -37.38 22.13
N GLU F 364 -12.49 -38.08 21.70
CA GLU F 364 -12.68 -39.49 21.95
C GLU F 364 -11.64 -40.31 21.19
N ILE F 365 -11.36 -39.95 19.92
CA ILE F 365 -10.38 -40.62 19.06
C ILE F 365 -8.97 -40.45 19.64
N PHE F 366 -8.61 -39.25 20.09
CA PHE F 366 -7.30 -39.01 20.68
C PHE F 366 -7.11 -39.80 21.98
N ARG F 367 -8.19 -39.99 22.74
CA ARG F 367 -8.15 -40.76 23.98
C ARG F 367 -7.87 -42.22 23.66
N GLU F 368 -8.54 -42.76 22.64
CA GLU F 368 -8.37 -44.15 22.22
C GLU F 368 -7.01 -44.40 21.57
N LEU F 369 -6.42 -43.38 20.94
CA LEU F 369 -5.13 -43.54 20.28
C LEU F 369 -3.93 -43.20 21.21
N GLY F 370 -4.18 -42.90 22.48
CA GLY F 370 -3.12 -42.57 23.41
C GLY F 370 -2.47 -41.23 23.19
N ILE F 371 -3.20 -40.29 22.60
CA ILE F 371 -2.69 -38.95 22.36
C ILE F 371 -3.26 -38.03 23.43
N PRO F 372 -2.38 -37.48 24.28
CA PRO F 372 -2.88 -36.65 25.39
C PRO F 372 -3.17 -35.20 25.03
N TYR F 373 -2.59 -34.72 23.94
CA TYR F 373 -2.67 -33.33 23.49
C TYR F 373 -4.04 -32.98 22.92
N GLU F 374 -4.36 -31.69 22.87
CA GLU F 374 -5.65 -31.23 22.37
C GLU F 374 -5.71 -31.35 20.86
N PRO F 375 -6.75 -32.02 20.34
CA PRO F 375 -6.90 -32.14 18.87
C PRO F 375 -7.27 -30.82 18.21
N VAL F 376 -7.06 -30.71 16.90
CA VAL F 376 -7.39 -29.51 16.14
C VAL F 376 -8.90 -29.30 16.14
N ARG F 377 -9.34 -28.05 16.24
CA ARG F 377 -10.76 -27.74 16.26
C ARG F 377 -11.16 -26.98 15.03
N TRP F 378 -12.37 -27.23 14.54
CA TRP F 378 -12.87 -26.54 13.36
C TRP F 378 -13.17 -25.10 13.71
N ARG F 379 -12.27 -24.21 13.33
CA ARG F 379 -12.42 -22.79 13.60
C ARG F 379 -12.41 -22.02 12.30
N THR F 380 -13.32 -21.06 12.15
CA THR F 380 -13.40 -20.28 10.91
C THR F 380 -12.42 -19.10 10.94
N ASP F 381 -11.47 -19.13 9.99
CA ASP F 381 -10.38 -18.18 9.70
C ASP F 381 -10.42 -16.88 10.50
N ASN F 382 -9.24 -16.46 10.99
CA ASN F 382 -9.13 -15.19 11.69
C ASN F 382 -8.88 -14.12 10.66
N PRO F 383 -9.76 -13.13 10.57
CA PRO F 383 -9.61 -12.10 9.52
C PRO F 383 -8.53 -11.06 9.80
N ASP F 384 -7.58 -11.35 10.70
CA ASP F 384 -6.52 -10.41 11.01
C ASP F 384 -5.36 -10.55 10.04
N SER F 385 -4.59 -9.48 9.88
CA SER F 385 -3.45 -9.49 8.97
C SER F 385 -2.30 -10.35 9.52
N ILE F 386 -1.31 -10.61 8.67
CA ILE F 386 -0.16 -11.41 9.05
C ILE F 386 0.70 -10.62 10.08
N GLU F 387 0.75 -9.28 10.00
CA GLU F 387 1.50 -8.49 10.97
C GLU F 387 0.89 -8.61 12.34
N ASP F 388 -0.44 -8.55 12.42
CA ASP F 388 -1.18 -8.66 13.67
C ASP F 388 -1.01 -10.05 14.25
N LYS F 389 -1.08 -11.09 13.40
CA LYS F 389 -0.94 -12.47 13.81
C LYS F 389 0.51 -12.82 14.21
N ASN F 390 1.49 -12.10 13.67
CA ASN F 390 2.90 -12.39 13.92
C ASN F 390 3.28 -12.24 15.38
N ALA F 391 2.99 -11.09 16.00
CA ALA F 391 3.33 -10.88 17.41
C ALA F 391 2.68 -11.94 18.33
N ARG F 392 1.52 -12.49 17.92
CA ARG F 392 0.84 -13.53 18.69
C ARG F 392 1.64 -14.82 18.61
N VAL F 393 2.14 -15.16 17.42
CA VAL F 393 2.91 -16.36 17.16
C VAL F 393 4.28 -16.25 17.86
N ILE F 394 4.89 -15.05 17.89
CA ILE F 394 6.17 -14.86 18.57
C ILE F 394 6.01 -15.15 20.07
N GLU F 395 4.95 -14.56 20.65
CA GLU F 395 4.60 -14.69 22.06
C GLU F 395 4.26 -16.13 22.41
N LEU F 396 3.55 -16.84 21.53
CA LEU F 396 3.18 -18.23 21.76
C LEU F 396 4.43 -19.14 21.82
N ILE F 397 5.50 -18.82 21.06
CA ILE F 397 6.71 -19.63 21.10
C ILE F 397 7.35 -19.53 22.47
N ALA F 398 7.47 -18.30 22.98
CA ALA F 398 8.04 -18.08 24.31
C ALA F 398 7.21 -18.79 25.39
N ALA F 399 5.88 -18.83 25.23
CA ALA F 399 4.96 -19.49 26.15
C ALA F 399 5.27 -20.98 26.25
N TYR F 400 5.63 -21.61 25.14
CA TYR F 400 6.01 -23.02 25.15
C TYR F 400 7.38 -23.24 25.84
N ARG F 401 8.19 -22.20 26.01
CA ARG F 401 9.49 -22.31 26.63
C ARG F 401 9.38 -22.06 28.13
N ASN F 402 8.71 -20.98 28.51
CA ASN F 402 8.55 -20.63 29.91
C ASN F 402 7.74 -21.70 30.65
N ARG F 403 6.46 -21.89 30.26
CA ARG F 403 5.58 -22.87 30.89
C ARG F 403 5.29 -24.06 29.98
N GLY F 404 6.29 -24.49 29.21
CA GLY F 404 6.12 -25.61 28.30
C GLY F 404 6.10 -26.96 28.97
N HIS F 405 6.92 -27.10 30.00
CA HIS F 405 7.03 -28.29 30.83
C HIS F 405 5.71 -28.62 31.57
N LEU F 406 4.79 -27.64 31.69
CA LEU F 406 3.50 -27.79 32.38
C LEU F 406 2.45 -28.57 31.60
N MET F 407 2.69 -28.86 30.32
CA MET F 407 1.77 -29.62 29.50
C MET F 407 2.47 -30.79 28.79
N ALA F 408 3.57 -31.28 29.36
CA ALA F 408 4.31 -32.40 28.77
C ALA F 408 3.76 -33.73 29.29
N ASP F 409 3.83 -34.77 28.47
CA ASP F 409 3.39 -36.12 28.83
C ASP F 409 4.53 -36.81 29.57
N ILE F 410 4.82 -36.34 30.79
CA ILE F 410 5.90 -36.87 31.60
C ILE F 410 5.40 -37.79 32.73
N ASP F 411 4.09 -37.84 32.99
CA ASP F 411 3.55 -38.75 33.99
C ASP F 411 3.28 -40.07 33.34
N PRO F 412 3.99 -41.12 33.76
CA PRO F 412 3.77 -42.44 33.16
C PRO F 412 2.43 -43.07 33.56
N LEU F 413 1.84 -42.64 34.68
CA LEU F 413 0.57 -43.16 35.16
C LEU F 413 -0.64 -42.36 34.62
N ARG F 414 -0.42 -41.19 33.98
CA ARG F 414 -1.45 -40.29 33.42
C ARG F 414 -2.58 -40.08 34.41
N LEU F 415 -2.23 -39.63 35.60
CA LEU F 415 -3.19 -39.44 36.68
C LEU F 415 -3.99 -38.17 36.47
N ASP F 416 -3.30 -37.05 36.16
CA ASP F 416 -4.02 -35.80 35.91
C ASP F 416 -4.17 -35.55 34.43
N ASN F 417 -5.32 -35.90 33.89
CA ASN F 417 -5.60 -35.69 32.47
C ASN F 417 -5.95 -34.25 32.16
N THR F 418 -6.27 -33.43 33.17
CA THR F 418 -6.66 -32.05 32.96
C THR F 418 -5.47 -31.11 32.71
N ARG F 419 -4.24 -31.52 33.07
CA ARG F 419 -3.07 -30.65 32.86
C ARG F 419 -2.85 -30.33 31.36
N PHE F 420 -3.28 -31.25 30.47
CA PHE F 420 -3.15 -31.09 29.04
C PHE F 420 -4.18 -30.14 28.44
N ARG F 421 -5.24 -29.79 29.18
CA ARG F 421 -6.27 -28.90 28.67
C ARG F 421 -6.41 -27.61 29.50
N SER F 422 -5.84 -27.55 30.70
CA SER F 422 -5.97 -26.39 31.57
C SER F 422 -4.87 -25.34 31.34
N HIS F 423 -4.57 -25.01 30.07
CA HIS F 423 -3.54 -24.01 29.78
C HIS F 423 -3.85 -23.21 28.52
N PRO F 424 -4.29 -21.96 28.71
CA PRO F 424 -4.58 -21.11 27.55
C PRO F 424 -3.33 -20.48 26.93
N ASP F 425 -2.25 -20.35 27.69
CA ASP F 425 -0.97 -19.83 27.21
C ASP F 425 -0.33 -20.78 26.17
N LEU F 426 -0.74 -22.06 26.14
CA LEU F 426 -0.26 -23.05 25.19
C LEU F 426 -1.35 -23.42 24.15
N ASP F 427 -2.61 -23.05 24.36
CA ASP F 427 -3.67 -23.30 23.40
C ASP F 427 -3.52 -22.30 22.26
N VAL F 428 -3.48 -22.78 21.02
CA VAL F 428 -3.26 -21.93 19.86
C VAL F 428 -4.51 -21.10 19.56
N ASN F 429 -5.71 -21.68 19.68
CA ASN F 429 -6.99 -21.00 19.42
C ASN F 429 -7.14 -19.70 20.22
N SER F 430 -6.51 -19.64 21.39
CA SER F 430 -6.53 -18.47 22.28
C SER F 430 -5.69 -17.31 21.76
N HIS F 431 -4.62 -17.61 21.04
CA HIS F 431 -3.71 -16.60 20.52
C HIS F 431 -4.15 -16.06 19.15
N GLY F 432 -5.46 -16.03 18.91
CA GLY F 432 -6.01 -15.55 17.65
C GLY F 432 -5.50 -16.31 16.44
N LEU F 433 -5.62 -17.64 16.47
CA LEU F 433 -5.14 -18.49 15.38
C LEU F 433 -6.11 -19.66 15.11
N THR F 434 -6.17 -20.10 13.86
CA THR F 434 -7.04 -21.18 13.41
C THR F 434 -6.25 -22.21 12.56
N LEU F 435 -6.88 -23.34 12.18
CA LEU F 435 -6.23 -24.34 11.33
C LEU F 435 -5.92 -23.79 9.90
N TRP F 436 -6.54 -22.68 9.52
CA TRP F 436 -6.32 -22.01 8.23
C TRP F 436 -4.99 -21.27 8.23
N ASP F 437 -4.62 -20.69 9.39
CA ASP F 437 -3.35 -20.00 9.55
C ASP F 437 -2.15 -20.98 9.66
N LEU F 438 -2.41 -22.31 9.77
CA LEU F 438 -1.41 -23.36 9.90
C LEU F 438 -0.42 -23.44 8.75
N ASP F 439 -0.87 -23.11 7.54
CA ASP F 439 0.00 -23.18 6.37
C ASP F 439 0.59 -21.81 5.97
N ARG F 440 0.38 -20.77 6.78
CA ARG F 440 0.89 -19.45 6.47
C ARG F 440 2.27 -19.23 7.10
N GLU F 441 3.06 -18.36 6.49
CA GLU F 441 4.40 -18.05 6.98
C GLU F 441 4.39 -16.94 8.01
N PHE F 442 5.22 -17.07 9.04
CA PHE F 442 5.32 -16.06 10.08
C PHE F 442 6.80 -15.74 10.34
N LYS F 443 7.13 -14.45 10.54
CA LYS F 443 8.49 -13.98 10.77
C LYS F 443 8.95 -14.29 12.20
N VAL F 444 9.05 -15.58 12.55
CA VAL F 444 9.47 -16.01 13.87
C VAL F 444 10.99 -15.88 13.96
N ASP F 445 11.42 -14.80 14.59
CA ASP F 445 12.83 -14.48 14.70
C ASP F 445 13.64 -15.57 15.37
N GLY F 446 14.38 -16.30 14.53
CA GLY F 446 15.28 -17.37 14.94
C GLY F 446 14.67 -18.48 15.76
N PHE F 447 13.48 -18.99 15.37
CA PHE F 447 12.87 -20.09 16.12
C PHE F 447 13.67 -21.37 15.83
N ALA F 448 13.47 -21.99 14.66
CA ALA F 448 14.24 -23.17 14.30
C ALA F 448 15.34 -22.75 13.33
N GLY F 449 16.03 -21.66 13.67
CA GLY F 449 17.08 -21.07 12.86
C GLY F 449 16.52 -20.23 11.73
N VAL F 450 15.45 -20.73 11.09
CA VAL F 450 14.79 -20.09 9.98
C VAL F 450 14.04 -18.86 10.42
N GLN F 451 14.19 -17.77 9.67
CA GLN F 451 13.47 -16.53 10.00
C GLN F 451 12.01 -16.57 9.53
N ARG F 452 11.60 -17.60 8.77
CA ARG F 452 10.23 -17.75 8.33
C ARG F 452 9.83 -19.20 8.42
N LYS F 453 8.64 -19.47 8.94
CA LYS F 453 8.18 -20.84 9.12
C LYS F 453 6.66 -20.94 9.08
N LYS F 454 6.14 -22.08 8.60
CA LYS F 454 4.71 -22.31 8.60
C LYS F 454 4.26 -22.61 10.03
N LEU F 455 3.04 -22.19 10.40
CA LEU F 455 2.53 -22.39 11.75
C LEU F 455 2.52 -23.86 12.19
N ARG F 456 2.12 -24.78 11.29
CA ARG F 456 2.10 -26.20 11.64
C ARG F 456 3.50 -26.75 11.92
N ASP F 457 4.55 -26.13 11.35
CA ASP F 457 5.92 -26.54 11.62
C ASP F 457 6.34 -26.03 12.99
N ILE F 458 5.99 -24.78 13.31
CA ILE F 458 6.32 -24.16 14.58
C ILE F 458 5.72 -24.97 15.75
N LEU F 459 4.43 -25.36 15.65
CA LEU F 459 3.73 -26.11 16.70
C LEU F 459 4.27 -27.53 16.86
N SER F 460 4.73 -28.15 15.77
CA SER F 460 5.27 -29.50 15.83
C SER F 460 6.66 -29.50 16.45
N VAL F 461 7.48 -28.47 16.15
CA VAL F 461 8.83 -28.36 16.71
C VAL F 461 8.72 -28.13 18.21
N LEU F 462 7.79 -27.25 18.63
CA LEU F 462 7.54 -26.95 20.05
C LEU F 462 7.03 -28.20 20.80
N ARG F 463 6.18 -29.01 20.14
CA ARG F 463 5.63 -30.23 20.74
C ARG F 463 6.75 -31.24 21.05
N ASP F 464 7.55 -31.61 20.04
CA ASP F 464 8.64 -32.58 20.20
C ASP F 464 9.80 -32.04 21.11
N ALA F 465 9.85 -30.71 21.31
CA ALA F 465 10.89 -30.10 22.13
C ALA F 465 10.46 -29.97 23.62
N TYR F 466 9.33 -29.28 23.94
CA TYR F 466 8.94 -29.06 25.34
C TYR F 466 7.64 -29.74 25.77
N CYS F 467 6.98 -30.50 24.88
CA CYS F 467 5.72 -31.13 25.25
C CYS F 467 5.75 -32.67 25.14
N ARG F 468 6.82 -33.26 24.57
CA ARG F 468 6.92 -34.71 24.46
C ARG F 468 7.21 -35.29 25.88
N HIS F 469 8.13 -36.26 26.03
CA HIS F 469 8.42 -36.83 27.34
C HIS F 469 9.54 -36.06 28.06
N VAL F 470 9.83 -34.81 27.66
CA VAL F 470 10.85 -33.97 28.30
C VAL F 470 10.30 -32.56 28.50
N GLY F 471 10.28 -32.09 29.75
CA GLY F 471 9.88 -30.74 30.10
C GLY F 471 11.12 -29.93 30.39
N VAL F 472 11.21 -28.69 29.88
CA VAL F 472 12.45 -27.92 30.06
C VAL F 472 12.28 -26.62 30.86
N GLU F 473 12.75 -26.61 32.10
CA GLU F 473 12.78 -25.39 32.90
C GLU F 473 14.15 -24.81 32.67
N TYR F 474 14.25 -23.82 31.78
CA TYR F 474 15.54 -23.23 31.45
C TYR F 474 15.48 -21.70 31.27
N THR F 475 14.27 -21.14 31.18
CA THR F 475 14.06 -19.71 31.02
C THR F 475 14.35 -18.94 32.33
N HIS F 476 14.28 -19.61 33.50
CA HIS F 476 14.59 -18.99 34.80
C HIS F 476 16.11 -18.76 35.00
N ILE F 477 16.95 -19.33 34.13
CA ILE F 477 18.41 -19.18 34.18
C ILE F 477 18.78 -17.77 33.76
N LEU F 478 19.66 -17.12 34.52
CA LEU F 478 20.05 -15.74 34.24
C LEU F 478 21.14 -15.61 33.17
N GLU F 479 21.92 -16.66 32.95
CA GLU F 479 22.96 -16.62 31.93
C GLU F 479 22.32 -16.80 30.57
N PRO F 480 22.63 -15.92 29.61
CA PRO F 480 21.96 -16.00 28.30
C PRO F 480 22.48 -17.11 27.40
N GLU F 481 23.79 -17.30 27.29
CA GLU F 481 24.36 -18.34 26.44
C GLU F 481 23.89 -19.74 26.83
N GLN F 482 23.53 -19.93 28.10
CA GLN F 482 23.04 -21.22 28.59
C GLN F 482 21.64 -21.48 28.02
N GLN F 483 20.80 -20.44 27.95
CA GLN F 483 19.46 -20.57 27.36
C GLN F 483 19.59 -20.82 25.86
N ARG F 484 20.52 -20.10 25.19
CA ARG F 484 20.78 -20.27 23.76
C ARG F 484 21.23 -21.68 23.48
N TRP F 485 22.14 -22.18 24.31
CA TRP F 485 22.71 -23.52 24.23
C TRP F 485 21.61 -24.57 24.31
N ILE F 486 20.68 -24.44 25.28
CA ILE F 486 19.62 -25.42 25.48
C ILE F 486 18.67 -25.47 24.25
N GLN F 487 18.28 -24.32 23.68
CA GLN F 487 17.42 -24.31 22.49
C GLN F 487 18.08 -25.03 21.32
N GLU F 488 19.40 -24.86 21.17
CA GLU F 488 20.13 -25.52 20.11
C GLU F 488 20.08 -27.05 20.22
N ARG F 489 19.79 -27.60 21.40
CA ARG F 489 19.70 -29.04 21.58
C ARG F 489 18.25 -29.53 21.62
N VAL F 490 17.37 -28.73 22.24
CA VAL F 490 15.98 -29.07 22.45
C VAL F 490 15.09 -28.79 21.21
N GLU F 491 15.22 -27.61 20.60
CA GLU F 491 14.41 -27.18 19.45
C GLU F 491 14.89 -27.72 18.09
N THR F 492 15.67 -28.81 18.10
CA THR F 492 16.19 -29.48 16.91
C THR F 492 15.49 -30.83 16.78
N LYS F 493 15.12 -31.23 15.56
CA LYS F 493 14.51 -32.55 15.35
C LYS F 493 15.58 -33.60 15.58
N HIS F 494 15.62 -34.13 16.80
CA HIS F 494 16.63 -35.06 17.27
C HIS F 494 16.56 -36.40 16.55
N ASP F 495 17.74 -36.91 16.18
CA ASP F 495 17.93 -38.16 15.48
C ASP F 495 17.42 -39.33 16.29
N LYS F 496 16.74 -40.27 15.63
CA LYS F 496 16.29 -41.48 16.30
C LYS F 496 17.52 -42.34 16.58
N PRO F 497 17.66 -42.85 17.81
CA PRO F 497 18.85 -43.63 18.14
C PRO F 497 19.02 -44.87 17.27
N THR F 498 20.27 -45.31 17.05
CA THR F 498 20.55 -46.47 16.21
C THR F 498 19.95 -47.74 16.81
N VAL F 499 19.67 -48.75 16.00
CA VAL F 499 19.12 -50.01 16.50
C VAL F 499 20.14 -50.68 17.47
N ALA F 500 21.47 -50.46 17.26
CA ALA F 500 22.54 -50.97 18.13
C ALA F 500 22.54 -50.26 19.49
N GLU F 501 22.23 -48.96 19.49
CA GLU F 501 22.12 -48.14 20.69
C GLU F 501 20.87 -48.60 21.45
N GLN F 502 19.75 -48.81 20.73
CA GLN F 502 18.45 -49.28 21.25
C GLN F 502 18.56 -50.71 21.86
N LYS F 503 19.49 -51.51 21.36
CA LYS F 503 19.72 -52.85 21.87
C LYS F 503 20.53 -52.79 23.17
N TYR F 504 21.46 -51.83 23.31
CA TYR F 504 22.23 -51.66 24.55
C TYR F 504 21.32 -51.17 25.69
N ILE F 505 20.31 -50.37 25.37
CA ILE F 505 19.32 -49.87 26.32
C ILE F 505 18.48 -51.03 26.82
N LEU F 506 18.06 -51.91 25.90
CA LEU F 506 17.26 -53.06 26.28
C LEU F 506 18.10 -54.11 27.03
N SER F 507 19.42 -54.21 26.76
CA SER F 507 20.29 -55.14 27.48
C SER F 507 20.49 -54.69 28.93
N LYS F 508 20.61 -53.36 29.13
CA LYS F 508 20.75 -52.74 30.44
C LYS F 508 19.42 -52.85 31.23
N LEU F 509 18.28 -52.78 30.55
CA LEU F 509 16.97 -52.93 31.17
C LEU F 509 16.62 -54.40 31.45
N ASN F 510 17.23 -55.35 30.71
CA ASN F 510 17.02 -56.78 30.92
C ASN F 510 17.68 -57.20 32.23
N ALA F 511 18.92 -56.73 32.47
CA ALA F 511 19.66 -57.04 33.69
C ALA F 511 19.06 -56.35 34.91
N ALA F 512 18.43 -55.17 34.71
CA ALA F 512 17.83 -54.44 35.79
C ALA F 512 16.49 -55.06 36.20
N GLU F 513 15.65 -55.45 35.23
CA GLU F 513 14.36 -56.07 35.53
C GLU F 513 14.57 -57.49 36.08
N ALA F 514 15.62 -58.20 35.63
CA ALA F 514 15.91 -59.54 36.16
C ALA F 514 16.51 -59.45 37.57
N PHE F 515 17.27 -58.38 37.88
CA PHE F 515 17.87 -58.24 39.21
C PHE F 515 16.79 -58.07 40.27
N GLU F 516 15.81 -57.18 40.04
CA GLU F 516 14.73 -56.98 41.00
C GLU F 516 13.79 -58.20 41.03
N THR F 517 13.67 -58.95 39.91
CA THR F 517 12.89 -60.19 39.85
C THR F 517 13.52 -61.22 40.82
N PHE F 518 14.85 -61.29 40.83
CA PHE F 518 15.60 -62.17 41.69
C PHE F 518 15.51 -61.73 43.16
N LEU F 519 15.71 -60.44 43.45
CA LEU F 519 15.73 -59.91 44.82
C LEU F 519 14.39 -60.11 45.53
N GLN F 520 13.26 -59.89 44.83
CA GLN F 520 11.95 -60.09 45.44
C GLN F 520 11.57 -61.56 45.60
N THR F 521 12.30 -62.47 44.96
CA THR F 521 12.00 -63.89 44.96
C THR F 521 12.89 -64.66 45.94
N LYS F 522 14.22 -64.49 45.83
CA LYS F 522 15.21 -65.21 46.64
C LYS F 522 15.19 -64.80 48.12
N TYR F 523 15.22 -63.49 48.40
CA TYR F 523 15.25 -63.01 49.79
C TYR F 523 13.94 -62.32 50.14
N VAL F 524 12.87 -63.13 50.21
CA VAL F 524 11.49 -62.74 50.50
C VAL F 524 11.42 -61.76 51.70
N GLY F 525 10.48 -60.82 51.64
CA GLY F 525 10.31 -59.80 52.66
C GLY F 525 10.84 -58.44 52.23
N GLN F 526 11.83 -58.44 51.33
CA GLN F 526 12.51 -57.28 50.75
C GLN F 526 11.62 -56.48 49.77
N LYS F 527 10.28 -56.40 50.01
CA LYS F 527 9.34 -55.69 49.14
C LYS F 527 9.68 -54.20 48.99
N ARG F 528 10.29 -53.58 50.01
CA ARG F 528 10.76 -52.19 49.88
C ARG F 528 12.17 -52.21 49.25
N PHE F 529 12.78 -51.03 48.99
CA PHE F 529 14.07 -50.98 48.28
C PHE F 529 13.96 -51.46 46.81
N SER F 530 12.78 -51.92 46.41
CA SER F 530 12.50 -52.45 45.10
C SER F 530 12.46 -51.37 44.06
N LEU F 531 13.32 -51.50 43.08
CA LEU F 531 13.38 -50.57 41.96
C LEU F 531 12.35 -50.97 40.88
N GLU F 532 11.24 -51.61 41.25
CA GLU F 532 10.23 -51.99 40.27
C GLU F 532 9.43 -50.75 39.93
N GLY F 533 9.38 -50.47 38.65
CA GLY F 533 8.75 -49.25 38.12
C GLY F 533 9.80 -48.22 37.74
N ALA F 534 10.96 -48.24 38.41
CA ALA F 534 12.05 -47.32 38.14
C ALA F 534 13.31 -48.04 37.64
N GLU F 535 13.12 -49.11 36.85
CA GLU F 535 14.28 -49.83 36.29
C GLU F 535 15.05 -48.94 35.30
N THR F 536 14.35 -48.01 34.64
CA THR F 536 14.84 -47.01 33.68
C THR F 536 15.97 -46.16 34.27
N VAL F 537 16.03 -46.02 35.61
CA VAL F 537 17.09 -45.25 36.25
C VAL F 537 18.44 -45.98 36.17
N ILE F 538 18.45 -47.32 35.96
CA ILE F 538 19.68 -48.07 35.82
C ILE F 538 20.38 -47.64 34.51
N PRO F 539 19.78 -47.77 33.30
CA PRO F 539 20.47 -47.30 32.09
C PRO F 539 20.61 -45.78 32.05
N MET F 540 19.80 -45.02 32.80
CA MET F 540 19.90 -43.56 32.84
C MET F 540 21.25 -43.16 33.42
N MET F 541 21.66 -43.80 34.53
CA MET F 541 22.95 -43.54 35.15
C MET F 541 24.07 -44.02 34.26
N ASP F 542 23.89 -45.17 33.61
CA ASP F 542 24.83 -45.76 32.65
C ASP F 542 25.14 -44.75 31.54
N ALA F 543 24.11 -44.03 31.07
CA ALA F 543 24.28 -43.04 30.02
C ALA F 543 25.16 -41.89 30.51
N VAL F 544 24.96 -41.46 31.77
CA VAL F 544 25.74 -40.39 32.37
C VAL F 544 27.22 -40.77 32.42
N ILE F 545 27.49 -42.01 32.85
CA ILE F 545 28.84 -42.51 33.01
C ILE F 545 29.49 -42.82 31.65
N ASP F 546 28.71 -43.30 30.66
CA ASP F 546 29.23 -43.53 29.31
C ASP F 546 29.66 -42.19 28.69
N GLN F 547 28.85 -41.15 28.91
CA GLN F 547 29.14 -39.81 28.44
C GLN F 547 30.38 -39.26 29.13
N CYS F 548 30.51 -39.49 30.44
CA CYS F 548 31.63 -39.03 31.24
C CYS F 548 32.94 -39.62 30.74
N ALA F 549 32.96 -40.91 30.42
CA ALA F 549 34.15 -41.55 29.90
C ALA F 549 34.53 -40.94 28.55
N GLU F 550 33.53 -40.67 27.70
CA GLU F 550 33.74 -40.05 26.41
C GLU F 550 34.30 -38.64 26.57
N HIS F 551 33.82 -37.92 27.59
CA HIS F 551 34.25 -36.56 27.92
C HIS F 551 35.70 -36.47 28.42
N GLY F 552 36.35 -37.60 28.70
CA GLY F 552 37.71 -37.60 29.21
C GLY F 552 37.76 -37.34 30.69
N LEU F 553 36.82 -37.93 31.43
CA LEU F 553 36.75 -37.77 32.87
C LEU F 553 37.33 -39.00 33.58
N ASP F 554 37.72 -38.83 34.85
CA ASP F 554 38.39 -39.88 35.60
C ASP F 554 37.48 -40.69 36.52
N GLU F 555 36.60 -40.04 37.32
CA GLU F 555 35.75 -40.80 38.24
C GLU F 555 34.38 -40.18 38.46
N VAL F 556 33.37 -41.04 38.62
CA VAL F 556 31.99 -40.68 38.92
C VAL F 556 31.66 -41.22 40.32
N VAL F 557 31.50 -40.33 41.32
CA VAL F 557 31.22 -40.75 42.70
C VAL F 557 29.70 -40.72 42.95
N ILE F 558 29.11 -41.88 43.26
CA ILE F 558 27.67 -42.01 43.45
C ILE F 558 27.24 -42.05 44.93
N ALA F 559 26.35 -41.14 45.34
CA ALA F 559 25.75 -41.14 46.67
C ALA F 559 24.27 -41.35 46.47
N MET F 560 23.74 -42.43 47.01
CA MET F 560 22.34 -42.77 46.77
C MET F 560 21.67 -43.36 48.02
N PRO F 561 20.33 -43.32 48.09
CA PRO F 561 19.64 -43.90 49.25
C PRO F 561 19.54 -45.43 49.16
N HIS F 562 18.89 -46.03 50.14
CA HIS F 562 18.71 -47.48 50.20
C HIS F 562 17.90 -48.08 49.05
N ARG F 563 17.12 -47.28 48.27
CA ARG F 563 16.30 -47.86 47.21
C ARG F 563 17.09 -48.23 45.96
N GLY F 564 17.04 -49.52 45.60
CA GLY F 564 17.72 -50.09 44.45
C GLY F 564 19.22 -50.01 44.52
N ARG F 565 19.81 -50.02 45.73
CA ARG F 565 21.26 -49.91 45.88
C ARG F 565 22.00 -51.19 45.49
N LEU F 566 21.36 -52.34 45.68
CA LEU F 566 22.00 -53.61 45.29
C LEU F 566 22.05 -53.74 43.77
N ASN F 567 21.01 -53.24 43.07
CA ASN F 567 20.92 -53.25 41.62
C ASN F 567 22.01 -52.39 41.01
N VAL F 568 22.27 -51.22 41.61
CA VAL F 568 23.31 -50.29 41.18
C VAL F 568 24.67 -50.93 41.44
N LEU F 569 24.86 -51.55 42.60
CA LEU F 569 26.13 -52.18 42.95
C LEU F 569 26.54 -53.25 41.93
N ALA F 570 25.58 -53.98 41.36
CA ALA F 570 25.89 -55.02 40.39
C ALA F 570 25.92 -54.52 38.93
N ASN F 571 24.88 -53.80 38.46
CA ASN F 571 24.79 -53.39 37.06
C ASN F 571 25.41 -52.01 36.75
N ILE F 572 25.80 -51.21 37.76
CA ILE F 572 26.38 -49.88 37.53
C ILE F 572 27.81 -49.76 38.09
N VAL F 573 28.03 -50.16 39.36
CA VAL F 573 29.36 -50.08 39.97
C VAL F 573 30.30 -51.07 39.31
N GLY F 574 29.84 -52.30 39.13
CA GLY F 574 30.63 -53.35 38.51
C GLY F 574 31.10 -54.38 39.51
N LYS F 575 30.24 -54.72 40.46
CA LYS F 575 30.56 -55.71 41.47
C LYS F 575 29.89 -57.04 41.15
N PRO F 576 30.59 -58.16 41.36
CA PRO F 576 29.97 -59.45 41.07
C PRO F 576 28.93 -59.83 42.12
N TYR F 577 27.92 -60.62 41.72
CA TYR F 577 26.85 -61.06 42.62
C TYR F 577 27.41 -61.76 43.88
N SER F 578 28.62 -62.33 43.79
CA SER F 578 29.29 -63.02 44.89
C SER F 578 29.58 -62.06 46.06
N GLN F 579 30.23 -60.93 45.80
CA GLN F 579 30.56 -59.96 46.85
C GLN F 579 29.37 -59.13 47.32
N ILE F 580 28.16 -59.44 46.86
CA ILE F 580 26.98 -58.69 47.21
C ILE F 580 26.15 -59.44 48.25
N PHE F 581 25.95 -60.73 48.03
CA PHE F 581 25.10 -61.53 48.91
C PHE F 581 25.89 -62.38 49.92
N SER F 582 27.16 -62.02 50.19
CA SER F 582 27.96 -62.73 51.19
C SER F 582 27.47 -62.34 52.57
N GLU F 583 26.75 -63.25 53.25
CA GLU F 583 26.14 -63.03 54.55
C GLU F 583 24.97 -62.06 54.42
N PHE F 584 23.87 -62.52 53.82
CA PHE F 584 22.69 -61.70 53.60
C PHE F 584 21.56 -62.05 54.59
N GLU F 585 20.76 -61.04 54.99
CA GLU F 585 19.63 -61.22 55.89
C GLU F 585 18.33 -60.77 55.22
N HIS F 594 9.96 -51.61 58.74
CA HIS F 594 11.07 -51.55 57.79
C HIS F 594 12.39 -51.15 58.48
N GLY F 595 13.53 -51.47 57.87
CA GLY F 595 14.83 -51.16 58.44
C GLY F 595 15.97 -51.03 57.45
N SER F 596 17.17 -51.51 57.83
CA SER F 596 18.36 -51.46 57.00
C SER F 596 18.68 -52.82 56.33
N GLY F 597 18.20 -53.91 56.94
CA GLY F 597 18.43 -55.27 56.47
C GLY F 597 19.90 -55.61 56.54
N ASP F 598 20.45 -56.17 55.46
CA ASP F 598 21.88 -56.42 55.39
C ASP F 598 22.59 -55.06 55.28
N VAL F 599 23.79 -54.99 55.81
CA VAL F 599 24.57 -53.77 55.83
C VAL F 599 25.05 -53.31 54.45
N LYS F 600 24.97 -54.16 53.42
CA LYS F 600 25.38 -53.80 52.06
C LYS F 600 24.61 -52.58 51.53
N TYR F 601 23.38 -52.36 52.02
CA TYR F 601 22.55 -51.19 51.65
C TYR F 601 23.19 -49.85 52.12
N HIS F 602 24.19 -49.91 53.02
CA HIS F 602 24.88 -48.75 53.58
C HIS F 602 26.29 -48.60 53.01
N LEU F 603 26.97 -49.73 52.80
CA LEU F 603 28.36 -49.81 52.35
C LEU F 603 28.57 -49.30 50.94
N GLY F 604 29.73 -48.69 50.72
CA GLY F 604 30.08 -48.17 49.40
C GLY F 604 31.30 -48.82 48.78
N ALA F 605 31.10 -49.56 47.68
CA ALA F 605 32.19 -50.26 46.99
C ALA F 605 32.54 -49.60 45.64
N THR F 606 33.77 -49.83 45.15
CA THR F 606 34.24 -49.23 43.89
C THR F 606 34.37 -50.29 42.77
N GLY F 607 34.38 -49.82 41.54
CA GLY F 607 34.50 -50.66 40.35
C GLY F 607 34.93 -49.86 39.13
N THR F 608 34.95 -50.48 37.94
CA THR F 608 35.36 -49.76 36.72
C THR F 608 34.34 -49.96 35.59
N TYR F 609 34.10 -48.90 34.81
CA TYR F 609 33.16 -48.93 33.70
C TYR F 609 33.89 -48.85 32.35
N ILE F 610 33.60 -49.83 31.48
CA ILE F 610 34.15 -49.92 30.14
C ILE F 610 33.11 -49.46 29.14
N GLN F 611 33.44 -48.46 28.30
CA GLN F 611 32.48 -47.96 27.33
C GLN F 611 32.07 -49.02 26.34
N MET F 612 30.76 -49.20 26.14
CA MET F 612 30.26 -50.21 25.22
C MET F 612 30.64 -49.83 23.78
N PHE F 613 30.46 -48.56 23.42
CA PHE F 613 30.76 -48.12 22.06
C PHE F 613 31.96 -47.20 22.01
N GLY F 614 32.21 -46.43 23.07
CA GLY F 614 33.33 -45.50 23.12
C GLY F 614 34.69 -46.18 23.25
N ASP F 615 35.76 -45.37 23.36
CA ASP F 615 37.11 -45.92 23.45
C ASP F 615 37.81 -45.65 24.77
N ASN F 616 37.06 -45.35 25.84
CA ASN F 616 37.68 -45.03 27.12
C ASN F 616 37.07 -45.84 28.29
N ASP F 617 37.79 -45.87 29.42
CA ASP F 617 37.35 -46.54 30.63
C ASP F 617 37.35 -45.54 31.79
N ILE F 618 36.31 -45.57 32.62
CA ILE F 618 36.19 -44.62 33.72
C ILE F 618 35.92 -45.30 35.05
N GLU F 619 36.34 -44.67 36.15
CA GLU F 619 36.15 -45.21 37.48
C GLU F 619 34.78 -44.86 38.03
N VAL F 620 34.13 -45.84 38.67
CA VAL F 620 32.82 -45.66 39.28
C VAL F 620 32.89 -46.10 40.72
N SER F 621 32.75 -45.16 41.67
CA SER F 621 32.77 -45.52 43.09
C SER F 621 31.45 -45.13 43.77
N LEU F 622 31.10 -45.82 44.84
CA LEU F 622 29.89 -45.57 45.62
C LEU F 622 30.29 -45.15 47.04
N THR F 623 29.53 -44.22 47.69
CA THR F 623 29.90 -43.79 49.04
C THR F 623 28.89 -44.26 50.08
N ALA F 624 29.37 -44.42 51.32
CA ALA F 624 28.55 -44.88 52.43
C ALA F 624 27.61 -43.80 52.93
N ASN F 625 26.39 -44.19 53.32
CA ASN F 625 25.39 -43.27 53.83
C ASN F 625 24.48 -43.97 54.84
N PRO F 626 23.94 -43.21 55.81
CA PRO F 626 23.01 -43.83 56.78
C PRO F 626 21.56 -43.81 56.25
N SER F 627 20.57 -44.24 57.08
CA SER F 627 19.16 -44.24 56.65
C SER F 627 18.55 -42.84 56.52
N HIS F 628 19.23 -41.80 57.04
CA HIS F 628 18.78 -40.43 56.95
C HIS F 628 18.92 -39.97 55.51
N LEU F 629 17.78 -39.77 54.85
CA LEU F 629 17.72 -39.30 53.47
C LEU F 629 18.45 -37.97 53.31
N GLU F 630 19.12 -37.78 52.15
CA GLU F 630 19.85 -36.57 51.77
C GLU F 630 20.97 -36.18 52.74
N ALA F 631 21.23 -36.98 53.78
CA ALA F 631 22.30 -36.65 54.72
C ALA F 631 23.68 -36.78 54.09
N VAL F 632 23.83 -37.69 53.12
CA VAL F 632 25.08 -37.94 52.42
C VAL F 632 25.40 -36.82 51.39
N ASP F 633 24.40 -36.01 50.98
CA ASP F 633 24.57 -34.95 49.99
C ASP F 633 25.81 -34.07 50.22
N PRO F 634 26.06 -33.47 51.41
CA PRO F 634 27.27 -32.66 51.58
C PRO F 634 28.57 -33.49 51.70
N VAL F 635 28.43 -34.75 52.12
CA VAL F 635 29.54 -35.68 52.28
C VAL F 635 30.10 -36.05 50.90
N LEU F 636 29.20 -36.30 49.93
CA LEU F 636 29.60 -36.65 48.56
C LEU F 636 30.31 -35.49 47.89
N GLU F 637 29.77 -34.27 48.03
CA GLU F 637 30.41 -33.10 47.43
C GLU F 637 31.78 -32.78 48.10
N GLY F 638 31.98 -33.24 49.33
CA GLY F 638 33.26 -33.08 50.01
C GLY F 638 34.29 -34.09 49.52
N LEU F 639 33.82 -35.31 49.19
CA LEU F 639 34.63 -36.44 48.69
C LEU F 639 35.12 -36.15 47.28
N VAL F 640 34.24 -35.61 46.43
CA VAL F 640 34.53 -35.26 45.05
C VAL F 640 35.59 -34.13 45.03
N ARG F 641 35.45 -33.15 45.93
CA ARG F 641 36.40 -32.04 46.04
C ARG F 641 37.75 -32.53 46.54
N ALA F 642 37.77 -33.51 47.45
CA ALA F 642 39.01 -34.07 47.99
C ALA F 642 39.83 -34.73 46.90
N LYS F 643 39.16 -35.46 45.99
CA LYS F 643 39.81 -36.15 44.88
C LYS F 643 40.26 -35.17 43.80
N GLN F 644 39.46 -34.12 43.55
CA GLN F 644 39.80 -33.09 42.56
C GLN F 644 41.09 -32.39 42.96
N ASP F 645 41.19 -31.89 44.21
CA ASP F 645 42.37 -31.19 44.70
C ASP F 645 43.63 -32.08 44.70
N LEU F 646 43.44 -33.39 44.85
CA LEU F 646 44.53 -34.36 44.83
C LEU F 646 45.16 -34.52 43.45
N LEU F 647 44.34 -34.40 42.39
CA LEU F 647 44.82 -34.60 41.03
C LEU F 647 45.44 -33.36 40.38
N ASP F 648 45.66 -32.26 41.14
CA ASP F 648 46.15 -30.98 40.59
C ASP F 648 45.18 -30.49 39.50
N THR F 649 43.86 -30.66 39.75
CA THR F 649 42.75 -30.32 38.85
C THR F 649 41.55 -29.73 39.68
N GLY F 650 40.52 -29.21 39.01
CA GLY F 650 39.38 -28.63 39.70
C GLY F 650 39.67 -27.20 40.08
N GLU F 651 39.23 -26.76 41.26
CA GLU F 651 39.47 -25.39 41.70
C GLU F 651 40.94 -25.17 42.15
N GLU F 652 41.57 -26.18 42.79
CA GLU F 652 42.96 -26.05 43.26
C GLU F 652 43.93 -26.86 42.39
N GLY F 653 44.14 -26.41 41.15
CA GLY F 653 45.03 -27.06 40.21
C GLY F 653 45.29 -26.26 38.96
N SER F 654 46.41 -26.55 38.28
CA SER F 654 46.82 -25.86 37.04
C SER F 654 45.86 -26.18 35.89
N ASP F 655 45.32 -27.40 35.85
CA ASP F 655 44.37 -27.83 34.83
C ASP F 655 42.98 -28.02 35.43
N ASN F 656 42.17 -26.95 35.49
CA ASN F 656 40.81 -26.95 36.07
C ASN F 656 39.81 -27.75 35.21
N ARG F 657 39.86 -29.08 35.30
CA ARG F 657 39.01 -29.97 34.52
C ARG F 657 37.77 -30.37 35.30
N PHE F 658 37.91 -30.58 36.62
CA PHE F 658 36.83 -31.03 37.51
C PHE F 658 36.42 -32.45 37.11
N SER F 659 37.43 -33.30 36.92
CA SER F 659 37.32 -34.68 36.47
C SER F 659 36.38 -35.55 37.31
N VAL F 660 36.29 -35.27 38.61
CA VAL F 660 35.43 -36.05 39.49
C VAL F 660 34.00 -35.52 39.36
N VAL F 661 33.06 -36.38 39.00
CA VAL F 661 31.67 -35.97 38.81
C VAL F 661 30.73 -36.56 39.85
N PRO F 662 30.03 -35.72 40.64
CA PRO F 662 29.11 -36.26 41.65
C PRO F 662 27.75 -36.67 41.09
N LEU F 663 27.48 -37.96 41.01
CA LEU F 663 26.18 -38.46 40.56
C LEU F 663 25.32 -38.70 41.79
N MET F 664 24.48 -37.74 42.12
CA MET F 664 23.65 -37.82 43.33
C MET F 664 22.21 -38.18 43.03
N LEU F 665 21.74 -39.30 43.57
CA LEU F 665 20.35 -39.71 43.37
C LEU F 665 19.52 -39.40 44.63
N HIS F 666 18.21 -39.14 44.46
CA HIS F 666 17.38 -38.74 45.59
C HIS F 666 15.95 -39.28 45.51
N GLY F 667 15.27 -39.31 46.66
CA GLY F 667 13.87 -39.69 46.74
C GLY F 667 13.00 -38.52 46.31
N ASP F 668 11.79 -38.80 45.81
CA ASP F 668 10.91 -37.74 45.32
C ASP F 668 10.57 -36.71 46.42
N ALA F 669 10.08 -37.15 47.59
CA ALA F 669 9.73 -36.23 48.68
C ALA F 669 10.94 -35.76 49.50
N ALA F 670 12.08 -36.47 49.36
CA ALA F 670 13.33 -36.16 50.05
C ALA F 670 14.04 -34.95 49.47
N PHE F 671 13.79 -34.60 48.18
CA PHE F 671 14.46 -33.45 47.58
C PHE F 671 13.89 -32.11 48.09
N ALA F 672 12.56 -32.04 48.26
CA ALA F 672 11.93 -30.81 48.75
C ALA F 672 11.78 -30.84 50.27
N GLY F 673 11.53 -32.02 50.83
CA GLY F 673 11.35 -32.18 52.27
C GLY F 673 12.53 -31.84 53.15
N GLN F 674 13.75 -32.24 52.77
CA GLN F 674 14.95 -31.98 53.59
C GLN F 674 15.56 -30.60 53.35
N GLY F 675 16.11 -30.04 54.42
CA GLY F 675 16.74 -28.74 54.42
C GLY F 675 18.20 -28.75 54.03
N VAL F 676 18.87 -29.89 54.23
CA VAL F 676 20.28 -30.09 53.85
C VAL F 676 20.47 -29.81 52.35
N VAL F 677 19.48 -30.18 51.54
CA VAL F 677 19.40 -29.99 50.10
C VAL F 677 19.76 -28.56 49.69
N ALA F 678 19.23 -27.57 50.41
CA ALA F 678 19.52 -26.18 50.13
C ALA F 678 20.96 -25.81 50.50
N GLU F 679 21.44 -26.24 51.69
CA GLU F 679 22.79 -25.97 52.14
C GLU F 679 23.83 -26.54 51.17
N THR F 680 23.55 -27.73 50.64
CA THR F 680 24.42 -28.44 49.70
C THR F 680 24.49 -27.70 48.36
N LEU F 681 23.36 -27.17 47.88
CA LEU F 681 23.33 -26.39 46.64
C LEU F 681 24.11 -25.09 46.79
N ASN F 682 24.08 -24.49 47.99
CA ASN F 682 24.80 -23.26 48.27
C ASN F 682 26.30 -23.48 48.18
N LEU F 683 26.79 -24.64 48.62
CA LEU F 683 28.22 -24.93 48.55
C LEU F 683 28.64 -25.59 47.25
N ALA F 684 27.76 -25.68 46.25
CA ALA F 684 28.10 -26.31 44.98
C ALA F 684 28.99 -25.43 44.09
N LEU F 685 29.10 -24.12 44.40
CA LEU F 685 29.92 -23.20 43.60
C LEU F 685 30.65 -22.14 44.44
N LEU F 686 31.18 -22.50 45.63
CA LEU F 686 31.93 -21.53 46.45
C LEU F 686 33.44 -21.61 46.18
N ARG F 687 34.19 -20.55 46.51
CA ARG F 687 35.63 -20.43 46.27
C ARG F 687 36.42 -21.69 46.65
N GLY F 688 36.15 -22.23 47.84
CA GLY F 688 36.83 -23.42 48.31
C GLY F 688 35.92 -24.60 48.58
N TYR F 689 34.77 -24.63 47.91
CA TYR F 689 33.80 -25.71 48.09
C TYR F 689 33.27 -26.24 46.76
N ARG F 690 33.43 -25.47 45.67
CA ARG F 690 32.93 -25.79 44.35
C ARG F 690 33.42 -27.13 43.82
N THR F 691 32.48 -27.88 43.26
CA THR F 691 32.77 -29.13 42.60
C THR F 691 32.64 -29.00 41.05
N GLY F 692 32.33 -27.79 40.54
CA GLY F 692 32.19 -27.49 39.13
C GLY F 692 31.00 -28.17 38.51
N GLY F 693 29.89 -28.20 39.22
CA GLY F 693 28.68 -28.85 38.73
C GLY F 693 28.48 -30.22 39.35
N THR F 694 27.23 -30.68 39.38
CA THR F 694 26.83 -31.96 39.97
C THR F 694 25.62 -32.50 39.23
N ILE F 695 25.59 -33.80 38.90
CA ILE F 695 24.44 -34.38 38.22
C ILE F 695 23.47 -34.95 39.25
N HIS F 696 22.27 -34.38 39.33
CA HIS F 696 21.28 -34.82 40.30
C HIS F 696 20.15 -35.57 39.64
N ILE F 697 19.97 -36.85 39.96
CA ILE F 697 18.89 -37.64 39.39
C ILE F 697 17.84 -37.97 40.45
N VAL F 698 16.79 -37.16 40.52
CA VAL F 698 15.72 -37.40 41.48
C VAL F 698 14.82 -38.45 40.90
N VAL F 699 14.58 -39.53 41.64
CA VAL F 699 13.71 -40.60 41.17
C VAL F 699 12.32 -40.38 41.77
N ASN F 700 11.51 -39.53 41.12
CA ASN F 700 10.17 -39.20 41.58
C ASN F 700 9.21 -40.33 41.34
N ASN F 701 9.04 -41.23 42.33
CA ASN F 701 8.08 -42.32 42.20
C ASN F 701 6.66 -41.92 42.67
N GLN F 702 6.39 -40.59 42.74
CA GLN F 702 5.13 -39.95 43.09
C GLN F 702 4.50 -40.49 44.38
N ILE F 703 5.35 -40.79 45.40
CA ILE F 703 4.90 -41.26 46.73
C ILE F 703 6.10 -41.40 47.68
N GLY F 704 5.83 -41.36 48.98
CA GLY F 704 6.81 -41.54 50.03
C GLY F 704 6.16 -42.27 51.18
N PHE F 705 6.21 -43.61 51.17
CA PHE F 705 5.59 -44.49 52.17
C PHE F 705 4.03 -44.39 52.00
N THR F 706 3.37 -43.41 52.65
CA THR F 706 1.93 -43.12 52.54
C THR F 706 1.66 -41.60 52.37
N THR F 707 2.69 -40.76 52.56
CA THR F 707 2.57 -39.31 52.42
C THR F 707 2.43 -38.97 50.95
N ALA F 708 1.32 -38.31 50.61
CA ALA F 708 1.04 -37.89 49.24
C ALA F 708 2.04 -36.83 48.81
N PRO F 709 2.43 -36.80 47.52
CA PRO F 709 3.39 -35.78 47.07
C PRO F 709 2.87 -34.35 47.27
N THR F 710 1.54 -34.19 47.29
CA THR F 710 0.86 -32.92 47.50
C THR F 710 1.15 -32.37 48.89
N ASP F 711 1.17 -33.25 49.90
CA ASP F 711 1.44 -32.88 51.28
C ASP F 711 2.94 -32.81 51.61
N SER F 712 3.83 -33.18 50.67
CA SER F 712 5.27 -33.19 50.92
C SER F 712 6.02 -32.00 50.28
N ARG F 713 5.33 -31.13 49.51
CA ARG F 713 5.99 -30.00 48.88
C ARG F 713 5.03 -28.87 48.55
N SER F 714 5.50 -27.62 48.62
CA SER F 714 4.67 -26.46 48.28
C SER F 714 5.06 -25.91 46.90
N SER F 715 5.41 -26.79 45.96
CA SER F 715 5.81 -26.40 44.61
C SER F 715 5.27 -27.38 43.55
N GLU F 716 5.25 -26.96 42.28
CA GLU F 716 4.76 -27.78 41.17
C GLU F 716 5.62 -29.04 41.07
N TYR F 717 6.94 -28.87 41.11
CA TYR F 717 7.86 -29.98 41.09
C TYR F 717 8.63 -30.06 42.39
N CYS F 718 9.09 -31.25 42.76
CA CYS F 718 9.89 -31.42 43.97
C CYS F 718 11.26 -30.74 43.80
N THR F 719 11.80 -30.79 42.58
CA THR F 719 13.06 -30.23 42.16
C THR F 719 13.05 -28.71 42.00
N ASP F 720 11.97 -28.01 42.39
CA ASP F 720 11.92 -26.54 42.30
C ASP F 720 12.92 -25.85 43.25
N VAL F 721 13.49 -26.61 44.21
CA VAL F 721 14.50 -26.17 45.17
C VAL F 721 15.83 -25.84 44.42
N ALA F 722 16.14 -26.61 43.36
CA ALA F 722 17.33 -26.43 42.54
C ALA F 722 17.41 -25.07 41.86
N LYS F 723 16.24 -24.46 41.59
CA LYS F 723 16.19 -23.14 40.96
C LYS F 723 16.95 -22.07 41.75
N MET F 724 17.37 -22.36 42.99
CA MET F 724 18.13 -21.44 43.83
C MET F 724 19.42 -21.01 43.14
N ILE F 725 20.08 -21.94 42.46
CA ILE F 725 21.36 -21.64 41.79
C ILE F 725 21.27 -21.57 40.26
N GLY F 726 20.06 -21.48 39.72
CA GLY F 726 19.87 -21.42 38.26
C GLY F 726 20.13 -22.74 37.57
N ALA F 727 19.82 -23.83 38.27
CA ALA F 727 20.02 -25.16 37.74
C ALA F 727 18.92 -25.57 36.76
N PRO F 728 19.30 -25.89 35.51
CA PRO F 728 18.29 -26.34 34.54
C PRO F 728 17.63 -27.66 34.97
N ILE F 729 16.30 -27.72 34.93
CA ILE F 729 15.57 -28.90 35.37
C ILE F 729 14.84 -29.58 34.19
N PHE F 730 15.14 -30.86 33.95
CA PHE F 730 14.53 -31.61 32.85
C PHE F 730 13.65 -32.70 33.38
N HIS F 731 12.36 -32.44 33.47
CA HIS F 731 11.39 -33.41 33.96
C HIS F 731 11.15 -34.42 32.84
N VAL F 732 11.78 -35.61 32.91
CA VAL F 732 11.68 -36.63 31.87
C VAL F 732 10.82 -37.83 32.32
N ASN F 733 10.05 -38.43 31.38
CA ASN F 733 9.18 -39.57 31.68
C ASN F 733 10.01 -40.86 31.84
N GLY F 734 9.84 -41.51 32.99
CA GLY F 734 10.55 -42.74 33.35
C GLY F 734 10.09 -44.01 32.64
N ASP F 735 9.22 -43.87 31.65
CA ASP F 735 8.74 -45.00 30.86
C ASP F 735 9.49 -45.05 29.52
N ASP F 736 9.85 -43.87 28.94
CA ASP F 736 10.60 -43.77 27.70
C ASP F 736 12.09 -43.80 27.99
N PRO F 737 12.74 -44.94 27.71
CA PRO F 737 14.16 -45.07 28.03
C PRO F 737 15.05 -44.23 27.12
N GLU F 738 14.73 -44.19 25.83
CA GLU F 738 15.49 -43.41 24.87
C GLU F 738 15.54 -41.93 25.25
N ALA F 739 14.45 -41.42 25.83
CA ALA F 739 14.37 -40.05 26.28
C ALA F 739 15.26 -39.85 27.51
N CYS F 740 15.20 -40.79 28.46
CA CYS F 740 15.98 -40.75 29.69
C CYS F 740 17.46 -40.71 29.39
N ALA F 741 17.91 -41.45 28.37
CA ALA F 741 19.32 -41.47 28.00
C ALA F 741 19.74 -40.14 27.40
N TRP F 742 18.91 -39.56 26.52
CA TRP F 742 19.21 -38.28 25.90
C TRP F 742 19.30 -37.19 26.97
N VAL F 743 18.33 -37.14 27.89
CA VAL F 743 18.28 -36.17 28.97
C VAL F 743 19.53 -36.30 29.85
N ALA F 744 19.87 -37.54 30.20
CA ALA F 744 21.04 -37.80 31.03
C ALA F 744 22.33 -37.37 30.33
N ARG F 745 22.49 -37.72 29.05
CA ARG F 745 23.70 -37.38 28.31
C ARG F 745 23.80 -35.88 28.11
N LEU F 746 22.68 -35.20 27.88
CA LEU F 746 22.64 -33.74 27.71
C LEU F 746 23.04 -33.01 29.00
N ALA F 747 22.66 -33.58 30.15
CA ALA F 747 23.02 -33.00 31.44
C ALA F 747 24.54 -32.98 31.62
N VAL F 748 25.21 -34.06 31.16
CA VAL F 748 26.66 -34.20 31.22
C VAL F 748 27.32 -33.10 30.37
N ASP F 749 26.76 -32.82 29.19
CA ASP F 749 27.27 -31.79 28.30
C ASP F 749 27.17 -30.43 28.96
N PHE F 750 26.03 -30.14 29.61
CA PHE F 750 25.82 -28.87 30.30
C PHE F 750 26.81 -28.72 31.44
N ARG F 751 26.94 -29.76 32.29
CA ARG F 751 27.84 -29.75 33.42
C ARG F 751 29.30 -29.52 32.97
N GLN F 752 29.68 -30.11 31.83
CA GLN F 752 31.02 -29.92 31.31
C GLN F 752 31.22 -28.55 30.65
N ALA F 753 30.14 -27.95 30.14
CA ALA F 753 30.23 -26.68 29.46
C ALA F 753 30.18 -25.48 30.42
N PHE F 754 29.31 -25.52 31.44
CA PHE F 754 29.12 -24.36 32.32
C PHE F 754 29.56 -24.58 33.77
N LYS F 755 29.85 -25.83 34.16
CA LYS F 755 30.26 -26.19 35.51
C LYS F 755 29.19 -25.78 36.53
N LYS F 756 27.94 -26.14 36.22
CA LYS F 756 26.76 -25.83 37.03
C LYS F 756 25.94 -27.12 37.26
N ASP F 757 25.34 -27.25 38.46
CA ASP F 757 24.51 -28.41 38.81
C ASP F 757 23.32 -28.53 37.84
N VAL F 758 22.95 -29.76 37.48
CA VAL F 758 21.82 -30.03 36.57
C VAL F 758 20.88 -31.04 37.24
N VAL F 759 19.55 -30.83 37.16
CA VAL F 759 18.61 -31.76 37.81
C VAL F 759 17.70 -32.46 36.81
N ILE F 760 17.68 -33.80 36.89
CA ILE F 760 16.85 -34.64 36.05
C ILE F 760 15.74 -35.28 36.89
N ASP F 761 14.49 -34.82 36.71
CA ASP F 761 13.36 -35.36 37.48
C ASP F 761 12.78 -36.58 36.73
N MET F 762 13.10 -37.80 37.20
CA MET F 762 12.57 -38.99 36.55
C MET F 762 11.23 -39.41 37.15
N LEU F 763 10.15 -39.12 36.43
CA LEU F 763 8.80 -39.47 36.88
C LEU F 763 8.51 -40.91 36.60
N CYS F 764 8.40 -41.72 37.63
CA CYS F 764 8.11 -43.13 37.48
C CYS F 764 7.00 -43.55 38.48
N TYR F 765 6.98 -44.80 38.97
CA TYR F 765 5.97 -45.24 39.93
C TYR F 765 6.57 -46.27 40.89
N ARG F 766 6.08 -46.30 42.12
CA ARG F 766 6.55 -47.30 43.08
C ARG F 766 5.63 -48.50 42.95
N ARG F 767 6.18 -49.66 42.63
CA ARG F 767 5.39 -50.88 42.39
C ARG F 767 4.74 -51.44 43.65
N ARG F 768 5.49 -51.59 44.73
CA ARG F 768 4.99 -52.17 45.99
C ARG F 768 5.25 -51.23 47.18
N GLY F 769 4.60 -51.48 48.31
CA GLY F 769 4.76 -50.69 49.53
C GLY F 769 6.13 -50.78 50.19
N HIS F 770 6.20 -50.53 51.50
CA HIS F 770 7.48 -50.57 52.22
C HIS F 770 7.54 -51.77 53.18
N ASN F 771 7.04 -52.92 52.73
CA ASN F 771 7.00 -54.19 53.44
C ASN F 771 6.28 -55.25 52.60
N GLU F 772 6.48 -56.54 52.90
CA GLU F 772 5.82 -57.61 52.14
C GLU F 772 4.30 -57.61 52.34
N GLY F 773 3.84 -57.25 53.53
CA GLY F 773 2.43 -57.17 53.84
C GLY F 773 1.94 -55.73 53.91
N ASP F 774 2.40 -54.91 52.96
CA ASP F 774 2.02 -53.50 52.90
C ASP F 774 1.30 -53.21 51.58
N ASP F 775 -0.01 -52.88 51.65
CA ASP F 775 -0.81 -52.55 50.46
C ASP F 775 -1.15 -51.08 50.61
N PRO F 776 -0.30 -50.16 50.11
CA PRO F 776 -0.60 -48.72 50.30
C PRO F 776 -1.86 -48.24 49.58
N SER F 777 -2.66 -49.17 48.99
CA SER F 777 -3.95 -48.85 48.39
C SER F 777 -4.99 -48.41 49.48
N MET F 778 -4.62 -48.52 50.79
CA MET F 778 -5.45 -48.05 51.90
C MET F 778 -5.43 -46.52 51.88
N THR F 779 -4.24 -45.92 51.66
CA THR F 779 -4.00 -44.48 51.60
C THR F 779 -4.21 -43.90 50.19
N GLN F 780 -3.59 -44.51 49.16
CA GLN F 780 -3.75 -44.03 47.79
C GLN F 780 -4.35 -45.12 46.90
N PRO F 781 -5.69 -45.25 46.88
CA PRO F 781 -6.29 -46.31 46.08
C PRO F 781 -6.25 -46.01 44.59
N TYR F 782 -6.52 -44.75 44.19
CA TYR F 782 -6.52 -44.39 42.78
C TYR F 782 -5.13 -44.56 42.19
N MET F 783 -4.07 -44.11 42.90
CA MET F 783 -2.71 -44.23 42.39
C MET F 783 -2.31 -45.68 42.19
N TYR F 784 -2.57 -46.51 43.19
CA TYR F 784 -2.19 -47.92 43.10
C TYR F 784 -3.13 -48.73 42.21
N ASP F 785 -4.31 -48.22 41.85
CA ASP F 785 -5.18 -48.90 40.90
C ASP F 785 -4.60 -48.81 39.48
N VAL F 786 -3.91 -47.70 39.18
CA VAL F 786 -3.26 -47.48 37.91
C VAL F 786 -2.02 -48.36 37.80
N ILE F 787 -1.16 -48.35 38.84
CA ILE F 787 0.06 -49.15 38.87
C ILE F 787 -0.27 -50.66 38.74
N ASP F 788 -1.45 -51.10 39.23
CA ASP F 788 -1.88 -52.50 39.11
C ASP F 788 -1.95 -52.93 37.66
N THR F 789 -2.41 -52.04 36.79
CA THR F 789 -2.57 -52.31 35.36
C THR F 789 -1.41 -51.79 34.51
N LYS F 790 -0.25 -51.54 35.12
CA LYS F 790 0.90 -51.03 34.40
C LYS F 790 1.80 -52.17 33.90
N ARG F 791 2.58 -51.89 32.87
CA ARG F 791 3.52 -52.86 32.33
C ARG F 791 4.94 -52.43 32.66
N GLY F 792 5.82 -53.40 32.87
CA GLY F 792 7.22 -53.13 33.20
C GLY F 792 7.93 -52.29 32.16
N SER F 793 8.66 -51.26 32.61
CA SER F 793 9.37 -50.32 31.73
C SER F 793 10.42 -50.97 30.81
N ARG F 794 10.66 -52.29 30.94
CA ARG F 794 11.55 -53.03 30.06
C ARG F 794 10.73 -53.76 29.01
N LYS F 795 9.64 -54.43 29.44
CA LYS F 795 8.78 -55.18 28.53
C LYS F 795 7.97 -54.27 27.62
N ALA F 796 7.55 -53.11 28.12
CA ALA F 796 6.79 -52.16 27.33
C ALA F 796 7.66 -51.57 26.22
N TYR F 797 8.92 -51.24 26.56
CA TYR F 797 9.89 -50.72 25.59
C TYR F 797 10.22 -51.77 24.51
N THR F 798 10.17 -53.06 24.87
CA THR F 798 10.42 -54.16 23.96
C THR F 798 9.34 -54.19 22.88
N GLU F 799 8.07 -54.04 23.27
CA GLU F 799 6.97 -54.04 22.32
C GLU F 799 7.02 -52.82 21.40
N ALA F 800 7.44 -51.67 21.94
CA ALA F 800 7.54 -50.42 21.20
C ALA F 800 8.55 -50.52 20.06
N LEU F 801 9.68 -51.20 20.31
CA LEU F 801 10.70 -51.38 19.27
C LEU F 801 10.20 -52.30 18.14
N ILE F 802 9.35 -53.29 18.46
CA ILE F 802 8.78 -54.19 17.47
C ILE F 802 7.72 -53.46 16.66
N GLY F 803 6.84 -52.74 17.35
CA GLY F 803 5.76 -51.95 16.75
C GLY F 803 6.24 -50.87 15.81
N ARG F 804 7.33 -50.20 16.18
CA ARG F 804 7.90 -49.15 15.33
C ARG F 804 8.80 -49.70 14.19
N GLY F 805 8.97 -51.02 14.10
CA GLY F 805 9.79 -51.62 13.07
C GLY F 805 11.28 -51.47 13.31
N ASP F 806 11.69 -51.09 14.53
CA ASP F 806 13.10 -50.93 14.89
C ASP F 806 13.76 -52.30 14.99
N ILE F 807 13.05 -53.29 15.56
CA ILE F 807 13.56 -54.66 15.70
C ILE F 807 12.55 -55.68 15.14
N SER F 808 13.03 -56.88 14.81
CA SER F 808 12.22 -57.98 14.26
C SER F 808 11.92 -59.03 15.35
N MET F 809 11.25 -60.14 14.98
CA MET F 809 11.00 -61.21 15.94
C MET F 809 12.28 -62.01 16.22
N LYS F 810 13.27 -61.98 15.31
CA LYS F 810 14.56 -62.61 15.57
C LYS F 810 15.29 -61.78 16.63
N GLU F 811 15.25 -60.43 16.51
CA GLU F 811 15.84 -59.52 17.49
C GLU F 811 15.07 -59.60 18.83
N ALA F 812 13.74 -59.90 18.80
CA ALA F 812 12.90 -60.13 19.99
C ALA F 812 13.32 -61.42 20.72
N GLU F 813 13.85 -62.39 19.97
CA GLU F 813 14.35 -63.62 20.56
C GLU F 813 15.75 -63.40 21.12
N ASP F 814 16.58 -62.56 20.47
CA ASP F 814 17.91 -62.19 20.96
C ASP F 814 17.80 -61.48 22.31
N ALA F 815 16.76 -60.65 22.49
CA ALA F 815 16.53 -59.91 23.72
C ALA F 815 15.88 -60.78 24.78
N LEU F 816 14.94 -61.66 24.38
CA LEU F 816 14.27 -62.53 25.33
C LEU F 816 15.19 -63.63 25.86
N ARG F 817 16.11 -64.12 25.03
CA ARG F 817 17.08 -65.10 25.47
C ARG F 817 18.08 -64.42 26.42
N ASP F 818 18.44 -63.14 26.16
CA ASP F 818 19.34 -62.40 27.04
C ASP F 818 18.69 -62.16 28.41
N TYR F 819 17.36 -61.97 28.45
CA TYR F 819 16.65 -61.76 29.72
C TYR F 819 16.76 -63.02 30.57
N GLN F 820 16.47 -64.20 30.00
CA GLN F 820 16.57 -65.45 30.74
C GLN F 820 18.01 -65.81 31.07
N GLY F 821 18.92 -65.49 30.16
CA GLY F 821 20.34 -65.75 30.31
C GLY F 821 20.99 -64.96 31.43
N GLN F 822 20.43 -63.79 31.75
CA GLN F 822 20.91 -62.97 32.85
C GLN F 822 20.13 -63.25 34.15
N LEU F 823 18.88 -63.77 34.04
CA LEU F 823 18.05 -64.13 35.19
C LEU F 823 18.55 -65.44 35.81
N GLU F 824 18.87 -66.42 34.97
CA GLU F 824 19.41 -67.70 35.39
C GLU F 824 20.82 -67.50 35.98
N ARG F 825 21.61 -66.61 35.35
CA ARG F 825 22.98 -66.23 35.70
C ARG F 825 23.13 -65.90 37.19
N VAL F 826 22.24 -65.07 37.77
CA VAL F 826 22.35 -64.69 39.18
C VAL F 826 21.70 -65.75 40.10
N PHE F 827 20.61 -66.41 39.66
CA PHE F 827 19.94 -67.42 40.48
C PHE F 827 20.80 -68.65 40.73
N ASN F 828 21.57 -69.05 39.71
CA ASN F 828 22.43 -70.21 39.82
C ASN F 828 23.75 -69.88 40.51
N GLU F 829 24.29 -68.66 40.29
CA GLU F 829 25.53 -68.26 40.94
C GLU F 829 25.34 -68.13 42.45
N VAL F 830 24.14 -67.69 42.89
CA VAL F 830 23.82 -67.53 44.30
C VAL F 830 23.55 -68.91 44.93
N ARG F 831 22.80 -69.79 44.24
CA ARG F 831 22.51 -71.13 44.76
C ARG F 831 23.80 -71.95 44.96
N GLU F 832 24.82 -71.71 44.12
CA GLU F 832 26.11 -72.39 44.20
C GLU F 832 26.98 -71.78 45.31
N LEU F 833 26.98 -70.44 45.42
CA LEU F 833 27.76 -69.75 46.44
C LEU F 833 27.16 -69.91 47.86
N GLU F 834 25.88 -70.33 47.96
CA GLU F 834 25.22 -70.56 49.26
C GLU F 834 25.72 -71.87 49.88
N LYS F 835 25.90 -72.90 49.04
CA LYS F 835 26.39 -74.21 49.48
C LYS F 835 27.85 -74.13 50.00
N HIS F 836 28.64 -73.21 49.44
CA HIS F 836 30.03 -73.00 49.86
C HIS F 836 30.08 -71.93 50.97
N GLU F 837 29.41 -72.20 52.09
CA GLU F 837 29.38 -71.28 53.22
C GLU F 837 29.23 -72.03 54.54
N LEU F 854 56.26 -41.88 67.73
CA LEU F 854 56.17 -40.76 66.79
C LEU F 854 56.68 -39.46 67.43
N ALA F 855 57.40 -38.62 66.66
CA ALA F 855 58.01 -37.36 67.14
C ALA F 855 57.07 -36.17 66.96
N THR F 856 56.43 -35.73 68.05
CA THR F 856 55.48 -34.64 67.98
C THR F 856 56.10 -33.25 68.19
N ALA F 857 57.44 -33.12 68.05
CA ALA F 857 58.07 -31.81 68.25
C ALA F 857 59.03 -31.43 67.11
N VAL F 858 59.26 -30.12 66.93
CA VAL F 858 60.17 -29.60 65.92
C VAL F 858 61.26 -28.73 66.58
N ASP F 859 62.39 -28.54 65.89
CA ASP F 859 63.48 -27.70 66.40
C ASP F 859 63.11 -26.21 66.36
N LYS F 860 63.86 -25.36 67.07
CA LYS F 860 63.54 -23.93 67.12
C LYS F 860 63.79 -23.22 65.79
N ALA F 861 64.64 -23.78 64.90
CA ALA F 861 64.89 -23.16 63.60
C ALA F 861 63.63 -23.24 62.69
N MET F 862 62.81 -24.29 62.85
CA MET F 862 61.56 -24.47 62.12
C MET F 862 60.56 -23.40 62.59
N LEU F 863 60.50 -23.16 63.91
CA LEU F 863 59.65 -22.14 64.52
C LEU F 863 60.04 -20.75 64.02
N GLN F 864 61.35 -20.50 63.90
CA GLN F 864 61.88 -19.23 63.40
C GLN F 864 61.60 -19.01 61.91
N ARG F 865 61.33 -20.08 61.15
CA ARG F 865 60.96 -19.95 59.74
C ARG F 865 59.50 -19.47 59.66
N ILE F 866 58.62 -20.04 60.52
CA ILE F 866 57.20 -19.67 60.59
C ILE F 866 57.05 -18.23 61.16
N GLY F 867 57.88 -17.87 62.14
CA GLY F 867 57.87 -16.54 62.73
C GLY F 867 58.33 -15.45 61.79
N ASP F 868 59.14 -15.81 60.78
CA ASP F 868 59.61 -14.88 59.77
C ASP F 868 58.66 -14.78 58.58
N ALA F 869 57.87 -15.83 58.33
CA ALA F 869 56.88 -15.86 57.25
C ALA F 869 55.78 -14.79 57.45
N HIS F 870 55.50 -14.42 58.71
CA HIS F 870 54.53 -13.37 58.99
C HIS F 870 55.05 -11.99 58.57
N LEU F 871 56.38 -11.82 58.41
CA LEU F 871 56.94 -10.57 57.94
C LEU F 871 57.62 -10.71 56.56
N ALA F 872 57.32 -11.79 55.81
CA ALA F 872 57.81 -12.02 54.47
C ALA F 872 56.75 -11.55 53.45
N LEU F 873 56.26 -10.34 53.67
CA LEU F 873 55.23 -9.66 52.89
C LEU F 873 55.69 -9.39 51.47
N PRO F 874 54.78 -9.49 50.49
CA PRO F 874 55.17 -9.21 49.10
C PRO F 874 55.58 -7.76 48.87
N GLU F 875 56.31 -7.51 47.77
CA GLU F 875 56.77 -6.17 47.43
C GLU F 875 55.60 -5.22 47.23
N GLY F 876 55.49 -4.26 48.14
CA GLY F 876 54.43 -3.25 48.09
C GLY F 876 53.13 -3.67 48.72
N PHE F 877 53.19 -4.59 49.69
CA PHE F 877 51.99 -5.04 50.37
C PHE F 877 51.71 -4.16 51.58
N THR F 878 50.76 -3.23 51.45
CA THR F 878 50.36 -2.33 52.53
C THR F 878 49.49 -3.08 53.55
N VAL F 879 50.08 -3.56 54.66
CA VAL F 879 49.33 -4.32 55.67
C VAL F 879 48.51 -3.39 56.55
N HIS F 880 47.29 -3.82 56.93
CA HIS F 880 46.39 -3.06 57.81
C HIS F 880 47.08 -2.78 59.14
N PRO F 881 47.00 -1.53 59.62
CA PRO F 881 47.71 -1.17 60.87
C PRO F 881 47.26 -1.94 62.11
N ARG F 882 46.05 -2.50 62.12
CA ARG F 882 45.60 -3.30 63.27
C ARG F 882 46.24 -4.71 63.24
N VAL F 883 46.63 -5.20 62.05
CA VAL F 883 47.26 -6.52 61.87
C VAL F 883 48.80 -6.42 61.87
N ARG F 884 49.33 -5.28 61.39
CA ARG F 884 50.75 -4.97 61.31
C ARG F 884 51.57 -5.37 62.57
N PRO F 885 51.19 -5.02 63.82
CA PRO F 885 52.01 -5.41 64.98
C PRO F 885 51.91 -6.88 65.33
N VAL F 886 50.84 -7.58 64.91
CA VAL F 886 50.67 -9.00 65.17
C VAL F 886 51.75 -9.82 64.44
N LEU F 887 52.16 -9.36 63.26
CA LEU F 887 53.21 -9.99 62.46
C LEU F 887 54.56 -9.87 63.17
N GLU F 888 54.85 -8.67 63.72
CA GLU F 888 56.09 -8.38 64.45
C GLU F 888 56.14 -9.08 65.81
N LYS F 889 54.98 -9.26 66.44
CA LYS F 889 54.88 -9.95 67.73
C LYS F 889 55.16 -11.45 67.54
N ARG F 890 54.70 -12.03 66.42
CA ARG F 890 54.94 -13.42 66.10
C ARG F 890 56.43 -13.69 65.73
N ARG F 891 57.13 -12.67 65.22
CA ARG F 891 58.56 -12.76 64.94
C ARG F 891 59.33 -12.81 66.29
N GLU F 892 58.87 -12.04 67.29
CA GLU F 892 59.44 -11.98 68.62
C GLU F 892 59.15 -13.28 69.39
N MET F 893 57.93 -13.80 69.27
CA MET F 893 57.48 -15.02 69.96
C MET F 893 58.26 -16.26 69.50
N ALA F 894 58.53 -16.38 68.20
CA ALA F 894 59.26 -17.52 67.64
C ALA F 894 60.76 -17.50 67.95
N TYR F 895 61.30 -16.33 68.30
CA TYR F 895 62.71 -16.18 68.61
C TYR F 895 62.96 -16.02 70.12
N GLU F 896 61.91 -15.84 70.96
CA GLU F 896 62.11 -15.68 72.40
C GLU F 896 61.20 -16.58 73.26
N GLY F 897 59.89 -16.54 73.04
CA GLY F 897 58.96 -17.35 73.81
C GLY F 897 57.67 -16.64 74.12
N ARG F 898 56.92 -17.15 75.11
CA ARG F 898 55.61 -16.62 75.51
C ARG F 898 54.64 -16.67 74.33
N ILE F 899 54.65 -17.79 73.63
CA ILE F 899 53.82 -18.00 72.45
C ILE F 899 52.37 -18.23 72.83
N ASP F 900 51.47 -17.32 72.42
CA ASP F 900 50.05 -17.42 72.72
C ASP F 900 49.38 -18.54 71.91
N TRP F 901 48.15 -18.91 72.28
CA TRP F 901 47.40 -19.97 71.61
C TRP F 901 47.26 -19.70 70.11
N ALA F 902 47.04 -18.44 69.74
CA ALA F 902 46.85 -18.01 68.35
C ALA F 902 48.05 -18.35 67.46
N PHE F 903 49.28 -18.10 67.91
CA PHE F 903 50.47 -18.41 67.13
C PHE F 903 50.79 -19.91 67.18
N ALA F 904 50.54 -20.56 68.34
CA ALA F 904 50.77 -21.99 68.54
C ALA F 904 49.96 -22.84 67.56
N GLU F 905 48.73 -22.39 67.27
CA GLU F 905 47.80 -23.02 66.34
C GLU F 905 48.38 -23.03 64.92
N LEU F 906 48.98 -21.91 64.51
CA LEU F 906 49.58 -21.74 63.19
C LEU F 906 50.95 -22.41 63.09
N LEU F 907 51.67 -22.55 64.21
CA LEU F 907 52.96 -23.22 64.22
C LEU F 907 52.79 -24.73 64.04
N ALA F 908 51.70 -25.31 64.60
CA ALA F 908 51.38 -26.72 64.49
C ALA F 908 51.05 -27.10 63.05
N LEU F 909 50.34 -26.22 62.34
CA LEU F 909 50.00 -26.47 60.94
C LEU F 909 51.14 -26.04 60.00
N GLY F 910 51.88 -25.00 60.37
CA GLY F 910 52.99 -24.49 59.59
C GLY F 910 54.13 -25.48 59.47
N SER F 911 54.33 -26.31 60.50
CA SER F 911 55.36 -27.34 60.49
C SER F 911 54.93 -28.51 59.60
N LEU F 912 53.61 -28.85 59.60
CA LEU F 912 53.03 -29.92 58.81
C LEU F 912 53.04 -29.59 57.29
N ILE F 913 52.87 -28.30 56.94
CA ILE F 913 52.90 -27.87 55.54
C ILE F 913 54.33 -27.94 55.03
N ALA F 914 55.30 -27.46 55.82
CA ALA F 914 56.73 -27.54 55.48
C ALA F 914 57.22 -28.99 55.40
N GLU F 915 56.61 -29.90 56.16
CA GLU F 915 56.94 -31.33 56.12
C GLU F 915 56.46 -31.95 54.80
N GLY F 916 55.33 -31.48 54.29
CA GLY F 916 54.78 -31.96 53.03
C GLY F 916 53.36 -32.47 53.12
N LYS F 917 52.62 -32.07 54.17
CA LYS F 917 51.24 -32.53 54.35
C LYS F 917 50.24 -31.44 53.99
N LEU F 918 49.10 -31.85 53.43
CA LEU F 918 48.02 -30.94 53.05
C LEU F 918 47.21 -30.56 54.28
N VAL F 919 46.95 -29.26 54.47
CA VAL F 919 46.17 -28.75 55.60
C VAL F 919 44.95 -28.01 55.07
N ARG F 920 43.73 -28.45 55.43
CA ARG F 920 42.51 -27.78 54.99
C ARG F 920 41.73 -27.21 56.17
N LEU F 921 42.04 -25.98 56.55
CA LEU F 921 41.37 -25.32 57.67
C LEU F 921 40.33 -24.36 57.14
N SER F 922 39.06 -24.66 57.38
CA SER F 922 37.98 -23.81 56.90
C SER F 922 36.79 -23.87 57.82
N GLY F 923 36.25 -22.71 58.13
CA GLY F 923 35.08 -22.59 58.97
C GLY F 923 34.45 -21.21 58.89
N GLN F 924 33.44 -20.96 59.72
CA GLN F 924 32.76 -19.67 59.72
C GLN F 924 33.71 -18.59 60.24
N ASP F 925 34.09 -17.64 59.34
CA ASP F 925 34.99 -16.52 59.60
C ASP F 925 36.35 -16.98 60.13
N THR F 926 36.81 -18.15 59.67
CA THR F 926 38.06 -18.76 60.10
C THR F 926 39.28 -18.06 59.45
N GLN F 927 39.15 -17.47 58.25
CA GLN F 927 40.25 -16.78 57.57
C GLN F 927 40.88 -15.71 58.45
N ARG F 928 40.08 -14.80 58.98
CA ARG F 928 40.58 -13.78 59.90
C ARG F 928 40.65 -14.34 61.32
N GLY F 929 39.67 -15.13 61.70
CA GLY F 929 39.57 -15.70 63.02
C GLY F 929 38.34 -15.15 63.69
N THR F 930 37.53 -16.03 64.29
CA THR F 930 36.28 -15.65 64.96
C THR F 930 36.50 -14.51 66.00
N PHE F 931 37.59 -14.61 66.76
CA PHE F 931 37.90 -13.66 67.82
C PHE F 931 39.15 -12.84 67.49
N THR F 932 39.39 -12.57 66.20
CA THR F 932 40.54 -11.83 65.66
C THR F 932 41.85 -12.45 66.17
N GLN F 933 42.03 -13.75 65.94
CA GLN F 933 43.22 -14.44 66.44
C GLN F 933 44.01 -15.19 65.37
N ARG F 934 43.34 -15.77 64.35
CA ARG F 934 44.03 -16.58 63.34
C ARG F 934 44.91 -15.76 62.38
N HIS F 935 44.30 -14.88 61.56
CA HIS F 935 44.98 -14.05 60.56
C HIS F 935 45.79 -14.91 59.59
N ALA F 936 45.23 -16.06 59.18
CA ALA F 936 45.85 -16.96 58.21
C ALA F 936 45.93 -16.31 56.81
N VAL F 937 45.02 -15.35 56.54
CA VAL F 937 44.93 -14.55 55.34
C VAL F 937 44.85 -13.08 55.76
N ILE F 938 45.81 -12.27 55.34
CA ILE F 938 45.78 -10.84 55.67
C ILE F 938 45.55 -10.06 54.37
N VAL F 939 44.69 -9.03 54.42
CA VAL F 939 44.35 -8.29 53.21
C VAL F 939 44.91 -6.88 53.24
N ASP F 940 45.51 -6.49 52.10
CA ASP F 940 46.11 -5.19 51.85
C ASP F 940 45.05 -4.12 52.01
N ARG F 941 45.41 -3.03 52.69
CA ARG F 941 44.48 -1.94 52.96
C ARG F 941 44.21 -1.11 51.70
N LYS F 942 45.23 -0.91 50.86
CA LYS F 942 45.09 -0.10 49.64
C LYS F 942 44.59 -0.89 48.44
N THR F 943 45.16 -2.08 48.20
CA THR F 943 44.85 -2.85 47.00
C THR F 943 43.72 -3.87 47.21
N GLY F 944 43.81 -4.65 48.27
CA GLY F 944 42.83 -5.69 48.54
C GLY F 944 43.32 -7.08 48.19
N GLU F 945 44.64 -7.25 48.07
CA GLU F 945 45.21 -8.56 47.75
C GLU F 945 45.28 -9.42 49.00
N GLU F 946 45.23 -10.74 48.82
CA GLU F 946 45.31 -11.65 49.93
C GLU F 946 46.71 -12.18 50.11
N PHE F 947 47.16 -12.35 51.35
CA PHE F 947 48.49 -12.88 51.63
C PHE F 947 48.40 -14.01 52.65
N THR F 948 48.99 -15.16 52.33
CA THR F 948 48.99 -16.29 53.24
C THR F 948 50.41 -16.60 53.67
N PRO F 949 50.72 -16.45 54.96
CA PRO F 949 52.09 -16.75 55.42
C PRO F 949 52.36 -18.25 55.53
N LEU F 950 51.33 -19.09 55.74
CA LEU F 950 51.53 -20.53 55.86
C LEU F 950 51.82 -21.21 54.52
N GLN F 951 51.48 -20.57 53.40
CA GLN F 951 51.79 -21.12 52.09
C GLN F 951 53.29 -20.94 51.73
N LEU F 952 53.99 -20.00 52.40
CA LEU F 952 55.42 -19.78 52.19
C LEU F 952 56.26 -20.99 52.67
N LEU F 953 55.75 -21.72 53.68
CA LEU F 953 56.37 -22.92 54.24
C LEU F 953 56.31 -24.11 53.28
N ALA F 954 55.38 -24.10 52.30
CA ALA F 954 55.28 -25.17 51.31
C ALA F 954 56.44 -25.16 50.28
N THR F 955 57.43 -24.27 50.46
CA THR F 955 58.60 -24.17 49.61
C THR F 955 59.84 -24.10 50.48
N ASN F 956 60.67 -25.16 50.45
CA ASN F 956 61.91 -25.25 51.22
C ASN F 956 62.90 -24.14 50.82
N PRO F 957 63.81 -23.75 51.73
CA PRO F 957 64.75 -22.65 51.41
C PRO F 957 65.54 -22.86 50.12
N ASP F 958 65.79 -24.10 49.75
CA ASP F 958 66.54 -24.42 48.53
C ASP F 958 65.66 -24.34 47.25
N GLY F 959 64.47 -23.77 47.34
CA GLY F 959 63.58 -23.62 46.20
C GLY F 959 62.66 -24.79 45.92
N THR F 960 63.02 -25.97 46.43
CA THR F 960 62.23 -27.18 46.21
C THR F 960 60.90 -27.13 46.94
N PRO F 961 59.80 -27.45 46.24
CA PRO F 961 58.51 -27.48 46.92
C PRO F 961 58.40 -28.68 47.84
N THR F 962 57.82 -28.47 49.02
CA THR F 962 57.67 -29.52 50.01
C THR F 962 56.56 -30.52 49.67
N GLY F 963 55.59 -30.09 48.87
CA GLY F 963 54.44 -30.94 48.54
C GLY F 963 53.22 -30.65 49.39
N GLY F 964 53.38 -29.84 50.42
CA GLY F 964 52.29 -29.45 51.32
C GLY F 964 51.51 -28.27 50.76
N LYS F 965 50.34 -28.01 51.35
CA LYS F 965 49.51 -26.91 50.90
C LYS F 965 48.58 -26.45 52.00
N PHE F 966 48.27 -25.16 52.02
CA PHE F 966 47.37 -24.58 53.00
C PHE F 966 46.09 -24.12 52.32
N LEU F 967 44.96 -24.74 52.69
CA LEU F 967 43.65 -24.40 52.15
C LEU F 967 42.82 -23.73 53.24
N VAL F 968 42.68 -22.39 53.20
CA VAL F 968 41.91 -21.66 54.20
C VAL F 968 40.78 -20.88 53.53
N TYR F 969 39.53 -21.25 53.87
CA TYR F 969 38.36 -20.61 53.29
C TYR F 969 37.35 -20.18 54.35
N ASN F 970 36.42 -19.28 53.99
CA ASN F 970 35.35 -18.85 54.88
C ASN F 970 34.06 -19.51 54.44
N SER F 971 33.54 -20.45 55.23
CA SER F 971 32.32 -21.16 54.89
C SER F 971 31.09 -20.26 54.98
N ALA F 972 30.02 -20.68 54.29
CA ALA F 972 28.72 -20.00 54.29
C ALA F 972 28.08 -20.07 55.72
N LEU F 973 26.88 -19.49 55.94
CA LEU F 973 26.22 -19.56 57.25
C LEU F 973 25.52 -20.91 57.42
N SER F 974 26.24 -21.99 57.08
CA SER F 974 25.79 -23.37 57.13
C SER F 974 26.50 -24.16 58.24
N GLU F 975 25.81 -25.18 58.75
CA GLU F 975 26.36 -26.03 59.79
C GLU F 975 26.36 -27.47 59.32
N PHE F 976 25.19 -28.00 58.93
CA PHE F 976 25.03 -29.38 58.48
C PHE F 976 25.99 -29.71 57.33
N ALA F 977 26.01 -28.88 56.30
CA ALA F 977 26.85 -29.12 55.15
C ALA F 977 28.30 -28.72 55.38
N ALA F 978 28.57 -27.71 56.24
CA ALA F 978 29.94 -27.29 56.51
C ALA F 978 30.73 -28.41 57.17
N VAL F 979 30.09 -29.12 58.11
CA VAL F 979 30.69 -30.23 58.84
C VAL F 979 30.69 -31.50 57.94
N GLY F 980 29.64 -31.70 57.17
CA GLY F 980 29.57 -32.85 56.26
C GLY F 980 30.55 -32.78 55.11
N PHE F 981 30.96 -31.57 54.70
CA PHE F 981 31.90 -31.38 53.61
C PHE F 981 33.31 -31.71 54.06
N GLU F 982 33.73 -31.18 55.23
CA GLU F 982 35.07 -31.45 55.75
C GLU F 982 35.25 -32.93 56.10
N TYR F 983 34.17 -33.60 56.57
CA TYR F 983 34.20 -35.01 56.88
C TYR F 983 34.44 -35.81 55.60
N GLY F 984 33.73 -35.47 54.53
CA GLY F 984 33.87 -36.10 53.24
C GLY F 984 35.23 -35.90 52.63
N TYR F 985 35.90 -34.78 52.97
CA TYR F 985 37.24 -34.47 52.50
C TYR F 985 38.24 -35.40 53.19
N SER F 986 38.08 -35.67 54.50
CA SER F 986 38.98 -36.59 55.22
C SER F 986 38.78 -38.06 54.79
N VAL F 987 37.67 -38.38 54.09
CA VAL F 987 37.37 -39.71 53.57
C VAL F 987 37.97 -39.85 52.15
N GLY F 988 37.81 -38.80 51.34
CA GLY F 988 38.35 -38.74 49.99
C GLY F 988 39.87 -38.65 49.95
N ASN F 989 40.45 -37.97 50.96
CA ASN F 989 41.90 -37.81 51.10
C ASN F 989 42.29 -37.97 52.57
N PRO F 990 42.67 -39.19 52.98
CA PRO F 990 43.02 -39.41 54.39
C PRO F 990 44.30 -38.70 54.81
N ASP F 991 45.24 -38.53 53.86
CA ASP F 991 46.53 -37.89 54.10
C ASP F 991 46.39 -36.38 54.06
N ALA F 992 45.40 -35.88 54.77
CA ALA F 992 45.14 -34.46 54.84
C ALA F 992 44.60 -34.09 56.20
N MET F 993 45.20 -33.04 56.78
CA MET F 993 44.84 -32.46 58.06
C MET F 993 43.58 -31.62 57.85
N VAL F 994 42.39 -32.23 57.92
CA VAL F 994 41.14 -31.48 57.67
C VAL F 994 40.62 -30.91 58.99
N LEU F 995 40.53 -29.57 59.10
CA LEU F 995 40.05 -28.92 60.31
C LEU F 995 38.84 -28.02 60.07
N TRP F 996 37.77 -28.17 60.88
CA TRP F 996 36.59 -27.32 60.80
C TRP F 996 36.40 -26.53 62.08
N GLU F 997 36.42 -25.19 61.98
CA GLU F 997 36.26 -24.34 63.16
C GLU F 997 34.87 -23.70 63.16
N ALA F 998 34.10 -23.93 64.23
CA ALA F 998 32.81 -23.27 64.40
C ALA F 998 33.03 -21.82 64.90
N GLN F 999 32.02 -20.95 64.78
CA GLN F 999 32.13 -19.58 65.33
C GLN F 999 32.17 -19.72 66.87
N PHE F 1000 31.20 -20.48 67.41
CA PHE F 1000 31.08 -20.87 68.81
C PHE F 1000 30.67 -22.33 68.84
N GLY F 1001 31.21 -23.07 69.81
CA GLY F 1001 30.92 -24.50 69.92
C GLY F 1001 29.44 -24.83 70.01
N ASP F 1002 28.67 -23.93 70.62
CA ASP F 1002 27.24 -24.03 70.87
C ASP F 1002 26.40 -24.20 69.59
N PHE F 1003 26.91 -23.75 68.45
CA PHE F 1003 26.16 -23.85 67.19
C PHE F 1003 26.30 -25.20 66.49
N VAL F 1004 27.02 -26.16 67.08
CA VAL F 1004 27.26 -27.46 66.47
C VAL F 1004 25.98 -28.32 66.39
N ASN F 1005 24.97 -28.04 67.23
CA ASN F 1005 23.72 -28.81 67.25
C ASN F 1005 22.97 -28.82 65.90
N GLY F 1006 23.30 -27.89 65.01
CA GLY F 1006 22.70 -27.86 63.68
C GLY F 1006 23.16 -29.03 62.85
N ALA F 1007 24.46 -29.38 62.97
CA ALA F 1007 25.06 -30.50 62.26
C ALA F 1007 25.09 -31.77 63.11
N GLN F 1008 24.14 -31.93 64.05
CA GLN F 1008 24.12 -33.09 64.93
C GLN F 1008 24.00 -34.40 64.17
N SER F 1009 23.36 -34.40 62.99
CA SER F 1009 23.24 -35.63 62.20
C SER F 1009 24.58 -36.08 61.66
N ILE F 1010 25.46 -35.12 61.29
CA ILE F 1010 26.79 -35.45 60.78
C ILE F 1010 27.65 -36.06 61.92
N ILE F 1011 27.51 -35.53 63.14
CA ILE F 1011 28.26 -36.06 64.29
C ILE F 1011 27.74 -37.46 64.68
N ASP F 1012 26.42 -37.61 64.83
CA ASP F 1012 25.78 -38.86 65.26
C ASP F 1012 25.88 -39.99 64.25
N GLU F 1013 25.75 -39.67 62.95
CA GLU F 1013 25.70 -40.71 61.94
C GLU F 1013 26.97 -40.92 61.14
N PHE F 1014 27.78 -39.87 60.92
CA PHE F 1014 28.96 -39.99 60.08
C PHE F 1014 30.29 -39.97 60.83
N ILE F 1015 30.45 -39.11 61.84
CA ILE F 1015 31.74 -38.98 62.51
C ILE F 1015 31.94 -40.07 63.60
N SER F 1016 31.04 -40.13 64.61
CA SER F 1016 31.13 -41.06 65.74
C SER F 1016 30.96 -42.52 65.31
N SER F 1017 29.91 -42.81 64.54
CA SER F 1017 29.64 -44.17 64.10
C SER F 1017 30.13 -44.45 62.67
N GLY F 1018 30.97 -43.57 62.10
CA GLY F 1018 31.48 -43.76 60.76
C GLY F 1018 32.54 -44.85 60.71
N GLU F 1019 33.58 -44.68 61.54
CA GLU F 1019 34.67 -45.65 61.66
C GLU F 1019 34.18 -47.04 62.15
N ALA F 1020 32.87 -47.18 62.51
CA ALA F 1020 32.35 -48.43 63.02
C ALA F 1020 31.21 -49.06 62.17
N LYS F 1021 30.10 -48.33 61.89
CA LYS F 1021 28.95 -48.89 61.15
C LYS F 1021 29.35 -49.44 59.80
N TRP F 1022 30.24 -48.73 59.11
CA TRP F 1022 30.66 -49.12 57.77
C TRP F 1022 32.17 -49.28 57.71
N GLY F 1023 32.89 -48.34 58.31
CA GLY F 1023 34.34 -48.35 58.32
C GLY F 1023 34.99 -47.13 57.69
N GLN F 1024 34.18 -46.10 57.37
CA GLN F 1024 34.69 -44.87 56.76
C GLN F 1024 35.49 -44.09 57.80
N LEU F 1025 36.81 -44.28 57.75
CA LEU F 1025 37.78 -43.69 58.66
C LEU F 1025 37.78 -42.18 58.58
N SER F 1026 37.44 -41.52 59.68
CA SER F 1026 37.38 -40.06 59.72
C SER F 1026 38.64 -39.45 60.34
N ASP F 1027 39.38 -38.65 59.56
CA ASP F 1027 40.56 -37.95 60.08
C ASP F 1027 40.28 -36.46 60.15
N VAL F 1028 39.12 -36.11 60.72
CA VAL F 1028 38.72 -34.71 60.82
C VAL F 1028 39.00 -34.16 62.21
N VAL F 1029 39.30 -32.86 62.28
CA VAL F 1029 39.54 -32.16 63.53
C VAL F 1029 38.46 -31.10 63.66
N LEU F 1030 37.71 -31.12 64.75
CA LEU F 1030 36.62 -30.17 64.93
C LEU F 1030 36.91 -29.17 66.04
N LEU F 1031 37.49 -27.99 65.69
CA LEU F 1031 37.76 -26.95 66.67
C LEU F 1031 36.46 -26.28 67.10
N LEU F 1032 36.12 -26.38 68.40
CA LEU F 1032 34.89 -25.79 68.92
C LEU F 1032 35.19 -24.81 70.03
N PRO F 1033 35.05 -23.49 69.77
CA PRO F 1033 35.31 -22.51 70.82
C PRO F 1033 34.40 -22.71 72.04
N HIS F 1034 35.02 -23.15 73.13
CA HIS F 1034 34.38 -23.46 74.40
C HIS F 1034 35.05 -22.65 75.49
N GLY F 1035 34.26 -21.95 76.28
CA GLY F 1035 34.79 -21.15 77.38
C GLY F 1035 33.67 -20.54 78.20
N HIS F 1036 33.72 -20.70 79.52
CA HIS F 1036 32.67 -20.14 80.37
C HIS F 1036 32.98 -18.69 80.71
N GLU F 1037 32.40 -17.77 79.93
CA GLU F 1037 32.55 -16.33 80.12
C GLU F 1037 31.22 -15.64 80.44
N GLY F 1038 30.10 -16.30 80.17
CA GLY F 1038 28.77 -15.78 80.46
C GLY F 1038 28.14 -14.96 79.36
N GLN F 1039 28.66 -15.08 78.13
CA GLN F 1039 28.11 -14.33 77.00
C GLN F 1039 26.78 -14.94 76.49
N GLY F 1040 26.07 -15.69 77.34
CA GLY F 1040 24.81 -16.33 76.98
C GLY F 1040 24.94 -17.83 76.88
N PRO F 1041 23.81 -18.53 76.83
CA PRO F 1041 23.86 -20.00 76.71
C PRO F 1041 24.36 -20.46 75.34
N ASP F 1042 24.19 -19.63 74.31
CA ASP F 1042 24.63 -19.95 72.97
C ASP F 1042 26.00 -19.35 72.65
N HIS F 1043 26.76 -18.87 73.65
CA HIS F 1043 28.07 -18.31 73.43
C HIS F 1043 29.02 -18.69 74.58
N THR F 1044 28.91 -19.94 75.07
CA THR F 1044 29.74 -20.38 76.19
C THR F 1044 30.14 -21.88 76.06
N SER F 1045 29.22 -22.85 76.27
CA SER F 1045 29.56 -24.27 76.27
C SER F 1045 29.25 -24.99 74.97
N GLY F 1046 30.26 -25.63 74.41
CA GLY F 1046 30.14 -26.44 73.20
C GLY F 1046 29.62 -27.84 73.46
N ARG F 1047 28.96 -28.05 74.63
CA ARG F 1047 28.34 -29.30 75.07
C ARG F 1047 29.27 -30.52 74.96
N ILE F 1048 30.25 -30.63 75.88
CA ILE F 1048 31.20 -31.77 75.86
C ILE F 1048 30.51 -33.08 76.28
N GLU F 1049 29.53 -32.97 77.18
CA GLU F 1049 28.75 -34.08 77.73
C GLU F 1049 28.21 -35.03 76.68
N ARG F 1050 27.84 -34.51 75.51
CA ARG F 1050 27.29 -35.31 74.43
C ARG F 1050 28.36 -36.10 73.68
N PHE F 1051 29.53 -35.47 73.44
CA PHE F 1051 30.64 -36.12 72.74
C PHE F 1051 31.11 -37.33 73.54
N LEU F 1052 31.27 -37.15 74.85
CA LEU F 1052 31.69 -38.19 75.77
C LEU F 1052 30.62 -39.30 75.85
N GLN F 1053 29.33 -38.91 75.79
CA GLN F 1053 28.21 -39.83 75.84
C GLN F 1053 28.18 -40.79 74.65
N LEU F 1054 28.59 -40.34 73.46
CA LEU F 1054 28.61 -41.22 72.28
C LEU F 1054 30.00 -41.77 71.96
N TRP F 1055 30.92 -41.76 72.93
CA TRP F 1055 32.26 -42.27 72.73
C TRP F 1055 32.34 -43.75 73.10
N ALA F 1056 32.80 -44.55 72.16
CA ALA F 1056 33.03 -45.99 72.35
C ALA F 1056 34.54 -46.25 72.40
N GLU F 1057 34.98 -47.45 72.83
CA GLU F 1057 36.41 -47.76 72.88
C GLU F 1057 37.08 -47.60 71.51
N GLY F 1058 37.86 -46.53 71.37
CA GLY F 1058 38.61 -46.20 70.16
C GLY F 1058 37.78 -45.85 68.95
N SER F 1059 36.92 -44.83 69.06
CA SER F 1059 36.11 -44.37 67.92
C SER F 1059 36.41 -42.88 67.64
N MET F 1060 36.68 -42.10 68.69
CA MET F 1060 37.00 -40.66 68.61
C MET F 1060 38.10 -40.29 69.63
N THR F 1061 38.53 -39.01 69.62
CA THR F 1061 39.54 -38.51 70.55
C THR F 1061 39.12 -37.11 71.04
N ILE F 1062 38.28 -37.05 72.07
CA ILE F 1062 37.83 -35.76 72.62
C ILE F 1062 38.99 -35.18 73.43
N ALA F 1063 39.30 -33.89 73.24
CA ALA F 1063 40.41 -33.27 73.93
C ALA F 1063 40.12 -31.83 74.33
N MET F 1064 40.66 -31.38 75.46
CA MET F 1064 40.47 -30.01 75.93
C MET F 1064 41.81 -29.47 76.40
N PRO F 1065 42.56 -28.81 75.51
CA PRO F 1065 43.90 -28.34 75.90
C PRO F 1065 43.85 -27.08 76.75
N SER F 1066 44.88 -26.91 77.59
CA SER F 1066 44.99 -25.77 78.51
C SER F 1066 46.19 -24.89 78.18
N THR F 1067 47.22 -25.43 77.54
CA THR F 1067 48.42 -24.66 77.22
C THR F 1067 48.66 -24.64 75.71
N PRO F 1068 49.22 -23.54 75.18
CA PRO F 1068 49.47 -23.45 73.74
C PRO F 1068 50.43 -24.53 73.24
N ALA F 1069 51.41 -24.91 74.07
CA ALA F 1069 52.36 -25.95 73.72
C ALA F 1069 51.67 -27.30 73.57
N ASN F 1070 50.69 -27.60 74.44
CA ASN F 1070 49.99 -28.88 74.40
C ASN F 1070 49.11 -28.99 73.16
N TYR F 1071 48.45 -27.90 72.78
CA TYR F 1071 47.62 -27.88 71.59
C TYR F 1071 48.49 -28.08 70.34
N PHE F 1072 49.69 -27.49 70.34
CA PHE F 1072 50.66 -27.60 69.25
C PHE F 1072 51.07 -29.08 69.03
N HIS F 1073 51.33 -29.81 70.13
CA HIS F 1073 51.70 -31.22 70.07
C HIS F 1073 50.50 -32.11 69.75
N LEU F 1074 49.29 -31.70 70.16
CA LEU F 1074 48.05 -32.42 69.92
C LEU F 1074 47.75 -32.49 68.42
N LEU F 1075 47.89 -31.36 67.72
CA LEU F 1075 47.63 -31.29 66.28
C LEU F 1075 48.70 -32.05 65.52
N ARG F 1076 49.96 -31.88 65.91
CA ARG F 1076 51.07 -32.57 65.27
C ARG F 1076 50.98 -34.08 65.45
N ARG F 1077 50.53 -34.51 66.63
CA ARG F 1077 50.36 -35.92 66.93
C ARG F 1077 49.23 -36.50 66.11
N HIS F 1078 48.08 -35.80 66.04
CA HIS F 1078 46.96 -36.30 65.25
C HIS F 1078 47.25 -36.26 63.73
N GLY F 1079 48.06 -35.31 63.30
CA GLY F 1079 48.41 -35.18 61.90
C GLY F 1079 49.46 -36.17 61.43
N LYS F 1080 50.22 -36.75 62.36
CA LYS F 1080 51.29 -37.69 61.99
C LYS F 1080 51.15 -39.06 62.66
N ASP F 1081 49.99 -39.38 63.26
CA ASP F 1081 49.80 -40.69 63.90
C ASP F 1081 49.52 -41.81 62.89
N GLY F 1082 48.91 -41.46 61.75
CA GLY F 1082 48.56 -42.44 60.73
C GLY F 1082 47.16 -42.97 60.96
N ILE F 1083 46.82 -43.22 62.23
CA ILE F 1083 45.52 -43.73 62.66
C ILE F 1083 44.44 -42.70 62.41
N GLN F 1084 43.46 -43.07 61.60
CA GLN F 1084 42.37 -42.20 61.27
C GLN F 1084 41.38 -42.17 62.40
N ARG F 1085 41.39 -41.10 63.18
CA ARG F 1085 40.46 -40.95 64.30
C ARG F 1085 40.07 -39.51 64.47
N PRO F 1086 38.76 -39.22 64.53
CA PRO F 1086 38.33 -37.83 64.67
C PRO F 1086 38.70 -37.21 66.01
N LEU F 1087 39.47 -36.11 65.97
CA LEU F 1087 39.93 -35.39 67.17
C LEU F 1087 39.07 -34.14 67.40
N ILE F 1088 38.22 -34.16 68.44
CA ILE F 1088 37.33 -33.04 68.76
C ILE F 1088 38.05 -32.09 69.74
N VAL F 1089 38.69 -31.04 69.24
CA VAL F 1089 39.42 -30.09 70.08
C VAL F 1089 38.50 -28.95 70.54
N PHE F 1090 38.63 -28.53 71.81
CA PHE F 1090 37.83 -27.43 72.34
C PHE F 1090 38.72 -26.22 72.61
N THR F 1091 38.91 -25.39 71.58
CA THR F 1091 39.72 -24.19 71.66
C THR F 1091 39.10 -23.17 72.62
N PRO F 1092 39.91 -22.41 73.37
CA PRO F 1092 39.34 -21.41 74.29
C PRO F 1092 38.94 -20.14 73.56
N LYS F 1093 38.28 -19.23 74.30
CA LYS F 1093 37.83 -17.99 73.72
C LYS F 1093 38.57 -16.82 74.38
N SER F 1094 38.40 -16.64 75.69
CA SER F 1094 39.07 -15.57 76.42
C SER F 1094 40.55 -15.90 76.65
N MET F 1095 40.84 -17.18 76.95
CA MET F 1095 42.17 -17.67 77.24
C MET F 1095 43.15 -17.55 76.05
N LEU F 1096 42.69 -17.08 74.88
CA LEU F 1096 43.56 -16.87 73.74
C LEU F 1096 44.47 -15.67 74.03
N ARG F 1097 43.87 -14.57 74.51
CA ARG F 1097 44.60 -13.36 74.86
C ARG F 1097 45.02 -13.32 76.34
N ASN F 1098 44.88 -14.44 77.07
CA ASN F 1098 45.28 -14.50 78.47
C ASN F 1098 46.79 -14.46 78.55
N LYS F 1099 47.34 -13.51 79.32
CA LYS F 1099 48.80 -13.40 79.44
C LYS F 1099 49.42 -14.60 80.16
N ALA F 1100 48.64 -15.31 80.98
CA ALA F 1100 49.11 -16.49 81.68
C ALA F 1100 49.17 -17.71 80.76
N ALA F 1101 48.24 -17.82 79.82
CA ALA F 1101 48.20 -18.94 78.90
C ALA F 1101 49.21 -18.78 77.75
N VAL F 1102 50.49 -18.85 78.08
CA VAL F 1102 51.59 -18.73 77.11
C VAL F 1102 52.48 -20.01 77.17
N SER F 1103 53.51 -20.10 76.31
CA SER F 1103 54.42 -21.24 76.33
C SER F 1103 55.82 -20.84 75.83
N ASP F 1104 56.86 -21.33 76.51
CA ASP F 1104 58.25 -21.05 76.17
C ASP F 1104 58.70 -21.88 74.96
N ILE F 1105 59.87 -21.56 74.39
CA ILE F 1105 60.37 -22.31 73.25
C ILE F 1105 60.68 -23.75 73.63
N ARG F 1106 61.24 -23.98 74.83
CA ARG F 1106 61.58 -25.34 75.27
C ARG F 1106 60.34 -26.27 75.32
N ASP F 1107 59.13 -25.70 75.41
CA ASP F 1107 57.91 -26.51 75.43
C ASP F 1107 57.60 -27.05 74.04
N PHE F 1108 57.81 -26.22 73.02
CA PHE F 1108 57.56 -26.58 71.63
C PHE F 1108 58.68 -27.47 71.04
N THR F 1109 59.91 -27.36 71.59
CA THR F 1109 61.04 -28.10 71.06
C THR F 1109 61.38 -29.35 71.88
N GLU F 1110 61.55 -29.22 73.20
CA GLU F 1110 61.98 -30.35 74.03
C GLU F 1110 60.81 -30.98 74.82
N SER F 1111 59.68 -31.26 74.15
CA SER F 1111 58.53 -31.84 74.83
C SER F 1111 57.60 -32.61 73.86
N LYS F 1112 56.69 -33.43 74.42
CA LYS F 1112 55.70 -34.18 73.66
C LYS F 1112 54.27 -33.85 74.16
N PHE F 1113 53.22 -34.45 73.55
CA PHE F 1113 51.84 -34.20 73.97
C PHE F 1113 51.62 -34.78 75.38
N ARG F 1114 50.92 -34.04 76.23
CA ARG F 1114 50.63 -34.49 77.58
C ARG F 1114 49.15 -34.71 77.77
N SER F 1115 48.72 -35.95 77.95
CA SER F 1115 47.31 -36.26 78.20
C SER F 1115 46.90 -35.90 79.65
N VAL F 1116 47.87 -35.86 80.57
CA VAL F 1116 47.69 -35.49 81.98
C VAL F 1116 48.74 -34.42 82.31
N LEU F 1117 48.34 -33.35 83.02
CA LEU F 1117 49.27 -32.26 83.30
C LEU F 1117 49.30 -31.78 84.75
N GLU F 1118 50.47 -31.93 85.39
CA GLU F 1118 50.70 -31.47 86.75
C GLU F 1118 51.01 -29.97 86.77
N GLU F 1119 51.01 -29.38 87.96
CA GLU F 1119 51.37 -27.98 88.12
C GLU F 1119 52.85 -27.72 87.76
N PRO F 1120 53.26 -26.46 87.48
CA PRO F 1120 54.67 -26.20 87.12
C PRO F 1120 55.64 -26.21 88.30
N MET F 1121 55.15 -26.06 89.54
CA MET F 1121 56.00 -26.04 90.72
C MET F 1121 56.46 -27.45 91.11
N TYR F 1122 55.61 -28.46 90.91
CA TYR F 1122 55.96 -29.83 91.26
C TYR F 1122 56.84 -30.48 90.20
N THR F 1123 56.72 -30.05 88.93
CA THR F 1123 57.48 -30.65 87.84
C THR F 1123 58.84 -29.96 87.62
N ASP F 1124 58.88 -28.62 87.56
CA ASP F 1124 60.13 -27.92 87.29
C ASP F 1124 60.62 -27.09 88.46
N GLY F 1125 59.73 -26.38 89.12
CA GLY F 1125 60.11 -25.56 90.26
C GLY F 1125 60.32 -26.36 91.53
N GLU F 1126 60.60 -25.66 92.64
CA GLU F 1126 60.77 -26.31 93.92
C GLU F 1126 59.40 -26.47 94.58
N GLY F 1127 58.76 -27.61 94.35
CA GLY F 1127 57.44 -27.88 94.89
C GLY F 1127 57.36 -29.16 95.69
N ASP F 1128 56.70 -29.10 96.84
CA ASP F 1128 56.57 -30.25 97.72
C ASP F 1128 55.28 -31.00 97.43
N ARG F 1129 55.43 -32.23 96.96
CA ARG F 1129 54.29 -33.09 96.66
C ARG F 1129 53.64 -33.66 97.93
N ASN F 1130 54.40 -33.81 99.02
CA ASN F 1130 53.85 -34.33 100.27
C ASN F 1130 52.89 -33.34 100.91
N LYS F 1131 53.21 -32.04 100.83
CA LYS F 1131 52.38 -30.97 101.41
C LYS F 1131 50.91 -31.04 100.98
N VAL F 1132 50.63 -31.65 99.83
CA VAL F 1132 49.30 -31.76 99.26
C VAL F 1132 48.38 -32.72 100.01
N THR F 1133 47.23 -32.19 100.48
CA THR F 1133 46.16 -32.89 101.18
C THR F 1133 44.87 -32.85 100.34
N ARG F 1134 44.61 -31.70 99.68
CA ARG F 1134 43.46 -31.43 98.82
C ARG F 1134 43.86 -31.60 97.34
N LEU F 1135 43.21 -32.52 96.63
CA LEU F 1135 43.53 -32.75 95.23
C LEU F 1135 42.44 -32.24 94.29
N LEU F 1136 42.84 -31.40 93.33
CA LEU F 1136 41.92 -30.86 92.35
C LEU F 1136 42.23 -31.40 90.95
N LEU F 1137 41.17 -31.82 90.26
CA LEU F 1137 41.23 -32.33 88.89
C LEU F 1137 40.41 -31.37 88.02
N THR F 1138 40.97 -30.85 86.93
CA THR F 1138 40.28 -29.88 86.07
C THR F 1138 40.62 -30.14 84.57
N SER F 1139 40.15 -29.27 83.62
CA SER F 1139 40.46 -29.48 82.21
C SER F 1139 40.63 -28.19 81.40
N GLY F 1140 39.68 -27.26 81.53
CA GLY F 1140 39.71 -26.03 80.75
C GLY F 1140 40.61 -24.92 81.26
N LYS F 1141 40.24 -23.66 80.95
CA LYS F 1141 40.95 -22.46 81.37
C LYS F 1141 40.85 -22.20 82.88
N ILE F 1142 39.84 -22.80 83.54
CA ILE F 1142 39.54 -22.75 84.96
C ILE F 1142 40.80 -23.06 85.81
N TYR F 1143 41.77 -23.82 85.26
CA TYR F 1143 43.03 -24.12 85.92
C TYR F 1143 43.78 -22.83 86.26
N TYR F 1144 43.82 -21.86 85.34
CA TYR F 1144 44.54 -20.60 85.55
C TYR F 1144 43.93 -19.77 86.69
N GLU F 1145 42.61 -19.87 86.90
CA GLU F 1145 41.95 -19.16 87.99
C GLU F 1145 42.23 -19.84 89.33
N LEU F 1146 42.30 -21.18 89.33
CA LEU F 1146 42.59 -21.99 90.52
C LEU F 1146 44.07 -21.88 90.92
N ALA F 1147 44.97 -21.69 89.95
CA ALA F 1147 46.40 -21.57 90.23
C ALA F 1147 46.72 -20.20 90.80
N ALA F 1148 46.06 -19.14 90.31
CA ALA F 1148 46.28 -17.78 90.81
C ALA F 1148 45.69 -17.62 92.22
N ARG F 1149 44.56 -18.29 92.51
CA ARG F 1149 43.91 -18.29 93.82
C ARG F 1149 44.81 -18.99 94.86
N LYS F 1150 45.48 -20.08 94.42
CA LYS F 1150 46.42 -20.84 95.24
C LYS F 1150 47.68 -20.01 95.53
N ALA F 1151 48.14 -19.23 94.56
CA ALA F 1151 49.31 -18.37 94.70
C ALA F 1151 49.03 -17.17 95.63
N LYS F 1152 47.77 -16.73 95.73
CA LYS F 1152 47.40 -15.62 96.59
C LYS F 1152 47.38 -16.06 98.06
N GLU F 1153 46.79 -17.23 98.34
CA GLU F 1153 46.68 -17.75 99.70
C GLU F 1153 47.87 -18.65 100.12
N ASN F 1154 48.85 -18.88 99.22
CA ASN F 1154 50.03 -19.74 99.47
C ASN F 1154 49.61 -21.12 99.99
N ARG F 1155 48.47 -21.63 99.54
CA ARG F 1155 47.94 -22.92 99.95
C ARG F 1155 48.75 -24.05 99.35
N GLU F 1156 49.86 -24.42 100.00
CA GLU F 1156 50.72 -25.49 99.50
C GLU F 1156 50.13 -26.90 99.70
N ASP F 1157 48.92 -26.99 100.29
CA ASP F 1157 48.24 -28.27 100.47
C ASP F 1157 47.27 -28.59 99.31
N VAL F 1158 47.25 -27.78 98.23
CA VAL F 1158 46.31 -28.02 97.13
C VAL F 1158 47.05 -28.25 95.82
N ALA F 1159 46.86 -29.42 95.18
CA ALA F 1159 47.50 -29.71 93.89
C ALA F 1159 46.46 -29.75 92.79
N ILE F 1160 46.81 -29.24 91.60
CA ILE F 1160 45.86 -29.23 90.48
C ILE F 1160 46.43 -30.01 89.30
N VAL F 1161 45.74 -31.09 88.95
CA VAL F 1161 46.10 -31.95 87.84
C VAL F 1161 45.08 -31.76 86.73
N ARG F 1162 45.53 -31.65 85.48
CA ARG F 1162 44.63 -31.44 84.35
C ARG F 1162 44.48 -32.69 83.48
N ILE F 1163 43.25 -32.97 83.06
CA ILE F 1163 42.95 -34.09 82.19
C ILE F 1163 42.75 -33.51 80.81
N GLU F 1164 43.82 -33.45 80.01
CA GLU F 1164 43.77 -32.85 78.69
C GLU F 1164 43.00 -33.78 77.73
N GLN F 1165 43.39 -35.06 77.61
CA GLN F 1165 42.65 -36.01 76.77
C GLN F 1165 41.51 -36.58 77.58
N LEU F 1166 40.29 -36.13 77.30
CA LEU F 1166 39.12 -36.57 78.03
C LEU F 1166 38.69 -37.97 77.62
N ALA F 1167 38.87 -38.33 76.35
CA ALA F 1167 38.49 -39.65 75.86
C ALA F 1167 39.36 -40.08 74.68
N PRO F 1168 40.01 -41.24 74.75
CA PRO F 1168 40.03 -42.18 75.89
C PRO F 1168 40.71 -41.59 77.12
N LEU F 1169 40.27 -42.00 78.31
CA LEU F 1169 40.83 -41.52 79.56
C LEU F 1169 42.24 -42.05 79.71
N PRO F 1170 43.22 -41.19 80.05
CA PRO F 1170 44.62 -41.66 80.14
C PRO F 1170 44.89 -42.46 81.42
N ARG F 1171 44.45 -43.73 81.45
CA ARG F 1171 44.56 -44.62 82.61
C ARG F 1171 45.95 -44.76 83.17
N ARG F 1172 46.96 -45.04 82.32
CA ARG F 1172 48.32 -45.20 82.80
C ARG F 1172 48.92 -43.86 83.16
N ARG F 1173 48.79 -42.86 82.30
CA ARG F 1173 49.34 -41.53 82.56
C ARG F 1173 48.78 -40.91 83.84
N LEU F 1174 47.56 -41.29 84.23
CA LEU F 1174 46.93 -40.74 85.41
C LEU F 1174 47.21 -41.58 86.65
N ALA F 1175 47.31 -42.91 86.51
CA ALA F 1175 47.60 -43.76 87.68
C ALA F 1175 48.98 -43.42 88.27
N GLU F 1176 50.00 -43.24 87.41
CA GLU F 1176 51.36 -42.89 87.80
C GLU F 1176 51.41 -41.52 88.46
N THR F 1177 50.63 -40.56 87.92
CA THR F 1177 50.56 -39.18 88.39
C THR F 1177 49.80 -39.09 89.73
N LEU F 1178 48.79 -39.96 89.94
CA LEU F 1178 48.02 -40.03 91.19
C LEU F 1178 48.83 -40.67 92.33
N ASP F 1179 49.81 -41.51 92.00
CA ASP F 1179 50.67 -42.12 93.02
C ASP F 1179 51.58 -41.06 93.64
N ARG F 1180 51.98 -40.02 92.87
CA ARG F 1180 52.69 -38.87 93.44
C ARG F 1180 51.69 -38.11 94.34
N TYR F 1181 52.18 -37.23 95.23
CA TYR F 1181 51.32 -36.52 96.22
C TYR F 1181 50.64 -37.57 97.12
N PRO F 1182 51.39 -38.22 98.02
CA PRO F 1182 50.80 -39.34 98.78
C PRO F 1182 49.90 -38.92 99.94
N ASN F 1183 50.10 -37.71 100.48
CA ASN F 1183 49.31 -37.25 101.62
C ASN F 1183 47.96 -36.66 101.19
N VAL F 1184 47.45 -37.04 100.02
CA VAL F 1184 46.17 -36.57 99.54
C VAL F 1184 45.08 -37.33 100.26
N LYS F 1185 44.17 -36.60 100.90
CA LYS F 1185 43.07 -37.22 101.63
C LYS F 1185 41.69 -36.87 101.01
N GLU F 1186 41.62 -36.01 99.99
CA GLU F 1186 40.36 -35.65 99.35
C GLU F 1186 40.58 -35.36 97.85
N LYS F 1187 39.62 -35.78 97.01
CA LYS F 1187 39.71 -35.58 95.56
C LYS F 1187 38.48 -34.84 95.02
N PHE F 1188 38.69 -33.86 94.12
CA PHE F 1188 37.62 -33.06 93.56
C PHE F 1188 37.70 -32.89 92.07
N TRP F 1189 36.56 -32.88 91.39
CA TRP F 1189 36.53 -32.60 89.96
C TRP F 1189 35.94 -31.21 89.80
N VAL F 1190 36.77 -30.22 89.47
CA VAL F 1190 36.36 -28.83 89.35
C VAL F 1190 36.15 -28.44 87.87
N GLN F 1191 34.87 -28.22 87.48
CA GLN F 1191 34.48 -27.82 86.12
C GLN F 1191 33.51 -26.63 86.16
N GLU F 1192 33.62 -25.72 85.21
CA GLU F 1192 32.75 -24.53 85.13
C GLU F 1192 31.33 -24.90 84.63
N GLU F 1193 31.22 -25.96 83.82
CA GLU F 1193 29.97 -26.45 83.24
C GLU F 1193 28.99 -26.90 84.33
N PRO F 1194 27.68 -26.94 84.02
CA PRO F 1194 26.70 -27.37 85.03
C PRO F 1194 26.89 -28.83 85.49
N ALA F 1195 26.10 -29.27 86.48
CA ALA F 1195 26.21 -30.63 87.02
C ALA F 1195 25.75 -31.69 85.98
N ASN F 1196 24.55 -31.57 85.40
CA ASN F 1196 24.07 -32.53 84.39
C ASN F 1196 24.83 -32.43 83.06
N GLN F 1197 25.66 -31.39 82.88
CA GLN F 1197 26.45 -31.14 81.69
C GLN F 1197 27.96 -31.13 82.04
N GLY F 1198 28.81 -31.05 81.03
CA GLY F 1198 30.25 -31.04 81.22
C GLY F 1198 30.85 -32.43 81.18
N ALA F 1199 31.78 -32.72 82.08
CA ALA F 1199 32.44 -34.02 82.10
C ALA F 1199 32.02 -34.90 83.27
N TRP F 1200 31.44 -34.31 84.33
CA TRP F 1200 31.03 -35.07 85.50
C TRP F 1200 30.03 -36.21 85.20
N PRO F 1201 29.00 -36.07 84.34
CA PRO F 1201 28.06 -37.20 84.14
C PRO F 1201 28.71 -38.51 83.69
N SER F 1202 29.88 -38.40 83.04
CA SER F 1202 30.64 -39.52 82.56
C SER F 1202 31.78 -39.87 83.52
N PHE F 1203 32.54 -38.85 83.98
CA PHE F 1203 33.68 -39.03 84.87
C PHE F 1203 33.30 -39.56 86.25
N GLY F 1204 32.24 -39.01 86.84
CA GLY F 1204 31.76 -39.42 88.16
C GLY F 1204 31.33 -40.88 88.24
N LEU F 1205 31.12 -41.52 87.10
CA LEU F 1205 30.69 -42.92 87.02
C LEU F 1205 31.79 -43.83 86.41
N THR F 1206 32.74 -43.25 85.67
CA THR F 1206 33.83 -44.00 85.04
C THR F 1206 35.04 -44.10 85.95
N LEU F 1207 35.47 -42.98 86.56
CA LEU F 1207 36.65 -42.91 87.41
C LEU F 1207 36.61 -43.87 88.61
N PRO F 1208 35.55 -43.96 89.44
CA PRO F 1208 35.57 -44.93 90.55
C PRO F 1208 35.40 -46.39 90.09
N GLU F 1209 35.17 -46.61 88.79
CA GLU F 1209 35.00 -47.94 88.21
C GLU F 1209 36.29 -48.40 87.50
N ILE F 1210 37.11 -47.46 86.98
CA ILE F 1210 38.35 -47.75 86.25
C ILE F 1210 39.57 -47.66 87.17
N LEU F 1211 39.68 -46.58 87.95
CA LEU F 1211 40.78 -46.40 88.90
C LEU F 1211 40.20 -46.28 90.33
N PRO F 1212 39.67 -47.37 90.92
CA PRO F 1212 39.05 -47.25 92.26
C PRO F 1212 40.04 -47.04 93.40
N ASP F 1213 41.31 -47.38 93.16
CA ASP F 1213 42.35 -47.22 94.18
C ASP F 1213 42.61 -45.73 94.50
N HIS F 1214 42.14 -44.79 93.68
CA HIS F 1214 42.35 -43.37 93.93
C HIS F 1214 41.03 -42.59 93.84
N PHE F 1215 40.24 -42.85 92.80
CA PHE F 1215 39.02 -42.09 92.55
C PHE F 1215 37.76 -42.59 93.29
N THR F 1216 37.89 -43.53 94.25
CA THR F 1216 36.71 -43.97 95.00
C THR F 1216 36.41 -42.87 96.02
N GLY F 1217 35.18 -42.38 96.04
CA GLY F 1217 34.80 -41.31 96.93
C GLY F 1217 35.25 -39.98 96.39
N LEU F 1218 35.02 -39.76 95.11
CA LEU F 1218 35.40 -38.53 94.44
C LEU F 1218 34.31 -37.48 94.63
N LYS F 1219 34.69 -36.26 95.03
CA LYS F 1219 33.72 -35.19 95.21
C LYS F 1219 33.69 -34.28 93.96
N ARG F 1220 32.60 -33.52 93.78
CA ARG F 1220 32.44 -32.68 92.59
C ARG F 1220 32.20 -31.20 92.95
N ILE F 1221 33.08 -30.31 92.49
CA ILE F 1221 32.93 -28.87 92.72
C ILE F 1221 32.57 -28.21 91.40
N SER F 1222 31.26 -28.08 91.08
CA SER F 1222 30.84 -27.51 89.80
C SER F 1222 29.56 -26.65 89.91
N ARG F 1223 29.09 -26.08 88.78
CA ARG F 1223 27.88 -25.26 88.72
C ARG F 1223 26.62 -26.13 88.85
N ARG F 1224 25.52 -25.51 89.28
CA ARG F 1224 24.26 -26.23 89.44
C ARG F 1224 23.72 -26.68 88.09
N ALA F 1225 22.95 -27.78 88.09
CA ALA F 1225 22.40 -28.35 86.87
C ALA F 1225 21.32 -27.46 86.24
N MET F 1226 21.51 -27.09 84.96
CA MET F 1226 20.58 -26.27 84.20
C MET F 1226 20.16 -26.95 82.88
N SER F 1227 19.02 -26.55 82.31
CA SER F 1227 18.57 -27.11 81.03
C SER F 1227 19.36 -26.46 79.86
N ALA F 1228 19.88 -25.23 80.06
CA ALA F 1228 20.71 -24.50 79.12
C ALA F 1228 22.18 -24.58 79.56
N PRO F 1229 23.12 -24.45 78.62
CA PRO F 1229 24.55 -24.58 78.99
C PRO F 1229 25.06 -23.55 80.00
N SER F 1230 24.47 -22.35 80.05
CA SER F 1230 24.89 -21.29 80.97
C SER F 1230 23.71 -20.34 81.33
N SER F 1231 23.94 -19.35 82.22
CA SER F 1231 22.89 -18.40 82.60
C SER F 1231 22.92 -17.18 81.67
N GLY F 1232 21.75 -16.63 81.41
CA GLY F 1232 21.57 -15.50 80.50
C GLY F 1232 22.25 -14.20 80.92
N SER F 1233 22.11 -13.83 82.19
CA SER F 1233 22.70 -12.60 82.68
C SER F 1233 24.20 -12.77 82.92
N SER F 1234 24.97 -11.74 82.61
CA SER F 1234 26.43 -11.75 82.78
C SER F 1234 26.82 -11.64 84.26
N LYS F 1235 26.00 -10.97 85.07
CA LYS F 1235 26.25 -10.79 86.50
C LYS F 1235 26.17 -12.14 87.21
N VAL F 1236 25.23 -13.00 86.81
CA VAL F 1236 25.00 -14.32 87.41
C VAL F 1236 26.22 -15.23 87.19
N HIS F 1237 26.84 -15.13 86.02
CA HIS F 1237 28.00 -15.94 85.70
C HIS F 1237 29.19 -15.60 86.60
N ALA F 1238 29.38 -14.32 86.93
CA ALA F 1238 30.48 -13.88 87.77
C ALA F 1238 30.38 -14.43 89.20
N VAL F 1239 29.14 -14.51 89.71
CA VAL F 1239 28.87 -15.02 91.06
C VAL F 1239 29.09 -16.53 91.08
N GLU F 1240 28.55 -17.23 90.09
CA GLU F 1240 28.67 -18.69 89.98
C GLU F 1240 30.13 -19.12 89.77
N GLN F 1241 30.93 -18.34 89.00
CA GLN F 1241 32.34 -18.68 88.77
C GLN F 1241 33.17 -18.47 90.04
N GLN F 1242 32.80 -17.49 90.87
CA GLN F 1242 33.49 -17.24 92.13
C GLN F 1242 33.07 -18.26 93.19
N GLU F 1243 31.84 -18.78 93.14
CA GLU F 1243 31.35 -19.77 94.09
C GLU F 1243 32.16 -21.05 94.03
N ILE F 1244 32.53 -21.49 92.82
CA ILE F 1244 33.30 -22.71 92.63
C ILE F 1244 34.76 -22.50 93.08
N LEU F 1245 35.32 -21.29 92.87
CA LEU F 1245 36.69 -20.97 93.28
C LEU F 1245 36.82 -20.94 94.81
N ASP F 1246 35.77 -20.50 95.51
CA ASP F 1246 35.78 -20.48 96.97
C ASP F 1246 35.48 -21.85 97.56
N THR F 1247 34.70 -22.68 96.84
CA THR F 1247 34.36 -24.04 97.28
C THR F 1247 35.58 -24.93 97.20
N ALA F 1248 36.36 -24.81 96.12
CA ALA F 1248 37.57 -25.61 95.95
C ALA F 1248 38.76 -25.08 96.81
N PHE F 1249 38.58 -23.96 97.53
CA PHE F 1249 39.61 -23.39 98.38
C PHE F 1249 39.04 -23.09 99.76
N GLY F 1250 38.39 -24.09 100.33
CA GLY F 1250 37.77 -24.00 101.65
C GLY F 1250 37.17 -25.35 102.05
N PRO G 51 84.84 -28.61 -14.90
CA PRO G 51 84.72 -27.14 -14.81
C PRO G 51 85.63 -26.56 -13.72
N SER G 52 85.57 -27.13 -12.50
CA SER G 52 86.33 -26.74 -11.31
C SER G 52 86.27 -25.22 -11.05
N GLY G 53 85.30 -24.82 -10.24
CA GLY G 53 85.08 -23.42 -9.89
C GLY G 53 84.36 -22.62 -10.95
N SER G 54 83.75 -23.29 -11.94
CA SER G 54 83.05 -22.62 -13.03
C SER G 54 81.58 -23.07 -13.14
N ALA G 55 80.74 -22.22 -13.73
CA ALA G 55 79.32 -22.50 -13.90
C ALA G 55 78.96 -22.68 -15.38
N LEU G 56 77.84 -23.38 -15.66
CA LEU G 56 77.43 -23.63 -17.03
C LEU G 56 75.95 -23.26 -17.27
N LEU G 57 75.70 -22.19 -18.06
CA LEU G 57 74.36 -21.76 -18.43
C LEU G 57 73.91 -22.44 -19.73
N VAL G 58 73.13 -23.54 -19.63
CA VAL G 58 72.67 -24.24 -20.83
C VAL G 58 71.31 -23.68 -21.25
N VAL G 59 71.16 -23.29 -22.53
CA VAL G 59 69.90 -22.72 -23.01
C VAL G 59 68.84 -23.81 -23.13
N LYS G 60 67.75 -23.65 -22.36
CA LYS G 60 66.63 -24.58 -22.37
C LYS G 60 65.63 -24.18 -23.46
N ARG G 61 65.29 -22.88 -23.54
CA ARG G 61 64.37 -22.36 -24.54
C ARG G 61 64.99 -21.21 -25.33
N GLY G 62 65.18 -21.44 -26.62
CA GLY G 62 65.77 -20.46 -27.52
C GLY G 62 66.22 -21.06 -28.84
N PRO G 63 66.57 -20.22 -29.82
CA PRO G 63 67.04 -20.76 -31.11
C PRO G 63 68.34 -21.55 -30.94
N ASN G 64 69.22 -21.07 -30.07
CA ASN G 64 70.49 -21.73 -29.76
C ASN G 64 70.30 -22.60 -28.52
N ALA G 65 69.34 -23.53 -28.60
CA ALA G 65 69.06 -24.46 -27.52
C ALA G 65 70.23 -25.41 -27.33
N GLY G 66 70.70 -25.53 -26.09
CA GLY G 66 71.83 -26.38 -25.77
C GLY G 66 73.17 -25.66 -25.68
N SER G 67 73.20 -24.35 -26.01
CA SER G 67 74.41 -23.55 -25.96
C SER G 67 74.87 -23.34 -24.52
N ARG G 68 75.86 -24.11 -24.10
CA ARG G 68 76.38 -24.02 -22.74
C ARG G 68 77.41 -22.89 -22.62
N PHE G 69 77.11 -21.86 -21.82
CA PHE G 69 78.02 -20.74 -21.60
C PHE G 69 78.80 -20.96 -20.28
N LEU G 70 80.11 -20.66 -20.26
CA LEU G 70 80.91 -20.86 -19.05
C LEU G 70 81.09 -19.56 -18.25
N LEU G 71 80.74 -19.61 -16.96
CA LEU G 71 80.90 -18.47 -16.07
C LEU G 71 82.15 -18.66 -15.23
N ASP G 72 83.28 -18.19 -15.73
CA ASP G 72 84.57 -18.32 -15.06
C ASP G 72 85.27 -16.97 -14.83
N GLN G 73 84.53 -15.86 -14.91
CA GLN G 73 85.06 -14.52 -14.72
C GLN G 73 84.26 -13.76 -13.67
N PRO G 74 84.84 -12.74 -13.02
CA PRO G 74 84.05 -11.95 -12.05
C PRO G 74 83.06 -10.96 -12.72
N THR G 75 83.09 -10.83 -14.06
CA THR G 75 82.18 -9.96 -14.81
C THR G 75 81.91 -10.58 -16.20
N THR G 76 80.79 -11.28 -16.33
CA THR G 76 80.40 -11.93 -17.57
C THR G 76 79.10 -11.29 -18.07
N SER G 77 79.22 -10.30 -18.98
CA SER G 77 78.07 -9.55 -19.49
C SER G 77 77.14 -10.40 -20.41
N ALA G 78 75.82 -10.10 -20.38
CA ALA G 78 74.80 -10.77 -21.18
C ALA G 78 73.79 -9.76 -21.74
N GLY G 79 73.46 -9.90 -23.02
CA GLY G 79 72.51 -8.99 -23.68
C GLY G 79 72.55 -9.04 -25.19
N ARG G 80 71.73 -8.19 -25.83
CA ARG G 80 71.63 -8.09 -27.28
C ARG G 80 72.78 -7.31 -27.94
N HIS G 81 73.75 -6.81 -27.16
CA HIS G 81 74.90 -6.10 -27.74
C HIS G 81 75.93 -7.10 -28.20
N PRO G 82 76.48 -6.95 -29.42
CA PRO G 82 77.47 -7.93 -29.91
C PRO G 82 78.65 -8.14 -28.98
N ASP G 83 79.06 -7.08 -28.27
CA ASP G 83 80.21 -7.11 -27.35
C ASP G 83 79.92 -7.87 -26.04
N SER G 84 78.72 -8.42 -25.87
CA SER G 84 78.39 -9.16 -24.65
C SER G 84 78.89 -10.59 -24.77
N ASP G 85 79.47 -11.09 -23.67
CA ASP G 85 80.07 -12.41 -23.57
C ASP G 85 78.99 -13.47 -23.84
N ILE G 86 77.84 -13.35 -23.15
CA ILE G 86 76.72 -14.24 -23.38
C ILE G 86 75.79 -13.50 -24.33
N PHE G 87 76.09 -13.54 -25.63
CA PHE G 87 75.29 -12.82 -26.63
C PHE G 87 73.92 -13.49 -26.88
N LEU G 88 72.85 -12.88 -26.35
CA LEU G 88 71.49 -13.36 -26.51
C LEU G 88 70.72 -12.45 -27.45
N ASP G 89 70.43 -12.90 -28.68
CA ASP G 89 69.75 -12.04 -29.65
C ASP G 89 68.27 -12.37 -29.76
N ASP G 90 67.43 -11.32 -29.56
CA ASP G 90 65.96 -11.36 -29.64
C ASP G 90 65.39 -9.96 -29.36
N VAL G 91 64.18 -9.66 -29.88
CA VAL G 91 63.54 -8.36 -29.64
C VAL G 91 63.16 -8.17 -28.17
N THR G 92 62.91 -9.27 -27.44
CA THR G 92 62.56 -9.22 -26.03
C THR G 92 63.78 -8.83 -25.19
N VAL G 93 64.94 -9.41 -25.53
CA VAL G 93 66.20 -9.16 -24.83
C VAL G 93 66.69 -7.73 -25.09
N SER G 94 67.00 -6.99 -24.02
CA SER G 94 67.53 -5.63 -24.15
C SER G 94 69.03 -5.68 -24.50
N ARG G 95 69.58 -4.55 -24.98
CA ARG G 95 71.00 -4.46 -25.37
C ARG G 95 71.93 -4.87 -24.22
N ARG G 96 71.67 -4.39 -23.02
CA ARG G 96 72.43 -4.77 -21.84
C ARG G 96 71.42 -5.30 -20.85
N HIS G 97 71.25 -6.62 -20.79
CA HIS G 97 70.20 -7.23 -19.99
C HIS G 97 70.66 -7.66 -18.57
N ALA G 98 71.70 -8.50 -18.47
CA ALA G 98 72.15 -8.99 -17.16
C ALA G 98 73.67 -9.06 -17.06
N GLU G 99 74.20 -9.01 -15.83
CA GLU G 99 75.64 -9.10 -15.57
C GLU G 99 75.91 -10.21 -14.57
N PHE G 100 76.80 -11.15 -14.92
CA PHE G 100 77.12 -12.26 -14.03
C PHE G 100 78.36 -11.95 -13.21
N ARG G 101 78.25 -12.08 -11.87
CA ARG G 101 79.35 -11.76 -10.95
C ARG G 101 79.78 -12.96 -10.10
N LEU G 102 81.01 -13.46 -10.35
CA LEU G 102 81.62 -14.57 -9.61
C LEU G 102 82.60 -14.01 -8.57
N GLU G 103 82.26 -14.17 -7.29
CA GLU G 103 83.08 -13.70 -6.17
C GLU G 103 83.57 -14.88 -5.36
N GLY G 104 84.77 -15.33 -5.66
CA GLY G 104 85.38 -16.47 -4.99
C GLY G 104 84.66 -17.75 -5.36
N GLY G 105 83.73 -18.14 -4.52
CA GLY G 105 82.92 -19.33 -4.73
C GLY G 105 81.45 -18.97 -4.63
N GLU G 106 81.06 -17.89 -5.32
CA GLU G 106 79.67 -17.43 -5.28
C GLU G 106 79.28 -16.81 -6.62
N PHE G 107 78.14 -17.25 -7.17
CA PHE G 107 77.66 -16.72 -8.44
C PHE G 107 76.40 -15.88 -8.22
N GLN G 108 76.26 -14.77 -8.94
CA GLN G 108 75.09 -13.89 -8.77
C GLN G 108 74.79 -13.13 -10.06
N VAL G 109 73.53 -13.17 -10.55
CA VAL G 109 73.17 -12.43 -11.77
C VAL G 109 72.48 -11.10 -11.38
N VAL G 110 72.86 -9.99 -12.04
CA VAL G 110 72.35 -8.64 -11.71
C VAL G 110 71.67 -7.95 -12.93
N ASP G 111 70.48 -7.36 -12.72
CA ASP G 111 69.70 -6.62 -13.73
C ASP G 111 70.34 -5.25 -13.92
N VAL G 112 71.03 -5.05 -15.05
CA VAL G 112 71.74 -3.79 -15.30
C VAL G 112 70.88 -2.70 -15.98
N GLY G 113 69.56 -2.81 -15.88
CA GLY G 113 68.68 -1.81 -16.49
C GLY G 113 68.01 -2.29 -17.76
N SER G 114 67.54 -3.55 -17.75
CA SER G 114 66.87 -4.16 -18.89
C SER G 114 65.37 -3.90 -18.83
N LEU G 115 64.72 -3.86 -20.00
CA LEU G 115 63.28 -3.60 -20.06
C LEU G 115 62.45 -4.79 -19.59
N ASN G 116 62.69 -6.00 -20.12
CA ASN G 116 61.90 -7.16 -19.73
C ASN G 116 62.27 -7.74 -18.36
N GLY G 117 63.47 -7.45 -17.86
CA GLY G 117 63.92 -7.92 -16.56
C GLY G 117 64.49 -9.32 -16.55
N THR G 118 65.07 -9.75 -15.41
CA THR G 118 65.64 -11.09 -15.31
C THR G 118 64.93 -11.93 -14.27
N TYR G 119 64.27 -13.00 -14.72
CA TYR G 119 63.52 -13.88 -13.85
C TYR G 119 64.37 -15.09 -13.42
N VAL G 120 64.85 -15.11 -12.16
CA VAL G 120 65.61 -16.26 -11.67
C VAL G 120 64.64 -17.22 -10.98
N ASN G 121 64.52 -18.45 -11.52
CA ASN G 121 63.60 -19.51 -11.11
C ASN G 121 62.15 -19.01 -11.23
N ARG G 122 61.86 -18.32 -12.35
CA ARG G 122 60.60 -17.69 -12.71
C ARG G 122 60.19 -16.65 -11.66
N GLU G 123 61.16 -15.88 -11.18
CA GLU G 123 60.94 -14.83 -10.19
C GLU G 123 61.74 -13.58 -10.54
N PRO G 124 61.06 -12.46 -10.79
CA PRO G 124 61.79 -11.23 -11.14
C PRO G 124 62.69 -10.72 -10.02
N VAL G 125 63.99 -10.66 -10.29
CA VAL G 125 64.97 -10.19 -9.31
C VAL G 125 65.87 -9.09 -9.88
N ASP G 126 66.45 -8.29 -8.98
CA ASP G 126 67.41 -7.25 -9.33
C ASP G 126 68.85 -7.77 -9.16
N SER G 127 69.05 -8.69 -8.21
CA SER G 127 70.31 -9.34 -7.88
C SER G 127 69.97 -10.63 -7.15
N ALA G 128 70.46 -11.78 -7.64
CA ALA G 128 70.13 -13.06 -7.01
C ALA G 128 71.28 -14.04 -7.01
N VAL G 129 71.53 -14.67 -5.85
CA VAL G 129 72.59 -15.68 -5.70
C VAL G 129 72.16 -16.95 -6.41
N LEU G 130 72.89 -17.32 -7.47
CA LEU G 130 72.55 -18.48 -8.27
C LEU G 130 73.06 -19.80 -7.68
N ALA G 131 72.17 -20.79 -7.70
CA ALA G 131 72.42 -22.14 -7.20
C ALA G 131 72.07 -23.18 -8.28
N ASN G 132 72.71 -24.36 -8.24
CA ASN G 132 72.48 -25.45 -9.19
C ASN G 132 70.98 -25.80 -9.28
N GLY G 133 70.34 -25.43 -10.38
CA GLY G 133 68.93 -25.68 -10.59
C GLY G 133 68.07 -24.46 -10.88
N ASP G 134 68.65 -23.25 -10.75
CA ASP G 134 67.94 -22.01 -11.01
C ASP G 134 67.71 -21.78 -12.51
N GLU G 135 66.75 -20.92 -12.87
CA GLU G 135 66.46 -20.64 -14.27
C GLU G 135 66.51 -19.14 -14.56
N VAL G 136 67.61 -18.65 -15.13
CA VAL G 136 67.72 -17.23 -15.47
C VAL G 136 67.00 -16.97 -16.79
N GLN G 137 65.95 -16.17 -16.76
CA GLN G 137 65.18 -15.87 -17.95
C GLN G 137 65.43 -14.45 -18.42
N ILE G 138 66.09 -14.32 -19.57
CA ILE G 138 66.42 -13.04 -20.16
C ILE G 138 65.54 -12.87 -21.40
N GLY G 139 64.40 -12.22 -21.24
CA GLY G 139 63.43 -12.06 -22.33
C GLY G 139 62.73 -13.38 -22.61
N LYS G 140 62.77 -13.84 -23.86
CA LYS G 140 62.17 -15.13 -24.22
C LYS G 140 63.10 -16.31 -23.81
N PHE G 141 64.43 -16.07 -23.82
CA PHE G 141 65.47 -17.06 -23.52
C PHE G 141 65.36 -17.66 -22.12
N ARG G 142 65.49 -18.98 -22.04
CA ARG G 142 65.53 -19.69 -20.77
C ARG G 142 66.91 -20.32 -20.63
N LEU G 143 67.55 -20.19 -19.46
CA LEU G 143 68.88 -20.75 -19.24
C LEU G 143 68.94 -21.46 -17.89
N VAL G 144 69.40 -22.74 -17.85
CA VAL G 144 69.47 -23.49 -16.59
C VAL G 144 70.88 -23.38 -15.99
N PHE G 145 70.97 -22.91 -14.74
CA PHE G 145 72.25 -22.72 -14.06
C PHE G 145 72.77 -24.03 -13.50
N LEU G 146 74.04 -24.36 -13.79
CA LEU G 146 74.68 -25.58 -13.33
C LEU G 146 76.01 -25.30 -12.64
N THR G 147 76.26 -25.93 -11.49
CA THR G 147 77.51 -25.75 -10.73
C THR G 147 77.97 -27.08 -10.10
N GLY G 148 79.29 -27.25 -9.97
CA GLY G 148 79.89 -28.43 -9.39
C GLY G 148 80.97 -28.14 -8.36
N SER H 52 -25.17 9.21 -82.04
CA SER H 52 -26.03 9.34 -83.20
C SER H 52 -27.20 8.35 -83.12
N GLY H 53 -28.02 8.50 -82.09
CA GLY H 53 -29.16 7.63 -81.85
C GLY H 53 -28.86 6.42 -80.98
N SER H 54 -27.56 6.08 -80.81
CA SER H 54 -27.11 4.95 -80.01
C SER H 54 -25.90 5.34 -79.11
N ALA H 55 -25.50 4.47 -78.17
CA ALA H 55 -24.41 4.76 -77.23
C ALA H 55 -23.00 4.56 -77.80
N LEU H 56 -22.08 5.47 -77.45
CA LEU H 56 -20.67 5.40 -77.88
C LEU H 56 -19.72 5.25 -76.68
N LEU H 57 -19.05 4.11 -76.58
CA LEU H 57 -18.09 3.86 -75.50
C LEU H 57 -16.69 4.27 -75.95
N VAL H 58 -16.06 5.19 -75.22
CA VAL H 58 -14.71 5.63 -75.58
C VAL H 58 -13.73 5.31 -74.46
N VAL H 59 -12.78 4.43 -74.74
CA VAL H 59 -11.77 4.00 -73.78
C VAL H 59 -10.87 5.17 -73.40
N LYS H 60 -10.72 5.39 -72.09
CA LYS H 60 -9.88 6.44 -71.54
C LYS H 60 -8.56 5.85 -71.06
N ARG H 61 -8.60 4.69 -70.39
CA ARG H 61 -7.39 4.05 -69.89
C ARG H 61 -7.23 2.63 -70.44
N GLY H 62 -6.11 2.41 -71.10
CA GLY H 62 -5.78 1.12 -71.67
C GLY H 62 -4.73 1.23 -72.76
N PRO H 63 -4.25 0.09 -73.28
CA PRO H 63 -3.26 0.14 -74.36
C PRO H 63 -3.84 0.81 -75.61
N ASN H 64 -5.13 0.58 -75.89
CA ASN H 64 -5.83 1.14 -77.02
C ASN H 64 -6.68 2.36 -76.60
N ALA H 65 -6.12 3.24 -75.77
CA ALA H 65 -6.81 4.43 -75.29
C ALA H 65 -7.17 5.37 -76.42
N GLY H 66 -8.30 6.05 -76.28
CA GLY H 66 -8.78 6.98 -77.28
C GLY H 66 -9.33 6.27 -78.48
N SER H 67 -10.31 5.40 -78.26
CA SER H 67 -10.93 4.63 -79.34
C SER H 67 -12.44 4.64 -79.19
N ARG H 68 -13.16 4.79 -80.30
CA ARG H 68 -14.61 4.85 -80.26
C ARG H 68 -15.25 3.53 -80.67
N PHE H 69 -16.27 3.10 -79.91
CA PHE H 69 -17.01 1.86 -80.17
C PHE H 69 -18.50 2.13 -80.06
N LEU H 70 -19.32 1.52 -80.94
CA LEU H 70 -20.75 1.80 -80.89
C LEU H 70 -21.60 0.65 -80.43
N LEU H 71 -22.38 0.90 -79.38
CA LEU H 71 -23.35 -0.04 -78.85
C LEU H 71 -24.71 0.34 -79.44
N ASP H 72 -25.13 -0.34 -80.52
CA ASP H 72 -26.41 -0.08 -81.21
C ASP H 72 -27.20 -1.36 -81.51
N GLN H 73 -26.92 -2.44 -80.80
CA GLN H 73 -27.57 -3.72 -80.99
C GLN H 73 -28.19 -4.19 -79.69
N PRO H 74 -29.18 -5.09 -79.75
CA PRO H 74 -29.76 -5.62 -78.50
C PRO H 74 -28.74 -6.38 -77.64
N THR H 75 -27.58 -6.77 -78.22
CA THR H 75 -26.51 -7.45 -77.52
C THR H 75 -25.17 -7.17 -78.19
N THR H 76 -24.31 -6.48 -77.47
CA THR H 76 -22.95 -6.17 -77.91
C THR H 76 -22.05 -6.88 -76.90
N SER H 77 -21.17 -7.74 -77.38
CA SER H 77 -20.32 -8.54 -76.51
C SER H 77 -18.95 -7.90 -76.27
N ALA H 78 -18.44 -8.05 -75.04
CA ALA H 78 -17.12 -7.56 -74.64
C ALA H 78 -16.35 -8.65 -73.88
N GLY H 79 -15.04 -8.75 -74.08
CA GLY H 79 -14.23 -9.75 -73.40
C GLY H 79 -12.84 -9.94 -73.95
N ARG H 80 -12.05 -10.85 -73.33
CA ARG H 80 -10.68 -11.17 -73.75
C ARG H 80 -10.68 -12.35 -74.70
N HIS H 81 -11.59 -12.30 -75.66
CA HIS H 81 -11.71 -13.32 -76.69
C HIS H 81 -12.22 -12.67 -77.96
N PRO H 82 -11.73 -13.12 -79.13
CA PRO H 82 -12.18 -12.51 -80.38
C PRO H 82 -13.68 -12.69 -80.67
N ASP H 83 -14.39 -13.67 -80.02
CA ASP H 83 -15.84 -13.89 -80.22
C ASP H 83 -16.70 -12.82 -79.52
N SER H 84 -16.12 -11.63 -79.28
CA SER H 84 -16.76 -10.50 -78.66
C SER H 84 -16.58 -9.28 -79.54
N ASP H 85 -17.67 -8.52 -79.74
CA ASP H 85 -17.71 -7.32 -80.57
C ASP H 85 -16.60 -6.34 -80.17
N ILE H 86 -16.45 -6.10 -78.87
CA ILE H 86 -15.41 -5.23 -78.33
C ILE H 86 -14.38 -6.11 -77.59
N PHE H 87 -13.41 -6.62 -78.35
CA PHE H 87 -12.33 -7.47 -77.87
C PHE H 87 -11.30 -6.62 -77.09
N LEU H 88 -11.58 -6.39 -75.78
CA LEU H 88 -10.69 -5.65 -74.88
C LEU H 88 -9.60 -6.60 -74.37
N ASP H 89 -8.42 -6.63 -75.03
CA ASP H 89 -7.36 -7.59 -74.71
C ASP H 89 -6.36 -7.15 -73.62
N ASP H 90 -6.19 -8.02 -72.59
CA ASP H 90 -5.28 -7.91 -71.44
C ASP H 90 -5.40 -9.12 -70.49
N VAL H 91 -4.35 -9.39 -69.69
CA VAL H 91 -4.29 -10.49 -68.72
C VAL H 91 -5.34 -10.35 -67.60
N THR H 92 -5.73 -9.11 -67.24
CA THR H 92 -6.74 -8.89 -66.20
C THR H 92 -8.11 -9.27 -66.73
N VAL H 93 -8.42 -8.84 -67.96
CA VAL H 93 -9.69 -9.10 -68.62
C VAL H 93 -9.90 -10.61 -68.81
N SER H 94 -11.08 -11.11 -68.48
CA SER H 94 -11.44 -12.52 -68.63
C SER H 94 -12.05 -12.76 -70.02
N ARG H 95 -12.01 -14.02 -70.53
CA ARG H 95 -12.55 -14.43 -71.85
C ARG H 95 -13.95 -13.82 -72.10
N ARG H 96 -14.86 -13.93 -71.12
CA ARG H 96 -16.19 -13.34 -71.18
C ARG H 96 -16.30 -12.38 -70.01
N HIS H 97 -16.59 -11.10 -70.27
CA HIS H 97 -16.62 -10.10 -69.20
C HIS H 97 -17.99 -9.41 -69.01
N ALA H 98 -18.48 -8.64 -70.00
CA ALA H 98 -19.74 -7.91 -69.83
C ALA H 98 -20.48 -7.71 -71.16
N GLU H 99 -21.80 -7.45 -71.08
CA GLU H 99 -22.60 -7.22 -72.27
C GLU H 99 -23.29 -5.87 -72.20
N PHE H 100 -23.41 -5.20 -73.34
CA PHE H 100 -24.07 -3.90 -73.43
C PHE H 100 -25.40 -4.06 -74.13
N ARG H 101 -26.32 -4.73 -73.44
CA ARG H 101 -27.66 -5.01 -73.94
C ARG H 101 -28.46 -3.73 -74.09
N LEU H 102 -29.24 -3.62 -75.17
CA LEU H 102 -30.06 -2.44 -75.45
C LEU H 102 -31.54 -2.81 -75.42
N GLU H 103 -32.25 -2.28 -74.43
CA GLU H 103 -33.68 -2.53 -74.29
C GLU H 103 -34.43 -1.24 -74.54
N GLY H 104 -34.85 -1.06 -75.78
CA GLY H 104 -35.55 0.15 -76.20
C GLY H 104 -34.65 1.35 -76.17
N GLY H 105 -34.68 2.08 -75.07
CA GLY H 105 -33.84 3.24 -74.88
C GLY H 105 -33.10 3.11 -73.57
N GLU H 106 -32.48 1.94 -73.34
CA GLU H 106 -31.77 1.70 -72.09
C GLU H 106 -30.59 0.79 -72.31
N PHE H 107 -29.43 1.15 -71.73
CA PHE H 107 -28.21 0.36 -71.85
C PHE H 107 -27.72 -0.18 -70.53
N GLN H 108 -28.03 -1.45 -70.24
CA GLN H 108 -27.61 -2.08 -69.01
C GLN H 108 -26.32 -2.90 -69.23
N VAL H 109 -25.17 -2.43 -68.72
CA VAL H 109 -23.90 -3.17 -68.83
C VAL H 109 -23.88 -4.27 -67.74
N VAL H 110 -24.04 -5.53 -68.17
CA VAL H 110 -24.19 -6.68 -67.28
C VAL H 110 -22.98 -7.61 -67.30
N ASP H 111 -22.49 -7.97 -66.11
CA ASP H 111 -21.36 -8.88 -65.92
C ASP H 111 -21.77 -10.30 -66.24
N VAL H 112 -20.87 -11.04 -66.87
CA VAL H 112 -21.13 -12.43 -67.23
C VAL H 112 -19.96 -13.33 -66.80
N GLY H 113 -19.87 -13.57 -65.49
CA GLY H 113 -18.85 -14.45 -64.90
C GLY H 113 -17.40 -14.07 -65.11
N SER H 114 -17.03 -12.83 -64.77
CA SER H 114 -15.66 -12.37 -64.92
C SER H 114 -14.96 -12.33 -63.57
N LEU H 115 -13.65 -12.62 -63.55
CA LEU H 115 -12.90 -12.64 -62.30
C LEU H 115 -12.67 -11.24 -61.75
N ASN H 116 -12.21 -10.29 -62.57
CA ASN H 116 -11.95 -8.94 -62.11
C ASN H 116 -13.17 -8.03 -62.29
N GLY H 117 -14.35 -8.58 -62.04
CA GLY H 117 -15.65 -7.94 -62.11
C GLY H 117 -15.83 -6.88 -63.17
N THR H 118 -16.85 -6.05 -62.98
CA THR H 118 -17.13 -4.95 -63.89
C THR H 118 -17.55 -3.76 -63.04
N TYR H 119 -16.71 -2.72 -63.00
CA TYR H 119 -16.94 -1.58 -62.14
C TYR H 119 -17.53 -0.37 -62.89
N VAL H 120 -18.79 0.00 -62.63
CA VAL H 120 -19.38 1.19 -63.24
C VAL H 120 -19.32 2.35 -62.24
N ASN H 121 -18.41 3.31 -62.51
CA ASN H 121 -18.06 4.47 -61.68
C ASN H 121 -17.39 3.97 -60.40
N ARG H 122 -16.32 3.17 -60.58
CA ARG H 122 -15.53 2.52 -59.53
C ARG H 122 -16.43 1.69 -58.61
N GLU H 123 -17.56 1.18 -59.12
CA GLU H 123 -18.50 0.42 -58.30
C GLU H 123 -18.81 -0.92 -58.93
N PRO H 124 -18.42 -2.01 -58.25
CA PRO H 124 -18.68 -3.35 -58.81
C PRO H 124 -20.17 -3.66 -58.93
N VAL H 125 -20.64 -3.91 -60.16
CA VAL H 125 -22.04 -4.20 -60.41
C VAL H 125 -22.23 -5.48 -61.24
N ASP H 126 -23.39 -6.10 -61.10
CA ASP H 126 -23.78 -7.26 -61.89
C ASP H 126 -24.64 -6.83 -63.07
N SER H 127 -25.42 -5.76 -62.90
CA SER H 127 -26.31 -5.17 -63.89
C SER H 127 -26.52 -3.72 -63.51
N ALA H 128 -26.25 -2.81 -64.44
CA ALA H 128 -26.39 -1.39 -64.15
C ALA H 128 -26.77 -0.61 -65.39
N VAL H 129 -27.82 0.22 -65.30
CA VAL H 129 -28.25 1.06 -66.41
C VAL H 129 -27.25 2.20 -66.59
N LEU H 130 -26.23 1.99 -67.44
CA LEU H 130 -25.18 2.95 -67.70
C LEU H 130 -25.75 4.25 -68.28
N ALA H 131 -25.39 5.38 -67.64
CA ALA H 131 -25.81 6.73 -68.04
C ALA H 131 -24.64 7.52 -68.70
N ASN H 132 -24.89 8.70 -69.31
CA ASN H 132 -23.82 9.47 -69.95
C ASN H 132 -22.69 9.80 -68.95
N GLY H 133 -21.44 9.58 -69.37
CA GLY H 133 -20.25 9.86 -68.57
C GLY H 133 -19.99 8.96 -67.38
N ASP H 134 -19.78 7.65 -67.60
CA ASP H 134 -19.54 6.70 -66.50
C ASP H 134 -18.20 5.96 -66.69
N GLU H 135 -17.50 5.66 -65.59
CA GLU H 135 -16.23 4.95 -65.68
C GLU H 135 -16.48 3.44 -65.64
N VAL H 136 -16.67 2.79 -66.79
CA VAL H 136 -16.89 1.34 -66.82
C VAL H 136 -15.54 0.65 -66.90
N GLN H 137 -15.24 -0.20 -65.93
CA GLN H 137 -13.93 -0.84 -65.84
C GLN H 137 -13.95 -2.36 -66.02
N ILE H 138 -13.15 -2.83 -66.98
CA ILE H 138 -12.97 -4.25 -67.29
C ILE H 138 -11.50 -4.57 -67.11
N GLY H 139 -11.14 -5.09 -65.94
CA GLY H 139 -9.74 -5.39 -65.63
C GLY H 139 -8.98 -4.08 -65.50
N LYS H 140 -7.97 -3.86 -66.36
CA LYS H 140 -7.21 -2.61 -66.33
C LYS H 140 -7.86 -1.51 -67.22
N PHE H 141 -8.74 -1.90 -68.16
CA PHE H 141 -9.40 -0.98 -69.10
C PHE H 141 -10.46 -0.12 -68.43
N ARG H 142 -10.58 1.16 -68.83
CA ARG H 142 -11.59 2.06 -68.28
C ARG H 142 -12.21 2.92 -69.38
N LEU H 143 -13.43 2.59 -69.83
CA LEU H 143 -14.10 3.33 -70.89
C LEU H 143 -15.21 4.29 -70.37
N VAL H 144 -15.65 5.25 -71.23
CA VAL H 144 -16.69 6.23 -70.89
C VAL H 144 -17.91 6.10 -71.81
N PHE H 145 -19.10 6.12 -71.20
CA PHE H 145 -20.37 6.04 -71.90
C PHE H 145 -20.74 7.40 -72.44
N LEU H 146 -21.41 7.44 -73.60
CA LEU H 146 -21.87 8.67 -74.24
C LEU H 146 -23.24 8.45 -74.87
N THR H 147 -24.16 9.42 -74.73
CA THR H 147 -25.50 9.28 -75.28
C THR H 147 -25.71 10.21 -76.47
N PRO I 51 -25.15 62.84 -57.57
CA PRO I 51 -23.78 62.43 -57.93
C PRO I 51 -22.84 63.66 -57.95
N SER I 52 -21.87 63.75 -58.90
CA SER I 52 -20.90 64.84 -59.11
C SER I 52 -19.71 64.77 -58.12
N GLY I 53 -19.18 63.56 -57.92
CA GLY I 53 -18.06 63.38 -57.00
C GLY I 53 -18.48 63.56 -55.54
N SER I 54 -19.70 63.15 -55.22
CA SER I 54 -20.24 63.25 -53.87
C SER I 54 -20.67 61.88 -53.35
N ALA I 55 -20.72 61.74 -52.03
CA ALA I 55 -21.11 60.47 -51.42
C ALA I 55 -22.53 60.54 -50.85
N LEU I 56 -23.19 59.39 -50.76
CA LEU I 56 -24.55 59.33 -50.23
C LEU I 56 -24.65 58.26 -49.15
N LEU I 57 -24.86 58.68 -47.90
CA LEU I 57 -24.98 57.75 -46.77
C LEU I 57 -26.44 57.43 -46.47
N VAL I 58 -26.87 56.19 -46.75
CA VAL I 58 -28.23 55.76 -46.47
C VAL I 58 -28.26 54.92 -45.20
N VAL I 59 -29.05 55.32 -44.20
CA VAL I 59 -29.13 54.61 -42.93
C VAL I 59 -29.92 53.30 -43.08
N LYS I 60 -29.20 52.18 -43.07
CA LYS I 60 -29.84 50.86 -43.18
C LYS I 60 -30.46 50.48 -41.84
N ARG I 61 -29.79 50.78 -40.72
CA ARG I 61 -30.34 50.49 -39.40
C ARG I 61 -30.32 51.73 -38.53
N GLY I 62 -31.50 52.11 -38.07
CA GLY I 62 -31.68 53.28 -37.22
C GLY I 62 -33.11 53.77 -37.21
N PRO I 63 -33.42 54.79 -36.39
CA PRO I 63 -34.78 55.32 -36.37
C PRO I 63 -35.17 55.92 -37.73
N ASN I 64 -34.20 56.60 -38.38
CA ASN I 64 -34.36 57.21 -39.70
C ASN I 64 -33.86 56.24 -40.77
N ALA I 65 -34.54 55.10 -40.90
CA ALA I 65 -34.19 54.04 -41.83
C ALA I 65 -34.40 54.47 -43.27
N GLY I 66 -33.36 55.01 -43.88
CA GLY I 66 -33.42 55.44 -45.27
C GLY I 66 -33.01 56.89 -45.52
N SER I 67 -32.87 57.68 -44.45
CA SER I 67 -32.49 59.09 -44.58
C SER I 67 -31.09 59.25 -45.17
N ARG I 68 -31.03 59.77 -46.40
CA ARG I 68 -29.77 59.96 -47.10
C ARG I 68 -29.04 61.23 -46.66
N PHE I 69 -27.72 61.23 -46.81
CA PHE I 69 -26.87 62.37 -46.47
C PHE I 69 -25.84 62.58 -47.57
N LEU I 70 -25.57 63.84 -47.96
CA LEU I 70 -24.59 64.11 -49.01
C LEU I 70 -23.25 64.54 -48.45
N LEU I 71 -22.17 63.84 -48.84
CA LEU I 71 -20.83 64.17 -48.41
C LEU I 71 -20.11 64.89 -49.54
N ASP I 72 -20.21 66.22 -49.55
CA ASP I 72 -19.61 67.04 -50.59
C ASP I 72 -18.73 68.17 -50.00
N GLN I 73 -18.31 68.06 -48.74
CA GLN I 73 -17.52 69.09 -48.08
C GLN I 73 -16.20 68.51 -47.58
N PRO I 74 -15.15 69.34 -47.44
CA PRO I 74 -13.89 68.83 -46.88
C PRO I 74 -14.02 68.40 -45.41
N THR I 75 -15.10 68.79 -44.73
CA THR I 75 -15.37 68.44 -43.34
C THR I 75 -16.88 68.38 -43.11
N THR I 76 -17.41 67.17 -42.96
CA THR I 76 -18.83 66.94 -42.73
C THR I 76 -18.97 66.40 -41.30
N SER I 77 -19.47 67.25 -40.37
CA SER I 77 -19.59 66.86 -38.98
C SER I 77 -20.77 65.92 -38.72
N ALA I 78 -20.62 65.03 -37.74
CA ALA I 78 -21.65 64.06 -37.35
C ALA I 78 -21.61 63.85 -35.84
N GLY I 79 -22.79 63.74 -35.23
CA GLY I 79 -22.88 63.53 -33.79
C GLY I 79 -24.20 63.93 -33.16
N ARG I 80 -24.36 63.66 -31.85
CA ARG I 80 -25.56 63.98 -31.08
C ARG I 80 -25.71 65.49 -30.79
N HIS I 81 -24.77 66.33 -31.23
CA HIS I 81 -24.88 67.77 -31.06
C HIS I 81 -25.82 68.32 -32.11
N PRO I 82 -26.74 69.23 -31.75
CA PRO I 82 -27.68 69.74 -32.76
C PRO I 82 -26.99 70.40 -33.96
N ASP I 83 -25.85 71.04 -33.72
CA ASP I 83 -25.08 71.73 -34.77
C ASP I 83 -24.21 70.75 -35.56
N SER I 84 -24.73 69.54 -35.81
CA SER I 84 -24.06 68.51 -36.59
C SER I 84 -24.79 68.30 -37.91
N ASP I 85 -24.03 68.13 -38.99
CA ASP I 85 -24.62 67.92 -40.31
C ASP I 85 -25.34 66.58 -40.32
N ILE I 86 -24.63 65.49 -40.04
CA ILE I 86 -25.26 64.19 -39.95
C ILE I 86 -25.70 64.02 -38.49
N PHE I 87 -26.78 64.71 -38.12
CA PHE I 87 -27.28 64.69 -36.74
C PHE I 87 -27.88 63.31 -36.42
N LEU I 88 -27.13 62.51 -35.67
CA LEU I 88 -27.55 61.17 -35.28
C LEU I 88 -28.01 61.21 -33.83
N ASP I 89 -29.32 61.23 -33.59
CA ASP I 89 -29.84 61.33 -32.23
C ASP I 89 -30.09 59.97 -31.59
N ASP I 90 -29.29 59.65 -30.56
CA ASP I 90 -29.40 58.42 -29.78
C ASP I 90 -28.49 58.48 -28.54
N VAL I 91 -28.89 57.76 -27.47
CA VAL I 91 -28.17 57.68 -26.20
C VAL I 91 -26.75 57.08 -26.36
N THR I 92 -26.52 56.27 -27.40
CA THR I 92 -25.22 55.66 -27.63
C THR I 92 -24.28 56.61 -28.39
N VAL I 93 -24.84 57.42 -29.30
CA VAL I 93 -24.06 58.36 -30.09
C VAL I 93 -23.57 59.52 -29.23
N SER I 94 -22.25 59.75 -29.21
CA SER I 94 -21.64 60.85 -28.47
C SER I 94 -21.93 62.20 -29.13
N ARG I 95 -21.71 63.31 -28.39
CA ARG I 95 -21.98 64.65 -28.91
C ARG I 95 -21.19 64.95 -30.19
N ARG I 96 -19.90 64.62 -30.20
CA ARG I 96 -19.07 64.78 -31.38
C ARG I 96 -18.51 63.40 -31.67
N HIS I 97 -19.21 62.62 -32.48
CA HIS I 97 -18.87 61.22 -32.72
C HIS I 97 -17.79 61.02 -33.80
N ALA I 98 -17.97 61.56 -35.01
CA ALA I 98 -17.00 61.34 -36.09
C ALA I 98 -17.02 62.50 -37.12
N GLU I 99 -15.99 62.57 -38.00
CA GLU I 99 -15.87 63.58 -39.03
C GLU I 99 -15.67 62.94 -40.40
N PHE I 100 -16.34 63.45 -41.44
CA PHE I 100 -16.16 62.91 -42.78
C PHE I 100 -15.34 63.90 -43.60
N ARG I 101 -14.07 63.57 -43.88
CA ARG I 101 -13.17 64.47 -44.60
C ARG I 101 -12.93 64.06 -46.06
N LEU I 102 -13.45 64.86 -47.01
CA LEU I 102 -13.25 64.63 -48.44
C LEU I 102 -12.02 65.42 -48.88
N GLU I 103 -10.87 64.73 -48.94
CA GLU I 103 -9.62 65.37 -49.29
C GLU I 103 -9.32 65.16 -50.75
N GLY I 104 -9.72 66.13 -51.56
CA GLY I 104 -9.54 66.10 -53.00
C GLY I 104 -10.40 65.02 -53.62
N GLY I 105 -9.81 63.86 -53.81
CA GLY I 105 -10.49 62.72 -54.39
C GLY I 105 -10.42 61.51 -53.48
N GLU I 106 -10.70 61.71 -52.19
CA GLU I 106 -10.65 60.60 -51.24
C GLU I 106 -11.57 60.86 -50.05
N PHE I 107 -12.46 59.91 -49.76
CA PHE I 107 -13.38 60.01 -48.63
C PHE I 107 -12.78 59.26 -47.44
N GLN I 108 -12.85 59.85 -46.25
CA GLN I 108 -12.26 59.23 -45.07
C GLN I 108 -12.98 59.67 -43.80
N VAL I 109 -13.48 58.71 -43.00
CA VAL I 109 -14.17 59.05 -41.75
C VAL I 109 -13.18 58.88 -40.57
N VAL I 110 -13.06 59.94 -39.74
CA VAL I 110 -12.14 59.98 -38.60
C VAL I 110 -12.91 60.19 -37.29
N ASP I 111 -12.71 59.30 -36.31
CA ASP I 111 -13.36 59.37 -35.00
C ASP I 111 -12.82 60.55 -34.18
N VAL I 112 -13.67 61.52 -33.82
CA VAL I 112 -13.24 62.69 -33.08
C VAL I 112 -13.45 62.52 -31.56
N GLY I 113 -12.98 61.40 -31.03
CA GLY I 113 -13.05 61.13 -29.60
C GLY I 113 -14.42 60.77 -29.06
N SER I 114 -15.09 59.79 -29.69
CA SER I 114 -16.40 59.35 -29.21
C SER I 114 -16.23 58.14 -28.28
N LEU I 115 -17.17 57.94 -27.36
CA LEU I 115 -17.08 56.84 -26.41
C LEU I 115 -17.27 55.49 -27.08
N ASN I 116 -18.29 55.34 -27.93
CA ASN I 116 -18.51 54.06 -28.60
C ASN I 116 -17.65 53.85 -29.85
N GLY I 117 -16.98 54.88 -30.34
CA GLY I 117 -16.12 54.75 -31.51
C GLY I 117 -16.87 54.65 -32.82
N THR I 118 -16.15 54.51 -33.92
CA THR I 118 -16.75 54.38 -35.24
C THR I 118 -16.30 53.08 -35.88
N TYR I 119 -17.25 52.24 -36.33
CA TYR I 119 -16.93 50.95 -36.91
C TYR I 119 -17.16 50.94 -38.42
N VAL I 120 -16.09 50.95 -39.21
CA VAL I 120 -16.22 50.93 -40.67
C VAL I 120 -16.12 49.49 -41.17
N ASN I 121 -17.21 49.01 -41.81
CA ASN I 121 -17.42 47.65 -42.32
C ASN I 121 -17.29 46.64 -41.18
N ARG I 122 -17.93 46.95 -40.05
CA ARG I 122 -17.97 46.18 -38.80
C ARG I 122 -16.57 46.06 -38.20
N GLU I 123 -15.76 47.13 -38.29
CA GLU I 123 -14.41 47.14 -37.78
C GLU I 123 -14.08 48.46 -37.10
N PRO I 124 -13.79 48.43 -35.79
CA PRO I 124 -13.47 49.68 -35.09
C PRO I 124 -12.20 50.36 -35.61
N VAL I 125 -12.33 51.58 -36.11
CA VAL I 125 -11.21 52.35 -36.65
C VAL I 125 -11.13 53.75 -36.05
N ASP I 126 -9.95 54.37 -36.13
CA ASP I 126 -9.72 55.75 -35.71
C ASP I 126 -9.83 56.71 -36.90
N SER I 127 -9.45 56.23 -38.09
CA SER I 127 -9.48 56.91 -39.37
C SER I 127 -9.42 55.86 -40.46
N ALA I 128 -10.37 55.85 -41.40
CA ALA I 128 -10.39 54.84 -42.45
C ALA I 128 -10.84 55.39 -43.79
N VAL I 129 -10.13 55.01 -44.87
CA VAL I 129 -10.47 55.43 -46.23
C VAL I 129 -11.72 54.69 -46.68
N LEU I 130 -12.79 55.44 -46.89
CA LEU I 130 -14.07 54.86 -47.26
C LEU I 130 -14.13 54.50 -48.74
N ALA I 131 -14.73 53.35 -49.03
CA ALA I 131 -14.92 52.81 -50.38
C ALA I 131 -16.40 52.44 -50.60
N ASN I 132 -16.88 52.51 -51.84
CA ASN I 132 -18.27 52.20 -52.20
C ASN I 132 -18.66 50.80 -51.72
N GLY I 133 -19.48 50.73 -50.68
CA GLY I 133 -19.93 49.47 -50.10
C GLY I 133 -19.61 49.29 -48.64
N ASP I 134 -18.79 50.19 -48.06
CA ASP I 134 -18.42 50.13 -46.65
C ASP I 134 -19.60 50.49 -45.74
N GLU I 135 -19.52 50.16 -44.45
CA GLU I 135 -20.62 50.43 -43.53
C GLU I 135 -20.14 51.14 -42.26
N VAL I 136 -20.33 52.45 -42.18
CA VAL I 136 -19.93 53.22 -41.00
C VAL I 136 -21.00 53.04 -39.91
N GLN I 137 -20.59 52.64 -38.70
CA GLN I 137 -21.52 52.39 -37.60
C GLN I 137 -21.27 53.36 -36.45
N ILE I 138 -22.23 54.28 -36.23
CA ILE I 138 -22.14 55.27 -35.15
C ILE I 138 -23.11 54.88 -34.05
N GLY I 139 -22.63 54.20 -33.03
CA GLY I 139 -23.49 53.73 -31.96
C GLY I 139 -24.40 52.63 -32.47
N LYS I 140 -25.72 52.81 -32.35
CA LYS I 140 -26.70 51.83 -32.88
C LYS I 140 -26.96 52.01 -34.39
N PHE I 141 -26.68 53.23 -34.93
CA PHE I 141 -26.88 53.56 -36.34
C PHE I 141 -25.95 52.76 -37.23
N ARG I 142 -26.40 52.50 -38.45
CA ARG I 142 -25.63 51.78 -39.45
C ARG I 142 -25.86 52.43 -40.79
N LEU I 143 -24.84 53.09 -41.35
CA LEU I 143 -24.96 53.77 -42.64
C LEU I 143 -24.20 53.04 -43.74
N VAL I 144 -24.75 53.02 -44.96
CA VAL I 144 -24.06 52.37 -46.08
C VAL I 144 -23.37 53.45 -46.94
N PHE I 145 -22.14 53.18 -47.40
CA PHE I 145 -21.37 54.16 -48.18
C PHE I 145 -21.53 53.93 -49.68
N LEU I 146 -21.79 55.02 -50.44
CA LEU I 146 -21.96 55.01 -51.91
C LEU I 146 -21.33 56.26 -52.51
N THR I 147 -20.61 56.15 -53.64
CA THR I 147 -19.99 57.32 -54.27
C THR I 147 -20.52 57.57 -55.67
N PRO J 51 -69.62 5.43 56.36
CA PRO J 51 -68.18 5.21 56.34
C PRO J 51 -67.76 4.03 57.22
N SER J 52 -68.30 2.83 56.96
CA SER J 52 -67.96 1.64 57.74
C SER J 52 -67.35 0.54 56.85
N GLY J 53 -68.09 0.12 55.84
CA GLY J 53 -67.67 -0.90 54.88
C GLY J 53 -67.88 -0.46 53.44
N SER J 54 -67.76 0.85 53.19
CA SER J 54 -67.93 1.42 51.86
C SER J 54 -66.69 2.21 51.43
N ALA J 55 -66.53 2.36 50.12
CA ALA J 55 -65.40 3.10 49.56
C ALA J 55 -65.87 4.44 48.98
N LEU J 56 -64.96 5.40 48.84
CA LEU J 56 -65.31 6.71 48.29
C LEU J 56 -64.26 7.17 47.28
N LEU J 57 -64.56 7.01 45.98
CA LEU J 57 -63.66 7.42 44.89
C LEU J 57 -63.83 8.91 44.56
N VAL J 58 -62.75 9.68 44.68
CA VAL J 58 -62.81 11.12 44.41
C VAL J 58 -61.96 11.44 43.17
N VAL J 59 -62.51 12.22 42.24
CA VAL J 59 -61.80 12.57 41.00
C VAL J 59 -60.77 13.67 41.24
N LYS J 60 -59.49 13.35 41.09
CA LYS J 60 -58.43 14.36 41.21
C LYS J 60 -58.21 15.06 39.87
N ARG J 61 -58.37 14.31 38.75
CA ARG J 61 -58.22 14.86 37.42
C ARG J 61 -59.40 14.46 36.55
N GLY J 62 -60.18 15.44 36.14
CA GLY J 62 -61.36 15.22 35.32
C GLY J 62 -62.28 16.42 35.33
N PRO J 63 -63.28 16.45 34.42
CA PRO J 63 -64.22 17.59 34.40
C PRO J 63 -65.01 17.67 35.71
N ASN J 64 -65.43 16.52 36.23
CA ASN J 64 -66.17 16.46 37.49
C ASN J 64 -65.17 16.23 38.63
N ALA J 65 -64.24 17.18 38.80
CA ALA J 65 -63.21 17.12 39.83
C ALA J 65 -63.80 17.29 41.21
N GLY J 66 -63.50 16.37 42.10
CA GLY J 66 -64.01 16.38 43.47
C GLY J 66 -65.26 15.56 43.69
N SER J 67 -65.96 15.20 42.59
CA SER J 67 -67.19 14.42 42.66
C SER J 67 -66.94 13.03 43.23
N ARG J 68 -67.44 12.78 44.44
CA ARG J 68 -67.27 11.51 45.11
C ARG J 68 -68.26 10.46 44.60
N PHE J 69 -67.89 9.19 44.72
CA PHE J 69 -68.73 8.05 44.32
C PHE J 69 -68.63 6.98 45.40
N LEU J 70 -69.77 6.45 45.88
CA LEU J 70 -69.75 5.44 46.95
C LEU J 70 -69.79 4.01 46.39
N LEU J 71 -68.83 3.17 46.81
CA LEU J 71 -68.77 1.77 46.40
C LEU J 71 -69.33 0.88 47.50
N ASP J 72 -70.64 0.67 47.50
CA ASP J 72 -71.31 -0.12 48.52
C ASP J 72 -72.10 -1.30 47.92
N GLN J 73 -71.79 -1.70 46.69
CA GLN J 73 -72.47 -2.81 46.03
C GLN J 73 -71.47 -3.91 45.68
N PRO J 74 -71.92 -5.18 45.51
CA PRO J 74 -71.00 -6.23 45.09
C PRO J 74 -70.49 -6.04 43.65
N THR J 75 -71.13 -5.15 42.87
CA THR J 75 -70.77 -4.79 41.50
C THR J 75 -71.23 -3.35 41.21
N THR J 76 -70.26 -2.44 41.07
CA THR J 76 -70.52 -1.04 40.76
C THR J 76 -69.93 -0.75 39.38
N SER J 77 -70.76 -0.41 38.38
CA SER J 77 -70.28 -0.18 37.01
C SER J 77 -69.78 1.25 36.77
N ALA J 78 -68.85 1.39 35.81
CA ALA J 78 -68.24 2.67 35.43
C ALA J 78 -67.93 2.70 33.94
N GLY J 79 -68.28 3.80 33.28
CA GLY J 79 -68.02 3.93 31.83
C GLY J 79 -68.87 4.95 31.13
N ARG J 80 -68.78 5.00 29.78
CA ARG J 80 -69.54 5.95 28.97
C ARG J 80 -70.98 5.48 28.69
N HIS J 81 -71.42 4.35 29.26
CA HIS J 81 -72.80 3.89 29.10
C HIS J 81 -73.66 4.68 30.04
N PRO J 82 -74.81 5.19 29.58
CA PRO J 82 -75.65 6.02 30.47
C PRO J 82 -76.05 5.33 31.77
N ASP J 83 -76.23 4.01 31.71
CA ASP J 83 -76.64 3.20 32.86
C ASP J 83 -75.52 3.02 33.91
N SER J 84 -74.38 3.70 33.77
CA SER J 84 -73.26 3.57 34.68
C SER J 84 -73.51 4.24 36.01
N ASP J 85 -73.12 3.55 37.09
CA ASP J 85 -73.21 4.09 38.44
C ASP J 85 -72.18 5.21 38.54
N ILE J 86 -70.94 4.93 38.14
CA ILE J 86 -69.88 5.93 38.10
C ILE J 86 -69.80 6.40 36.66
N PHE J 87 -70.67 7.34 36.25
CA PHE J 87 -70.68 7.79 34.86
C PHE J 87 -69.50 8.74 34.57
N LEU J 88 -68.73 8.42 33.54
CA LEU J 88 -67.56 9.20 33.12
C LEU J 88 -67.69 9.58 31.67
N ASP J 89 -68.01 10.85 31.38
CA ASP J 89 -68.19 11.26 30.00
C ASP J 89 -66.95 11.89 29.40
N ASP J 90 -66.39 11.21 28.39
CA ASP J 90 -65.23 11.60 27.61
C ASP J 90 -64.99 10.61 26.47
N VAL J 91 -64.41 11.10 25.36
CA VAL J 91 -64.11 10.30 24.18
C VAL J 91 -63.10 9.16 24.48
N THR J 92 -62.30 9.29 25.54
CA THR J 92 -61.34 8.27 25.94
C THR J 92 -62.01 7.13 26.68
N VAL J 93 -62.97 7.47 27.54
CA VAL J 93 -63.68 6.47 28.33
C VAL J 93 -64.59 5.65 27.42
N SER J 94 -64.34 4.34 27.38
CA SER J 94 -65.12 3.40 26.58
C SER J 94 -66.50 3.16 27.23
N ARG J 95 -67.46 2.60 26.48
CA ARG J 95 -68.81 2.35 26.98
C ARG J 95 -68.81 1.51 28.27
N ARG J 96 -68.10 0.38 28.28
CA ARG J 96 -67.98 -0.46 29.46
C ARG J 96 -66.52 -0.45 29.84
N HIS J 97 -66.14 0.41 30.79
CA HIS J 97 -64.75 0.56 31.16
C HIS J 97 -64.29 -0.41 32.25
N ALA J 98 -64.90 -0.38 33.46
CA ALA J 98 -64.45 -1.25 34.55
C ALA J 98 -65.56 -1.48 35.60
N GLU J 99 -65.42 -2.55 36.40
CA GLU J 99 -66.33 -2.90 37.50
C GLU J 99 -65.61 -2.75 38.84
N PHE J 100 -66.35 -2.37 39.89
CA PHE J 100 -65.78 -2.25 41.24
C PHE J 100 -66.47 -3.24 42.15
N ARG J 101 -65.91 -4.45 42.24
CA ARG J 101 -66.47 -5.56 43.00
C ARG J 101 -66.06 -5.57 44.48
N LEU J 102 -67.05 -5.81 45.36
CA LEU J 102 -66.85 -5.87 46.81
C LEU J 102 -67.12 -7.29 47.30
N GLU J 103 -66.05 -7.99 47.71
CA GLU J 103 -66.15 -9.35 48.22
C GLU J 103 -65.91 -9.34 49.73
N GLY J 104 -66.99 -9.24 50.47
CA GLY J 104 -66.94 -9.18 51.92
C GLY J 104 -66.33 -7.87 52.38
N GLY J 105 -65.04 -7.91 52.64
CA GLY J 105 -64.30 -6.74 53.06
C GLY J 105 -63.09 -6.54 52.17
N GLU J 106 -63.32 -6.62 50.85
CA GLU J 106 -62.23 -6.48 49.89
C GLU J 106 -62.72 -5.83 48.62
N PHE J 107 -62.01 -4.80 48.14
CA PHE J 107 -62.40 -4.12 46.91
C PHE J 107 -61.43 -4.44 45.79
N GLN J 108 -61.95 -4.59 44.58
CA GLN J 108 -61.14 -4.95 43.42
C GLN J 108 -61.75 -4.39 42.15
N VAL J 109 -60.97 -3.61 41.39
CA VAL J 109 -61.45 -3.06 40.13
C VAL J 109 -61.06 -4.00 38.98
N VAL J 110 -62.06 -4.43 38.17
CA VAL J 110 -61.83 -5.37 37.08
C VAL J 110 -62.24 -4.76 35.72
N ASP J 111 -61.31 -4.71 34.76
CA ASP J 111 -61.51 -4.18 33.41
C ASP J 111 -62.48 -5.07 32.62
N VAL J 112 -63.63 -4.51 32.20
CA VAL J 112 -64.66 -5.27 31.49
C VAL J 112 -64.57 -5.15 29.96
N GLY J 113 -63.37 -4.90 29.44
CA GLY J 113 -63.17 -4.81 27.99
C GLY J 113 -63.17 -3.41 27.44
N SER J 114 -62.43 -2.50 28.08
CA SER J 114 -62.33 -1.12 27.61
C SER J 114 -61.11 -0.97 26.70
N LEU J 115 -61.18 -0.01 25.76
CA LEU J 115 -60.09 0.20 24.82
C LEU J 115 -58.84 0.77 25.51
N ASN J 116 -58.97 1.83 26.31
CA ASN J 116 -57.80 2.42 26.97
C ASN J 116 -57.43 1.77 28.31
N GLY J 117 -58.08 0.65 28.66
CA GLY J 117 -57.79 -0.07 29.90
C GLY J 117 -58.04 0.71 31.17
N THR J 118 -57.56 0.19 32.30
CA THR J 118 -57.72 0.87 33.57
C THR J 118 -56.38 0.85 34.32
N TYR J 119 -55.85 2.02 34.66
CA TYR J 119 -54.55 2.12 35.30
C TYR J 119 -54.66 2.33 36.80
N VAL J 120 -54.40 1.29 37.60
CA VAL J 120 -54.46 1.42 39.05
C VAL J 120 -53.05 1.75 39.57
N ASN J 121 -52.92 2.96 40.17
CA ASN J 121 -51.69 3.56 40.69
C ASN J 121 -50.65 3.67 39.58
N ARG J 122 -51.10 4.19 38.41
CA ARG J 122 -50.31 4.40 37.21
C ARG J 122 -49.80 3.07 36.65
N GLU J 123 -50.64 2.02 36.71
CA GLU J 123 -50.28 0.69 36.23
C GLU J 123 -51.45 0.00 35.56
N PRO J 124 -51.32 -0.33 34.26
CA PRO J 124 -52.42 -1.00 33.56
C PRO J 124 -52.71 -2.40 34.12
N VAL J 125 -53.93 -2.60 34.61
CA VAL J 125 -54.32 -3.89 35.19
C VAL J 125 -55.64 -4.40 34.61
N ASP J 126 -55.85 -5.71 34.69
CA ASP J 126 -57.09 -6.36 34.28
C ASP J 126 -58.00 -6.58 35.50
N SER J 127 -57.41 -6.78 36.68
CA SER J 127 -58.06 -6.97 37.97
C SER J 127 -57.04 -6.64 39.05
N ALA J 128 -57.38 -5.72 39.97
CA ALA J 128 -56.42 -5.32 41.00
C ALA J 128 -57.10 -5.03 42.34
N VAL J 129 -56.51 -5.53 43.43
CA VAL J 129 -57.02 -5.30 44.77
C VAL J 129 -56.78 -3.85 45.18
N LEU J 130 -57.85 -3.09 45.33
CA LEU J 130 -57.83 -1.68 45.64
C LEU J 130 -57.41 -1.37 47.08
N ALA J 131 -56.26 -0.71 47.21
CA ALA J 131 -55.69 -0.24 48.47
C ALA J 131 -56.08 1.22 48.72
N ASN J 132 -56.00 1.69 49.98
CA ASN J 132 -56.40 3.04 50.39
C ASN J 132 -55.64 4.19 49.67
N GLY J 133 -54.46 3.91 49.09
CA GLY J 133 -53.70 4.95 48.40
C GLY J 133 -53.50 4.68 46.92
N ASP J 134 -54.56 4.22 46.25
CA ASP J 134 -54.48 3.88 44.83
C ASP J 134 -55.06 4.96 43.92
N GLU J 135 -54.75 4.88 42.61
CA GLU J 135 -55.24 5.83 41.62
C GLU J 135 -55.87 5.11 40.42
N VAL J 136 -57.21 4.98 40.41
CA VAL J 136 -57.88 4.31 39.31
C VAL J 136 -58.05 5.28 38.14
N GLN J 137 -57.28 5.08 37.06
CA GLN J 137 -57.33 5.96 35.89
C GLN J 137 -58.12 5.36 34.75
N ILE J 138 -59.27 5.95 34.45
CA ILE J 138 -60.12 5.50 33.36
C ILE J 138 -60.09 6.55 32.27
N GLY J 139 -59.25 6.32 31.26
CA GLY J 139 -59.08 7.28 30.17
C GLY J 139 -58.35 8.50 30.68
N LYS J 140 -58.91 9.69 30.43
CA LYS J 140 -58.31 10.95 30.94
C LYS J 140 -58.66 11.19 32.43
N PHE J 141 -59.71 10.51 32.95
CA PHE J 141 -60.15 10.61 34.35
C PHE J 141 -59.20 9.92 35.30
N ARG J 142 -59.09 10.44 36.53
CA ARG J 142 -58.26 9.86 37.57
C ARG J 142 -59.02 9.84 38.89
N LEU J 143 -58.91 8.75 39.66
CA LEU J 143 -59.60 8.58 40.93
C LEU J 143 -58.62 8.32 42.10
N VAL J 144 -59.11 8.41 43.34
CA VAL J 144 -58.29 8.10 44.51
C VAL J 144 -59.14 7.25 45.45
N PHE J 145 -58.65 6.06 45.79
CA PHE J 145 -59.40 5.14 46.62
C PHE J 145 -59.38 5.55 48.09
N LEU J 146 -60.53 5.48 48.78
CA LEU J 146 -60.64 5.85 50.19
C LEU J 146 -61.55 4.89 50.97
N THR J 147 -61.05 4.33 52.08
CA THR J 147 -61.81 3.42 52.94
C THR J 147 -61.45 3.65 54.41
N PRO K 51 -18.17 24.45 83.70
CA PRO K 51 -17.67 24.28 82.33
C PRO K 51 -18.53 25.03 81.31
N SER K 52 -19.07 26.19 81.69
CA SER K 52 -19.91 27.00 80.81
C SER K 52 -19.07 27.70 79.74
N GLY K 53 -17.90 28.19 80.14
CA GLY K 53 -16.96 28.85 79.23
C GLY K 53 -15.67 28.07 79.09
N SER K 54 -15.76 26.73 79.19
CA SER K 54 -14.61 25.83 79.08
C SER K 54 -14.80 24.78 77.97
N ALA K 55 -13.71 24.19 77.49
CA ALA K 55 -13.76 23.20 76.43
C ALA K 55 -13.24 21.83 76.88
N LEU K 56 -13.85 20.75 76.37
CA LEU K 56 -13.46 19.40 76.74
C LEU K 56 -12.94 18.55 75.57
N LEU K 57 -11.67 18.15 75.62
CA LEU K 57 -11.08 17.29 74.61
C LEU K 57 -11.05 15.84 75.12
N VAL K 58 -11.75 14.93 74.43
CA VAL K 58 -11.76 13.54 74.86
C VAL K 58 -11.05 12.68 73.85
N VAL K 59 -10.03 11.94 74.30
CA VAL K 59 -9.27 11.07 73.41
C VAL K 59 -10.12 9.90 72.93
N LYS K 60 -10.42 9.86 71.64
CA LYS K 60 -11.15 8.75 71.06
C LYS K 60 -10.17 7.67 70.61
N ARG K 61 -9.05 8.09 69.97
CA ARG K 61 -8.03 7.16 69.49
C ARG K 61 -6.66 7.47 70.11
N GLY K 62 -6.15 6.53 70.88
CA GLY K 62 -4.87 6.68 71.55
C GLY K 62 -4.70 5.71 72.71
N PRO K 63 -3.49 5.62 73.26
CA PRO K 63 -3.26 4.72 74.39
C PRO K 63 -4.08 5.15 75.61
N ASN K 64 -4.15 6.47 75.85
CA ASN K 64 -4.93 7.01 76.97
C ASN K 64 -6.33 7.37 76.46
N ALA K 65 -7.05 6.36 76.00
CA ALA K 65 -8.39 6.53 75.46
C ALA K 65 -9.37 6.88 76.57
N GLY K 66 -10.15 7.93 76.34
CA GLY K 66 -11.13 8.40 77.31
C GLY K 66 -10.65 9.56 78.15
N SER K 67 -9.32 9.72 78.29
CA SER K 67 -8.72 10.78 79.09
C SER K 67 -9.18 12.16 78.62
N ARG K 68 -9.99 12.80 79.44
CA ARG K 68 -10.53 14.11 79.10
C ARG K 68 -9.58 15.22 79.52
N PHE K 69 -9.63 16.34 78.81
CA PHE K 69 -8.77 17.48 79.11
C PHE K 69 -9.58 18.77 79.10
N LEU K 70 -9.38 19.65 80.10
CA LEU K 70 -10.12 20.90 80.17
C LEU K 70 -9.30 22.07 79.68
N LEU K 71 -9.90 22.87 78.80
CA LEU K 71 -9.27 24.05 78.25
C LEU K 71 -9.91 25.28 78.85
N ASP K 72 -9.51 25.65 80.06
CA ASP K 72 -10.05 26.83 80.74
C ASP K 72 -9.01 27.93 80.94
N GLN K 73 -7.95 27.93 80.16
CA GLN K 73 -6.88 28.91 80.26
C GLN K 73 -6.64 29.57 78.92
N PRO K 74 -6.07 30.79 78.91
CA PRO K 74 -5.78 31.44 77.62
C PRO K 74 -4.76 30.66 76.79
N THR K 75 -4.01 29.73 77.40
CA THR K 75 -3.03 28.89 76.72
C THR K 75 -2.83 27.59 77.44
N THR K 76 -3.04 26.49 76.73
CA THR K 76 -2.84 25.15 77.25
C THR K 76 -1.81 24.46 76.32
N SER K 77 -0.85 23.71 76.91
CA SER K 77 0.18 23.05 76.13
C SER K 77 -0.19 21.60 75.79
N ALA K 78 0.19 21.15 74.60
CA ALA K 78 -0.07 19.78 74.17
C ALA K 78 1.12 19.26 73.40
N GLY K 79 1.74 18.19 73.88
CA GLY K 79 2.90 17.61 73.21
C GLY K 79 3.52 16.40 73.86
N ARG K 80 4.63 15.92 73.28
CA ARG K 80 5.37 14.75 73.74
C ARG K 80 6.46 15.10 74.77
N HIS K 81 6.48 16.35 75.28
CA HIS K 81 7.43 16.75 76.32
C HIS K 81 7.03 16.01 77.58
N PRO K 82 7.95 15.23 78.20
CA PRO K 82 7.59 14.42 79.39
C PRO K 82 6.56 15.05 80.33
N ASP K 83 6.72 16.34 80.63
CA ASP K 83 5.76 17.08 81.41
C ASP K 83 5.05 18.04 80.46
N SER K 84 3.72 17.94 80.36
CA SER K 84 2.90 18.79 79.50
C SER K 84 1.49 18.93 80.08
N ASP K 85 0.75 20.01 79.70
CA ASP K 85 -0.62 20.17 80.20
C ASP K 85 -1.47 19.02 79.67
N ILE K 86 -1.38 18.80 78.36
CA ILE K 86 -2.02 17.69 77.67
C ILE K 86 -0.88 16.78 77.22
N PHE K 87 -0.55 15.76 78.04
CA PHE K 87 0.56 14.87 77.74
C PHE K 87 0.18 13.80 76.75
N LEU K 88 0.69 13.93 75.53
CA LEU K 88 0.44 12.99 74.44
C LEU K 88 1.73 12.26 74.11
N ASP K 89 1.98 11.11 74.75
CA ASP K 89 3.22 10.38 74.52
C ASP K 89 3.12 9.37 73.38
N ASP K 90 3.94 9.58 72.33
CA ASP K 90 4.06 8.71 71.14
C ASP K 90 5.21 9.17 70.23
N VAL K 91 5.83 8.22 69.51
CA VAL K 91 6.93 8.50 68.59
C VAL K 91 6.50 9.43 67.43
N THR K 92 5.22 9.47 67.09
CA THR K 92 4.72 10.37 66.05
C THR K 92 4.59 11.77 66.63
N VAL K 93 4.00 11.88 67.82
CA VAL K 93 3.79 13.16 68.48
C VAL K 93 5.15 13.80 68.81
N SER K 94 5.31 15.07 68.42
CA SER K 94 6.55 15.82 68.66
C SER K 94 6.47 16.53 70.02
N ARG K 95 7.63 16.75 70.70
CA ARG K 95 7.74 17.40 72.01
C ARG K 95 6.90 18.70 72.06
N ARG K 96 6.99 19.51 71.01
CA ARG K 96 6.21 20.73 70.88
C ARG K 96 5.24 20.51 69.75
N HIS K 97 3.94 20.33 70.03
CA HIS K 97 2.98 20.05 68.96
C HIS K 97 1.96 21.18 68.72
N ALA K 98 1.06 21.50 69.69
CA ALA K 98 0.04 22.53 69.46
C ALA K 98 -0.45 23.20 70.76
N GLU K 99 -1.01 24.41 70.63
CA GLU K 99 -1.57 25.15 71.77
C GLU K 99 -3.07 25.30 71.63
N PHE K 100 -3.78 25.34 72.75
CA PHE K 100 -5.24 25.53 72.73
C PHE K 100 -5.57 26.88 73.38
N ARG K 101 -5.62 27.93 72.57
CA ARG K 101 -5.84 29.29 73.02
C ARG K 101 -7.31 29.67 73.14
N LEU K 102 -7.66 30.33 74.26
CA LEU K 102 -9.01 30.82 74.56
C LEU K 102 -9.04 32.34 74.56
N GLU K 103 -9.68 32.94 73.55
CA GLU K 103 -9.80 34.38 73.46
C GLU K 103 -11.24 34.78 73.77
N GLY K 104 -11.49 35.09 75.02
CA GLY K 104 -12.82 35.46 75.49
C GLY K 104 -13.76 34.27 75.44
N GLY K 105 -14.50 34.16 74.36
CA GLY K 105 -15.42 33.06 74.16
C GLY K 105 -15.13 32.42 72.82
N GLU K 106 -13.86 32.12 72.55
CA GLU K 106 -13.47 31.54 71.29
C GLU K 106 -12.28 30.62 71.45
N PHE K 107 -12.34 29.43 70.83
CA PHE K 107 -11.24 28.49 70.91
C PHE K 107 -10.52 28.34 69.60
N GLN K 108 -9.22 28.04 69.69
CA GLN K 108 -8.40 27.90 68.50
C GLN K 108 -7.14 27.09 68.77
N VAL K 109 -6.90 26.01 68.01
CA VAL K 109 -5.70 25.19 68.18
C VAL K 109 -4.63 25.62 67.14
N VAL K 110 -3.37 25.82 67.59
CA VAL K 110 -2.30 26.30 66.72
C VAL K 110 -1.06 25.41 66.79
N ASP K 111 -0.62 24.94 65.63
CA ASP K 111 0.57 24.11 65.47
C ASP K 111 1.80 24.94 65.77
N VAL K 112 2.71 24.42 66.59
CA VAL K 112 3.92 25.14 66.93
C VAL K 112 5.17 24.37 66.46
N GLY K 113 5.24 24.09 65.17
CA GLY K 113 6.37 23.40 64.56
C GLY K 113 6.48 21.92 64.79
N SER K 114 5.38 21.18 64.57
CA SER K 114 5.40 19.72 64.71
C SER K 114 5.62 19.06 63.36
N LEU K 115 6.34 17.94 63.35
CA LEU K 115 6.62 17.25 62.10
C LEU K 115 5.38 16.59 61.54
N ASN K 116 4.65 15.81 62.34
CA ASN K 116 3.46 15.13 61.87
C ASN K 116 2.28 16.04 61.57
N GLY K 117 2.32 17.28 62.07
CA GLY K 117 1.26 18.23 61.84
C GLY K 117 0.08 18.04 62.77
N THR K 118 -0.87 18.96 62.71
CA THR K 118 -2.07 18.89 63.54
C THR K 118 -3.30 19.06 62.63
N TYR K 119 -4.22 18.10 62.66
CA TYR K 119 -5.38 18.08 61.76
C TYR K 119 -6.73 18.30 62.47
N VAL K 120 -7.61 19.13 61.90
CA VAL K 120 -8.96 19.31 62.46
C VAL K 120 -9.97 18.77 61.45
N ASN K 121 -10.67 17.69 61.83
CA ASN K 121 -11.64 16.99 60.98
C ASN K 121 -10.92 16.45 59.75
N ARG K 122 -9.80 15.76 59.98
CA ARG K 122 -8.94 15.18 58.95
C ARG K 122 -8.42 16.26 57.97
N GLU K 123 -8.33 17.52 58.40
CA GLU K 123 -7.86 18.60 57.57
C GLU K 123 -6.68 19.27 58.21
N PRO K 124 -5.50 19.16 57.61
CA PRO K 124 -4.31 19.78 58.20
C PRO K 124 -4.38 21.29 58.27
N VAL K 125 -4.18 21.87 59.47
CA VAL K 125 -4.25 23.31 59.69
C VAL K 125 -3.07 23.84 60.52
N ASP K 126 -2.79 25.14 60.37
CA ASP K 126 -1.77 25.84 61.15
C ASP K 126 -2.41 26.56 62.35
N SER K 127 -3.66 27.01 62.18
CA SER K 127 -4.48 27.70 63.17
C SER K 127 -5.92 27.54 62.76
N ALA K 128 -6.77 27.01 63.66
CA ALA K 128 -8.17 26.77 63.30
C ALA K 128 -9.12 27.01 64.46
N VAL K 129 -10.22 27.72 64.18
CA VAL K 129 -11.24 27.98 65.19
C VAL K 129 -12.04 26.69 65.44
N LEU K 130 -11.91 26.15 66.65
CA LEU K 130 -12.56 24.90 67.01
C LEU K 130 -14.04 25.09 67.34
N ALA K 131 -14.86 24.09 66.96
CA ALA K 131 -16.31 24.05 67.18
C ALA K 131 -16.72 22.72 67.85
N ASN K 132 -17.82 22.72 68.62
CA ASN K 132 -18.30 21.55 69.34
C ASN K 132 -18.46 20.33 68.42
N GLY K 133 -17.55 19.37 68.55
CA GLY K 133 -17.57 18.12 67.79
C GLY K 133 -16.45 17.90 66.79
N ASP K 134 -15.44 18.79 66.78
CA ASP K 134 -14.34 18.67 65.83
C ASP K 134 -13.32 17.57 66.22
N GLU K 135 -12.53 17.09 65.25
CA GLU K 135 -11.56 16.02 65.49
C GLU K 135 -10.12 16.50 65.37
N VAL K 136 -9.42 16.66 66.49
CA VAL K 136 -8.03 17.10 66.46
C VAL K 136 -7.10 15.89 66.39
N GLN K 137 -6.15 15.90 65.44
CA GLN K 137 -5.22 14.79 65.29
C GLN K 137 -3.77 15.25 65.49
N ILE K 138 -3.24 15.00 66.68
CA ILE K 138 -1.86 15.31 67.04
C ILE K 138 -1.07 14.02 66.95
N GLY K 139 -0.39 13.83 65.82
CA GLY K 139 0.33 12.60 65.56
C GLY K 139 -0.66 11.47 65.37
N LYS K 140 -0.67 10.50 66.28
CA LYS K 140 -1.63 9.40 66.21
C LYS K 140 -2.86 9.62 67.13
N PHE K 141 -2.81 10.60 68.04
CA PHE K 141 -3.90 10.86 68.97
C PHE K 141 -5.05 11.53 68.26
N ARG K 142 -6.29 11.10 68.53
CA ARG K 142 -7.49 11.70 67.96
C ARG K 142 -8.41 12.15 69.08
N LEU K 143 -8.73 13.45 69.16
CA LEU K 143 -9.54 13.97 70.26
C LEU K 143 -10.82 14.67 69.78
N VAL K 144 -11.87 14.75 70.66
CA VAL K 144 -13.13 15.40 70.32
C VAL K 144 -13.35 16.67 71.17
N PHE K 145 -13.48 17.80 70.47
CA PHE K 145 -13.72 19.09 71.11
C PHE K 145 -15.19 19.19 71.57
N LEU K 146 -15.44 19.93 72.68
CA LEU K 146 -16.78 20.16 73.25
C LEU K 146 -16.90 21.56 73.92
N THR K 147 -18.13 22.02 74.18
CA THR K 147 -18.36 23.32 74.80
C THR K 147 -19.06 23.17 76.15
N PRO L 51 50.64 -73.43 18.95
CA PRO L 51 50.47 -72.46 17.86
C PRO L 51 50.10 -73.11 16.53
N SER L 52 50.43 -74.40 16.35
CA SER L 52 50.15 -75.12 15.11
C SER L 52 48.67 -75.43 14.95
N GLY L 53 48.09 -74.93 13.85
CA GLY L 53 46.68 -75.09 13.52
C GLY L 53 45.71 -74.56 14.57
N SER L 54 46.20 -73.64 15.43
CA SER L 54 45.41 -73.07 16.50
C SER L 54 45.38 -71.54 16.43
N ALA L 55 44.35 -70.94 17.05
CA ALA L 55 44.20 -69.48 17.10
C ALA L 55 44.18 -68.98 18.54
N LEU L 56 44.62 -67.74 18.77
CA LEU L 56 44.63 -67.16 20.12
C LEU L 56 43.72 -65.93 20.16
N LEU L 57 42.98 -65.76 21.26
CA LEU L 57 42.08 -64.61 21.45
C LEU L 57 42.48 -63.83 22.70
N VAL L 58 43.47 -62.93 22.58
CA VAL L 58 43.94 -62.13 23.70
C VAL L 58 42.99 -60.97 23.95
N VAL L 59 42.42 -60.90 25.17
CA VAL L 59 41.46 -59.87 25.57
C VAL L 59 42.14 -58.52 25.78
N LYS L 60 41.82 -57.55 24.94
CA LYS L 60 42.37 -56.21 25.05
C LYS L 60 41.59 -55.42 26.10
N ARG L 61 40.24 -55.45 26.06
CA ARG L 61 39.43 -54.73 27.03
C ARG L 61 38.47 -55.67 27.73
N GLY L 62 38.56 -55.70 29.06
CA GLY L 62 37.71 -56.53 29.89
C GLY L 62 38.33 -56.82 31.24
N PRO L 63 37.55 -57.45 32.14
CA PRO L 63 38.09 -57.80 33.46
C PRO L 63 39.25 -58.80 33.36
N ASN L 64 39.12 -59.77 32.45
CA ASN L 64 40.16 -60.76 32.21
C ASN L 64 41.08 -60.26 31.08
N ALA L 65 41.71 -59.09 31.30
CA ALA L 65 42.59 -58.48 30.32
C ALA L 65 43.88 -59.27 30.20
N GLY L 66 44.26 -59.57 28.97
CA GLY L 66 45.47 -60.34 28.69
C GLY L 66 45.26 -61.84 28.54
N SER L 67 44.12 -62.34 29.06
CA SER L 67 43.75 -63.77 29.01
C SER L 67 43.68 -64.29 27.59
N ARG L 68 44.05 -65.56 27.39
CA ARG L 68 44.06 -66.14 26.06
C ARG L 68 43.18 -67.37 25.97
N PHE L 69 42.42 -67.42 24.87
CA PHE L 69 41.53 -68.55 24.56
C PHE L 69 42.05 -69.22 23.30
N LEU L 70 42.31 -70.53 23.36
CA LEU L 70 42.85 -71.27 22.22
C LEU L 70 41.76 -71.94 21.38
N LEU L 71 41.69 -71.58 20.10
CA LEU L 71 40.70 -72.11 19.16
C LEU L 71 41.31 -73.19 18.27
N ASP L 72 40.85 -74.42 18.42
CA ASP L 72 41.32 -75.54 17.58
C ASP L 72 40.20 -76.58 17.34
N GLN L 73 38.99 -76.36 17.87
CA GLN L 73 37.86 -77.25 17.75
C GLN L 73 36.89 -76.78 16.64
N PRO L 74 35.97 -77.65 16.17
CA PRO L 74 35.02 -77.22 15.12
C PRO L 74 34.03 -76.14 15.60
N THR L 75 33.78 -76.05 16.92
CA THR L 75 32.88 -75.03 17.49
C THR L 75 33.35 -74.68 18.91
N THR L 76 33.94 -73.49 19.06
CA THR L 76 34.40 -73.02 20.36
C THR L 76 33.45 -71.91 20.81
N SER L 77 32.41 -72.26 21.60
CA SER L 77 31.36 -71.35 22.05
C SER L 77 31.87 -70.20 22.96
N ALA L 78 31.14 -69.08 23.00
CA ALA L 78 31.48 -67.91 23.80
C ALA L 78 30.20 -67.23 24.33
N GLY L 79 30.20 -66.85 25.60
CA GLY L 79 29.06 -66.19 26.21
C GLY L 79 29.05 -66.15 27.73
N ARG L 80 27.92 -65.74 28.30
CA ARG L 80 27.72 -65.65 29.75
C ARG L 80 27.30 -67.00 30.38
N HIS L 81 27.14 -68.08 29.59
CA HIS L 81 26.77 -69.37 30.15
C HIS L 81 28.01 -70.07 30.68
N PRO L 82 27.95 -70.62 31.90
CA PRO L 82 29.15 -71.29 32.46
C PRO L 82 29.75 -72.37 31.57
N ASP L 83 28.88 -73.08 30.84
CA ASP L 83 29.28 -74.17 29.94
C ASP L 83 29.98 -73.69 28.66
N SER L 84 30.09 -72.38 28.44
CA SER L 84 30.74 -71.85 27.25
C SER L 84 32.25 -71.89 27.44
N ASP L 85 32.95 -72.30 26.38
CA ASP L 85 34.40 -72.48 26.34
C ASP L 85 35.10 -71.14 26.61
N ILE L 86 34.72 -70.09 25.86
CA ILE L 86 35.25 -68.75 26.05
C ILE L 86 34.27 -68.03 26.96
N PHE L 87 34.45 -68.18 28.28
CA PHE L 87 33.54 -67.58 29.25
C PHE L 87 33.77 -66.06 29.38
N LEU L 88 32.81 -65.27 28.89
CA LEU L 88 32.83 -63.80 28.95
C LEU L 88 31.70 -63.32 29.84
N ASP L 89 32.01 -62.85 31.05
CA ASP L 89 30.99 -62.42 32.00
C ASP L 89 30.81 -60.91 32.03
N ASP L 90 29.58 -60.46 31.69
CA ASP L 90 29.19 -59.05 31.66
C ASP L 90 27.68 -58.92 31.38
N VAL L 91 27.07 -57.79 31.78
CA VAL L 91 25.64 -57.56 31.54
C VAL L 91 25.36 -57.31 30.05
N THR L 92 26.33 -56.79 29.30
CA THR L 92 26.20 -56.54 27.87
C THR L 92 26.19 -57.87 27.12
N VAL L 93 27.11 -58.76 27.50
CA VAL L 93 27.28 -60.08 26.89
C VAL L 93 26.07 -60.97 27.21
N SER L 94 25.50 -61.59 26.18
CA SER L 94 24.36 -62.49 26.32
C SER L 94 24.83 -63.91 26.74
N ARG L 95 23.90 -64.79 27.14
CA ARG L 95 24.21 -66.15 27.58
C ARG L 95 24.95 -66.93 26.49
N ARG L 96 24.48 -66.84 25.25
CA ARG L 96 25.14 -67.47 24.12
C ARG L 96 25.42 -66.37 23.12
N HIS L 97 26.65 -65.85 23.10
CA HIS L 97 27.01 -64.71 22.29
C HIS L 97 27.47 -65.10 20.86
N ALA L 98 28.58 -65.86 20.72
CA ALA L 98 29.10 -66.22 19.40
C ALA L 98 29.84 -67.56 19.42
N GLU L 99 30.02 -68.18 18.24
CA GLU L 99 30.72 -69.45 18.14
C GLU L 99 31.89 -69.37 17.17
N PHE L 100 33.09 -69.74 17.61
CA PHE L 100 34.27 -69.70 16.78
C PHE L 100 34.45 -71.01 16.03
N ARG L 101 33.85 -71.09 14.83
CA ARG L 101 33.89 -72.28 14.00
C ARG L 101 35.12 -72.32 13.10
N LEU L 102 35.84 -73.44 13.17
CA LEU L 102 37.05 -73.73 12.40
C LEU L 102 36.73 -74.83 11.37
N GLU L 103 36.68 -74.47 10.07
CA GLU L 103 36.36 -75.46 9.03
C GLU L 103 37.45 -75.55 7.98
N GLY L 104 38.28 -76.57 8.11
CA GLY L 104 39.38 -76.82 7.19
C GLY L 104 40.41 -75.72 7.23
N GLY L 105 40.89 -75.41 8.44
CA GLY L 105 41.88 -74.36 8.64
C GLY L 105 41.36 -72.99 8.29
N GLU L 106 40.08 -72.75 8.56
CA GLU L 106 39.47 -71.46 8.27
C GLU L 106 38.64 -70.99 9.45
N PHE L 107 39.21 -70.08 10.25
CA PHE L 107 38.52 -69.56 11.43
C PHE L 107 37.46 -68.56 11.01
N GLN L 108 36.28 -68.63 11.66
CA GLN L 108 35.16 -67.75 11.34
C GLN L 108 34.22 -67.63 12.57
N VAL L 109 33.92 -66.40 13.03
CA VAL L 109 33.04 -66.19 14.18
C VAL L 109 31.60 -65.88 13.72
N VAL L 110 30.61 -66.53 14.34
CA VAL L 110 29.21 -66.39 13.96
C VAL L 110 28.35 -65.96 15.17
N ASP L 111 27.57 -64.87 15.02
CA ASP L 111 26.64 -64.39 16.05
C ASP L 111 25.49 -65.40 16.16
N VAL L 112 25.43 -66.14 17.26
CA VAL L 112 24.43 -67.20 17.41
C VAL L 112 23.08 -66.72 17.96
N GLY L 113 22.83 -65.42 17.96
CA GLY L 113 21.57 -64.87 18.45
C GLY L 113 21.71 -64.08 19.74
N SER L 114 22.73 -63.21 19.79
CA SER L 114 22.96 -62.37 20.96
C SER L 114 22.30 -61.03 20.78
N LEU L 115 21.92 -60.39 21.90
CA LEU L 115 21.26 -59.10 21.87
C LEU L 115 22.22 -57.99 21.43
N ASN L 116 23.45 -57.96 21.98
CA ASN L 116 24.40 -56.91 21.60
C ASN L 116 25.24 -57.19 20.35
N GLY L 117 25.01 -58.33 19.69
CA GLY L 117 25.70 -58.71 18.47
C GLY L 117 27.21 -58.88 18.55
N THR L 118 27.87 -58.98 17.40
CA THR L 118 29.31 -59.13 17.36
C THR L 118 29.91 -58.23 16.28
N TYR L 119 30.77 -57.28 16.70
CA TYR L 119 31.41 -56.31 15.82
C TYR L 119 32.85 -56.73 15.48
N VAL L 120 33.07 -57.22 14.26
CA VAL L 120 34.41 -57.61 13.82
C VAL L 120 35.04 -56.39 13.14
N ASN L 121 36.12 -55.83 13.74
CA ASN L 121 36.82 -54.61 13.31
C ASN L 121 35.90 -53.39 13.44
N ARG L 122 35.11 -53.37 14.53
CA ARG L 122 34.09 -52.36 14.84
C ARG L 122 33.03 -52.32 13.73
N GLU L 123 32.68 -53.47 13.18
CA GLU L 123 31.67 -53.62 12.13
C GLU L 123 30.72 -54.73 12.50
N PRO L 124 29.44 -54.40 12.67
CA PRO L 124 28.45 -55.43 13.04
C PRO L 124 28.28 -56.51 11.98
N VAL L 125 28.60 -57.75 12.34
CA VAL L 125 28.47 -58.88 11.43
C VAL L 125 27.68 -60.02 12.05
N ASP L 126 27.07 -60.84 11.21
CA ASP L 126 26.34 -62.03 11.60
C ASP L 126 27.23 -63.27 11.50
N SER L 127 28.18 -63.25 10.55
CA SER L 127 29.17 -64.29 10.29
C SER L 127 30.30 -63.65 9.52
N ALA L 128 31.54 -63.80 10.01
CA ALA L 128 32.69 -63.19 9.35
C ALA L 128 33.92 -64.07 9.45
N VAL L 129 34.59 -64.31 8.32
CA VAL L 129 35.81 -65.11 8.31
C VAL L 129 36.94 -64.30 8.94
N LEU L 130 37.58 -64.86 9.96
CA LEU L 130 38.61 -64.15 10.70
C LEU L 130 40.01 -64.31 10.15
N ALA L 131 40.76 -63.22 10.19
CA ALA L 131 42.14 -63.11 9.76
C ALA L 131 43.00 -62.49 10.88
N ASN L 132 44.30 -62.83 10.93
CA ASN L 132 45.24 -62.31 11.92
C ASN L 132 45.21 -60.77 11.98
N GLY L 133 44.64 -60.23 13.04
CA GLY L 133 44.53 -58.80 13.22
C GLY L 133 43.13 -58.27 13.46
N ASP L 134 42.10 -59.12 13.25
CA ASP L 134 40.71 -58.72 13.45
C ASP L 134 40.41 -58.42 14.93
N GLU L 135 39.40 -57.58 15.18
CA GLU L 135 39.01 -57.24 16.54
C GLU L 135 37.55 -57.63 16.76
N VAL L 136 37.32 -58.86 17.20
CA VAL L 136 35.96 -59.33 17.46
C VAL L 136 35.48 -58.76 18.79
N GLN L 137 34.36 -58.05 18.77
CA GLN L 137 33.84 -57.47 19.99
C GLN L 137 32.55 -58.16 20.42
N ILE L 138 32.51 -58.56 21.69
CA ILE L 138 31.35 -59.22 22.28
C ILE L 138 30.95 -58.35 23.47
N GLY L 139 30.01 -57.44 23.25
CA GLY L 139 29.59 -56.51 24.29
C GLY L 139 30.72 -55.54 24.61
N LYS L 140 31.09 -55.41 25.90
CA LYS L 140 32.22 -54.55 26.28
C LYS L 140 33.59 -55.23 26.02
N PHE L 141 33.61 -56.57 25.87
CA PHE L 141 34.83 -57.34 25.67
C PHE L 141 35.47 -57.13 24.31
N ARG L 142 36.64 -56.48 24.28
CA ARG L 142 37.39 -56.31 23.05
C ARG L 142 38.41 -57.44 22.97
N LEU L 143 38.43 -58.20 21.86
CA LEU L 143 39.35 -59.32 21.74
C LEU L 143 40.19 -59.20 20.45
N VAL L 144 41.49 -59.55 20.52
CA VAL L 144 42.35 -59.51 19.34
C VAL L 144 42.49 -60.94 18.75
N PHE L 145 42.75 -61.05 17.43
CA PHE L 145 42.84 -62.36 16.79
C PHE L 145 44.28 -62.70 16.37
N LEU L 146 44.76 -63.89 16.76
CA LEU L 146 46.13 -64.33 16.45
C LEU L 146 46.14 -65.70 15.74
N THR L 147 46.87 -65.81 14.61
CA THR L 147 47.02 -67.06 13.85
C THR L 147 48.42 -67.12 13.21
N GLU M 35 -55.16 -10.12 9.91
CA GLU M 35 -54.27 -11.22 9.58
C GLU M 35 -55.07 -12.52 9.44
N TRP M 36 -55.74 -12.97 10.51
CA TRP M 36 -56.50 -14.21 10.44
C TRP M 36 -58.00 -13.93 10.32
N LEU M 37 -58.62 -13.23 11.29
CA LEU M 37 -60.06 -12.97 11.23
C LEU M 37 -60.44 -11.88 10.19
N VAL M 38 -59.47 -11.39 9.39
CA VAL M 38 -59.77 -10.45 8.30
C VAL M 38 -60.47 -11.23 7.12
N GLU M 39 -60.23 -12.56 7.03
CA GLU M 39 -60.77 -13.48 6.03
C GLU M 39 -61.62 -14.58 6.68
N GLU M 40 -61.21 -15.05 7.85
CA GLU M 40 -61.85 -16.16 8.56
C GLU M 40 -63.25 -15.81 9.08
N MET M 41 -63.41 -14.73 9.86
CA MET M 41 -64.73 -14.36 10.37
C MET M 41 -65.61 -13.73 9.26
N TYR M 42 -65.05 -13.42 8.06
CA TYR M 42 -65.87 -12.91 6.97
C TYR M 42 -66.77 -14.04 6.42
N ARG M 43 -66.31 -15.31 6.47
CA ARG M 43 -67.09 -16.48 6.04
C ARG M 43 -68.02 -16.99 7.15
N LYS M 44 -67.65 -16.77 8.43
CA LYS M 44 -68.49 -17.14 9.57
C LYS M 44 -69.68 -16.18 9.75
N PHE M 45 -69.68 -15.01 9.08
CA PHE M 45 -70.70 -13.96 9.16
C PHE M 45 -71.56 -13.92 7.88
N ARG M 46 -70.95 -14.19 6.71
CA ARG M 46 -71.67 -14.16 5.44
C ARG M 46 -72.56 -15.40 5.30
N ASP M 47 -72.10 -16.57 5.78
CA ASP M 47 -72.86 -17.81 5.73
C ASP M 47 -73.79 -17.94 6.94
N ASP M 48 -73.34 -17.49 8.12
CA ASP M 48 -74.12 -17.52 9.36
C ASP M 48 -73.82 -16.27 10.18
N PRO M 49 -74.64 -15.20 10.08
CA PRO M 49 -74.33 -13.96 10.83
C PRO M 49 -74.52 -14.05 12.35
N SER M 50 -75.08 -15.15 12.87
CA SER M 50 -75.25 -15.33 14.30
C SER M 50 -73.95 -15.78 14.99
N SER M 51 -73.07 -16.51 14.25
CA SER M 51 -71.79 -17.00 14.75
C SER M 51 -70.84 -15.84 15.06
N VAL M 52 -70.72 -14.88 14.15
CA VAL M 52 -69.84 -13.73 14.34
C VAL M 52 -70.55 -12.71 15.26
N ASP M 53 -69.78 -12.13 16.19
CA ASP M 53 -70.23 -11.15 17.16
C ASP M 53 -71.02 -10.01 16.50
N PRO M 54 -72.13 -9.56 17.11
CA PRO M 54 -72.95 -8.50 16.51
C PRO M 54 -72.24 -7.15 16.34
N SER M 55 -71.05 -6.98 16.94
CA SER M 55 -70.29 -5.74 16.78
C SER M 55 -69.45 -5.74 15.48
N TRP M 56 -69.11 -6.93 14.93
CA TRP M 56 -68.31 -7.06 13.71
C TRP M 56 -69.14 -7.00 12.41
N HIS M 57 -70.47 -6.83 12.50
CA HIS M 57 -71.33 -6.72 11.31
C HIS M 57 -71.15 -5.34 10.62
N GLU M 58 -70.83 -4.30 11.41
CA GLU M 58 -70.58 -2.94 10.92
C GLU M 58 -69.05 -2.73 10.73
N PHE M 59 -68.40 -3.76 10.19
CA PHE M 59 -66.97 -3.84 9.99
C PHE M 59 -66.66 -4.86 8.88
N LEU M 60 -67.46 -5.94 8.77
CA LEU M 60 -67.26 -7.00 7.77
C LEU M 60 -68.04 -6.73 6.46
N VAL M 61 -69.13 -5.97 6.50
CA VAL M 61 -69.91 -5.61 5.31
C VAL M 61 -69.06 -4.70 4.36
N ASP M 62 -68.16 -3.89 4.94
CA ASP M 62 -67.28 -2.95 4.26
C ASP M 62 -65.98 -3.61 3.74
N TYR M 63 -65.99 -4.93 3.50
CA TYR M 63 -64.83 -5.67 2.97
C TYR M 63 -65.08 -6.09 1.53
N SER M 64 -66.29 -6.60 1.27
CA SER M 64 -66.73 -7.09 -0.03
C SER M 64 -68.24 -6.98 -0.17
N GLU N 35 -5.99 55.44 -11.32
CA GLU N 35 -4.67 54.93 -10.94
C GLU N 35 -3.66 56.07 -10.83
N TRP N 36 -3.43 56.81 -11.93
CA TRP N 36 -2.48 57.91 -11.90
C TRP N 36 -3.19 59.27 -11.81
N LEU N 37 -4.04 59.63 -12.80
CA LEU N 37 -4.70 60.94 -12.77
C LEU N 37 -5.86 61.00 -11.74
N VAL N 38 -6.06 59.95 -10.92
CA VAL N 38 -7.04 59.99 -9.83
C VAL N 38 -6.51 60.92 -8.67
N GLU N 39 -5.16 61.09 -8.59
CA GLU N 39 -4.45 61.90 -7.59
C GLU N 39 -3.64 63.02 -8.27
N GLU N 40 -3.06 62.73 -9.45
CA GLU N 40 -2.20 63.66 -10.17
C GLU N 40 -2.94 64.87 -10.73
N MET N 41 -4.03 64.68 -11.51
CA MET N 41 -4.75 65.83 -12.04
C MET N 41 -5.62 66.52 -10.96
N TYR N 42 -5.76 65.93 -9.74
CA TYR N 42 -6.48 66.59 -8.66
C TYR N 42 -5.67 67.80 -8.14
N ARG N 43 -4.32 67.72 -8.19
CA ARG N 43 -3.43 68.82 -7.79
C ARG N 43 -3.23 69.83 -8.94
N LYS N 44 -3.32 69.38 -10.20
CA LYS N 44 -3.21 70.26 -11.37
C LYS N 44 -4.48 71.11 -11.58
N PHE N 45 -5.60 70.78 -10.90
CA PHE N 45 -6.90 71.45 -10.99
C PHE N 45 -7.21 72.28 -9.73
N ARG N 46 -6.76 71.82 -8.55
CA ARG N 46 -7.00 72.53 -7.30
C ARG N 46 -6.08 73.76 -7.20
N ASP N 47 -4.84 73.64 -7.67
CA ASP N 47 -3.87 74.74 -7.65
C ASP N 47 -4.02 75.64 -8.88
N ASP N 48 -4.32 75.03 -10.05
CA ASP N 48 -4.53 75.76 -11.30
C ASP N 48 -5.63 75.08 -12.12
N PRO N 49 -6.89 75.55 -12.03
CA PRO N 49 -7.99 74.87 -12.76
C PRO N 49 -7.95 75.03 -14.29
N SER N 50 -7.06 75.88 -14.82
CA SER N 50 -6.95 76.06 -16.26
C SER N 50 -6.13 74.93 -16.92
N SER N 51 -5.18 74.33 -16.16
CA SER N 51 -4.33 73.23 -16.63
C SER N 51 -5.16 71.98 -16.91
N VAL N 52 -6.04 71.60 -15.98
CA VAL N 52 -6.88 70.42 -16.14
C VAL N 52 -8.05 70.77 -17.07
N ASP N 53 -8.38 69.83 -17.97
CA ASP N 53 -9.45 69.94 -18.96
C ASP N 53 -10.78 70.37 -18.30
N PRO N 54 -11.53 71.29 -18.94
CA PRO N 54 -12.79 71.77 -18.35
C PRO N 54 -13.86 70.70 -18.15
N SER N 55 -13.68 69.50 -18.72
CA SER N 55 -14.64 68.42 -18.52
C SER N 55 -14.39 67.65 -17.20
N TRP N 56 -13.15 67.69 -16.65
CA TRP N 56 -12.79 67.00 -15.41
C TRP N 56 -13.09 67.82 -14.13
N HIS N 57 -13.66 69.04 -14.26
CA HIS N 57 -14.02 69.86 -13.09
C HIS N 57 -15.26 69.30 -12.38
N GLU N 58 -16.18 68.67 -13.15
CA GLU N 58 -17.40 68.04 -12.64
C GLU N 58 -17.16 66.54 -12.41
N PHE N 59 -15.98 66.23 -11.86
CA PHE N 59 -15.47 64.89 -11.62
C PHE N 59 -14.42 64.91 -10.52
N LEU N 60 -13.61 65.99 -10.45
CA LEU N 60 -12.55 66.15 -9.44
C LEU N 60 -13.02 66.84 -8.15
N VAL N 61 -14.08 67.66 -8.22
CA VAL N 61 -14.65 68.34 -7.04
C VAL N 61 -15.26 67.28 -6.07
N ASP N 62 -15.78 66.18 -6.62
CA ASP N 62 -16.43 65.07 -5.90
C ASP N 62 -15.41 64.03 -5.35
N TYR N 63 -14.15 64.43 -5.12
CA TYR N 63 -13.11 63.55 -4.57
C TYR N 63 -12.78 63.96 -3.15
N SER N 64 -12.63 65.27 -2.92
CA SER N 64 -12.29 65.85 -1.63
C SER N 64 -12.83 67.29 -1.53
N GLU O 35 54.59 12.69 -16.08
CA GLU O 35 54.00 13.39 -14.94
C GLU O 35 54.93 14.53 -14.45
N TRP O 36 56.16 14.19 -14.03
CA TRP O 36 57.11 15.21 -13.57
C TRP O 36 58.17 15.50 -14.65
N LEU O 37 58.96 14.48 -15.07
CA LEU O 37 60.01 14.72 -16.05
C LEU O 37 59.46 14.90 -17.50
N VAL O 38 58.13 14.95 -17.68
CA VAL O 38 57.53 15.26 -18.98
C VAL O 38 57.72 16.78 -19.30
N GLU O 39 57.87 17.62 -18.25
CA GLU O 39 58.06 19.07 -18.31
C GLU O 39 59.42 19.48 -17.71
N GLU O 40 59.83 18.79 -16.64
CA GLU O 40 61.04 19.11 -15.88
C GLU O 40 62.33 18.85 -16.66
N MET O 41 62.53 17.62 -17.20
CA MET O 41 63.75 17.34 -17.95
C MET O 41 63.70 17.97 -19.37
N TYR O 42 62.55 18.54 -19.79
CA TYR O 42 62.49 19.23 -21.08
C TYR O 42 63.28 20.56 -21.00
N ARG O 43 63.31 21.21 -19.81
CA ARG O 43 64.06 22.45 -19.59
C ARG O 43 65.54 22.15 -19.26
N LYS O 44 65.83 20.99 -18.65
CA LYS O 44 67.21 20.56 -18.34
C LYS O 44 67.97 20.10 -19.62
N PHE O 45 67.27 19.87 -20.75
CA PHE O 45 67.81 19.40 -22.01
C PHE O 45 67.83 20.52 -23.08
N ARG O 46 66.82 21.41 -23.05
CA ARG O 46 66.75 22.51 -24.02
C ARG O 46 67.78 23.61 -23.68
N ASP O 47 67.99 23.87 -22.39
CA ASP O 47 68.96 24.87 -21.93
C ASP O 47 70.37 24.27 -21.84
N ASP O 48 70.46 23.00 -21.40
CA ASP O 48 71.74 22.30 -21.27
C ASP O 48 71.55 20.82 -21.65
N PRO O 49 71.82 20.43 -22.91
CA PRO O 49 71.58 19.03 -23.30
C PRO O 49 72.54 18.00 -22.68
N SER O 50 73.60 18.44 -21.97
CA SER O 50 74.53 17.52 -21.32
C SER O 50 73.98 17.00 -19.99
N SER O 51 73.11 17.79 -19.31
CA SER O 51 72.49 17.42 -18.04
C SER O 51 71.52 16.24 -18.21
N VAL O 52 70.67 16.28 -19.23
CA VAL O 52 69.72 15.21 -19.50
C VAL O 52 70.45 14.07 -20.21
N ASP O 53 70.12 12.83 -19.81
CA ASP O 53 70.70 11.59 -20.33
C ASP O 53 70.64 11.56 -21.87
N PRO O 54 71.73 11.08 -22.53
CA PRO O 54 71.74 11.06 -24.00
C PRO O 54 70.68 10.17 -24.65
N SER O 55 69.98 9.33 -23.87
CA SER O 55 68.92 8.50 -24.42
C SER O 55 67.58 9.26 -24.51
N TRP O 56 67.38 10.33 -23.71
CA TRP O 56 66.14 11.12 -23.71
C TRP O 56 66.13 12.26 -24.77
N HIS O 57 67.19 12.39 -25.59
CA HIS O 57 67.23 13.40 -26.65
C HIS O 57 66.32 13.02 -27.82
N GLU O 58 66.15 11.69 -28.07
CA GLU O 58 65.28 11.13 -29.11
C GLU O 58 63.91 10.78 -28.52
N PHE O 59 63.42 11.69 -27.66
CA PHE O 59 62.18 11.56 -26.90
C PHE O 59 61.67 12.94 -26.48
N LEU O 60 62.58 13.88 -26.18
CA LEU O 60 62.23 15.24 -25.75
C LEU O 60 62.10 16.23 -26.92
N VAL O 61 62.79 15.97 -28.06
CA VAL O 61 62.69 16.83 -29.25
C VAL O 61 61.25 16.77 -29.85
N ASP O 62 60.59 15.61 -29.70
CA ASP O 62 59.25 15.33 -30.20
C ASP O 62 58.12 15.82 -29.26
N TYR O 63 58.40 16.83 -28.40
CA TYR O 63 57.43 17.41 -27.47
C TYR O 63 57.02 18.80 -27.92
N SER O 64 58.02 19.60 -28.32
CA SER O 64 57.84 20.98 -28.76
C SER O 64 58.98 21.37 -29.72
N GLU P 35 3.87 -55.25 17.69
CA GLU P 35 2.96 -54.83 16.63
C GLU P 35 2.04 -55.98 16.20
N TRP P 36 2.62 -57.10 15.71
CA TRP P 36 1.81 -58.23 15.27
C TRP P 36 1.84 -59.35 16.32
N LEU P 37 3.02 -59.91 16.65
CA LEU P 37 3.07 -61.02 17.60
C LEU P 37 2.89 -60.56 19.08
N VAL P 38 2.57 -59.27 19.31
CA VAL P 38 2.23 -58.77 20.65
C VAL P 38 0.81 -59.30 21.07
N GLU P 39 -0.05 -59.61 20.06
CA GLU P 39 -1.41 -60.11 20.21
C GLU P 39 -1.57 -61.50 19.56
N GLU P 40 -0.89 -61.74 18.43
CA GLU P 40 -1.00 -62.96 17.66
C GLU P 40 -0.41 -64.18 18.37
N MET P 41 0.86 -64.14 18.80
CA MET P 41 1.44 -65.29 19.49
C MET P 41 0.91 -65.43 20.94
N TYR P 42 0.16 -64.43 21.46
CA TYR P 42 -0.44 -64.56 22.78
C TYR P 42 -1.58 -65.60 22.75
N ARG P 43 -2.28 -65.73 21.61
CA ARG P 43 -3.36 -66.72 21.43
C ARG P 43 -2.78 -68.09 21.01
N LYS P 44 -1.63 -68.11 20.32
CA LYS P 44 -0.95 -69.36 19.93
C LYS P 44 -0.27 -70.04 21.13
N PHE P 45 -0.10 -69.34 22.28
CA PHE P 45 0.56 -69.82 23.49
C PHE P 45 -0.46 -70.10 24.61
N ARG P 46 -1.53 -69.31 24.70
CA ARG P 46 -2.55 -69.48 25.73
C ARG P 46 -3.43 -70.71 25.42
N ASP P 47 -3.74 -70.94 24.13
CA ASP P 47 -4.55 -72.07 23.70
C ASP P 47 -3.68 -73.32 23.50
N ASP P 48 -2.46 -73.14 22.98
CA ASP P 48 -1.51 -74.23 22.74
C ASP P 48 -0.08 -73.74 23.03
N PRO P 49 0.44 -73.98 24.25
CA PRO P 49 1.80 -73.47 24.58
C PRO P 49 2.96 -74.16 23.85
N SER P 50 2.69 -75.26 23.12
CA SER P 50 3.73 -75.97 22.38
C SER P 50 4.05 -75.26 21.05
N SER P 51 3.06 -74.56 20.46
CA SER P 51 3.19 -73.83 19.20
C SER P 51 4.17 -72.66 19.34
N VAL P 52 4.01 -71.85 20.41
CA VAL P 52 4.88 -70.70 20.65
C VAL P 52 6.20 -71.19 21.26
N ASP P 53 7.32 -70.60 20.79
CA ASP P 53 8.67 -70.90 21.22
C ASP P 53 8.80 -70.91 22.75
N PRO P 54 9.54 -71.89 23.32
CA PRO P 54 9.66 -71.96 24.79
C PRO P 54 10.34 -70.76 25.45
N SER P 55 10.96 -69.86 24.67
CA SER P 55 11.60 -68.67 25.23
C SER P 55 10.57 -67.52 25.43
N TRP P 56 9.43 -67.53 24.69
CA TRP P 56 8.40 -66.49 24.80
C TRP P 56 7.37 -66.76 25.92
N HIS P 57 7.51 -67.86 26.69
CA HIS P 57 6.60 -68.17 27.80
C HIS P 57 6.87 -67.25 29.00
N GLU P 58 8.14 -66.80 29.18
CA GLU P 58 8.55 -65.89 30.25
C GLU P 58 8.53 -64.44 29.75
N PHE P 59 7.45 -64.11 29.02
CA PHE P 59 7.20 -62.79 28.43
C PHE P 59 5.73 -62.63 28.07
N LEU P 60 5.07 -63.71 27.62
CA LEU P 60 3.65 -63.67 27.27
C LEU P 60 2.74 -63.81 28.51
N VAL P 61 3.25 -64.43 29.60
CA VAL P 61 2.51 -64.58 30.86
C VAL P 61 2.36 -63.20 31.54
N ASP P 62 3.42 -62.36 31.48
CA ASP P 62 3.43 -61.04 32.11
C ASP P 62 2.65 -59.97 31.26
N TYR P 63 2.02 -60.36 30.13
CA TYR P 63 1.27 -59.44 29.24
C TYR P 63 -0.20 -59.28 29.66
N SER P 64 -0.85 -60.37 30.08
CA SER P 64 -2.23 -60.36 30.55
C SER P 64 -2.48 -61.50 31.52
MG MG Q . 45.35 2.84 -47.59
CA CA R . 52.36 -34.64 -57.87
N1' TPP S . 43.09 -2.68 -56.65
C2' TPP S . 43.60 -3.68 -55.91
CM2 TPP S . 42.84 -4.97 -55.91
N3' TPP S . 44.72 -3.63 -55.20
C4' TPP S . 45.43 -2.48 -55.20
N4' TPP S . 46.60 -2.48 -54.55
C5' TPP S . 44.97 -1.35 -55.94
C6' TPP S . 43.80 -1.54 -56.64
C7' TPP S . 45.68 -0.03 -55.96
N3 TPP S . 45.85 0.60 -54.63
C2 TPP S . 47.01 0.74 -54.04
S1 TPP S . 46.87 1.44 -52.52
C5 TPP S . 45.15 1.55 -52.68
C4 TPP S . 44.76 1.09 -53.89
CM4 TPP S . 43.40 1.22 -54.50
C6 TPP S . 44.28 2.02 -51.55
C7 TPP S . 44.59 1.35 -50.22
O7 TPP S . 43.34 0.97 -49.58
PA TPP S . 43.30 0.06 -48.24
O1A TPP S . 42.40 0.77 -47.25
O2A TPP S . 42.97 -1.36 -48.49
O3A TPP S . 44.78 0.17 -47.67
PB TPP S . 45.37 0.41 -46.22
O1B TPP S . 46.18 1.65 -46.22
O2B TPP S . 46.19 -0.85 -45.95
O3B TPP S . 44.20 0.44 -45.25
CA CA T . 18.96 24.30 5.95
MG MG U . 18.33 -21.70 -55.48
CA CA V . 29.17 8.61 -78.83
N1' TPP W . 28.27 -20.15 -62.24
C2' TPP W . 27.56 -19.05 -62.56
CM2 TPP W . 28.19 -17.73 -62.26
N3' TPP W . 26.36 -19.04 -63.14
C4' TPP W . 25.78 -20.22 -63.41
N4' TPP W . 24.62 -20.19 -64.09
C5' TPP W . 26.44 -21.45 -63.08
C6' TPP W . 27.67 -21.32 -62.49
C7' TPP W . 25.84 -22.80 -63.35
N3 TPP W . 24.54 -23.04 -62.68
C2 TPP W . 23.38 -23.06 -63.30
S1 TPP W . 22.09 -23.31 -62.27
C5 TPP W . 23.16 -23.39 -60.89
C4 TPP W . 24.44 -23.26 -61.30
CM4 TPP W . 25.67 -23.46 -60.46
C6 TPP W . 22.63 -23.52 -59.49
C7 TPP W . 21.32 -22.82 -59.27
O7 TPP W . 21.43 -21.90 -58.15
PA TPP W . 20.34 -20.72 -57.92
O1A TPP W . 20.87 -19.38 -58.24
O2A TPP W . 19.75 -20.88 -56.52
O3A TPP W . 19.18 -21.11 -58.96
PB TPP W . 17.82 -21.92 -58.86
O1B TPP W . 16.94 -21.02 -58.01
O2B TPP W . 17.26 -22.17 -60.21
O3B TPP W . 18.11 -23.22 -58.12
CA CA X . -17.62 -25.18 -5.88
MG MG Y . -37.60 49.48 -2.34
CA CA Z . -65.59 44.51 -27.89
N1' TPP AA . -48.78 50.03 0.12
C2' TPP AA . -48.66 49.87 -1.20
CM2 TPP AA . -49.16 48.58 -1.78
N3' TPP AA . -48.12 50.75 -2.05
C4' TPP AA . -47.66 51.90 -1.55
N4' TPP AA . -47.19 52.80 -2.42
C5' TPP AA . -47.72 52.16 -0.15
C6' TPP AA . -48.30 51.18 0.61
C7' TPP AA . -47.19 53.42 0.49
N3 TPP AA . -45.74 53.63 0.25
C2 TPP AA . -45.27 54.49 -0.64
S1 TPP AA . -43.61 54.36 -0.84
C5 TPP AA . -43.53 53.09 0.35
C4 TPP AA . -44.76 52.85 0.87
CM4 TPP AA . -45.08 52.00 2.04
C6 TPP AA . -42.25 52.34 0.61
C7 TPP AA . -41.63 51.78 -0.65
O7 TPP AA . -40.66 50.76 -0.30
PA TPP AA . -39.81 49.94 -1.42
O1A TPP AA . -38.61 49.34 -0.69
O2A TPP AA . -40.65 48.95 -2.11
O3A TPP AA . -39.25 51.02 -2.44
PB TPP AA . -38.25 52.26 -2.34
O1B TPP AA . -37.50 52.10 -1.03
O2B TPP AA . -37.27 52.08 -3.49
O3B TPP AA . -38.99 53.55 -2.42
MG MG BA . -57.90 21.09 -0.23
CA CA CA . -62.52 50.19 25.05
N1' TPP DA . -62.33 31.83 -2.59
C2' TPP DA . -62.14 31.81 -1.26
CM2 TPP DA . -61.14 32.77 -0.70
N3' TPP DA . -62.78 31.02 -0.39
C4' TPP DA . -63.70 30.17 -0.87
N4' TPP DA . -64.39 29.45 0.02
C5' TPP DA . -63.97 30.11 -2.28
C6' TPP DA . -63.23 30.97 -3.06
C7' TPP DA . -64.96 29.15 -2.88
N3 TPP DA . -64.63 27.72 -2.65
C2 TPP DA . -65.27 26.96 -1.78
S1 TPP DA . -64.60 25.44 -1.64
C5 TPP DA . -63.39 25.82 -2.84
C4 TPP DA . -63.57 27.08 -3.30
CM4 TPP DA . -62.85 27.72 -4.44
C6 TPP DA . -62.29 24.84 -3.22
C7 TPP DA . -61.76 24.05 -2.04
O7 TPP DA . -60.32 24.12 -2.03
PA TPP DA . -59.46 23.64 -0.74
O1A TPP DA . -58.92 24.80 -0.01
O2A TPP DA . -58.41 22.66 -1.25
O3A TPP DA . -60.46 22.81 0.18
PB TPP DA . -61.02 21.32 0.22
O1B TPP DA . -60.16 20.63 1.28
O2B TPP DA . -62.47 21.30 0.53
O3B TPP DA . -60.71 20.71 -1.16
MG MG EA . 24.80 -9.93 56.86
CA CA FA . -2.02 -28.77 79.40
N1' TPP GA . 25.61 -19.85 63.32
C2' TPP GA . 24.35 -19.49 63.59
CM2 TPP GA . 23.26 -20.42 63.18
N3' TPP GA . 23.98 -18.34 64.17
C4' TPP GA . 24.94 -17.47 64.51
N4' TPP GA . 24.56 -16.38 65.19
C5' TPP GA . 26.31 -17.75 64.23
C6' TPP GA . 26.55 -18.97 63.64
C7' TPP GA . 27.44 -16.79 64.52
N3 TPP GA . 27.31 -15.48 63.83
C2 TPP GA . 27.01 -14.36 64.45
S1 TPP GA . 26.92 -13.05 63.43
C5 TPP GA . 27.31 -14.05 62.06
C4 TPP GA . 27.53 -15.32 62.46
CM4 TPP GA . 28.08 -16.44 61.63
C6 TPP GA . 27.33 -13.51 60.65
C7 TPP GA . 26.23 -12.50 60.38
O7 TPP GA . 25.52 -12.89 59.17
PA TPP GA . 24.07 -12.26 58.78
O1A TPP GA . 24.18 -11.71 57.36
O2A TPP GA . 23.00 -13.25 58.97
O3A TPP GA . 23.85 -11.02 59.75
PB TPP GA . 24.33 -9.50 59.76
O1B TPP GA . 24.68 -9.06 61.13
O2B TPP GA . 23.14 -8.74 59.18
O3B TPP GA . 25.53 -9.42 58.81
MG MG HA . 12.39 -41.27 47.60
CA CA IA . 46.69 -38.75 60.05
N1' TPP JA . 13.72 -39.19 57.93
C2' TPP JA . 14.81 -39.35 57.16
CM2 TPP JA . 15.78 -38.21 57.11
N3' TPP JA . 15.08 -40.42 56.42
C4' TPP JA . 14.20 -41.45 56.44
N4' TPP JA . 14.53 -42.54 55.75
C5' TPP JA . 13.02 -41.37 57.23
C6' TPP JA . 12.86 -40.20 57.94
C7' TPP JA . 12.02 -42.49 57.34
N3 TPP JA . 11.44 -42.92 56.05
C2 TPP JA . 11.63 -44.12 55.54
S1 TPP JA . 10.82 -44.34 54.08
C5 TPP JA . 10.18 -42.73 54.15
C4 TPP JA . 10.58 -42.12 55.30
CM4 TPP JA . 10.09 -40.81 55.81
C6 TPP JA . 9.38 -42.15 53.01
C7 TPP JA . 10.04 -42.34 51.66
O7 TPP JA . 10.03 -41.06 50.96
PA TPP JA . 10.78 -40.82 49.51
O1A TPP JA . 11.98 -39.96 49.60
O2A TPP JA . 9.71 -40.28 48.54
O3A TPP JA . 11.15 -42.28 48.99
PB TPP JA . 10.41 -43.39 48.11
O1B TPP JA . 10.07 -44.53 49.05
O2B TPP JA . 9.12 -42.77 47.64
O3B TPP JA . 11.31 -43.79 47.00
#